data_1DT7
#
_entry.id   1DT7
#
_cell.length_a   1.000
_cell.length_b   1.000
_cell.length_c   1.000
_cell.angle_alpha   90.00
_cell.angle_beta   90.00
_cell.angle_gamma   90.00
#
_symmetry.space_group_name_H-M   'P 1'
#
loop_
_entity.id
_entity.type
_entity.pdbx_description
1 polymer 'S100 CALCIUM-BINDING PROTEIN'
2 polymer 'CELLULAR TUMOR ANTIGEN P53'
3 non-polymer 'CALCIUM ION'
#
loop_
_entity_poly.entity_id
_entity_poly.type
_entity_poly.pdbx_seq_one_letter_code
_entity_poly.pdbx_strand_id
1 'polypeptide(L)'
;MSELEKAMVALIDVFHQYSGREGDKHKLKKSELKELINNELSHFLEEIKEQEVVDKVMETLDEDGDGECDFQEFMAFVSM
VTTACHEFFEHE
;
A,B
2 'polypeptide(L)' SHLKSKKGQSTSRHKKLMFKTE X,Y
#
loop_
_chem_comp.id
_chem_comp.type
_chem_comp.name
_chem_comp.formula
CA non-polymer 'CALCIUM ION' 'Ca 2'
#
# COMPACT_ATOMS: atom_id res chain seq x y z
N MET A 1 -10.60 5.75 -14.43
CA MET A 1 -10.08 6.54 -15.58
C MET A 1 -8.84 7.33 -15.15
N SER A 2 -7.72 6.66 -14.99
CA SER A 2 -6.48 7.38 -14.59
C SER A 2 -6.79 8.26 -13.37
N GLU A 3 -7.86 7.94 -12.69
CA GLU A 3 -8.25 8.72 -11.49
C GLU A 3 -7.34 8.33 -10.31
N LEU A 4 -6.16 7.89 -10.60
CA LEU A 4 -5.24 7.48 -9.50
C LEU A 4 -4.92 8.71 -8.63
N GLU A 5 -4.90 9.86 -9.23
CA GLU A 5 -4.58 11.11 -8.46
C GLU A 5 -5.61 11.38 -7.37
N LYS A 6 -6.87 11.17 -7.62
CA LYS A 6 -7.87 11.46 -6.55
C LYS A 6 -7.79 10.37 -5.49
N ALA A 7 -7.38 9.20 -5.89
CA ALA A 7 -7.29 8.07 -4.93
C ALA A 7 -6.17 8.30 -3.92
N MET A 8 -5.06 8.82 -4.34
CA MET A 8 -3.95 9.05 -3.39
C MET A 8 -4.33 10.17 -2.43
N VAL A 9 -4.97 11.17 -2.95
CA VAL A 9 -5.37 12.32 -2.07
C VAL A 9 -6.40 11.88 -1.04
N ALA A 10 -7.28 10.98 -1.41
CA ALA A 10 -8.34 10.52 -0.45
C ALA A 10 -7.72 9.62 0.62
N LEU A 11 -6.80 8.80 0.23
CA LEU A 11 -6.16 7.88 1.20
C LEU A 11 -5.50 8.72 2.30
N ILE A 12 -4.84 9.77 1.91
CA ILE A 12 -4.19 10.67 2.89
C ILE A 12 -5.25 11.45 3.70
N ASP A 13 -6.34 11.80 3.09
CA ASP A 13 -7.38 12.60 3.81
C ASP A 13 -7.90 11.85 5.05
N VAL A 14 -8.24 10.59 4.91
CA VAL A 14 -8.75 9.84 6.10
C VAL A 14 -7.67 9.78 7.18
N PHE A 15 -6.45 9.59 6.78
CA PHE A 15 -5.34 9.51 7.78
C PHE A 15 -5.30 10.78 8.61
N HIS A 16 -5.54 11.92 8.02
CA HIS A 16 -5.48 13.19 8.82
C HIS A 16 -6.60 13.24 9.86
N GLN A 17 -7.72 12.61 9.59
CA GLN A 17 -8.83 12.66 10.57
C GLN A 17 -8.39 12.06 11.92
N TYR A 18 -7.67 10.96 11.89
CA TYR A 18 -7.25 10.33 13.19
C TYR A 18 -5.90 10.85 13.69
N SER A 19 -4.97 11.05 12.81
CA SER A 19 -3.62 11.51 13.27
C SER A 19 -3.74 12.86 13.98
N GLY A 20 -4.54 13.76 13.47
CA GLY A 20 -4.69 15.08 14.13
C GLY A 20 -5.55 14.95 15.37
N ARG A 21 -6.17 13.80 15.56
CA ARG A 21 -7.02 13.61 16.78
C ARG A 21 -6.15 13.77 18.03
N GLU A 22 -5.01 13.12 18.05
CA GLU A 22 -4.09 13.20 19.23
C GLU A 22 -2.79 13.91 18.86
N GLY A 23 -1.96 14.17 19.83
CA GLY A 23 -0.68 14.89 19.57
C GLY A 23 0.18 14.20 18.50
N ASP A 24 0.13 12.89 18.41
CA ASP A 24 0.99 12.22 17.38
C ASP A 24 0.45 12.52 15.98
N LYS A 25 0.45 13.77 15.59
CA LYS A 25 -0.05 14.13 14.24
C LYS A 25 0.78 13.46 13.15
N HIS A 26 2.08 13.40 13.33
CA HIS A 26 2.96 12.79 12.30
C HIS A 26 3.23 11.31 12.61
N LYS A 27 2.69 10.80 13.69
CA LYS A 27 2.92 9.36 14.04
C LYS A 27 1.64 8.74 14.60
N LEU A 28 1.50 7.45 14.49
CA LEU A 28 0.28 6.75 15.01
C LEU A 28 0.69 5.74 16.10
N LYS A 29 0.03 5.74 17.22
CA LYS A 29 0.37 4.79 18.30
C LYS A 29 -0.61 3.61 18.20
N LYS A 30 -0.18 2.42 18.54
CA LYS A 30 -1.10 1.24 18.46
C LYS A 30 -2.46 1.63 19.05
N SER A 31 -2.46 2.61 19.90
CA SER A 31 -3.73 3.06 20.53
C SER A 31 -4.51 3.90 19.51
N GLU A 32 -3.85 4.87 18.92
CA GLU A 32 -4.51 5.72 17.89
C GLU A 32 -4.88 4.83 16.71
N LEU A 33 -4.03 3.89 16.41
CA LEU A 33 -4.31 2.97 15.25
C LEU A 33 -5.61 2.23 15.51
N LYS A 34 -5.84 1.80 16.71
CA LYS A 34 -7.10 1.06 17.00
C LYS A 34 -8.31 1.96 16.68
N GLU A 35 -8.23 3.22 17.00
CA GLU A 35 -9.39 4.12 16.75
C GLU A 35 -9.62 4.22 15.25
N LEU A 36 -8.58 4.27 14.47
CA LEU A 36 -8.75 4.33 13.00
C LEU A 36 -9.49 3.07 12.56
N ILE A 37 -9.02 1.95 12.99
CA ILE A 37 -9.63 0.65 12.57
C ILE A 37 -11.01 0.44 13.18
N ASN A 38 -11.16 0.62 14.46
CA ASN A 38 -12.49 0.33 15.09
C ASN A 38 -13.52 1.41 14.80
N ASN A 39 -13.16 2.63 14.98
CA ASN A 39 -14.14 3.75 14.78
C ASN A 39 -14.36 4.09 13.30
N GLU A 40 -13.32 4.24 12.53
CA GLU A 40 -13.52 4.63 11.11
C GLU A 40 -14.16 3.47 10.35
N LEU A 41 -13.74 2.26 10.61
CA LEU A 41 -14.32 1.08 9.90
C LEU A 41 -15.44 0.50 10.75
N SER A 42 -16.47 1.28 10.97
CA SER A 42 -17.62 0.79 11.79
C SER A 42 -18.24 -0.45 11.15
N HIS A 43 -18.36 -0.47 9.84
CA HIS A 43 -18.98 -1.66 9.16
C HIS A 43 -18.18 -2.02 7.90
N PHE A 44 -17.38 -1.12 7.40
CA PHE A 44 -16.59 -1.43 6.17
C PHE A 44 -15.64 -2.61 6.43
N LEU A 45 -15.04 -2.65 7.59
CA LEU A 45 -14.10 -3.78 7.91
C LEU A 45 -14.49 -4.36 9.26
N GLU A 46 -14.11 -5.57 9.54
CA GLU A 46 -14.49 -6.18 10.85
C GLU A 46 -13.91 -5.34 11.99
N GLU A 47 -14.76 -4.68 12.73
CA GLU A 47 -14.28 -3.85 13.87
C GLU A 47 -13.40 -4.70 14.79
N ILE A 48 -12.54 -4.04 15.54
CA ILE A 48 -11.65 -4.75 16.49
C ILE A 48 -12.33 -4.73 17.86
N LYS A 49 -12.47 -5.87 18.49
CA LYS A 49 -13.15 -5.90 19.82
C LYS A 49 -12.10 -5.99 20.92
N GLU A 50 -10.92 -6.47 20.60
CA GLU A 50 -9.82 -6.57 21.61
C GLU A 50 -8.58 -5.83 21.12
N GLN A 51 -7.93 -5.14 22.00
CA GLN A 51 -6.70 -4.41 21.59
C GLN A 51 -5.60 -5.41 21.25
N GLU A 52 -5.71 -6.62 21.73
CA GLU A 52 -4.65 -7.63 21.45
C GLU A 52 -4.53 -7.82 19.93
N VAL A 53 -5.63 -7.76 19.23
CA VAL A 53 -5.56 -7.92 17.76
C VAL A 53 -4.68 -6.81 17.21
N VAL A 54 -4.78 -5.65 17.79
CA VAL A 54 -3.96 -4.50 17.32
C VAL A 54 -2.49 -4.77 17.65
N ASP A 55 -2.23 -5.43 18.75
CA ASP A 55 -0.83 -5.72 19.14
C ASP A 55 -0.19 -6.67 18.11
N LYS A 56 -0.96 -7.59 17.64
CA LYS A 56 -0.45 -8.57 16.64
C LYS A 56 -0.22 -7.83 15.32
N VAL A 57 -1.12 -6.96 15.00
CA VAL A 57 -0.99 -6.17 13.75
C VAL A 57 0.22 -5.24 13.91
N MET A 58 0.48 -4.84 15.12
CA MET A 58 1.65 -3.94 15.39
C MET A 58 2.91 -4.69 15.01
N GLU A 59 2.97 -5.97 15.27
CA GLU A 59 4.20 -6.71 14.90
C GLU A 59 4.43 -6.51 13.41
N THR A 60 3.37 -6.53 12.65
CA THR A 60 3.50 -6.34 11.18
C THR A 60 3.69 -4.84 10.82
N LEU A 61 2.92 -3.97 11.41
CA LEU A 61 3.04 -2.51 11.06
C LEU A 61 4.05 -1.81 11.94
N ASP A 62 4.46 -2.41 13.02
CA ASP A 62 5.47 -1.74 13.88
C ASP A 62 6.83 -1.99 13.25
N GLU A 63 6.98 -1.54 12.05
CA GLU A 63 8.26 -1.75 11.32
C GLU A 63 9.40 -1.13 12.12
N ASP A 64 9.18 0.02 12.67
CA ASP A 64 10.25 0.69 13.47
C ASP A 64 10.39 -0.05 14.80
N GLY A 65 9.42 -0.87 15.14
CA GLY A 65 9.51 -1.62 16.43
C GLY A 65 9.42 -0.65 17.60
N ASP A 66 8.74 0.46 17.45
CA ASP A 66 8.62 1.45 18.57
C ASP A 66 7.21 1.40 19.16
N GLY A 67 6.41 0.46 18.74
CA GLY A 67 5.02 0.38 19.27
C GLY A 67 4.17 1.44 18.58
N GLU A 68 4.74 2.13 17.63
CA GLU A 68 4.00 3.19 16.90
C GLU A 68 4.30 3.05 15.40
N CYS A 69 3.28 3.04 14.58
CA CYS A 69 3.48 2.94 13.10
C CYS A 69 3.42 4.35 12.52
N ASP A 70 4.41 4.74 11.78
CA ASP A 70 4.43 6.11 11.20
C ASP A 70 3.42 6.22 10.06
N PHE A 71 3.05 7.41 9.68
CA PHE A 71 2.03 7.55 8.60
C PHE A 71 2.47 6.74 7.38
N GLN A 72 3.75 6.61 7.15
CA GLN A 72 4.19 5.78 6.00
C GLN A 72 3.85 4.31 6.29
N GLU A 73 4.00 3.89 7.52
CA GLU A 73 3.69 2.47 7.86
C GLU A 73 2.17 2.25 7.76
N PHE A 74 1.41 3.21 8.21
CA PHE A 74 -0.08 3.11 8.14
C PHE A 74 -0.52 2.98 6.68
N MET A 75 0.15 3.68 5.81
CA MET A 75 -0.22 3.66 4.37
C MET A 75 -0.11 2.24 3.81
N ALA A 76 0.88 1.51 4.21
CA ALA A 76 1.04 0.15 3.64
C ALA A 76 -0.09 -0.78 4.11
N PHE A 77 -0.63 -0.56 5.27
CA PHE A 77 -1.72 -1.44 5.76
C PHE A 77 -3.00 -1.23 4.94
N VAL A 78 -3.11 -0.10 4.33
CA VAL A 78 -4.34 0.20 3.53
C VAL A 78 -4.26 -0.50 2.17
N SER A 79 -3.08 -0.63 1.64
CA SER A 79 -2.95 -1.31 0.32
C SER A 79 -3.20 -2.80 0.44
N MET A 80 -2.71 -3.42 1.49
CA MET A 80 -2.91 -4.89 1.63
C MET A 80 -4.38 -5.21 1.92
N VAL A 81 -5.02 -4.47 2.79
CA VAL A 81 -6.45 -4.78 3.08
C VAL A 81 -7.29 -4.55 1.83
N THR A 82 -6.96 -3.56 1.06
CA THR A 82 -7.74 -3.28 -0.18
C THR A 82 -7.67 -4.50 -1.08
N THR A 83 -6.53 -5.11 -1.16
CA THR A 83 -6.40 -6.31 -2.02
C THR A 83 -7.52 -7.28 -1.65
N ALA A 84 -7.78 -7.43 -0.38
CA ALA A 84 -8.89 -8.32 0.05
C ALA A 84 -10.19 -7.78 -0.56
N CYS A 85 -10.32 -6.48 -0.60
CA CYS A 85 -11.54 -5.86 -1.17
C CYS A 85 -11.72 -6.28 -2.63
N HIS A 86 -10.65 -6.49 -3.36
CA HIS A 86 -10.80 -6.92 -4.78
C HIS A 86 -11.56 -8.24 -4.82
N GLU A 87 -11.27 -9.14 -3.93
CA GLU A 87 -12.02 -10.43 -3.93
C GLU A 87 -13.50 -10.13 -3.66
N PHE A 88 -13.77 -9.21 -2.79
CA PHE A 88 -15.20 -8.89 -2.48
C PHE A 88 -15.77 -7.95 -3.53
N PHE A 89 -15.00 -6.99 -3.95
CA PHE A 89 -15.48 -6.04 -4.99
C PHE A 89 -15.01 -6.53 -6.36
N GLU A 90 -15.54 -7.64 -6.80
CA GLU A 90 -15.13 -8.18 -8.13
C GLU A 90 -15.89 -7.45 -9.22
N HIS A 91 -15.23 -6.54 -9.89
CA HIS A 91 -15.88 -5.76 -10.98
C HIS A 91 -16.16 -6.70 -12.17
N GLU A 92 -17.11 -7.57 -12.04
CA GLU A 92 -17.43 -8.51 -13.16
N MET B 1 -13.51 11.87 5.49
CA MET B 1 -14.61 11.52 6.43
C MET B 1 -14.86 10.00 6.37
N SER B 2 -13.99 9.22 6.96
CA SER B 2 -14.20 7.74 6.92
C SER B 2 -14.49 7.30 5.48
N GLU B 3 -14.11 8.12 4.55
CA GLU B 3 -14.33 7.80 3.11
C GLU B 3 -13.29 6.76 2.67
N LEU B 4 -12.80 5.99 3.59
CA LEU B 4 -11.77 4.98 3.20
C LEU B 4 -12.40 3.97 2.22
N GLU B 5 -13.67 3.73 2.35
CA GLU B 5 -14.35 2.75 1.45
C GLU B 5 -14.30 3.19 -0.01
N LYS B 6 -14.48 4.46 -0.29
CA LYS B 6 -14.45 4.89 -1.72
C LYS B 6 -13.01 4.86 -2.21
N ALA B 7 -12.09 5.05 -1.32
CA ALA B 7 -10.65 5.07 -1.72
C ALA B 7 -10.19 3.67 -2.13
N MET B 8 -10.62 2.65 -1.44
CA MET B 8 -10.19 1.29 -1.83
C MET B 8 -10.80 0.92 -3.17
N VAL B 9 -12.04 1.28 -3.35
CA VAL B 9 -12.72 0.93 -4.63
C VAL B 9 -12.07 1.66 -5.81
N ALA B 10 -11.63 2.87 -5.60
CA ALA B 10 -11.01 3.64 -6.72
C ALA B 10 -9.63 3.08 -7.04
N LEU B 11 -8.90 2.69 -6.04
CA LEU B 11 -7.54 2.16 -6.25
C LEU B 11 -7.65 0.92 -7.16
N ILE B 12 -8.61 0.10 -6.88
CA ILE B 12 -8.84 -1.12 -7.71
C ILE B 12 -9.36 -0.74 -9.10
N ASP B 13 -10.16 0.29 -9.20
CA ASP B 13 -10.73 0.68 -10.53
C ASP B 13 -9.63 1.01 -11.54
N VAL B 14 -8.65 1.79 -11.16
CA VAL B 14 -7.57 2.14 -12.14
C VAL B 14 -6.83 0.85 -12.54
N PHE B 15 -6.60 -0.02 -11.59
CA PHE B 15 -5.87 -1.27 -11.91
C PHE B 15 -6.61 -2.04 -13.01
N HIS B 16 -7.91 -2.05 -13.00
CA HIS B 16 -8.64 -2.82 -14.04
C HIS B 16 -8.45 -2.19 -15.42
N GLN B 17 -8.24 -0.90 -15.49
CA GLN B 17 -8.05 -0.26 -16.82
C GLN B 17 -6.85 -0.86 -17.55
N TYR B 18 -5.77 -1.10 -16.86
CA TYR B 18 -4.55 -1.65 -17.55
C TYR B 18 -4.53 -3.19 -17.54
N SER B 19 -4.90 -3.80 -16.46
CA SER B 19 -4.84 -5.28 -16.40
C SER B 19 -5.73 -5.90 -17.49
N GLY B 20 -6.89 -5.34 -17.70
CA GLY B 20 -7.79 -5.91 -18.75
C GLY B 20 -7.28 -5.51 -20.13
N ARG B 21 -6.32 -4.63 -20.19
CA ARG B 21 -5.78 -4.21 -21.51
C ARG B 21 -5.18 -5.43 -22.22
N GLU B 22 -4.39 -6.21 -21.52
CA GLU B 22 -3.76 -7.42 -22.13
C GLU B 22 -4.29 -8.69 -21.46
N GLY B 23 -3.93 -9.83 -22.00
CA GLY B 23 -4.42 -11.12 -21.45
C GLY B 23 -4.12 -11.27 -19.95
N ASP B 24 -3.03 -10.73 -19.46
CA ASP B 24 -2.74 -10.90 -18.01
C ASP B 24 -3.73 -10.09 -17.18
N LYS B 25 -4.99 -10.41 -17.27
CA LYS B 25 -6.02 -9.66 -16.48
C LYS B 25 -5.74 -9.80 -14.98
N HIS B 26 -5.36 -10.98 -14.54
CA HIS B 26 -5.11 -11.19 -13.07
C HIS B 26 -3.63 -11.01 -12.74
N LYS B 27 -2.81 -10.68 -13.72
CA LYS B 27 -1.35 -10.49 -13.43
C LYS B 27 -0.81 -9.32 -14.27
N LEU B 28 0.25 -8.69 -13.81
CA LEU B 28 0.85 -7.55 -14.56
C LEU B 28 2.29 -7.90 -14.95
N LYS B 29 2.65 -7.68 -16.19
CA LYS B 29 4.05 -7.99 -16.61
C LYS B 29 4.85 -6.68 -16.59
N LYS B 30 6.12 -6.74 -16.30
CA LYS B 30 6.94 -5.48 -16.26
C LYS B 30 6.59 -4.63 -17.47
N SER B 31 6.11 -5.26 -18.50
CA SER B 31 5.75 -4.51 -19.74
C SER B 31 4.41 -3.81 -19.50
N GLU B 32 3.43 -4.53 -19.04
CA GLU B 32 2.11 -3.93 -18.77
C GLU B 32 2.28 -2.90 -17.64
N LEU B 33 3.13 -3.20 -16.70
CA LEU B 33 3.37 -2.27 -15.57
C LEU B 33 3.88 -0.94 -16.10
N LYS B 34 4.75 -0.97 -17.07
CA LYS B 34 5.27 0.31 -17.64
C LYS B 34 4.11 1.14 -18.20
N GLU B 35 3.18 0.51 -18.84
CA GLU B 35 2.05 1.27 -19.43
C GLU B 35 1.25 1.94 -18.31
N LEU B 36 1.06 1.27 -17.24
CA LEU B 36 0.32 1.87 -16.10
C LEU B 36 1.07 3.12 -15.64
N ILE B 37 2.34 2.97 -15.43
CA ILE B 37 3.17 4.10 -14.93
C ILE B 37 3.36 5.19 -15.98
N ASN B 38 3.74 4.84 -17.18
CA ASN B 38 4.02 5.91 -18.19
C ASN B 38 2.75 6.52 -18.77
N ASN B 39 1.83 5.70 -19.16
CA ASN B 39 0.58 6.23 -19.79
C ASN B 39 -0.43 6.76 -18.76
N GLU B 40 -0.69 6.05 -17.70
CA GLU B 40 -1.71 6.55 -16.73
C GLU B 40 -1.16 7.78 -15.99
N LEU B 41 0.10 7.76 -15.64
CA LEU B 41 0.70 8.91 -14.91
C LEU B 41 1.36 9.84 -15.93
N SER B 42 0.58 10.39 -16.83
CA SER B 42 1.16 11.28 -17.86
C SER B 42 1.83 12.49 -17.20
N HIS B 43 1.25 13.03 -16.16
CA HIS B 43 1.85 14.21 -15.47
C HIS B 43 1.77 14.05 -13.95
N PHE B 44 0.91 13.21 -13.47
CA PHE B 44 0.79 13.03 -12.00
C PHE B 44 2.11 12.53 -11.41
N LEU B 45 2.80 11.64 -12.09
CA LEU B 45 4.10 11.12 -11.57
C LEU B 45 5.14 11.23 -12.69
N GLU B 46 6.40 11.24 -12.35
CA GLU B 46 7.43 11.37 -13.42
C GLU B 46 7.32 10.20 -14.38
N GLU B 47 6.92 10.46 -15.59
CA GLU B 47 6.79 9.37 -16.60
C GLU B 47 8.09 8.59 -16.70
N ILE B 48 8.02 7.38 -17.16
CA ILE B 48 9.24 6.55 -17.32
C ILE B 48 9.71 6.69 -18.78
N LYS B 49 10.96 7.01 -19.00
CA LYS B 49 11.46 7.18 -20.39
C LYS B 49 12.21 5.93 -20.82
N GLU B 50 12.71 5.18 -19.88
CA GLU B 50 13.48 3.94 -20.20
C GLU B 50 12.85 2.75 -19.48
N GLN B 51 12.76 1.63 -20.14
CA GLN B 51 12.17 0.44 -19.49
C GLN B 51 13.12 -0.06 -18.40
N GLU B 52 14.37 0.32 -18.46
CA GLU B 52 15.32 -0.16 -17.42
C GLU B 52 14.84 0.30 -16.04
N VAL B 53 14.26 1.46 -15.96
CA VAL B 53 13.75 1.94 -14.65
C VAL B 53 12.71 0.94 -14.16
N VAL B 54 11.94 0.43 -15.06
CA VAL B 54 10.89 -0.55 -14.69
C VAL B 54 11.55 -1.84 -14.23
N ASP B 55 12.67 -2.19 -14.81
CA ASP B 55 13.37 -3.44 -14.42
C ASP B 55 13.87 -3.32 -12.97
N LYS B 56 14.30 -2.16 -12.61
CA LYS B 56 14.82 -1.93 -11.24
C LYS B 56 13.64 -1.97 -10.27
N VAL B 57 12.56 -1.40 -10.68
CA VAL B 57 11.34 -1.39 -9.85
C VAL B 57 10.83 -2.82 -9.75
N MET B 58 11.06 -3.59 -10.77
CA MET B 58 10.63 -5.02 -10.77
C MET B 58 11.36 -5.74 -9.65
N GLU B 59 12.60 -5.42 -9.42
CA GLU B 59 13.33 -6.11 -8.32
C GLU B 59 12.53 -5.89 -7.05
N THR B 60 11.99 -4.72 -6.88
CA THR B 60 11.19 -4.43 -5.66
C THR B 60 9.77 -5.00 -5.76
N LEU B 61 9.12 -4.84 -6.88
CA LEU B 61 7.72 -5.34 -7.02
C LEU B 61 7.70 -6.78 -7.53
N ASP B 62 8.78 -7.27 -8.06
CA ASP B 62 8.77 -8.68 -8.55
C ASP B 62 8.98 -9.57 -7.33
N GLU B 63 8.07 -9.48 -6.40
CA GLU B 63 8.19 -10.28 -5.16
C GLU B 63 8.21 -11.77 -5.52
N ASP B 64 7.41 -12.17 -6.47
CA ASP B 64 7.40 -13.59 -6.87
C ASP B 64 8.66 -13.89 -7.68
N GLY B 65 9.34 -12.86 -8.12
CA GLY B 65 10.59 -13.07 -8.91
C GLY B 65 10.24 -13.73 -10.25
N ASP B 66 9.07 -13.48 -10.79
CA ASP B 66 8.68 -14.10 -12.09
C ASP B 66 8.72 -13.04 -13.20
N GLY B 67 9.19 -11.86 -12.89
CA GLY B 67 9.24 -10.78 -13.91
C GLY B 67 7.83 -10.20 -14.07
N GLU B 68 6.92 -10.64 -13.25
CA GLU B 68 5.52 -10.14 -13.32
C GLU B 68 5.03 -9.86 -11.90
N CYS B 69 4.48 -8.70 -11.66
CA CYS B 69 3.95 -8.37 -10.30
C CYS B 69 2.44 -8.63 -10.31
N ASP B 70 1.97 -9.40 -9.37
CA ASP B 70 0.51 -9.72 -9.33
C ASP B 70 -0.28 -8.50 -8.86
N PHE B 71 -1.57 -8.48 -9.09
CA PHE B 71 -2.37 -7.29 -8.69
C PHE B 71 -2.11 -6.99 -7.22
N GLN B 72 -1.84 -7.98 -6.41
CA GLN B 72 -1.56 -7.69 -4.98
C GLN B 72 -0.21 -6.97 -4.89
N GLU B 73 0.74 -7.35 -5.72
CA GLU B 73 2.07 -6.67 -5.68
C GLU B 73 1.92 -5.24 -6.19
N PHE B 74 1.13 -5.06 -7.22
CA PHE B 74 0.91 -3.70 -7.79
C PHE B 74 0.28 -2.80 -6.72
N MET B 75 -0.59 -3.35 -5.93
CA MET B 75 -1.29 -2.55 -4.89
C MET B 75 -0.28 -1.96 -3.90
N ALA B 76 0.73 -2.69 -3.56
CA ALA B 76 1.70 -2.15 -2.57
C ALA B 76 2.51 -0.99 -3.16
N PHE B 77 2.72 -0.97 -4.44
CA PHE B 77 3.50 0.15 -5.05
C PHE B 77 2.70 1.45 -5.00
N VAL B 78 1.42 1.35 -4.92
CA VAL B 78 0.56 2.57 -4.89
C VAL B 78 0.58 3.18 -3.49
N SER B 79 0.69 2.38 -2.48
CA SER B 79 0.71 2.94 -1.10
C SER B 79 2.03 3.65 -0.82
N MET B 80 3.13 3.11 -1.28
CA MET B 80 4.43 3.76 -1.00
C MET B 80 4.57 5.08 -1.79
N VAL B 81 4.19 5.10 -3.03
CA VAL B 81 4.32 6.36 -3.81
C VAL B 81 3.39 7.42 -3.22
N THR B 82 2.24 7.01 -2.76
CA THR B 82 1.30 8.00 -2.17
C THR B 82 1.96 8.67 -0.98
N THR B 83 2.70 7.91 -0.22
CA THR B 83 3.37 8.51 0.95
C THR B 83 4.18 9.72 0.47
N ALA B 84 4.82 9.59 -0.66
CA ALA B 84 5.58 10.75 -1.22
C ALA B 84 4.59 11.88 -1.46
N CYS B 85 3.41 11.55 -1.92
CA CYS B 85 2.37 12.58 -2.19
C CYS B 85 2.06 13.37 -0.91
N HIS B 86 2.12 12.73 0.24
CA HIS B 86 1.84 13.48 1.50
C HIS B 86 2.82 14.63 1.63
N GLU B 87 4.06 14.41 1.32
CA GLU B 87 5.04 15.53 1.40
C GLU B 87 4.62 16.63 0.43
N PHE B 88 4.14 16.26 -0.72
CA PHE B 88 3.73 17.29 -1.73
C PHE B 88 2.33 17.79 -1.40
N PHE B 89 1.44 16.91 -1.02
CA PHE B 89 0.06 17.33 -0.68
C PHE B 89 -0.03 17.54 0.83
N GLU B 90 0.64 18.54 1.33
CA GLU B 90 0.60 18.80 2.79
C GLU B 90 -0.67 19.56 3.13
N HIS B 91 -1.63 18.87 3.69
CA HIS B 91 -2.92 19.52 4.05
C HIS B 91 -2.69 20.48 5.23
N GLU B 92 -2.05 21.60 4.98
CA GLU B 92 -1.79 22.57 6.08
N SER C 1 4.75 -29.59 19.22
CA SER C 1 4.70 -30.19 20.59
C SER C 1 4.37 -29.10 21.61
N HIS C 2 5.21 -28.10 21.74
CA HIS C 2 4.94 -27.01 22.72
C HIS C 2 4.10 -25.90 22.07
N LEU C 3 3.76 -26.07 20.82
CA LEU C 3 2.94 -25.02 20.13
C LEU C 3 1.53 -25.01 20.72
N LYS C 4 0.93 -23.84 20.81
CA LYS C 4 -0.44 -23.74 21.39
C LYS C 4 -1.46 -23.53 20.26
N SER C 5 -2.32 -24.49 20.04
CA SER C 5 -3.34 -24.35 18.96
C SER C 5 -4.26 -23.15 19.26
N LYS C 6 -4.64 -22.98 20.49
CA LYS C 6 -5.54 -21.85 20.87
C LYS C 6 -6.83 -21.90 20.03
N LYS C 7 -7.46 -23.04 19.97
CA LYS C 7 -8.72 -23.17 19.18
C LYS C 7 -9.84 -22.42 19.89
N GLY C 8 -10.81 -21.94 19.15
CA GLY C 8 -11.95 -21.20 19.78
C GLY C 8 -11.60 -19.71 19.87
N GLN C 9 -12.22 -19.02 20.79
CA GLN C 9 -11.95 -17.55 20.95
C GLN C 9 -12.24 -16.83 19.64
N SER C 10 -13.21 -15.94 19.66
CA SER C 10 -13.56 -15.18 18.42
C SER C 10 -12.31 -14.45 17.92
N THR C 11 -11.42 -14.08 18.79
CA THR C 11 -10.19 -13.36 18.38
C THR C 11 -9.62 -13.99 17.11
N SER C 12 -9.91 -15.24 16.88
CA SER C 12 -9.40 -15.91 15.65
C SER C 12 -9.63 -15.02 14.43
N ARG C 13 -10.62 -14.18 14.48
CA ARG C 13 -10.90 -13.27 13.33
C ARG C 13 -9.59 -12.64 12.84
N HIS C 14 -8.67 -12.40 13.72
CA HIS C 14 -7.37 -11.78 13.30
C HIS C 14 -6.69 -12.70 12.28
N LYS C 15 -6.75 -13.99 12.51
CA LYS C 15 -6.12 -14.95 11.57
C LYS C 15 -6.74 -14.79 10.18
N LYS C 16 -8.00 -14.43 10.11
CA LYS C 16 -8.63 -14.27 8.77
C LYS C 16 -7.87 -13.20 8.00
N LEU C 17 -7.48 -12.14 8.65
CA LEU C 17 -6.71 -11.07 7.94
C LEU C 17 -5.27 -11.53 7.71
N MET C 18 -4.79 -12.44 8.52
CA MET C 18 -3.39 -12.93 8.34
C MET C 18 -3.22 -13.56 6.95
N PHE C 19 -4.28 -14.04 6.35
CA PHE C 19 -4.12 -14.65 5.00
C PHE C 19 -3.43 -13.62 4.11
N LYS C 20 -3.60 -12.36 4.44
CA LYS C 20 -2.96 -11.27 3.66
C LYS C 20 -1.45 -11.27 3.97
N THR C 21 -1.10 -11.45 5.20
CA THR C 21 0.35 -11.44 5.57
C THR C 21 1.07 -12.57 4.83
N GLU C 22 0.41 -13.67 4.63
CA GLU C 22 1.07 -14.81 3.92
N SER D 1 35.37 0.37 -4.75
CA SER D 1 36.46 0.19 -5.74
C SER D 1 35.88 -0.26 -7.08
N HIS D 2 35.23 -1.39 -7.12
CA HIS D 2 34.64 -1.87 -8.41
C HIS D 2 33.21 -1.34 -8.56
N LEU D 3 32.74 -0.57 -7.61
CA LEU D 3 31.36 -0.03 -7.70
C LEU D 3 31.29 1.01 -8.83
N LYS D 4 30.19 1.07 -9.52
CA LYS D 4 30.05 2.05 -10.65
C LYS D 4 29.17 3.22 -10.21
N SER D 5 29.73 4.40 -10.10
CA SER D 5 28.93 5.58 -9.68
C SER D 5 27.81 5.85 -10.71
N LYS D 6 28.11 5.71 -11.97
CA LYS D 6 27.08 5.96 -13.04
C LYS D 6 26.51 7.37 -12.88
N LYS D 7 27.35 8.36 -12.75
CA LYS D 7 26.85 9.77 -12.60
C LYS D 7 26.25 10.24 -13.93
N GLY D 8 25.31 11.16 -13.86
CA GLY D 8 24.69 11.67 -15.13
C GLY D 8 23.50 10.80 -15.50
N GLN D 9 23.14 10.77 -16.77
CA GLN D 9 21.99 9.95 -17.22
C GLN D 9 20.72 10.36 -16.47
N SER D 10 19.74 10.87 -17.18
CA SER D 10 18.48 11.29 -16.52
C SER D 10 17.89 10.11 -15.76
N THR D 11 18.12 8.91 -16.23
CA THR D 11 17.57 7.70 -15.55
C THR D 11 17.70 7.84 -14.02
N SER D 12 18.64 8.64 -13.58
CA SER D 12 18.82 8.83 -12.11
C SER D 12 17.46 9.09 -11.46
N ARG D 13 16.53 9.63 -12.20
CA ARG D 13 15.19 9.92 -11.63
C ARG D 13 14.71 8.71 -10.82
N HIS D 14 15.07 7.53 -11.23
CA HIS D 14 14.62 6.32 -10.49
C HIS D 14 15.13 6.39 -9.06
N LYS D 15 16.35 6.84 -8.89
CA LYS D 15 16.92 6.94 -7.53
C LYS D 15 16.06 7.87 -6.67
N LYS D 16 15.45 8.86 -7.27
CA LYS D 16 14.60 9.78 -6.47
C LYS D 16 13.50 8.98 -5.81
N LEU D 17 12.92 8.04 -6.51
CA LEU D 17 11.83 7.21 -5.90
C LEU D 17 12.46 6.19 -4.93
N MET D 18 13.70 5.84 -5.11
CA MET D 18 14.34 4.86 -4.20
C MET D 18 14.34 5.39 -2.77
N PHE D 19 14.28 6.69 -2.58
CA PHE D 19 14.28 7.20 -1.19
C PHE D 19 13.13 6.52 -0.44
N LYS D 20 12.15 6.10 -1.17
CA LYS D 20 10.99 5.39 -0.56
C LYS D 20 11.43 3.97 -0.15
N THR D 21 12.19 3.33 -0.99
CA THR D 21 12.65 1.94 -0.67
C THR D 21 13.48 1.96 0.61
N GLU D 22 14.22 3.01 0.84
CA GLU D 22 15.05 3.10 2.07
CA CA E . -1.72 10.68 15.33
CA CA F . 7.25 1.55 13.71
CA CA G . -2.80 -7.37 -17.08
CA CA H . 6.15 -11.34 -8.70
N MET A 1 -9.42 4.13 -14.57
CA MET A 1 -9.21 5.20 -15.60
C MET A 1 -8.21 6.22 -15.07
N SER A 2 -7.07 5.76 -14.60
CA SER A 2 -6.04 6.70 -14.06
C SER A 2 -6.61 7.50 -12.89
N GLU A 3 -7.63 7.01 -12.26
CA GLU A 3 -8.22 7.72 -11.10
C GLU A 3 -7.31 7.52 -9.89
N LEU A 4 -6.11 7.08 -10.12
CA LEU A 4 -5.16 6.82 -9.00
C LEU A 4 -4.90 8.11 -8.22
N GLU A 5 -4.94 9.25 -8.87
CA GLU A 5 -4.69 10.52 -8.14
C GLU A 5 -5.71 10.71 -7.02
N LYS A 6 -6.94 10.38 -7.27
CA LYS A 6 -7.99 10.56 -6.23
C LYS A 6 -7.80 9.55 -5.11
N ALA A 7 -7.46 8.34 -5.43
CA ALA A 7 -7.32 7.31 -4.35
C ALA A 7 -6.11 7.62 -3.47
N MET A 8 -5.02 8.03 -4.03
CA MET A 8 -3.82 8.34 -3.21
C MET A 8 -4.12 9.49 -2.25
N VAL A 9 -4.84 10.46 -2.71
CA VAL A 9 -5.18 11.61 -1.84
C VAL A 9 -6.11 11.12 -0.72
N ALA A 10 -6.99 10.22 -1.05
CA ALA A 10 -7.96 9.69 -0.05
C ALA A 10 -7.25 8.94 1.08
N LEU A 11 -6.24 8.17 0.79
CA LEU A 11 -5.56 7.42 1.88
C LEU A 11 -5.03 8.42 2.90
N ILE A 12 -4.50 9.51 2.41
CA ILE A 12 -3.96 10.54 3.33
C ILE A 12 -5.09 11.22 4.14
N ASP A 13 -6.22 11.45 3.55
CA ASP A 13 -7.32 12.14 4.30
C ASP A 13 -7.85 11.26 5.45
N VAL A 14 -8.01 9.99 5.23
CA VAL A 14 -8.57 9.10 6.29
C VAL A 14 -7.52 8.91 7.41
N PHE A 15 -6.28 8.73 7.05
CA PHE A 15 -5.23 8.55 8.09
C PHE A 15 -5.18 9.75 9.02
N HIS A 16 -5.32 10.93 8.49
CA HIS A 16 -5.25 12.13 9.38
C HIS A 16 -6.42 12.13 10.37
N GLN A 17 -7.53 11.55 10.03
CA GLN A 17 -8.67 11.54 10.97
C GLN A 17 -8.27 10.84 12.27
N TYR A 18 -7.58 9.73 12.19
CA TYR A 18 -7.20 9.00 13.45
C TYR A 18 -5.85 9.48 14.03
N SER A 19 -4.89 9.73 13.21
CA SER A 19 -3.55 10.16 13.72
C SER A 19 -3.68 11.46 14.52
N GLY A 20 -4.48 12.36 14.05
CA GLY A 20 -4.65 13.67 14.77
C GLY A 20 -5.65 13.51 15.91
N ARG A 21 -6.36 12.42 15.96
CA ARG A 21 -7.36 12.23 17.05
C ARG A 21 -6.65 12.28 18.41
N GLU A 22 -5.59 11.56 18.57
CA GLU A 22 -4.87 11.55 19.88
C GLU A 22 -3.87 12.71 19.90
N GLY A 23 -2.80 12.62 19.17
CA GLY A 23 -1.81 13.73 19.17
C GLY A 23 -0.62 13.39 18.28
N ASP A 24 -0.35 12.13 18.06
CA ASP A 24 0.81 11.78 17.20
C ASP A 24 0.43 11.91 15.72
N LYS A 25 0.50 13.09 15.20
CA LYS A 25 0.14 13.31 13.76
C LYS A 25 1.18 12.66 12.84
N HIS A 26 2.44 12.75 13.20
CA HIS A 26 3.51 12.15 12.34
C HIS A 26 3.75 10.69 12.71
N LYS A 27 3.05 10.17 13.68
CA LYS A 27 3.26 8.74 14.06
C LYS A 27 1.96 8.12 14.55
N LEU A 28 1.85 6.83 14.45
CA LEU A 28 0.62 6.10 14.88
C LEU A 28 1.01 5.03 15.90
N LYS A 29 0.25 4.88 16.97
CA LYS A 29 0.59 3.86 18.01
C LYS A 29 -0.38 2.68 17.95
N LYS A 30 0.03 1.50 18.36
CA LYS A 30 -0.88 0.32 18.33
C LYS A 30 -2.23 0.73 18.91
N SER A 31 -2.22 1.75 19.71
CA SER A 31 -3.50 2.22 20.33
C SER A 31 -4.30 3.00 19.30
N GLU A 32 -3.67 3.90 18.62
CA GLU A 32 -4.39 4.68 17.58
C GLU A 32 -4.74 3.74 16.43
N LEU A 33 -3.87 2.81 16.15
CA LEU A 33 -4.10 1.84 15.05
C LEU A 33 -5.38 1.05 15.33
N LYS A 34 -5.58 0.61 16.54
CA LYS A 34 -6.80 -0.18 16.86
C LYS A 34 -8.07 0.64 16.63
N GLU A 35 -8.05 1.90 16.97
CA GLU A 35 -9.27 2.72 16.79
C GLU A 35 -9.52 2.91 15.30
N LEU A 36 -8.48 2.99 14.54
CA LEU A 36 -8.65 3.15 13.08
C LEU A 36 -9.29 1.89 12.51
N ILE A 37 -8.73 0.75 12.81
CA ILE A 37 -9.27 -0.53 12.27
C ILE A 37 -10.61 -0.88 12.91
N ASN A 38 -10.74 -0.70 14.19
CA ASN A 38 -12.01 -1.07 14.88
C ASN A 38 -13.16 -0.12 14.52
N ASN A 39 -12.88 1.14 14.41
CA ASN A 39 -13.97 2.14 14.12
C ASN A 39 -14.04 2.51 12.64
N GLU A 40 -12.94 2.69 11.99
CA GLU A 40 -13.02 3.08 10.55
C GLU A 40 -13.54 1.88 9.77
N LEU A 41 -13.20 0.69 10.19
CA LEU A 41 -13.64 -0.55 9.47
C LEU A 41 -14.46 -1.43 10.41
N SER A 42 -15.32 -0.86 11.20
CA SER A 42 -16.14 -1.68 12.13
C SER A 42 -17.00 -2.67 11.35
N HIS A 43 -17.74 -2.20 10.37
CA HIS A 43 -18.62 -3.11 9.57
C HIS A 43 -18.05 -3.29 8.16
N PHE A 44 -17.25 -2.38 7.70
CA PHE A 44 -16.68 -2.51 6.33
C PHE A 44 -15.67 -3.66 6.26
N LEU A 45 -14.99 -3.96 7.36
CA LEU A 45 -13.98 -5.06 7.36
C LEU A 45 -14.15 -5.90 8.63
N GLU A 46 -13.08 -6.39 9.17
CA GLU A 46 -13.18 -7.24 10.41
C GLU A 46 -12.95 -6.37 11.66
N GLU A 47 -13.99 -6.14 12.41
CA GLU A 47 -13.84 -5.33 13.66
C GLU A 47 -12.97 -6.14 14.65
N ILE A 48 -12.18 -5.47 15.45
CA ILE A 48 -11.31 -6.19 16.43
C ILE A 48 -12.01 -6.28 17.79
N LYS A 49 -11.85 -7.38 18.46
CA LYS A 49 -12.51 -7.56 19.79
C LYS A 49 -11.44 -7.66 20.90
N GLU A 50 -10.22 -7.96 20.54
CA GLU A 50 -9.13 -8.07 21.57
C GLU A 50 -7.91 -7.25 21.17
N GLN A 51 -7.21 -6.74 22.14
CA GLN A 51 -5.99 -5.93 21.86
C GLN A 51 -4.91 -6.86 21.33
N GLU A 52 -4.98 -8.12 21.66
CA GLU A 52 -3.94 -9.08 21.21
C GLU A 52 -3.88 -9.15 19.68
N VAL A 53 -5.00 -9.13 19.03
CA VAL A 53 -4.98 -9.21 17.55
C VAL A 53 -4.21 -8.04 16.99
N VAL A 54 -4.40 -6.91 17.58
CA VAL A 54 -3.70 -5.71 17.10
C VAL A 54 -2.21 -5.86 17.34
N ASP A 55 -1.83 -6.42 18.45
CA ASP A 55 -0.39 -6.58 18.75
C ASP A 55 0.28 -7.46 17.69
N LYS A 56 -0.41 -8.48 17.28
CA LYS A 56 0.15 -9.40 16.25
C LYS A 56 0.27 -8.63 14.94
N VAL A 57 -0.70 -7.83 14.65
CA VAL A 57 -0.64 -7.02 13.41
C VAL A 57 0.53 -6.05 13.53
N MET A 58 0.81 -5.63 14.73
CA MET A 58 1.94 -4.69 14.92
C MET A 58 3.25 -5.42 14.67
N GLU A 59 3.31 -6.68 14.93
CA GLU A 59 4.57 -7.40 14.64
C GLU A 59 4.87 -7.19 13.17
N THR A 60 3.85 -7.24 12.36
CA THR A 60 4.03 -7.05 10.89
C THR A 60 4.22 -5.55 10.54
N LEU A 61 3.43 -4.68 11.10
CA LEU A 61 3.55 -3.23 10.77
C LEU A 61 4.57 -2.55 11.68
N ASP A 62 4.92 -3.15 12.77
CA ASP A 62 5.91 -2.51 13.65
C ASP A 62 7.27 -2.77 13.05
N GLU A 63 7.47 -2.31 11.86
CA GLU A 63 8.75 -2.53 11.18
C GLU A 63 9.84 -1.92 12.04
N ASP A 64 9.57 -0.79 12.62
CA ASP A 64 10.56 -0.13 13.50
C ASP A 64 10.70 -0.96 14.79
N GLY A 65 9.76 -1.83 15.04
CA GLY A 65 9.85 -2.67 16.27
C GLY A 65 9.75 -1.78 17.51
N ASP A 66 9.02 -0.68 17.43
CA ASP A 66 8.89 0.25 18.60
C ASP A 66 7.49 0.13 19.22
N GLY A 67 6.70 -0.80 18.76
CA GLY A 67 5.32 -0.96 19.32
C GLY A 67 4.40 0.09 18.67
N GLU A 68 4.95 0.87 17.77
CA GLU A 68 4.16 1.91 17.07
C GLU A 68 4.60 1.94 15.60
N CYS A 69 3.69 2.22 14.69
CA CYS A 69 4.04 2.26 13.23
C CYS A 69 3.86 3.69 12.73
N ASP A 70 4.76 4.15 11.90
CA ASP A 70 4.65 5.54 11.40
C ASP A 70 3.59 5.61 10.30
N PHE A 71 3.23 6.79 9.87
CA PHE A 71 2.20 6.90 8.82
C PHE A 71 2.61 6.04 7.63
N GLN A 72 3.88 6.04 7.29
CA GLN A 72 4.31 5.21 6.11
C GLN A 72 4.09 3.72 6.39
N GLU A 73 4.35 3.26 7.59
CA GLU A 73 4.15 1.81 7.86
C GLU A 73 2.65 1.47 7.76
N PHE A 74 1.81 2.34 8.25
CA PHE A 74 0.35 2.08 8.18
C PHE A 74 -0.10 2.10 6.72
N MET A 75 0.53 2.91 5.93
CA MET A 75 0.14 3.02 4.50
C MET A 75 0.29 1.65 3.83
N ALA A 76 1.30 0.90 4.20
CA ALA A 76 1.47 -0.42 3.56
C ALA A 76 0.36 -1.37 3.98
N PHE A 77 -0.15 -1.25 5.17
CA PHE A 77 -1.25 -2.15 5.62
C PHE A 77 -2.45 -1.98 4.69
N VAL A 78 -2.71 -0.78 4.31
CA VAL A 78 -3.87 -0.46 3.42
C VAL A 78 -3.72 -1.20 2.09
N SER A 79 -2.52 -1.31 1.60
CA SER A 79 -2.32 -2.02 0.31
C SER A 79 -2.69 -3.49 0.48
N MET A 80 -2.33 -4.06 1.59
CA MET A 80 -2.62 -5.50 1.84
C MET A 80 -4.12 -5.76 1.99
N VAL A 81 -4.81 -4.97 2.73
CA VAL A 81 -6.27 -5.22 2.92
C VAL A 81 -7.02 -4.95 1.62
N THR A 82 -6.58 -3.99 0.86
CA THR A 82 -7.28 -3.67 -0.41
C THR A 82 -7.24 -4.90 -1.31
N THR A 83 -6.13 -5.57 -1.33
CA THR A 83 -6.00 -6.79 -2.16
C THR A 83 -7.16 -7.71 -1.79
N ALA A 84 -7.53 -7.71 -0.53
CA ALA A 84 -8.68 -8.56 -0.09
C ALA A 84 -9.93 -8.15 -0.87
N CYS A 85 -10.14 -6.87 -1.06
CA CYS A 85 -11.33 -6.38 -1.79
C CYS A 85 -11.33 -6.97 -3.21
N HIS A 86 -10.18 -7.13 -3.80
CA HIS A 86 -10.13 -7.69 -5.17
C HIS A 86 -10.78 -9.07 -5.18
N GLU A 87 -10.55 -9.85 -4.16
CA GLU A 87 -11.16 -11.19 -4.11
C GLU A 87 -12.68 -11.04 -4.15
N PHE A 88 -13.21 -10.07 -3.46
CA PHE A 88 -14.69 -9.86 -3.46
C PHE A 88 -15.08 -9.00 -4.66
N PHE A 89 -14.31 -7.99 -4.97
CA PHE A 89 -14.64 -7.09 -6.11
C PHE A 89 -13.92 -7.59 -7.35
N GLU A 90 -14.29 -8.74 -7.82
CA GLU A 90 -13.63 -9.28 -9.04
C GLU A 90 -14.26 -8.63 -10.28
N HIS A 91 -13.58 -7.65 -10.83
CA HIS A 91 -14.13 -6.95 -12.03
C HIS A 91 -14.32 -7.96 -13.16
N GLU A 92 -13.38 -8.85 -13.33
CA GLU A 92 -13.50 -9.88 -14.40
N MET B 1 -12.71 10.97 6.03
CA MET B 1 -14.05 10.68 6.61
C MET B 1 -14.42 9.22 6.32
N SER B 2 -13.55 8.31 6.63
CA SER B 2 -13.84 6.86 6.39
C SER B 2 -14.09 6.62 4.90
N GLU B 3 -13.61 7.49 4.06
CA GLU B 3 -13.80 7.30 2.58
C GLU B 3 -12.83 6.22 2.10
N LEU B 4 -12.28 5.47 3.01
CA LEU B 4 -11.31 4.41 2.63
C LEU B 4 -11.98 3.39 1.70
N GLU B 5 -13.25 3.17 1.84
CA GLU B 5 -13.92 2.17 0.95
C GLU B 5 -13.78 2.60 -0.52
N LYS B 6 -13.91 3.86 -0.79
CA LYS B 6 -13.82 4.33 -2.20
C LYS B 6 -12.39 4.24 -2.69
N ALA B 7 -11.43 4.57 -1.88
CA ALA B 7 -10.02 4.53 -2.34
C ALA B 7 -9.57 3.08 -2.60
N MET B 8 -9.93 2.17 -1.76
CA MET B 8 -9.51 0.75 -1.95
C MET B 8 -10.09 0.21 -3.26
N VAL B 9 -11.30 0.57 -3.54
CA VAL B 9 -11.94 0.09 -4.79
C VAL B 9 -11.21 0.71 -5.98
N ALA B 10 -10.82 1.94 -5.84
CA ALA B 10 -10.12 2.66 -6.94
C ALA B 10 -8.78 2.00 -7.28
N LEU B 11 -8.02 1.56 -6.31
CA LEU B 11 -6.70 0.95 -6.64
C LEU B 11 -6.96 -0.26 -7.54
N ILE B 12 -7.97 -1.00 -7.25
CA ILE B 12 -8.28 -2.19 -8.06
C ILE B 12 -8.73 -1.79 -9.49
N ASP B 13 -9.47 -0.72 -9.62
CA ASP B 13 -9.95 -0.33 -10.99
C ASP B 13 -8.79 0.12 -11.90
N VAL B 14 -7.87 0.85 -11.37
CA VAL B 14 -6.73 1.35 -12.21
C VAL B 14 -5.79 0.19 -12.57
N PHE B 15 -5.52 -0.67 -11.62
CA PHE B 15 -4.61 -1.82 -11.91
C PHE B 15 -5.18 -2.67 -13.04
N HIS B 16 -6.46 -2.89 -13.06
CA HIS B 16 -7.04 -3.73 -14.15
C HIS B 16 -6.84 -3.07 -15.51
N GLN B 17 -6.77 -1.77 -15.55
CA GLN B 17 -6.58 -1.10 -16.87
C GLN B 17 -5.27 -1.57 -17.52
N TYR B 18 -4.21 -1.67 -16.76
CA TYR B 18 -2.90 -2.10 -17.37
C TYR B 18 -2.71 -3.61 -17.35
N SER B 19 -3.08 -4.28 -16.30
CA SER B 19 -2.88 -5.76 -16.23
C SER B 19 -3.63 -6.45 -17.37
N GLY B 20 -4.82 -6.01 -17.66
CA GLY B 20 -5.61 -6.64 -18.75
C GLY B 20 -5.18 -6.09 -20.12
N ARG B 21 -4.40 -5.05 -20.13
CA ARG B 21 -3.96 -4.49 -21.44
C ARG B 21 -3.18 -5.55 -22.23
N GLU B 22 -2.23 -6.20 -21.60
CA GLU B 22 -1.44 -7.23 -22.32
C GLU B 22 -2.17 -8.57 -22.26
N GLY B 23 -2.17 -9.20 -21.12
CA GLY B 23 -2.89 -10.52 -21.02
C GLY B 23 -2.75 -11.08 -19.61
N ASP B 24 -1.72 -10.72 -18.88
CA ASP B 24 -1.56 -11.27 -17.51
C ASP B 24 -2.47 -10.50 -16.54
N LYS B 25 -3.71 -10.91 -16.45
CA LYS B 25 -4.66 -10.22 -15.53
C LYS B 25 -4.31 -10.53 -14.07
N HIS B 26 -3.91 -11.75 -13.79
CA HIS B 26 -3.56 -12.12 -12.39
C HIS B 26 -2.09 -11.83 -12.09
N LYS B 27 -1.36 -11.33 -13.05
CA LYS B 27 0.09 -11.04 -12.78
C LYS B 27 0.54 -9.83 -13.61
N LEU B 28 1.56 -9.17 -13.15
CA LEU B 28 2.08 -7.95 -13.86
C LEU B 28 3.58 -8.15 -14.15
N LYS B 29 4.03 -7.81 -15.34
CA LYS B 29 5.47 -8.01 -15.68
C LYS B 29 6.21 -6.66 -15.71
N LYS B 30 7.50 -6.65 -15.46
CA LYS B 30 8.27 -5.38 -15.48
C LYS B 30 7.89 -4.60 -16.74
N SER B 31 7.40 -5.29 -17.72
CA SER B 31 7.00 -4.62 -18.99
C SER B 31 5.66 -3.92 -18.78
N GLU B 32 4.71 -4.62 -18.23
CA GLU B 32 3.39 -4.00 -17.97
C GLU B 32 3.56 -2.93 -16.89
N LEU B 33 4.41 -3.19 -15.94
CA LEU B 33 4.66 -2.21 -14.85
C LEU B 33 5.15 -0.90 -15.43
N LYS B 34 6.06 -0.94 -16.37
CA LYS B 34 6.59 0.33 -16.95
C LYS B 34 5.48 1.13 -17.62
N GLU B 35 4.59 0.48 -18.31
CA GLU B 35 3.52 1.22 -19.02
C GLU B 35 2.59 1.83 -17.98
N LEU B 36 2.40 1.16 -16.89
CA LEU B 36 1.53 1.72 -15.83
C LEU B 36 2.18 2.98 -15.27
N ILE B 37 3.40 2.89 -14.87
CA ILE B 37 4.11 4.05 -14.27
C ILE B 37 4.39 5.14 -15.31
N ASN B 38 4.82 4.75 -16.48
CA ASN B 38 5.16 5.75 -17.53
C ASN B 38 3.91 6.45 -18.08
N ASN B 39 2.86 5.71 -18.28
CA ASN B 39 1.62 6.32 -18.89
C ASN B 39 0.58 6.69 -17.85
N GLU B 40 0.38 5.90 -16.83
CA GLU B 40 -0.65 6.28 -15.83
C GLU B 40 -0.15 7.49 -15.06
N LEU B 41 1.15 7.55 -14.84
CA LEU B 41 1.74 8.67 -14.06
C LEU B 41 2.75 9.44 -14.93
N SER B 42 2.44 9.66 -16.17
CA SER B 42 3.39 10.39 -17.05
C SER B 42 3.65 11.81 -16.50
N HIS B 43 2.61 12.55 -16.21
CA HIS B 43 2.79 13.94 -15.68
C HIS B 43 2.40 14.00 -14.19
N PHE B 44 1.60 13.08 -13.73
CA PHE B 44 1.19 13.10 -12.30
C PHE B 44 2.37 12.75 -11.39
N LEU B 45 3.30 11.94 -11.86
CA LEU B 45 4.48 11.56 -11.02
C LEU B 45 5.75 11.64 -11.86
N GLU B 46 6.69 10.76 -11.63
CA GLU B 46 7.96 10.80 -12.41
C GLU B 46 7.88 9.84 -13.61
N GLU B 47 7.81 10.38 -14.80
CA GLU B 47 7.76 9.49 -16.01
C GLU B 47 9.10 8.77 -16.14
N ILE B 48 9.11 7.57 -16.64
CA ILE B 48 10.39 6.81 -16.77
C ILE B 48 10.95 7.00 -18.19
N LYS B 49 12.24 7.11 -18.30
CA LYS B 49 12.90 7.31 -19.63
C LYS B 49 13.75 6.10 -20.00
N GLU B 50 14.12 5.29 -19.03
CA GLU B 50 14.97 4.09 -19.31
C GLU B 50 14.37 2.84 -18.67
N GLN B 51 14.56 1.71 -19.30
CA GLN B 51 14.03 0.43 -18.76
C GLN B 51 14.82 0.08 -17.50
N GLU B 52 16.03 0.57 -17.40
CA GLU B 52 16.87 0.24 -16.21
C GLU B 52 16.22 0.71 -14.91
N VAL B 53 15.62 1.87 -14.92
CA VAL B 53 14.99 2.37 -13.67
C VAL B 53 13.91 1.40 -13.24
N VAL B 54 13.20 0.89 -14.18
CA VAL B 54 12.12 -0.05 -13.86
C VAL B 54 12.71 -1.33 -13.30
N ASP B 55 13.80 -1.78 -13.83
CA ASP B 55 14.43 -3.03 -13.34
C ASP B 55 14.82 -2.87 -11.87
N LYS B 56 15.32 -1.73 -11.52
CA LYS B 56 15.74 -1.48 -10.11
C LYS B 56 14.49 -1.48 -9.24
N VAL B 57 13.44 -0.90 -9.73
CA VAL B 57 12.18 -0.88 -8.95
C VAL B 57 11.70 -2.31 -8.81
N MET B 58 11.98 -3.13 -9.79
CA MET B 58 11.54 -4.54 -9.72
C MET B 58 12.35 -5.25 -8.66
N GLU B 59 13.56 -4.86 -8.43
CA GLU B 59 14.32 -5.55 -7.36
C GLU B 59 13.51 -5.40 -6.07
N THR B 60 12.93 -4.25 -5.88
CA THR B 60 12.11 -4.01 -4.66
C THR B 60 10.72 -4.69 -4.78
N LEU B 61 10.07 -4.57 -5.91
CA LEU B 61 8.71 -5.17 -6.05
C LEU B 61 8.80 -6.61 -6.53
N ASP B 62 9.92 -7.00 -7.05
CA ASP B 62 10.03 -8.42 -7.51
C ASP B 62 10.30 -9.26 -6.28
N GLU B 63 9.38 -9.22 -5.36
CA GLU B 63 9.54 -10.00 -4.12
C GLU B 63 9.70 -11.47 -4.51
N ASP B 64 8.94 -11.89 -5.49
CA ASP B 64 9.04 -13.30 -5.95
C ASP B 64 10.39 -13.49 -6.66
N GLY B 65 11.03 -12.42 -7.02
CA GLY B 65 12.35 -12.53 -7.71
C GLY B 65 12.16 -13.22 -9.07
N ASP B 66 11.02 -13.04 -9.71
CA ASP B 66 10.77 -13.70 -11.03
C ASP B 66 10.83 -12.67 -12.16
N GLY B 67 11.22 -11.46 -11.85
CA GLY B 67 11.29 -10.42 -12.92
C GLY B 67 9.88 -9.86 -13.16
N GLU B 68 8.92 -10.36 -12.43
CA GLU B 68 7.52 -9.90 -12.57
C GLU B 68 6.88 -9.80 -11.18
N CYS B 69 6.01 -8.86 -10.96
CA CYS B 69 5.36 -8.69 -9.62
C CYS B 69 3.86 -8.99 -9.77
N ASP B 70 3.29 -9.67 -8.81
CA ASP B 70 1.84 -10.00 -8.90
C ASP B 70 1.02 -8.78 -8.53
N PHE B 71 -0.27 -8.82 -8.75
CA PHE B 71 -1.12 -7.66 -8.42
C PHE B 71 -0.86 -7.27 -6.97
N GLN B 72 -0.73 -8.21 -6.09
CA GLN B 72 -0.49 -7.86 -4.66
C GLN B 72 0.86 -7.13 -4.50
N GLU B 73 1.88 -7.54 -5.20
CA GLU B 73 3.20 -6.85 -5.04
C GLU B 73 3.08 -5.41 -5.56
N PHE B 74 2.38 -5.22 -6.65
CA PHE B 74 2.21 -3.84 -7.20
C PHE B 74 1.40 -3.01 -6.23
N MET B 75 0.48 -3.62 -5.55
CA MET B 75 -0.38 -2.86 -4.60
C MET B 75 0.50 -2.21 -3.54
N ALA B 76 1.53 -2.86 -3.12
CA ALA B 76 2.39 -2.25 -2.08
C ALA B 76 3.14 -1.03 -2.64
N PHE B 77 3.47 -1.05 -3.89
CA PHE B 77 4.19 0.13 -4.49
C PHE B 77 3.32 1.36 -4.36
N VAL B 78 2.05 1.20 -4.57
CA VAL B 78 1.09 2.34 -4.49
C VAL B 78 1.12 2.96 -3.10
N SER B 79 1.26 2.16 -2.09
CA SER B 79 1.29 2.70 -0.71
C SER B 79 2.52 3.58 -0.53
N MET B 80 3.62 3.15 -1.09
CA MET B 80 4.89 3.91 -0.97
C MET B 80 4.83 5.25 -1.70
N VAL B 81 4.35 5.26 -2.91
CA VAL B 81 4.31 6.54 -3.66
C VAL B 81 3.28 7.49 -3.05
N THR B 82 2.21 6.95 -2.54
CA THR B 82 1.17 7.83 -1.94
C THR B 82 1.79 8.60 -0.79
N THR B 83 2.62 7.95 -0.02
CA THR B 83 3.28 8.63 1.12
C THR B 83 3.96 9.87 0.56
N ALA B 84 4.47 9.78 -0.64
CA ALA B 84 5.13 10.96 -1.26
C ALA B 84 4.11 12.10 -1.37
N CYS B 85 2.89 11.79 -1.73
CA CYS B 85 1.85 12.84 -1.86
C CYS B 85 1.66 13.56 -0.52
N HIS B 86 1.79 12.83 0.57
CA HIS B 86 1.62 13.48 1.90
C HIS B 86 2.63 14.61 2.05
N GLU B 87 3.82 14.41 1.58
CA GLU B 87 4.84 15.49 1.69
C GLU B 87 4.33 16.73 0.95
N PHE B 88 3.72 16.53 -0.18
CA PHE B 88 3.19 17.69 -0.96
C PHE B 88 1.79 18.05 -0.45
N PHE B 89 0.99 17.07 -0.16
CA PHE B 89 -0.41 17.36 0.32
C PHE B 89 -0.41 17.35 1.84
N GLU B 90 0.25 18.32 2.42
CA GLU B 90 0.29 18.39 3.90
C GLU B 90 -1.01 19.03 4.40
N HIS B 91 -1.93 18.23 4.85
CA HIS B 91 -3.22 18.79 5.34
C HIS B 91 -2.96 19.74 6.51
N GLU B 92 -2.07 19.38 7.38
CA GLU B 92 -1.75 20.26 8.54
N SER C 1 -5.70 -35.95 7.81
CA SER C 1 -6.88 -35.08 7.52
C SER C 1 -7.19 -34.22 8.75
N HIS C 2 -6.79 -32.97 8.72
CA HIS C 2 -7.07 -32.08 9.89
C HIS C 2 -8.52 -31.59 9.82
N LEU C 3 -9.22 -31.60 10.91
CA LEU C 3 -10.64 -31.15 10.90
C LEU C 3 -10.69 -29.63 10.97
N LYS C 4 -10.34 -29.05 12.09
CA LYS C 4 -10.38 -27.56 12.22
C LYS C 4 -9.17 -27.08 13.01
N SER C 5 -8.77 -25.86 12.79
CA SER C 5 -7.60 -25.32 13.53
C SER C 5 -8.03 -24.97 14.96
N LYS C 6 -8.87 -23.99 15.11
CA LYS C 6 -9.34 -23.61 16.47
C LYS C 6 -10.50 -22.61 16.35
N LYS C 7 -11.71 -23.09 16.27
CA LYS C 7 -12.87 -22.17 16.15
C LYS C 7 -13.30 -21.72 17.55
N GLY C 8 -12.80 -22.36 18.57
CA GLY C 8 -13.18 -21.98 19.95
C GLY C 8 -12.94 -20.47 20.17
N GLN C 9 -11.87 -19.95 19.62
CA GLN C 9 -11.58 -18.49 19.80
C GLN C 9 -12.01 -17.71 18.55
N SER C 10 -12.68 -16.61 18.73
CA SER C 10 -13.12 -15.79 17.56
C SER C 10 -11.88 -15.29 16.83
N THR C 11 -10.77 -15.18 17.51
CA THR C 11 -9.51 -14.71 16.87
C THR C 11 -9.35 -15.40 15.51
N SER C 12 -9.95 -16.54 15.36
CA SER C 12 -9.85 -17.27 14.06
C SER C 12 -10.20 -16.31 12.93
N ARG C 13 -11.04 -15.34 13.20
CA ARG C 13 -11.42 -14.37 12.14
C ARG C 13 -10.16 -13.65 11.67
N HIS C 14 -9.30 -13.29 12.59
CA HIS C 14 -8.05 -12.60 12.21
C HIS C 14 -7.23 -13.52 11.29
N LYS C 15 -7.21 -14.79 11.60
CA LYS C 15 -6.45 -15.74 10.75
C LYS C 15 -6.96 -15.63 9.31
N LYS C 16 -8.21 -15.30 9.14
CA LYS C 16 -8.74 -15.16 7.76
C LYS C 16 -7.92 -14.08 7.06
N LEU C 17 -7.61 -13.00 7.75
CA LEU C 17 -6.80 -11.92 7.11
C LEU C 17 -5.38 -12.45 6.79
N MET C 18 -4.83 -13.24 7.66
CA MET C 18 -3.45 -13.77 7.41
C MET C 18 -3.37 -14.33 5.99
N PHE C 19 -4.47 -14.74 5.40
CA PHE C 19 -4.42 -15.31 4.01
C PHE C 19 -3.43 -14.49 3.15
N LYS C 20 -3.54 -13.20 3.17
CA LYS C 20 -2.61 -12.36 2.35
C LYS C 20 -1.22 -12.32 2.98
N THR C 21 -1.12 -12.39 4.29
CA THR C 21 0.24 -12.36 4.90
C THR C 21 1.03 -13.56 4.38
N GLU C 22 0.36 -14.67 4.18
CA GLU C 22 1.05 -15.88 3.66
N SER D 1 32.52 17.93 2.57
CA SER D 1 31.34 18.62 1.99
C SER D 1 31.10 18.14 0.56
N HIS D 2 30.16 17.26 0.36
CA HIS D 2 29.89 16.75 -1.02
C HIS D 2 29.05 17.79 -1.78
N LEU D 3 29.40 18.06 -3.00
CA LEU D 3 28.62 19.07 -3.78
C LEU D 3 27.36 18.42 -4.35
N LYS D 4 27.51 17.53 -5.29
CA LYS D 4 26.32 16.87 -5.91
C LYS D 4 26.61 15.40 -6.16
N SER D 5 25.59 14.58 -6.19
CA SER D 5 25.80 13.13 -6.42
C SER D 5 26.07 12.91 -7.92
N LYS D 6 25.09 13.15 -8.75
CA LYS D 6 25.28 12.97 -10.21
C LYS D 6 24.08 13.54 -10.96
N LYS D 7 24.11 14.80 -11.30
CA LYS D 7 22.98 15.43 -12.03
C LYS D 7 23.15 15.16 -13.53
N GLY D 8 24.30 14.72 -13.94
CA GLY D 8 24.54 14.45 -15.39
C GLY D 8 23.44 13.52 -15.93
N GLN D 9 23.02 12.55 -15.16
CA GLN D 9 21.95 11.61 -15.64
C GLN D 9 20.60 12.00 -15.05
N SER D 10 19.58 12.03 -15.86
CA SER D 10 18.22 12.39 -15.36
C SER D 10 17.79 11.34 -14.33
N THR D 11 18.32 10.15 -14.42
CA THR D 11 17.96 9.07 -13.47
C THR D 11 17.94 9.64 -12.05
N SER D 12 18.67 10.70 -11.83
CA SER D 12 18.69 11.34 -10.48
C SER D 12 17.25 11.55 -10.01
N ARG D 13 16.35 11.75 -10.93
CA ARG D 13 14.93 11.95 -10.55
C ARG D 13 14.43 10.71 -9.79
N HIS D 14 14.80 9.55 -10.28
CA HIS D 14 14.39 8.30 -9.60
C HIS D 14 14.93 8.29 -8.18
N LYS D 15 16.15 8.74 -8.01
CA LYS D 15 16.76 8.77 -6.65
C LYS D 15 15.85 9.58 -5.74
N LYS D 16 15.15 10.55 -6.28
CA LYS D 16 14.25 11.35 -5.42
C LYS D 16 13.22 10.40 -4.81
N LEU D 17 12.73 9.45 -5.58
CA LEU D 17 11.74 8.48 -5.02
C LEU D 17 12.40 7.61 -3.95
N MET D 18 13.63 7.22 -4.15
CA MET D 18 14.33 6.37 -3.15
C MET D 18 14.15 6.98 -1.74
N PHE D 19 13.91 8.27 -1.64
CA PHE D 19 13.75 8.89 -0.28
C PHE D 19 12.92 7.96 0.63
N LYS D 20 11.82 7.46 0.15
CA LYS D 20 10.97 6.57 0.98
C LYS D 20 11.62 5.17 1.09
N THR D 21 12.31 4.73 0.08
CA THR D 21 12.95 3.39 0.18
C THR D 21 13.92 3.40 1.36
N GLU D 22 14.57 4.51 1.57
CA GLU D 22 15.53 4.62 2.71
CA CA E . -1.40 9.45 14.98
CA CA F . 7.45 0.83 13.58
CA CA G . -1.05 -7.93 -16.38
CA CA H . 7.51 -11.11 -7.87
N MET A 1 -9.06 6.28 -14.50
CA MET A 1 -8.39 7.18 -15.49
C MET A 1 -7.50 8.16 -14.73
N SER A 2 -6.37 7.72 -14.26
CA SER A 2 -5.45 8.62 -13.50
C SER A 2 -6.16 9.19 -12.27
N GLU A 3 -7.10 8.46 -11.75
CA GLU A 3 -7.85 8.92 -10.54
C GLU A 3 -6.95 8.74 -9.32
N LEU A 4 -5.87 8.06 -9.49
CA LEU A 4 -4.95 7.80 -8.35
C LEU A 4 -4.72 9.08 -7.53
N GLU A 5 -4.97 10.23 -8.10
CA GLU A 5 -4.76 11.48 -7.30
C GLU A 5 -5.80 11.59 -6.20
N LYS A 6 -7.03 11.24 -6.47
CA LYS A 6 -8.09 11.35 -5.43
C LYS A 6 -8.01 10.16 -4.48
N ALA A 7 -7.62 9.02 -4.97
CA ALA A 7 -7.56 7.82 -4.09
C ALA A 7 -6.42 7.95 -3.08
N MET A 8 -5.30 8.46 -3.48
CA MET A 8 -4.18 8.60 -2.51
C MET A 8 -4.53 9.64 -1.45
N VAL A 9 -5.14 10.71 -1.85
CA VAL A 9 -5.48 11.76 -0.85
C VAL A 9 -6.50 11.21 0.14
N ALA A 10 -7.44 10.45 -0.32
CA ALA A 10 -8.50 9.90 0.58
C ALA A 10 -7.93 8.85 1.52
N LEU A 11 -7.00 8.08 1.07
CA LEU A 11 -6.42 7.02 1.94
C LEU A 11 -5.80 7.71 3.15
N ILE A 12 -5.17 8.82 2.92
CA ILE A 12 -4.53 9.58 4.02
C ILE A 12 -5.61 10.20 4.92
N ASP A 13 -6.70 10.67 4.36
CA ASP A 13 -7.77 11.32 5.19
C ASP A 13 -8.32 10.34 6.23
N VAL A 14 -8.61 9.13 5.85
CA VAL A 14 -9.16 8.15 6.83
C VAL A 14 -8.12 7.92 7.94
N PHE A 15 -6.88 7.85 7.57
CA PHE A 15 -5.82 7.64 8.58
C PHE A 15 -5.92 8.76 9.62
N HIS A 16 -6.17 9.97 9.20
CA HIS A 16 -6.27 11.09 10.18
C HIS A 16 -7.54 10.94 11.02
N GLN A 17 -8.53 10.25 10.54
CA GLN A 17 -9.79 10.11 11.34
C GLN A 17 -9.48 9.41 12.67
N TYR A 18 -8.68 8.36 12.66
CA TYR A 18 -8.37 7.63 13.94
C TYR A 18 -7.09 8.18 14.60
N SER A 19 -6.14 8.59 13.82
CA SER A 19 -4.87 9.09 14.42
C SER A 19 -5.15 10.30 15.30
N GLY A 20 -6.04 11.16 14.87
CA GLY A 20 -6.36 12.37 15.70
C GLY A 20 -7.27 11.99 16.87
N ARG A 21 -7.76 10.79 16.90
CA ARG A 21 -8.65 10.37 18.02
C ARG A 21 -7.88 10.50 19.34
N GLU A 22 -6.67 10.00 19.37
CA GLU A 22 -5.83 10.08 20.62
C GLU A 22 -4.62 10.97 20.39
N GLY A 23 -3.89 11.27 21.43
CA GLY A 23 -2.70 12.17 21.30
C GLY A 23 -1.76 11.67 20.20
N ASP A 24 -1.70 10.39 19.94
CA ASP A 24 -0.77 9.90 18.88
C ASP A 24 -1.27 10.35 17.51
N LYS A 25 -1.22 11.63 17.25
CA LYS A 25 -1.70 12.16 15.94
C LYS A 25 -0.85 11.60 14.79
N HIS A 26 0.44 11.50 14.98
CA HIS A 26 1.34 10.99 13.89
C HIS A 26 1.65 9.50 14.08
N LYS A 27 1.07 8.87 15.06
CA LYS A 27 1.35 7.42 15.29
C LYS A 27 0.08 6.67 15.69
N LEU A 28 0.08 5.39 15.47
CA LEU A 28 -1.10 4.53 15.80
C LEU A 28 -0.67 3.51 16.86
N LYS A 29 -1.33 3.46 17.99
CA LYS A 29 -0.94 2.45 19.03
C LYS A 29 -1.86 1.24 18.89
N LYS A 30 -1.36 0.08 19.25
CA LYS A 30 -2.17 -1.17 19.14
C LYS A 30 -3.63 -0.88 19.54
N SER A 31 -3.83 0.11 20.36
CA SER A 31 -5.21 0.44 20.78
C SER A 31 -5.87 1.26 19.68
N GLU A 32 -5.21 2.28 19.24
CA GLU A 32 -5.75 3.13 18.15
C GLU A 32 -5.87 2.28 16.89
N LEU A 33 -4.90 1.42 16.67
CA LEU A 33 -4.93 0.56 15.46
C LEU A 33 -6.19 -0.31 15.49
N LYS A 34 -6.54 -0.86 16.62
CA LYS A 34 -7.75 -1.71 16.70
C LYS A 34 -9.00 -0.91 16.32
N GLU A 35 -9.07 0.31 16.74
CA GLU A 35 -10.26 1.15 16.44
C GLU A 35 -10.35 1.34 14.92
N LEU A 36 -9.25 1.54 14.27
CA LEU A 36 -9.28 1.72 12.81
C LEU A 36 -9.87 0.45 12.19
N ILE A 37 -9.35 -0.68 12.58
CA ILE A 37 -9.83 -1.97 12.01
C ILE A 37 -11.22 -2.37 12.51
N ASN A 38 -11.43 -2.30 13.79
CA ASN A 38 -12.75 -2.75 14.34
C ASN A 38 -13.91 -1.80 14.01
N ASN A 39 -13.69 -0.53 14.07
CA ASN A 39 -14.79 0.46 13.83
C ASN A 39 -14.85 1.00 12.40
N GLU A 40 -13.75 1.13 11.71
CA GLU A 40 -13.84 1.68 10.31
C GLU A 40 -14.22 0.57 9.35
N LEU A 41 -14.22 -0.66 9.82
CA LEU A 41 -14.58 -1.81 8.94
C LEU A 41 -15.66 -2.64 9.63
N SER A 42 -16.76 -2.03 9.97
CA SER A 42 -17.85 -2.79 10.67
C SER A 42 -18.35 -3.94 9.77
N HIS A 43 -18.46 -3.72 8.48
CA HIS A 43 -18.95 -4.80 7.57
C HIS A 43 -18.16 -4.80 6.25
N PHE A 44 -17.45 -3.75 5.95
CA PHE A 44 -16.67 -3.73 4.67
C PHE A 44 -15.62 -4.84 4.71
N LEU A 45 -14.98 -5.03 5.82
CA LEU A 45 -13.96 -6.11 5.96
C LEU A 45 -14.21 -6.85 7.27
N GLU A 46 -13.71 -8.05 7.40
CA GLU A 46 -13.95 -8.78 8.68
C GLU A 46 -13.38 -7.95 9.83
N GLU A 47 -14.24 -7.42 10.66
CA GLU A 47 -13.76 -6.60 11.80
C GLU A 47 -13.05 -7.51 12.82
N ILE A 48 -12.08 -7.00 13.53
CA ILE A 48 -11.37 -7.83 14.54
C ILE A 48 -12.22 -7.90 15.80
N LYS A 49 -12.28 -9.04 16.42
CA LYS A 49 -13.14 -9.23 17.63
C LYS A 49 -12.30 -9.37 18.91
N GLU A 50 -11.00 -9.53 18.79
CA GLU A 50 -10.16 -9.69 20.01
C GLU A 50 -8.85 -8.93 19.84
N GLN A 51 -8.40 -8.31 20.90
CA GLN A 51 -7.13 -7.51 20.86
C GLN A 51 -5.95 -8.41 20.48
N GLU A 52 -6.00 -9.67 20.80
CA GLU A 52 -4.85 -10.57 20.48
C GLU A 52 -4.62 -10.61 18.97
N VAL A 53 -5.66 -10.61 18.18
CA VAL A 53 -5.45 -10.64 16.71
C VAL A 53 -4.64 -9.41 16.33
N VAL A 54 -4.94 -8.30 16.92
CA VAL A 54 -4.21 -7.06 16.62
C VAL A 54 -2.74 -7.22 16.99
N ASP A 55 -2.46 -7.87 18.08
CA ASP A 55 -1.05 -8.06 18.52
C ASP A 55 -0.30 -8.88 17.47
N LYS A 56 -0.94 -9.86 16.92
CA LYS A 56 -0.29 -10.71 15.90
C LYS A 56 -0.03 -9.86 14.66
N VAL A 57 -0.96 -9.02 14.33
CA VAL A 57 -0.80 -8.13 13.15
C VAL A 57 0.35 -7.19 13.47
N MET A 58 0.52 -6.88 14.73
CA MET A 58 1.63 -5.97 15.11
C MET A 58 2.97 -6.67 14.91
N GLU A 59 3.05 -7.95 15.10
CA GLU A 59 4.35 -8.61 14.88
C GLU A 59 4.77 -8.33 13.44
N THR A 60 3.82 -8.37 12.54
CA THR A 60 4.12 -8.09 11.10
C THR A 60 4.02 -6.59 10.80
N LEU A 61 3.03 -5.92 11.34
CA LEU A 61 2.85 -4.48 11.04
C LEU A 61 3.69 -3.62 11.99
N ASP A 62 4.10 -4.14 13.12
CA ASP A 62 4.95 -3.33 14.02
C ASP A 62 6.37 -3.45 13.49
N GLU A 63 6.56 -2.92 12.33
CA GLU A 63 7.88 -3.01 11.66
C GLU A 63 8.96 -2.41 12.56
N ASP A 64 8.67 -1.31 13.21
CA ASP A 64 9.70 -0.68 14.08
C ASP A 64 9.70 -1.38 15.45
N GLY A 65 8.74 -2.23 15.68
CA GLY A 65 8.70 -2.99 16.97
C GLY A 65 8.59 -2.00 18.14
N ASP A 66 7.78 -0.98 18.01
CA ASP A 66 7.63 0.01 19.12
C ASP A 66 6.28 -0.20 19.79
N GLY A 67 5.53 -1.17 19.33
CA GLY A 67 4.19 -1.41 19.92
C GLY A 67 3.20 -0.41 19.31
N GLU A 68 3.63 0.27 18.26
CA GLU A 68 2.76 1.26 17.59
C GLU A 68 3.15 1.31 16.10
N CYS A 69 2.20 1.23 15.21
CA CYS A 69 2.57 1.30 13.75
C CYS A 69 2.56 2.77 13.31
N ASP A 70 3.64 3.22 12.75
CA ASP A 70 3.74 4.65 12.33
C ASP A 70 2.87 4.89 11.09
N PHE A 71 2.53 6.14 10.84
CA PHE A 71 1.68 6.45 9.66
C PHE A 71 2.25 5.73 8.43
N GLN A 72 3.55 5.65 8.33
CA GLN A 72 4.17 4.95 7.16
C GLN A 72 3.92 3.44 7.28
N GLU A 73 4.01 2.87 8.46
CA GLU A 73 3.79 1.40 8.59
C GLU A 73 2.31 1.09 8.31
N PHE A 74 1.43 1.92 8.79
CA PHE A 74 -0.01 1.69 8.55
C PHE A 74 -0.30 1.79 7.05
N MET A 75 0.44 2.63 6.38
CA MET A 75 0.22 2.82 4.92
C MET A 75 0.42 1.50 4.17
N ALA A 76 1.40 0.74 4.55
CA ALA A 76 1.64 -0.54 3.82
C ALA A 76 0.49 -1.52 4.09
N PHE A 77 -0.06 -1.49 5.26
CA PHE A 77 -1.18 -2.42 5.61
C PHE A 77 -2.36 -2.18 4.66
N VAL A 78 -2.62 -0.95 4.35
CA VAL A 78 -3.76 -0.61 3.45
C VAL A 78 -3.56 -1.26 2.09
N SER A 79 -2.37 -1.29 1.60
CA SER A 79 -2.16 -1.90 0.25
C SER A 79 -2.45 -3.39 0.31
N MET A 80 -2.07 -4.04 1.37
CA MET A 80 -2.29 -5.50 1.47
C MET A 80 -3.78 -5.85 1.55
N VAL A 81 -4.53 -5.10 2.29
CA VAL A 81 -5.99 -5.42 2.39
C VAL A 81 -6.66 -5.12 1.06
N THR A 82 -6.28 -4.05 0.43
CA THR A 82 -6.90 -3.67 -0.87
C THR A 82 -6.67 -4.80 -1.87
N THR A 83 -5.50 -5.37 -1.83
CA THR A 83 -5.19 -6.48 -2.77
C THR A 83 -6.28 -7.54 -2.60
N ALA A 84 -6.71 -7.74 -1.39
CA ALA A 84 -7.80 -8.72 -1.15
C ALA A 84 -9.09 -8.19 -1.82
N CYS A 85 -9.28 -6.90 -1.79
CA CYS A 85 -10.50 -6.29 -2.40
C CYS A 85 -10.56 -6.63 -3.88
N HIS A 86 -9.45 -6.63 -4.56
CA HIS A 86 -9.47 -6.97 -6.01
C HIS A 86 -10.03 -8.38 -6.17
N GLU A 87 -9.65 -9.27 -5.29
CA GLU A 87 -10.17 -10.65 -5.38
C GLU A 87 -11.70 -10.62 -5.26
N PHE A 88 -12.21 -9.75 -4.41
CA PHE A 88 -13.69 -9.66 -4.25
C PHE A 88 -14.25 -8.78 -5.37
N PHE A 89 -13.44 -7.89 -5.90
CA PHE A 89 -13.94 -7.02 -7.00
C PHE A 89 -13.68 -7.73 -8.32
N GLU A 90 -14.32 -8.84 -8.53
CA GLU A 90 -14.11 -9.60 -9.78
C GLU A 90 -14.77 -8.85 -10.94
N HIS A 91 -13.96 -8.28 -11.78
CA HIS A 91 -14.50 -7.51 -12.93
C HIS A 91 -14.95 -8.49 -14.03
N GLU A 92 -14.74 -9.76 -13.83
CA GLU A 92 -15.16 -10.77 -14.86
N MET B 1 -13.84 9.87 6.66
CA MET B 1 -14.89 9.24 7.51
C MET B 1 -15.22 7.85 6.96
N SER B 2 -14.35 6.90 7.17
CA SER B 2 -14.60 5.52 6.66
C SER B 2 -14.74 5.54 5.13
N GLU B 3 -14.10 6.48 4.50
CA GLU B 3 -14.16 6.58 3.02
C GLU B 3 -13.26 5.50 2.41
N LEU B 4 -12.49 4.86 3.23
CA LEU B 4 -11.55 3.82 2.74
C LEU B 4 -12.26 2.89 1.75
N GLU B 5 -13.56 2.83 1.78
CA GLU B 5 -14.27 1.92 0.83
C GLU B 5 -14.14 2.44 -0.61
N LYS B 6 -14.24 3.73 -0.79
CA LYS B 6 -14.15 4.29 -2.17
C LYS B 6 -12.68 4.40 -2.58
N ALA B 7 -11.81 4.65 -1.66
CA ALA B 7 -10.37 4.80 -2.02
C ALA B 7 -9.78 3.46 -2.43
N MET B 8 -10.13 2.40 -1.77
CA MET B 8 -9.57 1.08 -2.15
C MET B 8 -10.11 0.66 -3.50
N VAL B 9 -11.35 0.89 -3.75
CA VAL B 9 -11.93 0.49 -5.07
C VAL B 9 -11.27 1.27 -6.20
N ALA B 10 -11.03 2.53 -5.97
CA ALA B 10 -10.43 3.40 -7.03
C ALA B 10 -8.97 3.02 -7.27
N LEU B 11 -8.27 2.65 -6.25
CA LEU B 11 -6.84 2.29 -6.42
C LEU B 11 -6.77 1.11 -7.40
N ILE B 12 -7.67 0.21 -7.26
CA ILE B 12 -7.72 -0.98 -8.15
C ILE B 12 -8.14 -0.55 -9.57
N ASP B 13 -9.04 0.38 -9.70
CA ASP B 13 -9.51 0.81 -11.06
C ASP B 13 -8.34 1.35 -11.90
N VAL B 14 -7.53 2.19 -11.34
CA VAL B 14 -6.38 2.75 -12.12
C VAL B 14 -5.47 1.60 -12.54
N PHE B 15 -5.26 0.66 -11.67
CA PHE B 15 -4.39 -0.49 -12.02
C PHE B 15 -4.94 -1.15 -13.27
N HIS B 16 -6.23 -1.28 -13.38
CA HIS B 16 -6.81 -1.92 -14.60
C HIS B 16 -6.63 -1.01 -15.82
N GLN B 17 -6.48 0.27 -15.63
CA GLN B 17 -6.32 1.16 -16.81
C GLN B 17 -5.06 0.76 -17.60
N TYR B 18 -3.97 0.49 -16.93
CA TYR B 18 -2.71 0.11 -17.67
C TYR B 18 -2.60 -1.41 -17.86
N SER B 19 -3.04 -2.17 -16.91
CA SER B 19 -2.93 -3.66 -17.02
C SER B 19 -3.68 -4.14 -18.24
N GLY B 20 -4.82 -3.58 -18.52
CA GLY B 20 -5.61 -4.02 -19.71
C GLY B 20 -5.00 -3.45 -20.99
N ARG B 21 -4.06 -2.56 -20.86
CA ARG B 21 -3.43 -1.97 -22.08
C ARG B 21 -2.78 -3.08 -22.91
N GLU B 22 -2.04 -3.95 -22.27
CA GLU B 22 -1.37 -5.08 -23.01
C GLU B 22 -1.96 -6.41 -22.55
N GLY B 23 -1.60 -7.48 -23.22
CA GLY B 23 -2.13 -8.82 -22.86
C GLY B 23 -1.95 -9.13 -21.37
N ASP B 24 -0.94 -8.58 -20.73
CA ASP B 24 -0.74 -8.89 -19.29
C ASP B 24 -1.84 -8.21 -18.46
N LYS B 25 -3.05 -8.67 -18.60
CA LYS B 25 -4.19 -8.07 -17.85
C LYS B 25 -3.99 -8.24 -16.34
N HIS B 26 -3.51 -9.38 -15.92
CA HIS B 26 -3.32 -9.63 -14.45
C HIS B 26 -1.87 -9.38 -14.03
N LYS B 27 -1.03 -8.94 -14.94
CA LYS B 27 0.40 -8.67 -14.58
C LYS B 27 0.91 -7.40 -15.25
N LEU B 28 1.94 -6.83 -14.66
CA LEU B 28 2.55 -5.57 -15.21
C LEU B 28 3.99 -5.87 -15.62
N LYS B 29 4.37 -5.63 -16.85
CA LYS B 29 5.77 -5.88 -17.26
C LYS B 29 6.55 -4.58 -17.18
N LYS B 30 7.83 -4.66 -16.93
CA LYS B 30 8.68 -3.43 -16.81
C LYS B 30 8.25 -2.41 -17.86
N SER B 31 7.70 -2.86 -18.95
CA SER B 31 7.25 -1.92 -20.01
C SER B 31 5.90 -1.34 -19.59
N GLU B 32 4.98 -2.18 -19.23
CA GLU B 32 3.65 -1.70 -18.79
C GLU B 32 3.82 -0.89 -17.51
N LEU B 33 4.70 -1.33 -16.64
CA LEU B 33 4.93 -0.59 -15.38
C LEU B 33 5.41 0.83 -15.68
N LYS B 34 6.27 0.99 -16.63
CA LYS B 34 6.77 2.36 -16.97
C LYS B 34 5.61 3.25 -17.43
N GLU B 35 4.70 2.70 -18.18
CA GLU B 35 3.56 3.51 -18.69
C GLU B 35 2.71 3.97 -17.49
N LEU B 36 2.53 3.14 -16.53
CA LEU B 36 1.74 3.55 -15.33
C LEU B 36 2.44 4.74 -14.69
N ILE B 37 3.71 4.61 -14.46
CA ILE B 37 4.49 5.69 -13.79
C ILE B 37 4.70 6.90 -14.70
N ASN B 38 5.15 6.69 -15.91
CA ASN B 38 5.46 7.84 -16.81
C ASN B 38 4.21 8.58 -17.30
N ASN B 39 3.17 7.86 -17.64
CA ASN B 39 1.96 8.51 -18.22
C ASN B 39 0.85 8.79 -17.18
N GLU B 40 0.71 7.99 -16.15
CA GLU B 40 -0.39 8.27 -15.16
C GLU B 40 0.08 9.34 -14.19
N LEU B 41 1.36 9.67 -14.22
CA LEU B 41 1.90 10.70 -13.28
C LEU B 41 2.66 11.76 -14.08
N SER B 42 2.00 12.37 -15.03
CA SER B 42 2.69 13.41 -15.86
C SER B 42 3.19 14.54 -14.97
N HIS B 43 2.41 14.95 -13.99
CA HIS B 43 2.85 16.07 -13.10
C HIS B 43 2.49 15.78 -11.64
N PHE B 44 1.60 14.85 -11.39
CA PHE B 44 1.24 14.56 -9.97
C PHE B 44 2.47 14.08 -9.21
N LEU B 45 3.27 13.25 -9.84
CA LEU B 45 4.52 12.74 -9.19
C LEU B 45 5.66 12.85 -10.19
N GLU B 46 6.89 12.84 -9.74
CA GLU B 46 8.01 12.95 -10.71
C GLU B 46 7.91 11.77 -11.69
N GLU B 47 7.60 12.06 -12.93
CA GLU B 47 7.49 10.98 -13.93
C GLU B 47 8.88 10.41 -14.22
N ILE B 48 8.97 9.15 -14.56
CA ILE B 48 10.30 8.55 -14.86
C ILE B 48 10.68 8.93 -16.29
N LYS B 49 11.94 9.24 -16.50
CA LYS B 49 12.41 9.69 -17.84
C LYS B 49 13.28 8.63 -18.53
N GLU B 50 13.69 7.60 -17.82
CA GLU B 50 14.55 6.56 -18.45
C GLU B 50 14.13 5.16 -17.97
N GLN B 51 14.15 4.21 -18.87
CA GLN B 51 13.75 2.82 -18.52
C GLN B 51 14.65 2.26 -17.41
N GLU B 52 15.87 2.69 -17.34
CA GLU B 52 16.79 2.15 -16.30
C GLU B 52 16.24 2.42 -14.90
N VAL B 53 15.66 3.56 -14.68
CA VAL B 53 15.11 3.84 -13.33
C VAL B 53 14.06 2.78 -13.02
N VAL B 54 13.28 2.42 -13.99
CA VAL B 54 12.23 1.40 -13.78
C VAL B 54 12.89 0.06 -13.42
N ASP B 55 13.99 -0.25 -14.04
CA ASP B 55 14.68 -1.54 -13.74
C ASP B 55 15.14 -1.55 -12.28
N LYS B 56 15.59 -0.45 -11.80
CA LYS B 56 16.07 -0.38 -10.39
C LYS B 56 14.85 -0.56 -9.48
N VAL B 57 13.76 0.03 -9.86
CA VAL B 57 12.52 -0.11 -9.04
C VAL B 57 12.11 -1.58 -9.10
N MET B 58 12.42 -2.22 -10.19
CA MET B 58 12.05 -3.65 -10.32
C MET B 58 12.89 -4.47 -9.35
N GLU B 59 14.12 -4.11 -9.10
CA GLU B 59 14.91 -4.93 -8.15
C GLU B 59 14.15 -4.95 -6.83
N THR B 60 13.58 -3.84 -6.45
CA THR B 60 12.79 -3.78 -5.18
C THR B 60 11.33 -4.18 -5.43
N LEU B 61 10.75 -3.74 -6.51
CA LEU B 61 9.31 -4.05 -6.77
C LEU B 61 9.18 -5.40 -7.46
N ASP B 62 10.21 -5.90 -8.09
CA ASP B 62 10.09 -7.23 -8.74
C ASP B 62 10.30 -8.26 -7.64
N GLU B 63 9.40 -8.28 -6.72
CA GLU B 63 9.52 -9.20 -5.56
C GLU B 63 9.63 -10.65 -6.03
N ASP B 64 8.88 -11.02 -7.04
CA ASP B 64 8.95 -12.42 -7.53
C ASP B 64 10.15 -12.55 -8.49
N GLY B 65 10.76 -11.46 -8.84
CA GLY B 65 11.95 -11.52 -9.74
C GLY B 65 11.57 -12.16 -11.08
N ASP B 66 10.42 -11.83 -11.62
CA ASP B 66 10.00 -12.42 -12.92
C ASP B 66 10.14 -11.35 -14.01
N GLY B 67 10.61 -10.19 -13.65
CA GLY B 67 10.75 -9.10 -14.66
C GLY B 67 9.38 -8.47 -14.86
N GLU B 68 8.46 -8.78 -13.99
CA GLU B 68 7.08 -8.21 -14.08
C GLU B 68 6.49 -8.11 -12.67
N CYS B 69 5.97 -6.98 -12.29
CA CYS B 69 5.36 -6.89 -10.91
C CYS B 69 3.89 -7.32 -10.99
N ASP B 70 3.52 -8.27 -10.17
CA ASP B 70 2.12 -8.78 -10.19
C ASP B 70 1.17 -7.74 -9.59
N PHE B 71 -0.10 -7.85 -9.89
CA PHE B 71 -1.08 -6.88 -9.34
C PHE B 71 -0.84 -6.71 -7.83
N GLN B 72 -0.51 -7.78 -7.17
CA GLN B 72 -0.24 -7.70 -5.71
C GLN B 72 1.07 -6.93 -5.46
N GLU B 73 2.08 -7.15 -6.25
CA GLU B 73 3.37 -6.41 -6.02
C GLU B 73 3.16 -4.93 -6.32
N PHE B 74 2.43 -4.63 -7.36
CA PHE B 74 2.18 -3.21 -7.71
C PHE B 74 1.38 -2.55 -6.59
N MET B 75 0.54 -3.31 -5.94
CA MET B 75 -0.29 -2.74 -4.85
C MET B 75 0.59 -2.19 -3.74
N ALA B 76 1.64 -2.86 -3.41
CA ALA B 76 2.50 -2.33 -2.31
C ALA B 76 3.20 -1.04 -2.74
N PHE B 77 3.54 -0.93 -3.99
CA PHE B 77 4.22 0.29 -4.48
C PHE B 77 3.33 1.52 -4.25
N VAL B 78 2.06 1.35 -4.47
CA VAL B 78 1.11 2.48 -4.29
C VAL B 78 1.14 2.99 -2.85
N SER B 79 1.25 2.11 -1.92
CA SER B 79 1.26 2.56 -0.49
C SER B 79 2.51 3.39 -0.22
N MET B 80 3.61 2.99 -0.77
CA MET B 80 4.88 3.72 -0.50
C MET B 80 4.85 5.12 -1.12
N VAL B 81 4.34 5.26 -2.30
CA VAL B 81 4.31 6.62 -2.92
C VAL B 81 3.32 7.50 -2.16
N THR B 82 2.21 6.93 -1.78
CA THR B 82 1.18 7.73 -1.06
C THR B 82 1.79 8.26 0.23
N THR B 83 2.57 7.46 0.88
CA THR B 83 3.22 7.91 2.13
C THR B 83 3.95 9.21 1.84
N ALA B 84 4.54 9.31 0.68
CA ALA B 84 5.24 10.56 0.29
C ALA B 84 4.19 11.67 0.14
N CYS B 85 3.02 11.32 -0.34
CA CYS B 85 1.94 12.34 -0.53
C CYS B 85 1.58 12.98 0.82
N HIS B 86 1.56 12.22 1.87
CA HIS B 86 1.23 12.80 3.20
C HIS B 86 2.26 13.88 3.52
N GLU B 87 3.49 13.64 3.20
CA GLU B 87 4.54 14.66 3.46
C GLU B 87 4.19 15.93 2.68
N PHE B 88 3.69 15.78 1.49
CA PHE B 88 3.31 16.98 0.68
C PHE B 88 1.94 17.47 1.12
N PHE B 89 1.13 16.59 1.67
CA PHE B 89 -0.23 17.01 2.12
C PHE B 89 -0.10 17.46 3.58
N GLU B 90 0.62 18.51 3.81
CA GLU B 90 0.80 19.01 5.19
C GLU B 90 -0.51 19.64 5.66
N HIS B 91 -1.17 18.97 6.56
CA HIS B 91 -2.46 19.50 7.09
C HIS B 91 -2.20 20.60 8.11
N GLU B 92 -0.95 20.85 8.42
CA GLU B 92 -0.61 21.91 9.41
N SER C 1 -5.31 -31.62 20.98
CA SER C 1 -5.52 -30.31 21.67
C SER C 1 -6.88 -29.74 21.26
N HIS C 2 -7.91 -30.04 22.01
CA HIS C 2 -9.27 -29.51 21.67
C HIS C 2 -9.97 -29.11 22.98
N LEU C 3 -10.96 -28.26 22.89
CA LEU C 3 -11.67 -27.82 24.12
C LEU C 3 -12.84 -28.76 24.39
N LYS C 4 -13.96 -28.54 23.75
CA LYS C 4 -15.15 -29.44 23.96
C LYS C 4 -16.03 -29.42 22.72
N SER C 5 -17.01 -28.54 22.71
CA SER C 5 -17.93 -28.46 21.55
C SER C 5 -17.18 -27.97 20.31
N LYS C 6 -16.30 -27.02 20.48
CA LYS C 6 -15.52 -26.47 19.32
C LYS C 6 -14.03 -26.72 19.53
N LYS C 7 -13.35 -27.17 18.51
CA LYS C 7 -11.89 -27.44 18.62
C LYS C 7 -11.11 -26.29 17.99
N GLY C 8 -11.81 -25.30 17.47
CA GLY C 8 -11.14 -24.13 16.82
C GLY C 8 -11.86 -22.85 17.23
N GLN C 9 -11.50 -21.73 16.65
CA GLN C 9 -12.16 -20.44 17.00
C GLN C 9 -12.41 -19.63 15.72
N SER C 10 -13.37 -18.74 15.75
CA SER C 10 -13.66 -17.92 14.54
C SER C 10 -12.41 -17.11 14.19
N THR C 11 -11.58 -16.85 15.16
CA THR C 11 -10.35 -16.06 14.89
C THR C 11 -9.67 -16.59 13.62
N SER C 12 -9.89 -17.83 13.29
CA SER C 12 -9.28 -18.41 12.06
C SER C 12 -9.48 -17.42 10.91
N ARG C 13 -10.48 -16.59 11.00
CA ARG C 13 -10.73 -15.59 9.92
C ARG C 13 -9.51 -14.67 9.77
N HIS C 14 -8.91 -14.29 10.87
CA HIS C 14 -7.71 -13.40 10.79
C HIS C 14 -6.64 -14.11 9.97
N LYS C 15 -6.58 -15.42 10.06
CA LYS C 15 -5.55 -16.16 9.28
C LYS C 15 -5.76 -15.88 7.80
N LYS C 16 -6.96 -15.67 7.39
CA LYS C 16 -7.20 -15.37 5.94
C LYS C 16 -6.41 -14.12 5.58
N LEU C 17 -6.41 -13.15 6.46
CA LEU C 17 -5.64 -11.89 6.20
C LEU C 17 -4.13 -12.19 6.08
N MET C 18 -3.65 -13.15 6.80
CA MET C 18 -2.19 -13.48 6.73
C MET C 18 -1.83 -13.93 5.31
N PHE C 19 -2.77 -14.45 4.56
CA PHE C 19 -2.46 -14.94 3.19
C PHE C 19 -1.60 -13.92 2.46
N LYS C 20 -1.81 -12.65 2.67
CA LYS C 20 -0.98 -11.63 1.99
C LYS C 20 0.37 -11.51 2.74
N THR C 21 0.36 -11.66 4.04
CA THR C 21 1.65 -11.57 4.78
C THR C 21 2.58 -12.64 4.22
N GLU C 22 2.02 -13.75 3.80
CA GLU C 22 2.85 -14.84 3.22
N SER D 1 35.26 10.46 -10.97
CA SER D 1 34.35 9.94 -12.03
C SER D 1 33.36 11.03 -12.43
N HIS D 2 33.69 11.80 -13.43
CA HIS D 2 32.78 12.90 -13.87
C HIS D 2 32.79 12.97 -15.40
N LEU D 3 31.78 13.52 -16.00
CA LEU D 3 31.74 13.61 -17.48
C LEU D 3 32.41 14.90 -17.94
N LYS D 4 31.69 15.99 -17.93
CA LYS D 4 32.28 17.30 -18.35
C LYS D 4 31.53 18.44 -17.68
N SER D 5 30.53 18.97 -18.34
CA SER D 5 29.75 20.10 -17.77
C SER D 5 28.98 19.64 -16.54
N LYS D 6 28.43 18.45 -16.57
CA LYS D 6 27.64 17.93 -15.41
C LYS D 6 28.30 16.64 -14.88
N LYS D 7 28.44 16.55 -13.58
CA LYS D 7 29.06 15.33 -12.98
C LYS D 7 27.96 14.41 -12.45
N GLY D 8 26.72 14.80 -12.59
CA GLY D 8 25.58 13.97 -12.09
C GLY D 8 24.46 13.99 -13.13
N GLN D 9 23.32 13.43 -12.80
CA GLN D 9 22.18 13.40 -13.77
C GLN D 9 20.88 13.70 -13.02
N SER D 10 19.88 14.20 -13.71
CA SER D 10 18.58 14.51 -13.04
C SER D 10 18.02 13.22 -12.44
N THR D 11 18.40 12.10 -12.98
CA THR D 11 17.88 10.80 -12.46
C THR D 11 17.98 10.80 -10.93
N SER D 12 18.88 11.58 -10.38
CA SER D 12 19.01 11.64 -8.91
C SER D 12 17.61 11.78 -8.28
N ARG D 13 16.69 12.31 -9.03
CA ARG D 13 15.30 12.48 -8.51
C ARG D 13 14.73 11.11 -8.13
N HIS D 14 14.99 10.10 -8.92
CA HIS D 14 14.46 8.76 -8.60
C HIS D 14 15.00 8.33 -7.24
N LYS D 15 16.19 8.75 -6.91
CA LYS D 15 16.76 8.37 -5.59
C LYS D 15 15.84 8.89 -4.49
N LYS D 16 15.20 10.01 -4.71
CA LYS D 16 14.28 10.53 -3.66
C LYS D 16 13.22 9.48 -3.39
N LEU D 17 12.73 8.83 -4.43
CA LEU D 17 11.69 7.77 -4.24
C LEU D 17 12.27 6.60 -3.40
N MET D 18 13.52 6.32 -3.53
CA MET D 18 14.12 5.20 -2.75
C MET D 18 14.02 5.49 -1.25
N PHE D 19 13.93 6.74 -0.86
CA PHE D 19 13.87 7.07 0.59
C PHE D 19 12.86 6.15 1.28
N LYS D 20 11.79 5.80 0.64
CA LYS D 20 10.81 4.89 1.28
C LYS D 20 11.33 3.45 1.17
N THR D 21 12.01 3.11 0.10
CA THR D 21 12.54 1.72 0.00
C THR D 21 13.47 1.48 1.18
N GLU D 22 14.12 2.52 1.63
CA GLU D 22 15.04 2.39 2.80
CA CA E . -2.91 8.23 15.89
CA CA F . 5.59 0.27 14.31
CA CA G . -0.90 -5.40 -17.79
CA CA H . 7.15 -9.30 -9.85
N MET A 1 -8.94 5.61 -13.93
CA MET A 1 -7.99 6.17 -14.93
C MET A 1 -7.11 7.23 -14.28
N SER A 2 -5.86 6.92 -14.06
CA SER A 2 -4.93 7.91 -13.43
C SER A 2 -5.59 8.49 -12.17
N GLU A 3 -6.61 7.86 -11.68
CA GLU A 3 -7.29 8.36 -10.45
C GLU A 3 -6.40 8.09 -9.24
N LEU A 4 -5.37 7.33 -9.44
CA LEU A 4 -4.47 6.99 -8.30
C LEU A 4 -4.20 8.23 -7.45
N GLU A 5 -4.36 9.41 -7.99
CA GLU A 5 -4.11 10.64 -7.19
C GLU A 5 -5.18 10.82 -6.12
N LYS A 6 -6.41 10.48 -6.40
CA LYS A 6 -7.47 10.66 -5.35
C LYS A 6 -7.32 9.57 -4.31
N ALA A 7 -6.87 8.41 -4.70
CA ALA A 7 -6.74 7.29 -3.71
C ALA A 7 -5.60 7.58 -2.74
N MET A 8 -4.51 8.10 -3.19
CA MET A 8 -3.37 8.37 -2.27
C MET A 8 -3.80 9.40 -1.23
N VAL A 9 -4.52 10.38 -1.65
CA VAL A 9 -4.99 11.44 -0.72
C VAL A 9 -5.97 10.84 0.28
N ALA A 10 -6.79 9.95 -0.18
CA ALA A 10 -7.82 9.33 0.70
C ALA A 10 -7.17 8.51 1.82
N LEU A 11 -6.11 7.80 1.54
CA LEU A 11 -5.48 6.99 2.62
C LEU A 11 -5.05 7.93 3.74
N ILE A 12 -4.53 9.05 3.37
CA ILE A 12 -4.07 10.02 4.41
C ILE A 12 -5.27 10.59 5.19
N ASP A 13 -6.37 10.90 4.54
CA ASP A 13 -7.52 11.49 5.28
C ASP A 13 -8.08 10.51 6.32
N VAL A 14 -8.16 9.26 6.01
CA VAL A 14 -8.72 8.27 6.97
C VAL A 14 -7.71 8.00 8.10
N PHE A 15 -6.46 7.93 7.79
CA PHE A 15 -5.44 7.66 8.84
C PHE A 15 -5.52 8.76 9.88
N HIS A 16 -5.69 9.97 9.47
CA HIS A 16 -5.79 11.07 10.47
C HIS A 16 -7.03 10.85 11.34
N GLN A 17 -7.99 10.15 10.82
CA GLN A 17 -9.24 9.91 11.59
C GLN A 17 -8.95 9.16 12.90
N TYR A 18 -8.09 8.18 12.88
CA TYR A 18 -7.78 7.39 14.13
C TYR A 18 -6.49 7.87 14.80
N SER A 19 -5.59 8.46 14.07
CA SER A 19 -4.31 8.91 14.69
C SER A 19 -4.60 9.92 15.80
N GLY A 20 -5.55 10.79 15.57
CA GLY A 20 -5.89 11.80 16.61
C GLY A 20 -6.71 11.15 17.72
N ARG A 21 -7.11 9.93 17.55
CA ARG A 21 -7.91 9.26 18.61
C ARG A 21 -7.09 9.21 19.90
N GLU A 22 -5.85 8.79 19.81
CA GLU A 22 -4.97 8.71 21.01
C GLU A 22 -3.81 9.70 20.85
N GLY A 23 -3.23 10.12 21.94
CA GLY A 23 -2.11 11.09 21.88
C GLY A 23 -1.08 10.65 20.82
N ASP A 24 -1.07 9.41 20.44
CA ASP A 24 -0.08 8.95 19.42
C ASP A 24 -0.49 9.44 18.03
N LYS A 25 -0.56 10.73 17.84
CA LYS A 25 -0.94 11.28 16.50
C LYS A 25 0.08 10.83 15.47
N HIS A 26 1.33 10.83 15.84
CA HIS A 26 2.43 10.45 14.90
C HIS A 26 2.51 8.94 14.69
N LYS A 27 1.97 8.15 15.59
CA LYS A 27 2.07 6.66 15.41
C LYS A 27 0.85 5.96 16.02
N LEU A 28 0.64 4.74 15.63
CA LEU A 28 -0.53 3.95 16.14
C LEU A 28 -0.06 2.87 17.10
N LYS A 29 -0.80 2.62 18.16
CA LYS A 29 -0.44 1.55 19.12
C LYS A 29 -1.42 0.39 18.93
N LYS A 30 -1.00 -0.82 19.23
CA LYS A 30 -1.91 -1.99 19.07
C LYS A 30 -3.32 -1.61 19.55
N SER A 31 -3.39 -0.70 20.47
CA SER A 31 -4.73 -0.28 20.99
C SER A 31 -5.39 0.68 20.01
N GLU A 32 -4.68 1.68 19.57
CA GLU A 32 -5.27 2.63 18.61
C GLU A 32 -5.44 1.92 17.27
N LEU A 33 -4.55 1.00 16.95
CA LEU A 33 -4.65 0.26 15.67
C LEU A 33 -5.96 -0.52 15.63
N LYS A 34 -6.33 -1.11 16.72
CA LYS A 34 -7.59 -1.91 16.78
C LYS A 34 -8.80 -1.02 16.48
N GLU A 35 -8.79 0.18 16.98
CA GLU A 35 -9.92 1.10 16.74
C GLU A 35 -10.03 1.39 15.25
N LEU A 36 -8.92 1.57 14.60
CA LEU A 36 -8.98 1.84 13.14
C LEU A 36 -9.60 0.64 12.42
N ILE A 37 -9.11 -0.54 12.71
CA ILE A 37 -9.64 -1.75 12.03
C ILE A 37 -11.06 -2.10 12.50
N ASN A 38 -11.32 -2.04 13.78
CA ASN A 38 -12.67 -2.45 14.29
C ASN A 38 -13.76 -1.47 13.86
N ASN A 39 -13.47 -0.21 13.89
CA ASN A 39 -14.52 0.82 13.55
C ASN A 39 -14.41 1.32 12.11
N GLU A 40 -13.22 1.46 11.58
CA GLU A 40 -13.14 1.97 10.18
C GLU A 40 -13.66 0.89 9.23
N LEU A 41 -13.56 -0.35 9.63
CA LEU A 41 -14.04 -1.48 8.77
C LEU A 41 -15.03 -2.33 9.56
N SER A 42 -16.03 -1.71 10.15
CA SER A 42 -17.02 -2.49 10.94
C SER A 42 -17.71 -3.53 10.05
N HIS A 43 -18.05 -3.18 8.83
CA HIS A 43 -18.73 -4.14 7.91
C HIS A 43 -18.00 -4.17 6.56
N PHE A 44 -17.22 -3.16 6.28
CA PHE A 44 -16.51 -3.11 4.97
C PHE A 44 -15.50 -4.26 4.86
N LEU A 45 -14.81 -4.59 5.94
CA LEU A 45 -13.80 -5.70 5.90
C LEU A 45 -14.08 -6.68 7.04
N GLU A 46 -13.06 -7.26 7.61
CA GLU A 46 -13.26 -8.23 8.72
C GLU A 46 -13.19 -7.48 10.06
N GLU A 47 -14.31 -7.30 10.71
CA GLU A 47 -14.30 -6.59 12.01
C GLU A 47 -13.54 -7.46 13.02
N ILE A 48 -12.75 -6.86 13.87
CA ILE A 48 -11.97 -7.66 14.87
C ILE A 48 -12.78 -7.74 16.16
N LYS A 49 -12.91 -8.92 16.72
CA LYS A 49 -13.70 -9.08 17.98
C LYS A 49 -12.75 -9.28 19.15
N GLU A 50 -11.57 -9.79 18.89
CA GLU A 50 -10.57 -10.02 19.98
C GLU A 50 -9.28 -9.24 19.69
N GLN A 51 -8.70 -8.67 20.70
CA GLN A 51 -7.44 -7.90 20.52
C GLN A 51 -6.33 -8.87 20.09
N GLU A 52 -6.49 -10.15 20.36
CA GLU A 52 -5.45 -11.14 19.97
C GLU A 52 -5.23 -11.11 18.46
N VAL A 53 -6.27 -10.99 17.68
CA VAL A 53 -6.08 -10.97 16.21
C VAL A 53 -5.19 -9.80 15.87
N VAL A 54 -5.39 -8.71 16.51
CA VAL A 54 -4.54 -7.52 16.25
C VAL A 54 -3.09 -7.87 16.56
N ASP A 55 -2.87 -8.60 17.62
CA ASP A 55 -1.47 -8.98 17.99
C ASP A 55 -0.84 -9.81 16.87
N LYS A 56 -1.61 -10.67 16.27
CA LYS A 56 -1.06 -11.51 15.17
C LYS A 56 -0.73 -10.63 13.98
N VAL A 57 -1.59 -9.68 13.74
CA VAL A 57 -1.37 -8.74 12.61
C VAL A 57 -0.15 -7.89 12.96
N MET A 58 0.08 -7.70 14.23
CA MET A 58 1.26 -6.91 14.64
C MET A 58 2.53 -7.69 14.33
N GLU A 59 2.48 -8.99 14.34
CA GLU A 59 3.72 -9.72 13.99
C GLU A 59 4.10 -9.28 12.58
N THR A 60 3.10 -9.14 11.73
CA THR A 60 3.37 -8.70 10.33
C THR A 60 3.43 -7.16 10.25
N LEU A 61 2.58 -6.46 10.96
CA LEU A 61 2.58 -4.96 10.88
C LEU A 61 3.56 -4.36 11.89
N ASP A 62 3.98 -5.10 12.89
CA ASP A 62 4.94 -4.50 13.85
C ASP A 62 6.31 -4.57 13.22
N GLU A 63 6.44 -3.89 12.13
CA GLU A 63 7.74 -3.89 11.39
C GLU A 63 8.82 -3.34 12.31
N ASP A 64 8.48 -2.38 13.13
CA ASP A 64 9.50 -1.82 14.06
C ASP A 64 9.63 -2.76 15.25
N GLY A 65 8.74 -3.71 15.38
CA GLY A 65 8.82 -4.66 16.52
C GLY A 65 8.69 -3.92 17.84
N ASP A 66 7.95 -2.82 17.87
CA ASP A 66 7.80 -2.04 19.14
C ASP A 66 6.39 -2.22 19.69
N GLY A 67 5.62 -3.08 19.10
CA GLY A 67 4.23 -3.29 19.59
C GLY A 67 3.36 -2.14 19.09
N GLU A 68 3.89 -1.36 18.18
CA GLU A 68 3.15 -0.19 17.62
C GLU A 68 3.46 -0.11 16.11
N CYS A 69 2.49 0.26 15.30
CA CYS A 69 2.74 0.38 13.83
C CYS A 69 2.72 1.85 13.45
N ASP A 70 3.76 2.29 12.79
CA ASP A 70 3.88 3.72 12.39
C ASP A 70 2.92 4.00 11.24
N PHE A 71 2.72 5.25 10.91
CA PHE A 71 1.79 5.60 9.81
C PHE A 71 2.22 4.84 8.56
N GLN A 72 3.48 4.73 8.30
CA GLN A 72 3.94 4.00 7.10
C GLN A 72 3.61 2.51 7.22
N GLU A 73 3.77 1.94 8.38
CA GLU A 73 3.49 0.48 8.52
C GLU A 73 2.01 0.19 8.23
N PHE A 74 1.14 1.05 8.68
CA PHE A 74 -0.31 0.83 8.42
C PHE A 74 -0.57 0.97 6.92
N MET A 75 0.11 1.87 6.31
CA MET A 75 -0.08 2.12 4.86
C MET A 75 0.21 0.87 4.03
N ALA A 76 1.21 0.11 4.38
CA ALA A 76 1.52 -1.09 3.58
C ALA A 76 0.42 -2.15 3.73
N PHE A 77 -0.16 -2.25 4.89
CA PHE A 77 -1.24 -3.26 5.09
C PHE A 77 -2.38 -2.98 4.12
N VAL A 78 -2.64 -1.74 3.87
CA VAL A 78 -3.74 -1.38 2.95
C VAL A 78 -3.48 -1.95 1.56
N SER A 79 -2.25 -1.92 1.13
CA SER A 79 -1.94 -2.46 -0.23
C SER A 79 -2.28 -3.93 -0.33
N MET A 80 -2.02 -4.70 0.68
CA MET A 80 -2.33 -6.16 0.59
C MET A 80 -3.82 -6.42 0.69
N VAL A 81 -4.49 -5.76 1.58
CA VAL A 81 -5.95 -6.02 1.75
C VAL A 81 -6.68 -5.67 0.45
N THR A 82 -6.29 -4.60 -0.17
CA THR A 82 -6.94 -4.19 -1.43
C THR A 82 -6.78 -5.31 -2.45
N THR A 83 -5.63 -5.92 -2.46
CA THR A 83 -5.39 -7.02 -3.42
C THR A 83 -6.50 -8.06 -3.23
N ALA A 84 -6.89 -8.30 -2.00
CA ALA A 84 -7.99 -9.26 -1.74
C ALA A 84 -9.24 -8.76 -2.45
N CYS A 85 -9.46 -7.47 -2.42
CA CYS A 85 -10.66 -6.88 -3.08
C CYS A 85 -10.64 -7.20 -4.58
N HIS A 86 -9.46 -7.27 -5.17
CA HIS A 86 -9.41 -7.57 -6.63
C HIS A 86 -10.04 -8.94 -6.86
N GLU A 87 -9.79 -9.88 -6.00
CA GLU A 87 -10.42 -11.21 -6.19
C GLU A 87 -11.94 -11.05 -6.05
N PHE A 88 -12.35 -10.23 -5.11
CA PHE A 88 -13.80 -9.98 -4.90
C PHE A 88 -14.33 -9.15 -6.07
N PHE A 89 -13.56 -8.20 -6.52
CA PHE A 89 -14.00 -7.34 -7.64
C PHE A 89 -13.78 -8.12 -8.94
N GLU A 90 -14.46 -9.23 -9.07
CA GLU A 90 -14.29 -10.07 -10.29
C GLU A 90 -14.95 -9.38 -11.47
N HIS A 91 -14.15 -8.82 -12.33
CA HIS A 91 -14.69 -8.13 -13.54
C HIS A 91 -15.24 -9.16 -14.53
N GLU A 92 -16.46 -9.58 -14.36
CA GLU A 92 -17.05 -10.59 -15.30
N MET B 1 -13.02 10.03 5.90
CA MET B 1 -13.74 9.32 6.98
C MET B 1 -14.17 7.94 6.49
N SER B 2 -13.55 6.91 6.98
CA SER B 2 -13.92 5.53 6.54
C SER B 2 -14.01 5.48 5.01
N GLU B 3 -13.46 6.45 4.34
CA GLU B 3 -13.49 6.46 2.84
C GLU B 3 -12.53 5.41 2.31
N LEU B 4 -11.73 4.86 3.17
CA LEU B 4 -10.74 3.84 2.74
C LEU B 4 -11.38 2.87 1.75
N GLU B 5 -12.67 2.74 1.77
CA GLU B 5 -13.33 1.80 0.81
C GLU B 5 -13.24 2.31 -0.62
N LYS B 6 -13.34 3.60 -0.83
CA LYS B 6 -13.27 4.12 -2.23
C LYS B 6 -11.81 4.08 -2.69
N ALA B 7 -10.89 4.26 -1.80
CA ALA B 7 -9.45 4.25 -2.20
C ALA B 7 -9.01 2.85 -2.61
N MET B 8 -9.43 1.84 -1.89
CA MET B 8 -9.02 0.46 -2.26
C MET B 8 -9.54 0.10 -3.65
N VAL B 9 -10.73 0.51 -3.93
CA VAL B 9 -11.33 0.20 -5.25
C VAL B 9 -10.58 0.97 -6.33
N ALA B 10 -10.20 2.17 -6.04
CA ALA B 10 -9.49 3.02 -7.05
C ALA B 10 -8.14 2.41 -7.43
N LEU B 11 -7.41 1.85 -6.50
CA LEU B 11 -6.09 1.27 -6.86
C LEU B 11 -6.31 0.18 -7.90
N ILE B 12 -7.34 -0.59 -7.73
CA ILE B 12 -7.62 -1.68 -8.69
C ILE B 12 -8.03 -1.10 -10.06
N ASP B 13 -8.82 -0.06 -10.10
CA ASP B 13 -9.26 0.48 -11.43
C ASP B 13 -8.06 1.01 -12.24
N VAL B 14 -7.14 1.67 -11.61
CA VAL B 14 -5.97 2.23 -12.34
C VAL B 14 -5.01 1.09 -12.76
N PHE B 15 -4.82 0.12 -11.91
CA PHE B 15 -3.90 -0.99 -12.25
C PHE B 15 -4.41 -1.68 -13.51
N HIS B 16 -5.68 -1.86 -13.64
CA HIS B 16 -6.21 -2.52 -14.88
C HIS B 16 -5.90 -1.63 -16.07
N GLN B 17 -5.73 -0.35 -15.85
CA GLN B 17 -5.45 0.59 -16.96
C GLN B 17 -4.16 0.20 -17.69
N TYR B 18 -3.12 -0.18 -16.98
CA TYR B 18 -1.82 -0.54 -17.65
C TYR B 18 -1.65 -2.05 -17.78
N SER B 19 -2.29 -2.83 -16.96
CA SER B 19 -2.13 -4.31 -17.06
C SER B 19 -2.57 -4.78 -18.43
N GLY B 20 -3.63 -4.22 -18.93
CA GLY B 20 -4.13 -4.64 -20.28
C GLY B 20 -3.25 -4.04 -21.37
N ARG B 21 -2.35 -3.17 -21.02
CA ARG B 21 -1.47 -2.55 -22.06
C ARG B 21 -0.67 -3.66 -22.76
N GLU B 22 -0.08 -4.54 -21.98
CA GLU B 22 0.72 -5.66 -22.57
C GLU B 22 0.04 -6.99 -22.24
N GLY B 23 0.28 -8.00 -23.03
CA GLY B 23 -0.34 -9.33 -22.79
C GLY B 23 -0.21 -9.71 -21.31
N ASP B 24 0.71 -9.13 -20.58
CA ASP B 24 0.86 -9.50 -19.15
C ASP B 24 -0.27 -8.88 -18.32
N LYS B 25 -1.49 -9.26 -18.60
CA LYS B 25 -2.65 -8.72 -17.83
C LYS B 25 -2.50 -9.10 -16.36
N HIS B 26 -2.05 -10.30 -16.12
CA HIS B 26 -1.91 -10.81 -14.72
C HIS B 26 -0.66 -10.24 -14.03
N LYS B 27 0.31 -9.76 -14.76
CA LYS B 27 1.54 -9.23 -14.10
C LYS B 27 2.15 -8.10 -14.93
N LEU B 28 2.99 -7.32 -14.31
CA LEU B 28 3.65 -6.16 -15.01
C LEU B 28 5.13 -6.45 -15.26
N LYS B 29 5.64 -6.06 -16.39
CA LYS B 29 7.08 -6.28 -16.69
C LYS B 29 7.79 -4.93 -16.62
N LYS B 30 9.06 -4.92 -16.28
CA LYS B 30 9.81 -3.63 -16.19
C LYS B 30 9.40 -2.70 -17.33
N SER B 31 8.98 -3.28 -18.42
CA SER B 31 8.57 -2.45 -19.59
C SER B 31 7.15 -1.92 -19.37
N GLU B 32 6.24 -2.78 -19.00
CA GLU B 32 4.86 -2.33 -18.76
C GLU B 32 4.85 -1.48 -17.49
N LEU B 33 5.68 -1.81 -16.54
CA LEU B 33 5.74 -1.03 -15.28
C LEU B 33 6.12 0.42 -15.58
N LYS B 34 7.05 0.61 -16.47
CA LYS B 34 7.49 2.00 -16.84
C LYS B 34 6.32 2.79 -17.40
N GLU B 35 5.49 2.18 -18.19
CA GLU B 35 4.34 2.89 -18.78
C GLU B 35 3.41 3.34 -17.67
N LEU B 36 3.21 2.53 -16.69
CA LEU B 36 2.31 2.92 -15.58
C LEU B 36 2.90 4.16 -14.88
N ILE B 37 4.14 4.09 -14.53
CA ILE B 37 4.79 5.23 -13.81
C ILE B 37 4.99 6.44 -14.73
N ASN B 38 5.45 6.23 -15.92
CA ASN B 38 5.74 7.41 -16.82
C ASN B 38 4.46 8.11 -17.26
N ASN B 39 3.44 7.37 -17.56
CA ASN B 39 2.17 8.00 -18.06
C ASN B 39 1.11 8.17 -16.96
N GLU B 40 1.02 7.26 -16.04
CA GLU B 40 -0.04 7.43 -14.99
C GLU B 40 0.36 8.60 -14.09
N LEU B 41 1.64 8.86 -13.99
CA LEU B 41 2.13 9.98 -13.12
C LEU B 41 3.01 10.91 -13.96
N SER B 42 2.52 11.36 -15.08
CA SER B 42 3.34 12.26 -15.94
C SER B 42 3.70 13.54 -15.17
N HIS B 43 2.76 14.08 -14.42
CA HIS B 43 3.04 15.33 -13.64
C HIS B 43 2.62 15.14 -12.18
N PHE B 44 1.79 14.17 -11.91
CA PHE B 44 1.33 13.95 -10.52
C PHE B 44 2.49 13.54 -9.60
N LEU B 45 3.40 12.72 -10.11
CA LEU B 45 4.57 12.29 -9.27
C LEU B 45 5.88 12.54 -10.04
N GLU B 46 6.85 11.69 -9.88
CA GLU B 46 8.14 11.88 -10.60
C GLU B 46 8.11 11.12 -11.92
N GLU B 47 8.00 11.81 -13.01
CA GLU B 47 7.97 11.12 -14.32
C GLU B 47 9.33 10.48 -14.56
N ILE B 48 9.36 9.29 -15.11
CA ILE B 48 10.67 8.60 -15.35
C ILE B 48 11.14 8.92 -16.77
N LYS B 49 12.38 9.32 -16.91
CA LYS B 49 12.91 9.66 -18.27
C LYS B 49 13.82 8.53 -18.76
N GLU B 50 14.39 7.78 -17.85
CA GLU B 50 15.30 6.66 -18.24
C GLU B 50 14.77 5.33 -17.68
N GLN B 51 14.86 4.29 -18.45
CA GLN B 51 14.39 2.96 -17.98
C GLN B 51 15.28 2.51 -16.82
N GLU B 52 16.47 3.05 -16.71
CA GLU B 52 17.38 2.64 -15.61
C GLU B 52 16.74 2.92 -14.25
N VAL B 53 16.06 4.02 -14.12
CA VAL B 53 15.43 4.32 -12.80
C VAL B 53 14.46 3.21 -12.48
N VAL B 54 13.75 2.76 -13.46
CA VAL B 54 12.78 1.66 -13.23
C VAL B 54 13.55 0.43 -12.75
N ASP B 55 14.69 0.18 -13.30
CA ASP B 55 15.50 -1.00 -12.87
C ASP B 55 15.86 -0.89 -11.39
N LYS B 56 16.18 0.29 -10.95
CA LYS B 56 16.54 0.49 -9.52
C LYS B 56 15.31 0.24 -8.67
N VAL B 57 14.18 0.71 -9.14
CA VAL B 57 12.92 0.51 -8.40
C VAL B 57 12.61 -0.97 -8.41
N MET B 58 13.06 -1.65 -9.42
CA MET B 58 12.81 -3.10 -9.51
C MET B 58 13.62 -3.82 -8.44
N GLU B 59 14.73 -3.28 -8.05
CA GLU B 59 15.50 -3.97 -6.97
C GLU B 59 14.56 -4.01 -5.76
N THR B 60 13.86 -2.94 -5.54
CA THR B 60 12.90 -2.89 -4.39
C THR B 60 11.54 -3.50 -4.78
N LEU B 61 11.06 -3.26 -5.98
CA LEU B 61 9.72 -3.81 -6.40
C LEU B 61 9.87 -5.21 -7.00
N ASP B 62 11.04 -5.60 -7.40
CA ASP B 62 11.16 -6.98 -7.97
C ASP B 62 11.23 -7.93 -6.81
N GLU B 63 10.19 -7.97 -6.05
CA GLU B 63 10.14 -8.85 -4.87
C GLU B 63 10.32 -10.29 -5.33
N ASP B 64 9.77 -10.64 -6.46
CA ASP B 64 9.92 -12.02 -6.97
C ASP B 64 11.29 -12.16 -7.62
N GLY B 65 11.98 -11.06 -7.81
CA GLY B 65 13.33 -11.12 -8.42
C GLY B 65 13.24 -11.72 -9.83
N ASP B 66 12.16 -11.50 -10.53
CA ASP B 66 12.00 -12.06 -11.91
C ASP B 66 12.10 -10.95 -12.94
N GLY B 67 12.41 -9.76 -12.52
CA GLY B 67 12.51 -8.63 -13.49
C GLY B 67 11.10 -8.15 -13.80
N GLU B 68 10.13 -8.63 -13.06
CA GLU B 68 8.71 -8.26 -13.29
C GLU B 68 8.03 -8.07 -11.92
N CYS B 69 7.14 -7.11 -11.79
CA CYS B 69 6.44 -6.90 -10.48
C CYS B 69 4.98 -7.34 -10.63
N ASP B 70 4.53 -8.20 -9.78
CA ASP B 70 3.14 -8.71 -9.84
C ASP B 70 2.17 -7.62 -9.39
N PHE B 71 0.90 -7.82 -9.61
CA PHE B 71 -0.10 -6.80 -9.21
C PHE B 71 0.09 -6.49 -7.72
N GLN B 72 0.35 -7.47 -6.91
CA GLN B 72 0.54 -7.20 -5.47
C GLN B 72 1.82 -6.39 -5.23
N GLU B 73 2.88 -6.67 -5.96
CA GLU B 73 4.15 -5.93 -5.74
C GLU B 73 3.95 -4.44 -6.06
N PHE B 74 3.21 -4.14 -7.09
CA PHE B 74 2.97 -2.71 -7.45
C PHE B 74 2.12 -2.07 -6.37
N MET B 75 1.21 -2.82 -5.82
CA MET B 75 0.31 -2.28 -4.78
C MET B 75 1.10 -1.79 -3.56
N ALA B 76 2.12 -2.49 -3.17
CA ALA B 76 2.87 -2.04 -1.97
C ALA B 76 3.63 -0.74 -2.26
N PHE B 77 4.10 -0.57 -3.45
CA PHE B 77 4.84 0.70 -3.77
C PHE B 77 3.92 1.89 -3.56
N VAL B 78 2.66 1.73 -3.87
CA VAL B 78 1.69 2.84 -3.70
C VAL B 78 1.64 3.26 -2.23
N SER B 79 1.69 2.32 -1.34
CA SER B 79 1.62 2.68 0.10
C SER B 79 2.78 3.58 0.51
N MET B 80 3.95 3.33 0.01
CA MET B 80 5.12 4.18 0.42
C MET B 80 5.07 5.54 -0.25
N VAL B 81 4.74 5.59 -1.50
CA VAL B 81 4.72 6.90 -2.20
C VAL B 81 3.68 7.81 -1.55
N THR B 82 2.56 7.26 -1.19
CA THR B 82 1.50 8.07 -0.56
C THR B 82 2.05 8.69 0.72
N THR B 83 2.82 7.92 1.43
CA THR B 83 3.41 8.44 2.70
C THR B 83 4.15 9.74 2.38
N ALA B 84 4.82 9.77 1.26
CA ALA B 84 5.54 11.01 0.86
C ALA B 84 4.50 12.14 0.73
N CYS B 85 3.35 11.83 0.19
CA CYS B 85 2.29 12.85 0.03
C CYS B 85 1.90 13.42 1.39
N HIS B 86 1.95 12.62 2.42
CA HIS B 86 1.58 13.15 3.76
C HIS B 86 2.53 14.29 4.12
N GLU B 87 3.78 14.17 3.82
CA GLU B 87 4.72 15.28 4.10
C GLU B 87 4.30 16.48 3.27
N PHE B 88 3.92 16.24 2.04
CA PHE B 88 3.48 17.33 1.14
C PHE B 88 2.13 17.85 1.60
N PHE B 89 1.27 16.95 2.04
CA PHE B 89 -0.07 17.37 2.51
C PHE B 89 0.07 17.90 3.94
N GLU B 90 0.83 18.94 4.10
CA GLU B 90 1.05 19.50 5.46
C GLU B 90 -0.22 20.18 5.94
N HIS B 91 -0.91 19.55 6.84
CA HIS B 91 -2.16 20.15 7.39
C HIS B 91 -1.83 21.33 8.30
N GLU B 92 -1.66 22.50 7.75
CA GLU B 92 -1.32 23.68 8.59
N SER C 1 -25.63 -27.49 25.21
CA SER C 1 -25.27 -28.26 23.98
C SER C 1 -24.17 -27.52 23.22
N HIS C 2 -23.19 -28.23 22.73
CA HIS C 2 -22.08 -27.57 21.98
C HIS C 2 -21.49 -28.54 20.96
N LEU C 3 -20.58 -28.09 20.15
CA LEU C 3 -19.96 -28.99 19.13
C LEU C 3 -19.00 -29.94 19.83
N LYS C 4 -18.46 -30.87 19.10
CA LYS C 4 -17.51 -31.84 19.71
C LYS C 4 -16.32 -31.08 20.31
N SER C 5 -15.86 -30.04 19.64
CA SER C 5 -14.70 -29.25 20.17
C SER C 5 -15.04 -27.76 20.07
N LYS C 6 -14.56 -26.97 20.99
CA LYS C 6 -14.85 -25.51 20.93
C LYS C 6 -14.19 -24.92 19.69
N LYS C 7 -13.21 -25.60 19.14
CA LYS C 7 -12.53 -25.07 17.92
C LYS C 7 -13.61 -24.76 16.87
N GLY C 8 -13.60 -23.57 16.34
CA GLY C 8 -14.61 -23.16 15.32
C GLY C 8 -14.97 -21.70 15.57
N GLN C 9 -14.05 -20.95 16.10
CA GLN C 9 -14.31 -19.52 16.41
C GLN C 9 -14.34 -18.70 15.12
N SER C 10 -15.11 -17.65 15.11
CA SER C 10 -15.18 -16.78 13.90
C SER C 10 -13.77 -16.28 13.59
N THR C 11 -12.95 -16.20 14.60
CA THR C 11 -11.55 -15.69 14.39
C THR C 11 -10.95 -16.37 13.15
N SER C 12 -11.42 -17.54 12.81
CA SER C 12 -10.87 -18.22 11.59
C SER C 12 -10.87 -17.22 10.43
N ARG C 13 -11.73 -16.25 10.48
CA ARG C 13 -11.81 -15.23 9.40
C ARG C 13 -10.47 -14.49 9.28
N HIS C 14 -9.84 -14.19 10.38
CA HIS C 14 -8.54 -13.46 10.30
C HIS C 14 -7.56 -14.30 9.49
N LYS C 15 -7.62 -15.60 9.61
CA LYS C 15 -6.68 -16.46 8.82
C LYS C 15 -6.93 -16.19 7.34
N LYS C 16 -8.13 -15.81 7.00
CA LYS C 16 -8.43 -15.53 5.58
C LYS C 16 -7.47 -14.44 5.12
N LEU C 17 -7.22 -13.46 5.96
CA LEU C 17 -6.26 -12.36 5.57
C LEU C 17 -4.82 -12.89 5.60
N MET C 18 -4.52 -13.86 6.42
CA MET C 18 -3.13 -14.37 6.46
C MET C 18 -2.70 -14.80 5.06
N PHE C 19 -3.62 -15.13 4.19
CA PHE C 19 -3.18 -15.57 2.83
C PHE C 19 -2.29 -14.49 2.22
N LYS C 20 -2.44 -13.24 2.61
CA LYS C 20 -1.51 -12.20 2.07
C LYS C 20 -0.13 -12.44 2.68
N THR C 21 -0.08 -12.78 3.94
CA THR C 21 1.22 -13.01 4.60
C THR C 21 1.95 -14.14 3.87
N GLU C 22 1.21 -15.11 3.39
CA GLU C 22 1.85 -16.24 2.65
N SER D 1 30.00 24.42 -23.52
CA SER D 1 30.18 24.80 -22.09
C SER D 1 29.42 23.82 -21.20
N HIS D 2 30.01 23.41 -20.11
CA HIS D 2 29.32 22.45 -19.20
C HIS D 2 29.82 22.65 -17.77
N LEU D 3 29.24 21.95 -16.83
CA LEU D 3 29.67 22.09 -15.41
C LEU D 3 31.02 21.39 -15.23
N LYS D 4 31.60 21.50 -14.07
CA LYS D 4 32.92 20.86 -13.82
C LYS D 4 32.78 19.34 -14.02
N SER D 5 31.68 18.77 -13.60
CA SER D 5 31.48 17.30 -13.78
C SER D 5 30.07 17.04 -14.33
N LYS D 6 29.92 16.04 -15.14
CA LYS D 6 28.56 15.74 -15.70
C LYS D 6 27.62 15.35 -14.57
N LYS D 7 28.16 14.95 -13.45
CA LYS D 7 27.28 14.55 -12.31
C LYS D 7 26.31 15.71 -12.04
N GLY D 8 25.04 15.41 -11.99
CA GLY D 8 24.02 16.47 -11.74
C GLY D 8 22.79 16.14 -12.60
N GLN D 9 22.58 14.88 -12.86
CA GLN D 9 21.43 14.45 -13.70
C GLN D 9 20.12 14.58 -12.93
N SER D 10 19.05 14.86 -13.62
CA SER D 10 17.74 14.98 -12.94
C SER D 10 17.45 13.67 -12.21
N THR D 11 18.01 12.59 -12.68
CA THR D 11 17.77 11.27 -12.04
C THR D 11 17.91 11.40 -10.53
N SER D 12 18.66 12.37 -10.06
CA SER D 12 18.80 12.55 -8.59
C SER D 12 17.41 12.55 -7.95
N ARG D 13 16.42 12.91 -8.72
CA ARG D 13 15.02 12.94 -8.19
C ARG D 13 14.62 11.54 -7.73
N HIS D 14 14.99 10.52 -8.45
CA HIS D 14 14.59 9.15 -8.03
C HIS D 14 15.15 8.87 -6.63
N LYS D 15 16.32 9.37 -6.32
CA LYS D 15 16.89 9.16 -4.97
C LYS D 15 15.92 9.75 -3.95
N LYS D 16 15.19 10.75 -4.34
CA LYS D 16 14.22 11.37 -3.39
C LYS D 16 13.27 10.27 -2.94
N LEU D 17 12.87 9.40 -3.84
CA LEU D 17 11.94 8.29 -3.45
C LEU D 17 12.71 7.22 -2.63
N MET D 18 13.99 7.08 -2.86
CA MET D 18 14.74 6.06 -2.08
C MET D 18 14.55 6.31 -0.59
N PHE D 19 14.25 7.50 -0.19
CA PHE D 19 14.08 7.74 1.27
C PHE D 19 13.06 6.75 1.84
N LYS D 20 12.13 6.28 1.05
CA LYS D 20 11.18 5.25 1.58
C LYS D 20 11.94 3.96 1.78
N THR D 21 12.83 3.65 0.87
CA THR D 21 13.61 2.38 1.00
C THR D 21 14.41 2.42 2.31
N GLU D 22 14.86 3.59 2.69
CA GLU D 22 15.63 3.72 3.96
CA CA E . -2.91 8.23 15.89
CA CA F . 5.59 0.27 14.31
CA CA G . -0.17 -6.18 -16.94
CA CA H . 8.56 -9.62 -9.05
N MET A 1 -10.69 8.52 -15.31
CA MET A 1 -9.51 7.64 -15.08
C MET A 1 -8.41 8.44 -14.38
N SER A 2 -7.32 7.79 -14.02
CA SER A 2 -6.22 8.52 -13.33
C SER A 2 -6.78 9.18 -12.06
N GLU A 3 -7.77 8.58 -11.46
CA GLU A 3 -8.34 9.15 -10.21
C GLU A 3 -7.38 8.90 -9.06
N LEU A 4 -6.24 8.36 -9.36
CA LEU A 4 -5.25 8.04 -8.29
C LEU A 4 -5.10 9.24 -7.36
N GLU A 5 -5.44 10.41 -7.80
CA GLU A 5 -5.31 11.61 -6.93
C GLU A 5 -6.35 11.54 -5.81
N LYS A 6 -7.53 11.10 -6.12
CA LYS A 6 -8.61 11.01 -5.08
C LYS A 6 -8.33 9.84 -4.15
N ALA A 7 -7.87 8.74 -4.67
CA ALA A 7 -7.62 7.55 -3.81
C ALA A 7 -6.50 7.81 -2.81
N MET A 8 -5.43 8.41 -3.25
CA MET A 8 -4.30 8.67 -2.30
C MET A 8 -4.77 9.62 -1.20
N VAL A 9 -5.53 10.60 -1.56
CA VAL A 9 -6.02 11.59 -0.56
C VAL A 9 -6.94 10.88 0.44
N ALA A 10 -7.74 9.96 -0.02
CA ALA A 10 -8.69 9.26 0.89
C ALA A 10 -7.96 8.38 1.90
N LEU A 11 -6.86 7.78 1.54
CA LEU A 11 -6.16 6.92 2.52
C LEU A 11 -5.77 7.79 3.70
N ILE A 12 -5.35 8.99 3.42
CA ILE A 12 -4.94 9.92 4.50
C ILE A 12 -6.17 10.39 5.31
N ASP A 13 -7.28 10.65 4.67
CA ASP A 13 -8.48 11.15 5.42
C ASP A 13 -8.95 10.14 6.48
N VAL A 14 -9.04 8.89 6.12
CA VAL A 14 -9.52 7.86 7.10
C VAL A 14 -8.46 7.66 8.21
N PHE A 15 -7.21 7.64 7.84
CA PHE A 15 -6.15 7.44 8.86
C PHE A 15 -6.24 8.55 9.91
N HIS A 16 -6.50 9.75 9.50
CA HIS A 16 -6.58 10.86 10.48
C HIS A 16 -7.76 10.64 11.43
N GLN A 17 -8.80 10.02 10.96
CA GLN A 17 -9.99 9.78 11.81
C GLN A 17 -9.62 8.96 13.05
N TYR A 18 -8.80 7.95 12.90
CA TYR A 18 -8.44 7.09 14.08
C TYR A 18 -7.18 7.58 14.80
N SER A 19 -6.22 8.08 14.09
CA SER A 19 -4.96 8.51 14.74
C SER A 19 -5.24 9.60 15.78
N GLY A 20 -6.11 10.52 15.47
CA GLY A 20 -6.43 11.60 16.44
C GLY A 20 -7.48 11.14 17.44
N ARG A 21 -8.14 10.05 17.17
CA ARG A 21 -9.19 9.55 18.12
C ARG A 21 -8.59 9.27 19.49
N GLU A 22 -7.47 8.60 19.55
CA GLU A 22 -6.85 8.28 20.87
C GLU A 22 -5.88 9.39 21.28
N GLY A 23 -4.71 9.43 20.71
CA GLY A 23 -3.73 10.49 21.11
C GLY A 23 -2.50 10.49 20.19
N ASP A 24 -2.14 9.35 19.66
CA ASP A 24 -0.95 9.31 18.76
C ASP A 24 -1.38 9.76 17.35
N LYS A 25 -1.20 11.01 17.04
CA LYS A 25 -1.62 11.53 15.71
C LYS A 25 -0.72 10.98 14.59
N HIS A 26 0.56 10.88 14.82
CA HIS A 26 1.48 10.39 13.75
C HIS A 26 1.84 8.91 13.94
N LYS A 27 1.25 8.24 14.90
CA LYS A 27 1.60 6.80 15.11
C LYS A 27 0.37 6.02 15.59
N LEU A 28 0.33 4.77 15.23
CA LEU A 28 -0.82 3.89 15.62
C LEU A 28 -0.32 2.74 16.51
N LYS A 29 -1.04 2.43 17.55
CA LYS A 29 -0.63 1.30 18.45
C LYS A 29 -1.50 0.10 18.09
N LYS A 30 -1.05 -1.10 18.36
CA LYS A 30 -1.90 -2.29 18.04
C LYS A 30 -3.28 -2.04 18.62
N SER A 31 -3.33 -1.18 19.60
CA SER A 31 -4.63 -0.85 20.24
C SER A 31 -5.43 0.08 19.32
N GLU A 32 -4.83 1.15 18.85
CA GLU A 32 -5.56 2.07 17.95
C GLU A 32 -5.83 1.34 16.65
N LEU A 33 -4.90 0.51 16.23
CA LEU A 33 -5.08 -0.26 14.97
C LEU A 33 -6.33 -1.13 15.09
N LYS A 34 -6.55 -1.73 16.21
CA LYS A 34 -7.75 -2.60 16.37
C LYS A 34 -9.02 -1.79 16.13
N GLU A 35 -9.06 -0.58 16.61
CA GLU A 35 -10.27 0.25 16.42
C GLU A 35 -10.41 0.60 14.94
N LEU A 36 -9.33 0.80 14.25
CA LEU A 36 -9.41 1.10 12.79
C LEU A 36 -10.07 -0.07 12.08
N ILE A 37 -9.58 -1.25 12.35
CA ILE A 37 -10.12 -2.46 11.69
C ILE A 37 -11.49 -2.86 12.25
N ASN A 38 -11.63 -2.92 13.54
CA ASN A 38 -12.92 -3.37 14.13
C ASN A 38 -14.08 -2.39 13.88
N ASN A 39 -13.82 -1.11 13.98
CA ASN A 39 -14.91 -0.10 13.82
C ASN A 39 -14.99 0.50 12.42
N GLU A 40 -13.90 0.71 11.75
CA GLU A 40 -14.00 1.33 10.38
C GLU A 40 -14.39 0.25 9.37
N LEU A 41 -14.35 -1.01 9.78
CA LEU A 41 -14.71 -2.13 8.85
C LEU A 41 -15.64 -3.10 9.59
N SER A 42 -16.72 -2.61 10.13
CA SER A 42 -17.66 -3.51 10.86
C SER A 42 -18.23 -4.58 9.93
N HIS A 43 -18.54 -4.23 8.70
CA HIS A 43 -19.11 -5.22 7.73
C HIS A 43 -18.37 -5.15 6.41
N PHE A 44 -17.70 -4.05 6.13
CA PHE A 44 -16.98 -3.94 4.83
C PHE A 44 -15.86 -4.98 4.77
N LEU A 45 -15.15 -5.20 5.86
CA LEU A 45 -14.05 -6.20 5.87
C LEU A 45 -14.22 -7.12 7.09
N GLU A 46 -13.50 -8.20 7.14
CA GLU A 46 -13.63 -9.14 8.29
C GLU A 46 -13.43 -8.36 9.59
N GLU A 47 -14.50 -8.13 10.31
CA GLU A 47 -14.39 -7.39 11.59
C GLU A 47 -13.60 -8.24 12.58
N ILE A 48 -12.74 -7.64 13.36
CA ILE A 48 -11.93 -8.41 14.34
C ILE A 48 -12.75 -8.67 15.60
N LYS A 49 -12.68 -9.86 16.12
CA LYS A 49 -13.47 -10.21 17.34
C LYS A 49 -12.54 -10.37 18.55
N GLU A 50 -11.26 -10.56 18.31
CA GLU A 50 -10.29 -10.72 19.44
C GLU A 50 -9.03 -9.89 19.17
N GLN A 51 -8.47 -9.31 20.19
CA GLN A 51 -7.24 -8.49 20.01
C GLN A 51 -6.11 -9.42 19.57
N GLU A 52 -6.25 -10.69 19.82
CA GLU A 52 -5.18 -11.65 19.43
C GLU A 52 -4.97 -11.61 17.92
N VAL A 53 -6.02 -11.48 17.16
CA VAL A 53 -5.85 -11.41 15.68
C VAL A 53 -4.97 -10.22 15.36
N VAL A 54 -5.18 -9.15 16.06
CA VAL A 54 -4.39 -7.94 15.83
C VAL A 54 -2.94 -8.18 16.23
N ASP A 55 -2.71 -9.00 17.22
CA ASP A 55 -1.31 -9.27 17.65
C ASP A 55 -0.57 -10.05 16.55
N LYS A 56 -1.27 -10.93 15.90
CA LYS A 56 -0.65 -11.73 14.80
C LYS A 56 -0.40 -10.81 13.62
N VAL A 57 -1.32 -9.93 13.36
CA VAL A 57 -1.17 -8.97 12.25
C VAL A 57 -0.02 -8.04 12.59
N MET A 58 0.17 -7.80 13.86
CA MET A 58 1.28 -6.92 14.30
C MET A 58 2.60 -7.57 13.88
N GLU A 59 2.71 -8.87 13.95
CA GLU A 59 3.99 -9.47 13.52
C GLU A 59 4.27 -9.02 12.10
N THR A 60 3.25 -8.96 11.28
CA THR A 60 3.43 -8.51 9.87
C THR A 60 3.55 -6.98 9.78
N LEU A 61 2.70 -6.25 10.47
CA LEU A 61 2.76 -4.75 10.38
C LEU A 61 3.70 -4.17 11.44
N ASP A 62 4.08 -4.93 12.42
CA ASP A 62 5.00 -4.36 13.45
C ASP A 62 6.40 -4.42 12.88
N GLU A 63 6.60 -3.75 11.80
CA GLU A 63 7.92 -3.75 11.14
C GLU A 63 8.96 -3.18 12.12
N ASP A 64 8.60 -2.18 12.86
CA ASP A 64 9.55 -1.59 13.84
C ASP A 64 9.67 -2.54 15.03
N GLY A 65 8.80 -3.52 15.10
CA GLY A 65 8.86 -4.49 16.24
C GLY A 65 8.65 -3.74 17.56
N ASP A 66 7.90 -2.67 17.55
CA ASP A 66 7.66 -1.89 18.81
C ASP A 66 6.23 -2.12 19.30
N GLY A 67 5.50 -2.98 18.63
CA GLY A 67 4.10 -3.23 19.04
C GLY A 67 3.19 -2.13 18.51
N GLU A 68 3.77 -1.21 17.78
CA GLU A 68 2.97 -0.08 17.19
C GLU A 68 3.42 0.14 15.75
N CYS A 69 2.49 0.34 14.85
CA CYS A 69 2.85 0.57 13.42
C CYS A 69 2.70 2.06 13.13
N ASP A 70 3.64 2.63 12.44
CA ASP A 70 3.58 4.08 12.13
C ASP A 70 2.60 4.31 10.99
N PHE A 71 2.27 5.54 10.72
CA PHE A 71 1.33 5.84 9.62
C PHE A 71 1.82 5.12 8.36
N GLN A 72 3.10 5.11 8.15
CA GLN A 72 3.66 4.42 6.95
C GLN A 72 3.34 2.91 6.98
N GLU A 73 3.62 2.26 8.08
CA GLU A 73 3.36 0.79 8.14
C GLU A 73 1.87 0.50 7.94
N PHE A 74 1.02 1.30 8.53
CA PHE A 74 -0.44 1.08 8.37
C PHE A 74 -0.84 1.25 6.90
N MET A 75 -0.23 2.18 6.23
CA MET A 75 -0.55 2.43 4.81
C MET A 75 -0.30 1.18 3.97
N ALA A 76 0.73 0.46 4.27
CA ALA A 76 1.04 -0.75 3.47
C ALA A 76 -0.03 -1.82 3.66
N PHE A 77 -0.58 -1.93 4.83
CA PHE A 77 -1.63 -2.95 5.08
C PHE A 77 -2.82 -2.72 4.18
N VAL A 78 -3.10 -1.50 3.91
CA VAL A 78 -4.25 -1.14 3.05
C VAL A 78 -4.02 -1.62 1.61
N SER A 79 -2.81 -1.54 1.15
CA SER A 79 -2.54 -1.97 -0.25
C SER A 79 -2.79 -3.47 -0.39
N MET A 80 -2.40 -4.24 0.58
CA MET A 80 -2.60 -5.71 0.46
C MET A 80 -4.08 -6.08 0.57
N VAL A 81 -4.77 -5.48 1.49
CA VAL A 81 -6.22 -5.81 1.67
C VAL A 81 -7.01 -5.46 0.41
N THR A 82 -6.67 -4.37 -0.20
CA THR A 82 -7.40 -3.95 -1.43
C THR A 82 -7.24 -5.04 -2.47
N THR A 83 -6.08 -5.60 -2.55
CA THR A 83 -5.83 -6.68 -3.54
C THR A 83 -6.92 -7.74 -3.37
N ALA A 84 -7.31 -8.03 -2.16
CA ALA A 84 -8.39 -9.02 -1.93
C ALA A 84 -9.66 -8.52 -2.63
N CYS A 85 -9.90 -7.24 -2.58
CA CYS A 85 -11.12 -6.68 -3.22
C CYS A 85 -11.10 -6.97 -4.72
N HIS A 86 -9.95 -6.93 -5.35
CA HIS A 86 -9.91 -7.21 -6.81
C HIS A 86 -10.44 -8.61 -7.09
N GLU A 87 -10.10 -9.56 -6.25
CA GLU A 87 -10.62 -10.94 -6.46
C GLU A 87 -12.14 -10.94 -6.26
N PHE A 88 -12.62 -10.11 -5.38
CA PHE A 88 -14.09 -10.06 -5.13
C PHE A 88 -14.74 -9.09 -6.11
N PHE A 89 -14.03 -8.08 -6.52
CA PHE A 89 -14.60 -7.09 -7.48
C PHE A 89 -14.21 -7.50 -8.90
N GLU A 90 -14.69 -8.63 -9.36
CA GLU A 90 -14.35 -9.08 -10.73
C GLU A 90 -15.14 -8.25 -11.73
N HIS A 91 -14.49 -7.35 -12.39
CA HIS A 91 -15.20 -6.50 -13.39
C HIS A 91 -15.27 -7.25 -14.71
N GLU A 92 -16.39 -7.85 -15.00
CA GLU A 92 -16.53 -8.61 -16.28
N MET B 1 -16.69 9.87 6.65
CA MET B 1 -15.50 9.15 7.16
C MET B 1 -15.59 7.67 6.78
N SER B 2 -14.58 6.91 7.10
CA SER B 2 -14.61 5.46 6.75
C SER B 2 -14.81 5.30 5.24
N GLU B 3 -14.33 6.25 4.47
CA GLU B 3 -14.49 6.17 2.99
C GLU B 3 -13.52 5.13 2.46
N LEU B 4 -12.83 4.45 3.33
CA LEU B 4 -11.84 3.44 2.90
C LEU B 4 -12.45 2.54 1.82
N GLU B 5 -13.74 2.47 1.75
CA GLU B 5 -14.38 1.62 0.71
C GLU B 5 -14.16 2.23 -0.67
N LYS B 6 -14.25 3.52 -0.77
CA LYS B 6 -14.06 4.20 -2.08
C LYS B 6 -12.59 4.20 -2.46
N ALA B 7 -11.73 4.41 -1.52
CA ALA B 7 -10.27 4.47 -1.84
C ALA B 7 -9.76 3.11 -2.31
N MET B 8 -10.14 2.05 -1.67
CA MET B 8 -9.65 0.71 -2.10
C MET B 8 -10.15 0.41 -3.50
N VAL B 9 -11.37 0.75 -3.77
CA VAL B 9 -11.96 0.49 -5.11
C VAL B 9 -11.21 1.30 -6.17
N ALA B 10 -10.82 2.50 -5.84
CA ALA B 10 -10.14 3.37 -6.83
C ALA B 10 -8.75 2.83 -7.17
N LEU B 11 -8.05 2.25 -6.24
CA LEU B 11 -6.70 1.73 -6.57
C LEU B 11 -6.87 0.70 -7.69
N ILE B 12 -7.88 -0.09 -7.58
CA ILE B 12 -8.13 -1.14 -8.61
C ILE B 12 -8.56 -0.50 -9.94
N ASP B 13 -9.38 0.53 -9.92
CA ASP B 13 -9.85 1.14 -11.20
C ASP B 13 -8.69 1.69 -12.04
N VAL B 14 -7.77 2.40 -11.42
CA VAL B 14 -6.62 2.97 -12.21
C VAL B 14 -5.69 1.84 -12.66
N PHE B 15 -5.46 0.87 -11.83
CA PHE B 15 -4.55 -0.25 -12.23
C PHE B 15 -5.10 -0.93 -13.48
N HIS B 16 -6.39 -1.10 -13.56
CA HIS B 16 -6.98 -1.77 -14.75
C HIS B 16 -6.74 -0.91 -15.99
N GLN B 17 -6.70 0.38 -15.84
CA GLN B 17 -6.50 1.27 -17.01
C GLN B 17 -5.17 0.95 -17.71
N TYR B 18 -4.12 0.72 -16.97
CA TYR B 18 -2.79 0.45 -17.62
C TYR B 18 -2.54 -1.04 -17.85
N SER B 19 -2.99 -1.89 -16.98
CA SER B 19 -2.73 -3.35 -17.15
C SER B 19 -3.33 -3.84 -18.47
N GLY B 20 -4.50 -3.39 -18.80
CA GLY B 20 -5.14 -3.84 -20.08
C GLY B 20 -4.63 -3.02 -21.25
N ARG B 21 -3.99 -1.91 -20.99
CA ARG B 21 -3.49 -1.05 -22.11
C ARG B 21 -2.51 -1.84 -22.98
N GLU B 22 -1.57 -2.53 -22.38
CA GLU B 22 -0.57 -3.30 -23.19
C GLU B 22 -1.08 -4.72 -23.46
N GLY B 23 -0.99 -5.60 -22.49
CA GLY B 23 -1.47 -6.99 -22.72
C GLY B 23 -1.48 -7.79 -21.41
N ASP B 24 -0.60 -7.49 -20.49
CA ASP B 24 -0.59 -8.25 -19.21
C ASP B 24 -1.67 -7.67 -18.29
N LYS B 25 -2.83 -8.28 -18.29
CA LYS B 25 -3.95 -7.77 -17.44
C LYS B 25 -3.67 -7.99 -15.95
N HIS B 26 -3.12 -9.13 -15.59
CA HIS B 26 -2.86 -9.42 -14.15
C HIS B 26 -1.40 -9.16 -13.76
N LYS B 27 -0.61 -8.63 -14.66
CA LYS B 27 0.83 -8.37 -14.30
C LYS B 27 1.34 -7.12 -15.01
N LEU B 28 2.26 -6.44 -14.38
CA LEU B 28 2.85 -5.19 -14.95
C LEU B 28 4.34 -5.39 -15.21
N LYS B 29 4.84 -4.93 -16.33
CA LYS B 29 6.29 -5.05 -16.62
C LYS B 29 6.93 -3.68 -16.35
N LYS B 30 8.21 -3.64 -16.06
CA LYS B 30 8.85 -2.32 -15.81
C LYS B 30 8.47 -1.39 -16.95
N SER B 31 8.12 -1.98 -18.06
CA SER B 31 7.70 -1.17 -19.24
C SER B 31 6.29 -0.62 -19.03
N GLU B 32 5.36 -1.46 -18.66
CA GLU B 32 3.98 -0.98 -18.43
C GLU B 32 3.99 -0.08 -17.20
N LEU B 33 4.81 -0.40 -16.24
CA LEU B 33 4.91 0.43 -15.00
C LEU B 33 5.35 1.83 -15.37
N LYS B 34 6.27 1.97 -16.29
CA LYS B 34 6.73 3.33 -16.68
C LYS B 34 5.55 4.15 -17.21
N GLU B 35 4.70 3.53 -17.97
CA GLU B 35 3.55 4.28 -18.54
C GLU B 35 2.60 4.67 -17.39
N LEU B 36 2.46 3.83 -16.41
CA LEU B 36 1.57 4.18 -15.26
C LEU B 36 2.12 5.44 -14.59
N ILE B 37 3.37 5.44 -14.31
CA ILE B 37 4.00 6.60 -13.62
C ILE B 37 4.16 7.80 -14.55
N ASN B 38 4.70 7.59 -15.72
CA ASN B 38 4.96 8.74 -16.65
C ASN B 38 3.66 9.37 -17.18
N ASN B 39 2.68 8.59 -17.50
CA ASN B 39 1.42 9.15 -18.10
C ASN B 39 0.30 9.35 -17.06
N GLU B 40 0.16 8.50 -16.08
CA GLU B 40 -0.96 8.71 -15.10
C GLU B 40 -0.55 9.78 -14.09
N LEU B 41 0.71 10.15 -14.09
CA LEU B 41 1.20 11.20 -13.13
C LEU B 41 2.07 12.22 -13.89
N SER B 42 1.55 12.80 -14.94
CA SER B 42 2.36 13.78 -15.71
C SER B 42 2.73 14.98 -14.83
N HIS B 43 1.82 15.44 -14.00
CA HIS B 43 2.13 16.61 -13.12
C HIS B 43 1.72 16.32 -11.68
N PHE B 44 0.87 15.35 -11.47
CA PHE B 44 0.45 15.03 -10.07
C PHE B 44 1.66 14.52 -9.27
N LEU B 45 2.49 13.70 -9.87
CA LEU B 45 3.69 13.17 -9.15
C LEU B 45 4.93 13.37 -10.03
N GLU B 46 6.10 13.21 -9.48
CA GLU B 46 7.34 13.39 -10.28
C GLU B 46 7.25 12.54 -11.55
N GLU B 47 7.03 13.16 -12.67
CA GLU B 47 6.95 12.40 -13.95
C GLU B 47 8.33 11.80 -14.24
N ILE B 48 8.37 10.59 -14.74
CA ILE B 48 9.69 9.96 -15.04
C ILE B 48 10.18 10.43 -16.40
N LYS B 49 11.45 10.73 -16.50
CA LYS B 49 12.03 11.22 -17.80
C LYS B 49 12.93 10.15 -18.42
N GLU B 50 13.36 9.20 -17.64
CA GLU B 50 14.25 8.12 -18.17
C GLU B 50 13.78 6.75 -17.66
N GLN B 51 13.87 5.75 -18.47
CA GLN B 51 13.45 4.38 -18.03
C GLN B 51 14.40 3.92 -16.93
N GLU B 52 15.57 4.51 -16.86
CA GLU B 52 16.56 4.10 -15.82
C GLU B 52 15.96 4.31 -14.43
N VAL B 53 15.23 5.37 -14.23
CA VAL B 53 14.61 5.60 -12.89
C VAL B 53 13.71 4.43 -12.58
N VAL B 54 13.01 3.97 -13.58
CA VAL B 54 12.10 2.83 -13.37
C VAL B 54 12.89 1.57 -13.06
N ASP B 55 14.08 1.44 -13.59
CA ASP B 55 14.90 0.24 -13.33
C ASP B 55 15.33 0.24 -11.85
N LYS B 56 15.63 1.39 -11.34
CA LYS B 56 16.05 1.50 -9.91
C LYS B 56 14.84 1.21 -9.03
N VAL B 57 13.72 1.71 -9.43
CA VAL B 57 12.47 1.47 -8.66
C VAL B 57 12.14 0.00 -8.73
N MET B 58 12.51 -0.61 -9.82
CA MET B 58 12.26 -2.06 -9.99
C MET B 58 13.04 -2.82 -8.91
N GLU B 59 14.21 -2.38 -8.56
CA GLU B 59 14.94 -3.11 -7.49
C GLU B 59 14.04 -3.16 -6.27
N THR B 60 13.36 -2.08 -6.01
CA THR B 60 12.45 -2.04 -4.83
C THR B 60 11.13 -2.76 -5.11
N LEU B 61 10.53 -2.53 -6.26
CA LEU B 61 9.22 -3.19 -6.56
C LEU B 61 9.42 -4.54 -7.25
N ASP B 62 10.59 -4.82 -7.75
CA ASP B 62 10.79 -6.13 -8.43
C ASP B 62 11.02 -7.17 -7.34
N GLU B 63 10.06 -7.32 -6.49
CA GLU B 63 10.18 -8.28 -5.38
C GLU B 63 10.40 -9.68 -5.96
N ASP B 64 9.71 -10.00 -7.03
CA ASP B 64 9.89 -11.33 -7.65
C ASP B 64 11.23 -11.37 -8.38
N GLY B 65 11.86 -10.22 -8.53
CA GLY B 65 13.17 -10.17 -9.23
C GLY B 65 13.01 -10.67 -10.67
N ASP B 66 11.86 -10.48 -11.25
CA ASP B 66 11.64 -10.95 -12.66
C ASP B 66 11.61 -9.75 -13.61
N GLY B 67 11.86 -8.57 -13.10
CA GLY B 67 11.84 -7.37 -13.97
C GLY B 67 10.40 -6.91 -14.17
N GLU B 68 9.47 -7.58 -13.55
CA GLU B 68 8.03 -7.22 -13.68
C GLU B 68 7.38 -7.31 -12.30
N CYS B 69 6.57 -6.34 -11.95
CA CYS B 69 5.89 -6.35 -10.62
C CYS B 69 4.43 -6.78 -10.83
N ASP B 70 3.93 -7.64 -10.00
CA ASP B 70 2.53 -8.11 -10.15
C ASP B 70 1.59 -7.05 -9.64
N PHE B 71 0.32 -7.22 -9.87
CA PHE B 71 -0.66 -6.23 -9.38
C PHE B 71 -0.41 -6.00 -7.89
N GLN B 72 -0.12 -7.05 -7.17
CA GLN B 72 0.16 -6.91 -5.71
C GLN B 72 1.37 -6.00 -5.46
N GLU B 73 2.46 -6.27 -6.12
CA GLU B 73 3.69 -5.44 -5.88
C GLU B 73 3.43 -3.97 -6.25
N PHE B 74 2.71 -3.74 -7.31
CA PHE B 74 2.42 -2.35 -7.72
C PHE B 74 1.55 -1.67 -6.65
N MET B 75 0.65 -2.41 -6.07
CA MET B 75 -0.25 -1.83 -5.04
C MET B 75 0.57 -1.30 -3.86
N ALA B 76 1.62 -1.97 -3.50
CA ALA B 76 2.42 -1.50 -2.35
C ALA B 76 3.11 -0.17 -2.66
N PHE B 77 3.52 0.01 -3.88
CA PHE B 77 4.20 1.29 -4.25
C PHE B 77 3.27 2.48 -4.01
N VAL B 78 2.03 2.27 -4.24
CA VAL B 78 1.03 3.36 -4.06
C VAL B 78 0.93 3.74 -2.58
N SER B 79 1.03 2.80 -1.70
CA SER B 79 0.90 3.13 -0.25
C SER B 79 2.07 4.02 0.18
N MET B 80 3.25 3.75 -0.30
CA MET B 80 4.41 4.57 0.14
C MET B 80 4.34 5.98 -0.48
N VAL B 81 3.99 6.07 -1.73
CA VAL B 81 3.93 7.41 -2.39
C VAL B 81 2.88 8.28 -1.71
N THR B 82 1.78 7.70 -1.34
CA THR B 82 0.71 8.49 -0.68
C THR B 82 1.27 9.10 0.59
N THR B 83 2.07 8.36 1.29
CA THR B 83 2.66 8.87 2.54
C THR B 83 3.32 10.22 2.25
N ALA B 84 3.96 10.33 1.11
CA ALA B 84 4.60 11.63 0.74
C ALA B 84 3.51 12.71 0.69
N CYS B 85 2.35 12.35 0.19
CA CYS B 85 1.24 13.35 0.09
C CYS B 85 0.88 13.86 1.49
N HIS B 86 0.93 13.03 2.49
CA HIS B 86 0.57 13.51 3.86
C HIS B 86 1.53 14.64 4.26
N GLU B 87 2.78 14.52 3.94
CA GLU B 87 3.74 15.60 4.28
C GLU B 87 3.38 16.86 3.49
N PHE B 88 2.88 16.69 2.29
CA PHE B 88 2.51 17.87 1.45
C PHE B 88 1.08 18.29 1.77
N PHE B 89 0.24 17.35 2.16
CA PHE B 89 -1.17 17.70 2.49
C PHE B 89 -1.28 17.92 4.00
N GLU B 90 -0.63 18.94 4.50
CA GLU B 90 -0.71 19.21 5.95
C GLU B 90 -2.07 19.82 6.28
N HIS B 91 -2.93 19.05 6.87
CA HIS B 91 -4.28 19.59 7.22
C HIS B 91 -4.19 20.33 8.55
N GLU B 92 -4.11 21.63 8.50
CA GLU B 92 -4.02 22.42 9.76
N SER C 1 -3.77 -44.06 18.97
CA SER C 1 -4.64 -43.21 18.11
C SER C 1 -4.08 -41.79 18.05
N HIS C 2 -4.50 -41.03 17.09
CA HIS C 2 -4.00 -39.63 16.96
C HIS C 2 -4.80 -38.72 17.90
N LEU C 3 -4.16 -37.72 18.47
CA LEU C 3 -4.87 -36.80 19.42
C LEU C 3 -5.07 -35.44 18.74
N LYS C 4 -6.24 -34.86 18.89
CA LYS C 4 -6.51 -33.53 18.27
C LYS C 4 -6.38 -32.43 19.34
N SER C 5 -5.61 -31.41 19.07
CA SER C 5 -5.45 -30.32 20.08
C SER C 5 -6.78 -29.58 20.24
N LYS C 6 -7.47 -29.35 19.15
CA LYS C 6 -8.77 -28.62 19.24
C LYS C 6 -9.63 -28.95 18.00
N LYS C 7 -10.92 -28.83 18.12
CA LYS C 7 -11.80 -29.11 16.95
C LYS C 7 -11.61 -27.99 15.90
N GLY C 8 -11.46 -26.77 16.34
CA GLY C 8 -11.28 -25.63 15.40
C GLY C 8 -11.95 -24.38 15.98
N GLN C 9 -11.68 -23.23 15.40
CA GLN C 9 -12.30 -21.96 15.92
C GLN C 9 -12.65 -21.04 14.76
N SER C 10 -13.52 -20.10 15.00
CA SER C 10 -13.90 -19.14 13.93
C SER C 10 -12.62 -18.52 13.38
N THR C 11 -11.57 -18.51 14.17
CA THR C 11 -10.28 -17.94 13.72
C THR C 11 -10.01 -18.32 12.26
N SER C 12 -10.58 -19.40 11.82
CA SER C 12 -10.37 -19.82 10.40
C SER C 12 -10.63 -18.62 9.49
N ARG C 13 -11.46 -17.71 9.94
CA ARG C 13 -11.76 -16.51 9.12
C ARG C 13 -10.46 -15.71 8.90
N HIS C 14 -9.65 -15.62 9.92
CA HIS C 14 -8.37 -14.88 9.80
C HIS C 14 -7.53 -15.55 8.72
N LYS C 15 -7.58 -16.85 8.66
CA LYS C 15 -6.78 -17.57 7.63
C LYS C 15 -7.19 -17.04 6.25
N LYS C 16 -8.42 -16.61 6.13
CA LYS C 16 -8.87 -16.08 4.81
C LYS C 16 -7.98 -14.89 4.44
N LEU C 17 -7.65 -14.05 5.38
CA LEU C 17 -6.75 -12.90 5.06
C LEU C 17 -5.31 -13.40 4.88
N MET C 18 -4.94 -14.50 5.47
CA MET C 18 -3.55 -14.99 5.30
C MET C 18 -3.26 -15.24 3.81
N PHE C 19 -4.29 -15.49 3.03
CA PHE C 19 -4.08 -15.78 1.58
C PHE C 19 -3.09 -14.76 0.98
N LYS C 20 -3.30 -13.49 1.24
CA LYS C 20 -2.39 -12.45 0.68
C LYS C 20 -1.00 -12.56 1.33
N THR C 21 -0.92 -12.91 2.58
CA THR C 21 0.43 -13.02 3.23
C THR C 21 1.25 -14.07 2.50
N GLU C 22 0.64 -15.16 2.11
CA GLU C 22 1.38 -16.23 1.39
N SER D 1 44.98 15.76 -5.94
CA SER D 1 43.66 16.43 -5.78
C SER D 1 42.54 15.39 -5.89
N HIS D 2 41.36 15.73 -5.43
CA HIS D 2 40.22 14.79 -5.51
C HIS D 2 39.59 14.86 -6.91
N LEU D 3 39.13 13.76 -7.43
CA LEU D 3 38.51 13.76 -8.80
C LEU D 3 36.98 13.58 -8.67
N LYS D 4 36.23 14.35 -9.42
CA LYS D 4 34.72 14.24 -9.36
C LYS D 4 34.24 13.41 -10.55
N SER D 5 33.45 12.40 -10.30
CA SER D 5 32.93 11.57 -11.42
C SER D 5 31.98 12.40 -12.28
N LYS D 6 31.16 13.21 -11.67
CA LYS D 6 30.21 14.05 -12.46
C LYS D 6 29.77 15.26 -11.62
N LYS D 7 29.37 16.31 -12.26
CA LYS D 7 28.90 17.51 -11.50
C LYS D 7 27.56 17.19 -10.82
N GLY D 8 26.70 16.47 -11.50
CA GLY D 8 25.38 16.12 -10.91
C GLY D 8 24.33 16.06 -12.03
N GLN D 9 23.18 15.53 -11.75
CA GLN D 9 22.10 15.43 -12.80
C GLN D 9 20.74 15.68 -12.18
N SER D 10 19.77 16.02 -12.99
CA SER D 10 18.40 16.26 -12.46
C SER D 10 17.98 15.04 -11.65
N THR D 11 18.56 13.91 -11.94
CA THR D 11 18.23 12.65 -11.21
C THR D 11 18.06 12.96 -9.71
N SER D 12 18.68 14.01 -9.25
CA SER D 12 18.53 14.37 -7.81
C SER D 12 17.04 14.37 -7.45
N ARG D 13 16.20 14.62 -8.41
CA ARG D 13 14.74 14.63 -8.15
C ARG D 13 14.31 13.24 -7.67
N HIS D 14 14.85 12.22 -8.28
CA HIS D 14 14.50 10.84 -7.88
C HIS D 14 14.88 10.64 -6.40
N LYS D 15 15.98 11.21 -6.01
CA LYS D 15 16.42 11.08 -4.59
C LYS D 15 15.30 11.60 -3.70
N LYS D 16 14.53 12.54 -4.18
CA LYS D 16 13.43 13.08 -3.36
C LYS D 16 12.47 11.94 -3.02
N LEU D 17 12.21 11.05 -3.95
CA LEU D 17 11.30 9.90 -3.63
C LEU D 17 12.06 8.87 -2.77
N MET D 18 13.36 8.83 -2.84
CA MET D 18 14.10 7.83 -2.00
C MET D 18 13.79 8.09 -0.52
N PHE D 19 13.43 9.30 -0.17
CA PHE D 19 13.16 9.61 1.26
C PHE D 19 12.28 8.51 1.89
N LYS D 20 11.24 8.12 1.23
CA LYS D 20 10.33 7.06 1.78
C LYS D 20 11.06 5.71 1.80
N THR D 21 11.88 5.43 0.82
CA THR D 21 12.60 4.13 0.81
C THR D 21 13.46 4.00 2.08
N GLU D 22 14.09 5.08 2.47
CA GLU D 22 14.94 5.04 3.69
CA CA E . -2.91 8.23 15.89
CA CA F . 5.59 0.27 14.31
CA CA G . -0.31 -4.95 -17.81
CA CA H . 8.57 -9.04 -9.04
N MET A 1 -9.97 5.76 -13.83
CA MET A 1 -8.92 5.94 -14.88
C MET A 1 -7.90 6.98 -14.42
N SER A 2 -6.69 6.58 -14.20
CA SER A 2 -5.65 7.56 -13.75
C SER A 2 -6.16 8.38 -12.56
N GLU A 3 -7.25 7.95 -11.98
CA GLU A 3 -7.79 8.68 -10.80
C GLU A 3 -6.88 8.41 -9.60
N LEU A 4 -5.84 7.67 -9.82
CA LEU A 4 -4.91 7.31 -8.71
C LEU A 4 -4.64 8.53 -7.82
N GLU A 5 -4.76 9.71 -8.36
CA GLU A 5 -4.51 10.91 -7.50
C GLU A 5 -5.66 11.03 -6.50
N LYS A 6 -6.85 10.76 -6.94
CA LYS A 6 -8.04 10.83 -6.06
C LYS A 6 -8.01 9.69 -5.02
N ALA A 7 -7.58 8.53 -5.43
CA ALA A 7 -7.55 7.38 -4.48
C ALA A 7 -6.52 7.60 -3.39
N MET A 8 -5.38 8.14 -3.73
CA MET A 8 -4.34 8.37 -2.70
C MET A 8 -4.80 9.45 -1.73
N VAL A 9 -5.44 10.46 -2.23
CA VAL A 9 -5.89 11.56 -1.34
C VAL A 9 -6.93 11.03 -0.34
N ALA A 10 -7.81 10.18 -0.79
CA ALA A 10 -8.88 9.65 0.12
C ALA A 10 -8.27 8.67 1.12
N LEU A 11 -7.31 7.91 0.69
CA LEU A 11 -6.68 6.93 1.60
C LEU A 11 -6.09 7.71 2.77
N ILE A 12 -5.50 8.83 2.47
CA ILE A 12 -4.89 9.69 3.51
C ILE A 12 -5.99 10.29 4.40
N ASP A 13 -7.11 10.67 3.83
CA ASP A 13 -8.20 11.30 4.65
C ASP A 13 -8.67 10.35 5.75
N VAL A 14 -8.86 9.09 5.45
CA VAL A 14 -9.36 8.14 6.50
C VAL A 14 -8.31 7.94 7.61
N PHE A 15 -7.07 7.78 7.25
CA PHE A 15 -6.02 7.56 8.29
C PHE A 15 -5.99 8.75 9.23
N HIS A 16 -6.13 9.94 8.71
CA HIS A 16 -6.11 11.15 9.57
C HIS A 16 -7.24 11.11 10.61
N GLN A 17 -8.39 10.60 10.25
CA GLN A 17 -9.51 10.58 11.22
C GLN A 17 -9.13 9.79 12.49
N TYR A 18 -8.44 8.69 12.35
CA TYR A 18 -8.09 7.88 13.58
C TYR A 18 -6.73 8.29 14.16
N SER A 19 -5.84 8.80 13.36
CA SER A 19 -4.50 9.18 13.89
C SER A 19 -4.68 10.24 14.98
N GLY A 20 -5.56 11.18 14.76
CA GLY A 20 -5.79 12.24 15.78
C GLY A 20 -6.76 11.75 16.85
N ARG A 21 -6.76 10.48 17.15
CA ARG A 21 -7.71 9.96 18.19
C ARG A 21 -7.34 10.54 19.55
N GLU A 22 -6.15 10.27 20.03
CA GLU A 22 -5.73 10.80 21.36
C GLU A 22 -4.69 11.90 21.14
N GLY A 23 -4.15 12.00 19.95
CA GLY A 23 -3.14 13.06 19.65
C GLY A 23 -1.92 12.42 18.97
N ASP A 24 -1.92 11.14 18.77
CA ASP A 24 -0.76 10.49 18.11
C ASP A 24 -0.90 10.67 16.59
N LYS A 25 -0.81 11.90 16.12
CA LYS A 25 -0.95 12.15 14.66
C LYS A 25 0.25 11.59 13.90
N HIS A 26 1.43 11.73 14.44
CA HIS A 26 2.66 11.25 13.73
C HIS A 26 2.85 9.74 13.92
N LYS A 27 2.16 9.14 14.84
CA LYS A 27 2.33 7.67 15.07
C LYS A 27 0.98 7.03 15.41
N LEU A 28 0.87 5.73 15.30
CA LEU A 28 -0.44 5.06 15.59
C LEU A 28 -0.18 3.86 16.50
N LYS A 29 -0.69 3.87 17.70
CA LYS A 29 -0.43 2.72 18.63
C LYS A 29 -1.36 1.56 18.29
N LYS A 30 -0.96 0.37 18.64
CA LYS A 30 -1.82 -0.81 18.38
C LYS A 30 -3.22 -0.49 18.91
N SER A 31 -3.28 0.46 19.80
CA SER A 31 -4.58 0.86 20.40
C SER A 31 -5.37 1.71 19.40
N GLU A 32 -4.76 2.71 18.84
CA GLU A 32 -5.49 3.54 17.85
C GLU A 32 -5.71 2.70 16.59
N LEU A 33 -4.80 1.80 16.32
CA LEU A 33 -4.95 0.91 15.14
C LEU A 33 -6.24 0.12 15.27
N LYS A 34 -6.50 -0.41 16.42
CA LYS A 34 -7.75 -1.21 16.62
C LYS A 34 -8.98 -0.36 16.33
N GLU A 35 -8.98 0.88 16.74
CA GLU A 35 -10.17 1.73 16.51
C GLU A 35 -10.36 1.93 15.00
N LEU A 36 -9.30 2.11 14.28
CA LEU A 36 -9.44 2.27 12.81
C LEU A 36 -10.05 1.01 12.21
N ILE A 37 -9.50 -0.13 12.55
CA ILE A 37 -10.00 -1.40 11.96
C ILE A 37 -11.39 -1.76 12.50
N ASN A 38 -11.63 -1.62 13.76
CA ASN A 38 -12.98 -2.00 14.30
C ASN A 38 -14.06 -1.04 13.79
N ASN A 39 -13.76 0.22 13.73
CA ASN A 39 -14.79 1.25 13.32
C ASN A 39 -14.66 1.69 11.85
N GLU A 40 -13.49 1.68 11.27
CA GLU A 40 -13.39 2.13 9.85
C GLU A 40 -13.86 0.99 8.95
N LEU A 41 -14.05 -0.16 9.53
CA LEU A 41 -14.51 -1.35 8.75
C LEU A 41 -15.74 -1.93 9.44
N SER A 42 -16.78 -1.16 9.57
CA SER A 42 -18.01 -1.67 10.27
C SER A 42 -18.55 -2.90 9.52
N HIS A 43 -18.56 -2.86 8.22
CA HIS A 43 -19.07 -4.04 7.45
C HIS A 43 -18.28 -4.18 6.15
N PHE A 44 -17.23 -3.41 5.99
CA PHE A 44 -16.41 -3.49 4.74
C PHE A 44 -15.30 -4.53 4.90
N LEU A 45 -15.06 -5.00 6.10
CA LEU A 45 -14.00 -6.03 6.32
C LEU A 45 -14.29 -6.75 7.63
N GLU A 46 -13.68 -7.87 7.85
CA GLU A 46 -13.94 -8.58 9.12
C GLU A 46 -13.53 -7.69 10.29
N GLU A 47 -14.46 -7.34 11.13
CA GLU A 47 -14.12 -6.49 12.30
C GLU A 47 -13.20 -7.24 13.23
N ILE A 48 -12.59 -6.54 14.14
CA ILE A 48 -11.69 -7.21 15.12
C ILE A 48 -12.52 -7.47 16.36
N LYS A 49 -12.66 -8.70 16.75
CA LYS A 49 -13.50 -9.02 17.93
C LYS A 49 -12.60 -9.19 19.16
N GLU A 50 -11.30 -9.28 18.95
CA GLU A 50 -10.35 -9.43 20.10
C GLU A 50 -9.10 -8.60 19.87
N GLN A 51 -8.53 -8.09 20.92
CA GLN A 51 -7.29 -7.28 20.80
C GLN A 51 -6.13 -8.19 20.34
N GLU A 52 -6.24 -9.46 20.58
CA GLU A 52 -5.12 -10.38 20.18
C GLU A 52 -4.92 -10.29 18.67
N VAL A 53 -5.97 -10.18 17.92
CA VAL A 53 -5.82 -10.09 16.45
C VAL A 53 -4.98 -8.87 16.13
N VAL A 54 -5.20 -7.81 16.84
CA VAL A 54 -4.44 -6.57 16.58
C VAL A 54 -2.97 -6.78 16.89
N ASP A 55 -2.66 -7.51 17.92
CA ASP A 55 -1.24 -7.71 18.28
C ASP A 55 -0.54 -8.54 17.19
N LYS A 56 -1.23 -9.48 16.64
CA LYS A 56 -0.64 -10.33 15.57
C LYS A 56 -0.39 -9.45 14.34
N VAL A 57 -1.32 -8.58 14.07
CA VAL A 57 -1.17 -7.67 12.93
C VAL A 57 0.00 -6.74 13.21
N MET A 58 0.18 -6.39 14.45
CA MET A 58 1.30 -5.48 14.79
C MET A 58 2.62 -6.21 14.59
N GLU A 59 2.66 -7.49 14.76
CA GLU A 59 3.95 -8.19 14.52
C GLU A 59 4.36 -7.86 13.08
N THR A 60 3.38 -7.79 12.22
CA THR A 60 3.65 -7.46 10.79
C THR A 60 3.89 -5.94 10.58
N LEU A 61 3.05 -5.10 11.16
CA LEU A 61 3.23 -3.63 10.96
C LEU A 61 4.16 -3.06 12.02
N ASP A 62 4.45 -3.78 13.06
CA ASP A 62 5.39 -3.25 14.07
C ASP A 62 6.77 -3.48 13.52
N GLU A 63 7.05 -2.85 12.41
CA GLU A 63 8.34 -3.03 11.73
C GLU A 63 9.48 -2.62 12.67
N ASP A 64 9.30 -1.57 13.43
CA ASP A 64 10.37 -1.14 14.37
C ASP A 64 10.28 -1.95 15.65
N GLY A 65 9.28 -2.81 15.76
CA GLY A 65 9.15 -3.66 16.97
C GLY A 65 8.86 -2.80 18.21
N ASP A 66 8.12 -1.73 18.07
CA ASP A 66 7.82 -0.85 19.25
C ASP A 66 6.37 -1.04 19.70
N GLY A 67 5.63 -1.91 19.05
CA GLY A 67 4.22 -2.12 19.44
C GLY A 67 3.38 -0.93 18.92
N GLU A 68 3.98 -0.15 18.08
CA GLU A 68 3.31 1.04 17.49
C GLU A 68 3.71 1.13 16.01
N CYS A 69 2.74 1.26 15.12
CA CYS A 69 3.05 1.36 13.67
C CYS A 69 2.84 2.81 13.22
N ASP A 70 3.80 3.35 12.52
CA ASP A 70 3.68 4.77 12.08
C ASP A 70 2.80 4.85 10.83
N PHE A 71 2.39 6.05 10.48
CA PHE A 71 1.53 6.23 9.29
C PHE A 71 2.19 5.52 8.09
N GLN A 72 3.49 5.54 8.02
CA GLN A 72 4.17 4.86 6.88
C GLN A 72 4.03 3.33 7.03
N GLU A 73 4.10 2.82 8.24
CA GLU A 73 3.96 1.35 8.43
C GLU A 73 2.51 0.93 8.15
N PHE A 74 1.58 1.70 8.61
CA PHE A 74 0.15 1.35 8.37
C PHE A 74 -0.16 1.54 6.89
N MET A 75 0.57 2.41 6.24
CA MET A 75 0.34 2.67 4.80
C MET A 75 0.54 1.35 4.04
N ALA A 76 1.49 0.57 4.45
CA ALA A 76 1.73 -0.71 3.73
C ALA A 76 0.57 -1.68 4.01
N PHE A 77 0.00 -1.65 5.18
CA PHE A 77 -1.13 -2.57 5.49
C PHE A 77 -2.30 -2.31 4.55
N VAL A 78 -2.56 -1.08 4.27
CA VAL A 78 -3.71 -0.72 3.37
C VAL A 78 -3.51 -1.34 1.99
N SER A 79 -2.30 -1.39 1.53
CA SER A 79 -2.06 -1.98 0.19
C SER A 79 -2.39 -3.48 0.25
N MET A 80 -2.01 -4.11 1.32
CA MET A 80 -2.26 -5.58 1.46
C MET A 80 -3.76 -5.88 1.44
N VAL A 81 -4.53 -5.15 2.20
CA VAL A 81 -6.01 -5.41 2.23
C VAL A 81 -6.63 -5.04 0.89
N THR A 82 -6.10 -4.04 0.26
CA THR A 82 -6.62 -3.59 -1.06
C THR A 82 -6.50 -4.74 -2.04
N THR A 83 -5.43 -5.45 -1.97
CA THR A 83 -5.23 -6.60 -2.89
C THR A 83 -6.38 -7.58 -2.70
N ALA A 84 -6.79 -7.78 -1.48
CA ALA A 84 -7.92 -8.71 -1.20
C ALA A 84 -9.17 -8.19 -1.93
N CYS A 85 -9.37 -6.90 -1.94
CA CYS A 85 -10.56 -6.33 -2.62
C CYS A 85 -10.55 -6.72 -4.10
N HIS A 86 -9.38 -6.80 -4.69
CA HIS A 86 -9.31 -7.16 -6.14
C HIS A 86 -9.93 -8.55 -6.34
N GLU A 87 -9.67 -9.46 -5.45
CA GLU A 87 -10.25 -10.82 -5.60
C GLU A 87 -11.78 -10.72 -5.61
N PHE A 88 -12.33 -9.95 -4.70
CA PHE A 88 -13.81 -9.81 -4.66
C PHE A 88 -14.28 -8.97 -5.84
N PHE A 89 -13.54 -7.94 -6.16
CA PHE A 89 -13.92 -7.06 -7.31
C PHE A 89 -13.20 -7.54 -8.55
N GLU A 90 -13.53 -8.72 -8.99
CA GLU A 90 -12.87 -9.26 -10.21
C GLU A 90 -13.56 -8.69 -11.45
N HIS A 91 -13.03 -7.62 -11.99
CA HIS A 91 -13.64 -6.99 -13.20
C HIS A 91 -13.58 -7.95 -14.39
N GLU A 92 -12.47 -8.60 -14.56
CA GLU A 92 -12.33 -9.56 -15.70
N MET B 1 -14.10 10.07 4.74
CA MET B 1 -14.46 9.46 6.04
C MET B 1 -14.84 7.99 5.82
N SER B 2 -14.08 7.09 6.36
CA SER B 2 -14.40 5.64 6.19
C SER B 2 -14.64 5.32 4.71
N GLU B 3 -14.31 6.23 3.85
CA GLU B 3 -14.48 5.99 2.38
C GLU B 3 -13.45 4.98 1.92
N LEU B 4 -12.65 4.51 2.83
CA LEU B 4 -11.57 3.55 2.49
C LEU B 4 -12.09 2.49 1.51
N GLU B 5 -13.36 2.22 1.52
CA GLU B 5 -13.88 1.20 0.56
C GLU B 5 -13.82 1.79 -0.85
N LYS B 6 -14.13 3.05 -0.96
CA LYS B 6 -14.10 3.73 -2.29
C LYS B 6 -12.64 3.88 -2.76
N ALA B 7 -11.75 4.19 -1.86
CA ALA B 7 -10.33 4.38 -2.27
C ALA B 7 -9.71 3.07 -2.73
N MET B 8 -10.00 2.00 -2.08
CA MET B 8 -9.41 0.69 -2.49
C MET B 8 -9.98 0.29 -3.85
N VAL B 9 -11.24 0.52 -4.06
CA VAL B 9 -11.84 0.12 -5.36
C VAL B 9 -11.21 0.91 -6.51
N ALA B 10 -10.97 2.17 -6.29
CA ALA B 10 -10.38 3.02 -7.38
C ALA B 10 -8.92 2.64 -7.61
N LEU B 11 -8.23 2.31 -6.56
CA LEU B 11 -6.80 1.95 -6.69
C LEU B 11 -6.73 0.73 -7.61
N ILE B 12 -7.65 -0.16 -7.43
CA ILE B 12 -7.70 -1.40 -8.26
C ILE B 12 -8.09 -1.04 -9.71
N ASP B 13 -8.97 -0.10 -9.90
CA ASP B 13 -9.40 0.27 -11.28
C ASP B 13 -8.21 0.75 -12.12
N VAL B 14 -7.36 1.57 -11.57
CA VAL B 14 -6.20 2.09 -12.37
C VAL B 14 -5.21 0.96 -12.71
N PHE B 15 -4.92 0.11 -11.77
CA PHE B 15 -3.95 -0.99 -12.05
C PHE B 15 -4.48 -1.86 -13.19
N HIS B 16 -5.76 -2.11 -13.20
CA HIS B 16 -6.36 -2.95 -14.28
C HIS B 16 -6.14 -2.32 -15.64
N GLN B 17 -6.18 -1.02 -15.75
CA GLN B 17 -6.02 -0.38 -17.08
C GLN B 17 -4.65 -0.74 -17.68
N TYR B 18 -3.60 -0.77 -16.90
CA TYR B 18 -2.25 -1.09 -17.48
C TYR B 18 -1.93 -2.59 -17.44
N SER B 19 -2.51 -3.31 -16.52
CA SER B 19 -2.21 -4.76 -16.43
C SER B 19 -2.62 -5.45 -17.74
N GLY B 20 -3.74 -5.06 -18.28
CA GLY B 20 -4.22 -5.67 -19.55
C GLY B 20 -3.55 -4.98 -20.75
N ARG B 21 -2.34 -4.49 -20.58
CA ARG B 21 -1.68 -3.80 -21.72
C ARG B 21 -1.41 -4.79 -22.85
N GLU B 22 -0.63 -5.81 -22.59
CA GLU B 22 -0.32 -6.83 -23.64
C GLU B 22 -1.06 -8.12 -23.31
N GLY B 23 -1.55 -8.25 -22.10
CA GLY B 23 -2.30 -9.48 -21.71
C GLY B 23 -1.78 -9.99 -20.37
N ASP B 24 -0.80 -9.34 -19.80
CA ASP B 24 -0.27 -9.82 -18.49
C ASP B 24 -1.18 -9.30 -17.38
N LYS B 25 -2.39 -9.78 -17.32
CA LYS B 25 -3.34 -9.31 -16.28
C LYS B 25 -2.92 -9.82 -14.90
N HIS B 26 -2.46 -11.04 -14.83
CA HIS B 26 -2.06 -11.62 -13.50
C HIS B 26 -0.66 -11.15 -13.09
N LYS B 27 0.10 -10.59 -14.00
CA LYS B 27 1.49 -10.14 -13.64
C LYS B 27 1.81 -8.84 -14.37
N LEU B 28 2.80 -8.13 -13.92
CA LEU B 28 3.16 -6.82 -14.57
C LEU B 28 4.66 -6.78 -14.83
N LYS B 29 5.09 -6.75 -16.07
CA LYS B 29 6.55 -6.73 -16.33
C LYS B 29 7.11 -5.32 -16.14
N LYS B 30 8.39 -5.22 -15.86
CA LYS B 30 9.02 -3.89 -15.70
C LYS B 30 8.61 -3.04 -16.89
N SER B 31 8.24 -3.70 -17.96
CA SER B 31 7.83 -2.97 -19.19
C SER B 31 6.43 -2.38 -19.01
N GLU B 32 5.49 -3.18 -18.59
CA GLU B 32 4.13 -2.63 -18.37
C GLU B 32 4.17 -1.68 -17.19
N LEU B 33 5.04 -1.94 -16.25
CA LEU B 33 5.17 -1.04 -15.07
C LEU B 33 5.54 0.36 -15.55
N LYS B 34 6.46 0.45 -16.45
CA LYS B 34 6.89 1.79 -16.96
C LYS B 34 5.70 2.53 -17.59
N GLU B 35 4.87 1.84 -18.31
CA GLU B 35 3.72 2.50 -18.95
C GLU B 35 2.79 3.06 -17.87
N LEU B 36 2.57 2.33 -16.83
CA LEU B 36 1.70 2.83 -15.74
C LEU B 36 2.30 4.10 -15.15
N ILE B 37 3.56 4.05 -14.81
CA ILE B 37 4.21 5.22 -14.16
C ILE B 37 4.38 6.38 -15.16
N ASN B 38 4.81 6.12 -16.35
CA ASN B 38 5.01 7.24 -17.33
C ASN B 38 3.67 7.87 -17.73
N ASN B 39 2.68 7.07 -17.93
CA ASN B 39 1.34 7.59 -18.41
C ASN B 39 0.32 7.75 -17.28
N GLU B 40 0.36 6.95 -16.24
CA GLU B 40 -0.68 7.12 -15.17
C GLU B 40 -0.28 8.30 -14.30
N LEU B 41 0.90 8.81 -14.51
CA LEU B 41 1.39 9.97 -13.72
C LEU B 41 1.88 11.04 -14.70
N SER B 42 1.01 11.52 -15.55
CA SER B 42 1.43 12.55 -16.54
C SER B 42 1.96 13.80 -15.81
N HIS B 43 1.32 14.20 -14.75
CA HIS B 43 1.78 15.41 -14.00
C HIS B 43 1.50 15.22 -12.50
N PHE B 44 1.06 14.05 -12.12
CA PHE B 44 0.75 13.80 -10.67
C PHE B 44 2.00 13.28 -9.94
N LEU B 45 3.02 12.93 -10.66
CA LEU B 45 4.28 12.44 -10.01
C LEU B 45 5.42 12.59 -11.00
N GLU B 46 6.64 12.52 -10.55
CA GLU B 46 7.77 12.66 -11.49
C GLU B 46 7.69 11.54 -12.52
N GLU B 47 7.55 11.88 -13.77
CA GLU B 47 7.48 10.86 -14.83
C GLU B 47 8.81 10.13 -14.92
N ILE B 48 8.84 9.02 -15.59
CA ILE B 48 10.10 8.27 -15.76
C ILE B 48 10.69 8.68 -17.09
N LYS B 49 11.86 9.24 -17.09
CA LYS B 49 12.47 9.71 -18.36
C LYS B 49 13.44 8.65 -18.88
N GLU B 50 13.78 7.68 -18.06
CA GLU B 50 14.71 6.60 -18.50
C GLU B 50 14.23 5.24 -17.97
N GLN B 51 14.48 4.21 -18.71
CA GLN B 51 14.08 2.84 -18.27
C GLN B 51 14.93 2.43 -17.06
N GLU B 52 16.08 3.01 -16.90
CA GLU B 52 16.96 2.64 -15.76
C GLU B 52 16.22 2.89 -14.44
N VAL B 53 15.48 3.96 -14.37
CA VAL B 53 14.74 4.25 -13.13
C VAL B 53 13.79 3.11 -12.84
N VAL B 54 13.20 2.59 -13.86
CA VAL B 54 12.25 1.47 -13.67
C VAL B 54 12.97 0.25 -13.16
N ASP B 55 14.15 -0.01 -13.62
CA ASP B 55 14.89 -1.22 -13.17
C ASP B 55 15.25 -1.08 -11.69
N LYS B 56 15.56 0.10 -11.27
CA LYS B 56 15.93 0.32 -9.84
C LYS B 56 14.68 0.11 -8.99
N VAL B 57 13.57 0.57 -9.49
CA VAL B 57 12.30 0.39 -8.76
C VAL B 57 11.99 -1.09 -8.72
N MET B 58 12.33 -1.79 -9.76
CA MET B 58 12.04 -3.25 -9.79
C MET B 58 12.91 -3.95 -8.77
N GLU B 59 14.08 -3.46 -8.49
CA GLU B 59 14.90 -4.13 -7.45
C GLU B 59 14.04 -4.18 -6.18
N THR B 60 13.30 -3.13 -5.95
CA THR B 60 12.42 -3.06 -4.76
C THR B 60 11.13 -3.88 -4.96
N LEU B 61 10.47 -3.74 -6.10
CA LEU B 61 9.20 -4.48 -6.31
C LEU B 61 9.47 -5.86 -6.90
N ASP B 62 10.66 -6.09 -7.39
CA ASP B 62 10.95 -7.45 -7.94
C ASP B 62 11.25 -8.32 -6.74
N GLU B 63 10.28 -8.48 -5.91
CA GLU B 63 10.46 -9.27 -4.67
C GLU B 63 10.88 -10.69 -5.03
N ASP B 64 10.30 -11.25 -6.06
CA ASP B 64 10.69 -12.64 -6.45
C ASP B 64 11.96 -12.60 -7.29
N GLY B 65 12.45 -11.41 -7.59
CA GLY B 65 13.72 -11.30 -8.38
C GLY B 65 13.51 -11.85 -9.81
N ASP B 66 12.35 -11.67 -10.38
CA ASP B 66 12.10 -12.18 -11.78
C ASP B 66 12.07 -11.03 -12.77
N GLY B 67 12.28 -9.83 -12.33
CA GLY B 67 12.25 -8.66 -13.26
C GLY B 67 10.79 -8.35 -13.60
N GLU B 68 9.90 -8.94 -12.86
CA GLU B 68 8.44 -8.73 -13.08
C GLU B 68 7.76 -8.64 -11.71
N CYS B 69 6.97 -7.61 -11.48
CA CYS B 69 6.27 -7.45 -10.17
C CYS B 69 4.79 -7.79 -10.35
N ASP B 70 4.27 -8.61 -9.50
CA ASP B 70 2.84 -9.01 -9.62
C ASP B 70 1.92 -7.93 -9.06
N PHE B 71 0.66 -8.01 -9.35
CA PHE B 71 -0.29 -7.00 -8.83
C PHE B 71 -0.10 -6.87 -7.33
N GLN B 72 0.20 -7.94 -6.64
CA GLN B 72 0.41 -7.84 -5.17
C GLN B 72 1.71 -7.08 -4.88
N GLU B 73 2.74 -7.29 -5.67
CA GLU B 73 4.02 -6.56 -5.44
C GLU B 73 3.85 -5.08 -5.77
N PHE B 74 3.16 -4.78 -6.84
CA PHE B 74 2.95 -3.36 -7.21
C PHE B 74 2.01 -2.72 -6.21
N MET B 75 1.17 -3.52 -5.61
CA MET B 75 0.21 -2.99 -4.61
C MET B 75 0.99 -2.32 -3.49
N ALA B 76 2.10 -2.89 -3.12
CA ALA B 76 2.89 -2.29 -2.03
C ALA B 76 3.51 -0.96 -2.49
N PHE B 77 3.90 -0.87 -3.73
CA PHE B 77 4.50 0.39 -4.25
C PHE B 77 3.51 1.55 -4.11
N VAL B 78 2.28 1.30 -4.39
CA VAL B 78 1.24 2.38 -4.32
C VAL B 78 1.16 2.93 -2.91
N SER B 79 1.30 2.09 -1.93
CA SER B 79 1.23 2.57 -0.53
C SER B 79 2.41 3.50 -0.26
N MET B 80 3.55 3.15 -0.76
CA MET B 80 4.78 3.98 -0.54
C MET B 80 4.62 5.37 -1.15
N VAL B 81 4.16 5.44 -2.37
CA VAL B 81 4.00 6.78 -3.02
C VAL B 81 2.88 7.55 -2.33
N THR B 82 1.88 6.85 -1.89
CA THR B 82 0.74 7.50 -1.19
C THR B 82 1.25 8.24 0.03
N THR B 83 2.17 7.64 0.71
CA THR B 83 2.74 8.28 1.93
C THR B 83 3.33 9.62 1.52
N ALA B 84 3.98 9.67 0.39
CA ALA B 84 4.56 10.96 -0.09
C ALA B 84 3.44 11.99 -0.25
N CYS B 85 2.32 11.58 -0.76
CA CYS B 85 1.19 12.53 -0.95
C CYS B 85 0.81 13.15 0.39
N HIS B 86 0.91 12.40 1.46
CA HIS B 86 0.55 12.96 2.80
C HIS B 86 1.43 14.16 3.09
N GLU B 87 2.69 14.08 2.78
CA GLU B 87 3.60 15.24 3.06
C GLU B 87 3.08 16.46 2.30
N PHE B 88 2.74 16.29 1.06
CA PHE B 88 2.23 17.44 0.25
C PHE B 88 0.85 17.83 0.74
N PHE B 89 0.03 16.85 1.04
CA PHE B 89 -1.36 17.13 1.51
C PHE B 89 -1.36 17.14 3.03
N GLU B 90 -0.67 18.08 3.61
CA GLU B 90 -0.62 18.16 5.09
C GLU B 90 -1.89 18.87 5.60
N HIS B 91 -2.89 18.12 5.96
CA HIS B 91 -4.16 18.71 6.45
C HIS B 91 -3.91 19.48 7.76
N GLU B 92 -3.14 18.90 8.64
CA GLU B 92 -2.85 19.57 9.94
N SER C 1 -2.28 -31.69 1.50
CA SER C 1 -2.43 -30.99 2.81
C SER C 1 -3.49 -31.70 3.65
N HIS C 2 -3.13 -32.11 4.84
CA HIS C 2 -4.11 -32.81 5.72
C HIS C 2 -5.01 -31.80 6.42
N LEU C 3 -6.28 -32.13 6.57
CA LEU C 3 -7.22 -31.20 7.25
C LEU C 3 -7.43 -31.65 8.69
N LYS C 4 -7.13 -30.81 9.63
CA LYS C 4 -7.30 -31.20 11.06
C LYS C 4 -8.79 -31.28 11.40
N SER C 5 -9.62 -30.66 10.60
CA SER C 5 -11.08 -30.71 10.87
C SER C 5 -11.39 -30.15 12.27
N LYS C 6 -10.68 -29.12 12.68
CA LYS C 6 -10.93 -28.53 14.03
C LYS C 6 -11.81 -27.28 13.88
N LYS C 7 -12.83 -27.16 14.69
CA LYS C 7 -13.72 -25.96 14.60
C LYS C 7 -12.89 -24.70 14.83
N GLY C 8 -11.98 -24.73 15.76
CA GLY C 8 -11.14 -23.54 16.04
C GLY C 8 -12.03 -22.39 16.53
N GLN C 9 -11.58 -21.16 16.35
CA GLN C 9 -12.38 -19.98 16.79
C GLN C 9 -12.45 -18.97 15.65
N SER C 10 -12.75 -17.73 15.95
CA SER C 10 -12.83 -16.70 14.88
C SER C 10 -11.53 -16.71 14.09
N THR C 11 -10.47 -17.15 14.70
CA THR C 11 -9.15 -17.18 13.99
C THR C 11 -9.32 -17.69 12.55
N SER C 12 -10.33 -18.46 12.29
CA SER C 12 -10.53 -18.95 10.91
C SER C 12 -10.72 -17.75 9.99
N ARG C 13 -11.45 -16.77 10.44
CA ARG C 13 -11.66 -15.56 9.60
C ARG C 13 -10.35 -14.77 9.51
N HIS C 14 -9.64 -14.70 10.61
CA HIS C 14 -8.34 -13.98 10.61
C HIS C 14 -7.41 -14.68 9.63
N LYS C 15 -7.48 -15.98 9.59
CA LYS C 15 -6.62 -16.77 8.66
C LYS C 15 -6.93 -16.34 7.23
N LYS C 16 -8.15 -15.99 6.93
CA LYS C 16 -8.47 -15.61 5.53
C LYS C 16 -7.62 -14.42 5.13
N LEU C 17 -7.41 -13.47 6.01
CA LEU C 17 -6.57 -12.28 5.65
C LEU C 17 -5.11 -12.74 5.50
N MET C 18 -4.71 -13.74 6.23
CA MET C 18 -3.29 -14.22 6.13
C MET C 18 -2.98 -14.63 4.69
N PHE C 19 -3.98 -14.98 3.92
CA PHE C 19 -3.74 -15.42 2.51
C PHE C 19 -2.64 -14.55 1.85
N LYS C 20 -2.74 -13.25 1.92
CA LYS C 20 -1.69 -12.40 1.28
C LYS C 20 -0.45 -12.30 2.18
N THR C 21 -0.60 -12.47 3.47
CA THR C 21 0.60 -12.39 4.35
C THR C 21 1.60 -13.46 3.91
N GLU C 22 1.10 -14.61 3.54
CA GLU C 22 2.02 -15.69 3.07
N SER D 1 26.35 15.67 8.11
CA SER D 1 26.39 15.05 6.75
C SER D 1 27.15 15.98 5.80
N HIS D 2 28.17 15.47 5.16
CA HIS D 2 28.97 16.30 4.21
C HIS D 2 28.26 16.38 2.87
N LEU D 3 28.30 17.52 2.22
CA LEU D 3 27.63 17.66 0.89
C LEU D 3 28.70 17.55 -0.21
N LYS D 4 28.55 16.61 -1.09
CA LYS D 4 29.53 16.44 -2.19
C LYS D 4 29.41 17.61 -3.17
N SER D 5 28.29 18.28 -3.17
CA SER D 5 28.11 19.43 -4.10
C SER D 5 28.28 18.98 -5.55
N LYS D 6 27.80 17.80 -5.87
CA LYS D 6 27.93 17.29 -7.28
C LYS D 6 26.62 17.51 -8.02
N LYS D 7 26.67 18.02 -9.22
CA LYS D 7 25.41 18.26 -9.99
C LYS D 7 24.68 16.94 -10.19
N GLY D 8 25.41 15.89 -10.46
CA GLY D 8 24.75 14.57 -10.66
C GLY D 8 23.83 14.63 -11.89
N GLN D 9 22.84 13.77 -11.93
CA GLN D 9 21.89 13.76 -13.09
C GLN D 9 20.45 13.75 -12.55
N SER D 10 19.51 13.36 -13.36
CA SER D 10 18.10 13.31 -12.90
C SER D 10 18.01 12.49 -11.61
N THR D 11 18.96 11.61 -11.40
CA THR D 11 18.93 10.76 -10.18
C THR D 11 18.59 11.61 -8.94
N SER D 12 18.86 12.89 -8.99
CA SER D 12 18.52 13.73 -7.81
C SER D 12 17.01 13.66 -7.57
N ARG D 13 16.24 13.67 -8.64
CA ARG D 13 14.77 13.58 -8.48
C ARG D 13 14.40 12.17 -8.01
N HIS D 14 15.06 11.19 -8.57
CA HIS D 14 14.78 9.79 -8.16
C HIS D 14 15.10 9.66 -6.67
N LYS D 15 16.13 10.31 -6.23
CA LYS D 15 16.52 10.25 -4.80
C LYS D 15 15.37 10.81 -3.95
N LYS D 16 14.64 11.76 -4.45
CA LYS D 16 13.55 12.32 -3.62
C LYS D 16 12.56 11.21 -3.28
N LEU D 17 12.26 10.32 -4.20
CA LEU D 17 11.30 9.22 -3.88
C LEU D 17 11.96 8.25 -2.88
N MET D 18 13.26 8.13 -2.92
CA MET D 18 13.95 7.21 -1.98
C MET D 18 13.64 7.61 -0.54
N PHE D 19 13.30 8.84 -0.30
CA PHE D 19 13.02 9.30 1.10
C PHE D 19 12.24 8.23 1.88
N LYS D 20 11.16 7.71 1.33
CA LYS D 20 10.38 6.68 2.08
C LYS D 20 11.06 5.30 1.95
N THR D 21 11.82 5.08 0.90
CA THR D 21 12.48 3.74 0.78
C THR D 21 13.39 3.53 1.99
N GLU D 22 14.03 4.59 2.43
CA GLU D 22 14.92 4.47 3.62
CA CA E . -2.60 7.91 15.52
CA CA F . 5.87 -0.26 14.43
CA CA G . 0.08 -6.53 -16.60
CA CA H . 8.83 -9.82 -8.63
N MET A 1 -8.32 6.11 -14.31
CA MET A 1 -7.49 6.91 -15.25
C MET A 1 -6.54 7.81 -14.45
N SER A 2 -5.37 7.32 -14.14
CA SER A 2 -4.39 8.15 -13.37
C SER A 2 -5.08 8.75 -12.14
N GLU A 3 -6.21 8.23 -11.76
CA GLU A 3 -6.90 8.74 -10.54
C GLU A 3 -6.15 8.24 -9.32
N LEU A 4 -4.92 7.84 -9.51
CA LEU A 4 -4.11 7.33 -8.38
C LEU A 4 -4.00 8.41 -7.31
N GLU A 5 -3.89 9.65 -7.70
CA GLU A 5 -3.76 10.73 -6.69
C GLU A 5 -5.00 10.73 -5.79
N LYS A 6 -6.14 10.49 -6.35
CA LYS A 6 -7.38 10.46 -5.53
C LYS A 6 -7.31 9.33 -4.51
N ALA A 7 -6.80 8.20 -4.91
CA ALA A 7 -6.74 7.05 -3.97
C ALA A 7 -5.74 7.34 -2.84
N MET A 8 -4.63 7.93 -3.14
CA MET A 8 -3.64 8.21 -2.08
C MET A 8 -4.24 9.16 -1.05
N VAL A 9 -4.99 10.12 -1.51
CA VAL A 9 -5.62 11.09 -0.58
C VAL A 9 -6.65 10.36 0.29
N ALA A 10 -7.37 9.46 -0.28
CA ALA A 10 -8.41 8.72 0.48
C ALA A 10 -7.80 7.90 1.61
N LEU A 11 -6.69 7.26 1.38
CA LEU A 11 -6.09 6.44 2.47
C LEU A 11 -5.79 7.35 3.66
N ILE A 12 -5.32 8.52 3.38
CA ILE A 12 -4.98 9.48 4.46
C ILE A 12 -6.24 9.97 5.19
N ASP A 13 -7.32 10.19 4.49
CA ASP A 13 -8.56 10.70 5.19
C ASP A 13 -9.17 9.65 6.11
N VAL A 14 -9.18 8.42 5.69
CA VAL A 14 -9.79 7.34 6.53
C VAL A 14 -8.90 7.07 7.76
N PHE A 15 -7.62 7.09 7.57
CA PHE A 15 -6.69 6.85 8.70
C PHE A 15 -6.94 7.89 9.78
N HIS A 16 -7.22 9.11 9.40
CA HIS A 16 -7.46 10.16 10.42
C HIS A 16 -8.77 9.90 11.17
N GLN A 17 -9.71 9.24 10.57
CA GLN A 17 -11.00 9.00 11.27
C GLN A 17 -10.76 8.21 12.56
N TYR A 18 -9.92 7.20 12.52
CA TYR A 18 -9.67 6.38 13.76
C TYR A 18 -8.48 6.92 14.56
N SER A 19 -7.43 7.32 13.91
CA SER A 19 -6.23 7.81 14.64
C SER A 19 -6.56 9.02 15.51
N GLY A 20 -7.36 9.91 15.03
CA GLY A 20 -7.70 11.12 15.83
C GLY A 20 -8.58 10.74 17.03
N ARG A 21 -9.05 9.53 17.08
CA ARG A 21 -9.93 9.13 18.23
C ARG A 21 -9.11 9.06 19.51
N GLU A 22 -7.93 8.49 19.43
CA GLU A 22 -7.05 8.34 20.65
C GLU A 22 -5.80 9.21 20.48
N GLY A 23 -5.22 9.63 21.57
CA GLY A 23 -4.00 10.49 21.52
C GLY A 23 -3.03 10.00 20.45
N ASP A 24 -3.15 8.77 20.03
CA ASP A 24 -2.21 8.26 18.99
C ASP A 24 -2.58 8.86 17.64
N LYS A 25 -2.58 10.16 17.53
CA LYS A 25 -2.93 10.82 16.24
C LYS A 25 -1.95 10.39 15.14
N HIS A 26 -0.68 10.31 15.46
CA HIS A 26 0.34 9.92 14.44
C HIS A 26 0.69 8.43 14.59
N LYS A 27 0.08 7.75 15.53
CA LYS A 27 0.40 6.30 15.72
C LYS A 27 -0.87 5.52 16.07
N LEU A 28 -0.78 4.22 16.04
CA LEU A 28 -1.96 3.37 16.34
C LEU A 28 -1.57 2.23 17.28
N LYS A 29 -2.38 1.94 18.25
CA LYS A 29 -2.10 0.81 19.17
C LYS A 29 -2.96 -0.36 18.71
N LYS A 30 -2.55 -1.57 18.97
CA LYS A 30 -3.38 -2.74 18.54
C LYS A 30 -4.83 -2.48 18.94
N SER A 31 -5.01 -1.65 19.92
CA SER A 31 -6.39 -1.34 20.39
C SER A 31 -7.11 -0.42 19.40
N GLU A 32 -6.54 0.71 19.07
CA GLU A 32 -7.21 1.62 18.11
C GLU A 32 -7.19 0.96 16.74
N LEU A 33 -6.19 0.15 16.50
CA LEU A 33 -6.12 -0.55 15.19
C LEU A 33 -7.34 -1.45 15.05
N LYS A 34 -7.74 -2.12 16.10
CA LYS A 34 -8.94 -3.01 16.04
C LYS A 34 -10.20 -2.23 15.65
N GLU A 35 -10.37 -1.04 16.15
CA GLU A 35 -11.58 -0.26 15.82
C GLU A 35 -11.51 0.14 14.35
N LEU A 36 -10.35 0.38 13.86
CA LEU A 36 -10.23 0.76 12.44
C LEU A 36 -10.72 -0.42 11.60
N ILE A 37 -10.22 -1.59 11.86
CA ILE A 37 -10.64 -2.79 11.06
C ILE A 37 -12.03 -3.29 11.46
N ASN A 38 -12.26 -3.44 12.74
CA ASN A 38 -13.57 -3.99 13.22
C ASN A 38 -14.75 -3.08 12.89
N ASN A 39 -14.59 -1.79 13.02
CA ASN A 39 -15.74 -0.86 12.76
C ASN A 39 -15.71 -0.27 11.35
N GLU A 40 -14.57 0.04 10.81
CA GLU A 40 -14.56 0.64 9.46
C GLU A 40 -15.00 -0.39 8.44
N LEU A 41 -14.56 -1.62 8.60
CA LEU A 41 -14.94 -2.70 7.65
C LEU A 41 -16.02 -3.59 8.29
N SER A 42 -17.17 -3.04 8.55
CA SER A 42 -18.25 -3.85 9.18
C SER A 42 -18.62 -5.03 8.27
N HIS A 43 -18.67 -4.81 6.98
CA HIS A 43 -19.04 -5.91 6.03
C HIS A 43 -18.11 -5.91 4.80
N PHE A 44 -17.44 -4.82 4.54
CA PHE A 44 -16.53 -4.78 3.36
C PHE A 44 -15.43 -5.84 3.50
N LEU A 45 -14.90 -6.02 4.69
CA LEU A 45 -13.83 -7.05 4.91
C LEU A 45 -14.27 -7.93 6.08
N GLU A 46 -13.72 -9.11 6.20
CA GLU A 46 -14.15 -9.98 7.33
C GLU A 46 -13.99 -9.20 8.64
N GLU A 47 -15.08 -8.91 9.27
CA GLU A 47 -15.02 -8.14 10.54
C GLU A 47 -14.35 -8.99 11.62
N ILE A 48 -13.68 -8.36 12.57
CA ILE A 48 -12.98 -9.13 13.64
C ILE A 48 -13.94 -9.40 14.80
N LYS A 49 -13.88 -10.58 15.38
CA LYS A 49 -14.79 -10.92 16.53
C LYS A 49 -13.95 -11.13 17.79
N GLU A 50 -12.65 -11.27 17.65
CA GLU A 50 -11.78 -11.49 18.84
C GLU A 50 -10.50 -10.64 18.71
N GLN A 51 -10.10 -10.00 19.77
CA GLN A 51 -8.88 -9.13 19.74
C GLN A 51 -7.62 -9.96 19.44
N GLU A 52 -7.66 -11.24 19.69
CA GLU A 52 -6.45 -12.08 19.42
C GLU A 52 -6.09 -12.01 17.96
N VAL A 53 -7.06 -12.01 17.09
CA VAL A 53 -6.75 -11.94 15.65
C VAL A 53 -5.99 -10.66 15.39
N VAL A 54 -6.38 -9.62 16.04
CA VAL A 54 -5.70 -8.33 15.84
C VAL A 54 -4.24 -8.46 16.27
N ASP A 55 -3.99 -9.16 17.34
CA ASP A 55 -2.58 -9.31 17.81
C ASP A 55 -1.76 -10.03 16.73
N LYS A 56 -2.34 -11.01 16.11
CA LYS A 56 -1.61 -11.77 15.06
C LYS A 56 -1.31 -10.82 13.89
N VAL A 57 -2.25 -9.99 13.57
CA VAL A 57 -2.03 -9.01 12.48
C VAL A 57 -0.95 -8.05 12.94
N MET A 58 -0.87 -7.81 14.22
CA MET A 58 0.17 -6.89 14.74
C MET A 58 1.53 -7.56 14.59
N GLU A 59 1.59 -8.85 14.59
CA GLU A 59 2.92 -9.49 14.42
C GLU A 59 3.44 -9.02 13.06
N THR A 60 2.57 -8.95 12.10
CA THR A 60 2.98 -8.47 10.74
C THR A 60 3.11 -6.93 10.71
N LEU A 61 2.20 -6.22 11.33
CA LEU A 61 2.27 -4.71 11.30
C LEU A 61 3.14 -4.19 12.44
N ASP A 62 3.39 -4.97 13.44
CA ASP A 62 4.24 -4.47 14.57
C ASP A 62 5.69 -4.59 14.13
N GLU A 63 6.02 -3.95 13.05
CA GLU A 63 7.41 -4.02 12.54
C GLU A 63 8.34 -3.47 13.62
N ASP A 64 7.87 -2.51 14.36
CA ASP A 64 8.73 -1.93 15.43
C ASP A 64 8.71 -2.87 16.64
N GLY A 65 7.85 -3.87 16.60
CA GLY A 65 7.77 -4.84 17.73
C GLY A 65 7.39 -4.11 19.02
N ASP A 66 6.60 -3.06 18.92
CA ASP A 66 6.20 -2.28 20.14
C ASP A 66 4.72 -2.55 20.49
N GLY A 67 4.09 -3.43 19.76
CA GLY A 67 2.65 -3.72 20.04
C GLY A 67 1.78 -2.61 19.43
N GLU A 68 2.39 -1.71 18.72
CA GLU A 68 1.64 -0.59 18.07
C GLU A 68 2.23 -0.34 16.69
N CYS A 69 1.40 -0.07 15.70
CA CYS A 69 1.91 0.18 14.31
C CYS A 69 1.72 1.66 13.98
N ASP A 70 2.70 2.23 13.35
CA ASP A 70 2.64 3.68 12.99
C ASP A 70 1.84 3.86 11.72
N PHE A 71 1.52 5.09 11.38
CA PHE A 71 0.76 5.34 10.15
C PHE A 71 1.49 4.66 9.00
N GLN A 72 2.79 4.73 9.00
CA GLN A 72 3.58 4.07 7.91
C GLN A 72 3.31 2.56 7.88
N GLU A 73 3.43 1.91 9.00
CA GLU A 73 3.22 0.43 9.03
C GLU A 73 1.80 0.07 8.60
N PHE A 74 0.84 0.83 9.04
CA PHE A 74 -0.57 0.56 8.65
C PHE A 74 -0.74 0.72 7.14
N MET A 75 -0.06 1.67 6.58
CA MET A 75 -0.18 1.92 5.12
C MET A 75 0.22 0.69 4.31
N ALA A 76 1.23 -0.01 4.73
CA ALA A 76 1.66 -1.19 3.92
C ALA A 76 0.60 -2.29 3.97
N PHE A 77 -0.10 -2.43 5.05
CA PHE A 77 -1.14 -3.50 5.14
C PHE A 77 -2.28 -3.22 4.17
N VAL A 78 -2.53 -1.98 3.89
CA VAL A 78 -3.63 -1.63 2.94
C VAL A 78 -3.28 -2.12 1.55
N SER A 79 -2.04 -2.01 1.17
CA SER A 79 -1.63 -2.46 -0.20
C SER A 79 -1.87 -3.96 -0.36
N MET A 80 -1.57 -4.73 0.64
CA MET A 80 -1.74 -6.20 0.52
C MET A 80 -3.22 -6.59 0.48
N VAL A 81 -4.04 -5.98 1.30
CA VAL A 81 -5.49 -6.36 1.30
C VAL A 81 -6.14 -5.99 -0.04
N THR A 82 -5.75 -4.88 -0.59
CA THR A 82 -6.32 -4.46 -1.89
C THR A 82 -6.01 -5.53 -2.92
N THR A 83 -4.84 -6.08 -2.83
CA THR A 83 -4.44 -7.12 -3.81
C THR A 83 -5.44 -8.28 -3.74
N ALA A 84 -5.88 -8.63 -2.55
CA ALA A 84 -6.88 -9.73 -2.43
C ALA A 84 -8.14 -9.32 -3.20
N CYS A 85 -8.49 -8.07 -3.13
CA CYS A 85 -9.69 -7.56 -3.83
C CYS A 85 -9.57 -7.79 -5.35
N HIS A 86 -8.39 -7.62 -5.89
CA HIS A 86 -8.22 -7.82 -7.35
C HIS A 86 -8.60 -9.26 -7.70
N GLU A 87 -8.23 -10.19 -6.86
CA GLU A 87 -8.58 -11.60 -7.13
C GLU A 87 -10.10 -11.78 -7.03
N PHE A 88 -10.73 -11.04 -6.15
CA PHE A 88 -12.22 -11.18 -5.97
C PHE A 88 -12.98 -10.18 -6.87
N PHE A 89 -12.36 -9.10 -7.27
CA PHE A 89 -13.09 -8.10 -8.13
C PHE A 89 -12.81 -8.40 -9.59
N GLU A 90 -12.45 -9.61 -9.88
CA GLU A 90 -12.17 -10.00 -11.28
C GLU A 90 -13.39 -9.69 -12.15
N HIS A 91 -13.37 -8.59 -12.84
CA HIS A 91 -14.53 -8.24 -13.72
C HIS A 91 -14.71 -9.34 -14.76
N GLU A 92 -13.63 -9.84 -15.29
CA GLU A 92 -13.71 -10.93 -16.30
N MET B 1 -14.52 8.72 5.01
CA MET B 1 -15.43 7.98 5.92
C MET B 1 -15.52 6.51 5.48
N SER B 2 -14.65 5.69 6.00
CA SER B 2 -14.66 4.25 5.63
C SER B 2 -14.71 4.10 4.10
N GLU B 3 -14.38 5.14 3.39
CA GLU B 3 -14.37 5.05 1.91
C GLU B 3 -13.12 4.27 1.50
N LEU B 4 -12.57 3.52 2.41
CA LEU B 4 -11.35 2.73 2.11
C LEU B 4 -11.65 1.77 0.97
N GLU B 5 -12.83 1.23 0.93
CA GLU B 5 -13.17 0.27 -0.16
C GLU B 5 -13.03 0.97 -1.51
N LYS B 6 -13.43 2.20 -1.59
CA LYS B 6 -13.32 2.96 -2.87
C LYS B 6 -11.85 3.10 -3.26
N ALA B 7 -10.99 3.35 -2.31
CA ALA B 7 -9.55 3.52 -2.64
C ALA B 7 -8.94 2.20 -3.11
N MET B 8 -9.29 1.12 -2.49
CA MET B 8 -8.72 -0.20 -2.91
C MET B 8 -9.12 -0.49 -4.35
N VAL B 9 -10.33 -0.19 -4.69
CA VAL B 9 -10.81 -0.43 -6.07
C VAL B 9 -10.04 0.44 -7.05
N ALA B 10 -9.79 1.66 -6.67
CA ALA B 10 -9.07 2.61 -7.57
C ALA B 10 -7.65 2.12 -7.88
N LEU B 11 -6.96 1.59 -6.91
CA LEU B 11 -5.57 1.13 -7.18
C LEU B 11 -5.62 0.06 -8.27
N ILE B 12 -6.60 -0.79 -8.19
CA ILE B 12 -6.73 -1.88 -9.18
C ILE B 12 -7.09 -1.34 -10.57
N ASP B 13 -7.92 -0.33 -10.66
CA ASP B 13 -8.30 0.20 -12.01
C ASP B 13 -7.12 0.88 -12.71
N VAL B 14 -6.34 1.62 -11.97
CA VAL B 14 -5.19 2.35 -12.59
C VAL B 14 -4.10 1.34 -13.01
N PHE B 15 -3.89 0.34 -12.21
CA PHE B 15 -2.86 -0.68 -12.54
C PHE B 15 -3.22 -1.33 -13.87
N HIS B 16 -4.47 -1.54 -14.12
CA HIS B 16 -4.88 -2.19 -15.40
C HIS B 16 -4.63 -1.25 -16.58
N GLN B 17 -4.65 0.03 -16.37
CA GLN B 17 -4.42 0.96 -17.50
C GLN B 17 -3.05 0.70 -18.14
N TYR B 18 -2.03 0.51 -17.34
CA TYR B 18 -0.67 0.28 -17.92
C TYR B 18 -0.37 -1.22 -18.11
N SER B 19 -0.76 -2.04 -17.19
CA SER B 19 -0.46 -3.50 -17.30
C SER B 19 -1.08 -4.10 -18.57
N GLY B 20 -2.28 -3.70 -18.90
CA GLY B 20 -2.94 -4.27 -20.11
C GLY B 20 -2.25 -3.77 -21.39
N ARG B 21 -1.36 -2.83 -21.28
CA ARG B 21 -0.67 -2.31 -22.49
C ARG B 21 0.28 -3.38 -23.06
N GLU B 22 1.00 -4.04 -22.18
CA GLU B 22 1.98 -5.10 -22.64
C GLU B 22 1.51 -6.48 -22.16
N GLY B 23 1.87 -7.51 -22.86
CA GLY B 23 1.46 -8.89 -22.48
C GLY B 23 1.57 -9.09 -20.96
N ASP B 24 2.33 -8.27 -20.29
CA ASP B 24 2.46 -8.45 -18.82
C ASP B 24 1.17 -7.98 -18.13
N LYS B 25 0.05 -8.56 -18.48
CA LYS B 25 -1.24 -8.16 -17.86
C LYS B 25 -1.19 -8.39 -16.35
N HIS B 26 -0.63 -9.48 -15.91
CA HIS B 26 -0.56 -9.78 -14.45
C HIS B 26 0.82 -9.41 -13.90
N LYS B 27 1.71 -8.91 -14.72
CA LYS B 27 3.08 -8.54 -14.24
C LYS B 27 3.55 -7.25 -14.90
N LEU B 28 4.63 -6.71 -14.41
CA LEU B 28 5.17 -5.44 -14.97
C LEU B 28 6.68 -5.54 -15.13
N LYS B 29 7.19 -5.07 -16.23
CA LYS B 29 8.66 -5.08 -16.43
C LYS B 29 9.16 -3.66 -16.12
N LYS B 30 10.39 -3.51 -15.72
CA LYS B 30 10.90 -2.14 -15.42
C LYS B 30 10.52 -1.21 -16.57
N SER B 31 10.29 -1.79 -17.72
CA SER B 31 9.92 -0.97 -18.91
C SER B 31 8.47 -0.48 -18.80
N GLU B 32 7.53 -1.37 -18.61
CA GLU B 32 6.12 -0.93 -18.51
C GLU B 32 5.96 -0.17 -17.20
N LEU B 33 6.75 -0.52 -16.22
CA LEU B 33 6.66 0.19 -14.93
C LEU B 33 7.02 1.66 -15.14
N LYS B 34 7.99 1.94 -15.97
CA LYS B 34 8.38 3.36 -16.24
C LYS B 34 7.20 4.14 -16.84
N GLU B 35 6.45 3.55 -17.72
CA GLU B 35 5.32 4.29 -18.34
C GLU B 35 4.26 4.53 -17.28
N LEU B 36 4.11 3.62 -16.36
CA LEU B 36 3.11 3.84 -15.31
C LEU B 36 3.51 5.08 -14.52
N ILE B 37 4.73 5.14 -14.07
CA ILE B 37 5.18 6.31 -13.26
C ILE B 37 5.44 7.54 -14.13
N ASN B 38 6.15 7.38 -15.22
CA ASN B 38 6.50 8.54 -16.08
C ASN B 38 5.27 9.18 -16.74
N ASN B 39 4.34 8.40 -17.19
CA ASN B 39 3.15 8.98 -17.89
C ASN B 39 1.95 9.15 -16.95
N GLU B 40 1.71 8.24 -16.05
CA GLU B 40 0.53 8.41 -15.16
C GLU B 40 0.74 9.61 -14.25
N LEU B 41 1.93 9.77 -13.75
CA LEU B 41 2.23 10.91 -12.82
C LEU B 41 2.99 12.00 -13.59
N SER B 42 2.38 12.59 -14.58
CA SER B 42 3.09 13.64 -15.37
C SER B 42 3.48 14.81 -14.44
N HIS B 43 2.62 15.17 -13.52
CA HIS B 43 2.94 16.33 -12.61
C HIS B 43 2.55 15.97 -11.17
N PHE B 44 1.71 15.00 -10.97
CA PHE B 44 1.31 14.64 -9.58
C PHE B 44 2.53 14.20 -8.78
N LEU B 45 3.43 13.45 -9.38
CA LEU B 45 4.66 12.99 -8.67
C LEU B 45 5.87 13.38 -9.51
N GLU B 46 7.03 13.45 -8.93
CA GLU B 46 8.21 13.83 -9.75
C GLU B 46 8.29 12.89 -10.96
N GLU B 47 8.08 13.43 -12.12
CA GLU B 47 8.13 12.60 -13.35
C GLU B 47 9.56 12.09 -13.57
N ILE B 48 9.72 10.93 -14.18
CA ILE B 48 11.09 10.36 -14.42
C ILE B 48 11.64 10.88 -15.74
N LYS B 49 12.91 11.20 -15.77
CA LYS B 49 13.54 11.71 -17.04
C LYS B 49 14.60 10.70 -17.52
N GLU B 50 14.96 9.75 -16.70
CA GLU B 50 15.99 8.74 -17.12
C GLU B 50 15.57 7.35 -16.64
N GLN B 51 15.71 6.36 -17.48
CA GLN B 51 15.29 4.97 -17.10
C GLN B 51 16.15 4.45 -15.94
N GLU B 52 17.31 4.99 -15.74
CA GLU B 52 18.18 4.50 -14.63
C GLU B 52 17.47 4.66 -13.30
N VAL B 53 16.76 5.75 -13.12
CA VAL B 53 16.04 5.94 -11.85
C VAL B 53 15.06 4.80 -11.67
N VAL B 54 14.44 4.41 -12.73
CA VAL B 54 13.47 3.31 -12.65
C VAL B 54 14.18 2.05 -12.19
N ASP B 55 15.37 1.80 -12.67
CA ASP B 55 16.11 0.58 -12.26
C ASP B 55 16.35 0.61 -10.75
N LYS B 56 16.68 1.76 -10.24
CA LYS B 56 16.95 1.87 -8.77
C LYS B 56 15.65 1.57 -8.02
N VAL B 57 14.56 2.04 -8.53
CA VAL B 57 13.26 1.77 -7.88
C VAL B 57 12.99 0.28 -7.99
N MET B 58 13.49 -0.32 -9.04
CA MET B 58 13.27 -1.78 -9.21
C MET B 58 14.09 -2.53 -8.18
N GLU B 59 15.17 -1.97 -7.71
CA GLU B 59 15.95 -2.69 -6.68
C GLU B 59 15.01 -2.87 -5.49
N THR B 60 14.22 -1.87 -5.21
CA THR B 60 13.24 -1.98 -4.09
C THR B 60 12.00 -2.80 -4.49
N LEU B 61 11.50 -2.61 -5.70
CA LEU B 61 10.27 -3.37 -6.14
C LEU B 61 10.66 -4.71 -6.76
N ASP B 62 11.88 -4.88 -7.16
CA ASP B 62 12.27 -6.19 -7.77
C ASP B 62 12.52 -7.16 -6.64
N GLU B 63 11.54 -7.37 -5.83
CA GLU B 63 11.70 -8.30 -4.69
C GLU B 63 12.04 -9.68 -5.23
N ASP B 64 11.52 -10.01 -6.37
CA ASP B 64 11.83 -11.34 -6.98
C ASP B 64 13.21 -11.26 -7.62
N GLY B 65 13.78 -10.09 -7.70
CA GLY B 65 15.13 -9.95 -8.32
C GLY B 65 15.10 -10.41 -9.78
N ASP B 66 13.99 -10.23 -10.45
CA ASP B 66 13.88 -10.68 -11.89
C ASP B 66 13.88 -9.47 -12.82
N GLY B 67 14.04 -8.29 -12.30
CA GLY B 67 14.06 -7.08 -13.17
C GLY B 67 12.62 -6.70 -13.50
N GLU B 68 11.67 -7.38 -12.93
CA GLU B 68 10.23 -7.08 -13.17
C GLU B 68 9.47 -7.21 -11.84
N CYS B 69 8.53 -6.34 -11.60
CA CYS B 69 7.74 -6.40 -10.32
C CYS B 69 6.31 -6.84 -10.64
N ASP B 70 5.77 -7.70 -9.82
CA ASP B 70 4.40 -8.22 -10.05
C ASP B 70 3.37 -7.21 -9.53
N PHE B 71 2.12 -7.43 -9.83
CA PHE B 71 1.08 -6.51 -9.34
C PHE B 71 1.23 -6.40 -7.82
N GLN B 72 1.51 -7.48 -7.16
CA GLN B 72 1.69 -7.45 -5.69
C GLN B 72 2.85 -6.52 -5.30
N GLU B 73 3.99 -6.68 -5.90
CA GLU B 73 5.15 -5.82 -5.55
C GLU B 73 4.85 -4.35 -5.82
N PHE B 74 4.20 -4.07 -6.92
CA PHE B 74 3.86 -2.67 -7.26
C PHE B 74 2.90 -2.09 -6.21
N MET B 75 2.02 -2.90 -5.72
CA MET B 75 1.03 -2.44 -4.72
C MET B 75 1.72 -1.92 -3.46
N ALA B 76 2.78 -2.55 -3.04
CA ALA B 76 3.44 -2.07 -1.80
C ALA B 76 4.09 -0.70 -2.01
N PHE B 77 4.57 -0.43 -3.17
CA PHE B 77 5.22 0.90 -3.44
C PHE B 77 4.20 2.02 -3.36
N VAL B 78 2.98 1.73 -3.66
CA VAL B 78 1.91 2.78 -3.61
C VAL B 78 1.68 3.20 -2.17
N SER B 79 1.73 2.26 -1.25
CA SER B 79 1.49 2.61 0.18
C SER B 79 2.57 3.56 0.67
N MET B 80 3.79 3.34 0.30
CA MET B 80 4.88 4.23 0.79
C MET B 80 4.79 5.62 0.18
N VAL B 81 4.49 5.73 -1.09
CA VAL B 81 4.43 7.09 -1.72
C VAL B 81 3.27 7.88 -1.11
N THR B 82 2.18 7.23 -0.84
CA THR B 82 1.02 7.94 -0.24
C THR B 82 1.44 8.53 1.08
N THR B 83 2.25 7.81 1.80
CA THR B 83 2.71 8.30 3.12
C THR B 83 3.43 9.64 2.92
N ALA B 84 4.21 9.77 1.88
CA ALA B 84 4.90 11.06 1.62
C ALA B 84 3.84 12.16 1.45
N CYS B 85 2.77 11.82 0.79
CA CYS B 85 1.68 12.81 0.56
C CYS B 85 1.12 13.31 1.88
N HIS B 86 1.01 12.46 2.87
CA HIS B 86 0.47 12.90 4.19
C HIS B 86 1.36 14.01 4.73
N GLU B 87 2.64 13.87 4.58
CA GLU B 87 3.58 14.91 5.07
C GLU B 87 3.37 16.21 4.26
N PHE B 88 3.04 16.08 3.00
CA PHE B 88 2.85 17.28 2.14
C PHE B 88 1.39 17.74 2.12
N PHE B 89 0.46 16.86 2.40
CA PHE B 89 -0.99 17.26 2.37
C PHE B 89 -1.42 17.68 3.77
N GLU B 90 -0.48 18.06 4.58
CA GLU B 90 -0.83 18.46 5.97
C GLU B 90 -1.83 19.61 5.92
N HIS B 91 -3.08 19.31 6.10
CA HIS B 91 -4.12 20.38 6.07
C HIS B 91 -3.82 21.40 7.17
N GLU B 92 -3.39 20.93 8.31
CA GLU B 92 -3.05 21.85 9.43
N SER C 1 -20.60 -39.39 25.72
CA SER C 1 -21.90 -39.63 25.05
C SER C 1 -22.48 -38.32 24.53
N HIS C 2 -21.91 -37.21 24.94
CA HIS C 2 -22.41 -35.89 24.48
C HIS C 2 -21.96 -35.65 23.05
N LEU C 3 -22.76 -34.97 22.26
CA LEU C 3 -22.35 -34.71 20.85
C LEU C 3 -21.26 -33.64 20.86
N LYS C 4 -20.18 -33.89 20.17
CA LYS C 4 -19.07 -32.90 20.14
C LYS C 4 -19.57 -31.60 19.50
N SER C 5 -20.33 -31.69 18.44
CA SER C 5 -20.86 -30.47 17.76
C SER C 5 -19.76 -29.40 17.68
N LYS C 6 -18.57 -29.78 17.27
CA LYS C 6 -17.46 -28.80 17.17
C LYS C 6 -17.27 -28.37 15.72
N LYS C 7 -17.50 -27.12 15.42
CA LYS C 7 -17.34 -26.64 14.02
C LYS C 7 -15.95 -26.05 13.84
N GLY C 8 -15.15 -26.07 14.89
CA GLY C 8 -13.77 -25.50 14.81
C GLY C 8 -13.78 -24.08 15.36
N GLN C 9 -12.67 -23.39 15.25
CA GLN C 9 -12.58 -21.99 15.76
C GLN C 9 -12.66 -20.99 14.61
N SER C 10 -13.36 -19.91 14.81
CA SER C 10 -13.48 -18.89 13.73
C SER C 10 -12.09 -18.33 13.41
N THR C 11 -11.21 -18.34 14.38
CA THR C 11 -9.82 -17.81 14.15
C THR C 11 -9.32 -18.24 12.77
N SER C 12 -9.86 -19.31 12.26
CA SER C 12 -9.45 -19.78 10.91
C SER C 12 -9.51 -18.61 9.94
N ARG C 13 -10.38 -17.67 10.18
CA ARG C 13 -10.51 -16.50 9.26
C ARG C 13 -9.18 -15.74 9.16
N HIS C 14 -8.47 -15.57 10.24
CA HIS C 14 -7.19 -14.81 10.17
C HIS C 14 -6.24 -15.55 9.22
N LYS C 15 -6.21 -16.85 9.28
CA LYS C 15 -5.32 -17.64 8.40
C LYS C 15 -5.67 -17.38 6.94
N LYS C 16 -6.93 -17.24 6.65
CA LYS C 16 -7.34 -17.02 5.24
C LYS C 16 -6.64 -15.77 4.71
N LEU C 17 -6.52 -14.73 5.50
CA LEU C 17 -5.82 -13.49 5.03
C LEU C 17 -4.31 -13.76 4.93
N MET C 18 -3.80 -14.68 5.71
CA MET C 18 -2.34 -14.95 5.66
C MET C 18 -1.94 -15.33 4.23
N PHE C 19 -2.86 -15.83 3.45
CA PHE C 19 -2.52 -16.23 2.04
C PHE C 19 -1.56 -15.20 1.42
N LYS C 20 -1.89 -13.94 1.51
CA LYS C 20 -1.01 -12.88 0.92
C LYS C 20 0.25 -12.69 1.77
N THR C 21 0.15 -12.88 3.06
CA THR C 21 1.37 -12.68 3.92
C THR C 21 2.45 -13.65 3.46
N GLU C 22 2.06 -14.84 3.09
CA GLU C 22 3.06 -15.83 2.60
N SER D 1 40.16 26.82 -17.57
CA SER D 1 39.68 28.23 -17.63
C SER D 1 38.18 28.25 -17.97
N HIS D 2 37.64 27.13 -18.38
CA HIS D 2 36.20 27.08 -18.73
C HIS D 2 35.37 27.07 -17.44
N LEU D 3 34.22 27.67 -17.46
CA LEU D 3 33.37 27.68 -16.23
C LEU D 3 32.78 26.28 -16.03
N LYS D 4 32.90 25.74 -14.86
CA LYS D 4 32.36 24.38 -14.60
C LYS D 4 30.84 24.39 -14.80
N SER D 5 30.18 25.41 -14.32
CA SER D 5 28.70 25.49 -14.47
C SER D 5 28.06 24.12 -14.21
N LYS D 6 28.46 23.46 -13.16
CA LYS D 6 27.89 22.11 -12.85
C LYS D 6 26.84 22.24 -11.74
N LYS D 7 25.60 21.95 -12.05
CA LYS D 7 24.53 22.06 -11.02
C LYS D 7 24.31 20.69 -10.37
N GLY D 8 25.06 19.71 -10.79
CA GLY D 8 24.91 18.33 -10.22
C GLY D 8 24.04 17.49 -11.14
N GLN D 9 23.70 16.30 -10.71
CA GLN D 9 22.85 15.40 -11.56
C GLN D 9 21.42 15.38 -11.03
N SER D 10 20.46 15.38 -11.92
CA SER D 10 19.04 15.36 -11.48
C SER D 10 18.77 14.07 -10.71
N THR D 11 19.50 13.03 -11.01
CA THR D 11 19.31 11.72 -10.30
C THR D 11 19.07 11.97 -8.81
N SER D 12 19.54 13.07 -8.32
CA SER D 12 19.33 13.40 -6.88
C SER D 12 17.85 13.24 -6.54
N ARG D 13 16.99 13.42 -7.50
CA ARG D 13 15.53 13.30 -7.23
C ARG D 13 15.20 11.88 -6.73
N HIS D 14 15.80 10.87 -7.29
CA HIS D 14 15.47 9.48 -6.83
C HIS D 14 15.82 9.35 -5.34
N LYS D 15 16.92 9.92 -4.95
CA LYS D 15 17.34 9.85 -3.52
C LYS D 15 16.28 10.50 -2.64
N LYS D 16 15.69 11.56 -3.10
CA LYS D 16 14.67 12.25 -2.27
C LYS D 16 13.56 11.26 -1.92
N LEU D 17 13.15 10.43 -2.84
CA LEU D 17 12.08 9.44 -2.53
C LEU D 17 12.63 8.35 -1.59
N MET D 18 13.91 8.11 -1.62
CA MET D 18 14.48 7.05 -0.75
C MET D 18 14.16 7.37 0.71
N PHE D 19 13.93 8.62 1.04
CA PHE D 19 13.61 8.98 2.45
C PHE D 19 12.68 7.93 3.09
N LYS D 20 11.62 7.58 2.41
CA LYS D 20 10.68 6.56 2.96
C LYS D 20 11.29 5.16 2.88
N THR D 21 12.08 4.90 1.87
CA THR D 21 12.67 3.53 1.74
C THR D 21 13.51 3.25 2.99
N GLU D 22 14.18 4.24 3.49
CA GLU D 22 14.99 4.04 4.73
CA CA E . -4.40 6.96 16.30
CA CA F . 5.68 -1.28 15.09
CA CA G . 1.47 -5.17 -17.23
CA CA H . 10.27 -8.95 -8.63
N MET A 1 -8.60 5.93 -14.97
CA MET A 1 -8.25 7.04 -15.89
C MET A 1 -7.39 8.07 -15.15
N SER A 2 -6.23 7.67 -14.69
CA SER A 2 -5.36 8.62 -13.94
C SER A 2 -6.08 9.10 -12.68
N GLU A 3 -6.98 8.30 -12.18
CA GLU A 3 -7.73 8.67 -10.94
C GLU A 3 -6.83 8.46 -9.73
N LEU A 4 -5.70 7.84 -9.92
CA LEU A 4 -4.77 7.56 -8.79
C LEU A 4 -4.68 8.78 -7.87
N GLU A 5 -4.95 9.94 -8.36
CA GLU A 5 -4.88 11.14 -7.49
C GLU A 5 -6.00 11.13 -6.46
N LYS A 6 -7.18 10.72 -6.82
CA LYS A 6 -8.29 10.70 -5.84
C LYS A 6 -8.08 9.57 -4.84
N ALA A 7 -7.51 8.49 -5.28
CA ALA A 7 -7.32 7.33 -4.37
C ALA A 7 -6.26 7.65 -3.32
N MET A 8 -5.19 8.29 -3.69
CA MET A 8 -4.14 8.60 -2.70
C MET A 8 -4.69 9.56 -1.65
N VAL A 9 -5.47 10.50 -2.07
CA VAL A 9 -6.05 11.49 -1.11
C VAL A 9 -7.03 10.78 -0.17
N ALA A 10 -7.75 9.82 -0.69
CA ALA A 10 -8.76 9.10 0.15
C ALA A 10 -8.08 8.29 1.25
N LEU A 11 -6.96 7.68 0.98
CA LEU A 11 -6.31 6.87 2.05
C LEU A 11 -6.00 7.78 3.21
N ILE A 12 -5.57 8.97 2.93
CA ILE A 12 -5.23 9.93 4.01
C ILE A 12 -6.50 10.36 4.75
N ASP A 13 -7.59 10.59 4.05
CA ASP A 13 -8.85 11.04 4.74
C ASP A 13 -9.32 9.99 5.77
N VAL A 14 -9.23 8.73 5.44
CA VAL A 14 -9.67 7.66 6.38
C VAL A 14 -8.72 7.59 7.57
N PHE A 15 -7.48 7.87 7.36
CA PHE A 15 -6.50 7.80 8.47
C PHE A 15 -6.95 8.73 9.59
N HIS A 16 -7.33 9.93 9.25
CA HIS A 16 -7.78 10.90 10.31
C HIS A 16 -9.20 10.56 10.77
N GLN A 17 -9.96 9.86 9.97
CA GLN A 17 -11.36 9.56 10.36
C GLN A 17 -11.42 8.86 11.71
N TYR A 18 -10.53 7.92 11.99
CA TYR A 18 -10.58 7.21 13.32
C TYR A 18 -9.27 7.41 14.10
N SER A 19 -8.18 7.68 13.43
CA SER A 19 -6.89 7.86 14.17
C SER A 19 -6.99 9.07 15.09
N GLY A 20 -7.60 10.13 14.63
CA GLY A 20 -7.73 11.36 15.47
C GLY A 20 -8.73 11.13 16.60
N ARG A 21 -9.33 9.97 16.66
CA ARG A 21 -10.32 9.69 17.74
C ARG A 21 -9.65 9.84 19.10
N GLU A 22 -8.48 9.26 19.26
CA GLU A 22 -7.75 9.34 20.57
C GLU A 22 -6.44 10.12 20.40
N GLY A 23 -5.79 10.42 21.48
CA GLY A 23 -4.52 11.20 21.43
C GLY A 23 -3.52 10.58 20.45
N ASP A 24 -3.54 9.29 20.26
CA ASP A 24 -2.57 8.67 19.33
C ASP A 24 -2.90 9.08 17.88
N LYS A 25 -3.15 10.34 17.66
CA LYS A 25 -3.48 10.79 16.27
C LYS A 25 -2.25 10.62 15.38
N HIS A 26 -1.07 10.89 15.89
CA HIS A 26 0.16 10.79 15.07
C HIS A 26 0.61 9.32 14.90
N LYS A 27 0.10 8.42 15.70
CA LYS A 27 0.50 6.98 15.55
C LYS A 27 -0.72 6.08 15.76
N LEU A 28 -0.71 4.91 15.19
CA LEU A 28 -1.88 3.98 15.34
C LEU A 28 -1.54 2.85 16.30
N LYS A 29 -2.11 2.82 17.47
CA LYS A 29 -1.81 1.71 18.40
C LYS A 29 -2.67 0.50 18.01
N LYS A 30 -2.23 -0.70 18.28
CA LYS A 30 -3.05 -1.90 17.92
C LYS A 30 -4.50 -1.64 18.31
N SER A 31 -4.69 -0.72 19.21
CA SER A 31 -6.08 -0.38 19.64
C SER A 31 -6.78 0.43 18.55
N GLU A 32 -6.14 1.44 18.02
CA GLU A 32 -6.76 2.25 16.95
C GLU A 32 -6.84 1.39 15.69
N LEU A 33 -5.87 0.55 15.49
CA LEU A 33 -5.88 -0.33 14.29
C LEU A 33 -7.13 -1.20 14.33
N LYS A 34 -7.47 -1.69 15.49
CA LYS A 34 -8.70 -2.54 15.59
C LYS A 34 -9.92 -1.73 15.14
N GLU A 35 -9.98 -0.48 15.50
CA GLU A 35 -11.16 0.35 15.12
C GLU A 35 -11.24 0.44 13.60
N LEU A 36 -10.13 0.58 12.94
CA LEU A 36 -10.14 0.64 11.47
C LEU A 36 -10.75 -0.65 10.95
N ILE A 37 -10.26 -1.75 11.41
CA ILE A 37 -10.76 -3.07 10.93
C ILE A 37 -12.15 -3.43 11.48
N ASN A 38 -12.37 -3.28 12.75
CA ASN A 38 -13.68 -3.71 13.32
C ASN A 38 -14.81 -2.71 13.05
N ASN A 39 -14.54 -1.45 13.21
CA ASN A 39 -15.62 -0.42 13.05
C ASN A 39 -15.66 0.22 11.66
N GLU A 40 -14.56 0.38 10.99
CA GLU A 40 -14.60 1.06 9.66
C GLU A 40 -14.90 0.04 8.55
N LEU A 41 -14.85 -1.24 8.85
CA LEU A 41 -15.14 -2.28 7.81
C LEU A 41 -16.43 -3.01 8.17
N SER A 42 -17.50 -2.29 8.39
CA SER A 42 -18.78 -2.94 8.76
C SER A 42 -19.19 -3.93 7.66
N HIS A 43 -18.94 -5.19 7.88
CA HIS A 43 -19.29 -6.24 6.88
C HIS A 43 -18.66 -5.93 5.53
N PHE A 44 -17.97 -4.83 5.41
CA PHE A 44 -17.32 -4.51 4.11
C PHE A 44 -16.16 -5.50 3.90
N LEU A 45 -15.46 -5.82 4.97
CA LEU A 45 -14.32 -6.79 4.88
C LEU A 45 -14.49 -7.85 5.97
N GLU A 46 -13.41 -8.31 6.54
CA GLU A 46 -13.53 -9.34 7.63
C GLU A 46 -13.52 -8.62 8.97
N GLU A 47 -14.66 -8.56 9.62
CA GLU A 47 -14.71 -7.88 10.94
C GLU A 47 -13.94 -8.72 11.96
N ILE A 48 -13.14 -8.09 12.79
CA ILE A 48 -12.39 -8.87 13.83
C ILE A 48 -13.24 -8.87 15.10
N LYS A 49 -13.35 -10.01 15.74
CA LYS A 49 -14.21 -10.11 16.95
C LYS A 49 -13.35 -10.29 18.20
N GLU A 50 -12.14 -10.77 18.06
CA GLU A 50 -11.25 -10.98 19.25
C GLU A 50 -9.96 -10.17 19.08
N GLN A 51 -9.53 -9.53 20.14
CA GLN A 51 -8.30 -8.68 20.10
C GLN A 51 -7.07 -9.54 19.73
N GLU A 52 -7.11 -10.81 20.00
CA GLU A 52 -5.93 -11.67 19.69
C GLU A 52 -5.63 -11.63 18.20
N VAL A 53 -6.63 -11.59 17.36
CA VAL A 53 -6.35 -11.53 15.90
C VAL A 53 -5.54 -10.28 15.62
N VAL A 54 -5.88 -9.21 16.28
CA VAL A 54 -5.15 -7.94 16.07
C VAL A 54 -3.71 -8.08 16.55
N ASP A 55 -3.48 -8.84 17.58
CA ASP A 55 -2.10 -9.01 18.10
C ASP A 55 -1.24 -9.76 17.08
N LYS A 56 -1.83 -10.71 16.44
CA LYS A 56 -1.09 -11.50 15.42
C LYS A 56 -0.83 -10.61 14.21
N VAL A 57 -1.80 -9.80 13.87
CA VAL A 57 -1.65 -8.88 12.73
C VAL A 57 -0.58 -7.85 13.11
N MET A 58 -0.49 -7.55 14.38
CA MET A 58 0.53 -6.59 14.84
C MET A 58 1.90 -7.18 14.54
N GLU A 59 2.06 -8.45 14.68
CA GLU A 59 3.39 -9.04 14.38
C GLU A 59 3.77 -8.64 12.96
N THR A 60 2.81 -8.66 12.07
CA THR A 60 3.11 -8.27 10.66
C THR A 60 3.15 -6.73 10.49
N LEU A 61 2.24 -6.01 11.09
CA LEU A 61 2.24 -4.53 10.93
C LEU A 61 3.11 -3.86 11.97
N ASP A 62 3.46 -4.54 13.02
CA ASP A 62 4.32 -3.90 14.05
C ASP A 62 5.76 -3.96 13.55
N GLU A 63 5.98 -3.38 12.41
CA GLU A 63 7.35 -3.39 11.82
C GLU A 63 8.28 -2.68 12.80
N ASP A 64 7.81 -1.64 13.43
CA ASP A 64 8.66 -0.90 14.40
C ASP A 64 8.79 -1.75 15.67
N GLY A 65 7.99 -2.79 15.78
CA GLY A 65 8.06 -3.66 16.98
C GLY A 65 7.74 -2.84 18.23
N ASP A 66 6.95 -1.81 18.10
CA ASP A 66 6.59 -0.95 19.28
C ASP A 66 5.14 -1.21 19.70
N GLY A 67 4.49 -2.16 19.08
CA GLY A 67 3.07 -2.43 19.44
C GLY A 67 2.19 -1.37 18.78
N GLU A 68 2.80 -0.49 18.01
CA GLU A 68 2.05 0.58 17.32
C GLU A 68 2.56 0.69 15.88
N CYS A 69 1.67 0.74 14.92
CA CYS A 69 2.10 0.87 13.50
C CYS A 69 2.01 2.35 13.12
N ASP A 70 3.03 2.88 12.54
CA ASP A 70 3.02 4.32 12.17
C ASP A 70 2.04 4.54 11.02
N PHE A 71 1.67 5.76 10.75
CA PHE A 71 0.72 6.02 9.64
C PHE A 71 1.23 5.29 8.40
N GLN A 72 2.52 5.28 8.18
CA GLN A 72 3.09 4.56 7.00
C GLN A 72 2.79 3.06 7.10
N GLU A 73 3.01 2.48 8.25
CA GLU A 73 2.78 1.02 8.39
C GLU A 73 1.33 0.66 8.11
N PHE A 74 0.41 1.47 8.56
CA PHE A 74 -1.02 1.18 8.30
C PHE A 74 -1.30 1.32 6.80
N MET A 75 -0.66 2.28 6.19
CA MET A 75 -0.88 2.53 4.74
C MET A 75 -0.52 1.29 3.91
N ALA A 76 0.53 0.61 4.26
CA ALA A 76 0.92 -0.57 3.46
C ALA A 76 -0.11 -1.70 3.61
N PHE A 77 -0.72 -1.81 4.74
CA PHE A 77 -1.74 -2.90 4.92
C PHE A 77 -2.87 -2.72 3.93
N VAL A 78 -3.24 -1.51 3.69
CA VAL A 78 -4.37 -1.21 2.76
C VAL A 78 -4.03 -1.73 1.36
N SER A 79 -2.80 -1.61 0.96
CA SER A 79 -2.43 -2.08 -0.40
C SER A 79 -2.67 -3.58 -0.51
N MET A 80 -2.36 -4.30 0.53
CA MET A 80 -2.55 -5.78 0.50
C MET A 80 -4.02 -6.17 0.52
N VAL A 81 -4.78 -5.56 1.39
CA VAL A 81 -6.23 -5.92 1.49
C VAL A 81 -6.93 -5.60 0.17
N THR A 82 -6.57 -4.52 -0.44
CA THR A 82 -7.22 -4.14 -1.73
C THR A 82 -6.99 -5.25 -2.74
N THR A 83 -5.82 -5.81 -2.73
CA THR A 83 -5.51 -6.90 -3.68
C THR A 83 -6.60 -7.97 -3.55
N ALA A 84 -7.04 -8.23 -2.36
CA ALA A 84 -8.12 -9.23 -2.16
C ALA A 84 -9.36 -8.76 -2.92
N CYS A 85 -9.62 -7.48 -2.89
CA CYS A 85 -10.81 -6.93 -3.61
C CYS A 85 -10.70 -7.24 -5.10
N HIS A 86 -9.51 -7.26 -5.63
CA HIS A 86 -9.37 -7.56 -7.09
C HIS A 86 -9.95 -8.95 -7.36
N GLU A 87 -9.70 -9.88 -6.49
CA GLU A 87 -10.26 -11.24 -6.67
C GLU A 87 -11.80 -11.18 -6.72
N PHE A 88 -12.38 -10.34 -5.91
CA PHE A 88 -13.88 -10.23 -5.88
C PHE A 88 -14.36 -9.11 -6.80
N PHE A 89 -13.51 -8.17 -7.14
CA PHE A 89 -13.95 -7.05 -8.02
C PHE A 89 -13.97 -7.49 -9.48
N GLU A 90 -13.42 -8.64 -9.80
CA GLU A 90 -13.43 -9.08 -11.22
C GLU A 90 -14.82 -9.63 -11.57
N HIS A 91 -15.70 -8.78 -12.01
CA HIS A 91 -17.07 -9.24 -12.38
C HIS A 91 -16.95 -10.24 -13.53
N GLU A 92 -16.07 -9.98 -14.46
CA GLU A 92 -15.88 -10.91 -15.62
N MET B 1 -14.64 9.24 5.92
CA MET B 1 -15.92 8.74 6.49
C MET B 1 -16.16 7.31 5.98
N SER B 2 -15.30 6.39 6.32
CA SER B 2 -15.48 4.99 5.84
C SER B 2 -15.43 4.96 4.31
N GLU B 3 -14.78 5.90 3.71
CA GLU B 3 -14.67 5.94 2.23
C GLU B 3 -13.65 4.90 1.77
N LEU B 4 -12.94 4.32 2.68
CA LEU B 4 -11.90 3.32 2.32
C LEU B 4 -12.41 2.38 1.23
N GLU B 5 -13.70 2.23 1.13
CA GLU B 5 -14.25 1.34 0.07
C GLU B 5 -14.01 1.94 -1.32
N LYS B 6 -14.18 3.21 -1.47
CA LYS B 6 -13.98 3.82 -2.82
C LYS B 6 -12.49 3.86 -3.15
N ALA B 7 -11.66 4.03 -2.16
CA ALA B 7 -10.20 4.10 -2.43
C ALA B 7 -9.65 2.75 -2.86
N MET B 8 -10.08 1.69 -2.23
CA MET B 8 -9.57 0.35 -2.62
C MET B 8 -9.99 0.02 -4.04
N VAL B 9 -11.18 0.37 -4.39
CA VAL B 9 -11.68 0.08 -5.77
C VAL B 9 -10.89 0.92 -6.78
N ALA B 10 -10.55 2.13 -6.42
CA ALA B 10 -9.82 3.01 -7.36
C ALA B 10 -8.42 2.48 -7.65
N LEU B 11 -7.74 1.93 -6.68
CA LEU B 11 -6.38 1.42 -6.95
C LEU B 11 -6.46 0.36 -8.04
N ILE B 12 -7.46 -0.46 -7.97
CA ILE B 12 -7.62 -1.53 -8.98
C ILE B 12 -7.97 -0.92 -10.36
N ASP B 13 -8.79 0.10 -10.41
CA ASP B 13 -9.16 0.70 -11.73
C ASP B 13 -7.91 1.24 -12.46
N VAL B 14 -7.01 1.86 -11.74
CA VAL B 14 -5.78 2.43 -12.38
C VAL B 14 -4.87 1.28 -12.84
N PHE B 15 -4.88 0.20 -12.13
CA PHE B 15 -4.01 -0.95 -12.53
C PHE B 15 -4.34 -1.37 -13.95
N HIS B 16 -5.60 -1.49 -14.26
CA HIS B 16 -6.00 -1.91 -15.64
C HIS B 16 -5.87 -0.73 -16.61
N GLN B 17 -5.90 0.48 -16.12
CA GLN B 17 -5.83 1.65 -17.03
C GLN B 17 -4.59 1.58 -17.93
N TYR B 18 -3.45 1.20 -17.40
CA TYR B 18 -2.21 1.13 -18.27
C TYR B 18 -1.64 -0.29 -18.31
N SER B 19 -1.89 -1.10 -17.32
CA SER B 19 -1.33 -2.48 -17.34
C SER B 19 -1.91 -3.27 -18.52
N GLY B 20 -3.17 -3.10 -18.79
CA GLY B 20 -3.80 -3.83 -19.92
C GLY B 20 -3.33 -3.26 -21.26
N ARG B 21 -2.50 -2.25 -21.23
CA ARG B 21 -2.02 -1.66 -22.51
C ARG B 21 -1.26 -2.72 -23.32
N GLU B 22 -0.40 -3.47 -22.68
CA GLU B 22 0.38 -4.53 -23.40
C GLU B 22 0.00 -5.92 -22.87
N GLY B 23 0.48 -6.95 -23.50
CA GLY B 23 0.15 -8.33 -23.09
C GLY B 23 0.44 -8.55 -21.60
N ASP B 24 1.41 -7.88 -21.04
CA ASP B 24 1.72 -8.09 -19.61
C ASP B 24 0.57 -7.53 -18.74
N LYS B 25 -0.65 -7.85 -19.09
CA LYS B 25 -1.80 -7.35 -18.28
C LYS B 25 -1.77 -7.99 -16.89
N HIS B 26 -1.42 -9.25 -16.81
CA HIS B 26 -1.42 -9.95 -15.50
C HIS B 26 -0.17 -9.58 -14.68
N LYS B 27 0.84 -9.00 -15.28
CA LYS B 27 2.06 -8.63 -14.50
C LYS B 27 2.58 -7.27 -14.99
N LEU B 28 3.27 -6.55 -14.15
CA LEU B 28 3.79 -5.21 -14.55
C LEU B 28 5.30 -5.28 -14.78
N LYS B 29 5.75 -5.17 -16.00
CA LYS B 29 7.22 -5.20 -16.24
C LYS B 29 7.78 -3.80 -15.97
N LYS B 30 9.03 -3.70 -15.58
CA LYS B 30 9.61 -2.35 -15.30
C LYS B 30 9.20 -1.39 -16.41
N SER B 31 8.84 -1.95 -17.54
CA SER B 31 8.40 -1.11 -18.69
C SER B 31 7.00 -0.55 -18.42
N GLU B 32 6.08 -1.39 -18.00
CA GLU B 32 4.71 -0.88 -17.70
C GLU B 32 4.77 -0.02 -16.46
N LEU B 33 5.64 -0.37 -15.54
CA LEU B 33 5.75 0.42 -14.30
C LEU B 33 6.16 1.85 -14.67
N LYS B 34 7.05 1.99 -15.62
CA LYS B 34 7.46 3.36 -16.03
C LYS B 34 6.25 4.14 -16.53
N GLU B 35 5.38 3.50 -17.27
CA GLU B 35 4.19 4.22 -17.80
C GLU B 35 3.33 4.74 -16.64
N LEU B 36 3.21 3.96 -15.61
CA LEU B 36 2.41 4.41 -14.45
C LEU B 36 3.06 5.68 -13.91
N ILE B 37 4.33 5.64 -13.69
CA ILE B 37 5.04 6.81 -13.13
C ILE B 37 5.24 7.95 -14.15
N ASN B 38 5.69 7.66 -15.33
CA ASN B 38 5.97 8.75 -16.30
C ASN B 38 4.71 9.30 -16.96
N ASN B 39 3.82 8.45 -17.36
CA ASN B 39 2.60 8.93 -18.11
C ASN B 39 1.38 9.11 -17.20
N GLU B 40 1.21 8.32 -16.17
CA GLU B 40 -0.02 8.49 -15.33
C GLU B 40 0.19 9.56 -14.26
N LEU B 41 1.41 10.02 -14.07
CA LEU B 41 1.67 11.08 -13.04
C LEU B 41 2.11 12.37 -13.73
N SER B 42 1.32 12.83 -14.68
CA SER B 42 1.71 14.09 -15.40
C SER B 42 1.87 15.23 -14.39
N HIS B 43 3.09 15.54 -14.05
CA HIS B 43 3.36 16.64 -13.08
C HIS B 43 2.60 16.40 -11.77
N PHE B 44 1.82 15.36 -11.68
CA PHE B 44 1.09 15.09 -10.41
C PHE B 44 2.11 14.67 -9.35
N LEU B 45 3.09 13.88 -9.76
CA LEU B 45 4.16 13.43 -8.82
C LEU B 45 5.53 13.71 -9.44
N GLU B 46 6.49 12.86 -9.22
CA GLU B 46 7.84 13.07 -9.82
C GLU B 46 7.92 12.30 -11.14
N GLU B 47 7.88 13.00 -12.23
CA GLU B 47 7.96 12.30 -13.55
C GLU B 47 9.37 11.72 -13.71
N ILE B 48 9.47 10.51 -14.19
CA ILE B 48 10.83 9.91 -14.41
C ILE B 48 11.23 10.20 -15.85
N LYS B 49 12.46 10.61 -16.05
CA LYS B 49 12.92 10.97 -17.42
C LYS B 49 13.92 9.94 -17.95
N GLU B 50 14.57 9.21 -17.07
CA GLU B 50 15.58 8.20 -17.52
C GLU B 50 15.16 6.80 -17.01
N GLN B 51 15.27 5.81 -17.86
CA GLN B 51 14.88 4.42 -17.48
C GLN B 51 15.74 3.92 -16.30
N GLU B 52 16.92 4.45 -16.13
CA GLU B 52 17.79 3.97 -15.02
C GLU B 52 17.10 4.19 -13.68
N VAL B 53 16.38 5.26 -13.53
CA VAL B 53 15.68 5.49 -12.23
C VAL B 53 14.73 4.33 -12.00
N VAL B 54 14.08 3.90 -13.04
CA VAL B 54 13.12 2.77 -12.91
C VAL B 54 13.86 1.50 -12.54
N ASP B 55 15.05 1.33 -13.02
CA ASP B 55 15.83 0.09 -12.70
C ASP B 55 16.18 0.07 -11.20
N LYS B 56 16.48 1.20 -10.66
CA LYS B 56 16.84 1.29 -9.22
C LYS B 56 15.57 1.04 -8.41
N VAL B 57 14.48 1.58 -8.89
CA VAL B 57 13.19 1.40 -8.19
C VAL B 57 12.81 -0.07 -8.30
N MET B 58 13.22 -0.69 -9.36
CA MET B 58 12.93 -2.15 -9.54
C MET B 58 13.63 -2.90 -8.44
N GLU B 59 14.80 -2.49 -8.05
CA GLU B 59 15.49 -3.22 -6.97
C GLU B 59 14.55 -3.25 -5.76
N THR B 60 13.87 -2.17 -5.50
CA THR B 60 12.93 -2.14 -4.35
C THR B 60 11.60 -2.83 -4.68
N LEU B 61 11.06 -2.61 -5.86
CA LEU B 61 9.74 -3.23 -6.20
C LEU B 61 9.94 -4.61 -6.83
N ASP B 62 11.12 -4.92 -7.28
CA ASP B 62 11.33 -6.25 -7.89
C ASP B 62 11.52 -7.25 -6.75
N GLU B 63 10.54 -7.34 -5.90
CA GLU B 63 10.61 -8.27 -4.76
C GLU B 63 10.77 -9.69 -5.31
N ASP B 64 10.10 -9.98 -6.37
CA ASP B 64 10.20 -11.33 -6.98
C ASP B 64 11.56 -11.46 -7.67
N GLY B 65 12.26 -10.36 -7.81
CA GLY B 65 13.60 -10.40 -8.48
C GLY B 65 13.46 -10.93 -9.90
N ASP B 66 12.32 -10.70 -10.53
CA ASP B 66 12.11 -11.19 -11.93
C ASP B 66 12.14 -10.01 -12.90
N GLY B 67 12.43 -8.84 -12.42
CA GLY B 67 12.46 -7.65 -13.33
C GLY B 67 11.02 -7.20 -13.57
N GLU B 68 10.09 -7.85 -12.94
CA GLU B 68 8.64 -7.50 -13.09
C GLU B 68 7.98 -7.52 -11.72
N CYS B 69 7.22 -6.50 -11.40
CA CYS B 69 6.52 -6.46 -10.08
C CYS B 69 5.09 -6.92 -10.30
N ASP B 70 4.64 -7.84 -9.50
CA ASP B 70 3.26 -8.37 -9.66
C ASP B 70 2.25 -7.30 -9.29
N PHE B 71 1.01 -7.47 -9.66
CA PHE B 71 -0.01 -6.45 -9.31
C PHE B 71 0.12 -6.13 -7.82
N GLN B 72 0.35 -7.12 -7.01
CA GLN B 72 0.52 -6.87 -5.54
C GLN B 72 1.72 -5.96 -5.29
N GLU B 73 2.83 -6.26 -5.91
CA GLU B 73 4.06 -5.44 -5.67
C GLU B 73 3.82 -3.98 -6.05
N PHE B 74 3.12 -3.74 -7.12
CA PHE B 74 2.86 -2.34 -7.53
C PHE B 74 1.91 -1.69 -6.51
N MET B 75 0.99 -2.45 -6.00
CA MET B 75 0.01 -1.92 -5.03
C MET B 75 0.73 -1.38 -3.78
N ALA B 76 1.74 -2.05 -3.33
CA ALA B 76 2.42 -1.56 -2.10
C ALA B 76 3.15 -0.24 -2.37
N PHE B 77 3.64 -0.04 -3.56
CA PHE B 77 4.35 1.23 -3.85
C PHE B 77 3.41 2.40 -3.68
N VAL B 78 2.19 2.23 -4.06
CA VAL B 78 1.18 3.33 -3.96
C VAL B 78 1.01 3.73 -2.50
N SER B 79 1.04 2.80 -1.60
CA SER B 79 0.85 3.14 -0.18
C SER B 79 1.97 4.08 0.28
N MET B 80 3.17 3.82 -0.18
CA MET B 80 4.32 4.66 0.23
C MET B 80 4.25 6.06 -0.40
N VAL B 81 3.98 6.12 -1.66
CA VAL B 81 3.94 7.46 -2.34
C VAL B 81 2.83 8.32 -1.73
N THR B 82 1.73 7.71 -1.40
CA THR B 82 0.60 8.49 -0.82
C THR B 82 1.09 9.13 0.47
N THR B 83 1.87 8.43 1.22
CA THR B 83 2.38 8.98 2.49
C THR B 83 3.03 10.33 2.19
N ALA B 84 3.73 10.43 1.09
CA ALA B 84 4.35 11.73 0.72
C ALA B 84 3.26 12.77 0.57
N CYS B 85 2.14 12.39 0.00
CA CYS B 85 1.02 13.34 -0.19
C CYS B 85 0.55 13.87 1.17
N HIS B 86 0.64 13.08 2.20
CA HIS B 86 0.20 13.57 3.54
C HIS B 86 1.05 14.78 3.92
N GLU B 87 2.32 14.73 3.63
CA GLU B 87 3.20 15.88 3.95
C GLU B 87 2.72 17.13 3.20
N PHE B 88 2.26 16.96 1.98
CA PHE B 88 1.79 18.13 1.18
C PHE B 88 0.28 18.31 1.32
N PHE B 89 -0.44 17.29 1.71
CA PHE B 89 -1.91 17.42 1.84
C PHE B 89 -2.28 18.10 3.16
N GLU B 90 -1.33 18.29 4.05
CA GLU B 90 -1.68 18.97 5.34
C GLU B 90 -1.77 20.48 5.12
N HIS B 91 -2.93 20.95 4.75
CA HIS B 91 -3.11 22.41 4.52
C HIS B 91 -2.81 23.15 5.83
N GLU B 92 -3.26 22.61 6.93
CA GLU B 92 -3.02 23.25 8.26
N SER C 1 -4.82 -37.66 19.55
CA SER C 1 -5.11 -38.50 20.75
C SER C 1 -6.62 -38.70 20.89
N HIS C 2 -7.08 -39.93 20.79
CA HIS C 2 -8.53 -40.22 20.94
C HIS C 2 -9.33 -39.34 19.97
N LEU C 3 -10.24 -38.54 20.48
CA LEU C 3 -11.08 -37.65 19.61
C LEU C 3 -10.67 -36.19 19.86
N LYS C 4 -10.46 -35.43 18.81
CA LYS C 4 -10.05 -34.00 18.99
C LYS C 4 -11.21 -33.07 18.63
N SER C 5 -11.55 -32.15 19.51
CA SER C 5 -12.67 -31.19 19.24
C SER C 5 -12.17 -29.77 19.44
N LYS C 6 -10.90 -29.61 19.73
CA LYS C 6 -10.33 -28.25 19.94
C LYS C 6 -10.53 -27.41 18.67
N LYS C 7 -10.33 -27.98 17.53
CA LYS C 7 -10.51 -27.20 16.27
C LYS C 7 -11.98 -26.85 16.10
N GLY C 8 -12.28 -25.63 15.71
CA GLY C 8 -13.71 -25.23 15.52
C GLY C 8 -13.90 -23.80 16.00
N GLN C 9 -12.89 -22.98 15.90
CA GLN C 9 -13.02 -21.56 16.35
C GLN C 9 -13.27 -20.65 15.15
N SER C 10 -14.17 -19.73 15.27
CA SER C 10 -14.48 -18.81 14.14
C SER C 10 -13.22 -18.03 13.76
N THR C 11 -12.42 -17.66 14.74
CA THR C 11 -11.17 -16.90 14.46
C THR C 11 -10.49 -17.46 13.21
N SER C 12 -10.75 -18.71 12.90
CA SER C 12 -10.15 -19.32 11.68
C SER C 12 -10.36 -18.37 10.50
N ARG C 13 -11.35 -17.53 10.61
CA ARG C 13 -11.65 -16.57 9.52
C ARG C 13 -10.43 -15.65 9.29
N HIS C 14 -9.76 -15.25 10.33
CA HIS C 14 -8.58 -14.37 10.14
C HIS C 14 -7.56 -15.09 9.24
N LYS C 15 -7.44 -16.37 9.38
CA LYS C 15 -6.48 -17.14 8.53
C LYS C 15 -6.91 -16.94 7.07
N LYS C 16 -8.17 -16.70 6.84
CA LYS C 16 -8.63 -16.50 5.45
C LYS C 16 -7.89 -15.30 4.86
N LEU C 17 -7.74 -14.25 5.60
CA LEU C 17 -7.01 -13.07 5.07
C LEU C 17 -5.52 -13.42 4.91
N MET C 18 -4.96 -14.13 5.85
CA MET C 18 -3.51 -14.50 5.74
C MET C 18 -3.18 -14.93 4.30
N PHE C 19 -4.16 -15.39 3.55
CA PHE C 19 -3.88 -15.82 2.14
C PHE C 19 -2.96 -14.79 1.45
N LYS C 20 -3.30 -13.54 1.56
CA LYS C 20 -2.48 -12.46 0.93
C LYS C 20 -1.14 -12.35 1.68
N THR C 21 -1.16 -12.55 2.97
CA THR C 21 0.11 -12.44 3.75
C THR C 21 1.11 -13.45 3.20
N GLU C 22 0.65 -14.63 2.87
CA GLU C 22 1.56 -15.66 2.31
N SER D 1 39.52 14.79 -6.07
CA SER D 1 40.74 15.02 -6.89
C SER D 1 40.60 16.33 -7.69
N HIS D 2 41.45 17.28 -7.43
CA HIS D 2 41.38 18.57 -8.17
C HIS D 2 39.96 19.17 -8.06
N LEU D 3 39.32 19.39 -9.18
CA LEU D 3 37.93 19.98 -9.18
C LEU D 3 36.95 18.90 -9.64
N LYS D 4 35.86 18.72 -8.95
CA LYS D 4 34.85 17.69 -9.35
C LYS D 4 33.61 18.36 -9.92
N SER D 5 33.20 17.93 -11.10
CA SER D 5 31.98 18.52 -11.74
C SER D 5 31.01 17.39 -12.11
N LYS D 6 31.35 16.18 -11.78
CA LYS D 6 30.46 15.04 -12.12
C LYS D 6 29.09 15.22 -11.46
N LYS D 7 29.06 15.69 -10.24
CA LYS D 7 27.74 15.89 -9.56
C LYS D 7 26.98 17.03 -10.26
N GLY D 8 25.71 16.85 -10.49
CA GLY D 8 24.92 17.92 -11.16
C GLY D 8 23.90 17.29 -12.11
N GLN D 9 23.44 16.10 -11.80
CA GLN D 9 22.44 15.42 -12.68
C GLN D 9 21.03 15.61 -12.13
N SER D 10 20.08 15.92 -12.98
CA SER D 10 18.68 16.13 -12.49
C SER D 10 18.19 14.85 -11.83
N THR D 11 18.56 13.71 -12.35
CA THR D 11 18.11 12.41 -11.76
C THR D 11 18.14 12.49 -10.22
N SER D 12 18.96 13.36 -9.70
CA SER D 12 19.03 13.54 -8.22
C SER D 12 17.61 13.67 -7.69
N ARG D 13 16.71 14.09 -8.53
CA ARG D 13 15.29 14.26 -8.09
C ARG D 13 14.73 12.91 -7.62
N HIS D 14 15.08 11.83 -8.26
CA HIS D 14 14.56 10.50 -7.81
C HIS D 14 14.97 10.28 -6.35
N LYS D 15 16.15 10.71 -5.99
CA LYS D 15 16.62 10.54 -4.58
C LYS D 15 15.63 11.27 -3.68
N LYS D 16 15.00 12.29 -4.18
CA LYS D 16 14.03 13.03 -3.34
C LYS D 16 12.93 12.07 -2.90
N LEU D 17 12.45 11.22 -3.78
CA LEU D 17 11.39 10.25 -3.35
C LEU D 17 12.00 9.23 -2.39
N MET D 18 13.21 8.78 -2.64
CA MET D 18 13.84 7.78 -1.72
C MET D 18 13.58 8.17 -0.26
N PHE D 19 13.33 9.43 0.02
CA PHE D 19 13.07 9.84 1.43
C PHE D 19 12.12 8.83 2.11
N LYS D 20 11.03 8.52 1.45
CA LYS D 20 10.04 7.55 2.02
C LYS D 20 10.65 6.16 2.02
N THR D 21 11.46 5.85 1.05
CA THR D 21 12.08 4.49 0.98
C THR D 21 12.91 4.28 2.25
N GLU D 22 13.60 5.30 2.68
CA GLU D 22 14.43 5.18 3.91
CA CA E . -4.33 7.28 15.78
CA CA F . 5.73 -0.65 14.36
CA CA G . 0.63 -4.85 -17.16
CA CA H . 9.16 -9.08 -8.52
N MET A 1 -8.38 6.39 -13.51
CA MET A 1 -7.68 7.27 -14.48
C MET A 1 -6.86 8.32 -13.74
N SER A 2 -5.64 7.99 -13.38
CA SER A 2 -4.79 8.97 -12.64
C SER A 2 -5.47 9.39 -11.35
N GLU A 3 -6.48 8.67 -10.95
CA GLU A 3 -7.18 8.98 -9.69
C GLU A 3 -6.31 8.53 -8.52
N LEU A 4 -5.04 8.40 -8.75
CA LEU A 4 -4.14 7.93 -7.67
C LEU A 4 -3.97 8.99 -6.60
N GLU A 5 -4.02 10.24 -6.95
CA GLU A 5 -3.83 11.31 -5.92
C GLU A 5 -4.95 11.27 -4.88
N LYS A 6 -6.16 11.04 -5.28
CA LYS A 6 -7.28 11.01 -4.28
C LYS A 6 -7.17 9.75 -3.44
N ALA A 7 -6.76 8.66 -4.03
CA ALA A 7 -6.65 7.39 -3.27
C ALA A 7 -5.55 7.48 -2.21
N MET A 8 -4.44 8.08 -2.54
CA MET A 8 -3.34 8.18 -1.53
C MET A 8 -3.82 9.00 -0.34
N VAL A 9 -4.55 10.05 -0.61
CA VAL A 9 -5.08 10.90 0.48
C VAL A 9 -6.03 10.08 1.33
N ALA A 10 -6.83 9.27 0.70
CA ALA A 10 -7.84 8.44 1.43
C ALA A 10 -7.17 7.44 2.38
N LEU A 11 -6.06 6.86 2.00
CA LEU A 11 -5.42 5.87 2.91
C LEU A 11 -5.10 6.59 4.21
N ILE A 12 -4.64 7.80 4.10
CA ILE A 12 -4.29 8.58 5.32
C ILE A 12 -5.55 8.95 6.12
N ASP A 13 -6.62 9.33 5.47
CA ASP A 13 -7.86 9.74 6.21
C ASP A 13 -8.39 8.61 7.12
N VAL A 14 -8.48 7.41 6.61
CA VAL A 14 -9.02 6.28 7.44
C VAL A 14 -8.02 5.93 8.56
N PHE A 15 -6.75 5.95 8.26
CA PHE A 15 -5.76 5.63 9.30
C PHE A 15 -5.92 6.59 10.48
N HIS A 16 -6.21 7.82 10.21
CA HIS A 16 -6.39 8.80 11.32
C HIS A 16 -7.67 8.50 12.10
N GLN A 17 -8.63 7.86 11.50
CA GLN A 17 -9.89 7.58 12.24
C GLN A 17 -9.59 6.74 13.48
N TYR A 18 -8.76 5.73 13.38
CA TYR A 18 -8.47 4.87 14.58
C TYR A 18 -7.21 5.34 15.33
N SER A 19 -6.22 5.80 14.63
CA SER A 19 -4.97 6.25 15.31
C SER A 19 -5.28 7.40 16.27
N GLY A 20 -6.02 8.37 15.82
CA GLY A 20 -6.36 9.53 16.69
C GLY A 20 -7.51 9.17 17.65
N ARG A 21 -8.09 8.01 17.51
CA ARG A 21 -9.21 7.64 18.42
C ARG A 21 -8.70 7.63 19.86
N GLU A 22 -7.59 7.00 20.09
CA GLU A 22 -7.02 6.94 21.47
C GLU A 22 -6.11 8.15 21.65
N GLY A 23 -4.96 8.13 21.05
CA GLY A 23 -4.03 9.27 21.19
C GLY A 23 -2.71 8.95 20.48
N ASP A 24 -2.55 7.73 20.02
CA ASP A 24 -1.28 7.36 19.33
C ASP A 24 -1.36 7.78 17.86
N LYS A 25 -1.29 9.04 17.59
CA LYS A 25 -1.37 9.51 16.18
C LYS A 25 -0.09 9.11 15.42
N HIS A 26 1.05 9.21 16.06
CA HIS A 26 2.34 8.88 15.39
C HIS A 26 2.55 7.36 15.30
N LYS A 27 1.87 6.59 16.11
CA LYS A 27 2.05 5.11 16.06
C LYS A 27 0.71 4.42 16.32
N LEU A 28 0.58 3.20 15.89
CA LEU A 28 -0.69 2.43 16.06
C LEU A 28 -0.39 1.16 16.89
N LYS A 29 -1.20 0.87 17.89
CA LYS A 29 -0.93 -0.34 18.72
C LYS A 29 -1.77 -1.51 18.23
N LYS A 30 -1.32 -2.72 18.44
CA LYS A 30 -2.10 -3.90 18.01
C LYS A 30 -3.53 -3.72 18.51
N SER A 31 -3.69 -2.92 19.52
CA SER A 31 -5.05 -2.68 20.08
C SER A 31 -5.83 -1.77 19.13
N GLU A 32 -5.25 -0.65 18.78
CA GLU A 32 -5.95 0.27 17.84
C GLU A 32 -6.13 -0.45 16.51
N LEU A 33 -5.18 -1.24 16.14
CA LEU A 33 -5.25 -2.00 14.86
C LEU A 33 -6.47 -2.92 14.86
N LYS A 34 -6.73 -3.59 15.94
CA LYS A 34 -7.91 -4.50 15.99
C LYS A 34 -9.21 -3.70 15.77
N GLU A 35 -9.29 -2.53 16.31
CA GLU A 35 -10.54 -1.73 16.14
C GLU A 35 -10.68 -1.30 14.69
N LEU A 36 -9.60 -0.99 14.04
CA LEU A 36 -9.71 -0.61 12.60
C LEU A 36 -10.25 -1.78 11.80
N ILE A 37 -9.67 -2.92 11.97
CA ILE A 37 -10.08 -4.11 11.19
C ILE A 37 -11.44 -4.65 11.67
N ASN A 38 -11.62 -4.78 12.95
CA ASN A 38 -12.89 -5.37 13.44
C ASN A 38 -14.08 -4.43 13.20
N ASN A 39 -13.89 -3.16 13.37
CA ASN A 39 -15.02 -2.19 13.22
C ASN A 39 -15.05 -1.50 11.85
N GLU A 40 -13.93 -1.21 11.24
CA GLU A 40 -13.99 -0.50 9.92
C GLU A 40 -14.17 -1.50 8.78
N LEU A 41 -14.00 -2.77 9.05
CA LEU A 41 -14.18 -3.80 7.96
C LEU A 41 -14.95 -4.99 8.55
N SER A 42 -16.03 -4.72 9.24
CA SER A 42 -16.83 -5.82 9.84
C SER A 42 -17.44 -6.70 8.74
N HIS A 43 -17.93 -6.11 7.67
CA HIS A 43 -18.55 -6.91 6.57
C HIS A 43 -17.71 -6.78 5.29
N PHE A 44 -17.09 -5.65 5.09
CA PHE A 44 -16.27 -5.46 3.86
C PHE A 44 -15.13 -6.49 3.84
N LEU A 45 -14.53 -6.78 4.98
CA LEU A 45 -13.42 -7.77 5.03
C LEU A 45 -13.72 -8.78 6.14
N GLU A 46 -13.11 -9.92 6.10
CA GLU A 46 -13.38 -10.92 7.16
C GLU A 46 -13.11 -10.27 8.52
N GLU A 47 -14.14 -10.09 9.30
CA GLU A 47 -14.00 -9.46 10.63
C GLU A 47 -13.10 -10.33 11.52
N ILE A 48 -12.38 -9.72 12.42
CA ILE A 48 -11.50 -10.49 13.35
C ILE A 48 -12.32 -10.86 14.57
N LYS A 49 -12.46 -12.13 14.83
CA LYS A 49 -13.30 -12.57 15.98
C LYS A 49 -12.39 -12.87 17.17
N GLU A 50 -11.09 -12.84 16.97
CA GLU A 50 -10.15 -13.10 18.11
C GLU A 50 -8.96 -12.14 18.03
N GLN A 51 -8.53 -11.64 19.15
CA GLN A 51 -7.37 -10.72 19.18
C GLN A 51 -6.11 -11.49 18.77
N GLU A 52 -6.13 -12.79 18.91
CA GLU A 52 -4.93 -13.59 18.55
C GLU A 52 -4.60 -13.38 17.07
N VAL A 53 -5.58 -13.32 16.24
CA VAL A 53 -5.32 -13.12 14.79
C VAL A 53 -4.58 -11.81 14.61
N VAL A 54 -4.97 -10.82 15.34
CA VAL A 54 -4.30 -9.51 15.22
C VAL A 54 -2.85 -9.62 15.64
N ASP A 55 -2.57 -10.36 16.67
CA ASP A 55 -1.16 -10.50 17.14
C ASP A 55 -0.31 -11.13 16.04
N LYS A 56 -0.85 -12.10 15.37
CA LYS A 56 -0.09 -12.78 14.29
C LYS A 56 0.13 -11.78 13.17
N VAL A 57 -0.86 -10.99 12.89
CA VAL A 57 -0.73 -9.96 11.84
C VAL A 57 0.35 -8.99 12.28
N MET A 58 0.46 -8.79 13.55
CA MET A 58 1.50 -7.85 14.05
C MET A 58 2.87 -8.47 13.85
N GLU A 59 2.99 -9.76 13.87
CA GLU A 59 4.32 -10.35 13.62
C GLU A 59 4.78 -9.83 12.25
N THR A 60 3.84 -9.71 11.35
CA THR A 60 4.15 -9.20 9.98
C THR A 60 4.27 -7.66 9.98
N LEU A 61 3.35 -6.97 10.61
CA LEU A 61 3.40 -5.47 10.60
C LEU A 61 4.26 -4.95 11.75
N ASP A 62 4.57 -5.77 12.71
CA ASP A 62 5.42 -5.28 13.82
C ASP A 62 6.86 -5.34 13.32
N GLU A 63 7.12 -4.60 12.30
CA GLU A 63 8.47 -4.59 11.68
C GLU A 63 9.50 -4.16 12.72
N ASP A 64 9.18 -3.20 13.54
CA ASP A 64 10.15 -2.75 14.57
C ASP A 64 10.11 -3.70 15.77
N GLY A 65 9.19 -4.62 15.77
CA GLY A 65 9.11 -5.60 16.90
C GLY A 65 8.73 -4.89 18.21
N ASP A 66 7.89 -3.88 18.16
CA ASP A 66 7.50 -3.16 19.41
C ASP A 66 6.07 -3.55 19.80
N GLY A 67 5.45 -4.41 19.05
CA GLY A 67 4.05 -4.81 19.36
C GLY A 67 3.11 -3.73 18.85
N GLU A 68 3.65 -2.76 18.17
CA GLU A 68 2.83 -1.64 17.62
C GLU A 68 3.31 -1.36 16.19
N CYS A 69 2.42 -1.17 15.26
CA CYS A 69 2.83 -0.89 13.84
C CYS A 69 2.76 0.61 13.60
N ASP A 70 3.83 1.20 13.14
CA ASP A 70 3.84 2.67 12.91
C ASP A 70 2.94 2.99 11.72
N PHE A 71 2.51 4.21 11.61
CA PHE A 71 1.64 4.60 10.47
C PHE A 71 2.26 4.06 9.17
N GLN A 72 3.55 4.12 9.02
CA GLN A 72 4.17 3.61 7.77
C GLN A 72 3.99 2.09 7.69
N GLU A 73 4.12 1.39 8.79
CA GLU A 73 3.97 -0.09 8.77
C GLU A 73 2.53 -0.46 8.41
N PHE A 74 1.58 0.26 8.95
CA PHE A 74 0.15 -0.05 8.65
C PHE A 74 -0.15 0.26 7.18
N MET A 75 0.51 1.24 6.64
CA MET A 75 0.24 1.60 5.22
C MET A 75 0.55 0.40 4.33
N ALA A 76 1.56 -0.34 4.65
CA ALA A 76 1.90 -1.51 3.80
C ALA A 76 0.81 -2.57 3.91
N PHE A 77 0.21 -2.72 5.07
CA PHE A 77 -0.86 -3.75 5.23
C PHE A 77 -2.01 -3.47 4.26
N VAL A 78 -2.35 -2.24 4.11
CA VAL A 78 -3.48 -1.86 3.20
C VAL A 78 -3.19 -2.32 1.78
N SER A 79 -1.97 -2.24 1.35
CA SER A 79 -1.64 -2.68 -0.03
C SER A 79 -1.83 -4.18 -0.13
N MET A 80 -1.43 -4.89 0.89
CA MET A 80 -1.54 -6.36 0.87
C MET A 80 -2.99 -6.84 0.75
N VAL A 81 -3.86 -6.31 1.57
CA VAL A 81 -5.27 -6.77 1.51
C VAL A 81 -5.93 -6.30 0.22
N THR A 82 -5.55 -5.15 -0.26
CA THR A 82 -6.13 -4.64 -1.53
C THR A 82 -5.83 -5.61 -2.65
N THR A 83 -4.65 -6.14 -2.65
CA THR A 83 -4.26 -7.10 -3.70
C THR A 83 -5.29 -8.22 -3.73
N ALA A 84 -5.75 -8.64 -2.60
CA ALA A 84 -6.79 -9.70 -2.57
C ALA A 84 -8.02 -9.21 -3.33
N CYS A 85 -8.36 -7.95 -3.18
CA CYS A 85 -9.56 -7.43 -3.90
C CYS A 85 -9.38 -7.64 -5.40
N HIS A 86 -8.17 -7.57 -5.89
CA HIS A 86 -7.95 -7.80 -7.34
C HIS A 86 -8.43 -9.22 -7.68
N GLU A 87 -8.20 -10.15 -6.81
CA GLU A 87 -8.65 -11.54 -7.06
C GLU A 87 -10.17 -11.53 -7.21
N PHE A 88 -10.84 -10.73 -6.43
CA PHE A 88 -12.33 -10.65 -6.53
C PHE A 88 -12.70 -9.71 -7.66
N PHE A 89 -11.98 -8.63 -7.81
CA PHE A 89 -12.27 -7.68 -8.90
C PHE A 89 -11.41 -8.02 -10.10
N GLU A 90 -11.75 -9.08 -10.77
CA GLU A 90 -10.97 -9.49 -11.98
C GLU A 90 -11.46 -8.69 -13.17
N HIS A 91 -10.75 -7.65 -13.51
CA HIS A 91 -11.16 -6.80 -14.66
C HIS A 91 -10.71 -7.46 -15.96
N GLU A 92 -11.59 -8.17 -16.62
CA GLU A 92 -11.21 -8.83 -17.89
N MET B 1 -13.59 8.28 6.41
CA MET B 1 -14.55 7.58 7.31
C MET B 1 -14.90 6.21 6.72
N SER B 2 -14.12 5.20 7.01
CA SER B 2 -14.41 3.85 6.47
C SER B 2 -14.42 3.89 4.94
N GLU B 3 -13.92 4.95 4.37
CA GLU B 3 -13.87 5.07 2.90
C GLU B 3 -12.73 4.19 2.39
N LEU B 4 -12.34 3.21 3.16
CA LEU B 4 -11.23 2.34 2.73
C LEU B 4 -11.65 1.45 1.58
N GLU B 5 -12.89 1.05 1.52
CA GLU B 5 -13.31 0.13 0.41
C GLU B 5 -13.16 0.82 -0.95
N LYS B 6 -13.49 2.08 -1.05
CA LYS B 6 -13.36 2.76 -2.36
C LYS B 6 -11.89 2.97 -2.70
N ALA B 7 -11.09 3.26 -1.71
CA ALA B 7 -9.65 3.50 -1.98
C ALA B 7 -8.96 2.22 -2.44
N MET B 8 -9.28 1.09 -1.87
CA MET B 8 -8.63 -0.17 -2.31
C MET B 8 -8.98 -0.45 -3.75
N VAL B 9 -10.20 -0.19 -4.11
CA VAL B 9 -10.63 -0.41 -5.51
C VAL B 9 -9.85 0.52 -6.43
N ALA B 10 -9.64 1.73 -5.99
CA ALA B 10 -8.93 2.75 -6.82
C ALA B 10 -7.48 2.34 -7.08
N LEU B 11 -6.82 1.74 -6.13
CA LEU B 11 -5.39 1.36 -6.36
C LEU B 11 -5.36 0.41 -7.55
N ILE B 12 -6.31 -0.47 -7.61
CA ILE B 12 -6.38 -1.45 -8.72
C ILE B 12 -6.73 -0.74 -10.05
N ASP B 13 -7.63 0.20 -10.04
CA ASP B 13 -8.04 0.87 -11.32
C ASP B 13 -6.85 1.56 -12.01
N VAL B 14 -6.05 2.29 -11.27
CA VAL B 14 -4.89 3.01 -11.89
C VAL B 14 -3.84 1.99 -12.35
N PHE B 15 -3.61 0.97 -11.57
CA PHE B 15 -2.59 -0.04 -11.95
C PHE B 15 -2.97 -0.63 -13.31
N HIS B 16 -4.23 -0.84 -13.54
CA HIS B 16 -4.65 -1.42 -14.84
C HIS B 16 -4.45 -0.40 -15.97
N GLN B 17 -4.42 0.86 -15.68
CA GLN B 17 -4.24 1.86 -16.77
C GLN B 17 -2.91 1.61 -17.49
N TYR B 18 -1.85 1.36 -16.76
CA TYR B 18 -0.52 1.14 -17.45
C TYR B 18 -0.25 -0.35 -17.69
N SER B 19 -0.63 -1.20 -16.79
CA SER B 19 -0.38 -2.66 -16.97
C SER B 19 -1.05 -3.16 -18.26
N GLY B 20 -2.29 -2.80 -18.46
CA GLY B 20 -3.02 -3.26 -19.69
C GLY B 20 -2.64 -2.38 -20.89
N ARG B 21 -1.88 -1.35 -20.69
CA ARG B 21 -1.49 -0.48 -21.84
C ARG B 21 -0.74 -1.33 -22.87
N GLU B 22 0.22 -2.06 -22.42
CA GLU B 22 1.01 -2.92 -23.35
C GLU B 22 0.32 -4.27 -23.47
N GLY B 23 0.43 -5.08 -22.46
CA GLY B 23 -0.24 -6.42 -22.50
C GLY B 23 0.13 -7.21 -21.25
N ASP B 24 1.03 -6.70 -20.45
CA ASP B 24 1.43 -7.43 -19.21
C ASP B 24 0.44 -7.12 -18.09
N LYS B 25 -0.75 -7.65 -18.18
CA LYS B 25 -1.78 -7.40 -17.12
C LYS B 25 -1.37 -8.11 -15.82
N HIS B 26 -0.85 -9.32 -15.93
CA HIS B 26 -0.47 -10.09 -14.70
C HIS B 26 0.85 -9.58 -14.11
N LYS B 27 1.66 -8.91 -14.89
CA LYS B 27 2.97 -8.41 -14.35
C LYS B 27 3.28 -7.04 -14.95
N LEU B 28 4.11 -6.29 -14.29
CA LEU B 28 4.48 -4.91 -14.77
C LEU B 28 5.99 -4.86 -15.00
N LYS B 29 6.43 -4.33 -16.12
CA LYS B 29 7.90 -4.27 -16.39
C LYS B 29 8.46 -2.90 -15.98
N LYS B 30 9.72 -2.84 -15.65
CA LYS B 30 10.32 -1.53 -15.28
C LYS B 30 9.96 -0.52 -16.36
N SER B 31 9.64 -1.01 -17.52
CA SER B 31 9.27 -0.10 -18.65
C SER B 31 7.87 0.45 -18.42
N GLU B 32 6.93 -0.43 -18.18
CA GLU B 32 5.54 0.04 -17.91
C GLU B 32 5.55 0.87 -16.64
N LEU B 33 6.35 0.50 -15.69
CA LEU B 33 6.44 1.24 -14.41
C LEU B 33 6.87 2.68 -14.66
N LYS B 34 7.83 2.89 -15.53
CA LYS B 34 8.29 4.28 -15.81
C LYS B 34 7.13 5.12 -16.38
N GLU B 35 6.33 4.54 -17.22
CA GLU B 35 5.20 5.31 -17.81
C GLU B 35 4.19 5.66 -16.73
N LEU B 36 3.96 4.78 -15.81
CA LEU B 36 3.00 5.10 -14.72
C LEU B 36 3.50 6.29 -13.93
N ILE B 37 4.73 6.24 -13.51
CA ILE B 37 5.30 7.33 -12.68
C ILE B 37 5.58 8.58 -13.50
N ASN B 38 6.18 8.45 -14.66
CA ASN B 38 6.51 9.65 -15.46
C ASN B 38 5.26 10.34 -16.02
N ASN B 39 4.30 9.57 -16.44
CA ASN B 39 3.07 10.17 -17.06
C ASN B 39 1.89 10.29 -16.07
N GLU B 40 1.71 9.37 -15.16
CA GLU B 40 0.52 9.49 -14.24
C GLU B 40 0.86 10.39 -13.06
N LEU B 41 2.11 10.72 -12.86
CA LEU B 41 2.49 11.61 -11.71
C LEU B 41 3.53 12.63 -12.21
N SER B 42 3.27 13.24 -13.33
CA SER B 42 4.25 14.23 -13.88
C SER B 42 4.36 15.44 -12.95
N HIS B 43 3.26 15.91 -12.39
CA HIS B 43 3.30 17.10 -11.47
C HIS B 43 2.89 16.68 -10.06
N PHE B 44 2.03 15.71 -9.93
CA PHE B 44 1.59 15.26 -8.58
C PHE B 44 2.80 14.73 -7.80
N LEU B 45 3.69 14.03 -8.46
CA LEU B 45 4.89 13.48 -7.76
C LEU B 45 6.13 13.86 -8.55
N GLU B 46 7.27 13.84 -7.94
CA GLU B 46 8.50 14.20 -8.69
C GLU B 46 8.60 13.31 -9.94
N GLU B 47 8.46 13.91 -11.08
CA GLU B 47 8.53 13.14 -12.35
C GLU B 47 9.91 12.49 -12.51
N ILE B 48 9.98 11.36 -13.15
CA ILE B 48 11.29 10.67 -13.37
C ILE B 48 11.87 11.20 -14.65
N LYS B 49 13.02 11.79 -14.60
CA LYS B 49 13.64 12.37 -15.81
C LYS B 49 14.67 11.38 -16.38
N GLU B 50 14.94 10.31 -15.67
CA GLU B 50 15.92 9.30 -16.18
C GLU B 50 15.41 7.89 -15.87
N GLN B 51 15.57 6.99 -16.80
CA GLN B 51 15.13 5.58 -16.60
C GLN B 51 15.99 4.95 -15.50
N GLU B 52 17.16 5.47 -15.27
CA GLU B 52 18.05 4.89 -14.22
C GLU B 52 17.35 4.93 -12.86
N VAL B 53 16.65 5.99 -12.58
CA VAL B 53 15.96 6.08 -11.27
C VAL B 53 14.97 4.94 -11.17
N VAL B 54 14.31 4.65 -12.24
CA VAL B 54 13.33 3.55 -12.22
C VAL B 54 14.03 2.23 -11.95
N ASP B 55 15.18 2.01 -12.51
CA ASP B 55 15.90 0.72 -12.29
C ASP B 55 16.23 0.58 -10.80
N LYS B 56 16.62 1.64 -10.18
CA LYS B 56 16.97 1.59 -8.74
C LYS B 56 15.70 1.28 -7.96
N VAL B 57 14.62 1.87 -8.35
CA VAL B 57 13.33 1.61 -7.68
C VAL B 57 13.00 0.14 -7.88
N MET B 58 13.39 -0.40 -8.99
CA MET B 58 13.10 -1.83 -9.24
C MET B 58 13.95 -2.69 -8.31
N GLU B 59 15.11 -2.24 -7.93
CA GLU B 59 15.89 -3.06 -6.98
C GLU B 59 15.00 -3.28 -5.76
N THR B 60 14.25 -2.28 -5.40
CA THR B 60 13.32 -2.38 -4.24
C THR B 60 12.03 -3.14 -4.61
N LEU B 61 11.44 -2.83 -5.74
CA LEU B 61 10.15 -3.51 -6.12
C LEU B 61 10.45 -4.80 -6.89
N ASP B 62 11.64 -4.98 -7.36
CA ASP B 62 11.94 -6.23 -8.10
C ASP B 62 12.20 -7.29 -7.06
N GLU B 63 11.21 -7.56 -6.27
CA GLU B 63 11.34 -8.54 -5.17
C GLU B 63 11.70 -9.91 -5.76
N ASP B 64 11.12 -10.28 -6.86
CA ASP B 64 11.46 -11.60 -7.47
C ASP B 64 12.77 -11.48 -8.26
N GLY B 65 13.29 -10.29 -8.39
CA GLY B 65 14.58 -10.12 -9.13
C GLY B 65 14.41 -10.47 -10.61
N ASP B 66 13.27 -10.17 -11.20
CA ASP B 66 13.07 -10.49 -12.66
C ASP B 66 13.15 -9.20 -13.49
N GLY B 67 13.40 -8.10 -12.85
CA GLY B 67 13.46 -6.80 -13.61
C GLY B 67 12.04 -6.31 -13.86
N GLU B 68 11.08 -7.02 -13.31
CA GLU B 68 9.65 -6.64 -13.49
C GLU B 68 8.95 -6.77 -12.13
N CYS B 69 8.14 -5.82 -11.75
CA CYS B 69 7.43 -5.90 -10.44
C CYS B 69 6.01 -6.41 -10.68
N ASP B 70 5.62 -7.45 -10.00
CA ASP B 70 4.26 -8.02 -10.20
C ASP B 70 3.22 -7.06 -9.63
N PHE B 71 2.00 -7.18 -10.07
CA PHE B 71 0.94 -6.28 -9.55
C PHE B 71 1.03 -6.21 -8.03
N GLN B 72 1.29 -7.31 -7.38
CA GLN B 72 1.39 -7.28 -5.90
C GLN B 72 2.62 -6.45 -5.48
N GLU B 73 3.71 -6.57 -6.18
CA GLU B 73 4.93 -5.79 -5.80
C GLU B 73 4.68 -4.29 -6.01
N PHE B 74 4.00 -3.94 -7.07
CA PHE B 74 3.73 -2.49 -7.31
C PHE B 74 2.76 -1.97 -6.27
N MET B 75 1.88 -2.78 -5.80
CA MET B 75 0.91 -2.33 -4.78
C MET B 75 1.66 -1.82 -3.55
N ALA B 76 2.71 -2.47 -3.20
CA ALA B 76 3.46 -2.02 -1.99
C ALA B 76 4.11 -0.66 -2.25
N PHE B 77 4.54 -0.40 -3.46
CA PHE B 77 5.18 0.93 -3.76
C PHE B 77 4.21 2.06 -3.49
N VAL B 78 2.98 1.87 -3.83
CA VAL B 78 1.95 2.93 -3.63
C VAL B 78 1.82 3.28 -2.16
N SER B 79 1.94 2.31 -1.30
CA SER B 79 1.82 2.59 0.15
C SER B 79 3.03 3.43 0.59
N MET B 80 4.17 3.11 0.07
CA MET B 80 5.40 3.84 0.45
C MET B 80 5.33 5.32 0.06
N VAL B 81 4.97 5.62 -1.15
CA VAL B 81 4.93 7.04 -1.57
C VAL B 81 3.78 7.76 -0.85
N THR B 82 2.71 7.07 -0.60
CA THR B 82 1.58 7.72 0.10
C THR B 82 2.03 8.20 1.47
N THR B 83 2.83 7.40 2.12
CA THR B 83 3.31 7.77 3.47
C THR B 83 3.96 9.14 3.37
N ALA B 84 4.66 9.41 2.30
CA ALA B 84 5.29 10.75 2.14
C ALA B 84 4.19 11.80 2.15
N CYS B 85 3.07 11.52 1.52
CA CYS B 85 1.97 12.52 1.49
C CYS B 85 1.57 12.88 2.92
N HIS B 86 1.67 11.95 3.83
CA HIS B 86 1.32 12.27 5.24
C HIS B 86 2.24 13.38 5.72
N GLU B 87 3.49 13.33 5.32
CA GLU B 87 4.45 14.38 5.74
C GLU B 87 3.93 15.73 5.23
N PHE B 88 3.37 15.74 4.05
CA PHE B 88 2.83 17.01 3.48
C PHE B 88 1.44 17.25 4.06
N PHE B 89 0.65 16.21 4.17
CA PHE B 89 -0.71 16.37 4.73
C PHE B 89 -0.66 16.11 6.23
N GLU B 90 -0.13 17.04 6.96
CA GLU B 90 -0.06 16.89 8.44
C GLU B 90 -1.40 17.29 9.03
N HIS B 91 -2.22 16.33 9.34
CA HIS B 91 -3.55 16.65 9.93
C HIS B 91 -3.40 16.90 11.42
N GLU B 92 -3.32 18.14 11.81
CA GLU B 92 -3.18 18.45 13.26
N SER C 1 -23.68 -17.42 19.14
CA SER C 1 -23.70 -16.92 17.73
C SER C 1 -22.76 -17.77 16.87
N HIS C 2 -23.07 -17.88 15.60
CA HIS C 2 -22.19 -18.70 14.70
C HIS C 2 -21.96 -20.08 15.32
N LEU C 3 -22.98 -20.69 15.87
CA LEU C 3 -22.82 -22.03 16.49
C LEU C 3 -22.40 -23.05 15.42
N LYS C 4 -23.33 -23.54 14.66
CA LYS C 4 -23.00 -24.54 13.60
C LYS C 4 -21.99 -25.57 14.16
N SER C 5 -21.33 -26.31 13.29
CA SER C 5 -20.34 -27.31 13.79
C SER C 5 -19.01 -26.62 14.09
N LYS C 6 -18.30 -27.08 15.09
CA LYS C 6 -16.99 -26.46 15.45
C LYS C 6 -16.03 -26.51 14.25
N LYS C 7 -16.02 -27.61 13.53
CA LYS C 7 -15.10 -27.76 12.37
C LYS C 7 -13.72 -27.16 12.71
N GLY C 8 -13.19 -26.32 11.85
CA GLY C 8 -11.86 -25.71 12.13
C GLY C 8 -12.03 -24.40 12.90
N GLN C 9 -10.98 -23.92 13.51
CA GLN C 9 -11.06 -22.66 14.28
C GLN C 9 -10.98 -21.48 13.29
N SER C 10 -11.45 -20.32 13.67
CA SER C 10 -11.40 -19.16 12.75
C SER C 10 -9.98 -18.96 12.22
N THR C 11 -8.99 -19.36 12.97
CA THR C 11 -7.59 -19.18 12.50
C THR C 11 -7.46 -19.70 11.07
N SER C 12 -8.30 -20.62 10.68
CA SER C 12 -8.22 -21.14 9.29
C SER C 12 -8.46 -19.97 8.33
N ARG C 13 -9.37 -19.09 8.67
CA ARG C 13 -9.65 -17.92 7.80
C ARG C 13 -8.38 -17.08 7.67
N HIS C 14 -7.64 -16.94 8.74
CA HIS C 14 -6.39 -16.12 8.68
C HIS C 14 -5.47 -16.72 7.62
N LYS C 15 -5.42 -18.02 7.52
CA LYS C 15 -4.54 -18.64 6.48
C LYS C 15 -4.98 -18.15 5.11
N LYS C 16 -6.25 -17.88 4.92
CA LYS C 16 -6.72 -17.41 3.60
C LYS C 16 -6.00 -16.11 3.24
N LEU C 17 -5.81 -15.22 4.18
CA LEU C 17 -5.10 -13.93 3.91
C LEU C 17 -3.60 -14.19 3.67
N MET C 18 -3.07 -15.20 4.31
CA MET C 18 -1.61 -15.51 4.15
C MET C 18 -1.27 -15.85 2.69
N PHE C 19 -2.21 -16.30 1.91
CA PHE C 19 -1.90 -16.68 0.49
C PHE C 19 -0.95 -15.67 -0.15
N LYS C 20 -1.23 -14.40 -0.03
CA LYS C 20 -0.32 -13.38 -0.64
C LYS C 20 0.88 -13.14 0.27
N THR C 21 0.75 -13.39 1.55
CA THR C 21 1.90 -13.17 2.46
C THR C 21 3.04 -14.06 2.01
N GLU C 22 2.73 -15.26 1.61
CA GLU C 22 3.77 -16.21 1.13
N SER D 1 16.15 22.07 -21.90
CA SER D 1 15.12 22.29 -20.84
C SER D 1 15.77 22.12 -19.47
N HIS D 2 15.26 22.80 -18.48
CA HIS D 2 15.83 22.67 -17.11
C HIS D 2 17.35 22.89 -17.17
N LEU D 3 17.80 23.86 -17.92
CA LEU D 3 19.26 24.12 -18.01
C LEU D 3 19.81 24.52 -16.64
N LYS D 4 19.64 25.76 -16.25
CA LYS D 4 20.15 26.22 -14.93
C LYS D 4 21.56 25.64 -14.69
N SER D 5 22.03 25.66 -13.47
CA SER D 5 23.39 25.11 -13.19
C SER D 5 23.30 23.58 -13.06
N LYS D 6 24.34 22.89 -13.46
CA LYS D 6 24.33 21.39 -13.37
C LYS D 6 24.15 20.95 -11.92
N LYS D 7 24.80 21.63 -11.01
CA LYS D 7 24.71 21.25 -9.56
C LYS D 7 24.74 19.72 -9.40
N GLY D 8 23.81 19.16 -8.67
CA GLY D 8 23.79 17.68 -8.49
C GLY D 8 22.94 17.03 -9.59
N GLN D 9 23.10 15.75 -9.78
CA GLN D 9 22.30 15.05 -10.82
C GLN D 9 20.91 14.76 -10.25
N SER D 10 19.94 14.54 -11.09
CA SER D 10 18.56 14.27 -10.60
C SER D 10 18.58 13.13 -9.58
N THR D 11 19.53 12.23 -9.69
CA THR D 11 19.58 11.10 -8.72
C THR D 11 19.47 11.65 -7.29
N SER D 12 19.85 12.87 -7.09
CA SER D 12 19.73 13.45 -5.72
C SER D 12 18.26 13.43 -5.31
N ARG D 13 17.38 13.72 -6.23
CA ARG D 13 15.92 13.70 -5.92
C ARG D 13 15.52 12.29 -5.49
N HIS D 14 16.06 11.29 -6.12
CA HIS D 14 15.71 9.89 -5.75
C HIS D 14 16.03 9.68 -4.27
N LYS D 15 17.12 10.22 -3.81
CA LYS D 15 17.49 10.05 -2.38
C LYS D 15 16.36 10.62 -1.51
N LYS D 16 15.69 11.64 -1.98
CA LYS D 16 14.58 12.23 -1.18
C LYS D 16 13.52 11.16 -0.90
N LEU D 17 13.21 10.34 -1.88
CA LEU D 17 12.19 9.25 -1.68
C LEU D 17 12.76 8.16 -0.75
N MET D 18 14.05 7.96 -0.80
CA MET D 18 14.67 6.90 0.06
C MET D 18 14.45 7.19 1.55
N PHE D 19 14.24 8.42 1.94
CA PHE D 19 14.05 8.73 3.40
C PHE D 19 13.19 7.67 4.08
N LYS D 20 12.07 7.32 3.51
CA LYS D 20 11.20 6.30 4.16
C LYS D 20 11.74 4.89 3.84
N THR D 21 12.44 4.75 2.76
CA THR D 21 12.97 3.39 2.41
C THR D 21 13.89 2.94 3.55
N GLU D 22 14.66 3.85 4.07
CA GLU D 22 15.58 3.51 5.19
CA CA E . -2.93 5.51 16.69
CA CA F . 6.11 -2.16 14.52
CA CA G . 1.55 -4.41 -17.15
CA CA H . 9.78 -8.31 -9.28
N MET A 1 -11.10 7.13 -13.95
CA MET A 1 -9.99 7.11 -14.94
C MET A 1 -8.80 7.93 -14.40
N SER A 2 -7.67 7.32 -14.28
CA SER A 2 -6.47 8.06 -13.76
C SER A 2 -6.84 8.79 -12.46
N GLU A 3 -7.89 8.38 -11.82
CA GLU A 3 -8.31 9.02 -10.54
C GLU A 3 -7.39 8.55 -9.44
N LEU A 4 -6.28 8.00 -9.81
CA LEU A 4 -5.33 7.49 -8.79
C LEU A 4 -4.90 8.65 -7.90
N GLU A 5 -4.86 9.84 -8.43
CA GLU A 5 -4.46 11.00 -7.59
C GLU A 5 -5.47 11.20 -6.46
N LYS A 6 -6.72 11.02 -6.75
CA LYS A 6 -7.79 11.18 -5.73
C LYS A 6 -7.62 10.15 -4.62
N ALA A 7 -7.30 8.93 -4.97
CA ALA A 7 -7.17 7.88 -3.92
C ALA A 7 -5.93 8.14 -3.05
N MET A 8 -4.86 8.56 -3.63
CA MET A 8 -3.63 8.81 -2.82
C MET A 8 -3.91 9.91 -1.80
N VAL A 9 -4.64 10.90 -2.21
CA VAL A 9 -4.97 12.02 -1.29
C VAL A 9 -5.90 11.50 -0.20
N ALA A 10 -6.81 10.63 -0.55
CA ALA A 10 -7.79 10.11 0.45
C ALA A 10 -7.10 9.33 1.57
N LEU A 11 -6.11 8.56 1.26
CA LEU A 11 -5.43 7.78 2.34
C LEU A 11 -4.86 8.76 3.34
N ILE A 12 -4.31 9.83 2.86
CA ILE A 12 -3.71 10.85 3.75
C ILE A 12 -4.78 11.54 4.61
N ASP A 13 -5.92 11.85 4.04
CA ASP A 13 -6.97 12.56 4.84
C ASP A 13 -7.43 11.72 6.04
N VAL A 14 -7.69 10.47 5.81
CA VAL A 14 -8.19 9.58 6.92
C VAL A 14 -7.10 9.42 7.99
N PHE A 15 -5.88 9.32 7.57
CA PHE A 15 -4.74 9.15 8.52
C PHE A 15 -4.82 10.23 9.59
N HIS A 16 -5.12 11.43 9.22
CA HIS A 16 -5.19 12.54 10.21
C HIS A 16 -6.51 12.50 11.00
N GLN A 17 -7.54 11.89 10.48
CA GLN A 17 -8.85 11.90 11.20
C GLN A 17 -8.72 11.33 12.60
N TYR A 18 -7.96 10.28 12.78
CA TYR A 18 -7.84 9.68 14.16
C TYR A 18 -6.38 9.66 14.63
N SER A 19 -5.42 9.71 13.74
CA SER A 19 -4.01 9.69 14.21
C SER A 19 -3.77 10.90 15.10
N GLY A 20 -4.32 12.03 14.74
CA GLY A 20 -4.14 13.25 15.57
C GLY A 20 -4.91 13.08 16.88
N ARG A 21 -5.57 11.97 17.06
CA ARG A 21 -6.34 11.74 18.31
C ARG A 21 -5.39 11.75 19.51
N GLU A 22 -4.25 11.12 19.37
CA GLU A 22 -3.25 11.06 20.48
C GLU A 22 -1.98 11.82 20.10
N GLY A 23 -1.15 12.12 21.07
CA GLY A 23 0.10 12.87 20.80
C GLY A 23 0.86 12.24 19.63
N ASP A 24 0.72 10.95 19.43
CA ASP A 24 1.44 10.32 18.29
C ASP A 24 0.82 10.78 16.98
N LYS A 25 0.71 12.07 16.80
CA LYS A 25 0.10 12.61 15.56
C LYS A 25 0.91 12.20 14.33
N HIS A 26 2.22 12.22 14.43
CA HIS A 26 3.07 11.85 13.25
C HIS A 26 3.40 10.36 13.26
N LYS A 27 2.94 9.63 14.24
CA LYS A 27 3.23 8.16 14.31
C LYS A 27 2.00 7.39 14.81
N LEU A 28 1.94 6.13 14.49
CA LEU A 28 0.79 5.28 14.93
C LEU A 28 1.30 4.29 15.97
N LYS A 29 0.77 4.31 17.16
CA LYS A 29 1.21 3.33 18.19
C LYS A 29 0.29 2.13 18.10
N LYS A 30 0.76 0.94 18.43
CA LYS A 30 -0.14 -0.25 18.33
C LYS A 30 -1.50 0.12 18.93
N SER A 31 -1.50 1.10 19.79
CA SER A 31 -2.78 1.56 20.41
C SER A 31 -3.54 2.41 19.41
N GLU A 32 -2.90 3.41 18.86
CA GLU A 32 -3.57 4.27 17.85
C GLU A 32 -3.90 3.41 16.63
N LEU A 33 -3.03 2.48 16.31
CA LEU A 33 -3.30 1.60 15.14
C LEU A 33 -4.59 0.84 15.38
N LYS A 34 -4.81 0.39 16.59
CA LYS A 34 -6.07 -0.35 16.89
C LYS A 34 -7.26 0.56 16.60
N GLU A 35 -7.15 1.82 16.90
CA GLU A 35 -8.28 2.76 16.67
C GLU A 35 -8.60 2.74 15.19
N LEU A 36 -7.62 2.71 14.36
CA LEU A 36 -7.90 2.68 12.91
C LEU A 36 -8.73 1.43 12.64
N ILE A 37 -8.28 0.32 13.10
CA ILE A 37 -9.01 -0.93 12.84
C ILE A 37 -10.28 -1.07 13.68
N ASN A 38 -10.20 -0.84 14.96
CA ASN A 38 -11.41 -1.04 15.81
C ASN A 38 -12.36 0.15 15.76
N ASN A 39 -11.84 1.32 15.88
CA ASN A 39 -12.73 2.54 15.92
C ASN A 39 -13.21 2.97 14.53
N GLU A 40 -12.37 2.93 13.52
CA GLU A 40 -12.81 3.42 12.17
C GLU A 40 -13.46 2.30 11.36
N LEU A 41 -13.20 1.05 11.67
CA LEU A 41 -13.80 -0.08 10.87
C LEU A 41 -14.62 -0.99 11.80
N SER A 42 -15.57 -0.44 12.49
CA SER A 42 -16.41 -1.27 13.41
C SER A 42 -17.10 -2.39 12.63
N HIS A 43 -17.60 -2.11 11.45
CA HIS A 43 -18.30 -3.16 10.64
C HIS A 43 -17.71 -3.24 9.23
N PHE A 44 -17.08 -2.19 8.76
CA PHE A 44 -16.50 -2.24 7.39
C PHE A 44 -15.42 -3.33 7.34
N LEU A 45 -14.63 -3.46 8.39
CA LEU A 45 -13.57 -4.51 8.44
C LEU A 45 -13.75 -5.31 9.72
N GLU A 46 -13.22 -6.51 9.79
CA GLU A 46 -13.41 -7.30 11.04
C GLU A 46 -12.92 -6.48 12.23
N GLU A 47 -13.83 -6.08 13.07
CA GLU A 47 -13.46 -5.27 14.27
C GLU A 47 -12.58 -6.13 15.19
N ILE A 48 -11.59 -5.54 15.80
CA ILE A 48 -10.69 -6.31 16.72
C ILE A 48 -11.15 -6.09 18.17
N LYS A 49 -11.24 -7.13 18.95
CA LYS A 49 -11.72 -6.99 20.36
C LYS A 49 -10.55 -7.13 21.34
N GLU A 50 -9.50 -7.82 20.94
CA GLU A 50 -8.34 -8.02 21.86
C GLU A 50 -7.11 -7.28 21.34
N GLN A 51 -6.29 -6.82 22.26
CA GLN A 51 -5.05 -6.10 21.87
C GLN A 51 -4.05 -7.12 21.31
N GLU A 52 -4.27 -8.39 21.56
CA GLU A 52 -3.32 -9.43 21.06
C GLU A 52 -3.34 -9.49 19.54
N VAL A 53 -4.49 -9.38 18.93
CA VAL A 53 -4.54 -9.41 17.45
C VAL A 53 -3.71 -8.28 16.91
N VAL A 54 -3.79 -7.16 17.55
CA VAL A 54 -3.01 -5.98 17.10
C VAL A 54 -1.53 -6.26 17.32
N ASP A 55 -1.20 -6.98 18.36
CA ASP A 55 0.23 -7.28 18.64
C ASP A 55 0.81 -8.15 17.51
N LYS A 56 0.03 -9.05 17.03
CA LYS A 56 0.49 -9.96 15.93
C LYS A 56 0.61 -9.14 14.65
N VAL A 57 -0.31 -8.25 14.46
CA VAL A 57 -0.27 -7.38 13.25
C VAL A 57 0.92 -6.43 13.40
N MET A 58 1.28 -6.14 14.62
CA MET A 58 2.45 -5.25 14.88
C MET A 58 3.71 -5.97 14.38
N GLU A 59 3.80 -7.24 14.58
CA GLU A 59 5.02 -7.95 14.11
C GLU A 59 5.17 -7.66 12.62
N THR A 60 4.07 -7.66 11.91
CA THR A 60 4.12 -7.40 10.45
C THR A 60 4.29 -5.91 10.15
N LEU A 61 3.55 -5.05 10.81
CA LEU A 61 3.65 -3.59 10.51
C LEU A 61 4.69 -2.91 11.40
N ASP A 62 5.11 -3.55 12.46
CA ASP A 62 6.14 -2.91 13.32
C ASP A 62 7.48 -3.15 12.66
N GLU A 63 7.62 -2.64 11.47
CA GLU A 63 8.88 -2.84 10.71
C GLU A 63 10.04 -2.24 11.51
N ASP A 64 9.81 -1.13 12.14
CA ASP A 64 10.89 -0.50 12.95
C ASP A 64 11.05 -1.31 14.25
N GLY A 65 10.12 -2.19 14.52
CA GLY A 65 10.20 -3.01 15.76
C GLY A 65 10.21 -2.09 16.99
N ASP A 66 9.55 -0.96 16.90
CA ASP A 66 9.52 -0.01 18.05
C ASP A 66 8.14 -0.03 18.71
N GLY A 67 7.29 -0.94 18.32
CA GLY A 67 5.93 -1.00 18.92
C GLY A 67 5.10 0.13 18.33
N GLU A 68 5.65 0.81 17.35
CA GLU A 68 4.93 1.93 16.70
C GLU A 68 5.17 1.85 15.19
N CYS A 69 4.12 1.84 14.40
CA CYS A 69 4.28 1.77 12.92
C CYS A 69 4.24 3.20 12.38
N ASP A 70 5.21 3.56 11.59
CA ASP A 70 5.26 4.94 11.04
C ASP A 70 4.17 5.11 9.98
N PHE A 71 3.81 6.33 9.69
CA PHE A 71 2.77 6.58 8.67
C PHE A 71 3.08 5.75 7.43
N GLN A 72 4.32 5.62 7.06
CA GLN A 72 4.63 4.80 5.85
C GLN A 72 4.31 3.33 6.13
N GLU A 73 4.58 2.85 7.32
CA GLU A 73 4.29 1.42 7.63
C GLU A 73 2.78 1.16 7.62
N PHE A 74 2.02 2.06 8.19
CA PHE A 74 0.55 1.88 8.22
C PHE A 74 0.01 1.94 6.79
N MET A 75 0.61 2.76 5.98
CA MET A 75 0.15 2.92 4.57
C MET A 75 0.25 1.58 3.84
N ALA A 76 1.27 0.82 4.10
CA ALA A 76 1.40 -0.47 3.37
C ALA A 76 0.29 -1.43 3.77
N PHE A 77 -0.15 -1.40 5.00
CA PHE A 77 -1.24 -2.32 5.44
C PHE A 77 -2.48 -2.06 4.61
N VAL A 78 -2.74 -0.84 4.31
CA VAL A 78 -3.94 -0.47 3.52
C VAL A 78 -3.90 -1.14 2.16
N SER A 79 -2.75 -1.20 1.57
CA SER A 79 -2.66 -1.83 0.21
C SER A 79 -3.08 -3.30 0.31
N MET A 80 -2.68 -3.95 1.37
CA MET A 80 -3.02 -5.39 1.53
C MET A 80 -4.52 -5.60 1.77
N VAL A 81 -5.12 -4.81 2.60
CA VAL A 81 -6.57 -5.00 2.88
C VAL A 81 -7.42 -4.68 1.66
N THR A 82 -7.01 -3.71 0.89
CA THR A 82 -7.81 -3.34 -0.32
C THR A 82 -7.85 -4.54 -1.25
N THR A 83 -6.75 -5.23 -1.35
CA THR A 83 -6.70 -6.41 -2.25
C THR A 83 -7.83 -7.36 -1.87
N ALA A 84 -8.09 -7.52 -0.60
CA ALA A 84 -9.21 -8.42 -0.18
C ALA A 84 -10.52 -7.88 -0.77
N CYS A 85 -10.67 -6.59 -0.79
CA CYS A 85 -11.92 -5.98 -1.34
C CYS A 85 -12.09 -6.38 -2.81
N HIS A 86 -11.03 -6.45 -3.56
CA HIS A 86 -11.16 -6.84 -4.99
C HIS A 86 -11.80 -8.22 -5.08
N GLU A 87 -11.45 -9.10 -4.20
CA GLU A 87 -12.06 -10.47 -4.25
C GLU A 87 -13.57 -10.33 -4.08
N PHE A 88 -14.01 -9.45 -3.22
CA PHE A 88 -15.48 -9.27 -2.99
C PHE A 88 -16.04 -8.25 -3.98
N PHE A 89 -15.31 -7.19 -4.26
CA PHE A 89 -15.81 -6.16 -5.20
C PHE A 89 -15.27 -6.49 -6.58
N GLU A 90 -15.74 -7.56 -7.16
CA GLU A 90 -15.26 -7.95 -8.51
C GLU A 90 -16.08 -7.21 -9.57
N HIS A 91 -15.53 -6.16 -10.10
CA HIS A 91 -16.27 -5.37 -11.13
C HIS A 91 -16.45 -6.21 -12.40
N GLU A 92 -15.45 -6.96 -12.78
CA GLU A 92 -15.55 -7.80 -14.01
N MET B 1 -14.05 11.32 6.53
CA MET B 1 -14.12 10.58 7.82
C MET B 1 -14.39 9.10 7.55
N SER B 2 -13.53 8.25 8.02
CA SER B 2 -13.74 6.79 7.78
C SER B 2 -14.02 6.53 6.30
N GLU B 3 -13.66 7.46 5.45
CA GLU B 3 -13.87 7.27 3.99
C GLU B 3 -12.82 6.30 3.46
N LEU B 4 -12.20 5.59 4.34
CA LEU B 4 -11.17 4.62 3.91
C LEU B 4 -11.79 3.62 2.96
N GLU B 5 -13.05 3.32 3.13
CA GLU B 5 -13.70 2.34 2.22
C GLU B 5 -13.70 2.89 0.79
N LYS B 6 -13.94 4.16 0.65
CA LYS B 6 -13.96 4.79 -0.70
C LYS B 6 -12.58 4.70 -1.35
N ALA B 7 -11.54 4.91 -0.60
CA ALA B 7 -10.19 4.87 -1.21
C ALA B 7 -9.82 3.44 -1.62
N MET B 8 -10.16 2.47 -0.82
CA MET B 8 -9.81 1.06 -1.16
C MET B 8 -10.49 0.68 -2.47
N VAL B 9 -11.70 1.11 -2.64
CA VAL B 9 -12.46 0.80 -3.87
C VAL B 9 -11.82 1.53 -5.05
N ALA B 10 -11.36 2.73 -4.82
CA ALA B 10 -10.76 3.52 -5.94
C ALA B 10 -9.49 2.86 -6.49
N LEU B 11 -8.67 2.31 -5.64
CA LEU B 11 -7.43 1.68 -6.15
C LEU B 11 -7.82 0.57 -7.11
N ILE B 12 -8.83 -0.16 -6.76
CA ILE B 12 -9.29 -1.29 -7.62
C ILE B 12 -9.86 -0.77 -8.95
N ASP B 13 -10.60 0.31 -8.94
CA ASP B 13 -11.19 0.80 -10.23
C ASP B 13 -10.10 1.19 -11.23
N VAL B 14 -9.10 1.91 -10.80
CA VAL B 14 -8.03 2.35 -11.73
C VAL B 14 -7.24 1.13 -12.25
N PHE B 15 -7.02 0.18 -11.39
CA PHE B 15 -6.26 -1.04 -11.79
C PHE B 15 -6.87 -1.62 -13.07
N HIS B 16 -8.16 -1.66 -13.17
CA HIS B 16 -8.81 -2.23 -14.38
C HIS B 16 -8.81 -1.23 -15.55
N GLN B 17 -8.68 0.05 -15.28
CA GLN B 17 -8.72 1.04 -16.40
C GLN B 17 -7.67 0.73 -17.46
N TYR B 18 -6.48 0.36 -17.07
CA TYR B 18 -5.41 0.09 -18.09
C TYR B 18 -4.89 -1.35 -17.98
N SER B 19 -5.03 -1.99 -16.85
CA SER B 19 -4.53 -3.39 -16.75
C SER B 19 -5.24 -4.24 -17.79
N GLY B 20 -6.52 -4.02 -17.97
CA GLY B 20 -7.27 -4.83 -18.97
C GLY B 20 -6.82 -4.43 -20.38
N ARG B 21 -5.91 -3.49 -20.48
CA ARG B 21 -5.43 -3.06 -21.82
C ARG B 21 -4.79 -4.24 -22.54
N GLU B 22 -4.01 -5.02 -21.84
CA GLU B 22 -3.32 -6.19 -22.46
C GLU B 22 -3.85 -7.50 -21.87
N GLY B 23 -3.57 -8.60 -22.51
CA GLY B 23 -4.07 -9.92 -22.02
C GLY B 23 -3.75 -10.08 -20.53
N ASP B 24 -2.69 -9.48 -20.06
CA ASP B 24 -2.36 -9.61 -18.62
C ASP B 24 -3.40 -8.85 -17.80
N LYS B 25 -4.66 -9.14 -18.02
CA LYS B 25 -5.74 -8.44 -17.26
C LYS B 25 -5.62 -8.72 -15.76
N HIS B 26 -5.30 -9.94 -15.38
CA HIS B 26 -5.20 -10.26 -13.92
C HIS B 26 -3.76 -10.07 -13.42
N LYS B 27 -2.87 -9.66 -14.27
CA LYS B 27 -1.44 -9.45 -13.83
C LYS B 27 -0.86 -8.22 -14.51
N LEU B 28 0.15 -7.65 -13.91
CA LEU B 28 0.82 -6.45 -14.49
C LEU B 28 2.22 -6.84 -14.98
N LYS B 29 2.50 -6.69 -16.23
CA LYS B 29 3.85 -7.03 -16.74
C LYS B 29 4.70 -5.77 -16.66
N LYS B 30 6.00 -5.88 -16.48
CA LYS B 30 6.84 -4.64 -16.41
C LYS B 30 6.41 -3.70 -17.53
N SER B 31 5.83 -4.26 -18.55
CA SER B 31 5.36 -3.42 -19.69
C SER B 31 4.05 -2.75 -19.30
N GLU B 32 3.09 -3.52 -18.84
CA GLU B 32 1.79 -2.92 -18.42
C GLU B 32 2.06 -2.02 -17.21
N LEU B 33 2.98 -2.40 -16.36
CA LEU B 33 3.29 -1.57 -15.17
C LEU B 33 3.76 -0.20 -15.66
N LYS B 34 4.56 -0.17 -16.69
CA LYS B 34 5.04 1.13 -17.22
C LYS B 34 3.85 1.98 -17.63
N GLU B 35 2.85 1.37 -18.19
CA GLU B 35 1.66 2.14 -18.65
C GLU B 35 1.05 2.83 -17.44
N LEU B 36 1.01 2.17 -16.32
CA LEU B 36 0.45 2.83 -15.13
C LEU B 36 1.28 4.06 -14.85
N ILE B 37 2.56 3.90 -14.81
CA ILE B 37 3.43 5.06 -14.51
C ILE B 37 3.57 6.04 -15.68
N ASN B 38 3.85 5.55 -16.84
CA ASN B 38 4.06 6.47 -17.99
C ASN B 38 2.74 6.95 -18.61
N ASN B 39 1.84 6.06 -18.85
CA ASN B 39 0.55 6.44 -19.52
C ASN B 39 -0.45 7.10 -18.56
N GLU B 40 -0.58 6.62 -17.35
CA GLU B 40 -1.61 7.21 -16.44
C GLU B 40 -1.05 8.39 -15.65
N LEU B 41 0.25 8.49 -15.50
CA LEU B 41 0.85 9.62 -14.70
C LEU B 41 1.82 10.41 -15.59
N SER B 42 1.35 10.92 -16.69
CA SER B 42 2.26 11.70 -17.59
C SER B 42 2.83 12.92 -16.84
N HIS B 43 2.01 13.58 -16.04
CA HIS B 43 2.51 14.78 -15.29
C HIS B 43 2.22 14.65 -13.80
N PHE B 44 1.25 13.85 -13.43
CA PHE B 44 0.93 13.69 -11.99
C PHE B 44 2.14 13.10 -11.27
N LEU B 45 2.82 12.16 -11.88
CA LEU B 45 4.03 11.54 -11.26
C LEU B 45 5.18 11.64 -12.25
N GLU B 46 6.40 11.53 -11.81
CA GLU B 46 7.52 11.65 -12.78
C GLU B 46 7.33 10.62 -13.89
N GLU B 47 7.07 11.08 -15.07
CA GLU B 47 6.85 10.17 -16.22
C GLU B 47 8.16 9.41 -16.50
N ILE B 48 8.08 8.15 -16.85
CA ILE B 48 9.31 7.35 -17.14
C ILE B 48 9.52 7.31 -18.66
N LYS B 49 10.73 7.53 -19.11
CA LYS B 49 11.00 7.55 -20.59
C LYS B 49 11.76 6.27 -21.00
N GLU B 50 12.47 5.67 -20.10
CA GLU B 50 13.25 4.43 -20.44
C GLU B 50 12.67 3.20 -19.74
N GLN B 51 12.78 2.07 -20.38
CA GLN B 51 12.28 0.82 -19.77
C GLN B 51 13.23 0.42 -18.64
N GLU B 52 14.41 0.97 -18.61
CA GLU B 52 15.39 0.59 -17.54
C GLU B 52 14.88 1.03 -16.17
N VAL B 53 14.30 2.18 -16.07
CA VAL B 53 13.79 2.64 -14.75
C VAL B 53 12.75 1.64 -14.27
N VAL B 54 11.95 1.17 -15.17
CA VAL B 54 10.91 0.19 -14.81
C VAL B 54 11.58 -1.11 -14.39
N ASP B 55 12.67 -1.45 -15.00
CA ASP B 55 13.38 -2.72 -14.66
C ASP B 55 13.89 -2.64 -13.22
N LYS B 56 14.36 -1.50 -12.82
CA LYS B 56 14.88 -1.33 -11.44
C LYS B 56 13.71 -1.39 -10.47
N VAL B 57 12.62 -0.79 -10.86
CA VAL B 57 11.41 -0.79 -10.01
C VAL B 57 10.88 -2.22 -9.96
N MET B 58 11.14 -2.98 -10.99
CA MET B 58 10.69 -4.39 -11.04
C MET B 58 11.45 -5.16 -9.97
N GLU B 59 12.69 -4.88 -9.76
CA GLU B 59 13.44 -5.61 -8.72
C GLU B 59 12.68 -5.44 -7.40
N THR B 60 12.17 -4.26 -7.17
CA THR B 60 11.42 -4.02 -5.91
C THR B 60 9.99 -4.60 -5.98
N LEU B 61 9.29 -4.38 -7.06
CA LEU B 61 7.88 -4.89 -7.15
C LEU B 61 7.84 -6.29 -7.74
N ASP B 62 8.89 -6.74 -8.37
CA ASP B 62 8.86 -8.12 -8.94
C ASP B 62 9.15 -9.06 -7.80
N GLU B 63 8.30 -9.05 -6.83
CA GLU B 63 8.48 -9.92 -5.65
C GLU B 63 8.49 -11.37 -6.11
N ASP B 64 7.68 -11.70 -7.05
CA ASP B 64 7.65 -13.11 -7.55
C ASP B 64 8.88 -13.33 -8.44
N GLY B 65 9.56 -12.26 -8.78
CA GLY B 65 10.78 -12.39 -9.64
C GLY B 65 10.38 -13.03 -10.97
N ASP B 66 9.19 -12.78 -11.43
CA ASP B 66 8.72 -13.39 -12.72
C ASP B 66 8.67 -12.31 -13.81
N GLY B 67 9.17 -11.13 -13.52
CA GLY B 67 9.12 -10.04 -14.54
C GLY B 67 7.69 -9.51 -14.61
N GLU B 68 6.85 -9.97 -13.72
CA GLU B 68 5.44 -9.52 -13.69
C GLU B 68 5.02 -9.32 -12.23
N CYS B 69 4.51 -8.16 -11.91
CA CYS B 69 4.07 -7.89 -10.50
C CYS B 69 2.57 -8.18 -10.41
N ASP B 70 2.18 -8.97 -9.46
CA ASP B 70 0.74 -9.34 -9.33
C ASP B 70 -0.04 -8.13 -8.81
N PHE B 71 -1.34 -8.14 -9.01
CA PHE B 71 -2.17 -7.02 -8.55
C PHE B 71 -1.79 -6.69 -7.10
N GLN B 72 -1.53 -7.66 -6.28
CA GLN B 72 -1.15 -7.35 -4.88
C GLN B 72 0.21 -6.64 -4.85
N GLU B 73 1.13 -7.04 -5.69
CA GLU B 73 2.46 -6.38 -5.69
C GLU B 73 2.34 -4.93 -6.15
N PHE B 74 1.58 -4.69 -7.18
CA PHE B 74 1.40 -3.30 -7.68
C PHE B 74 0.72 -2.47 -6.61
N MET B 75 -0.19 -3.06 -5.90
CA MET B 75 -0.93 -2.33 -4.84
C MET B 75 0.02 -1.78 -3.79
N ALA B 76 1.04 -2.52 -3.45
CA ALA B 76 1.97 -2.01 -2.41
C ALA B 76 2.74 -0.78 -2.92
N PHE B 77 3.05 -0.73 -4.17
CA PHE B 77 3.79 0.45 -4.72
C PHE B 77 2.97 1.71 -4.49
N VAL B 78 1.70 1.61 -4.65
CA VAL B 78 0.80 2.78 -4.47
C VAL B 78 0.92 3.33 -3.06
N SER B 79 1.02 2.47 -2.09
CA SER B 79 1.13 2.95 -0.70
C SER B 79 2.39 3.81 -0.54
N MET B 80 3.45 3.38 -1.17
CA MET B 80 4.73 4.12 -1.05
C MET B 80 4.67 5.49 -1.74
N VAL B 81 4.11 5.54 -2.92
CA VAL B 81 4.06 6.86 -3.64
C VAL B 81 3.13 7.83 -2.93
N THR B 82 2.07 7.34 -2.36
CA THR B 82 1.12 8.25 -1.67
C THR B 82 1.86 8.95 -0.54
N THR B 83 2.69 8.21 0.14
CA THR B 83 3.44 8.80 1.27
C THR B 83 4.19 10.04 0.78
N ALA B 84 4.73 9.98 -0.40
CA ALA B 84 5.44 11.18 -0.94
C ALA B 84 4.44 12.35 -1.03
N CYS B 85 3.22 12.06 -1.41
CA CYS B 85 2.19 13.13 -1.53
C CYS B 85 1.99 13.81 -0.18
N HIS B 86 2.03 13.06 0.90
CA HIS B 86 1.82 13.70 2.24
C HIS B 86 2.89 14.77 2.45
N GLU B 87 4.09 14.52 2.03
CA GLU B 87 5.16 15.53 2.21
C GLU B 87 4.76 16.81 1.47
N PHE B 88 4.17 16.67 0.31
CA PHE B 88 3.75 17.89 -0.46
C PHE B 88 2.34 18.31 -0.05
N PHE B 89 1.46 17.37 0.17
CA PHE B 89 0.07 17.72 0.57
C PHE B 89 -0.01 17.72 2.08
N GLU B 90 0.63 18.65 2.70
CA GLU B 90 0.61 18.72 4.19
C GLU B 90 -0.62 19.49 4.65
N HIS B 91 -1.65 18.78 5.04
CA HIS B 91 -2.91 19.45 5.49
C HIS B 91 -2.64 20.23 6.79
N GLU B 92 -1.87 19.68 7.68
CA GLU B 92 -1.59 20.39 8.96
N SER C 1 2.73 -30.29 15.79
CA SER C 1 2.24 -31.23 14.75
C SER C 1 0.76 -30.96 14.50
N HIS C 2 0.41 -29.80 14.02
CA HIS C 2 -1.02 -29.49 13.77
C HIS C 2 -1.84 -29.81 15.03
N LEU C 3 -1.33 -29.46 16.18
CA LEU C 3 -2.08 -29.76 17.44
C LEU C 3 -3.36 -28.92 17.48
N LYS C 4 -4.42 -29.46 17.98
CA LYS C 4 -5.71 -28.69 18.03
C LYS C 4 -5.56 -27.48 18.95
N SER C 5 -6.04 -26.35 18.52
CA SER C 5 -5.94 -25.11 19.35
C SER C 5 -7.05 -24.15 18.93
N LYS C 6 -7.38 -23.20 19.76
CA LYS C 6 -8.45 -22.22 19.40
C LYS C 6 -9.73 -22.98 19.07
N LYS C 7 -10.39 -23.52 20.07
CA LYS C 7 -11.65 -24.27 19.80
C LYS C 7 -12.66 -23.33 19.16
N GLY C 8 -12.73 -22.11 19.60
CA GLY C 8 -13.70 -21.16 18.99
C GLY C 8 -13.46 -19.74 19.53
N GLN C 9 -12.22 -19.33 19.60
CA GLN C 9 -11.93 -17.95 20.10
C GLN C 9 -12.05 -16.95 18.95
N SER C 10 -12.45 -15.74 19.24
CA SER C 10 -12.59 -14.73 18.16
C SER C 10 -11.24 -14.50 17.49
N THR C 11 -10.17 -14.52 18.25
CA THR C 11 -8.80 -14.31 17.68
C THR C 11 -8.68 -15.07 16.35
N SER C 12 -9.44 -16.12 16.18
CA SER C 12 -9.37 -16.89 14.90
C SER C 12 -9.74 -15.96 13.74
N ARG C 13 -10.52 -14.95 14.00
CA ARG C 13 -10.92 -14.01 12.90
C ARG C 13 -9.68 -13.37 12.29
N HIS C 14 -8.69 -13.07 13.09
CA HIS C 14 -7.47 -12.44 12.53
C HIS C 14 -6.87 -13.37 11.48
N LYS C 15 -6.87 -14.66 11.74
CA LYS C 15 -6.31 -15.62 10.75
C LYS C 15 -7.08 -15.49 9.44
N LYS C 16 -8.33 -15.13 9.50
CA LYS C 16 -9.10 -15.00 8.24
C LYS C 16 -8.36 -13.98 7.36
N LEU C 17 -7.86 -12.92 7.96
CA LEU C 17 -7.12 -11.89 7.15
C LEU C 17 -5.77 -12.48 6.68
N MET C 18 -5.10 -13.23 7.52
CA MET C 18 -3.79 -13.82 7.12
C MET C 18 -3.85 -14.36 5.70
N PHE C 19 -5.03 -14.71 5.22
CA PHE C 19 -5.15 -15.27 3.83
C PHE C 19 -4.24 -14.48 2.87
N LYS C 20 -4.29 -13.17 2.92
CA LYS C 20 -3.43 -12.35 2.02
C LYS C 20 -2.00 -12.38 2.52
N THR C 21 -1.83 -12.47 3.81
CA THR C 21 -0.45 -12.48 4.36
C THR C 21 0.28 -13.68 3.77
N GLU C 22 -0.40 -14.79 3.65
CA GLU C 22 0.25 -16.00 3.07
N SER D 1 33.66 3.15 -4.76
CA SER D 1 34.01 4.18 -3.74
C SER D 1 33.37 5.52 -4.13
N HIS D 2 32.06 5.58 -4.15
CA HIS D 2 31.39 6.85 -4.53
C HIS D 2 31.97 7.36 -5.86
N LEU D 3 32.20 6.48 -6.80
CA LEU D 3 32.76 6.93 -8.10
C LEU D 3 31.74 7.80 -8.83
N LYS D 4 32.20 8.82 -9.51
CA LYS D 4 31.26 9.73 -10.23
C LYS D 4 30.54 8.96 -11.33
N SER D 5 29.25 9.15 -11.44
CA SER D 5 28.47 8.45 -12.49
C SER D 5 27.20 9.26 -12.79
N LYS D 6 26.58 9.03 -13.91
CA LYS D 6 25.33 9.78 -14.25
C LYS D 6 25.62 11.28 -14.21
N LYS D 7 26.35 11.79 -15.17
CA LYS D 7 26.66 13.24 -15.17
C LYS D 7 25.36 14.04 -15.22
N GLY D 8 24.40 13.59 -15.99
CA GLY D 8 23.11 14.33 -16.07
C GLY D 8 22.08 13.51 -16.85
N GLN D 9 21.99 12.23 -16.59
CA GLN D 9 21.00 11.39 -17.32
C GLN D 9 19.64 11.49 -16.61
N SER D 10 18.58 11.39 -17.36
CA SER D 10 17.23 11.47 -16.74
C SER D 10 17.06 10.35 -15.72
N THR D 11 17.59 9.19 -16.01
CA THR D 11 17.46 8.03 -15.07
C THR D 11 17.69 8.50 -13.62
N SER D 12 18.41 9.57 -13.45
CA SER D 12 18.65 10.10 -12.08
C SER D 12 17.30 10.44 -11.43
N ARG D 13 16.32 10.76 -12.23
CA ARG D 13 14.98 11.11 -11.66
C ARG D 13 14.42 9.94 -10.85
N HIS D 14 14.67 8.74 -11.29
CA HIS D 14 14.14 7.57 -10.53
C HIS D 14 14.73 7.60 -9.12
N LYS D 15 15.98 7.95 -9.00
CA LYS D 15 16.61 8.01 -7.64
C LYS D 15 15.84 9.01 -6.78
N LYS D 16 15.28 10.02 -7.38
CA LYS D 16 14.52 11.00 -6.57
C LYS D 16 13.43 10.24 -5.82
N LEU D 17 12.81 9.29 -6.46
CA LEU D 17 11.74 8.49 -5.78
C LEU D 17 12.37 7.58 -4.71
N MET D 18 13.50 6.99 -5.00
CA MET D 18 14.17 6.08 -4.01
C MET D 18 14.12 6.70 -2.62
N PHE D 19 14.01 8.00 -2.51
CA PHE D 19 13.97 8.66 -1.16
C PHE D 19 13.10 7.83 -0.20
N LYS D 20 11.92 7.44 -0.62
CA LYS D 20 11.03 6.65 0.26
C LYS D 20 11.54 5.21 0.32
N THR D 21 12.14 4.74 -0.74
CA THR D 21 12.64 3.35 -0.74
C THR D 21 13.67 3.22 0.39
N GLU D 22 14.47 4.23 0.58
CA GLU D 22 15.49 4.19 1.66
CA CA E . -1.50 8.52 16.34
CA CA F . 7.93 0.37 13.25
CA CA G . -2.12 -5.98 -17.56
CA CA H . 6.33 -10.87 -9.07
N MET A 1 -10.80 5.39 -12.43
CA MET A 1 -10.35 6.04 -13.69
C MET A 1 -9.22 7.03 -13.37
N SER A 2 -7.99 6.59 -13.38
CA SER A 2 -6.87 7.52 -13.06
C SER A 2 -7.16 8.26 -11.76
N GLU A 3 -8.16 7.84 -11.05
CA GLU A 3 -8.48 8.49 -9.75
C GLU A 3 -7.48 8.02 -8.71
N LEU A 4 -6.37 7.50 -9.15
CA LEU A 4 -5.34 7.01 -8.21
C LEU A 4 -4.88 8.16 -7.32
N GLU A 5 -4.77 9.34 -7.86
CA GLU A 5 -4.32 10.49 -7.02
C GLU A 5 -5.31 10.70 -5.87
N LYS A 6 -6.56 10.52 -6.13
CA LYS A 6 -7.59 10.67 -5.05
C LYS A 6 -7.32 9.66 -3.94
N ALA A 7 -6.98 8.45 -4.30
CA ALA A 7 -6.75 7.41 -3.26
C ALA A 7 -5.51 7.74 -2.44
N MET A 8 -4.49 8.23 -3.06
CA MET A 8 -3.25 8.55 -2.30
C MET A 8 -3.54 9.65 -1.28
N VAL A 9 -4.33 10.60 -1.67
CA VAL A 9 -4.68 11.71 -0.75
C VAL A 9 -5.54 11.18 0.38
N ALA A 10 -6.40 10.25 0.09
CA ALA A 10 -7.30 9.69 1.14
C ALA A 10 -6.52 8.92 2.21
N LEU A 11 -5.53 8.16 1.83
CA LEU A 11 -4.78 7.38 2.86
C LEU A 11 -4.16 8.36 3.84
N ILE A 12 -3.67 9.46 3.35
CA ILE A 12 -3.05 10.45 4.25
C ILE A 12 -4.12 11.13 5.14
N ASP A 13 -5.27 11.41 4.61
CA ASP A 13 -6.32 12.09 5.43
C ASP A 13 -6.74 11.24 6.64
N VAL A 14 -7.03 9.99 6.42
CA VAL A 14 -7.47 9.08 7.54
C VAL A 14 -6.30 8.82 8.50
N PHE A 15 -5.12 8.64 7.97
CA PHE A 15 -3.95 8.35 8.85
C PHE A 15 -3.76 9.52 9.80
N HIS A 16 -3.95 10.73 9.35
CA HIS A 16 -3.77 11.89 10.25
C HIS A 16 -4.83 11.88 11.35
N GLN A 17 -6.00 11.34 11.08
CA GLN A 17 -7.07 11.32 12.10
C GLN A 17 -6.60 10.54 13.34
N TYR A 18 -5.92 9.44 13.16
CA TYR A 18 -5.45 8.64 14.35
C TYR A 18 -4.03 9.00 14.75
N SER A 19 -3.26 9.56 13.87
CA SER A 19 -1.86 9.90 14.24
C SER A 19 -1.93 10.83 15.46
N GLY A 20 -2.87 11.73 15.46
CA GLY A 20 -3.01 12.67 16.62
C GLY A 20 -3.85 12.00 17.72
N ARG A 21 -3.66 10.72 17.96
CA ARG A 21 -4.49 10.06 19.02
C ARG A 21 -4.02 10.50 20.42
N GLU A 22 -2.80 10.16 20.77
CA GLU A 22 -2.27 10.55 22.13
C GLU A 22 -1.10 11.52 21.95
N GLY A 23 -0.50 11.55 20.78
CA GLY A 23 0.63 12.47 20.55
C GLY A 23 1.64 11.82 19.60
N ASP A 24 1.54 10.53 19.38
CA ASP A 24 2.51 9.88 18.46
C ASP A 24 2.12 10.22 17.02
N LYS A 25 2.08 11.48 16.71
CA LYS A 25 1.70 11.92 15.33
C LYS A 25 2.69 11.33 14.31
N HIS A 26 3.95 11.32 14.65
CA HIS A 26 4.97 10.80 13.69
C HIS A 26 5.01 9.26 13.69
N LYS A 27 4.54 8.62 14.73
CA LYS A 27 4.57 7.11 14.77
C LYS A 27 3.28 6.55 15.37
N LEU A 28 2.89 5.37 14.98
CA LEU A 28 1.66 4.72 15.52
C LEU A 28 2.07 3.60 16.47
N LYS A 29 1.45 3.52 17.63
CA LYS A 29 1.79 2.43 18.60
C LYS A 29 0.71 1.34 18.52
N LYS A 30 1.09 0.10 18.71
CA LYS A 30 0.10 -1.02 18.62
C LYS A 30 -1.19 -0.59 19.33
N SER A 31 -1.07 0.33 20.23
CA SER A 31 -2.29 0.82 20.96
C SER A 31 -3.07 1.74 20.04
N GLU A 32 -2.42 2.76 19.52
CA GLU A 32 -3.10 3.70 18.60
C GLU A 32 -3.57 2.92 17.38
N LEU A 33 -2.79 1.96 16.96
CA LEU A 33 -3.16 1.14 15.77
C LEU A 33 -4.49 0.43 16.02
N LYS A 34 -4.70 -0.09 17.20
CA LYS A 34 -5.99 -0.81 17.48
C LYS A 34 -7.16 0.15 17.29
N GLU A 35 -7.02 1.37 17.72
CA GLU A 35 -8.14 2.34 17.57
C GLU A 35 -8.37 2.60 16.07
N LEU A 36 -7.33 2.65 15.30
CA LEU A 36 -7.50 2.87 13.84
C LEU A 36 -8.33 1.73 13.26
N ILE A 37 -7.99 0.53 13.62
CA ILE A 37 -8.71 -0.66 13.09
C ILE A 37 -10.10 -0.80 13.70
N ASN A 38 -10.19 -0.77 15.00
CA ASN A 38 -11.53 -0.99 15.64
C ASN A 38 -12.46 0.21 15.47
N ASN A 39 -11.98 1.37 15.76
CA ASN A 39 -12.84 2.59 15.70
C ASN A 39 -13.11 3.07 14.26
N GLU A 40 -12.11 3.13 13.41
CA GLU A 40 -12.37 3.64 12.02
C GLU A 40 -12.92 2.54 11.12
N LEU A 41 -12.82 1.30 11.52
CA LEU A 41 -13.34 0.20 10.65
C LEU A 41 -14.06 -0.85 11.50
N SER A 42 -14.96 -0.43 12.35
CA SER A 42 -15.70 -1.41 13.18
C SER A 42 -16.52 -2.35 12.28
N HIS A 43 -17.21 -1.79 11.31
CA HIS A 43 -18.04 -2.62 10.39
C HIS A 43 -17.28 -2.88 9.08
N PHE A 44 -16.58 -1.90 8.60
CA PHE A 44 -15.82 -2.09 7.33
C PHE A 44 -14.81 -3.22 7.50
N LEU A 45 -14.17 -3.30 8.65
CA LEU A 45 -13.19 -4.40 8.92
C LEU A 45 -13.65 -5.06 10.21
N GLU A 46 -13.68 -6.36 10.28
CA GLU A 46 -14.17 -6.98 11.53
C GLU A 46 -13.39 -6.39 12.72
N GLU A 47 -14.09 -5.74 13.59
CA GLU A 47 -13.44 -5.10 14.77
C GLU A 47 -12.56 -6.12 15.51
N ILE A 48 -11.52 -5.66 16.14
CA ILE A 48 -10.63 -6.60 16.89
C ILE A 48 -11.23 -6.82 18.27
N LYS A 49 -11.17 -8.02 18.77
CA LYS A 49 -11.79 -8.32 20.11
C LYS A 49 -10.71 -8.53 21.18
N GLU A 50 -9.48 -8.77 20.78
CA GLU A 50 -8.40 -8.99 21.79
C GLU A 50 -7.11 -8.32 21.34
N GLN A 51 -6.40 -7.74 22.27
CA GLN A 51 -5.12 -7.02 21.96
C GLN A 51 -4.11 -7.96 21.30
N GLU A 52 -4.17 -9.23 21.59
CA GLU A 52 -3.18 -10.18 20.99
C GLU A 52 -3.26 -10.15 19.47
N VAL A 53 -4.43 -10.05 18.92
CA VAL A 53 -4.55 -10.04 17.44
C VAL A 53 -3.77 -8.85 16.91
N VAL A 54 -3.87 -7.75 17.58
CA VAL A 54 -3.14 -6.54 17.14
C VAL A 54 -1.64 -6.78 17.23
N ASP A 55 -1.19 -7.46 18.25
CA ASP A 55 0.27 -7.70 18.39
C ASP A 55 0.77 -8.59 17.26
N LYS A 56 -0.03 -9.53 16.83
CA LYS A 56 0.39 -10.42 15.72
C LYS A 56 0.49 -9.59 14.46
N VAL A 57 -0.44 -8.70 14.28
CA VAL A 57 -0.41 -7.81 13.10
C VAL A 57 0.84 -6.94 13.20
N MET A 58 1.21 -6.62 14.42
CA MET A 58 2.41 -5.76 14.60
C MET A 58 3.66 -6.55 14.25
N GLU A 59 3.65 -7.84 14.42
CA GLU A 59 4.87 -8.59 14.03
C GLU A 59 5.10 -8.34 12.55
N THR A 60 4.04 -8.30 11.79
CA THR A 60 4.16 -8.03 10.33
C THR A 60 4.44 -6.54 10.06
N LEU A 61 3.78 -5.63 10.76
CA LEU A 61 4.00 -4.18 10.50
C LEU A 61 5.13 -3.65 11.39
N ASP A 62 5.49 -4.37 12.41
CA ASP A 62 6.60 -3.90 13.27
C ASP A 62 7.88 -4.30 12.58
N GLU A 63 8.07 -3.77 11.40
CA GLU A 63 9.25 -4.12 10.60
C GLU A 63 10.53 -3.76 11.36
N ASP A 64 10.53 -2.64 12.03
CA ASP A 64 11.74 -2.24 12.80
C ASP A 64 11.76 -2.98 14.14
N GLY A 65 10.70 -3.69 14.46
CA GLY A 65 10.68 -4.46 15.74
C GLY A 65 10.62 -3.49 16.93
N ASP A 66 9.90 -2.39 16.81
CA ASP A 66 9.83 -1.40 17.93
C ASP A 66 8.47 -1.50 18.62
N GLY A 67 7.62 -2.39 18.16
CA GLY A 67 6.26 -2.51 18.79
C GLY A 67 5.40 -1.35 18.30
N GLU A 68 5.92 -0.57 17.39
CA GLU A 68 5.17 0.60 16.83
C GLU A 68 5.40 0.64 15.32
N CYS A 69 4.36 0.83 14.55
CA CYS A 69 4.55 0.93 13.05
C CYS A 69 4.49 2.39 12.66
N ASP A 70 5.46 2.86 11.92
CA ASP A 70 5.49 4.30 11.53
C ASP A 70 4.53 4.55 10.36
N PHE A 71 4.34 5.79 10.00
CA PHE A 71 3.42 6.12 8.90
C PHE A 71 3.75 5.24 7.70
N GLN A 72 5.01 5.00 7.43
CA GLN A 72 5.37 4.13 6.28
C GLN A 72 4.90 2.69 6.53
N GLU A 73 5.26 2.12 7.64
CA GLU A 73 4.86 0.71 7.92
C GLU A 73 3.32 0.56 7.96
N PHE A 74 2.65 1.51 8.55
CA PHE A 74 1.15 1.45 8.59
C PHE A 74 0.60 1.54 7.17
N MET A 75 1.22 2.34 6.36
CA MET A 75 0.74 2.52 4.95
C MET A 75 0.75 1.20 4.20
N ALA A 76 1.73 0.38 4.41
CA ALA A 76 1.78 -0.91 3.66
C ALA A 76 0.65 -1.83 4.10
N PHE A 77 0.22 -1.74 5.33
CA PHE A 77 -0.89 -2.60 5.79
C PHE A 77 -2.13 -2.33 4.94
N VAL A 78 -2.34 -1.10 4.64
CA VAL A 78 -3.51 -0.69 3.82
C VAL A 78 -3.47 -1.36 2.45
N SER A 79 -2.31 -1.46 1.87
CA SER A 79 -2.23 -2.08 0.52
C SER A 79 -2.58 -3.56 0.58
N MET A 80 -2.14 -4.24 1.59
CA MET A 80 -2.43 -5.70 1.68
C MET A 80 -3.92 -5.96 1.96
N VAL A 81 -4.52 -5.20 2.82
CA VAL A 81 -5.96 -5.43 3.12
C VAL A 81 -6.81 -5.05 1.91
N THR A 82 -6.38 -4.06 1.17
CA THR A 82 -7.16 -3.63 -0.02
C THR A 82 -7.26 -4.80 -0.98
N THR A 83 -6.20 -5.53 -1.11
CA THR A 83 -6.20 -6.69 -2.02
C THR A 83 -7.33 -7.63 -1.59
N ALA A 84 -7.54 -7.74 -0.30
CA ALA A 84 -8.65 -8.60 0.19
C ALA A 84 -9.96 -8.06 -0.37
N CYS A 85 -10.08 -6.75 -0.43
CA CYS A 85 -11.32 -6.14 -0.98
C CYS A 85 -11.53 -6.59 -2.42
N HIS A 86 -10.46 -6.80 -3.16
CA HIS A 86 -10.64 -7.23 -4.57
C HIS A 86 -11.44 -8.53 -4.59
N GLU A 87 -11.09 -9.46 -3.74
CA GLU A 87 -11.86 -10.74 -3.72
C GLU A 87 -13.32 -10.42 -3.34
N PHE A 88 -13.50 -9.52 -2.42
CA PHE A 88 -14.88 -9.15 -1.98
C PHE A 88 -15.56 -8.32 -3.07
N PHE A 89 -14.93 -7.27 -3.50
CA PHE A 89 -15.52 -6.39 -4.55
C PHE A 89 -15.02 -6.84 -5.92
N GLU A 90 -15.43 -8.00 -6.35
CA GLU A 90 -14.99 -8.52 -7.67
C GLU A 90 -15.85 -7.89 -8.78
N HIS A 91 -15.36 -6.86 -9.39
CA HIS A 91 -16.15 -6.20 -10.49
C HIS A 91 -16.40 -7.21 -11.60
N GLU A 92 -15.43 -8.02 -11.91
CA GLU A 92 -15.60 -9.03 -12.99
N MET B 1 -11.64 11.13 6.34
CA MET B 1 -12.55 10.81 7.47
C MET B 1 -13.08 9.39 7.31
N SER B 2 -12.40 8.42 7.84
CA SER B 2 -12.88 7.01 7.71
C SER B 2 -13.17 6.71 6.24
N GLU B 3 -12.79 7.58 5.36
CA GLU B 3 -13.02 7.35 3.91
C GLU B 3 -12.01 6.33 3.42
N LEU B 4 -11.43 5.59 4.32
CA LEU B 4 -10.41 4.59 3.92
C LEU B 4 -11.06 3.56 2.99
N GLU B 5 -12.28 3.22 3.21
CA GLU B 5 -12.95 2.22 2.33
C GLU B 5 -12.98 2.77 0.90
N LYS B 6 -13.19 4.04 0.75
CA LYS B 6 -13.22 4.66 -0.61
C LYS B 6 -11.85 4.48 -1.27
N ALA B 7 -10.80 4.65 -0.53
CA ALA B 7 -9.44 4.52 -1.14
C ALA B 7 -9.17 3.07 -1.56
N MET B 8 -9.59 2.13 -0.77
CA MET B 8 -9.34 0.71 -1.12
C MET B 8 -10.06 0.38 -2.42
N VAL B 9 -11.25 0.88 -2.58
CA VAL B 9 -12.03 0.61 -3.80
C VAL B 9 -11.37 1.29 -5.00
N ALA B 10 -10.82 2.45 -4.78
CA ALA B 10 -10.18 3.20 -5.90
C ALA B 10 -8.93 2.48 -6.42
N LEU B 11 -8.13 1.92 -5.55
CA LEU B 11 -6.91 1.23 -6.03
C LEU B 11 -7.31 0.10 -6.96
N ILE B 12 -8.35 -0.59 -6.63
CA ILE B 12 -8.82 -1.70 -7.49
C ILE B 12 -9.39 -1.16 -8.82
N ASP B 13 -10.10 -0.07 -8.79
CA ASP B 13 -10.69 0.47 -10.06
C ASP B 13 -9.60 0.82 -11.08
N VAL B 14 -8.59 1.55 -10.67
CA VAL B 14 -7.50 1.97 -11.61
C VAL B 14 -6.66 0.75 -12.03
N PHE B 15 -6.39 -0.13 -11.11
CA PHE B 15 -5.57 -1.31 -11.45
C PHE B 15 -6.27 -2.11 -12.55
N HIS B 16 -7.55 -2.22 -12.50
CA HIS B 16 -8.29 -2.99 -13.55
C HIS B 16 -8.15 -2.28 -14.90
N GLN B 17 -8.03 -0.98 -14.89
CA GLN B 17 -7.91 -0.24 -16.19
C GLN B 17 -6.68 -0.72 -16.96
N TYR B 18 -5.57 -0.94 -16.30
CA TYR B 18 -4.32 -1.40 -17.03
C TYR B 18 -4.18 -2.92 -17.00
N SER B 19 -4.81 -3.59 -16.08
CA SER B 19 -4.68 -5.06 -16.03
C SER B 19 -5.12 -5.61 -17.39
N GLY B 20 -6.17 -5.04 -17.94
CA GLY B 20 -6.66 -5.51 -19.27
C GLY B 20 -5.88 -4.78 -20.39
N ARG B 21 -4.60 -4.60 -20.23
CA ARG B 21 -3.83 -3.88 -21.30
C ARG B 21 -3.64 -4.81 -22.52
N GLU B 22 -2.93 -5.89 -22.35
CA GLU B 22 -2.70 -6.84 -23.49
C GLU B 22 -3.38 -8.17 -23.19
N GLY B 23 -3.65 -8.44 -21.94
CA GLY B 23 -4.31 -9.73 -21.58
C GLY B 23 -3.79 -10.20 -20.21
N ASP B 24 -2.72 -9.65 -19.73
CA ASP B 24 -2.21 -10.07 -18.41
C ASP B 24 -3.09 -9.48 -17.31
N LYS B 25 -4.36 -9.78 -17.36
CA LYS B 25 -5.31 -9.25 -16.34
C LYS B 25 -4.89 -9.70 -14.94
N HIS B 26 -4.46 -10.93 -14.82
CA HIS B 26 -4.07 -11.45 -13.48
C HIS B 26 -2.67 -10.99 -13.08
N LYS B 27 -1.84 -10.59 -14.03
CA LYS B 27 -0.45 -10.14 -13.67
C LYS B 27 -0.04 -8.93 -14.52
N LEU B 28 0.82 -8.10 -13.99
CA LEU B 28 1.30 -6.89 -14.74
C LEU B 28 2.75 -7.14 -15.19
N LYS B 29 3.06 -6.83 -16.42
CA LYS B 29 4.46 -7.02 -16.92
C LYS B 29 5.17 -5.68 -16.93
N LYS B 30 6.46 -5.66 -16.67
CA LYS B 30 7.22 -4.37 -16.64
C LYS B 30 6.78 -3.51 -17.82
N SER B 31 6.25 -4.13 -18.84
CA SER B 31 5.77 -3.36 -20.02
C SER B 31 4.43 -2.72 -19.67
N GLU B 32 3.49 -3.52 -19.25
CA GLU B 32 2.17 -2.98 -18.87
C GLU B 32 2.36 -2.00 -17.72
N LEU B 33 3.27 -2.29 -16.84
CA LEU B 33 3.53 -1.40 -15.68
C LEU B 33 3.95 -0.02 -16.17
N LYS B 34 4.77 0.06 -17.18
CA LYS B 34 5.22 1.40 -17.68
C LYS B 34 4.00 2.21 -18.15
N GLU B 35 3.06 1.57 -18.79
CA GLU B 35 1.87 2.32 -19.26
C GLU B 35 1.07 2.81 -18.05
N LEU B 36 1.01 2.03 -17.02
CA LEU B 36 0.27 2.47 -15.81
C LEU B 36 0.93 3.75 -15.27
N ILE B 37 2.22 3.74 -15.17
CA ILE B 37 2.96 4.91 -14.64
C ILE B 37 2.98 6.08 -15.62
N ASN B 38 3.35 5.83 -16.85
CA ASN B 38 3.46 6.97 -17.82
C ASN B 38 2.09 7.47 -18.28
N ASN B 39 1.24 6.58 -18.67
CA ASN B 39 -0.09 6.99 -19.20
C ASN B 39 -1.07 7.43 -18.11
N GLU B 40 -1.18 6.71 -17.02
CA GLU B 40 -2.18 7.12 -15.97
C GLU B 40 -1.60 8.21 -15.06
N LEU B 41 -0.31 8.43 -15.08
CA LEU B 41 0.27 9.47 -14.19
C LEU B 41 1.35 10.27 -14.94
N SER B 42 1.04 10.73 -16.11
CA SER B 42 2.05 11.52 -16.88
C SER B 42 2.40 12.80 -16.10
N HIS B 43 1.40 13.47 -15.59
CA HIS B 43 1.65 14.74 -14.81
C HIS B 43 1.62 14.45 -13.31
N PHE B 44 0.73 13.61 -12.88
CA PHE B 44 0.65 13.29 -11.42
C PHE B 44 1.99 12.70 -10.97
N LEU B 45 2.59 11.86 -11.77
CA LEU B 45 3.92 11.26 -11.42
C LEU B 45 4.84 11.57 -12.58
N GLU B 46 6.05 12.00 -12.33
CA GLU B 46 6.93 12.33 -13.48
C GLU B 46 6.97 11.14 -14.44
N GLU B 47 6.50 11.36 -15.63
CA GLU B 47 6.47 10.27 -16.65
C GLU B 47 7.85 9.61 -16.76
N ILE B 48 7.89 8.35 -17.10
CA ILE B 48 9.20 7.66 -17.25
C ILE B 48 9.74 7.95 -18.65
N LYS B 49 11.02 8.17 -18.79
CA LYS B 49 11.60 8.51 -20.13
C LYS B 49 12.39 7.32 -20.70
N GLU B 50 12.77 6.38 -19.87
CA GLU B 50 13.57 5.22 -20.37
C GLU B 50 13.09 3.92 -19.70
N GLN B 51 13.06 2.85 -20.45
CA GLN B 51 12.59 1.53 -19.92
C GLN B 51 13.47 1.08 -18.74
N GLU B 52 14.71 1.48 -18.71
CA GLU B 52 15.60 1.02 -17.60
C GLU B 52 15.04 1.47 -16.26
N VAL B 53 14.50 2.64 -16.17
CA VAL B 53 13.95 3.09 -14.86
C VAL B 53 12.87 2.13 -14.43
N VAL B 54 12.08 1.69 -15.34
CA VAL B 54 11.00 0.75 -15.00
C VAL B 54 11.60 -0.56 -14.52
N ASP B 55 12.66 -1.00 -15.13
CA ASP B 55 13.28 -2.29 -14.70
C ASP B 55 13.82 -2.18 -13.28
N LYS B 56 14.34 -1.04 -12.92
CA LYS B 56 14.89 -0.86 -11.55
C LYS B 56 13.72 -0.91 -10.58
N VAL B 57 12.64 -0.31 -10.96
CA VAL B 57 11.43 -0.34 -10.09
C VAL B 57 10.98 -1.78 -10.00
N MET B 58 11.16 -2.53 -11.05
CA MET B 58 10.74 -3.94 -11.04
C MET B 58 11.63 -4.73 -10.09
N GLU B 59 12.86 -4.36 -9.92
CA GLU B 59 13.71 -5.13 -8.98
C GLU B 59 13.02 -5.06 -7.62
N THR B 60 12.49 -3.91 -7.29
CA THR B 60 11.77 -3.75 -5.99
C THR B 60 10.38 -4.43 -6.03
N LEU B 61 9.64 -4.29 -7.10
CA LEU B 61 8.28 -4.92 -7.16
C LEU B 61 8.37 -6.32 -7.73
N ASP B 62 9.45 -6.67 -8.36
CA ASP B 62 9.57 -8.06 -8.89
C ASP B 62 10.01 -8.91 -7.72
N GLU B 63 9.17 -8.97 -6.73
CA GLU B 63 9.49 -9.74 -5.51
C GLU B 63 9.71 -11.21 -5.87
N ASP B 64 8.92 -11.74 -6.76
CA ASP B 64 9.10 -13.17 -7.15
C ASP B 64 10.24 -13.27 -8.18
N GLY B 65 10.73 -12.16 -8.64
CA GLY B 65 11.86 -12.20 -9.63
C GLY B 65 11.37 -12.76 -10.96
N ASP B 66 10.16 -12.43 -11.37
CA ASP B 66 9.63 -12.95 -12.66
C ASP B 66 9.63 -11.85 -13.73
N GLY B 67 10.08 -10.67 -13.38
CA GLY B 67 10.08 -9.55 -14.36
C GLY B 67 8.66 -9.02 -14.49
N GLU B 68 7.77 -9.54 -13.69
CA GLU B 68 6.34 -9.09 -13.73
C GLU B 68 5.85 -8.94 -12.28
N CYS B 69 5.15 -7.87 -11.98
CA CYS B 69 4.62 -7.69 -10.59
C CYS B 69 3.13 -8.02 -10.61
N ASP B 70 2.68 -8.87 -9.73
CA ASP B 70 1.25 -9.27 -9.73
C ASP B 70 0.40 -8.20 -9.05
N PHE B 71 -0.89 -8.34 -9.10
CA PHE B 71 -1.79 -7.33 -8.47
C PHE B 71 -1.31 -7.05 -7.05
N GLN B 72 -0.89 -8.06 -6.33
CA GLN B 72 -0.40 -7.82 -4.94
C GLN B 72 0.89 -6.98 -4.97
N GLU B 73 1.87 -7.40 -5.72
CA GLU B 73 3.16 -6.63 -5.75
C GLU B 73 2.94 -5.21 -6.26
N PHE B 74 2.12 -5.03 -7.26
CA PHE B 74 1.84 -3.67 -7.78
C PHE B 74 1.14 -2.84 -6.70
N MET B 75 0.29 -3.46 -5.96
CA MET B 75 -0.46 -2.74 -4.89
C MET B 75 0.49 -2.14 -3.86
N ALA B 76 1.54 -2.82 -3.53
CA ALA B 76 2.47 -2.27 -2.51
C ALA B 76 3.20 -1.03 -3.05
N PHE B 77 3.43 -0.98 -4.33
CA PHE B 77 4.11 0.21 -4.91
C PHE B 77 3.29 1.46 -4.61
N VAL B 78 2.01 1.32 -4.72
CA VAL B 78 1.09 2.46 -4.47
C VAL B 78 1.26 2.98 -3.05
N SER B 79 1.42 2.10 -2.11
CA SER B 79 1.54 2.56 -0.69
C SER B 79 2.84 3.35 -0.50
N MET B 80 3.90 2.92 -1.10
CA MET B 80 5.19 3.63 -0.91
C MET B 80 5.17 5.00 -1.59
N VAL B 81 4.62 5.10 -2.77
CA VAL B 81 4.59 6.41 -3.47
C VAL B 81 3.64 7.36 -2.76
N THR B 82 2.59 6.83 -2.19
CA THR B 82 1.62 7.70 -1.48
C THR B 82 2.34 8.42 -0.35
N THR B 83 3.21 7.70 0.31
CA THR B 83 3.96 8.31 1.43
C THR B 83 4.69 9.54 0.89
N ALA B 84 5.19 9.45 -0.31
CA ALA B 84 5.87 10.63 -0.92
C ALA B 84 4.88 11.78 -0.98
N CYS B 85 3.64 11.48 -1.30
CA CYS B 85 2.60 12.55 -1.37
C CYS B 85 2.48 13.24 -0.01
N HIS B 86 2.67 12.51 1.06
CA HIS B 86 2.55 13.16 2.41
C HIS B 86 3.55 14.32 2.48
N GLU B 87 4.77 14.10 2.06
CA GLU B 87 5.75 15.22 2.10
C GLU B 87 5.24 16.34 1.19
N PHE B 88 4.70 15.99 0.06
CA PHE B 88 4.18 17.02 -0.88
C PHE B 88 2.89 17.64 -0.34
N PHE B 89 1.94 16.82 0.01
CA PHE B 89 0.65 17.34 0.54
C PHE B 89 0.71 17.37 2.07
N GLU B 90 1.53 18.23 2.61
CA GLU B 90 1.66 18.31 4.09
C GLU B 90 0.52 19.16 4.65
N HIS B 91 -0.52 18.54 5.12
CA HIS B 91 -1.68 19.30 5.69
C HIS B 91 -1.19 20.14 6.86
N GLU B 92 -0.32 19.60 7.67
CA GLU B 92 0.19 20.34 8.85
N SER C 1 -16.50 -38.79 23.33
CA SER C 1 -17.76 -38.42 22.63
C SER C 1 -18.62 -37.55 23.57
N HIS C 2 -18.46 -37.71 24.84
CA HIS C 2 -19.25 -36.90 25.81
C HIS C 2 -18.78 -35.45 25.75
N LEU C 3 -17.58 -35.23 25.27
CA LEU C 3 -17.05 -33.84 25.19
C LEU C 3 -17.71 -33.12 24.01
N LYS C 4 -17.72 -31.81 24.06
CA LYS C 4 -18.34 -31.02 22.96
C LYS C 4 -17.54 -29.73 22.76
N SER C 5 -17.75 -29.06 21.66
CA SER C 5 -16.99 -27.79 21.41
C SER C 5 -17.28 -26.79 22.52
N LYS C 6 -16.26 -26.14 23.02
CA LYS C 6 -16.47 -25.14 24.11
C LYS C 6 -17.27 -23.96 23.55
N LYS C 7 -16.74 -23.30 22.55
CA LYS C 7 -17.45 -22.14 21.95
C LYS C 7 -16.63 -21.60 20.77
N GLY C 8 -15.35 -21.88 20.76
CA GLY C 8 -14.48 -21.36 19.67
C GLY C 8 -13.85 -20.03 20.13
N GLN C 9 -12.96 -19.47 19.35
CA GLN C 9 -12.31 -18.19 19.75
C GLN C 9 -12.25 -17.24 18.55
N SER C 10 -12.49 -15.97 18.78
CA SER C 10 -12.43 -14.97 17.67
C SER C 10 -10.99 -14.79 17.22
N THR C 11 -10.05 -15.07 18.10
CA THR C 11 -8.61 -14.91 17.72
C THR C 11 -8.37 -15.61 16.39
N SER C 12 -9.15 -16.62 16.09
CA SER C 12 -8.98 -17.34 14.80
C SER C 12 -9.14 -16.36 13.63
N ARG C 13 -9.99 -15.37 13.79
CA ARG C 13 -10.20 -14.39 12.68
C ARG C 13 -8.85 -13.88 12.20
N HIS C 14 -7.85 -13.86 13.05
CA HIS C 14 -6.53 -13.36 12.59
C HIS C 14 -6.06 -14.23 11.43
N LYS C 15 -6.28 -15.50 11.52
CA LYS C 15 -5.88 -16.42 10.41
C LYS C 15 -6.60 -16.01 9.13
N LYS C 16 -7.79 -15.49 9.24
CA LYS C 16 -8.53 -15.09 8.01
C LYS C 16 -7.72 -14.04 7.25
N LEU C 17 -7.10 -13.11 7.94
CA LEU C 17 -6.28 -12.07 7.26
C LEU C 17 -4.92 -12.67 6.86
N MET C 18 -4.48 -13.69 7.53
CA MET C 18 -3.16 -14.30 7.17
C MET C 18 -3.21 -14.79 5.72
N PHE C 19 -4.38 -15.08 5.21
CA PHE C 19 -4.48 -15.59 3.80
C PHE C 19 -3.55 -14.75 2.90
N LYS C 20 -3.57 -13.45 3.07
CA LYS C 20 -2.69 -12.59 2.25
C LYS C 20 -1.23 -12.84 2.66
N THR C 21 -0.99 -13.12 3.91
CA THR C 21 0.39 -13.35 4.41
C THR C 21 1.00 -14.55 3.69
N GLU C 22 0.22 -15.57 3.46
CA GLU C 22 0.73 -16.78 2.75
N SER D 1 39.10 22.16 -17.28
CA SER D 1 38.23 23.36 -17.19
C SER D 1 37.55 23.61 -18.54
N HIS D 2 38.18 23.19 -19.60
CA HIS D 2 37.57 23.38 -20.95
C HIS D 2 36.34 22.47 -21.09
N LEU D 3 36.28 21.44 -20.29
CA LEU D 3 35.13 20.51 -20.37
C LEU D 3 33.90 21.14 -19.71
N LYS D 4 32.73 20.70 -20.07
CA LYS D 4 31.48 21.27 -19.48
C LYS D 4 30.44 20.16 -19.34
N SER D 5 29.41 20.39 -18.59
CA SER D 5 28.37 19.33 -18.40
C SER D 5 27.76 18.97 -19.76
N LYS D 6 27.59 17.70 -20.02
CA LYS D 6 27.00 17.27 -21.32
C LYS D 6 25.55 17.73 -21.38
N LYS D 7 24.74 17.29 -20.45
CA LYS D 7 23.30 17.69 -20.43
C LYS D 7 22.62 17.06 -19.22
N GLY D 8 23.18 15.99 -18.69
CA GLY D 8 22.56 15.31 -17.53
C GLY D 8 21.67 14.18 -18.05
N GLN D 9 21.12 13.37 -17.17
CA GLN D 9 20.24 12.24 -17.63
C GLN D 9 18.99 12.17 -16.75
N SER D 10 17.86 11.89 -17.35
CA SER D 10 16.59 11.78 -16.57
C SER D 10 16.64 10.52 -15.70
N THR D 11 17.42 9.54 -16.10
CA THR D 11 17.51 8.29 -15.29
C THR D 11 17.75 8.65 -13.82
N SER D 12 18.36 9.78 -13.59
CA SER D 12 18.63 10.20 -12.19
C SER D 12 17.30 10.32 -11.43
N ARG D 13 16.25 10.69 -12.10
CA ARG D 13 14.93 10.83 -11.41
C ARG D 13 14.64 9.54 -10.63
N HIS D 14 15.16 8.43 -11.05
CA HIS D 14 14.87 7.17 -10.31
C HIS D 14 15.38 7.35 -8.88
N LYS D 15 16.52 7.97 -8.72
CA LYS D 15 17.07 8.20 -7.36
C LYS D 15 16.08 9.03 -6.55
N LYS D 16 15.35 9.91 -7.18
CA LYS D 16 14.38 10.75 -6.43
C LYS D 16 13.38 9.85 -5.72
N LEU D 17 12.92 8.80 -6.36
CA LEU D 17 11.95 7.87 -5.71
C LEU D 17 12.69 6.95 -4.72
N MET D 18 13.95 6.73 -4.93
CA MET D 18 14.72 5.84 -4.00
C MET D 18 14.66 6.43 -2.59
N PHE D 19 14.46 7.71 -2.46
CA PHE D 19 14.41 8.32 -1.09
C PHE D 19 13.58 7.43 -0.16
N LYS D 20 12.46 6.96 -0.63
CA LYS D 20 11.61 6.07 0.21
C LYS D 20 12.35 4.73 0.40
N THR D 21 13.07 4.30 -0.59
CA THR D 21 13.80 2.99 -0.50
C THR D 21 14.79 3.05 0.66
N GLU D 22 15.45 4.16 0.84
CA GLU D 22 16.43 4.29 1.96
CA CA E . 0.09 8.18 16.43
CA CA F . 8.04 -0.87 13.13
CA CA G . -2.03 -6.64 -16.62
CA CA H . 7.18 -10.40 -8.96
N MET A 1 -11.30 6.12 -13.55
CA MET A 1 -10.78 6.70 -14.81
C MET A 1 -9.54 7.55 -14.51
N SER A 2 -8.45 6.91 -14.15
CA SER A 2 -7.22 7.68 -13.83
C SER A 2 -7.49 8.64 -12.67
N GLU A 3 -8.46 8.32 -11.85
CA GLU A 3 -8.79 9.17 -10.68
C GLU A 3 -7.75 8.96 -9.59
N LEU A 4 -6.71 8.24 -9.91
CA LEU A 4 -5.66 7.95 -8.91
C LEU A 4 -5.31 9.24 -8.16
N GLU A 5 -5.53 10.37 -8.76
CA GLU A 5 -5.21 11.65 -8.09
C GLU A 5 -6.11 11.86 -6.87
N LYS A 6 -7.35 11.52 -6.96
CA LYS A 6 -8.27 11.73 -5.80
C LYS A 6 -8.08 10.59 -4.79
N ALA A 7 -7.72 9.43 -5.25
CA ALA A 7 -7.55 8.27 -4.33
C ALA A 7 -6.33 8.43 -3.43
N MET A 8 -5.23 8.88 -3.96
CA MET A 8 -4.03 9.05 -3.09
C MET A 8 -4.22 10.23 -2.15
N VAL A 9 -4.86 11.26 -2.62
CA VAL A 9 -5.05 12.45 -1.73
C VAL A 9 -5.95 12.08 -0.56
N ALA A 10 -6.98 11.30 -0.80
CA ALA A 10 -7.92 10.92 0.30
C ALA A 10 -7.27 9.92 1.25
N LEU A 11 -6.50 9.01 0.74
CA LEU A 11 -5.87 8.01 1.64
C LEU A 11 -4.99 8.76 2.64
N ILE A 12 -4.31 9.77 2.17
CA ILE A 12 -3.45 10.58 3.04
C ILE A 12 -4.29 11.39 4.04
N ASP A 13 -5.42 11.92 3.63
CA ASP A 13 -6.25 12.73 4.57
C ASP A 13 -6.70 11.90 5.78
N VAL A 14 -7.09 10.67 5.56
CA VAL A 14 -7.58 9.82 6.69
C VAL A 14 -6.41 9.47 7.65
N PHE A 15 -5.27 9.18 7.09
CA PHE A 15 -4.11 8.83 7.96
C PHE A 15 -3.79 9.99 8.87
N HIS A 16 -3.87 11.19 8.37
CA HIS A 16 -3.57 12.39 9.20
C HIS A 16 -4.52 12.48 10.39
N GLN A 17 -5.77 12.12 10.23
CA GLN A 17 -6.73 12.25 11.36
C GLN A 17 -6.27 11.41 12.56
N TYR A 18 -5.77 10.23 12.33
CA TYR A 18 -5.34 9.37 13.48
C TYR A 18 -3.91 9.67 13.91
N SER A 19 -3.04 10.02 13.01
CA SER A 19 -1.64 10.29 13.42
C SER A 19 -1.61 11.45 14.42
N GLY A 20 -2.43 12.45 14.21
CA GLY A 20 -2.45 13.61 15.15
C GLY A 20 -3.36 13.30 16.35
N ARG A 21 -3.86 12.10 16.45
CA ARG A 21 -4.78 11.78 17.58
C ARG A 21 -4.05 11.96 18.92
N GLU A 22 -2.85 11.46 19.06
CA GLU A 22 -2.10 11.62 20.35
C GLU A 22 -1.09 12.75 20.21
N GLY A 23 -0.26 12.72 19.22
CA GLY A 23 0.74 13.81 19.06
C GLY A 23 1.85 13.39 18.07
N ASP A 24 2.06 12.12 17.88
CA ASP A 24 3.13 11.69 16.93
C ASP A 24 2.58 11.73 15.50
N LYS A 25 2.50 12.90 14.93
CA LYS A 25 1.98 13.03 13.55
C LYS A 25 2.91 12.32 12.56
N HIS A 26 4.20 12.44 12.76
CA HIS A 26 5.17 11.80 11.83
C HIS A 26 5.33 10.31 12.13
N LYS A 27 4.81 9.83 13.24
CA LYS A 27 4.95 8.37 13.56
C LYS A 27 3.66 7.85 14.19
N LEU A 28 3.26 6.67 13.81
CA LEU A 28 2.02 6.04 14.37
C LEU A 28 2.43 4.91 15.30
N LYS A 29 1.93 4.88 16.51
CA LYS A 29 2.34 3.79 17.46
C LYS A 29 1.29 2.68 17.45
N LYS A 30 1.66 1.49 17.85
CA LYS A 30 0.68 0.38 17.88
C LYS A 30 -0.56 0.85 18.62
N SER A 31 -0.38 1.84 19.44
CA SER A 31 -1.53 2.39 20.21
C SER A 31 -2.40 3.25 19.29
N GLU A 32 -1.79 4.14 18.56
CA GLU A 32 -2.57 4.99 17.64
C GLU A 32 -3.14 4.10 16.54
N LEU A 33 -2.41 3.07 16.19
CA LEU A 33 -2.87 2.13 15.13
C LEU A 33 -4.17 1.48 15.58
N LYS A 34 -4.28 1.11 16.82
CA LYS A 34 -5.53 0.45 17.31
C LYS A 34 -6.73 1.39 17.13
N GLU A 35 -6.56 2.65 17.37
CA GLU A 35 -7.70 3.59 17.24
C GLU A 35 -8.07 3.72 15.76
N LEU A 36 -7.11 3.68 14.89
CA LEU A 36 -7.44 3.78 13.45
C LEU A 36 -8.26 2.56 13.02
N ILE A 37 -7.80 1.41 13.37
CA ILE A 37 -8.50 0.16 12.96
C ILE A 37 -9.84 0.01 13.72
N ASN A 38 -9.83 0.19 15.00
CA ASN A 38 -11.10 0.00 15.77
C ASN A 38 -12.12 1.09 15.44
N ASN A 39 -11.69 2.32 15.27
CA ASN A 39 -12.63 3.45 15.03
C ASN A 39 -12.76 3.82 13.54
N GLU A 40 -11.72 3.70 12.75
CA GLU A 40 -11.85 4.09 11.31
C GLU A 40 -12.56 2.97 10.55
N LEU A 41 -12.66 1.80 11.16
CA LEU A 41 -13.37 0.66 10.51
C LEU A 41 -14.62 0.34 11.34
N SER A 42 -15.52 1.28 11.44
CA SER A 42 -16.75 1.05 12.24
C SER A 42 -17.53 -0.13 11.68
N HIS A 43 -17.61 -0.26 10.37
CA HIS A 43 -18.37 -1.40 9.77
C HIS A 43 -17.60 -2.00 8.60
N PHE A 44 -16.40 -1.53 8.33
CA PHE A 44 -15.63 -2.09 7.19
C PHE A 44 -15.35 -3.57 7.47
N LEU A 45 -14.85 -3.89 8.64
CA LEU A 45 -14.55 -5.33 8.95
C LEU A 45 -14.58 -5.57 10.45
N GLU A 46 -14.38 -6.80 10.84
CA GLU A 46 -14.40 -7.15 12.29
C GLU A 46 -13.41 -6.26 13.03
N GLU A 47 -13.91 -5.23 13.67
CA GLU A 47 -13.03 -4.32 14.44
C GLU A 47 -12.14 -5.12 15.36
N ILE A 48 -11.31 -4.43 16.09
CA ILE A 48 -10.38 -5.08 17.04
C ILE A 48 -10.94 -4.92 18.46
N LYS A 49 -10.95 -5.98 19.24
CA LYS A 49 -11.50 -5.89 20.63
C LYS A 49 -10.33 -5.95 21.62
N GLU A 50 -9.26 -6.61 21.24
CA GLU A 50 -8.07 -6.73 22.13
C GLU A 50 -6.86 -6.09 21.46
N GLN A 51 -6.03 -5.45 22.23
CA GLN A 51 -4.81 -4.82 21.65
C GLN A 51 -3.85 -5.93 21.22
N GLU A 52 -4.06 -7.14 21.69
CA GLU A 52 -3.12 -8.24 21.31
C GLU A 52 -3.14 -8.41 19.80
N VAL A 53 -4.29 -8.31 19.20
CA VAL A 53 -4.37 -8.45 17.73
C VAL A 53 -3.50 -7.39 17.08
N VAL A 54 -3.51 -6.22 17.64
CA VAL A 54 -2.71 -5.12 17.06
C VAL A 54 -1.22 -5.39 17.22
N ASP A 55 -0.81 -6.02 18.29
CA ASP A 55 0.64 -6.30 18.47
C ASP A 55 1.09 -7.36 17.47
N LYS A 56 0.23 -8.28 17.17
CA LYS A 56 0.59 -9.36 16.20
C LYS A 56 0.70 -8.73 14.82
N VAL A 57 -0.19 -7.82 14.53
CA VAL A 57 -0.14 -7.12 13.23
C VAL A 57 1.12 -6.29 13.20
N MET A 58 1.50 -5.76 14.32
CA MET A 58 2.72 -4.93 14.36
C MET A 58 3.94 -5.80 14.17
N GLU A 59 3.90 -7.04 14.55
CA GLU A 59 5.08 -7.90 14.32
C GLU A 59 5.34 -7.88 12.81
N THR A 60 4.28 -7.85 12.06
CA THR A 60 4.39 -7.80 10.57
C THR A 60 4.72 -6.37 10.10
N LEU A 61 4.03 -5.37 10.59
CA LEU A 61 4.29 -3.98 10.11
C LEU A 61 5.37 -3.31 10.96
N ASP A 62 5.77 -3.90 12.05
CA ASP A 62 6.87 -3.27 12.85
C ASP A 62 8.16 -3.67 12.16
N GLU A 63 8.30 -3.23 10.95
CA GLU A 63 9.49 -3.59 10.14
C GLU A 63 10.77 -3.16 10.86
N ASP A 64 10.76 -2.00 11.47
CA ASP A 64 11.99 -1.54 12.18
C ASP A 64 12.06 -2.22 13.56
N GLY A 65 11.03 -2.94 13.92
CA GLY A 65 11.03 -3.64 15.24
C GLY A 65 11.02 -2.64 16.39
N ASP A 66 10.32 -1.54 16.25
CA ASP A 66 10.27 -0.51 17.35
C ASP A 66 8.92 -0.55 18.05
N GLY A 67 8.03 -1.40 17.62
CA GLY A 67 6.69 -1.46 18.27
C GLY A 67 5.84 -0.31 17.72
N GLU A 68 6.37 0.43 16.80
CA GLU A 68 5.63 1.59 16.20
C GLU A 68 5.87 1.58 14.68
N CYS A 69 4.86 1.87 13.90
CA CYS A 69 5.04 1.89 12.40
C CYS A 69 4.87 3.33 11.92
N ASP A 70 5.78 3.80 11.13
CA ASP A 70 5.69 5.21 10.63
C ASP A 70 4.77 5.30 9.42
N PHE A 71 4.37 6.49 9.07
CA PHE A 71 3.46 6.69 7.92
C PHE A 71 3.95 5.84 6.73
N GLN A 72 5.25 5.60 6.65
CA GLN A 72 5.78 4.75 5.54
C GLN A 72 5.38 3.29 5.79
N GLU A 73 5.60 2.81 6.97
CA GLU A 73 5.25 1.39 7.29
C GLU A 73 3.73 1.24 7.29
N PHE A 74 3.03 2.19 7.82
CA PHE A 74 1.54 2.11 7.86
C PHE A 74 1.01 2.25 6.43
N MET A 75 1.74 2.94 5.60
CA MET A 75 1.29 3.14 4.20
C MET A 75 1.15 1.76 3.54
N ALA A 76 2.05 0.88 3.82
CA ALA A 76 1.95 -0.47 3.21
C ALA A 76 0.76 -1.24 3.80
N PHE A 77 0.46 -1.01 5.04
CA PHE A 77 -0.69 -1.73 5.67
C PHE A 77 -1.98 -1.40 4.92
N VAL A 78 -2.14 -0.17 4.55
CA VAL A 78 -3.39 0.24 3.84
C VAL A 78 -3.54 -0.53 2.54
N SER A 79 -2.47 -0.80 1.88
CA SER A 79 -2.56 -1.55 0.59
C SER A 79 -2.99 -2.99 0.88
N MET A 80 -2.47 -3.58 1.92
CA MET A 80 -2.84 -4.98 2.23
C MET A 80 -4.34 -5.10 2.51
N VAL A 81 -4.86 -4.27 3.37
CA VAL A 81 -6.31 -4.37 3.68
C VAL A 81 -7.14 -3.97 2.45
N THR A 82 -6.63 -3.09 1.66
CA THR A 82 -7.37 -2.65 0.45
C THR A 82 -7.62 -3.86 -0.45
N THR A 83 -6.63 -4.70 -0.55
CA THR A 83 -6.77 -5.90 -1.40
C THR A 83 -7.93 -6.75 -0.88
N ALA A 84 -8.06 -6.84 0.41
CA ALA A 84 -9.18 -7.63 0.99
C ALA A 84 -10.51 -7.02 0.53
N CYS A 85 -10.56 -5.72 0.50
CA CYS A 85 -11.79 -5.00 0.07
C CYS A 85 -12.14 -5.39 -1.37
N HIS A 86 -11.16 -5.66 -2.19
CA HIS A 86 -11.45 -6.05 -3.59
C HIS A 86 -12.30 -7.31 -3.56
N GLU A 87 -11.99 -8.22 -2.68
CA GLU A 87 -12.79 -9.47 -2.58
C GLU A 87 -14.24 -9.08 -2.26
N PHE A 88 -14.41 -8.11 -1.40
CA PHE A 88 -15.78 -7.67 -1.04
C PHE A 88 -16.37 -6.79 -2.16
N PHE A 89 -15.53 -6.20 -2.97
CA PHE A 89 -16.05 -5.33 -4.06
C PHE A 89 -16.38 -6.19 -5.28
N GLU A 90 -15.99 -7.44 -5.26
CA GLU A 90 -16.31 -8.34 -6.41
C GLU A 90 -17.69 -8.95 -6.19
N HIS A 91 -18.70 -8.37 -6.76
CA HIS A 91 -20.08 -8.91 -6.58
C HIS A 91 -20.13 -10.34 -7.12
N GLU A 92 -19.48 -10.59 -8.23
CA GLU A 92 -19.48 -11.98 -8.79
N MET B 1 -12.34 12.24 6.83
CA MET B 1 -13.20 11.92 7.99
C MET B 1 -13.66 10.46 7.90
N SER B 2 -12.76 9.54 8.11
CA SER B 2 -13.13 8.10 8.03
C SER B 2 -13.67 7.79 6.63
N GLU B 3 -13.28 8.56 5.66
CA GLU B 3 -13.73 8.31 4.25
C GLU B 3 -12.97 7.13 3.68
N LEU B 4 -12.23 6.45 4.51
CA LEU B 4 -11.43 5.29 4.03
C LEU B 4 -12.30 4.42 3.13
N GLU B 5 -13.59 4.47 3.31
CA GLU B 5 -14.49 3.63 2.46
C GLU B 5 -14.44 4.09 1.01
N LYS B 6 -14.38 5.36 0.77
CA LYS B 6 -14.34 5.85 -0.65
C LYS B 6 -12.92 5.72 -1.20
N ALA B 7 -11.93 5.84 -0.35
CA ALA B 7 -10.53 5.76 -0.83
C ALA B 7 -10.15 4.35 -1.27
N MET B 8 -10.54 3.34 -0.55
CA MET B 8 -10.18 1.96 -0.97
C MET B 8 -10.99 1.56 -2.19
N VAL B 9 -12.21 1.99 -2.26
CA VAL B 9 -13.05 1.60 -3.44
C VAL B 9 -12.47 2.23 -4.71
N ALA B 10 -12.02 3.45 -4.62
CA ALA B 10 -11.47 4.14 -5.82
C ALA B 10 -10.10 3.56 -6.22
N LEU B 11 -9.29 3.24 -5.24
CA LEU B 11 -7.95 2.69 -5.57
C LEU B 11 -8.15 1.42 -6.39
N ILE B 12 -9.12 0.64 -6.00
CA ILE B 12 -9.42 -0.62 -6.72
C ILE B 12 -9.97 -0.33 -8.12
N ASP B 13 -10.80 0.68 -8.26
CA ASP B 13 -11.39 0.98 -9.61
C ASP B 13 -10.29 1.31 -10.63
N VAL B 14 -9.29 2.07 -10.24
CA VAL B 14 -8.22 2.45 -11.20
C VAL B 14 -7.37 1.23 -11.57
N PHE B 15 -7.07 0.40 -10.62
CA PHE B 15 -6.24 -0.80 -10.91
C PHE B 15 -6.95 -1.66 -11.95
N HIS B 16 -8.24 -1.79 -11.83
CA HIS B 16 -9.01 -2.62 -12.80
C HIS B 16 -8.87 -2.08 -14.23
N GLN B 17 -8.82 -0.78 -14.40
CA GLN B 17 -8.73 -0.22 -15.78
C GLN B 17 -7.47 -0.74 -16.49
N TYR B 18 -6.36 -0.80 -15.80
CA TYR B 18 -5.10 -1.26 -16.46
C TYR B 18 -4.97 -2.79 -16.46
N SER B 19 -5.44 -3.44 -15.44
CA SER B 19 -5.31 -4.93 -15.41
C SER B 19 -6.02 -5.54 -16.61
N GLY B 20 -7.17 -5.01 -16.96
CA GLY B 20 -7.92 -5.56 -18.12
C GLY B 20 -7.40 -4.95 -19.43
N ARG B 21 -6.35 -4.17 -19.37
CA ARG B 21 -5.82 -3.53 -20.62
C ARG B 21 -5.41 -4.61 -21.63
N GLU B 22 -4.68 -5.60 -21.21
CA GLU B 22 -4.26 -6.68 -22.18
C GLU B 22 -5.17 -7.89 -22.02
N GLY B 23 -5.32 -8.40 -20.82
CA GLY B 23 -6.20 -9.59 -20.64
C GLY B 23 -5.96 -10.23 -19.27
N ASP B 24 -4.80 -10.02 -18.69
CA ASP B 24 -4.53 -10.64 -17.36
C ASP B 24 -5.16 -9.77 -16.26
N LYS B 25 -6.44 -9.87 -16.08
CA LYS B 25 -7.12 -9.06 -15.04
C LYS B 25 -6.64 -9.47 -13.65
N HIS B 26 -6.45 -10.75 -13.43
CA HIS B 26 -6.00 -11.22 -12.08
C HIS B 26 -4.49 -11.03 -11.91
N LYS B 27 -3.77 -10.71 -12.95
CA LYS B 27 -2.29 -10.52 -12.81
C LYS B 27 -1.82 -9.35 -13.67
N LEU B 28 -0.92 -8.55 -13.15
CA LEU B 28 -0.40 -7.38 -13.90
C LEU B 28 1.04 -7.68 -14.31
N LYS B 29 1.39 -7.52 -15.56
CA LYS B 29 2.79 -7.85 -15.99
C LYS B 29 3.62 -6.57 -16.04
N LYS B 30 4.92 -6.69 -15.96
CA LYS B 30 5.79 -5.48 -16.02
C LYS B 30 5.37 -4.66 -17.23
N SER B 31 4.77 -5.32 -18.18
CA SER B 31 4.32 -4.61 -19.41
C SER B 31 3.06 -3.81 -19.09
N GLU B 32 2.10 -4.43 -18.48
CA GLU B 32 0.85 -3.71 -18.12
C GLU B 32 1.21 -2.63 -17.09
N LEU B 33 2.16 -2.94 -16.25
CA LEU B 33 2.60 -1.96 -15.21
C LEU B 33 3.11 -0.70 -15.88
N LYS B 34 3.85 -0.82 -16.93
CA LYS B 34 4.39 0.39 -17.61
C LYS B 34 3.26 1.28 -18.10
N GLU B 35 2.20 0.71 -18.60
CA GLU B 35 1.08 1.54 -19.12
C GLU B 35 0.39 2.23 -17.94
N LEU B 36 0.31 1.58 -16.81
CA LEU B 36 -0.33 2.23 -15.64
C LEU B 36 0.50 3.44 -15.23
N ILE B 37 1.77 3.25 -15.07
CA ILE B 37 2.66 4.35 -14.61
C ILE B 37 2.80 5.43 -15.69
N ASN B 38 3.08 5.04 -16.91
CA ASN B 38 3.28 6.06 -17.98
C ASN B 38 1.97 6.80 -18.31
N ASN B 39 0.87 6.09 -18.34
CA ASN B 39 -0.43 6.72 -18.74
C ASN B 39 -1.30 7.12 -17.53
N GLU B 40 -1.27 6.40 -16.44
CA GLU B 40 -2.14 6.79 -15.30
C GLU B 40 -1.50 7.95 -14.55
N LEU B 41 -0.24 8.20 -14.82
CA LEU B 41 0.47 9.36 -14.16
C LEU B 41 0.83 10.37 -15.25
N SER B 42 -0.17 10.92 -15.89
CA SER B 42 0.09 11.91 -16.97
C SER B 42 0.85 13.12 -16.42
N HIS B 43 0.52 13.56 -15.23
CA HIS B 43 1.23 14.75 -14.64
C HIS B 43 1.53 14.50 -13.15
N PHE B 44 1.20 13.34 -12.64
CA PHE B 44 1.48 13.08 -11.20
C PHE B 44 3.00 13.16 -10.96
N LEU B 45 3.77 12.49 -11.76
CA LEU B 45 5.25 12.52 -11.56
C LEU B 45 6.00 12.22 -12.86
N GLU B 46 7.29 12.27 -12.82
CA GLU B 46 8.10 12.00 -14.04
C GLU B 46 7.71 10.65 -14.62
N GLU B 47 6.89 10.67 -15.62
CA GLU B 47 6.47 9.40 -16.27
C GLU B 47 7.68 8.55 -16.60
N ILE B 48 7.43 7.40 -17.16
CA ILE B 48 8.54 6.47 -17.53
C ILE B 48 8.77 6.57 -19.04
N LYS B 49 10.00 6.69 -19.48
CA LYS B 49 10.29 6.79 -20.94
C LYS B 49 10.90 5.47 -21.42
N GLU B 50 11.58 4.77 -20.54
CA GLU B 50 12.21 3.46 -20.93
C GLU B 50 11.61 2.35 -20.08
N GLN B 51 11.42 1.20 -20.67
CA GLN B 51 10.87 0.06 -19.90
C GLN B 51 11.92 -0.42 -18.89
N GLU B 52 13.16 -0.02 -19.07
CA GLU B 52 14.21 -0.48 -18.12
C GLU B 52 13.86 -0.02 -16.70
N VAL B 53 13.35 1.17 -16.57
CA VAL B 53 12.97 1.67 -15.23
C VAL B 53 11.92 0.75 -14.64
N VAL B 54 11.04 0.27 -15.46
CA VAL B 54 9.97 -0.61 -14.97
C VAL B 54 10.54 -1.95 -14.54
N ASP B 55 11.55 -2.44 -15.20
CA ASP B 55 12.14 -3.75 -14.79
C ASP B 55 12.85 -3.60 -13.46
N LYS B 56 13.46 -2.48 -13.23
CA LYS B 56 14.19 -2.25 -11.95
C LYS B 56 13.15 -2.17 -10.83
N VAL B 57 12.06 -1.53 -11.11
CA VAL B 57 10.99 -1.42 -10.11
C VAL B 57 10.43 -2.81 -9.87
N MET B 58 10.39 -3.60 -10.90
CA MET B 58 9.86 -4.98 -10.75
C MET B 58 10.83 -5.81 -9.93
N GLU B 59 12.08 -5.52 -9.97
CA GLU B 59 13.02 -6.32 -9.12
C GLU B 59 12.53 -6.17 -7.69
N THR B 60 12.06 -5.00 -7.37
CA THR B 60 11.53 -4.73 -6.00
C THR B 60 10.11 -5.30 -5.84
N LEU B 61 9.22 -5.06 -6.78
CA LEU B 61 7.82 -5.57 -6.63
C LEU B 61 7.69 -6.98 -7.21
N ASP B 62 8.68 -7.47 -7.91
CA ASP B 62 8.57 -8.86 -8.42
C ASP B 62 8.94 -9.77 -7.27
N GLU B 63 8.14 -9.71 -6.24
CA GLU B 63 8.42 -10.49 -5.02
C GLU B 63 8.49 -11.98 -5.35
N ASP B 64 7.64 -12.46 -6.21
CA ASP B 64 7.68 -13.90 -6.57
C ASP B 64 8.78 -14.14 -7.61
N GLY B 65 9.38 -13.08 -8.09
CA GLY B 65 10.48 -13.24 -9.08
C GLY B 65 9.94 -13.81 -10.41
N ASP B 66 8.74 -13.43 -10.81
CA ASP B 66 8.17 -13.97 -12.08
C ASP B 66 8.20 -12.89 -13.17
N GLY B 67 8.67 -11.72 -12.86
CA GLY B 67 8.70 -10.63 -13.86
C GLY B 67 7.30 -10.02 -13.98
N GLU B 68 6.40 -10.48 -13.15
CA GLU B 68 5.00 -9.96 -13.17
C GLU B 68 4.53 -9.78 -11.71
N CYS B 69 3.81 -8.71 -11.41
CA CYS B 69 3.33 -8.49 -10.01
C CYS B 69 1.80 -8.60 -10.02
N ASP B 70 1.26 -9.37 -9.11
CA ASP B 70 -0.22 -9.56 -9.08
C ASP B 70 -0.89 -8.41 -8.32
N PHE B 71 -2.18 -8.28 -8.45
CA PHE B 71 -2.91 -7.19 -7.76
C PHE B 71 -2.44 -7.11 -6.30
N GLN B 72 -2.02 -8.20 -5.73
CA GLN B 72 -1.51 -8.18 -4.32
C GLN B 72 -0.15 -7.47 -4.30
N GLU B 73 0.73 -7.85 -5.16
CA GLU B 73 2.08 -7.21 -5.19
C GLU B 73 1.95 -5.76 -5.66
N PHE B 74 1.12 -5.52 -6.63
CA PHE B 74 0.94 -4.13 -7.13
C PHE B 74 0.22 -3.30 -6.07
N MET B 75 -0.55 -3.95 -5.24
CA MET B 75 -1.29 -3.22 -4.18
C MET B 75 -0.27 -2.54 -3.27
N ALA B 76 0.81 -3.20 -2.98
CA ALA B 76 1.82 -2.57 -2.11
C ALA B 76 2.50 -1.42 -2.84
N PHE B 77 2.67 -1.53 -4.13
CA PHE B 77 3.35 -0.44 -4.88
C PHE B 77 2.56 0.86 -4.75
N VAL B 78 1.27 0.77 -4.79
CA VAL B 78 0.41 2.00 -4.68
C VAL B 78 0.66 2.70 -3.34
N SER B 79 0.89 1.94 -2.31
CA SER B 79 1.13 2.59 -0.99
C SER B 79 2.47 3.30 -1.00
N MET B 80 3.46 2.72 -1.60
CA MET B 80 4.80 3.37 -1.63
C MET B 80 4.72 4.70 -2.36
N VAL B 81 4.15 4.73 -3.53
CA VAL B 81 4.09 6.03 -4.28
C VAL B 81 3.16 6.99 -3.56
N THR B 82 2.16 6.49 -2.90
CA THR B 82 1.22 7.37 -2.18
C THR B 82 1.99 8.17 -1.13
N THR B 83 2.90 7.52 -0.48
CA THR B 83 3.70 8.20 0.56
C THR B 83 4.44 9.38 -0.08
N ALA B 84 4.96 9.18 -1.27
CA ALA B 84 5.67 10.29 -1.96
C ALA B 84 4.70 11.46 -2.15
N CYS B 85 3.48 11.15 -2.49
CA CYS B 85 2.45 12.22 -2.69
C CYS B 85 2.27 13.01 -1.40
N HIS B 86 2.42 12.39 -0.27
CA HIS B 86 2.25 13.15 1.01
C HIS B 86 3.27 14.27 1.02
N GLU B 87 4.47 14.00 0.57
CA GLU B 87 5.50 15.07 0.55
C GLU B 87 4.98 16.21 -0.33
N PHE B 88 4.35 15.88 -1.42
CA PHE B 88 3.82 16.92 -2.33
C PHE B 88 2.53 17.52 -1.75
N PHE B 89 1.86 16.79 -0.89
CA PHE B 89 0.59 17.32 -0.30
C PHE B 89 0.91 18.19 0.91
N GLU B 90 2.14 18.16 1.35
CA GLU B 90 2.51 19.01 2.52
C GLU B 90 2.90 20.39 2.02
N HIS B 91 1.99 21.32 2.04
CA HIS B 91 2.31 22.70 1.57
C HIS B 91 3.44 23.27 2.42
N GLU B 92 3.42 23.03 3.70
CA GLU B 92 4.51 23.56 4.57
N SER C 1 -4.74 -34.88 10.61
CA SER C 1 -5.18 -34.08 11.79
C SER C 1 -5.18 -32.60 11.43
N HIS C 2 -5.71 -32.24 10.29
CA HIS C 2 -5.72 -30.81 9.88
C HIS C 2 -6.51 -29.99 10.91
N LEU C 3 -7.61 -30.51 11.39
CA LEU C 3 -8.40 -29.75 12.39
C LEU C 3 -7.58 -29.61 13.68
N LYS C 4 -7.62 -28.47 14.30
CA LYS C 4 -6.84 -28.28 15.55
C LYS C 4 -7.44 -29.14 16.66
N SER C 5 -6.63 -29.81 17.42
CA SER C 5 -7.16 -30.66 18.53
C SER C 5 -7.92 -29.76 19.51
N LYS C 6 -7.38 -28.59 19.77
CA LYS C 6 -8.05 -27.64 20.71
C LYS C 6 -8.54 -26.41 19.93
N LYS C 7 -9.79 -26.06 20.10
CA LYS C 7 -10.33 -24.88 19.36
C LYS C 7 -9.67 -23.61 19.89
N GLY C 8 -9.33 -22.69 19.03
CA GLY C 8 -8.68 -21.43 19.48
C GLY C 8 -9.74 -20.43 19.93
N GLN C 9 -9.33 -19.26 20.36
CA GLN C 9 -10.31 -18.23 20.83
C GLN C 9 -10.72 -17.35 19.65
N SER C 10 -11.70 -16.51 19.85
CA SER C 10 -12.15 -15.63 18.73
C SER C 10 -10.94 -14.90 18.14
N THR C 11 -9.92 -14.65 18.94
CA THR C 11 -8.71 -13.96 18.42
C THR C 11 -8.36 -14.50 17.03
N SER C 12 -8.76 -15.71 16.76
CA SER C 12 -8.50 -16.33 15.44
C SER C 12 -8.82 -15.33 14.33
N ARG C 13 -9.67 -14.38 14.61
CA ARG C 13 -10.02 -13.38 13.56
C ARG C 13 -8.74 -12.71 13.06
N HIS C 14 -7.74 -12.61 13.87
CA HIS C 14 -6.47 -11.99 13.40
C HIS C 14 -5.96 -12.81 12.22
N LYS C 15 -6.07 -14.11 12.31
CA LYS C 15 -5.62 -14.99 11.22
C LYS C 15 -6.39 -14.65 9.94
N LYS C 16 -7.60 -14.17 10.09
CA LYS C 16 -8.41 -13.83 8.89
C LYS C 16 -7.67 -12.79 8.07
N LEU C 17 -7.03 -11.83 8.70
CA LEU C 17 -6.26 -10.79 7.95
C LEU C 17 -4.90 -11.37 7.53
N MET C 18 -4.41 -12.34 8.24
CA MET C 18 -3.08 -12.92 7.90
C MET C 18 -3.07 -13.50 6.49
N PHE C 19 -4.21 -13.89 5.96
CA PHE C 19 -4.21 -14.50 4.60
C PHE C 19 -3.32 -13.69 3.65
N LYS C 20 -3.34 -12.39 3.73
CA LYS C 20 -2.45 -11.59 2.83
C LYS C 20 -1.01 -11.80 3.27
N THR C 21 -0.80 -11.84 4.56
CA THR C 21 0.59 -12.04 5.05
C THR C 21 1.12 -13.36 4.50
N GLU C 22 0.22 -14.28 4.25
CA GLU C 22 0.63 -15.61 3.69
N SER D 1 34.70 12.29 -2.29
CA SER D 1 34.28 12.12 -3.71
C SER D 1 32.80 11.73 -3.75
N HIS D 2 31.98 12.41 -2.99
CA HIS D 2 30.52 12.08 -2.98
C HIS D 2 29.94 12.27 -4.38
N LEU D 3 30.35 13.29 -5.08
CA LEU D 3 29.81 13.52 -6.45
C LEU D 3 30.31 12.38 -7.36
N LYS D 4 29.46 11.89 -8.23
CA LYS D 4 29.89 10.79 -9.12
C LYS D 4 30.91 11.32 -10.13
N SER D 5 31.97 10.59 -10.36
CA SER D 5 33.00 11.06 -11.34
C SER D 5 32.34 11.20 -12.71
N LYS D 6 31.48 10.26 -13.06
CA LYS D 6 30.78 10.31 -14.38
C LYS D 6 29.29 10.59 -14.14
N LYS D 7 28.74 11.57 -14.82
CA LYS D 7 27.29 11.88 -14.63
C LYS D 7 26.47 10.72 -15.21
N GLY D 8 25.40 10.35 -14.54
CA GLY D 8 24.55 9.23 -15.04
C GLY D 8 23.55 9.78 -16.07
N GLN D 9 22.73 8.92 -16.60
CA GLN D 9 21.73 9.36 -17.62
C GLN D 9 20.42 9.77 -16.91
N SER D 10 19.51 10.34 -17.64
CA SER D 10 18.22 10.76 -17.02
C SER D 10 17.62 9.59 -16.25
N THR D 11 17.90 8.38 -16.67
CA THR D 11 17.34 7.18 -15.95
C THR D 11 17.46 7.40 -14.45
N SER D 12 18.38 8.24 -14.04
CA SER D 12 18.56 8.53 -12.60
C SER D 12 17.19 8.80 -11.96
N ARG D 13 16.24 9.20 -12.74
CA ARG D 13 14.89 9.49 -12.17
C ARG D 13 14.38 8.24 -11.43
N HIS D 14 14.80 7.07 -11.86
CA HIS D 14 14.35 5.85 -11.15
C HIS D 14 14.80 5.95 -9.69
N LYS D 15 15.99 6.44 -9.49
CA LYS D 15 16.53 6.61 -8.11
C LYS D 15 15.60 7.53 -7.32
N LYS D 16 14.96 8.45 -7.99
CA LYS D 16 14.06 9.39 -7.27
C LYS D 16 12.99 8.60 -6.53
N LEU D 17 12.49 7.55 -7.13
CA LEU D 17 11.45 6.72 -6.44
C LEU D 17 12.12 5.76 -5.44
N MET D 18 13.36 5.45 -5.67
CA MET D 18 14.08 4.51 -4.75
C MET D 18 14.13 5.06 -3.33
N PHE D 19 14.06 6.37 -3.16
CA PHE D 19 14.16 6.92 -1.77
C PHE D 19 13.28 6.11 -0.81
N LYS D 20 12.12 5.69 -1.21
CA LYS D 20 11.27 4.85 -0.29
C LYS D 20 11.93 3.49 -0.14
N THR D 21 12.45 2.97 -1.21
CA THR D 21 13.10 1.63 -1.12
C THR D 21 14.26 1.73 -0.10
N GLU D 22 14.81 2.90 0.04
CA GLU D 22 15.93 3.10 1.01
CA CA E . -2.91 8.23 15.89
CA CA F . 5.59 0.27 14.31
CA CA G . -3.59 -7.13 -15.67
CA CA H . 5.93 -11.09 -8.57
N MET A 1 -9.59 6.57 -15.42
CA MET A 1 -9.97 7.98 -15.10
C MET A 1 -8.75 8.71 -14.53
N SER A 2 -7.70 7.99 -14.22
CA SER A 2 -6.48 8.66 -13.67
C SER A 2 -6.84 9.38 -12.36
N GLU A 3 -7.86 8.94 -11.69
CA GLU A 3 -8.27 9.58 -10.41
C GLU A 3 -7.32 9.14 -9.30
N LEU A 4 -6.15 8.69 -9.65
CA LEU A 4 -5.20 8.21 -8.62
C LEU A 4 -4.89 9.36 -7.66
N GLU A 5 -4.85 10.57 -8.16
CA GLU A 5 -4.53 11.74 -7.29
C GLU A 5 -5.54 11.87 -6.16
N LYS A 6 -6.79 11.65 -6.43
CA LYS A 6 -7.83 11.80 -5.36
C LYS A 6 -7.69 10.67 -4.34
N ALA A 7 -7.39 9.49 -4.78
CA ALA A 7 -7.26 8.36 -3.83
C ALA A 7 -6.04 8.54 -2.92
N MET A 8 -4.95 9.01 -3.45
CA MET A 8 -3.74 9.19 -2.60
C MET A 8 -4.01 10.25 -1.53
N VAL A 9 -4.69 11.28 -1.90
CA VAL A 9 -4.99 12.35 -0.94
C VAL A 9 -5.89 11.80 0.17
N ALA A 10 -6.82 10.97 -0.20
CA ALA A 10 -7.78 10.39 0.81
C ALA A 10 -7.05 9.52 1.83
N LEU A 11 -6.09 8.75 1.41
CA LEU A 11 -5.39 7.87 2.39
C LEU A 11 -4.77 8.76 3.46
N ILE A 12 -4.23 9.87 3.06
CA ILE A 12 -3.60 10.80 4.02
C ILE A 12 -4.67 11.38 4.97
N ASP A 13 -5.83 11.71 4.47
CA ASP A 13 -6.88 12.33 5.35
C ASP A 13 -7.30 11.38 6.49
N VAL A 14 -7.50 10.12 6.19
CA VAL A 14 -7.94 9.15 7.25
C VAL A 14 -6.83 8.95 8.29
N PHE A 15 -5.61 8.86 7.87
CA PHE A 15 -4.51 8.64 8.86
C PHE A 15 -4.49 9.78 9.86
N HIS A 16 -4.70 10.98 9.43
CA HIS A 16 -4.69 12.13 10.39
C HIS A 16 -6.01 12.18 11.17
N GLN A 17 -7.05 11.60 10.65
CA GLN A 17 -8.35 11.66 11.36
C GLN A 17 -8.22 11.14 12.78
N TYR A 18 -7.55 10.02 12.98
CA TYR A 18 -7.42 9.47 14.38
C TYR A 18 -5.95 9.46 14.85
N SER A 19 -5.01 9.39 13.95
CA SER A 19 -3.59 9.37 14.40
C SER A 19 -3.27 10.63 15.19
N GLY A 20 -3.78 11.75 14.75
CA GLY A 20 -3.52 13.03 15.48
C GLY A 20 -4.28 13.01 16.81
N ARG A 21 -5.05 11.98 17.06
CA ARG A 21 -5.83 11.91 18.33
C ARG A 21 -4.85 11.93 19.51
N GLU A 22 -3.79 11.18 19.42
CA GLU A 22 -2.79 11.13 20.54
C GLU A 22 -1.46 11.72 20.09
N GLY A 23 -0.63 12.12 21.02
CA GLY A 23 0.68 12.72 20.69
C GLY A 23 1.39 11.93 19.59
N ASP A 24 0.95 10.72 19.32
CA ASP A 24 1.62 9.91 18.27
C ASP A 24 1.15 10.36 16.88
N LYS A 25 1.19 11.65 16.61
CA LYS A 25 0.74 12.16 15.28
C LYS A 25 1.74 11.75 14.18
N HIS A 26 3.01 11.81 14.48
CA HIS A 26 4.05 11.47 13.44
C HIS A 26 4.26 9.95 13.36
N LYS A 27 3.77 9.21 14.32
CA LYS A 27 3.94 7.72 14.30
C LYS A 27 2.65 7.06 14.75
N LEU A 28 2.46 5.81 14.42
CA LEU A 28 1.21 5.10 14.81
C LEU A 28 1.54 4.00 15.82
N LYS A 29 0.97 4.05 17.00
CA LYS A 29 1.26 2.99 18.01
C LYS A 29 0.19 1.91 17.93
N LYS A 30 0.53 0.67 18.20
CA LYS A 30 -0.48 -0.43 18.11
C LYS A 30 -1.80 0.06 18.72
N SER A 31 -1.72 1.04 19.57
CA SER A 31 -2.96 1.57 20.20
C SER A 31 -3.77 2.37 19.17
N GLU A 32 -3.13 3.26 18.46
CA GLU A 32 -3.85 4.04 17.43
C GLU A 32 -4.28 3.10 16.30
N LEU A 33 -3.45 2.14 15.98
CA LEU A 33 -3.80 1.16 14.91
C LEU A 33 -5.08 0.43 15.31
N LYS A 34 -5.22 0.11 16.56
CA LYS A 34 -6.45 -0.61 17.03
C LYS A 34 -7.67 0.27 16.74
N GLU A 35 -7.56 1.55 16.94
CA GLU A 35 -8.71 2.46 16.70
C GLU A 35 -9.06 2.50 15.21
N LEU A 36 -8.07 2.52 14.38
CA LEU A 36 -8.33 2.55 12.92
C LEU A 36 -9.13 1.31 12.54
N ILE A 37 -8.68 0.19 12.97
CA ILE A 37 -9.36 -1.08 12.63
C ILE A 37 -10.64 -1.32 13.45
N ASN A 38 -10.57 -1.16 14.74
CA ASN A 38 -11.76 -1.48 15.59
C ASN A 38 -12.82 -0.38 15.59
N ASN A 39 -12.40 0.85 15.66
CA ASN A 39 -13.41 1.98 15.73
C ASN A 39 -13.70 2.63 14.38
N GLU A 40 -12.75 2.73 13.49
CA GLU A 40 -13.04 3.42 12.20
C GLU A 40 -13.59 2.43 11.17
N LEU A 41 -13.46 1.14 11.42
CA LEU A 41 -13.97 0.14 10.44
C LEU A 41 -14.56 -1.06 11.19
N SER A 42 -15.44 -0.83 12.12
CA SER A 42 -16.02 -1.97 12.88
C SER A 42 -16.79 -2.91 11.93
N HIS A 43 -17.62 -2.39 11.06
CA HIS A 43 -18.39 -3.26 10.12
C HIS A 43 -17.70 -3.34 8.76
N PHE A 44 -17.12 -2.26 8.30
CA PHE A 44 -16.45 -2.27 6.98
C PHE A 44 -15.32 -3.31 6.95
N LEU A 45 -14.59 -3.44 8.04
CA LEU A 45 -13.46 -4.43 8.09
C LEU A 45 -13.67 -5.36 9.29
N GLU A 46 -13.08 -6.52 9.26
CA GLU A 46 -13.25 -7.46 10.38
C GLU A 46 -12.86 -6.76 11.69
N GLU A 47 -13.83 -6.42 12.49
CA GLU A 47 -13.54 -5.73 13.78
C GLU A 47 -12.63 -6.59 14.64
N ILE A 48 -11.74 -5.98 15.38
CA ILE A 48 -10.81 -6.75 16.25
C ILE A 48 -11.44 -6.91 17.63
N LYS A 49 -11.34 -8.08 18.22
CA LYS A 49 -11.96 -8.31 19.57
C LYS A 49 -10.87 -8.33 20.64
N GLU A 50 -9.65 -8.55 20.26
CA GLU A 50 -8.54 -8.60 21.26
C GLU A 50 -7.29 -7.90 20.71
N GLN A 51 -6.59 -7.17 21.54
CA GLN A 51 -5.36 -6.44 21.08
C GLN A 51 -4.28 -7.41 20.61
N GLU A 52 -4.35 -8.65 21.03
CA GLU A 52 -3.30 -9.63 20.60
C GLU A 52 -3.32 -9.74 19.09
N VAL A 53 -4.47 -9.70 18.48
CA VAL A 53 -4.54 -9.81 17.01
C VAL A 53 -3.76 -8.67 16.41
N VAL A 54 -3.87 -7.52 16.98
CA VAL A 54 -3.15 -6.35 16.47
C VAL A 54 -1.65 -6.55 16.64
N ASP A 55 -1.24 -7.19 17.70
CA ASP A 55 0.21 -7.43 17.94
C ASP A 55 0.76 -8.35 16.86
N LYS A 56 -0.02 -9.32 16.47
CA LYS A 56 0.43 -10.27 15.42
C LYS A 56 0.51 -9.51 14.10
N VAL A 57 -0.43 -8.66 13.88
CA VAL A 57 -0.45 -7.84 12.65
C VAL A 57 0.75 -6.89 12.72
N MET A 58 1.17 -6.56 13.91
CA MET A 58 2.34 -5.67 14.05
C MET A 58 3.59 -6.43 13.59
N GLU A 59 3.64 -7.71 13.80
CA GLU A 59 4.84 -8.44 13.33
C GLU A 59 4.99 -8.15 11.85
N THR A 60 3.88 -8.07 11.15
CA THR A 60 3.92 -7.77 9.69
C THR A 60 4.06 -6.27 9.42
N LEU A 61 3.32 -5.44 10.11
CA LEU A 61 3.37 -3.97 9.86
C LEU A 61 4.46 -3.31 10.70
N ASP A 62 4.89 -3.96 11.74
CA ASP A 62 5.96 -3.35 12.58
C ASP A 62 7.28 -3.60 11.89
N GLU A 63 7.41 -3.07 10.72
CA GLU A 63 8.65 -3.27 9.95
C GLU A 63 9.82 -2.74 10.77
N ASP A 64 9.64 -1.64 11.45
CA ASP A 64 10.74 -1.09 12.28
C ASP A 64 10.87 -1.98 13.53
N GLY A 65 9.87 -2.78 13.80
CA GLY A 65 9.93 -3.69 14.99
C GLY A 65 10.02 -2.88 16.29
N ASP A 66 9.39 -1.72 16.34
CA ASP A 66 9.44 -0.88 17.58
C ASP A 66 8.08 -0.90 18.29
N GLY A 67 7.17 -1.71 17.84
CA GLY A 67 5.83 -1.76 18.49
C GLY A 67 5.00 -0.57 18.00
N GLU A 68 5.50 0.10 17.00
CA GLU A 68 4.81 1.29 16.43
C GLU A 68 5.10 1.30 14.92
N CYS A 69 4.08 1.39 14.09
CA CYS A 69 4.33 1.42 12.60
C CYS A 69 4.33 2.87 12.13
N ASP A 70 5.27 3.22 11.31
CA ASP A 70 5.33 4.62 10.81
C ASP A 70 4.15 4.85 9.88
N PHE A 71 3.81 6.08 9.64
CA PHE A 71 2.67 6.37 8.73
C PHE A 71 2.84 5.52 7.48
N GLN A 72 4.04 5.41 7.00
CA GLN A 72 4.31 4.59 5.78
C GLN A 72 3.90 3.13 6.01
N GLU A 73 4.27 2.55 7.12
CA GLU A 73 3.94 1.11 7.36
C GLU A 73 2.42 0.91 7.34
N PHE A 74 1.68 1.81 7.90
CA PHE A 74 0.19 1.66 7.90
C PHE A 74 -0.33 1.78 6.47
N MET A 75 0.30 2.61 5.69
CA MET A 75 -0.17 2.82 4.29
C MET A 75 -0.11 1.49 3.52
N ALA A 76 0.86 0.67 3.78
CA ALA A 76 0.95 -0.62 3.05
C ALA A 76 -0.18 -1.56 3.47
N PHE A 77 -0.60 -1.50 4.69
CA PHE A 77 -1.72 -2.38 5.14
C PHE A 77 -2.97 -2.11 4.31
N VAL A 78 -3.20 -0.88 4.03
CA VAL A 78 -4.39 -0.49 3.22
C VAL A 78 -4.30 -1.13 1.84
N SER A 79 -3.11 -1.26 1.33
CA SER A 79 -2.95 -1.84 -0.03
C SER A 79 -3.50 -3.27 -0.06
N MET A 80 -3.28 -4.04 0.96
CA MET A 80 -3.79 -5.44 0.92
C MET A 80 -5.28 -5.51 1.23
N VAL A 81 -5.73 -4.81 2.22
CA VAL A 81 -7.19 -4.92 2.57
C VAL A 81 -8.02 -4.48 1.37
N THR A 82 -7.58 -3.46 0.67
CA THR A 82 -8.33 -2.99 -0.53
C THR A 82 -8.43 -4.12 -1.52
N THR A 83 -7.36 -4.86 -1.67
CA THR A 83 -7.36 -5.99 -2.63
C THR A 83 -8.56 -6.88 -2.29
N ALA A 84 -8.85 -7.02 -1.02
CA ALA A 84 -10.02 -7.83 -0.60
C ALA A 84 -11.29 -7.19 -1.17
N CYS A 85 -11.35 -5.89 -1.14
CA CYS A 85 -12.54 -5.16 -1.66
C CYS A 85 -12.75 -5.50 -3.15
N HIS A 86 -11.68 -5.65 -3.88
CA HIS A 86 -11.85 -5.97 -5.33
C HIS A 86 -12.62 -7.28 -5.47
N GLU A 87 -12.33 -8.25 -4.65
CA GLU A 87 -13.08 -9.53 -4.75
C GLU A 87 -14.56 -9.25 -4.45
N PHE A 88 -14.82 -8.42 -3.47
CA PHE A 88 -16.24 -8.08 -3.14
C PHE A 88 -16.80 -7.10 -4.17
N PHE A 89 -15.98 -6.17 -4.61
CA PHE A 89 -16.46 -5.16 -5.60
C PHE A 89 -16.15 -5.69 -7.00
N GLU A 90 -15.86 -6.95 -7.10
CA GLU A 90 -15.55 -7.52 -8.43
C GLU A 90 -16.75 -7.31 -9.34
N HIS A 91 -16.69 -6.33 -10.17
CA HIS A 91 -17.84 -6.06 -11.10
C HIS A 91 -17.88 -7.14 -12.17
N GLU A 92 -18.13 -8.36 -11.79
CA GLU A 92 -18.19 -9.47 -12.78
N MET B 1 -12.81 11.23 9.01
CA MET B 1 -14.09 11.13 8.23
C MET B 1 -14.38 9.65 7.93
N SER B 2 -13.43 8.79 8.18
CA SER B 2 -13.65 7.34 7.91
C SER B 2 -13.95 7.13 6.42
N GLU B 3 -13.50 8.03 5.60
CA GLU B 3 -13.73 7.89 4.12
C GLU B 3 -12.78 6.84 3.56
N LEU B 4 -12.29 5.97 4.38
CA LEU B 4 -11.35 4.93 3.89
C LEU B 4 -12.05 4.09 2.82
N GLU B 5 -13.32 3.87 2.97
CA GLU B 5 -14.06 3.03 1.98
C GLU B 5 -13.98 3.63 0.58
N LYS B 6 -14.08 4.93 0.46
CA LYS B 6 -14.03 5.58 -0.88
C LYS B 6 -12.62 5.47 -1.46
N ALA B 7 -11.63 5.61 -0.64
CA ALA B 7 -10.23 5.55 -1.17
C ALA B 7 -9.90 4.13 -1.64
N MET B 8 -10.32 3.13 -0.92
CA MET B 8 -10.01 1.74 -1.33
C MET B 8 -10.68 1.42 -2.66
N VAL B 9 -11.87 1.88 -2.83
CA VAL B 9 -12.60 1.63 -4.10
C VAL B 9 -11.87 2.31 -5.25
N ALA B 10 -11.38 3.49 -5.01
CA ALA B 10 -10.67 4.26 -6.08
C ALA B 10 -9.39 3.56 -6.53
N LEU B 11 -8.66 2.96 -5.62
CA LEU B 11 -7.40 2.29 -6.06
C LEU B 11 -7.77 1.20 -7.06
N ILE B 12 -8.83 0.52 -6.80
CA ILE B 12 -9.27 -0.57 -7.72
C ILE B 12 -9.68 0.02 -9.08
N ASP B 13 -10.34 1.14 -9.10
CA ASP B 13 -10.79 1.72 -10.41
C ASP B 13 -9.61 2.06 -11.32
N VAL B 14 -8.58 2.67 -10.78
CA VAL B 14 -7.40 3.05 -11.64
C VAL B 14 -6.67 1.79 -12.15
N PHE B 15 -6.54 0.79 -11.34
CA PHE B 15 -5.81 -0.42 -11.82
C PHE B 15 -6.53 -1.01 -13.02
N HIS B 16 -7.83 -1.02 -13.02
CA HIS B 16 -8.56 -1.58 -14.19
C HIS B 16 -8.57 -0.58 -15.35
N GLN B 17 -8.39 0.67 -15.07
CA GLN B 17 -8.43 1.68 -16.15
C GLN B 17 -7.44 1.32 -17.26
N TYR B 18 -6.24 0.94 -16.93
CA TYR B 18 -5.24 0.60 -18.00
C TYR B 18 -4.82 -0.88 -17.94
N SER B 19 -4.90 -1.50 -16.80
CA SER B 19 -4.48 -2.94 -16.71
C SER B 19 -5.34 -3.77 -17.67
N GLY B 20 -6.61 -3.47 -17.73
CA GLY B 20 -7.50 -4.24 -18.64
C GLY B 20 -7.18 -3.89 -20.10
N ARG B 21 -6.28 -2.97 -20.30
CA ARG B 21 -5.91 -2.57 -21.69
C ARG B 21 -5.38 -3.79 -22.45
N GLU B 22 -4.53 -4.55 -21.82
CA GLU B 22 -3.93 -5.76 -22.48
C GLU B 22 -4.41 -7.04 -21.78
N GLY B 23 -4.32 -8.15 -22.47
CA GLY B 23 -4.78 -9.45 -21.89
C GLY B 23 -4.28 -9.60 -20.44
N ASP B 24 -3.34 -8.81 -20.02
CA ASP B 24 -2.82 -8.94 -18.64
C ASP B 24 -3.79 -8.25 -17.66
N LYS B 25 -5.05 -8.56 -17.74
CA LYS B 25 -6.05 -7.92 -16.81
C LYS B 25 -5.87 -8.46 -15.38
N HIS B 26 -5.61 -9.73 -15.23
CA HIS B 26 -5.45 -10.32 -13.86
C HIS B 26 -4.05 -10.09 -13.32
N LYS B 27 -3.12 -9.69 -14.15
CA LYS B 27 -1.71 -9.47 -13.68
C LYS B 27 -1.17 -8.21 -14.35
N LEU B 28 -0.15 -7.62 -13.79
CA LEU B 28 0.43 -6.37 -14.37
C LEU B 28 1.84 -6.66 -14.88
N LYS B 29 2.09 -6.45 -16.15
CA LYS B 29 3.46 -6.71 -16.69
C LYS B 29 4.24 -5.41 -16.68
N LYS B 30 5.54 -5.47 -16.49
CA LYS B 30 6.36 -4.21 -16.47
C LYS B 30 5.89 -3.28 -17.58
N SER B 31 5.28 -3.84 -18.58
CA SER B 31 4.78 -3.00 -19.71
C SER B 31 3.57 -2.19 -19.25
N GLU B 32 2.62 -2.83 -18.63
CA GLU B 32 1.42 -2.08 -18.14
C GLU B 32 1.85 -1.14 -17.02
N LEU B 33 2.77 -1.57 -16.19
CA LEU B 33 3.26 -0.71 -15.09
C LEU B 33 3.86 0.56 -15.67
N LYS B 34 4.55 0.45 -16.77
CA LYS B 34 5.16 1.65 -17.41
C LYS B 34 4.05 2.64 -17.80
N GLU B 35 2.95 2.13 -18.27
CA GLU B 35 1.82 3.03 -18.68
C GLU B 35 1.23 3.72 -17.46
N LEU B 36 1.11 3.03 -16.39
CA LEU B 36 0.56 3.65 -15.16
C LEU B 36 1.44 4.82 -14.76
N ILE B 37 2.71 4.58 -14.70
CA ILE B 37 3.64 5.65 -14.28
C ILE B 37 3.92 6.67 -15.38
N ASN B 38 4.21 6.23 -16.58
CA ASN B 38 4.59 7.19 -17.65
C ASN B 38 3.39 7.89 -18.29
N ASN B 39 2.34 7.16 -18.54
CA ASN B 39 1.16 7.77 -19.24
C ASN B 39 0.05 8.22 -18.28
N GLU B 40 -0.17 7.55 -17.19
CA GLU B 40 -1.29 7.97 -16.29
C GLU B 40 -0.81 9.02 -15.29
N LEU B 41 0.49 9.18 -15.14
CA LEU B 41 1.00 10.18 -14.15
C LEU B 41 2.27 10.84 -14.70
N SER B 42 2.21 11.34 -15.90
CA SER B 42 3.42 12.00 -16.49
C SER B 42 3.85 13.19 -15.63
N HIS B 43 2.94 14.06 -15.26
CA HIS B 43 3.30 15.25 -14.43
C HIS B 43 3.04 15.00 -12.94
N PHE B 44 1.99 14.30 -12.64
CA PHE B 44 1.67 14.03 -11.20
C PHE B 44 2.82 13.25 -10.54
N LEU B 45 3.42 12.33 -11.24
CA LEU B 45 4.54 11.53 -10.65
C LEU B 45 5.77 11.64 -11.56
N GLU B 46 6.93 11.41 -11.02
CA GLU B 46 8.16 11.53 -11.86
C GLU B 46 8.00 10.63 -13.10
N GLU B 47 7.79 11.24 -14.23
CA GLU B 47 7.63 10.44 -15.49
C GLU B 47 8.88 9.60 -15.73
N ILE B 48 8.70 8.41 -16.27
CA ILE B 48 9.88 7.53 -16.54
C ILE B 48 10.37 7.79 -17.96
N LYS B 49 11.66 7.85 -18.15
CA LYS B 49 12.22 8.13 -19.51
C LYS B 49 12.78 6.84 -20.12
N GLU B 50 13.06 5.86 -19.30
CA GLU B 50 13.64 4.58 -19.83
C GLU B 50 13.01 3.38 -19.11
N GLN B 51 12.74 2.32 -19.82
CA GLN B 51 12.10 1.12 -19.19
C GLN B 51 13.04 0.48 -18.15
N GLU B 52 14.31 0.75 -18.22
CA GLU B 52 15.25 0.16 -17.22
C GLU B 52 14.85 0.61 -15.82
N VAL B 53 14.42 1.83 -15.68
CA VAL B 53 14.02 2.33 -14.34
C VAL B 53 12.89 1.45 -13.82
N VAL B 54 11.99 1.10 -14.69
CA VAL B 54 10.85 0.25 -14.29
C VAL B 54 11.35 -1.14 -13.90
N ASP B 55 12.36 -1.62 -14.56
CA ASP B 55 12.92 -2.97 -14.24
C ASP B 55 13.51 -2.95 -12.82
N LYS B 56 14.13 -1.88 -12.48
CA LYS B 56 14.75 -1.76 -11.12
C LYS B 56 13.63 -1.70 -10.10
N VAL B 57 12.60 -0.97 -10.44
CA VAL B 57 11.43 -0.85 -9.56
C VAL B 57 10.78 -2.23 -9.46
N MET B 58 10.94 -3.02 -10.48
CA MET B 58 10.35 -4.39 -10.45
C MET B 58 11.11 -5.21 -9.44
N GLU B 59 12.38 -4.98 -9.26
CA GLU B 59 13.11 -5.78 -8.26
C GLU B 59 12.37 -5.60 -6.92
N THR B 60 11.88 -4.41 -6.69
CA THR B 60 11.12 -4.14 -5.43
C THR B 60 9.65 -4.60 -5.54
N LEU B 61 8.99 -4.30 -6.63
CA LEU B 61 7.55 -4.68 -6.77
C LEU B 61 7.41 -6.09 -7.35
N ASP B 62 8.43 -6.59 -7.98
CA ASP B 62 8.32 -7.97 -8.54
C ASP B 62 8.55 -8.94 -7.41
N GLU B 63 7.69 -8.90 -6.45
CA GLU B 63 7.83 -9.78 -5.28
C GLU B 63 7.81 -11.23 -5.77
N ASP B 64 6.98 -11.53 -6.74
CA ASP B 64 6.94 -12.91 -7.28
C ASP B 64 8.20 -13.13 -8.13
N GLY B 65 8.87 -12.06 -8.50
CA GLY B 65 10.12 -12.19 -9.31
C GLY B 65 9.80 -12.83 -10.66
N ASP B 66 8.64 -12.56 -11.23
CA ASP B 66 8.28 -13.17 -12.56
C ASP B 66 8.31 -12.08 -13.65
N GLY B 67 8.75 -10.90 -13.33
CA GLY B 67 8.79 -9.82 -14.36
C GLY B 67 7.38 -9.23 -14.50
N GLU B 68 6.52 -9.61 -13.61
CA GLU B 68 5.11 -9.13 -13.63
C GLU B 68 4.64 -9.00 -12.18
N CYS B 69 4.10 -7.87 -11.78
CA CYS B 69 3.63 -7.72 -10.37
C CYS B 69 2.13 -7.97 -10.32
N ASP B 70 1.69 -8.72 -9.36
CA ASP B 70 0.24 -9.01 -9.25
C ASP B 70 -0.48 -7.74 -8.86
N PHE B 71 -1.77 -7.67 -9.08
CA PHE B 71 -2.53 -6.45 -8.72
C PHE B 71 -2.13 -6.05 -7.30
N GLN B 72 -1.98 -7.02 -6.43
CA GLN B 72 -1.58 -6.74 -5.03
C GLN B 72 -0.22 -6.03 -4.98
N GLU B 73 0.75 -6.51 -5.71
CA GLU B 73 2.10 -5.89 -5.67
C GLU B 73 2.03 -4.42 -6.10
N PHE B 74 1.25 -4.12 -7.10
CA PHE B 74 1.15 -2.71 -7.54
C PHE B 74 0.45 -1.88 -6.46
N MET B 75 -0.46 -2.46 -5.76
CA MET B 75 -1.19 -1.72 -4.70
C MET B 75 -0.21 -1.22 -3.63
N ALA B 76 0.80 -1.97 -3.34
CA ALA B 76 1.76 -1.52 -2.29
C ALA B 76 2.59 -0.33 -2.80
N PHE B 77 2.87 -0.28 -4.06
CA PHE B 77 3.66 0.87 -4.63
C PHE B 77 2.91 2.17 -4.35
N VAL B 78 1.63 2.14 -4.50
CA VAL B 78 0.81 3.36 -4.27
C VAL B 78 0.96 3.80 -2.81
N SER B 79 1.10 2.87 -1.92
CA SER B 79 1.22 3.24 -0.48
C SER B 79 2.43 4.13 -0.26
N MET B 80 3.53 3.86 -0.91
CA MET B 80 4.73 4.71 -0.67
C MET B 80 4.65 6.03 -1.44
N VAL B 81 4.25 6.01 -2.67
CA VAL B 81 4.21 7.29 -3.43
C VAL B 81 3.27 8.26 -2.73
N THR B 82 2.17 7.78 -2.23
CA THR B 82 1.21 8.66 -1.53
C THR B 82 1.91 9.31 -0.35
N THR B 83 2.72 8.56 0.33
CA THR B 83 3.46 9.11 1.49
C THR B 83 4.19 10.37 1.02
N ALA B 84 4.70 10.34 -0.18
CA ALA B 84 5.40 11.53 -0.74
C ALA B 84 4.39 12.68 -0.81
N CYS B 85 3.18 12.37 -1.20
CA CYS B 85 2.13 13.44 -1.31
C CYS B 85 1.91 14.10 0.04
N HIS B 86 1.99 13.37 1.11
CA HIS B 86 1.78 13.98 2.45
C HIS B 86 2.82 15.07 2.67
N GLU B 87 4.04 14.85 2.27
CA GLU B 87 5.06 15.90 2.45
C GLU B 87 4.65 17.12 1.61
N PHE B 88 4.17 16.88 0.42
CA PHE B 88 3.73 18.02 -0.44
C PHE B 88 2.38 18.55 0.05
N PHE B 89 1.51 17.68 0.47
CA PHE B 89 0.16 18.12 0.95
C PHE B 89 0.24 18.33 2.45
N GLU B 90 1.42 18.42 2.98
CA GLU B 90 1.56 18.63 4.43
C GLU B 90 0.87 19.94 4.80
N HIS B 91 -0.31 19.84 5.32
CA HIS B 91 -1.07 21.07 5.70
C HIS B 91 -0.43 21.68 6.95
N GLU B 92 0.78 22.14 6.83
CA GLU B 92 1.48 22.74 8.00
N SER C 1 0.15 -37.38 22.64
CA SER C 1 -0.31 -36.07 22.09
C SER C 1 -1.34 -35.46 23.05
N HIS C 2 -1.12 -34.25 23.49
CA HIS C 2 -2.09 -33.59 24.42
C HIS C 2 -3.01 -32.65 23.64
N LEU C 3 -4.30 -32.73 23.90
CA LEU C 3 -5.28 -31.85 23.19
C LEU C 3 -5.78 -30.81 24.18
N LYS C 4 -5.86 -29.57 23.77
CA LYS C 4 -6.32 -28.50 24.69
C LYS C 4 -7.85 -28.43 24.69
N SER C 5 -8.45 -28.36 25.84
CA SER C 5 -9.94 -28.29 25.92
C SER C 5 -10.42 -26.93 25.41
N LYS C 6 -9.55 -25.97 25.34
CA LYS C 6 -9.98 -24.62 24.85
C LYS C 6 -10.65 -24.76 23.48
N LYS C 7 -11.82 -24.17 23.33
CA LYS C 7 -12.54 -24.26 22.02
C LYS C 7 -12.02 -23.17 21.09
N GLY C 8 -12.12 -23.38 19.80
CA GLY C 8 -11.63 -22.34 18.84
C GLY C 8 -12.14 -20.97 19.27
N GLN C 9 -11.26 -20.04 19.52
CA GLN C 9 -11.68 -18.68 19.96
C GLN C 9 -12.07 -17.83 18.74
N SER C 10 -12.90 -16.84 18.93
CA SER C 10 -13.32 -15.97 17.79
C SER C 10 -12.08 -15.50 17.04
N THR C 11 -10.94 -15.44 17.69
CA THR C 11 -9.70 -14.99 17.00
C THR C 11 -9.61 -15.60 15.60
N SER C 12 -10.24 -16.72 15.40
CA SER C 12 -10.22 -17.38 14.06
C SER C 12 -10.53 -16.32 12.99
N ARG C 13 -11.23 -15.29 13.37
CA ARG C 13 -11.60 -14.22 12.40
C ARG C 13 -10.34 -13.59 11.82
N HIS C 14 -9.33 -13.38 12.62
CA HIS C 14 -8.08 -12.78 12.09
C HIS C 14 -7.56 -13.64 10.95
N LYS C 15 -7.78 -14.93 11.04
CA LYS C 15 -7.31 -15.84 9.95
C LYS C 15 -7.99 -15.44 8.65
N LYS C 16 -9.21 -14.96 8.73
CA LYS C 16 -9.92 -14.55 7.49
C LYS C 16 -9.09 -13.48 6.76
N LEU C 17 -8.51 -12.58 7.49
CA LEU C 17 -7.66 -11.52 6.85
C LEU C 17 -6.27 -12.10 6.49
N MET C 18 -5.85 -13.12 7.17
CA MET C 18 -4.51 -13.71 6.88
C MET C 18 -4.42 -14.14 5.41
N PHE C 19 -5.53 -14.42 4.76
CA PHE C 19 -5.43 -14.86 3.34
C PHE C 19 -4.53 -13.89 2.57
N LYS C 20 -4.54 -12.61 2.91
CA LYS C 20 -3.60 -11.67 2.23
C LYS C 20 -2.17 -11.97 2.69
N THR C 21 -2.00 -12.24 3.94
CA THR C 21 -0.62 -12.52 4.45
C THR C 21 -0.05 -13.75 3.73
N GLU C 22 -0.90 -14.67 3.36
CA GLU C 22 -0.40 -15.89 2.65
N SER D 1 42.26 3.18 -10.23
CA SER D 1 40.79 3.43 -10.25
C SER D 1 40.39 3.98 -11.62
N HIS D 2 39.45 3.35 -12.27
CA HIS D 2 39.01 3.82 -13.62
C HIS D 2 37.73 4.66 -13.49
N LEU D 3 37.69 5.81 -14.13
CA LEU D 3 36.48 6.68 -14.07
C LEU D 3 35.78 6.62 -15.42
N LYS D 4 34.48 6.49 -15.41
CA LYS D 4 33.72 6.40 -16.69
C LYS D 4 33.42 7.80 -17.22
N SER D 5 33.66 8.01 -18.48
CA SER D 5 33.40 9.36 -19.08
C SER D 5 31.89 9.61 -19.14
N LYS D 6 31.09 8.58 -19.05
CA LYS D 6 29.61 8.78 -19.13
C LYS D 6 29.18 9.81 -18.08
N LYS D 7 28.42 10.78 -18.49
CA LYS D 7 27.95 11.83 -17.53
C LYS D 7 26.69 11.34 -16.82
N GLY D 8 26.43 11.81 -15.63
CA GLY D 8 25.22 11.37 -14.89
C GLY D 8 24.01 11.40 -15.82
N GLN D 9 23.37 10.27 -16.00
CA GLN D 9 22.19 10.21 -16.91
C GLN D 9 20.93 10.67 -16.18
N SER D 10 19.95 11.15 -16.90
CA SER D 10 18.70 11.62 -16.26
C SER D 10 18.18 10.56 -15.28
N THR D 11 18.53 9.32 -15.50
CA THR D 11 18.06 8.24 -14.58
C THR D 11 18.17 8.69 -13.13
N SER D 12 19.06 9.61 -12.85
CA SER D 12 19.20 10.11 -11.45
C SER D 12 17.82 10.44 -10.88
N ARG D 13 16.89 10.72 -11.74
CA ARG D 13 15.51 11.07 -11.28
C ARG D 13 14.92 9.89 -10.50
N HIS D 14 15.15 8.69 -10.95
CA HIS D 14 14.60 7.51 -10.22
C HIS D 14 15.09 7.57 -8.77
N LYS D 15 16.28 8.06 -8.57
CA LYS D 15 16.84 8.16 -7.19
C LYS D 15 15.92 9.05 -6.36
N LYS D 16 15.31 10.03 -6.97
CA LYS D 16 14.41 10.93 -6.20
C LYS D 16 13.31 10.09 -5.56
N LEU D 17 12.79 9.12 -6.26
CA LEU D 17 11.72 8.24 -5.69
C LEU D 17 12.35 7.20 -4.74
N MET D 18 13.60 6.87 -4.93
CA MET D 18 14.25 5.86 -4.05
C MET D 18 14.15 6.30 -2.58
N PHE D 19 14.04 7.57 -2.30
CA PHE D 19 13.98 7.97 -0.86
C PHE D 19 12.95 7.10 -0.14
N LYS D 20 11.89 6.70 -0.79
CA LYS D 20 10.92 5.78 -0.11
C LYS D 20 11.57 4.39 0.05
N THR D 21 12.28 3.96 -0.96
CA THR D 21 12.92 2.62 -0.88
C THR D 21 13.90 2.59 0.30
N GLU D 22 14.50 3.71 0.61
CA GLU D 22 15.46 3.75 1.74
CA CA E . -2.91 8.23 15.89
CA CA F . 5.59 0.27 14.31
CA CA G . -3.00 -5.53 -16.42
CA CA H . 5.36 -10.51 -9.26
N MET A 1 -10.24 8.38 -14.48
CA MET A 1 -9.01 8.60 -15.29
C MET A 1 -8.01 9.40 -14.46
N SER A 2 -6.89 8.82 -14.14
CA SER A 2 -5.86 9.54 -13.33
C SER A 2 -6.51 10.08 -12.05
N GLU A 3 -7.41 9.32 -11.48
CA GLU A 3 -8.08 9.74 -10.23
C GLU A 3 -7.12 9.57 -9.05
N LEU A 4 -5.94 9.08 -9.32
CA LEU A 4 -4.96 8.86 -8.24
C LEU A 4 -4.87 10.10 -7.34
N GLU A 5 -5.29 11.24 -7.80
CA GLU A 5 -5.19 12.44 -6.93
C GLU A 5 -6.17 12.28 -5.76
N LYS A 6 -7.33 11.77 -6.03
CA LYS A 6 -8.34 11.57 -4.98
C LYS A 6 -8.02 10.35 -4.11
N ALA A 7 -7.52 9.30 -4.71
CA ALA A 7 -7.24 8.07 -3.93
C ALA A 7 -6.04 8.24 -2.99
N MET A 8 -5.01 8.89 -3.43
CA MET A 8 -3.82 9.06 -2.55
C MET A 8 -4.17 10.02 -1.40
N VAL A 9 -4.91 11.04 -1.70
CA VAL A 9 -5.28 12.02 -0.65
C VAL A 9 -6.29 11.40 0.31
N ALA A 10 -7.13 10.53 -0.18
CA ALA A 10 -8.17 9.92 0.69
C ALA A 10 -7.55 8.88 1.63
N LEU A 11 -6.57 8.16 1.15
CA LEU A 11 -5.93 7.11 2.00
C LEU A 11 -5.35 7.80 3.23
N ILE A 12 -4.71 8.91 3.02
CA ILE A 12 -4.11 9.68 4.14
C ILE A 12 -5.23 10.30 5.02
N ASP A 13 -6.29 10.76 4.40
CA ASP A 13 -7.39 11.43 5.19
C ASP A 13 -8.02 10.48 6.22
N VAL A 14 -8.28 9.26 5.86
CA VAL A 14 -8.92 8.32 6.83
C VAL A 14 -7.95 8.01 7.98
N PHE A 15 -6.70 7.84 7.65
CA PHE A 15 -5.72 7.54 8.72
C PHE A 15 -5.73 8.68 9.74
N HIS A 16 -5.84 9.89 9.29
CA HIS A 16 -5.85 11.04 10.23
C HIS A 16 -7.03 10.94 11.22
N GLN A 17 -8.16 10.47 10.77
CA GLN A 17 -9.33 10.40 11.69
C GLN A 17 -9.02 9.52 12.91
N TYR A 18 -8.36 8.41 12.72
CA TYR A 18 -8.07 7.50 13.89
C TYR A 18 -6.78 7.91 14.61
N SER A 19 -5.80 8.39 13.91
CA SER A 19 -4.53 8.77 14.57
C SER A 19 -4.79 9.86 15.61
N GLY A 20 -5.65 10.79 15.30
CA GLY A 20 -5.94 11.88 16.28
C GLY A 20 -6.84 11.33 17.40
N ARG A 21 -7.29 10.12 17.28
CA ARG A 21 -8.16 9.54 18.35
C ARG A 21 -7.38 9.52 19.67
N GLU A 22 -6.16 9.06 19.64
CA GLU A 22 -5.34 8.97 20.89
C GLU A 22 -4.14 9.91 20.80
N GLY A 23 -3.58 10.25 21.92
CA GLY A 23 -2.41 11.18 21.94
C GLY A 23 -1.38 10.74 20.89
N ASP A 24 -1.43 9.52 20.45
CA ASP A 24 -0.43 9.06 19.45
C ASP A 24 -0.81 9.56 18.05
N LYS A 25 -0.91 10.84 17.87
CA LYS A 25 -1.26 11.39 16.52
C LYS A 25 -0.18 10.98 15.51
N HIS A 26 1.05 11.04 15.91
CA HIS A 26 2.15 10.70 14.97
C HIS A 26 2.33 9.18 14.84
N LYS A 27 1.81 8.39 15.76
CA LYS A 27 1.99 6.91 15.66
C LYS A 27 0.71 6.16 16.07
N LEU A 28 0.56 4.95 15.60
CA LEU A 28 -0.63 4.12 15.95
C LEU A 28 -0.20 3.01 16.91
N LYS A 29 -0.91 2.82 17.99
CA LYS A 29 -0.55 1.73 18.94
C LYS A 29 -1.52 0.58 18.71
N LYS A 30 -1.11 -0.64 18.95
CA LYS A 30 -2.03 -1.80 18.74
C LYS A 30 -3.41 -1.44 19.29
N SER A 31 -3.45 -0.55 20.24
CA SER A 31 -4.75 -0.13 20.83
C SER A 31 -5.46 0.82 19.86
N GLU A 32 -4.78 1.82 19.39
CA GLU A 32 -5.41 2.75 18.44
C GLU A 32 -5.67 2.00 17.13
N LEU A 33 -4.80 1.07 16.81
CA LEU A 33 -4.97 0.25 15.58
C LEU A 33 -6.30 -0.50 15.65
N LYS A 34 -6.64 -0.99 16.81
CA LYS A 34 -7.93 -1.75 16.99
C LYS A 34 -9.09 -0.85 16.56
N GLU A 35 -9.04 0.41 16.90
CA GLU A 35 -10.16 1.32 16.54
C GLU A 35 -10.21 1.50 15.03
N LEU A 36 -9.09 1.63 14.38
CA LEU A 36 -9.13 1.80 12.90
C LEU A 36 -9.81 0.58 12.28
N ILE A 37 -9.37 -0.57 12.66
CA ILE A 37 -9.92 -1.83 12.09
C ILE A 37 -11.32 -2.17 12.64
N ASN A 38 -11.50 -2.08 13.92
CA ASN A 38 -12.81 -2.47 14.53
C ASN A 38 -13.94 -1.51 14.12
N ASN A 39 -13.67 -0.24 14.06
CA ASN A 39 -14.74 0.76 13.74
C ASN A 39 -14.74 1.23 12.28
N GLU A 40 -13.61 1.33 11.64
CA GLU A 40 -13.62 1.84 10.23
C GLU A 40 -13.95 0.69 9.26
N LEU A 41 -13.80 -0.55 9.69
CA LEU A 41 -14.13 -1.72 8.82
C LEU A 41 -15.30 -2.49 9.42
N SER A 42 -16.21 -1.82 10.06
CA SER A 42 -17.35 -2.54 10.69
C SER A 42 -18.15 -3.29 9.62
N HIS A 43 -18.33 -2.70 8.46
CA HIS A 43 -19.11 -3.39 7.38
C HIS A 43 -18.21 -3.63 6.15
N PHE A 44 -17.05 -3.03 6.11
CA PHE A 44 -16.15 -3.25 4.93
C PHE A 44 -15.74 -4.72 4.88
N LEU A 45 -15.38 -5.30 6.00
CA LEU A 45 -14.96 -6.73 6.02
C LEU A 45 -15.07 -7.27 7.44
N GLU A 46 -14.80 -8.54 7.61
CA GLU A 46 -14.89 -9.14 8.96
C GLU A 46 -14.05 -8.30 9.92
N GLU A 47 -14.68 -7.40 10.63
CA GLU A 47 -13.92 -6.55 11.58
C GLU A 47 -13.28 -7.44 12.64
N ILE A 48 -12.64 -6.85 13.62
CA ILE A 48 -11.97 -7.65 14.69
C ILE A 48 -12.91 -7.85 15.87
N LYS A 49 -12.81 -8.98 16.53
CA LYS A 49 -13.70 -9.25 17.69
C LYS A 49 -12.86 -9.31 18.99
N GLU A 50 -11.59 -9.59 18.87
CA GLU A 50 -10.71 -9.67 20.09
C GLU A 50 -9.44 -8.86 19.86
N GLN A 51 -8.83 -8.41 20.93
CA GLN A 51 -7.56 -7.63 20.81
C GLN A 51 -6.45 -8.57 20.37
N GLU A 52 -6.56 -9.83 20.66
CA GLU A 52 -5.47 -10.78 20.27
C GLU A 52 -5.27 -10.79 18.77
N VAL A 53 -6.33 -10.73 18.00
CA VAL A 53 -6.15 -10.73 16.53
C VAL A 53 -5.34 -9.53 16.14
N VAL A 54 -5.59 -8.42 16.76
CA VAL A 54 -4.85 -7.20 16.43
C VAL A 54 -3.38 -7.40 16.73
N ASP A 55 -3.07 -8.05 17.82
CA ASP A 55 -1.64 -8.29 18.18
C ASP A 55 -0.97 -9.11 17.09
N LYS A 56 -1.66 -10.07 16.56
CA LYS A 56 -1.07 -10.92 15.49
C LYS A 56 -0.80 -10.03 14.28
N VAL A 57 -1.71 -9.15 14.01
CA VAL A 57 -1.53 -8.22 12.87
C VAL A 57 -0.35 -7.30 13.19
N MET A 58 -0.15 -7.03 14.44
CA MET A 58 0.97 -6.15 14.83
C MET A 58 2.28 -6.89 14.59
N GLU A 59 2.27 -8.18 14.68
CA GLU A 59 3.53 -8.92 14.41
C GLU A 59 3.95 -8.56 12.98
N THR A 60 2.98 -8.49 12.10
CA THR A 60 3.27 -8.14 10.69
C THR A 60 3.42 -6.61 10.52
N LEU A 61 2.62 -5.84 11.19
CA LEU A 61 2.70 -4.34 11.03
C LEU A 61 3.70 -3.76 12.02
N ASP A 62 4.05 -4.47 13.05
CA ASP A 62 5.03 -3.91 14.01
C ASP A 62 6.41 -4.07 13.41
N GLU A 63 6.61 -3.47 12.28
CA GLU A 63 7.91 -3.58 11.60
C GLU A 63 8.99 -3.01 12.53
N ASP A 64 8.65 -2.00 13.28
CA ASP A 64 9.64 -1.41 14.22
C ASP A 64 9.75 -2.33 15.44
N GLY A 65 8.86 -3.29 15.55
CA GLY A 65 8.93 -4.22 16.71
C GLY A 65 8.69 -3.45 18.01
N ASP A 66 7.95 -2.37 17.97
CA ASP A 66 7.69 -1.56 19.21
C ASP A 66 6.24 -1.76 19.68
N GLY A 67 5.52 -2.64 19.05
CA GLY A 67 4.10 -2.86 19.46
C GLY A 67 3.24 -1.73 18.92
N GLU A 68 3.82 -0.90 18.08
CA GLU A 68 3.07 0.25 17.50
C GLU A 68 3.46 0.38 16.01
N CYS A 69 2.51 0.58 15.15
CA CYS A 69 2.83 0.73 13.69
C CYS A 69 2.76 2.21 13.31
N ASP A 70 3.78 2.72 12.71
CA ASP A 70 3.81 4.18 12.35
C ASP A 70 2.88 4.45 11.17
N PHE A 71 2.57 5.71 10.91
CA PHE A 71 1.65 6.04 9.78
C PHE A 71 2.17 5.38 8.51
N GLN A 72 3.47 5.34 8.33
CA GLN A 72 4.01 4.69 7.11
C GLN A 72 3.75 3.17 7.17
N GLU A 73 3.85 2.56 8.33
CA GLU A 73 3.61 1.10 8.43
C GLU A 73 2.13 0.80 8.14
N PHE A 74 1.26 1.63 8.64
CA PHE A 74 -0.19 1.41 8.40
C PHE A 74 -0.50 1.55 6.92
N MET A 75 0.21 2.42 6.25
CA MET A 75 -0.05 2.64 4.80
C MET A 75 0.16 1.35 4.02
N ALA A 76 1.15 0.58 4.36
CA ALA A 76 1.40 -0.66 3.58
C ALA A 76 0.30 -1.70 3.83
N PHE A 77 -0.28 -1.70 4.99
CA PHE A 77 -1.36 -2.70 5.28
C PHE A 77 -2.63 -2.38 4.48
N VAL A 78 -2.77 -1.16 4.05
CA VAL A 78 -3.99 -0.78 3.28
C VAL A 78 -3.84 -1.24 1.84
N SER A 79 -2.65 -1.27 1.32
CA SER A 79 -2.50 -1.70 -0.09
C SER A 79 -2.78 -3.20 -0.21
N MET A 80 -2.33 -3.97 0.74
CA MET A 80 -2.58 -5.44 0.65
C MET A 80 -4.06 -5.76 0.91
N VAL A 81 -4.69 -5.12 1.86
CA VAL A 81 -6.14 -5.40 2.11
C VAL A 81 -6.94 -4.99 0.87
N THR A 82 -6.57 -3.89 0.27
CA THR A 82 -7.29 -3.41 -0.92
C THR A 82 -7.20 -4.47 -2.00
N THR A 83 -6.08 -5.12 -2.06
CA THR A 83 -5.89 -6.18 -3.08
C THR A 83 -7.06 -7.16 -2.97
N ALA A 84 -7.47 -7.45 -1.77
CA ALA A 84 -8.63 -8.39 -1.59
C ALA A 84 -9.87 -7.80 -2.26
N CYS A 85 -10.07 -6.51 -2.14
CA CYS A 85 -11.27 -5.86 -2.75
C CYS A 85 -11.26 -6.07 -4.26
N HIS A 86 -10.11 -6.00 -4.89
CA HIS A 86 -10.04 -6.20 -6.36
C HIS A 86 -10.63 -7.56 -6.71
N GLU A 87 -10.35 -8.56 -5.92
CA GLU A 87 -10.90 -9.91 -6.21
C GLU A 87 -12.42 -9.85 -6.22
N PHE A 88 -13.01 -9.12 -5.30
CA PHE A 88 -14.50 -9.05 -5.25
C PHE A 88 -15.02 -7.90 -6.11
N PHE A 89 -14.22 -6.90 -6.36
CA PHE A 89 -14.69 -5.75 -7.22
C PHE A 89 -14.26 -6.02 -8.65
N GLU A 90 -13.69 -7.16 -8.89
CA GLU A 90 -13.25 -7.52 -10.27
C GLU A 90 -14.44 -7.36 -11.22
N HIS A 91 -15.10 -8.44 -11.55
CA HIS A 91 -16.28 -8.35 -12.45
C HIS A 91 -17.41 -7.67 -11.70
N GLU A 92 -17.33 -7.69 -10.38
CA GLU A 92 -18.38 -7.07 -9.55
N MET B 1 -14.69 10.96 6.93
CA MET B 1 -14.97 9.98 8.02
C MET B 1 -15.25 8.60 7.42
N SER B 2 -14.39 7.64 7.69
CA SER B 2 -14.59 6.27 7.13
C SER B 2 -14.73 6.36 5.61
N GLU B 3 -14.00 7.25 5.00
CA GLU B 3 -14.05 7.39 3.51
C GLU B 3 -13.31 6.24 2.86
N LEU B 4 -12.75 5.37 3.66
CA LEU B 4 -11.97 4.24 3.10
C LEU B 4 -12.77 3.55 1.99
N GLU B 5 -14.06 3.72 1.94
CA GLU B 5 -14.84 3.05 0.85
C GLU B 5 -14.44 3.67 -0.50
N LYS B 6 -14.28 4.95 -0.52
CA LYS B 6 -13.91 5.66 -1.78
C LYS B 6 -12.42 5.47 -2.09
N ALA B 7 -11.58 5.48 -1.09
CA ALA B 7 -10.12 5.36 -1.35
C ALA B 7 -9.72 3.95 -1.79
N MET B 8 -10.30 2.93 -1.23
CA MET B 8 -9.92 1.55 -1.63
C MET B 8 -10.45 1.28 -3.04
N VAL B 9 -11.63 1.75 -3.32
CA VAL B 9 -12.22 1.52 -4.67
C VAL B 9 -11.50 2.36 -5.71
N ALA B 10 -11.02 3.52 -5.32
CA ALA B 10 -10.33 4.40 -6.30
C ALA B 10 -8.94 3.87 -6.62
N LEU B 11 -8.27 3.32 -5.66
CA LEU B 11 -6.89 2.80 -5.90
C LEU B 11 -6.99 1.71 -6.98
N ILE B 12 -7.96 0.88 -6.87
CA ILE B 12 -8.16 -0.20 -7.87
C ILE B 12 -8.61 0.40 -9.21
N ASP B 13 -9.44 1.41 -9.18
CA ASP B 13 -9.97 2.00 -10.45
C ASP B 13 -8.84 2.56 -11.34
N VAL B 14 -7.89 3.27 -10.77
CA VAL B 14 -6.81 3.85 -11.61
C VAL B 14 -5.95 2.72 -12.19
N PHE B 15 -5.68 1.73 -11.42
CA PHE B 15 -4.85 0.61 -11.93
C PHE B 15 -5.53 0.02 -13.16
N HIS B 16 -6.82 -0.10 -13.13
CA HIS B 16 -7.55 -0.68 -14.30
C HIS B 16 -7.31 0.15 -15.57
N GLN B 17 -7.23 1.44 -15.45
CA GLN B 17 -7.05 2.28 -16.67
C GLN B 17 -5.76 1.92 -17.39
N TYR B 18 -4.69 1.67 -16.68
CA TYR B 18 -3.40 1.35 -17.37
C TYR B 18 -3.28 -0.15 -17.67
N SER B 19 -3.79 -0.98 -16.83
CA SER B 19 -3.67 -2.45 -17.07
C SER B 19 -4.34 -2.81 -18.40
N GLY B 20 -5.47 -2.21 -18.68
CA GLY B 20 -6.17 -2.51 -19.95
C GLY B 20 -5.43 -1.86 -21.12
N ARG B 21 -4.43 -1.05 -20.84
CA ARG B 21 -3.68 -0.39 -21.94
C ARG B 21 -3.05 -1.45 -22.85
N GLU B 22 -2.42 -2.43 -22.25
CA GLU B 22 -1.74 -3.51 -23.05
C GLU B 22 -2.42 -4.86 -22.81
N GLY B 23 -2.24 -5.78 -23.70
CA GLY B 23 -2.87 -7.12 -23.56
C GLY B 23 -2.65 -7.66 -22.14
N ASP B 24 -1.70 -7.13 -21.41
CA ASP B 24 -1.46 -7.64 -20.03
C ASP B 24 -2.48 -7.05 -19.06
N LYS B 25 -3.74 -7.27 -19.30
CA LYS B 25 -4.79 -6.73 -18.38
C LYS B 25 -4.59 -7.32 -16.98
N HIS B 26 -4.28 -8.59 -16.91
CA HIS B 26 -4.10 -9.24 -15.58
C HIS B 26 -2.72 -8.93 -14.98
N LYS B 27 -1.77 -8.48 -15.76
CA LYS B 27 -0.40 -8.20 -15.21
C LYS B 27 0.20 -6.92 -15.82
N LEU B 28 1.11 -6.31 -15.12
CA LEU B 28 1.78 -5.07 -15.63
C LEU B 28 3.21 -5.41 -16.02
N LYS B 29 3.65 -5.00 -17.18
CA LYS B 29 5.05 -5.28 -17.60
C LYS B 29 5.85 -4.00 -17.43
N LYS B 30 7.13 -4.10 -17.15
CA LYS B 30 7.95 -2.87 -16.98
C LYS B 30 7.57 -1.85 -18.05
N SER B 31 7.09 -2.33 -19.16
CA SER B 31 6.68 -1.42 -20.27
C SER B 31 5.34 -0.77 -19.92
N GLU B 32 4.38 -1.55 -19.52
CA GLU B 32 3.06 -0.98 -19.16
C GLU B 32 3.24 -0.17 -17.88
N LEU B 33 4.14 -0.61 -17.03
CA LEU B 33 4.41 0.12 -15.76
C LEU B 33 4.90 1.54 -16.08
N LYS B 34 5.69 1.67 -17.12
CA LYS B 34 6.21 3.01 -17.53
C LYS B 34 5.04 3.94 -17.81
N GLU B 35 4.01 3.45 -18.43
CA GLU B 35 2.85 4.31 -18.77
C GLU B 35 2.13 4.73 -17.49
N LEU B 36 1.98 3.85 -16.54
CA LEU B 36 1.29 4.24 -15.28
C LEU B 36 2.07 5.38 -14.64
N ILE B 37 3.35 5.20 -14.50
CA ILE B 37 4.19 6.24 -13.83
C ILE B 37 4.44 7.45 -14.74
N ASN B 38 4.80 7.24 -15.97
CA ASN B 38 5.12 8.39 -16.86
C ASN B 38 3.90 9.26 -17.16
N ASN B 39 2.77 8.66 -17.38
CA ASN B 39 1.54 9.45 -17.75
C ASN B 39 0.59 9.72 -16.57
N GLU B 40 0.47 8.82 -15.62
CA GLU B 40 -0.49 9.08 -14.50
C GLU B 40 0.16 9.99 -13.45
N LEU B 41 1.47 10.08 -13.44
CA LEU B 41 2.16 10.96 -12.43
C LEU B 41 2.89 12.09 -13.17
N SER B 42 2.33 12.55 -14.26
CA SER B 42 3.00 13.63 -15.04
C SER B 42 3.16 14.87 -14.15
N HIS B 43 2.18 15.19 -13.35
CA HIS B 43 2.28 16.40 -12.47
C HIS B 43 2.23 15.99 -10.99
N PHE B 44 1.88 14.76 -10.71
CA PHE B 44 1.82 14.33 -9.28
C PHE B 44 3.22 14.38 -8.67
N LEU B 45 4.22 13.92 -9.39
CA LEU B 45 5.61 13.94 -8.86
C LEU B 45 6.60 13.80 -10.01
N GLU B 46 7.87 13.88 -9.71
CA GLU B 46 8.88 13.76 -10.78
C GLU B 46 8.61 12.47 -11.58
N GLU B 47 7.92 12.60 -12.67
CA GLU B 47 7.61 11.39 -13.50
C GLU B 47 8.93 10.77 -13.97
N ILE B 48 8.85 9.74 -14.76
CA ILE B 48 10.09 9.06 -15.26
C ILE B 48 10.52 9.65 -16.60
N LYS B 49 11.80 9.70 -16.84
CA LYS B 49 12.33 10.28 -18.12
C LYS B 49 12.99 9.18 -18.96
N GLU B 50 13.44 8.12 -18.32
CA GLU B 50 14.09 6.99 -19.07
C GLU B 50 13.50 5.65 -18.64
N GLN B 51 13.57 4.67 -19.51
CA GLN B 51 13.04 3.32 -19.17
C GLN B 51 13.95 2.69 -18.11
N GLU B 52 15.20 3.08 -18.06
CA GLU B 52 16.12 2.46 -17.06
C GLU B 52 15.61 2.70 -15.64
N VAL B 53 15.10 3.86 -15.35
CA VAL B 53 14.61 4.11 -13.98
C VAL B 53 13.52 3.13 -13.67
N VAL B 54 12.68 2.87 -14.63
CA VAL B 54 11.57 1.91 -14.40
C VAL B 54 12.14 0.54 -14.10
N ASP B 55 13.17 0.15 -14.77
CA ASP B 55 13.77 -1.19 -14.52
C ASP B 55 14.25 -1.27 -13.07
N LYS B 56 14.83 -0.21 -12.59
CA LYS B 56 15.32 -0.21 -11.18
C LYS B 56 14.13 -0.38 -10.26
N VAL B 57 13.06 0.27 -10.59
CA VAL B 57 11.83 0.16 -9.77
C VAL B 57 11.32 -1.27 -9.90
N MET B 58 11.54 -1.88 -11.01
CA MET B 58 11.09 -3.28 -11.20
C MET B 58 11.91 -4.20 -10.32
N GLU B 59 13.12 -3.84 -10.03
CA GLU B 59 13.92 -4.72 -9.15
C GLU B 59 13.17 -4.80 -7.82
N THR B 60 12.62 -3.69 -7.40
CA THR B 60 11.85 -3.67 -6.13
C THR B 60 10.42 -4.20 -6.35
N LEU B 61 9.79 -3.86 -7.45
CA LEU B 61 8.38 -4.32 -7.69
C LEU B 61 8.38 -5.68 -8.38
N ASP B 62 9.46 -6.08 -8.97
CA ASP B 62 9.47 -7.42 -9.64
C ASP B 62 9.65 -8.46 -8.57
N GLU B 63 8.74 -8.51 -7.66
CA GLU B 63 8.82 -9.49 -6.56
C GLU B 63 8.83 -10.89 -7.16
N ASP B 64 8.10 -11.09 -8.23
CA ASP B 64 8.08 -12.42 -8.89
C ASP B 64 9.39 -12.59 -9.67
N GLY B 65 10.14 -11.54 -9.82
CA GLY B 65 11.42 -11.64 -10.58
C GLY B 65 11.13 -12.00 -12.04
N ASP B 66 9.99 -11.63 -12.56
CA ASP B 66 9.65 -11.97 -13.99
C ASP B 66 9.74 -10.71 -14.86
N GLY B 67 10.19 -9.63 -14.32
CA GLY B 67 10.30 -8.37 -15.13
C GLY B 67 8.90 -7.76 -15.27
N GLU B 68 7.95 -8.29 -14.55
CA GLU B 68 6.56 -7.78 -14.60
C GLU B 68 5.98 -7.77 -13.18
N CYS B 69 5.31 -6.71 -12.80
CA CYS B 69 4.71 -6.64 -11.43
C CYS B 69 3.20 -6.91 -11.55
N ASP B 70 2.69 -7.82 -10.76
CA ASP B 70 1.25 -8.16 -10.84
C ASP B 70 0.40 -7.05 -10.20
N PHE B 71 -0.89 -7.06 -10.42
CA PHE B 71 -1.76 -6.00 -9.83
C PHE B 71 -1.52 -5.94 -8.33
N GLN B 72 -1.31 -7.07 -7.70
CA GLN B 72 -1.06 -7.04 -6.24
C GLN B 72 0.30 -6.38 -5.96
N GLU B 73 1.29 -6.62 -6.80
CA GLU B 73 2.62 -6.00 -6.56
C GLU B 73 2.53 -4.48 -6.75
N PHE B 74 1.80 -4.07 -7.74
CA PHE B 74 1.65 -2.61 -7.98
C PHE B 74 0.94 -1.96 -6.81
N MET B 75 0.03 -2.66 -6.20
CA MET B 75 -0.73 -2.08 -5.07
C MET B 75 0.21 -1.69 -3.93
N ALA B 76 1.21 -2.48 -3.67
CA ALA B 76 2.11 -2.13 -2.54
C ALA B 76 2.96 -0.90 -2.86
N PHE B 77 3.27 -0.68 -4.10
CA PHE B 77 4.10 0.51 -4.46
C PHE B 77 3.29 1.80 -4.30
N VAL B 78 2.00 1.70 -4.30
CA VAL B 78 1.15 2.93 -4.14
C VAL B 78 1.07 3.32 -2.68
N SER B 79 1.13 2.38 -1.79
CA SER B 79 1.06 2.76 -0.35
C SER B 79 2.34 3.48 0.05
N MET B 80 3.47 3.03 -0.41
CA MET B 80 4.73 3.70 -0.02
C MET B 80 4.85 5.08 -0.68
N VAL B 81 4.49 5.21 -1.94
CA VAL B 81 4.58 6.55 -2.59
C VAL B 81 3.61 7.50 -1.88
N THR B 82 2.47 7.02 -1.52
CA THR B 82 1.45 7.87 -0.84
C THR B 82 2.08 8.39 0.44
N THR B 83 2.84 7.56 1.08
CA THR B 83 3.48 7.98 2.34
C THR B 83 4.21 9.31 2.09
N ALA B 84 4.84 9.45 0.96
CA ALA B 84 5.54 10.72 0.65
C ALA B 84 4.54 11.88 0.65
N CYS B 85 3.38 11.66 0.10
CA CYS B 85 2.35 12.74 0.04
C CYS B 85 2.00 13.21 1.46
N HIS B 86 1.93 12.30 2.40
CA HIS B 86 1.59 12.70 3.80
C HIS B 86 2.61 13.73 4.29
N GLU B 87 3.85 13.54 3.96
CA GLU B 87 4.89 14.51 4.39
C GLU B 87 4.56 15.90 3.83
N PHE B 88 4.11 15.96 2.60
CA PHE B 88 3.80 17.31 2.00
C PHE B 88 2.34 17.69 2.27
N PHE B 89 1.47 16.74 2.50
CA PHE B 89 0.04 17.06 2.78
C PHE B 89 -0.16 17.16 4.29
N GLU B 90 0.91 17.03 5.02
CA GLU B 90 0.82 17.11 6.50
C GLU B 90 0.13 18.41 6.89
N HIS B 91 0.88 19.42 7.24
CA HIS B 91 0.26 20.72 7.61
C HIS B 91 -0.29 21.36 6.34
N GLU B 92 0.21 20.93 5.21
CA GLU B 92 -0.25 21.49 3.91
N SER C 1 5.50 -27.56 18.61
CA SER C 1 4.20 -27.34 17.92
C SER C 1 4.11 -25.89 17.45
N HIS C 2 4.43 -25.64 16.21
CA HIS C 2 4.35 -24.23 15.70
C HIS C 2 2.92 -23.72 15.83
N LEU C 3 1.96 -24.57 15.54
CA LEU C 3 0.51 -24.15 15.64
C LEU C 3 -0.16 -24.93 16.76
N LYS C 4 -0.82 -24.25 17.65
CA LYS C 4 -1.51 -24.94 18.77
C LYS C 4 -3.00 -25.03 18.46
N SER C 5 -3.62 -26.14 18.77
CA SER C 5 -5.08 -26.29 18.48
C SER C 5 -5.87 -25.32 19.36
N LYS C 6 -6.97 -24.82 18.84
CA LYS C 6 -7.82 -23.87 19.63
C LYS C 6 -9.29 -24.23 19.46
N LYS C 7 -9.59 -25.48 19.22
CA LYS C 7 -11.02 -25.90 19.06
C LYS C 7 -11.69 -25.09 17.96
N GLY C 8 -10.99 -24.84 16.88
CA GLY C 8 -11.59 -24.07 15.75
C GLY C 8 -12.39 -22.85 16.24
N GLN C 9 -11.75 -21.91 16.87
CA GLN C 9 -12.48 -20.70 17.34
C GLN C 9 -12.67 -19.74 16.17
N SER C 10 -13.62 -18.83 16.28
CA SER C 10 -13.88 -17.86 15.19
C SER C 10 -12.57 -17.20 14.75
N THR C 11 -11.60 -17.15 15.61
CA THR C 11 -10.31 -16.50 15.22
C THR C 11 -9.85 -17.04 13.87
N SER C 12 -10.21 -18.25 13.55
CA SER C 12 -9.82 -18.82 12.23
C SER C 12 -10.14 -17.80 11.13
N ARG C 13 -11.09 -16.95 11.41
CA ARG C 13 -11.47 -15.91 10.42
C ARG C 13 -10.25 -15.02 10.13
N HIS C 14 -9.46 -14.74 11.12
CA HIS C 14 -8.26 -13.91 10.88
C HIS C 14 -7.37 -14.62 9.85
N LYS C 15 -7.25 -15.91 9.96
CA LYS C 15 -6.41 -16.66 8.98
C LYS C 15 -6.95 -16.43 7.57
N LYS C 16 -8.23 -16.23 7.44
CA LYS C 16 -8.80 -16.02 6.09
C LYS C 16 -8.15 -14.77 5.48
N LEU C 17 -7.93 -13.75 6.28
CA LEU C 17 -7.28 -12.50 5.75
C LEU C 17 -5.80 -12.79 5.44
N MET C 18 -5.18 -13.69 6.17
CA MET C 18 -3.74 -14.00 5.90
C MET C 18 -3.56 -14.45 4.45
N PHE C 19 -4.59 -14.96 3.84
CA PHE C 19 -4.49 -15.46 2.43
C PHE C 19 -3.61 -14.51 1.60
N LYS C 20 -3.83 -13.22 1.70
CA LYS C 20 -2.98 -12.29 0.91
C LYS C 20 -1.64 -12.11 1.63
N THR C 21 -1.61 -12.25 2.93
CA THR C 21 -0.32 -12.09 3.67
C THR C 21 0.67 -13.13 3.13
N GLU C 22 0.20 -14.32 2.88
CA GLU C 22 1.09 -15.38 2.34
N SER D 1 33.07 -1.92 -6.70
CA SER D 1 32.37 -0.62 -6.62
C SER D 1 30.85 -0.85 -6.65
N HIS D 2 30.22 -0.88 -5.51
CA HIS D 2 28.75 -1.10 -5.49
C HIS D 2 28.06 0.02 -6.26
N LEU D 3 28.53 1.23 -6.13
CA LEU D 3 27.91 2.39 -6.85
C LEU D 3 28.91 2.95 -7.87
N LYS D 4 28.50 3.08 -9.11
CA LYS D 4 29.40 3.62 -10.16
C LYS D 4 29.09 5.10 -10.39
N SER D 5 30.10 5.91 -10.57
CA SER D 5 29.85 7.36 -10.79
C SER D 5 29.15 7.55 -12.13
N LYS D 6 28.28 8.55 -12.23
CA LYS D 6 27.55 8.81 -13.50
C LYS D 6 27.54 10.31 -13.79
N LYS D 7 28.53 11.02 -13.33
CA LYS D 7 28.58 12.50 -13.58
C LYS D 7 27.29 13.17 -13.08
N GLY D 8 26.80 12.76 -11.94
CA GLY D 8 25.56 13.38 -11.38
C GLY D 8 24.50 13.60 -12.46
N GLN D 9 23.99 12.55 -13.05
CA GLN D 9 22.92 12.72 -14.08
C GLN D 9 21.58 12.93 -13.38
N SER D 10 20.62 13.48 -14.09
CA SER D 10 19.28 13.74 -13.49
C SER D 10 18.77 12.46 -12.82
N THR D 11 19.23 11.31 -13.24
CA THR D 11 18.75 10.05 -12.62
C THR D 11 18.82 10.17 -11.10
N SER D 12 19.74 10.95 -10.59
CA SER D 12 19.84 11.14 -9.11
C SER D 12 18.44 11.42 -8.55
N ARG D 13 17.58 11.95 -9.38
CA ARG D 13 16.19 12.26 -8.95
C ARG D 13 15.52 10.95 -8.50
N HIS D 14 15.79 9.88 -9.17
CA HIS D 14 15.17 8.59 -8.76
C HIS D 14 15.60 8.28 -7.33
N LYS D 15 16.83 8.53 -7.00
CA LYS D 15 17.31 8.26 -5.62
C LYS D 15 16.48 9.08 -4.62
N LYS D 16 16.00 10.22 -5.04
CA LYS D 16 15.19 11.05 -4.10
C LYS D 16 13.97 10.24 -3.69
N LEU D 17 13.37 9.52 -4.61
CA LEU D 17 12.18 8.68 -4.26
C LEU D 17 12.60 7.51 -3.36
N MET D 18 13.80 7.01 -3.51
CA MET D 18 14.26 5.87 -2.67
C MET D 18 14.17 6.25 -1.20
N PHE D 19 14.20 7.52 -0.88
CA PHE D 19 14.15 7.95 0.55
C PHE D 19 13.15 7.09 1.34
N LYS D 20 11.99 6.87 0.81
CA LYS D 20 10.99 6.03 1.53
C LYS D 20 11.35 4.55 1.34
N THR D 21 11.97 4.22 0.23
CA THR D 21 12.34 2.79 0.00
C THR D 21 13.28 2.35 1.13
N GLU D 22 14.18 3.22 1.52
CA GLU D 22 15.11 2.87 2.63
CA CA E . -2.91 8.23 15.89
CA CA F . 5.59 0.27 14.31
CA CA G . -1.69 -4.43 -17.63
CA CA H . 6.80 -9.99 -10.30
N MET A 1 -10.24 6.97 -12.83
CA MET A 1 -9.11 7.17 -13.77
C MET A 1 -8.20 8.29 -13.26
N SER A 2 -6.91 8.05 -13.21
CA SER A 2 -5.97 9.10 -12.71
C SER A 2 -6.45 9.62 -11.35
N GLU A 3 -7.30 8.86 -10.70
CA GLU A 3 -7.82 9.28 -9.37
C GLU A 3 -6.73 9.08 -8.32
N LEU A 4 -5.63 8.51 -8.71
CA LEU A 4 -4.52 8.25 -7.75
C LEU A 4 -4.31 9.45 -6.83
N GLU A 5 -4.68 10.62 -7.26
CA GLU A 5 -4.50 11.82 -6.39
C GLU A 5 -5.45 11.74 -5.20
N LYS A 6 -6.65 11.30 -5.44
CA LYS A 6 -7.64 11.19 -4.33
C LYS A 6 -7.33 9.98 -3.45
N ALA A 7 -6.84 8.93 -4.03
CA ALA A 7 -6.54 7.70 -3.24
C ALA A 7 -5.35 7.91 -2.30
N MET A 8 -4.31 8.52 -2.77
CA MET A 8 -3.13 8.71 -1.89
C MET A 8 -3.47 9.65 -0.75
N VAL A 9 -4.22 10.67 -1.05
CA VAL A 9 -4.61 11.64 0.01
C VAL A 9 -5.55 10.97 1.01
N ALA A 10 -6.39 10.10 0.54
CA ALA A 10 -7.37 9.43 1.45
C ALA A 10 -6.69 8.45 2.39
N LEU A 11 -5.67 7.76 1.95
CA LEU A 11 -5.00 6.80 2.85
C LEU A 11 -4.47 7.58 4.04
N ILE A 12 -3.94 8.73 3.78
CA ILE A 12 -3.38 9.57 4.87
C ILE A 12 -4.50 10.10 5.79
N ASP A 13 -5.63 10.50 5.24
CA ASP A 13 -6.72 11.07 6.11
C ASP A 13 -7.23 10.02 7.12
N VAL A 14 -7.41 8.80 6.71
CA VAL A 14 -7.93 7.76 7.65
C VAL A 14 -6.84 7.38 8.67
N PHE A 15 -5.62 7.27 8.26
CA PHE A 15 -4.54 6.92 9.23
C PHE A 15 -4.51 7.97 10.32
N HIS A 16 -4.75 9.21 9.99
CA HIS A 16 -4.71 10.27 11.02
C HIS A 16 -5.91 10.16 11.97
N GLN A 17 -7.01 9.62 11.53
CA GLN A 17 -8.18 9.53 12.44
C GLN A 17 -7.82 8.70 13.68
N TYR A 18 -7.12 7.60 13.50
CA TYR A 18 -6.77 6.74 14.68
C TYR A 18 -5.38 7.07 15.24
N SER A 19 -4.44 7.33 14.39
CA SER A 19 -3.05 7.62 14.87
C SER A 19 -3.05 8.88 15.76
N GLY A 20 -3.80 9.88 15.39
CA GLY A 20 -3.83 11.12 16.21
C GLY A 20 -4.78 10.93 17.40
N ARG A 21 -5.56 9.88 17.39
CA ARG A 21 -6.50 9.65 18.52
C ARG A 21 -5.70 9.51 19.82
N GLU A 22 -4.67 8.71 19.80
CA GLU A 22 -3.82 8.54 21.02
C GLU A 22 -2.66 9.53 20.95
N GLY A 23 -2.56 10.25 19.86
CA GLY A 23 -1.46 11.25 19.71
C GLY A 23 -0.24 10.62 19.04
N ASP A 24 -0.24 9.33 18.84
CA ASP A 24 0.94 8.70 18.18
C ASP A 24 0.83 8.90 16.67
N LYS A 25 0.95 10.12 16.21
CA LYS A 25 0.84 10.39 14.76
C LYS A 25 2.07 9.83 14.03
N HIS A 26 3.21 9.85 14.66
CA HIS A 26 4.45 9.35 14.00
C HIS A 26 4.48 7.82 13.99
N LYS A 27 3.87 7.19 14.95
CA LYS A 27 3.88 5.68 15.01
C LYS A 27 2.48 5.18 15.38
N LEU A 28 2.19 3.97 15.04
CA LEU A 28 0.83 3.38 15.35
C LEU A 28 1.03 2.17 16.24
N LYS A 29 0.33 2.08 17.35
CA LYS A 29 0.52 0.92 18.26
C LYS A 29 -0.47 -0.19 17.91
N LYS A 30 -0.13 -1.42 18.19
CA LYS A 30 -1.06 -2.53 17.92
C LYS A 30 -2.42 -2.17 18.51
N SER A 31 -2.39 -1.27 19.46
CA SER A 31 -3.66 -0.85 20.13
C SER A 31 -4.41 0.11 19.20
N GLU A 32 -3.75 1.14 18.76
CA GLU A 32 -4.41 2.09 17.84
C GLU A 32 -4.76 1.34 16.56
N LEU A 33 -3.93 0.41 16.20
CA LEU A 33 -4.18 -0.37 14.95
C LEU A 33 -5.50 -1.14 15.08
N LYS A 34 -5.77 -1.71 16.21
CA LYS A 34 -7.05 -2.48 16.36
C LYS A 34 -8.25 -1.54 16.22
N GLU A 35 -8.16 -0.36 16.78
CA GLU A 35 -9.30 0.59 16.69
C GLU A 35 -9.54 0.98 15.25
N LEU A 36 -8.50 1.14 14.49
CA LEU A 36 -8.68 1.50 13.06
C LEU A 36 -9.36 0.34 12.34
N ILE A 37 -8.87 -0.85 12.54
CA ILE A 37 -9.45 -2.04 11.86
C ILE A 37 -10.80 -2.43 12.47
N ASN A 38 -10.89 -2.47 13.76
CA ASN A 38 -12.17 -2.90 14.40
C ASN A 38 -13.30 -1.88 14.20
N ASN A 39 -12.99 -0.62 14.28
CA ASN A 39 -14.06 0.44 14.17
C ASN A 39 -14.18 1.03 12.77
N GLU A 40 -13.09 1.19 12.04
CA GLU A 40 -13.25 1.80 10.67
C GLU A 40 -13.69 0.74 9.67
N LEU A 41 -13.69 -0.52 10.06
CA LEU A 41 -14.15 -1.61 9.14
C LEU A 41 -15.38 -2.29 9.76
N SER A 42 -16.39 -1.53 10.08
CA SER A 42 -17.59 -2.15 10.71
C SER A 42 -18.21 -3.20 9.78
N HIS A 43 -18.31 -2.91 8.51
CA HIS A 43 -18.91 -3.88 7.54
C HIS A 43 -18.00 -4.05 6.32
N PHE A 44 -16.88 -3.38 6.31
CA PHE A 44 -15.96 -3.50 5.13
C PHE A 44 -15.49 -4.95 4.98
N LEU A 45 -15.02 -5.55 6.04
CA LEU A 45 -14.54 -6.96 5.94
C LEU A 45 -14.46 -7.62 7.31
N GLU A 46 -13.71 -8.70 7.40
CA GLU A 46 -13.60 -9.43 8.69
C GLU A 46 -13.20 -8.48 9.81
N GLU A 47 -14.16 -7.99 10.53
CA GLU A 47 -13.87 -7.09 11.68
C GLU A 47 -13.09 -7.88 12.74
N ILE A 48 -12.30 -7.22 13.54
CA ILE A 48 -11.51 -7.96 14.58
C ILE A 48 -12.39 -8.20 15.81
N LYS A 49 -12.30 -9.37 16.39
CA LYS A 49 -13.12 -9.69 17.62
C LYS A 49 -12.17 -9.95 18.80
N GLU A 50 -10.91 -10.15 18.53
CA GLU A 50 -9.94 -10.43 19.64
C GLU A 50 -8.63 -9.67 19.42
N GLN A 51 -7.96 -9.34 20.49
CA GLN A 51 -6.67 -8.62 20.38
C GLN A 51 -5.64 -9.57 19.78
N GLU A 52 -5.82 -10.85 19.96
CA GLU A 52 -4.84 -11.84 19.43
C GLU A 52 -4.70 -11.74 17.92
N VAL A 53 -5.77 -11.54 17.20
CA VAL A 53 -5.66 -11.45 15.73
C VAL A 53 -4.78 -10.28 15.37
N VAL A 54 -4.95 -9.21 16.07
CA VAL A 54 -4.16 -8.00 15.79
C VAL A 54 -2.69 -8.27 16.04
N ASP A 55 -2.39 -8.99 17.09
CA ASP A 55 -0.96 -9.29 17.41
C ASP A 55 -0.33 -10.09 16.28
N LYS A 56 -1.06 -11.00 15.73
CA LYS A 56 -0.52 -11.83 14.62
C LYS A 56 -0.27 -10.93 13.44
N VAL A 57 -1.17 -10.02 13.22
CA VAL A 57 -0.99 -9.06 12.10
C VAL A 57 0.25 -8.24 12.39
N MET A 58 0.51 -7.98 13.64
CA MET A 58 1.71 -7.17 14.00
C MET A 58 2.98 -7.96 13.71
N GLU A 59 2.95 -9.25 13.82
CA GLU A 59 4.19 -10.01 13.49
C GLU A 59 4.56 -9.61 12.07
N THR A 60 3.55 -9.40 11.28
CA THR A 60 3.73 -9.00 9.88
C THR A 60 4.01 -7.49 9.74
N LEU A 61 3.25 -6.66 10.41
CA LEU A 61 3.46 -5.18 10.28
C LEU A 61 4.49 -4.69 11.29
N ASP A 62 4.81 -5.49 12.27
CA ASP A 62 5.84 -5.05 13.25
C ASP A 62 7.19 -5.26 12.60
N GLU A 63 7.39 -4.61 11.50
CA GLU A 63 8.66 -4.77 10.74
C GLU A 63 9.84 -4.35 11.62
N ASP A 64 9.69 -3.30 12.38
CA ASP A 64 10.82 -2.86 13.26
C ASP A 64 10.83 -3.71 14.53
N GLY A 65 9.86 -4.57 14.70
CA GLY A 65 9.83 -5.47 15.90
C GLY A 65 9.64 -4.65 17.18
N ASP A 66 8.89 -3.57 17.13
CA ASP A 66 8.67 -2.74 18.37
C ASP A 66 7.25 -2.96 18.89
N GLY A 67 6.48 -3.80 18.25
CA GLY A 67 5.07 -4.02 18.72
C GLY A 67 4.20 -2.88 18.22
N GLU A 68 4.76 -2.00 17.45
CA GLU A 68 4.01 -0.83 16.89
C GLU A 68 4.36 -0.70 15.40
N CYS A 69 3.38 -0.54 14.55
CA CYS A 69 3.69 -0.40 13.08
C CYS A 69 3.77 1.09 12.74
N ASP A 70 4.88 1.51 12.18
CA ASP A 70 5.04 2.95 11.84
C ASP A 70 4.13 3.36 10.68
N PHE A 71 3.93 4.65 10.51
CA PHE A 71 3.07 5.17 9.42
C PHE A 71 3.33 4.37 8.15
N GLN A 72 4.57 4.10 7.86
CA GLN A 72 4.91 3.31 6.65
C GLN A 72 4.40 1.87 6.79
N GLU A 73 4.61 1.30 7.94
CA GLU A 73 4.18 -0.11 8.14
C GLU A 73 2.67 -0.26 8.02
N PHE A 74 1.93 0.67 8.54
CA PHE A 74 0.45 0.57 8.42
C PHE A 74 0.05 0.80 6.97
N MET A 75 0.74 1.66 6.29
CA MET A 75 0.38 1.96 4.89
C MET A 75 0.48 0.71 4.03
N ALA A 76 1.42 -0.15 4.28
CA ALA A 76 1.54 -1.36 3.44
C ALA A 76 0.36 -2.32 3.72
N PHE A 77 -0.11 -2.36 4.92
CA PHE A 77 -1.25 -3.27 5.24
C PHE A 77 -2.46 -2.93 4.40
N VAL A 78 -2.69 -1.67 4.21
CA VAL A 78 -3.88 -1.21 3.42
C VAL A 78 -3.74 -1.68 1.97
N SER A 79 -2.55 -1.65 1.45
CA SER A 79 -2.36 -2.06 0.03
C SER A 79 -2.69 -3.55 -0.13
N MET A 80 -2.30 -4.36 0.81
CA MET A 80 -2.55 -5.82 0.69
C MET A 80 -4.06 -6.11 0.86
N VAL A 81 -4.70 -5.48 1.80
CA VAL A 81 -6.14 -5.72 2.03
C VAL A 81 -6.93 -5.30 0.79
N THR A 82 -6.52 -4.23 0.19
CA THR A 82 -7.22 -3.74 -1.03
C THR A 82 -7.14 -4.84 -2.08
N THR A 83 -6.02 -5.48 -2.17
CA THR A 83 -5.86 -6.56 -3.16
C THR A 83 -7.05 -7.51 -3.01
N ALA A 84 -7.49 -7.75 -1.80
CA ALA A 84 -8.66 -8.62 -1.58
C ALA A 84 -9.87 -7.99 -2.31
N CYS A 85 -9.98 -6.69 -2.23
CA CYS A 85 -11.12 -6.00 -2.91
C CYS A 85 -11.04 -6.24 -4.42
N HIS A 86 -9.86 -6.39 -4.96
CA HIS A 86 -9.74 -6.63 -6.43
C HIS A 86 -10.50 -7.90 -6.77
N GLU A 87 -10.39 -8.90 -5.94
CA GLU A 87 -11.13 -10.16 -6.20
C GLU A 87 -12.63 -9.91 -6.04
N PHE A 88 -13.00 -9.14 -5.05
CA PHE A 88 -14.44 -8.83 -4.84
C PHE A 88 -14.92 -7.91 -5.97
N PHE A 89 -14.11 -6.94 -6.31
CA PHE A 89 -14.49 -6.02 -7.42
C PHE A 89 -13.87 -6.56 -8.70
N GLU A 90 -14.40 -7.64 -9.18
CA GLU A 90 -13.88 -8.24 -10.43
C GLU A 90 -14.22 -7.34 -11.61
N HIS A 91 -13.22 -6.72 -12.16
CA HIS A 91 -13.44 -5.81 -13.33
C HIS A 91 -13.35 -6.63 -14.62
N GLU A 92 -13.28 -7.93 -14.50
CA GLU A 92 -13.19 -8.79 -15.72
N MET B 1 -12.50 11.09 6.13
CA MET B 1 -12.83 10.26 7.32
C MET B 1 -13.54 8.98 6.86
N SER B 2 -13.10 7.84 7.31
CA SER B 2 -13.75 6.55 6.91
C SER B 2 -13.84 6.50 5.37
N GLU B 3 -13.06 7.30 4.70
CA GLU B 3 -13.07 7.32 3.21
C GLU B 3 -12.35 6.07 2.69
N LEU B 4 -11.78 5.31 3.57
CA LEU B 4 -11.02 4.09 3.16
C LEU B 4 -11.79 3.33 2.07
N GLU B 5 -13.08 3.49 2.03
CA GLU B 5 -13.86 2.76 0.98
C GLU B 5 -13.54 3.35 -0.40
N LYS B 6 -13.40 4.64 -0.47
CA LYS B 6 -13.09 5.30 -1.78
C LYS B 6 -11.62 5.07 -2.14
N ALA B 7 -10.76 5.05 -1.16
CA ALA B 7 -9.31 4.89 -1.45
C ALA B 7 -8.98 3.48 -1.93
N MET B 8 -9.53 2.48 -1.32
CA MET B 8 -9.21 1.10 -1.76
C MET B 8 -9.75 0.87 -3.17
N VAL B 9 -10.91 1.37 -3.43
CA VAL B 9 -11.52 1.18 -4.77
C VAL B 9 -10.72 1.96 -5.82
N ALA B 10 -10.21 3.10 -5.44
CA ALA B 10 -9.43 3.94 -6.40
C ALA B 10 -8.09 3.30 -6.76
N LEU B 11 -7.44 2.67 -5.82
CA LEU B 11 -6.13 2.05 -6.15
C LEU B 11 -6.35 1.03 -7.25
N ILE B 12 -7.43 0.31 -7.16
CA ILE B 12 -7.75 -0.72 -8.16
C ILE B 12 -8.11 -0.08 -9.52
N ASP B 13 -8.85 1.02 -9.52
CA ASP B 13 -9.25 1.63 -10.83
C ASP B 13 -8.02 2.11 -11.63
N VAL B 14 -7.06 2.71 -10.98
CA VAL B 14 -5.86 3.21 -11.72
C VAL B 14 -4.98 2.04 -12.17
N PHE B 15 -4.83 1.03 -11.35
CA PHE B 15 -3.99 -0.13 -11.77
C PHE B 15 -4.58 -0.73 -13.03
N HIS B 16 -5.88 -0.75 -13.13
CA HIS B 16 -6.51 -1.34 -14.34
C HIS B 16 -6.27 -0.46 -15.58
N GLN B 17 -6.11 0.81 -15.41
CA GLN B 17 -5.91 1.68 -16.61
C GLN B 17 -4.64 1.24 -17.37
N TYR B 18 -3.58 0.92 -16.68
CA TYR B 18 -2.32 0.51 -17.39
C TYR B 18 -2.21 -1.01 -17.50
N SER B 19 -2.58 -1.73 -16.49
CA SER B 19 -2.48 -3.22 -16.53
C SER B 19 -3.33 -3.79 -17.67
N GLY B 20 -4.50 -3.27 -17.87
CA GLY B 20 -5.38 -3.78 -18.95
C GLY B 20 -4.94 -3.17 -20.29
N ARG B 21 -4.11 -2.18 -20.26
CA ARG B 21 -3.65 -1.55 -21.54
C ARG B 21 -2.95 -2.61 -22.39
N GLU B 22 -2.06 -3.35 -21.81
CA GLU B 22 -1.33 -4.41 -22.57
C GLU B 22 -2.09 -5.73 -22.39
N GLY B 23 -3.12 -5.73 -21.57
CA GLY B 23 -3.91 -6.96 -21.34
C GLY B 23 -3.35 -7.74 -20.14
N ASP B 24 -2.23 -7.35 -19.60
CA ASP B 24 -1.68 -8.11 -18.44
C ASP B 24 -2.40 -7.64 -17.17
N LYS B 25 -3.65 -7.95 -17.05
CA LYS B 25 -4.43 -7.53 -15.85
C LYS B 25 -3.97 -8.31 -14.63
N HIS B 26 -3.57 -9.55 -14.81
CA HIS B 26 -3.13 -10.38 -13.65
C HIS B 26 -1.72 -10.00 -13.22
N LYS B 27 -0.90 -9.54 -14.13
CA LYS B 27 0.50 -9.16 -13.76
C LYS B 27 0.86 -7.85 -14.43
N LEU B 28 1.84 -7.15 -13.90
CA LEU B 28 2.25 -5.84 -14.47
C LEU B 28 3.71 -5.94 -14.88
N LYS B 29 4.06 -5.56 -16.09
CA LYS B 29 5.48 -5.68 -16.53
C LYS B 29 6.22 -4.38 -16.26
N LYS B 30 7.52 -4.45 -16.05
CA LYS B 30 8.30 -3.21 -15.83
C LYS B 30 7.94 -2.22 -16.92
N SER B 31 7.45 -2.73 -18.02
CA SER B 31 7.06 -1.85 -19.16
C SER B 31 5.74 -1.16 -18.84
N GLU B 32 4.75 -1.91 -18.50
CA GLU B 32 3.43 -1.30 -18.16
C GLU B 32 3.64 -0.44 -16.92
N LEU B 33 4.51 -0.86 -16.05
CA LEU B 33 4.78 -0.09 -14.80
C LEU B 33 5.31 1.30 -15.16
N LYS B 34 6.19 1.40 -16.12
CA LYS B 34 6.73 2.75 -16.48
C LYS B 34 5.62 3.64 -17.02
N GLU B 35 4.74 3.11 -17.81
CA GLU B 35 3.64 3.92 -18.39
C GLU B 35 2.75 4.43 -17.27
N LEU B 36 2.51 3.64 -16.28
CA LEU B 36 1.66 4.09 -15.15
C LEU B 36 2.37 5.23 -14.41
N ILE B 37 3.62 5.02 -14.10
CA ILE B 37 4.39 6.06 -13.36
C ILE B 37 4.74 7.25 -14.26
N ASN B 38 5.20 7.00 -15.46
CA ASN B 38 5.61 8.12 -16.34
C ASN B 38 4.42 8.95 -16.82
N ASN B 39 3.34 8.31 -17.14
CA ASN B 39 2.14 9.05 -17.69
C ASN B 39 1.10 9.39 -16.62
N GLU B 40 0.87 8.55 -15.65
CA GLU B 40 -0.18 8.89 -14.63
C GLU B 40 0.38 9.86 -13.60
N LEU B 41 1.68 10.07 -13.60
CA LEU B 41 2.31 11.04 -12.63
C LEU B 41 2.94 12.19 -13.43
N SER B 42 2.19 12.83 -14.27
CA SER B 42 2.78 13.94 -15.07
C SER B 42 3.33 15.05 -14.16
N HIS B 43 2.61 15.40 -13.12
CA HIS B 43 3.08 16.48 -12.19
C HIS B 43 2.95 16.01 -10.74
N PHE B 44 2.52 14.80 -10.53
CA PHE B 44 2.37 14.29 -9.13
C PHE B 44 3.75 14.29 -8.44
N LEU B 45 4.75 13.72 -9.06
CA LEU B 45 6.09 13.67 -8.41
C LEU B 45 7.19 13.41 -9.45
N GLU B 46 8.34 12.98 -8.98
CA GLU B 46 9.48 12.71 -9.90
C GLU B 46 9.04 11.78 -11.04
N GLU B 47 8.68 12.35 -12.15
CA GLU B 47 8.28 11.54 -13.33
C GLU B 47 9.50 10.74 -13.80
N ILE B 48 9.30 9.61 -14.43
CA ILE B 48 10.47 8.81 -14.90
C ILE B 48 10.97 9.35 -16.24
N LYS B 49 12.27 9.42 -16.41
CA LYS B 49 12.85 9.92 -17.71
C LYS B 49 13.65 8.80 -18.38
N GLU B 50 13.95 7.75 -17.65
CA GLU B 50 14.75 6.62 -18.24
C GLU B 50 14.18 5.27 -17.80
N GLN B 51 14.34 4.28 -18.63
CA GLN B 51 13.85 2.91 -18.29
C GLN B 51 14.69 2.37 -17.14
N GLU B 52 15.91 2.83 -17.02
CA GLU B 52 16.80 2.32 -15.94
C GLU B 52 16.22 2.58 -14.55
N VAL B 53 15.62 3.71 -14.33
CA VAL B 53 15.06 3.98 -12.98
C VAL B 53 13.98 2.97 -12.68
N VAL B 54 13.20 2.65 -13.66
CA VAL B 54 12.12 1.67 -13.47
C VAL B 54 12.71 0.31 -13.13
N ASP B 55 13.77 -0.06 -13.76
CA ASP B 55 14.39 -1.38 -13.49
C ASP B 55 14.84 -1.46 -12.04
N LYS B 56 15.39 -0.39 -11.55
CA LYS B 56 15.88 -0.38 -10.14
C LYS B 56 14.67 -0.53 -9.23
N VAL B 57 13.60 0.13 -9.60
CA VAL B 57 12.36 0.02 -8.80
C VAL B 57 11.90 -1.43 -8.85
N MET B 58 12.14 -2.07 -9.95
CA MET B 58 11.69 -3.49 -10.09
C MET B 58 12.54 -4.39 -9.19
N GLU B 59 13.77 -4.04 -8.93
CA GLU B 59 14.56 -4.91 -8.01
C GLU B 59 13.77 -4.97 -6.72
N THR B 60 13.13 -3.88 -6.42
CA THR B 60 12.32 -3.77 -5.19
C THR B 60 10.92 -4.39 -5.38
N LEU B 61 10.25 -4.09 -6.48
CA LEU B 61 8.88 -4.63 -6.69
C LEU B 61 8.94 -5.99 -7.38
N ASP B 62 10.06 -6.34 -7.93
CA ASP B 62 10.15 -7.67 -8.60
C ASP B 62 10.35 -8.69 -7.48
N GLU B 63 9.40 -8.76 -6.60
CA GLU B 63 9.50 -9.69 -5.45
C GLU B 63 9.61 -11.13 -5.95
N ASP B 64 8.87 -11.47 -6.97
CA ASP B 64 8.95 -12.86 -7.50
C ASP B 64 10.18 -12.99 -8.40
N GLY B 65 10.87 -11.91 -8.64
CA GLY B 65 12.10 -11.98 -9.49
C GLY B 65 11.76 -12.35 -10.93
N ASP B 66 10.62 -11.94 -11.44
CA ASP B 66 10.23 -12.29 -12.85
C ASP B 66 10.38 -11.06 -13.75
N GLY B 67 10.81 -9.96 -13.22
CA GLY B 67 10.95 -8.73 -14.05
C GLY B 67 9.58 -8.07 -14.21
N GLU B 68 8.60 -8.63 -13.56
CA GLU B 68 7.21 -8.08 -13.63
C GLU B 68 6.64 -8.04 -12.22
N CYS B 69 6.03 -6.95 -11.82
CA CYS B 69 5.45 -6.87 -10.44
C CYS B 69 3.96 -7.24 -10.50
N ASP B 70 3.56 -8.22 -9.75
CA ASP B 70 2.14 -8.67 -9.78
C ASP B 70 1.22 -7.61 -9.15
N PHE B 71 -0.06 -7.73 -9.41
CA PHE B 71 -1.06 -6.76 -8.87
C PHE B 71 -0.72 -6.46 -7.42
N GLN B 72 -0.36 -7.45 -6.67
CA GLN B 72 0.01 -7.23 -5.24
C GLN B 72 1.31 -6.42 -5.15
N GLU B 73 2.27 -6.77 -5.95
CA GLU B 73 3.58 -6.06 -5.89
C GLU B 73 3.42 -4.58 -6.27
N PHE B 74 2.62 -4.29 -7.24
CA PHE B 74 2.43 -2.85 -7.60
C PHE B 74 1.65 -2.15 -6.49
N MET B 75 0.74 -2.84 -5.89
CA MET B 75 -0.09 -2.21 -4.83
C MET B 75 0.80 -1.73 -3.70
N ALA B 76 1.83 -2.45 -3.35
CA ALA B 76 2.68 -2.00 -2.23
C ALA B 76 3.47 -0.75 -2.62
N PHE B 77 3.84 -0.62 -3.85
CA PHE B 77 4.62 0.58 -4.28
C PHE B 77 3.81 1.85 -4.02
N VAL B 78 2.55 1.79 -4.28
CA VAL B 78 1.66 2.97 -4.10
C VAL B 78 1.61 3.35 -2.63
N SER B 79 1.61 2.39 -1.76
CA SER B 79 1.54 2.71 -0.31
C SER B 79 2.80 3.44 0.14
N MET B 80 3.94 3.03 -0.35
CA MET B 80 5.20 3.70 0.07
C MET B 80 5.29 5.12 -0.52
N VAL B 81 4.92 5.28 -1.75
CA VAL B 81 4.99 6.63 -2.38
C VAL B 81 4.04 7.58 -1.65
N THR B 82 2.90 7.09 -1.27
CA THR B 82 1.93 7.93 -0.54
C THR B 82 2.59 8.43 0.72
N THR B 83 3.35 7.58 1.36
CA THR B 83 4.04 7.99 2.61
C THR B 83 4.77 9.32 2.32
N ALA B 84 5.33 9.44 1.15
CA ALA B 84 6.02 10.71 0.80
C ALA B 84 4.99 11.85 0.87
N CYS B 85 3.79 11.60 0.41
CA CYS B 85 2.74 12.65 0.44
C CYS B 85 2.45 13.05 1.90
N HIS B 86 2.61 12.13 2.82
CA HIS B 86 2.35 12.49 4.24
C HIS B 86 3.28 13.62 4.64
N GLU B 87 4.50 13.56 4.20
CA GLU B 87 5.46 14.65 4.54
C GLU B 87 5.03 15.93 3.81
N PHE B 88 4.60 15.80 2.58
CA PHE B 88 4.15 17.00 1.82
C PHE B 88 2.85 17.49 2.42
N PHE B 89 1.96 16.59 2.74
CA PHE B 89 0.66 16.99 3.35
C PHE B 89 0.82 16.91 4.86
N GLU B 90 1.56 17.83 5.41
CA GLU B 90 1.79 17.83 6.87
C GLU B 90 0.51 18.23 7.58
N HIS B 91 -0.10 17.29 8.24
CA HIS B 91 -1.37 17.57 8.98
C HIS B 91 -1.05 18.04 10.39
N GLU B 92 0.20 18.30 10.66
CA GLU B 92 0.60 18.76 12.02
N SER C 1 -29.17 -32.38 22.73
CA SER C 1 -28.56 -33.05 21.54
C SER C 1 -27.13 -33.48 21.87
N HIS C 2 -26.35 -33.77 20.87
CA HIS C 2 -24.94 -34.20 21.11
C HIS C 2 -24.02 -32.99 20.94
N LEU C 3 -23.33 -32.59 21.99
CA LEU C 3 -22.42 -31.42 21.88
C LEU C 3 -21.17 -31.82 21.11
N LYS C 4 -20.58 -30.89 20.39
CA LYS C 4 -19.35 -31.20 19.60
C LYS C 4 -18.19 -30.34 20.12
N SER C 5 -17.06 -30.93 20.36
CA SER C 5 -15.90 -30.14 20.88
C SER C 5 -15.28 -29.34 19.73
N LYS C 6 -14.72 -28.20 20.03
CA LYS C 6 -14.08 -27.37 18.96
C LYS C 6 -15.05 -27.21 17.79
N LYS C 7 -16.20 -26.63 18.03
CA LYS C 7 -17.18 -26.43 16.93
C LYS C 7 -16.54 -25.57 15.83
N GLY C 8 -15.81 -24.57 16.22
CA GLY C 8 -15.15 -23.68 15.20
C GLY C 8 -14.92 -22.29 15.81
N GLN C 9 -13.77 -21.72 15.55
CA GLN C 9 -13.46 -20.36 16.11
C GLN C 9 -13.59 -19.33 14.99
N SER C 10 -14.26 -18.24 15.23
CA SER C 10 -14.39 -17.21 14.16
C SER C 10 -12.99 -16.86 13.66
N THR C 11 -12.01 -17.06 14.50
CA THR C 11 -10.61 -16.75 14.09
C THR C 11 -10.33 -17.41 12.74
N SER C 12 -10.97 -18.50 12.44
CA SER C 12 -10.74 -19.16 11.13
C SER C 12 -10.93 -18.10 10.03
N ARG C 13 -11.80 -17.18 10.27
CA ARG C 13 -12.04 -16.09 9.27
C ARG C 13 -10.73 -15.33 9.07
N HIS C 14 -9.98 -15.16 10.12
CA HIS C 14 -8.69 -14.42 10.00
C HIS C 14 -7.82 -15.13 8.97
N LYS C 15 -7.83 -16.43 8.97
CA LYS C 15 -7.01 -17.17 7.97
C LYS C 15 -7.46 -16.75 6.58
N LYS C 16 -8.68 -16.30 6.45
CA LYS C 16 -9.15 -15.86 5.12
C LYS C 16 -8.24 -14.72 4.66
N LEU C 17 -7.87 -13.83 5.56
CA LEU C 17 -6.96 -12.71 5.17
C LEU C 17 -5.55 -13.27 4.88
N MET C 18 -5.16 -14.35 5.53
CA MET C 18 -3.81 -14.90 5.26
C MET C 18 -3.65 -15.19 3.76
N PHE C 19 -4.74 -15.39 3.07
CA PHE C 19 -4.64 -15.70 1.60
C PHE C 19 -3.63 -14.74 0.95
N LYS C 20 -3.71 -13.48 1.28
CA LYS C 20 -2.74 -12.50 0.70
C LYS C 20 -1.32 -12.88 1.12
N THR C 21 -1.16 -13.31 2.35
CA THR C 21 0.20 -13.69 2.83
C THR C 21 0.65 -14.95 2.10
N GLU C 22 -0.28 -15.77 1.69
CA GLU C 22 0.09 -17.00 0.94
N SER D 1 33.17 29.24 -21.33
CA SER D 1 33.50 29.16 -19.88
C SER D 1 34.21 27.84 -19.59
N HIS D 2 34.28 27.45 -18.35
CA HIS D 2 34.97 26.18 -17.98
C HIS D 2 33.91 25.07 -17.85
N LEU D 3 34.00 24.05 -18.69
CA LEU D 3 33.01 22.94 -18.61
C LEU D 3 33.32 22.07 -17.39
N LYS D 4 32.31 21.49 -16.79
CA LYS D 4 32.52 20.61 -15.60
C LYS D 4 32.06 19.20 -15.92
N SER D 5 32.86 18.22 -15.61
CA SER D 5 32.48 16.82 -15.90
C SER D 5 31.45 16.34 -14.88
N LYS D 6 30.57 15.45 -15.28
CA LYS D 6 29.55 14.94 -14.33
C LYS D 6 28.85 16.12 -13.63
N LYS D 7 28.21 16.97 -14.38
CA LYS D 7 27.52 18.13 -13.76
C LYS D 7 26.44 17.62 -12.79
N GLY D 8 25.75 16.58 -13.16
CA GLY D 8 24.69 16.03 -12.28
C GLY D 8 23.64 15.31 -13.12
N GLN D 9 23.19 14.16 -12.67
CA GLN D 9 22.16 13.38 -13.45
C GLN D 9 20.81 13.54 -12.75
N SER D 10 19.77 13.83 -13.49
CA SER D 10 18.43 13.99 -12.85
C SER D 10 18.15 12.73 -12.04
N THR D 11 18.76 11.65 -12.41
CA THR D 11 18.56 10.37 -11.67
C THR D 11 18.76 10.63 -10.17
N SER D 12 19.57 11.57 -9.82
CA SER D 12 19.78 11.86 -8.37
C SER D 12 18.41 12.07 -7.73
N ARG D 13 17.49 12.60 -8.49
CA ARG D 13 16.11 12.82 -7.97
C ARG D 13 15.54 11.45 -7.55
N HIS D 14 15.84 10.44 -8.30
CA HIS D 14 15.31 9.09 -7.97
C HIS D 14 15.77 8.72 -6.56
N LYS D 15 16.97 9.05 -6.21
CA LYS D 15 17.45 8.73 -4.84
C LYS D 15 16.52 9.41 -3.85
N LYS D 16 15.88 10.47 -4.25
CA LYS D 16 14.95 11.15 -3.31
C LYS D 16 13.88 10.15 -2.91
N LEU D 17 13.40 9.35 -3.85
CA LEU D 17 12.37 8.33 -3.50
C LEU D 17 13.01 7.22 -2.63
N MET D 18 14.28 6.97 -2.79
CA MET D 18 14.91 5.90 -1.95
C MET D 18 14.69 6.23 -0.47
N PHE D 19 14.50 7.48 -0.14
CA PHE D 19 14.30 7.84 1.30
C PHE D 19 13.34 6.84 1.96
N LYS D 20 12.27 6.50 1.30
CA LYS D 20 11.31 5.53 1.87
C LYS D 20 12.03 4.19 2.06
N THR D 21 12.86 3.80 1.11
CA THR D 21 13.58 2.50 1.23
C THR D 21 14.58 2.59 2.39
N GLU D 22 15.05 3.77 2.68
CA GLU D 22 16.02 3.93 3.80
CA CA E . -2.91 8.23 15.89
CA CA F . 5.59 0.27 14.31
CA CA G . -0.73 -5.18 -16.69
CA CA H . 7.71 -9.38 -9.56
N MET A 1 -10.40 7.33 -14.29
CA MET A 1 -9.00 7.07 -14.73
C MET A 1 -8.08 8.16 -14.17
N SER A 2 -6.88 7.79 -13.81
CA SER A 2 -5.92 8.79 -13.26
C SER A 2 -6.48 9.37 -11.95
N GLU A 3 -7.48 8.74 -11.40
CA GLU A 3 -8.08 9.21 -10.12
C GLU A 3 -7.14 8.83 -8.98
N LEU A 4 -5.97 8.38 -9.31
CA LEU A 4 -5.01 7.98 -8.25
C LEU A 4 -4.69 9.15 -7.35
N GLU A 5 -4.55 10.34 -7.89
CA GLU A 5 -4.20 11.51 -7.02
C GLU A 5 -5.18 11.61 -5.86
N LYS A 6 -6.43 11.37 -6.10
CA LYS A 6 -7.43 11.45 -5.00
C LYS A 6 -7.21 10.31 -4.02
N ALA A 7 -6.81 9.17 -4.51
CA ALA A 7 -6.62 8.00 -3.61
C ALA A 7 -5.40 8.17 -2.69
N MET A 8 -4.32 8.71 -3.18
CA MET A 8 -3.12 8.88 -2.32
C MET A 8 -3.42 9.88 -1.22
N VAL A 9 -4.12 10.91 -1.57
CA VAL A 9 -4.46 11.96 -0.58
C VAL A 9 -5.45 11.41 0.43
N ALA A 10 -6.32 10.55 -0.01
CA ALA A 10 -7.36 9.99 0.91
C ALA A 10 -6.74 9.07 1.97
N LEU A 11 -5.75 8.29 1.63
CA LEU A 11 -5.15 7.39 2.66
C LEU A 11 -4.60 8.27 3.77
N ILE A 12 -4.01 9.36 3.41
CA ILE A 12 -3.44 10.29 4.41
C ILE A 12 -4.53 10.93 5.27
N ASP A 13 -5.65 11.30 4.69
CA ASP A 13 -6.71 11.98 5.49
C ASP A 13 -7.31 11.06 6.57
N VAL A 14 -7.56 9.82 6.26
CA VAL A 14 -8.16 8.90 7.27
C VAL A 14 -7.11 8.52 8.33
N PHE A 15 -5.91 8.26 7.91
CA PHE A 15 -4.85 7.89 8.88
C PHE A 15 -4.68 9.02 9.88
N HIS A 16 -4.76 10.24 9.42
CA HIS A 16 -4.62 11.40 10.34
C HIS A 16 -5.72 11.41 11.41
N GLN A 17 -6.92 11.00 11.06
CA GLN A 17 -8.02 11.05 12.06
C GLN A 17 -7.69 10.19 13.30
N TYR A 18 -7.10 9.04 13.12
CA TYR A 18 -6.79 8.18 14.32
C TYR A 18 -5.37 8.44 14.86
N SER A 19 -4.48 8.89 14.03
CA SER A 19 -3.09 9.15 14.52
C SER A 19 -3.12 10.19 15.62
N GLY A 20 -3.94 11.20 15.48
CA GLY A 20 -4.03 12.25 16.53
C GLY A 20 -4.94 11.78 17.66
N ARG A 21 -4.81 10.55 18.08
CA ARG A 21 -5.69 10.04 19.17
C ARG A 21 -5.18 10.50 20.54
N GLU A 22 -4.06 9.98 20.97
CA GLU A 22 -3.50 10.36 22.31
C GLU A 22 -2.27 11.25 22.13
N GLY A 23 -1.73 11.34 20.94
CA GLY A 23 -0.53 12.20 20.72
C GLY A 23 0.44 11.54 19.73
N ASP A 24 0.26 10.29 19.40
CA ASP A 24 1.20 9.65 18.44
C ASP A 24 0.79 10.04 17.02
N LYS A 25 1.04 11.27 16.66
CA LYS A 25 0.66 11.74 15.29
C LYS A 25 1.55 11.08 14.24
N HIS A 26 2.82 11.05 14.48
CA HIS A 26 3.77 10.46 13.47
C HIS A 26 3.94 8.96 13.72
N LYS A 27 3.32 8.42 14.74
CA LYS A 27 3.45 6.96 15.03
C LYS A 27 2.08 6.42 15.43
N LEU A 28 1.84 5.18 15.11
CA LEU A 28 0.52 4.55 15.44
C LEU A 28 0.76 3.34 16.36
N LYS A 29 0.12 3.30 17.50
CA LYS A 29 0.33 2.17 18.44
C LYS A 29 -0.72 1.09 18.18
N LYS A 30 -0.39 -0.16 18.41
CA LYS A 30 -1.38 -1.25 18.19
C LYS A 30 -2.71 -0.84 18.81
N SER A 31 -2.64 0.07 19.74
CA SER A 31 -3.88 0.56 20.40
C SER A 31 -4.62 1.51 19.47
N GLU A 32 -3.92 2.45 18.90
CA GLU A 32 -4.56 3.38 17.94
C GLU A 32 -4.98 2.58 16.71
N LEU A 33 -4.20 1.61 16.34
CA LEU A 33 -4.52 0.76 15.15
C LEU A 33 -5.86 0.06 15.35
N LYS A 34 -6.12 -0.45 16.52
CA LYS A 34 -7.42 -1.14 16.76
C LYS A 34 -8.58 -0.17 16.53
N GLU A 35 -8.44 1.05 16.97
CA GLU A 35 -9.53 2.04 16.82
C GLU A 35 -9.74 2.37 15.34
N LEU A 36 -8.69 2.47 14.58
CA LEU A 36 -8.85 2.79 13.15
C LEU A 36 -9.61 1.65 12.47
N ILE A 37 -9.18 0.44 12.70
CA ILE A 37 -9.84 -0.74 12.07
C ILE A 37 -11.19 -1.03 12.72
N ASN A 38 -11.26 -1.01 14.01
CA ASN A 38 -12.54 -1.34 14.70
C ASN A 38 -13.62 -0.29 14.47
N ASN A 39 -13.25 0.96 14.47
CA ASN A 39 -14.26 2.06 14.33
C ASN A 39 -14.40 2.59 12.90
N GLU A 40 -13.32 2.67 12.15
CA GLU A 40 -13.43 3.26 10.78
C GLU A 40 -13.69 2.15 9.75
N LEU A 41 -13.37 0.92 10.07
CA LEU A 41 -13.59 -0.21 9.10
C LEU A 41 -14.59 -1.20 9.69
N SER A 42 -15.47 -0.75 10.54
CA SER A 42 -16.45 -1.68 11.16
C SER A 42 -17.46 -2.20 10.12
N HIS A 43 -18.22 -1.32 9.53
CA HIS A 43 -19.23 -1.78 8.53
C HIS A 43 -18.55 -2.17 7.21
N PHE A 44 -17.59 -1.39 6.78
CA PHE A 44 -16.91 -1.69 5.49
C PHE A 44 -16.05 -2.96 5.59
N LEU A 45 -15.58 -3.30 6.77
CA LEU A 45 -14.74 -4.54 6.92
C LEU A 45 -15.15 -5.25 8.21
N GLU A 46 -14.80 -6.50 8.36
CA GLU A 46 -15.19 -7.21 9.60
C GLU A 46 -14.57 -6.50 10.81
N GLU A 47 -15.40 -5.96 11.65
CA GLU A 47 -14.89 -5.25 12.87
C GLU A 47 -14.07 -6.22 13.72
N ILE A 48 -13.04 -5.72 14.36
CA ILE A 48 -12.19 -6.57 15.23
C ILE A 48 -12.88 -6.70 16.58
N LYS A 49 -12.86 -7.87 17.17
CA LYS A 49 -13.56 -8.07 18.47
C LYS A 49 -12.56 -8.15 19.63
N GLU A 50 -11.31 -8.39 19.34
CA GLU A 50 -10.29 -8.51 20.43
C GLU A 50 -8.99 -7.80 20.05
N GLN A 51 -8.27 -7.35 21.04
CA GLN A 51 -6.96 -6.68 20.79
C GLN A 51 -5.97 -7.73 20.32
N GLU A 52 -6.22 -8.98 20.59
CA GLU A 52 -5.26 -10.04 20.15
C GLU A 52 -5.16 -10.09 18.63
N VAL A 53 -6.26 -9.95 17.93
CA VAL A 53 -6.18 -10.00 16.44
C VAL A 53 -5.29 -8.88 15.96
N VAL A 54 -5.41 -7.75 16.58
CA VAL A 54 -4.59 -6.59 16.18
C VAL A 54 -3.13 -6.84 16.49
N ASP A 55 -2.86 -7.53 17.57
CA ASP A 55 -1.45 -7.80 17.94
C ASP A 55 -0.81 -8.73 16.91
N LYS A 56 -1.57 -9.66 16.43
CA LYS A 56 -1.06 -10.62 15.41
C LYS A 56 -0.78 -9.83 14.15
N VAL A 57 -1.66 -8.92 13.84
CA VAL A 57 -1.48 -8.08 12.65
C VAL A 57 -0.20 -7.27 12.86
N MET A 58 0.06 -6.90 14.09
CA MET A 58 1.27 -6.10 14.37
C MET A 58 2.52 -6.96 14.20
N GLU A 59 2.45 -8.24 14.42
CA GLU A 59 3.68 -9.06 14.20
C GLU A 59 4.09 -8.80 12.76
N THR A 60 3.11 -8.67 11.93
CA THR A 60 3.33 -8.42 10.48
C THR A 60 3.69 -6.95 10.23
N LEU A 61 2.93 -6.03 10.78
CA LEU A 61 3.20 -4.58 10.52
C LEU A 61 4.20 -4.02 11.54
N ASP A 62 4.50 -4.74 12.57
CA ASP A 62 5.48 -4.21 13.56
C ASP A 62 6.87 -4.45 12.98
N GLU A 63 7.08 -3.89 11.83
CA GLU A 63 8.38 -4.06 11.15
C GLU A 63 9.49 -3.57 12.06
N ASP A 64 9.26 -2.50 12.77
CA ASP A 64 10.30 -1.97 13.69
C ASP A 64 10.34 -2.88 14.94
N GLY A 65 9.38 -3.76 15.07
CA GLY A 65 9.38 -4.68 16.25
C GLY A 65 9.22 -3.87 17.54
N ASP A 66 8.55 -2.74 17.49
CA ASP A 66 8.36 -1.90 18.72
C ASP A 66 6.93 -2.00 19.23
N GLY A 67 6.11 -2.81 18.60
CA GLY A 67 4.70 -2.95 19.05
C GLY A 67 3.90 -1.76 18.51
N GLU A 68 4.54 -0.94 17.73
CA GLU A 68 3.86 0.25 17.14
C GLU A 68 4.24 0.35 15.66
N CYS A 69 3.29 0.53 14.79
CA CYS A 69 3.61 0.65 13.33
C CYS A 69 3.58 2.14 12.96
N ASP A 70 4.60 2.62 12.32
CA ASP A 70 4.62 4.07 11.96
C ASP A 70 3.65 4.34 10.82
N PHE A 71 3.41 5.59 10.52
CA PHE A 71 2.48 5.93 9.43
C PHE A 71 2.87 5.12 8.19
N GLN A 72 4.13 4.98 7.93
CA GLN A 72 4.58 4.20 6.75
C GLN A 72 4.14 2.73 6.88
N GLU A 73 4.37 2.13 8.00
CA GLU A 73 3.99 0.69 8.16
C GLU A 73 2.48 0.52 7.97
N PHE A 74 1.70 1.43 8.47
CA PHE A 74 0.22 1.32 8.30
C PHE A 74 -0.13 1.50 6.82
N MET A 75 0.61 2.32 6.13
CA MET A 75 0.32 2.56 4.70
C MET A 75 0.41 1.26 3.92
N ALA A 76 1.34 0.41 4.24
CA ALA A 76 1.47 -0.85 3.48
C ALA A 76 0.29 -1.79 3.74
N PHE A 77 -0.29 -1.76 4.90
CA PHE A 77 -1.44 -2.67 5.20
C PHE A 77 -2.67 -2.30 4.38
N VAL A 78 -2.82 -1.06 4.06
CA VAL A 78 -4.00 -0.61 3.28
C VAL A 78 -3.86 -1.05 1.83
N SER A 79 -2.67 -1.10 1.32
CA SER A 79 -2.50 -1.50 -0.09
C SER A 79 -2.87 -2.98 -0.27
N MET A 80 -2.50 -3.81 0.67
CA MET A 80 -2.82 -5.26 0.52
C MET A 80 -4.33 -5.50 0.75
N VAL A 81 -4.92 -4.88 1.75
CA VAL A 81 -6.38 -5.10 1.97
C VAL A 81 -7.16 -4.67 0.74
N THR A 82 -6.75 -3.61 0.13
CA THR A 82 -7.47 -3.13 -1.08
C THR A 82 -7.51 -4.24 -2.10
N THR A 83 -6.44 -4.98 -2.18
CA THR A 83 -6.39 -6.09 -3.16
C THR A 83 -7.60 -6.99 -2.92
N ALA A 84 -7.93 -7.23 -1.67
CA ALA A 84 -9.12 -8.07 -1.37
C ALA A 84 -10.36 -7.38 -1.94
N CYS A 85 -10.41 -6.08 -1.85
CA CYS A 85 -11.58 -5.33 -2.39
C CYS A 85 -11.74 -5.66 -3.87
N HIS A 86 -10.66 -5.86 -4.58
CA HIS A 86 -10.78 -6.19 -6.02
C HIS A 86 -11.57 -7.48 -6.18
N GLU A 87 -11.32 -8.44 -5.32
CA GLU A 87 -12.08 -9.71 -5.43
C GLU A 87 -13.57 -9.42 -5.27
N PHE A 88 -13.92 -8.54 -4.37
CA PHE A 88 -15.35 -8.19 -4.19
C PHE A 88 -15.83 -7.36 -5.38
N PHE A 89 -14.97 -6.50 -5.87
CA PHE A 89 -15.35 -5.63 -7.02
C PHE A 89 -15.01 -6.38 -8.32
N GLU A 90 -15.62 -7.51 -8.52
CA GLU A 90 -15.34 -8.29 -9.76
C GLU A 90 -15.85 -7.51 -10.96
N HIS A 91 -14.95 -6.94 -11.70
CA HIS A 91 -15.37 -6.17 -12.90
C HIS A 91 -16.10 -7.14 -13.84
N GLU A 92 -15.60 -8.33 -13.94
CA GLU A 92 -16.24 -9.36 -14.81
N MET B 1 -13.35 12.17 6.44
CA MET B 1 -13.08 11.08 7.41
C MET B 1 -13.76 9.79 6.93
N SER B 2 -13.14 8.67 7.18
CA SER B 2 -13.76 7.37 6.74
C SER B 2 -13.87 7.35 5.21
N GLU B 3 -13.20 8.25 4.56
CA GLU B 3 -13.24 8.29 3.06
C GLU B 3 -12.36 7.17 2.53
N LEU B 4 -11.91 6.30 3.39
CA LEU B 4 -11.04 5.19 2.95
C LEU B 4 -11.76 4.34 1.91
N GLU B 5 -13.02 4.08 2.08
CA GLU B 5 -13.75 3.21 1.10
C GLU B 5 -13.53 3.73 -0.33
N LYS B 6 -13.52 5.01 -0.50
CA LYS B 6 -13.32 5.58 -1.86
C LYS B 6 -11.88 5.35 -2.29
N ALA B 7 -10.97 5.40 -1.36
CA ALA B 7 -9.54 5.23 -1.71
C ALA B 7 -9.21 3.79 -2.13
N MET B 8 -9.76 2.81 -1.47
CA MET B 8 -9.44 1.40 -1.83
C MET B 8 -9.99 1.11 -3.22
N VAL B 9 -11.17 1.61 -3.47
CA VAL B 9 -11.81 1.37 -4.78
C VAL B 9 -11.04 2.11 -5.87
N ALA B 10 -10.51 3.25 -5.55
CA ALA B 10 -9.78 4.05 -6.57
C ALA B 10 -8.47 3.37 -6.99
N LEU B 11 -7.76 2.76 -6.08
CA LEU B 11 -6.48 2.11 -6.50
C LEU B 11 -6.81 1.06 -7.53
N ILE B 12 -7.88 0.35 -7.32
CA ILE B 12 -8.29 -0.70 -8.27
C ILE B 12 -8.70 -0.11 -9.64
N ASP B 13 -9.38 1.00 -9.64
CA ASP B 13 -9.83 1.57 -10.95
C ASP B 13 -8.66 2.01 -11.84
N VAL B 14 -7.67 2.64 -11.28
CA VAL B 14 -6.50 3.10 -12.11
C VAL B 14 -5.64 1.89 -12.54
N PHE B 15 -5.42 0.98 -11.64
CA PHE B 15 -4.60 -0.21 -11.98
C PHE B 15 -5.25 -0.94 -13.15
N HIS B 16 -6.54 -1.02 -13.14
CA HIS B 16 -7.26 -1.72 -14.24
C HIS B 16 -7.01 -1.02 -15.60
N GLN B 17 -6.90 0.28 -15.62
CA GLN B 17 -6.70 0.97 -16.92
C GLN B 17 -5.42 0.50 -17.61
N TYR B 18 -4.35 0.29 -16.90
CA TYR B 18 -3.07 -0.16 -17.57
C TYR B 18 -2.96 -1.69 -17.59
N SER B 19 -3.56 -2.36 -16.68
CA SER B 19 -3.47 -3.85 -16.65
C SER B 19 -4.02 -4.42 -17.94
N GLY B 20 -5.09 -3.87 -18.43
CA GLY B 20 -5.69 -4.37 -19.71
C GLY B 20 -4.94 -3.76 -20.90
N ARG B 21 -3.64 -3.71 -20.85
CA ARG B 21 -2.86 -3.11 -21.97
C ARG B 21 -2.72 -4.11 -23.12
N GLU B 22 -1.95 -5.15 -22.93
CA GLU B 22 -1.75 -6.17 -24.01
C GLU B 22 -2.48 -7.46 -23.66
N GLY B 23 -2.94 -7.61 -22.44
CA GLY B 23 -3.67 -8.87 -22.06
C GLY B 23 -3.31 -9.29 -20.63
N ASP B 24 -2.30 -8.72 -20.03
CA ASP B 24 -1.95 -9.13 -18.64
C ASP B 24 -2.89 -8.41 -17.67
N LYS B 25 -4.12 -8.83 -17.63
CA LYS B 25 -5.12 -8.18 -16.73
C LYS B 25 -4.79 -8.51 -15.27
N HIS B 26 -4.53 -9.75 -14.99
CA HIS B 26 -4.24 -10.16 -13.58
C HIS B 26 -2.74 -10.04 -13.28
N LYS B 27 -1.95 -9.64 -14.24
CA LYS B 27 -0.48 -9.50 -13.99
C LYS B 27 0.02 -8.24 -14.68
N LEU B 28 1.02 -7.62 -14.13
CA LEU B 28 1.56 -6.35 -14.71
C LEU B 28 3.03 -6.57 -15.07
N LYS B 29 3.42 -6.31 -16.28
CA LYS B 29 4.83 -6.53 -16.69
C LYS B 29 5.61 -5.22 -16.53
N LYS B 30 6.88 -5.28 -16.23
CA LYS B 30 7.69 -4.04 -16.07
C LYS B 30 7.38 -3.11 -17.24
N SER B 31 6.89 -3.68 -18.30
CA SER B 31 6.54 -2.86 -19.50
C SER B 31 5.23 -2.11 -19.23
N GLU B 32 4.24 -2.81 -18.76
CA GLU B 32 2.95 -2.16 -18.45
C GLU B 32 3.18 -1.19 -17.29
N LEU B 33 4.03 -1.57 -16.37
CA LEU B 33 4.33 -0.70 -15.20
C LEU B 33 4.89 0.64 -15.65
N LYS B 34 5.76 0.63 -16.62
CA LYS B 34 6.33 1.93 -17.09
C LYS B 34 5.22 2.83 -17.63
N GLU B 35 4.27 2.28 -18.33
CA GLU B 35 3.18 3.09 -18.91
C GLU B 35 2.30 3.66 -17.79
N LEU B 36 2.06 2.90 -16.77
CA LEU B 36 1.21 3.41 -15.67
C LEU B 36 1.92 4.59 -15.00
N ILE B 37 3.17 4.41 -14.68
CA ILE B 37 3.94 5.49 -14.00
C ILE B 37 4.30 6.61 -14.99
N ASN B 38 4.74 6.28 -16.16
CA ASN B 38 5.16 7.32 -17.15
C ASN B 38 3.97 8.13 -17.66
N ASN B 39 2.87 7.49 -17.90
CA ASN B 39 1.69 8.21 -18.49
C ASN B 39 0.64 8.63 -17.45
N GLU B 40 0.42 7.85 -16.42
CA GLU B 40 -0.64 8.23 -15.43
C GLU B 40 -0.04 9.06 -14.29
N LEU B 41 1.25 8.96 -14.08
CA LEU B 41 1.90 9.74 -12.97
C LEU B 41 2.92 10.71 -13.55
N SER B 42 2.71 11.16 -14.77
CA SER B 42 3.69 12.09 -15.39
C SER B 42 3.67 13.46 -14.71
N HIS B 43 2.55 14.13 -14.72
CA HIS B 43 2.47 15.48 -14.10
C HIS B 43 2.42 15.36 -12.57
N PHE B 44 1.67 14.42 -12.08
CA PHE B 44 1.54 14.26 -10.60
C PHE B 44 2.85 13.74 -9.98
N LEU B 45 3.66 13.03 -10.72
CA LEU B 45 4.96 12.51 -10.17
C LEU B 45 6.03 12.66 -11.24
N GLU B 46 7.28 12.60 -10.87
CA GLU B 46 8.34 12.76 -11.89
C GLU B 46 8.22 11.64 -12.93
N GLU B 47 7.93 12.01 -14.13
CA GLU B 47 7.80 11.00 -15.23
C GLU B 47 9.10 10.21 -15.38
N ILE B 48 9.00 8.95 -15.70
CA ILE B 48 10.21 8.10 -15.88
C ILE B 48 10.75 8.36 -17.29
N LYS B 49 12.04 8.44 -17.44
CA LYS B 49 12.63 8.74 -18.78
C LYS B 49 13.25 7.47 -19.40
N GLU B 50 13.51 6.47 -18.60
CA GLU B 50 14.14 5.22 -19.15
C GLU B 50 13.51 3.98 -18.54
N GLN B 51 13.55 2.90 -19.28
CA GLN B 51 12.99 1.61 -18.79
C GLN B 51 13.90 1.09 -17.68
N GLU B 52 15.13 1.56 -17.62
CA GLU B 52 16.05 1.05 -16.55
C GLU B 52 15.54 1.44 -15.17
N VAL B 53 15.03 2.63 -15.01
CA VAL B 53 14.53 3.03 -13.67
C VAL B 53 13.42 2.09 -13.25
N VAL B 54 12.60 1.73 -14.18
CA VAL B 54 11.47 0.83 -13.87
C VAL B 54 12.01 -0.55 -13.53
N ASP B 55 13.06 -0.97 -14.16
CA ASP B 55 13.64 -2.32 -13.88
C ASP B 55 14.17 -2.36 -12.46
N LYS B 56 14.77 -1.28 -12.03
CA LYS B 56 15.33 -1.22 -10.66
C LYS B 56 14.16 -1.26 -9.69
N VAL B 57 13.12 -0.59 -10.03
CA VAL B 57 11.91 -0.60 -9.17
C VAL B 57 11.40 -2.03 -9.13
N MET B 58 11.54 -2.73 -10.22
CA MET B 58 11.06 -4.14 -10.27
C MET B 58 11.93 -5.03 -9.39
N GLU B 59 13.18 -4.72 -9.21
CA GLU B 59 14.00 -5.58 -8.31
C GLU B 59 13.28 -5.59 -6.97
N THR B 60 12.74 -4.45 -6.65
CA THR B 60 12.00 -4.27 -5.38
C THR B 60 10.58 -4.87 -5.46
N LEU B 61 9.85 -4.58 -6.52
CA LEU B 61 8.45 -5.10 -6.63
C LEU B 61 8.43 -6.46 -7.31
N ASP B 62 9.52 -6.89 -7.89
CA ASP B 62 9.51 -8.21 -8.55
C ASP B 62 9.68 -9.25 -7.45
N GLU B 63 8.77 -9.24 -6.54
CA GLU B 63 8.82 -10.17 -5.39
C GLU B 63 8.85 -11.60 -5.94
N ASP B 64 8.09 -11.86 -6.97
CA ASP B 64 8.07 -13.23 -7.56
C ASP B 64 9.37 -13.43 -8.35
N GLY B 65 10.12 -12.38 -8.55
CA GLY B 65 11.40 -12.51 -9.31
C GLY B 65 11.11 -12.96 -10.75
N ASP B 66 9.98 -12.59 -11.29
CA ASP B 66 9.63 -13.01 -12.70
C ASP B 66 9.75 -11.82 -13.66
N GLY B 67 10.17 -10.69 -13.16
CA GLY B 67 10.30 -9.49 -14.05
C GLY B 67 8.91 -8.87 -14.23
N GLU B 68 7.93 -9.42 -13.56
CA GLU B 68 6.54 -8.90 -13.66
C GLU B 68 5.94 -8.83 -12.24
N CYS B 69 5.34 -7.72 -11.89
CA CYS B 69 4.73 -7.60 -10.53
C CYS B 69 3.22 -7.82 -10.67
N ASP B 70 2.65 -8.67 -9.87
CA ASP B 70 1.19 -8.94 -9.99
C ASP B 70 0.41 -7.77 -9.43
N PHE B 71 -0.87 -7.75 -9.65
CA PHE B 71 -1.71 -6.63 -9.14
C PHE B 71 -1.38 -6.42 -7.66
N GLN B 72 -1.20 -7.48 -6.92
CA GLN B 72 -0.86 -7.32 -5.47
C GLN B 72 0.48 -6.60 -5.30
N GLU B 73 1.49 -7.01 -6.01
CA GLU B 73 2.82 -6.37 -5.87
C GLU B 73 2.73 -4.88 -6.21
N PHE B 74 1.98 -4.54 -7.22
CA PHE B 74 1.84 -3.10 -7.59
C PHE B 74 1.08 -2.37 -6.47
N MET B 75 0.17 -3.03 -5.84
CA MET B 75 -0.62 -2.38 -4.77
C MET B 75 0.31 -1.90 -3.66
N ALA B 76 1.31 -2.66 -3.34
CA ALA B 76 2.22 -2.24 -2.24
C ALA B 76 3.04 -1.00 -2.61
N PHE B 77 3.36 -0.84 -3.86
CA PHE B 77 4.18 0.35 -4.28
C PHE B 77 3.38 1.65 -4.13
N VAL B 78 2.11 1.58 -4.27
CA VAL B 78 1.26 2.80 -4.17
C VAL B 78 1.14 3.23 -2.71
N SER B 79 1.15 2.29 -1.81
CA SER B 79 1.02 2.68 -0.37
C SER B 79 2.27 3.43 0.07
N MET B 80 3.42 3.00 -0.34
CA MET B 80 4.67 3.70 0.10
C MET B 80 4.80 5.07 -0.59
N VAL B 81 4.52 5.16 -1.87
CA VAL B 81 4.64 6.49 -2.55
C VAL B 81 3.70 7.47 -1.89
N THR B 82 2.54 7.02 -1.52
CA THR B 82 1.56 7.94 -0.88
C THR B 82 2.20 8.55 0.35
N THR B 83 2.97 7.78 1.04
CA THR B 83 3.64 8.30 2.25
C THR B 83 4.42 9.56 1.87
N ALA B 84 5.06 9.54 0.72
CA ALA B 84 5.79 10.77 0.28
C ALA B 84 4.80 11.90 0.10
N CYS B 85 3.63 11.60 -0.39
CA CYS B 85 2.61 12.66 -0.59
C CYS B 85 2.34 13.35 0.76
N HIS B 86 2.40 12.61 1.84
CA HIS B 86 2.15 13.24 3.17
C HIS B 86 3.19 14.33 3.39
N GLU B 87 4.41 14.08 3.01
CA GLU B 87 5.47 15.11 3.20
C GLU B 87 5.07 16.37 2.44
N PHE B 88 4.56 16.20 1.25
CA PHE B 88 4.13 17.38 0.45
C PHE B 88 2.86 17.97 1.06
N PHE B 89 1.99 17.13 1.54
CA PHE B 89 0.72 17.63 2.15
C PHE B 89 0.97 17.90 3.64
N GLU B 90 1.87 18.79 3.93
CA GLU B 90 2.16 19.09 5.36
C GLU B 90 0.93 19.75 5.99
N HIS B 91 0.24 19.02 6.80
CA HIS B 91 -0.96 19.59 7.47
C HIS B 91 -0.51 20.78 8.31
N GLU B 92 0.63 20.63 8.94
CA GLU B 92 1.16 21.75 9.78
N SER C 1 -8.71 -24.29 5.06
CA SER C 1 -9.15 -25.55 4.38
C SER C 1 -8.36 -26.73 4.95
N HIS C 2 -7.28 -26.47 5.63
CA HIS C 2 -6.48 -27.58 6.21
C HIS C 2 -7.14 -28.09 7.49
N LEU C 3 -8.27 -28.74 7.37
CA LEU C 3 -8.98 -29.24 8.58
C LEU C 3 -9.07 -28.13 9.62
N LYS C 4 -9.06 -28.48 10.87
CA LYS C 4 -9.17 -27.44 11.93
C LYS C 4 -8.91 -28.09 13.30
N SER C 5 -7.69 -28.10 13.73
CA SER C 5 -7.37 -28.71 15.06
C SER C 5 -8.16 -27.97 16.14
N LYS C 6 -8.23 -26.66 16.03
CA LYS C 6 -8.99 -25.87 17.04
C LYS C 6 -10.49 -26.09 16.83
N LYS C 7 -11.24 -26.17 17.89
CA LYS C 7 -12.71 -26.38 17.74
C LYS C 7 -13.33 -25.24 16.92
N GLY C 8 -12.90 -24.04 17.15
CA GLY C 8 -13.46 -22.89 16.39
C GLY C 8 -13.19 -21.59 17.16
N GLN C 9 -12.68 -20.60 16.49
CA GLN C 9 -12.37 -19.32 17.19
C GLN C 9 -12.39 -18.16 16.18
N SER C 10 -12.57 -16.97 16.65
CA SER C 10 -12.60 -15.79 15.73
C SER C 10 -11.27 -15.69 14.99
N THR C 11 -10.18 -15.98 15.67
CA THR C 11 -8.84 -15.90 15.01
C THR C 11 -8.92 -16.58 13.65
N SER C 12 -9.79 -17.53 13.50
CA SER C 12 -9.93 -18.20 12.19
C SER C 12 -10.34 -17.15 11.16
N ARG C 13 -11.20 -16.24 11.55
CA ARG C 13 -11.62 -15.18 10.61
C ARG C 13 -10.41 -14.36 10.17
N HIS C 14 -9.54 -14.04 11.09
CA HIS C 14 -8.34 -13.25 10.72
C HIS C 14 -7.54 -14.04 9.69
N LYS C 15 -7.48 -15.34 9.83
CA LYS C 15 -6.72 -16.15 8.84
C LYS C 15 -7.32 -15.94 7.46
N LYS C 16 -8.58 -15.64 7.37
CA LYS C 16 -9.18 -15.40 6.04
C LYS C 16 -8.41 -14.23 5.42
N LEU C 17 -8.10 -13.24 6.22
CA LEU C 17 -7.33 -12.06 5.71
C LEU C 17 -5.86 -12.45 5.46
N MET C 18 -5.35 -13.42 6.16
CA MET C 18 -3.94 -13.83 5.94
C MET C 18 -3.72 -14.19 4.48
N PHE C 19 -4.76 -14.59 3.78
CA PHE C 19 -4.57 -14.97 2.34
C PHE C 19 -3.63 -13.97 1.64
N LYS C 20 -3.76 -12.69 1.93
CA LYS C 20 -2.80 -11.71 1.31
C LYS C 20 -1.42 -11.92 1.93
N THR C 21 -1.37 -12.16 3.22
CA THR C 21 -0.05 -12.37 3.87
C THR C 21 0.62 -13.59 3.24
N GLU C 22 -0.17 -14.52 2.77
CA GLU C 22 0.41 -15.74 2.13
N SER D 1 23.07 12.78 -0.37
CA SER D 1 23.91 13.72 0.43
C SER D 1 25.31 13.15 0.58
N HIS D 2 25.48 11.89 0.31
CA HIS D 2 26.83 11.27 0.43
C HIS D 2 27.68 11.63 -0.79
N LEU D 3 28.06 12.87 -0.92
CA LEU D 3 28.88 13.28 -2.10
C LEU D 3 28.22 12.75 -3.38
N LYS D 4 29.00 12.46 -4.38
CA LYS D 4 28.43 11.95 -5.65
C LYS D 4 29.56 11.47 -6.56
N SER D 5 29.92 10.22 -6.48
CA SER D 5 31.02 9.69 -7.34
C SER D 5 30.63 9.87 -8.81
N LYS D 6 29.38 9.62 -9.12
CA LYS D 6 28.91 9.78 -10.52
C LYS D 6 28.82 11.29 -10.84
N LYS D 7 29.16 11.67 -12.03
CA LYS D 7 29.09 13.12 -12.39
C LYS D 7 27.65 13.62 -12.26
N GLY D 8 26.69 12.83 -12.65
CA GLY D 8 25.28 13.26 -12.54
C GLY D 8 24.42 12.42 -13.48
N GLN D 9 23.33 11.89 -12.99
CA GLN D 9 22.45 11.04 -13.85
C GLN D 9 21.01 11.08 -13.32
N SER D 10 20.07 10.77 -14.15
CA SER D 10 18.65 10.76 -13.70
C SER D 10 18.49 9.75 -12.58
N THR D 11 19.17 8.62 -12.67
CA THR D 11 19.05 7.58 -11.61
C THR D 11 19.15 8.25 -10.24
N SER D 12 19.84 9.35 -10.17
CA SER D 12 19.95 10.06 -8.87
C SER D 12 18.54 10.45 -8.44
N ARG D 13 17.73 10.88 -9.37
CA ARG D 13 16.33 11.26 -9.01
C ARG D 13 15.61 10.06 -8.41
N HIS D 14 15.79 8.90 -8.98
CA HIS D 14 15.10 7.71 -8.42
C HIS D 14 15.55 7.50 -6.98
N LYS D 15 16.80 7.76 -6.70
CA LYS D 15 17.30 7.60 -5.31
C LYS D 15 16.51 8.51 -4.39
N LYS D 16 16.01 9.61 -4.89
CA LYS D 16 15.21 10.49 -4.01
C LYS D 16 14.02 9.66 -3.53
N LEU D 17 13.46 8.86 -4.40
CA LEU D 17 12.29 8.00 -4.00
C LEU D 17 12.78 6.85 -3.10
N MET D 18 14.01 6.43 -3.25
CA MET D 18 14.51 5.31 -2.40
C MET D 18 14.33 5.66 -0.92
N PHE D 19 14.27 6.92 -0.58
CA PHE D 19 14.13 7.30 0.86
C PHE D 19 13.08 6.39 1.52
N LYS D 20 12.00 6.06 0.86
CA LYS D 20 11.03 5.12 1.48
C LYS D 20 11.65 3.73 1.52
N THR D 21 12.34 3.35 0.48
CA THR D 21 12.98 2.00 0.47
C THR D 21 13.96 1.91 1.64
N GLU D 22 14.53 3.03 2.02
CA GLU D 22 15.49 3.02 3.16
CA CA E . -2.91 8.23 15.89
CA CA F . 5.59 0.27 14.31
CA CA G . -1.49 -5.67 -17.00
CA CA H . 6.87 -10.77 -9.13
N MET A 1 -10.26 6.29 -13.45
CA MET A 1 -9.45 6.89 -14.55
C MET A 1 -8.44 7.87 -13.96
N SER A 2 -7.28 7.39 -13.59
CA SER A 2 -6.24 8.29 -13.01
C SER A 2 -6.76 8.87 -11.69
N GLU A 3 -7.77 8.27 -11.14
CA GLU A 3 -8.34 8.75 -9.83
C GLU A 3 -7.30 8.51 -8.72
N LEU A 4 -6.13 8.11 -9.08
CA LEU A 4 -5.06 7.82 -8.09
C LEU A 4 -4.74 9.07 -7.26
N GLU A 5 -4.83 10.23 -7.82
CA GLU A 5 -4.48 11.46 -7.04
C GLU A 5 -5.39 11.60 -5.82
N LYS A 6 -6.65 11.31 -5.94
CA LYS A 6 -7.55 11.46 -4.75
C LYS A 6 -7.32 10.29 -3.78
N ALA A 7 -6.98 9.15 -4.28
CA ALA A 7 -6.77 7.98 -3.37
C ALA A 7 -5.50 8.13 -2.53
N MET A 8 -4.44 8.63 -3.10
CA MET A 8 -3.18 8.79 -2.30
C MET A 8 -3.42 9.83 -1.21
N VAL A 9 -4.11 10.87 -1.54
CA VAL A 9 -4.37 11.93 -0.55
C VAL A 9 -5.27 11.39 0.55
N ALA A 10 -6.18 10.52 0.19
CA ALA A 10 -7.12 9.95 1.20
C ALA A 10 -6.41 9.04 2.19
N LEU A 11 -5.46 8.26 1.76
CA LEU A 11 -4.77 7.35 2.71
C LEU A 11 -4.13 8.21 3.80
N ILE A 12 -3.57 9.32 3.42
CA ILE A 12 -2.92 10.22 4.39
C ILE A 12 -3.97 10.88 5.32
N ASP A 13 -5.10 11.26 4.80
CA ASP A 13 -6.11 11.95 5.66
C ASP A 13 -6.66 11.03 6.75
N VAL A 14 -6.92 9.79 6.44
CA VAL A 14 -7.47 8.84 7.46
C VAL A 14 -6.37 8.44 8.47
N PHE A 15 -5.18 8.22 7.99
CA PHE A 15 -4.08 7.82 8.90
C PHE A 15 -3.86 8.91 9.93
N HIS A 16 -3.95 10.15 9.55
CA HIS A 16 -3.74 11.25 10.53
C HIS A 16 -4.87 11.29 11.56
N GLN A 17 -6.05 10.82 11.22
CA GLN A 17 -7.16 10.88 12.20
C GLN A 17 -6.78 10.07 13.45
N TYR A 18 -6.22 8.90 13.29
CA TYR A 18 -5.85 8.07 14.49
C TYR A 18 -4.41 8.35 14.97
N SER A 19 -3.50 8.51 14.06
CA SER A 19 -2.07 8.75 14.46
C SER A 19 -1.91 10.02 15.29
N GLY A 20 -2.61 11.08 14.95
CA GLY A 20 -2.48 12.34 15.71
C GLY A 20 -3.32 12.26 16.97
N ARG A 21 -4.07 11.20 17.10
CA ARG A 21 -4.94 11.03 18.30
C ARG A 21 -4.10 11.00 19.58
N GLU A 22 -3.07 10.20 19.61
CA GLU A 22 -2.21 10.10 20.84
C GLU A 22 -0.95 10.94 20.68
N GLY A 23 -0.80 11.62 19.59
CA GLY A 23 0.41 12.47 19.38
C GLY A 23 1.45 11.74 18.52
N ASP A 24 1.32 10.45 18.33
CA ASP A 24 2.33 9.75 17.49
C ASP A 24 1.94 9.95 16.01
N LYS A 25 2.15 11.14 15.51
CA LYS A 25 1.77 11.44 14.10
C LYS A 25 2.67 10.67 13.13
N HIS A 26 3.94 10.61 13.41
CA HIS A 26 4.88 9.90 12.49
C HIS A 26 5.02 8.43 12.90
N LYS A 27 4.36 8.02 13.94
CA LYS A 27 4.45 6.60 14.39
C LYS A 27 3.10 6.15 14.92
N LEU A 28 2.78 4.88 14.75
CA LEU A 28 1.46 4.35 15.22
C LEU A 28 1.71 3.16 16.14
N LYS A 29 1.11 3.12 17.30
CA LYS A 29 1.35 1.97 18.23
C LYS A 29 0.24 0.92 18.07
N LYS A 30 0.54 -0.32 18.37
CA LYS A 30 -0.50 -1.38 18.27
C LYS A 30 -1.74 -0.89 19.01
N SER A 31 -1.52 0.02 19.91
CA SER A 31 -2.67 0.56 20.71
C SER A 31 -3.50 1.47 19.81
N GLU A 32 -2.87 2.45 19.22
CA GLU A 32 -3.60 3.38 18.32
C GLU A 32 -4.17 2.57 17.17
N LEU A 33 -3.45 1.55 16.76
CA LEU A 33 -3.91 0.69 15.64
C LEU A 33 -5.24 0.05 15.98
N LYS A 34 -5.41 -0.39 17.20
CA LYS A 34 -6.70 -1.04 17.56
C LYS A 34 -7.87 -0.07 17.36
N GLU A 35 -7.71 1.17 17.70
CA GLU A 35 -8.86 2.11 17.53
C GLU A 35 -9.10 2.33 16.05
N LEU A 36 -8.08 2.35 15.26
CA LEU A 36 -8.28 2.54 13.80
C LEU A 36 -9.08 1.36 13.25
N ILE A 37 -8.66 0.16 13.53
CA ILE A 37 -9.36 -1.03 12.99
C ILE A 37 -10.72 -1.22 13.65
N ASN A 38 -10.80 -1.10 14.94
CA ASN A 38 -12.12 -1.30 15.61
C ASN A 38 -13.13 -0.28 15.11
N ASN A 39 -12.69 0.94 14.92
CA ASN A 39 -13.61 2.04 14.49
C ASN A 39 -13.52 2.37 12.98
N GLU A 40 -12.38 2.25 12.35
CA GLU A 40 -12.31 2.62 10.89
C GLU A 40 -12.57 1.39 10.02
N LEU A 41 -12.51 0.21 10.60
CA LEU A 41 -12.76 -1.03 9.81
C LEU A 41 -13.77 -1.91 10.55
N SER A 42 -14.87 -1.36 10.97
CA SER A 42 -15.88 -2.16 11.71
C SER A 42 -16.67 -3.02 10.71
N HIS A 43 -17.47 -2.41 9.88
CA HIS A 43 -18.26 -3.20 8.89
C HIS A 43 -17.43 -3.42 7.64
N PHE A 44 -16.32 -2.74 7.54
CA PHE A 44 -15.44 -2.89 6.35
C PHE A 44 -14.92 -4.34 6.31
N LEU A 45 -14.45 -4.85 7.42
CA LEU A 45 -13.94 -6.25 7.45
C LEU A 45 -13.96 -6.81 8.88
N GLU A 46 -13.32 -7.93 9.09
CA GLU A 46 -13.31 -8.55 10.43
C GLU A 46 -12.85 -7.55 11.48
N GLU A 47 -13.79 -6.95 12.15
CA GLU A 47 -13.47 -5.97 13.22
C GLU A 47 -12.70 -6.69 14.34
N ILE A 48 -11.89 -5.98 15.08
CA ILE A 48 -11.12 -6.66 16.17
C ILE A 48 -12.03 -6.90 17.38
N LYS A 49 -11.86 -8.02 18.03
CA LYS A 49 -12.70 -8.35 19.22
C LYS A 49 -11.83 -8.40 20.49
N GLU A 50 -10.54 -8.39 20.34
CA GLU A 50 -9.67 -8.45 21.55
C GLU A 50 -8.26 -7.94 21.21
N GLN A 51 -7.54 -7.50 22.20
CA GLN A 51 -6.16 -6.96 21.99
C GLN A 51 -5.25 -8.01 21.36
N GLU A 52 -5.43 -9.26 21.71
CA GLU A 52 -4.54 -10.33 21.16
C GLU A 52 -4.62 -10.37 19.64
N VAL A 53 -5.77 -10.15 19.07
CA VAL A 53 -5.87 -10.20 17.59
C VAL A 53 -4.99 -9.11 17.01
N VAL A 54 -4.98 -7.99 17.63
CA VAL A 54 -4.15 -6.87 17.13
C VAL A 54 -2.69 -7.25 17.22
N ASP A 55 -2.30 -7.91 18.27
CA ASP A 55 -0.87 -8.30 18.41
C ASP A 55 -0.48 -9.27 17.30
N LYS A 56 -1.36 -10.14 16.93
CA LYS A 56 -1.05 -11.12 15.85
C LYS A 56 -0.89 -10.35 14.56
N VAL A 57 -1.72 -9.38 14.35
CA VAL A 57 -1.60 -8.57 13.11
C VAL A 57 -0.29 -7.81 13.19
N MET A 58 0.12 -7.46 14.37
CA MET A 58 1.39 -6.71 14.52
C MET A 58 2.56 -7.64 14.23
N GLU A 59 2.43 -8.92 14.42
CA GLU A 59 3.57 -9.81 14.10
C GLU A 59 3.87 -9.61 12.62
N THR A 60 2.82 -9.50 11.84
CA THR A 60 2.99 -9.29 10.37
C THR A 60 3.29 -7.82 10.06
N LEU A 61 2.60 -6.91 10.70
CA LEU A 61 2.79 -5.46 10.40
C LEU A 61 3.92 -4.88 11.26
N ASP A 62 4.33 -5.55 12.30
CA ASP A 62 5.46 -5.00 13.11
C ASP A 62 6.73 -5.35 12.37
N GLU A 63 6.86 -4.84 11.19
CA GLU A 63 8.05 -5.14 10.37
C GLU A 63 9.29 -4.70 11.14
N ASP A 64 9.21 -3.61 11.84
CA ASP A 64 10.38 -3.14 12.62
C ASP A 64 10.53 -4.04 13.85
N GLY A 65 9.52 -4.81 14.15
CA GLY A 65 9.60 -5.71 15.33
C GLY A 65 9.66 -4.88 16.62
N ASP A 66 9.08 -3.71 16.63
CA ASP A 66 9.12 -2.84 17.85
C ASP A 66 7.75 -2.84 18.55
N GLY A 67 6.82 -3.60 18.05
CA GLY A 67 5.46 -3.63 18.68
C GLY A 67 4.67 -2.42 18.20
N GLU A 68 5.26 -1.63 17.35
CA GLU A 68 4.57 -0.41 16.81
C GLU A 68 4.89 -0.31 15.31
N CYS A 69 3.93 0.09 14.51
CA CYS A 69 4.17 0.20 13.03
C CYS A 69 4.21 1.68 12.64
N ASP A 70 5.24 2.06 11.93
CA ASP A 70 5.40 3.47 11.50
C ASP A 70 4.38 3.82 10.44
N PHE A 71 4.11 5.09 10.25
CA PHE A 71 3.14 5.51 9.22
C PHE A 71 3.46 4.79 7.91
N GLN A 72 4.71 4.66 7.59
CA GLN A 72 5.07 3.95 6.32
C GLN A 72 4.70 2.47 6.44
N GLU A 73 4.91 1.86 7.60
CA GLU A 73 4.57 0.43 7.74
C GLU A 73 3.05 0.25 7.65
N PHE A 74 2.31 1.09 8.30
CA PHE A 74 0.83 0.98 8.26
C PHE A 74 0.32 1.20 6.85
N MET A 75 0.96 2.05 6.11
CA MET A 75 0.50 2.33 4.73
C MET A 75 0.53 1.04 3.92
N ALA A 76 1.49 0.20 4.15
CA ALA A 76 1.56 -1.06 3.37
C ALA A 76 0.42 -2.00 3.75
N PHE A 77 0.02 -2.00 4.99
CA PHE A 77 -1.09 -2.92 5.41
C PHE A 77 -2.34 -2.59 4.60
N VAL A 78 -2.57 -1.33 4.39
CA VAL A 78 -3.77 -0.89 3.61
C VAL A 78 -3.67 -1.44 2.19
N SER A 79 -2.49 -1.46 1.64
CA SER A 79 -2.34 -1.96 0.25
C SER A 79 -2.77 -3.41 0.15
N MET A 80 -2.45 -4.21 1.14
CA MET A 80 -2.83 -5.65 1.07
C MET A 80 -4.32 -5.84 1.35
N VAL A 81 -4.85 -5.13 2.30
CA VAL A 81 -6.31 -5.30 2.63
C VAL A 81 -7.15 -4.91 1.43
N THR A 82 -6.75 -3.87 0.75
CA THR A 82 -7.51 -3.43 -0.45
C THR A 82 -7.50 -4.57 -1.44
N THR A 83 -6.39 -5.23 -1.55
CA THR A 83 -6.29 -6.38 -2.48
C THR A 83 -7.46 -7.33 -2.19
N ALA A 84 -7.77 -7.52 -0.94
CA ALA A 84 -8.92 -8.39 -0.58
C ALA A 84 -10.18 -7.80 -1.21
N CYS A 85 -10.31 -6.50 -1.18
CA CYS A 85 -11.51 -5.86 -1.77
C CYS A 85 -11.59 -6.21 -3.26
N HIS A 86 -10.48 -6.42 -3.92
CA HIS A 86 -10.53 -6.78 -5.36
C HIS A 86 -11.34 -8.06 -5.54
N GLU A 87 -11.16 -9.02 -4.66
CA GLU A 87 -11.94 -10.29 -4.79
C GLU A 87 -13.43 -10.02 -4.59
N PHE A 88 -13.77 -9.11 -3.70
CA PHE A 88 -15.21 -8.81 -3.43
C PHE A 88 -15.68 -7.64 -4.30
N PHE A 89 -14.78 -6.82 -4.75
CA PHE A 89 -15.18 -5.63 -5.56
C PHE A 89 -15.29 -6.00 -7.05
N GLU A 90 -14.85 -7.17 -7.43
CA GLU A 90 -14.95 -7.55 -8.87
C GLU A 90 -16.37 -8.00 -9.20
N HIS A 91 -17.33 -7.16 -9.01
CA HIS A 91 -18.73 -7.54 -9.33
C HIS A 91 -18.79 -7.88 -10.82
N GLU A 92 -18.10 -7.12 -11.62
CA GLU A 92 -18.12 -7.37 -13.09
N MET B 1 -11.88 11.57 7.10
CA MET B 1 -12.67 10.95 8.21
C MET B 1 -13.23 9.61 7.75
N SER B 2 -12.49 8.55 7.93
CA SER B 2 -12.98 7.21 7.50
C SER B 2 -13.17 7.19 5.97
N GLU B 3 -12.58 8.14 5.30
CA GLU B 3 -12.68 8.20 3.81
C GLU B 3 -11.93 7.01 3.21
N LEU B 4 -11.50 6.10 4.04
CA LEU B 4 -10.73 4.92 3.56
C LEU B 4 -11.56 4.08 2.58
N GLU B 5 -12.85 4.02 2.75
CA GLU B 5 -13.69 3.19 1.83
C GLU B 5 -13.55 3.67 0.39
N LYS B 6 -13.51 4.95 0.16
CA LYS B 6 -13.40 5.44 -1.24
C LYS B 6 -11.96 5.26 -1.75
N ALA B 7 -11.00 5.35 -0.88
CA ALA B 7 -9.59 5.20 -1.31
C ALA B 7 -9.26 3.76 -1.70
N MET B 8 -9.74 2.80 -0.97
CA MET B 8 -9.43 1.38 -1.32
C MET B 8 -10.07 1.04 -2.65
N VAL B 9 -11.27 1.51 -2.86
CA VAL B 9 -11.97 1.23 -4.12
C VAL B 9 -11.23 1.92 -5.28
N ALA B 10 -10.69 3.07 -5.03
CA ALA B 10 -9.97 3.83 -6.10
C ALA B 10 -8.68 3.12 -6.51
N LEU B 11 -7.96 2.54 -5.59
CA LEU B 11 -6.69 1.87 -6.00
C LEU B 11 -7.03 0.78 -7.00
N ILE B 12 -8.10 0.09 -6.76
CA ILE B 12 -8.52 -1.01 -7.67
C ILE B 12 -8.98 -0.44 -9.02
N ASP B 13 -9.69 0.65 -9.04
CA ASP B 13 -10.20 1.20 -10.33
C ASP B 13 -9.06 1.65 -11.25
N VAL B 14 -8.05 2.27 -10.73
CA VAL B 14 -6.92 2.76 -11.58
C VAL B 14 -6.04 1.57 -12.02
N PHE B 15 -5.81 0.64 -11.14
CA PHE B 15 -4.96 -0.53 -11.49
C PHE B 15 -5.61 -1.28 -12.66
N HIS B 16 -6.90 -1.40 -12.65
CA HIS B 16 -7.57 -2.13 -13.76
C HIS B 16 -7.45 -1.36 -15.09
N GLN B 17 -7.30 -0.07 -15.04
CA GLN B 17 -7.19 0.69 -16.31
C GLN B 17 -5.98 0.21 -17.11
N TYR B 18 -4.86 0.02 -16.46
CA TYR B 18 -3.63 -0.43 -17.21
C TYR B 18 -3.51 -1.97 -17.24
N SER B 19 -3.81 -2.62 -16.16
CA SER B 19 -3.68 -4.11 -16.11
C SER B 19 -4.57 -4.80 -17.14
N GLY B 20 -5.76 -4.32 -17.35
CA GLY B 20 -6.68 -4.96 -18.34
C GLY B 20 -6.31 -4.50 -19.74
N ARG B 21 -5.40 -3.57 -19.82
CA ARG B 21 -4.98 -3.03 -21.14
C ARG B 21 -4.41 -4.15 -22.02
N GLU B 22 -3.48 -4.92 -21.49
CA GLU B 22 -2.85 -6.02 -22.30
C GLU B 22 -3.50 -7.36 -21.96
N GLY B 23 -4.47 -7.37 -21.09
CA GLY B 23 -5.15 -8.66 -20.73
C GLY B 23 -4.58 -9.22 -19.43
N ASP B 24 -3.47 -8.73 -18.94
CA ASP B 24 -2.94 -9.27 -17.66
C ASP B 24 -3.68 -8.56 -16.51
N LYS B 25 -4.92 -8.92 -16.30
CA LYS B 25 -5.73 -8.27 -15.23
C LYS B 25 -5.19 -8.65 -13.86
N HIS B 26 -4.84 -9.89 -13.67
CA HIS B 26 -4.33 -10.34 -12.33
C HIS B 26 -2.81 -10.21 -12.27
N LYS B 27 -2.18 -9.78 -13.33
CA LYS B 27 -0.70 -9.64 -13.33
C LYS B 27 -0.31 -8.40 -14.13
N LEU B 28 0.75 -7.74 -13.74
CA LEU B 28 1.21 -6.50 -14.46
C LEU B 28 2.66 -6.69 -14.89
N LYS B 29 2.99 -6.43 -16.13
CA LYS B 29 4.40 -6.61 -16.60
C LYS B 29 5.16 -5.27 -16.54
N LYS B 30 6.46 -5.32 -16.37
CA LYS B 30 7.25 -4.07 -16.34
C LYS B 30 6.84 -3.23 -17.55
N SER B 31 6.33 -3.90 -18.55
CA SER B 31 5.91 -3.17 -19.78
C SER B 31 4.64 -2.39 -19.49
N GLU B 32 3.64 -3.07 -19.01
CA GLU B 32 2.35 -2.38 -18.69
C GLU B 32 2.64 -1.34 -17.61
N LEU B 33 3.56 -1.65 -16.74
CA LEU B 33 3.92 -0.71 -15.65
C LEU B 33 4.43 0.60 -16.22
N LYS B 34 5.21 0.54 -17.25
CA LYS B 34 5.74 1.81 -17.84
C LYS B 34 4.59 2.71 -18.31
N GLU B 35 3.57 2.16 -18.90
CA GLU B 35 2.47 3.04 -19.36
C GLU B 35 1.73 3.62 -18.17
N LEU B 36 1.61 2.86 -17.12
CA LEU B 36 0.92 3.39 -15.92
C LEU B 36 1.71 4.59 -15.36
N ILE B 37 2.98 4.41 -15.16
CA ILE B 37 3.82 5.49 -14.59
C ILE B 37 4.00 6.64 -15.58
N ASN B 38 4.29 6.34 -16.81
CA ASN B 38 4.50 7.43 -17.80
C ASN B 38 3.22 8.26 -17.95
N ASN B 39 2.10 7.60 -17.96
CA ASN B 39 0.79 8.30 -18.16
C ASN B 39 0.00 8.54 -16.86
N GLU B 40 0.08 7.67 -15.87
CA GLU B 40 -0.73 7.90 -14.63
C GLU B 40 0.07 8.68 -13.61
N LEU B 41 1.38 8.76 -13.79
CA LEU B 41 2.23 9.51 -12.82
C LEU B 41 3.14 10.47 -13.59
N SER B 42 2.59 11.25 -14.49
CA SER B 42 3.43 12.20 -15.27
C SER B 42 3.79 13.41 -14.41
N HIS B 43 2.81 14.23 -14.09
CA HIS B 43 3.10 15.42 -13.24
C HIS B 43 3.02 15.04 -11.76
N PHE B 44 2.51 13.86 -11.49
CA PHE B 44 2.41 13.40 -10.08
C PHE B 44 3.82 13.28 -9.49
N LEU B 45 4.74 12.67 -10.22
CA LEU B 45 6.13 12.54 -9.69
C LEU B 45 7.12 12.32 -10.84
N GLU B 46 8.34 11.95 -10.52
CA GLU B 46 9.37 11.74 -11.58
C GLU B 46 8.84 10.78 -12.65
N GLU B 47 8.37 11.33 -13.72
CA GLU B 47 7.85 10.50 -14.84
C GLU B 47 9.01 9.66 -15.40
N ILE B 48 8.71 8.54 -16.00
CA ILE B 48 9.82 7.69 -16.55
C ILE B 48 10.31 8.28 -17.88
N LYS B 49 11.59 8.23 -18.12
CA LYS B 49 12.16 8.78 -19.39
C LYS B 49 12.77 7.65 -20.23
N GLU B 50 12.91 6.48 -19.67
CA GLU B 50 13.51 5.35 -20.45
C GLU B 50 13.12 4.01 -19.82
N GLN B 51 13.16 2.96 -20.61
CA GLN B 51 12.79 1.60 -20.10
C GLN B 51 13.71 1.18 -18.94
N GLU B 52 14.95 1.58 -18.99
CA GLU B 52 15.90 1.16 -17.91
C GLU B 52 15.44 1.65 -16.55
N VAL B 53 14.87 2.80 -16.48
CA VAL B 53 14.40 3.30 -15.16
C VAL B 53 13.34 2.37 -14.63
N VAL B 54 12.49 1.92 -15.48
CA VAL B 54 11.41 0.99 -15.06
C VAL B 54 12.02 -0.30 -14.55
N ASP B 55 13.04 -0.77 -15.20
CA ASP B 55 13.69 -2.04 -14.76
C ASP B 55 14.28 -1.87 -13.36
N LYS B 56 14.83 -0.73 -13.08
CA LYS B 56 15.43 -0.49 -11.74
C LYS B 56 14.32 -0.48 -10.71
N VAL B 57 13.21 0.10 -11.05
CA VAL B 57 12.06 0.13 -10.12
C VAL B 57 11.58 -1.31 -9.96
N MET B 58 11.71 -2.09 -10.99
CA MET B 58 11.27 -3.51 -10.90
C MET B 58 12.22 -4.28 -10.01
N GLU B 59 13.44 -3.89 -9.89
CA GLU B 59 14.34 -4.65 -8.98
C GLU B 59 13.72 -4.57 -7.59
N THR B 60 13.20 -3.43 -7.25
CA THR B 60 12.55 -3.25 -5.93
C THR B 60 11.13 -3.81 -5.94
N LEU B 61 10.38 -3.56 -6.99
CA LEU B 61 8.97 -4.02 -7.05
C LEU B 61 8.87 -5.44 -7.60
N ASP B 62 9.90 -5.94 -8.23
CA ASP B 62 9.83 -7.34 -8.74
C ASP B 62 10.11 -8.25 -7.56
N GLU B 63 9.27 -8.17 -6.58
CA GLU B 63 9.45 -8.99 -5.37
C GLU B 63 9.50 -10.46 -5.76
N ASP B 64 8.70 -10.85 -6.72
CA ASP B 64 8.71 -12.26 -7.17
C ASP B 64 9.96 -12.50 -7.99
N GLY B 65 10.63 -11.45 -8.39
CA GLY B 65 11.88 -11.61 -9.20
C GLY B 65 11.53 -12.22 -10.56
N ASP B 66 10.35 -11.97 -11.07
CA ASP B 66 9.96 -12.55 -12.39
C ASP B 66 9.97 -11.46 -13.47
N GLY B 67 10.37 -10.27 -13.14
CA GLY B 67 10.40 -9.17 -14.14
C GLY B 67 8.99 -8.60 -14.29
N GLU B 68 8.06 -9.12 -13.54
CA GLU B 68 6.65 -8.65 -13.60
C GLU B 68 6.11 -8.56 -12.17
N CYS B 69 5.32 -7.55 -11.87
CA CYS B 69 4.77 -7.41 -10.47
C CYS B 69 3.26 -7.72 -10.50
N ASP B 70 2.84 -8.59 -9.62
CA ASP B 70 1.41 -8.97 -9.56
C ASP B 70 0.57 -7.82 -9.03
N PHE B 71 -0.71 -7.85 -9.28
CA PHE B 71 -1.59 -6.76 -8.78
C PHE B 71 -1.30 -6.54 -7.30
N GLN B 72 -1.09 -7.58 -6.55
CA GLN B 72 -0.80 -7.40 -5.11
C GLN B 72 0.56 -6.72 -4.95
N GLU B 73 1.53 -7.07 -5.75
CA GLU B 73 2.87 -6.43 -5.62
C GLU B 73 2.78 -4.95 -6.00
N PHE B 74 2.08 -4.65 -7.05
CA PHE B 74 1.96 -3.22 -7.47
C PHE B 74 1.20 -2.43 -6.41
N MET B 75 0.26 -3.04 -5.76
CA MET B 75 -0.52 -2.31 -4.74
C MET B 75 0.41 -1.80 -3.65
N ALA B 76 1.42 -2.55 -3.32
CA ALA B 76 2.34 -2.10 -2.25
C ALA B 76 3.18 -0.90 -2.73
N PHE B 77 3.52 -0.86 -3.98
CA PHE B 77 4.34 0.29 -4.49
C PHE B 77 3.57 1.59 -4.26
N VAL B 78 2.30 1.55 -4.47
CA VAL B 78 1.44 2.76 -4.28
C VAL B 78 1.49 3.19 -2.82
N SER B 79 1.52 2.25 -1.92
CA SER B 79 1.55 2.60 -0.49
C SER B 79 2.80 3.39 -0.15
N MET B 80 3.91 3.02 -0.72
CA MET B 80 5.17 3.74 -0.40
C MET B 80 5.22 5.11 -1.09
N VAL B 81 4.80 5.17 -2.33
CA VAL B 81 4.83 6.48 -3.06
C VAL B 81 3.94 7.48 -2.35
N THR B 82 2.82 7.04 -1.87
CA THR B 82 1.89 7.95 -1.16
C THR B 82 2.62 8.50 0.04
N THR B 83 3.39 7.66 0.68
CA THR B 83 4.15 8.10 1.86
C THR B 83 4.94 9.35 1.46
N ALA B 84 5.49 9.34 0.28
CA ALA B 84 6.24 10.54 -0.19
C ALA B 84 5.29 11.73 -0.20
N CYS B 85 4.07 11.52 -0.60
CA CYS B 85 3.09 12.64 -0.64
C CYS B 85 2.92 13.20 0.77
N HIS B 86 3.08 12.39 1.79
CA HIS B 86 2.92 12.92 3.18
C HIS B 86 3.93 14.04 3.41
N GLU B 87 5.14 13.87 2.94
CA GLU B 87 6.16 14.95 3.13
C GLU B 87 5.74 16.21 2.38
N PHE B 88 5.14 16.07 1.22
CA PHE B 88 4.73 17.26 0.43
C PHE B 88 3.27 17.64 0.74
N PHE B 89 2.50 16.72 1.23
CA PHE B 89 1.06 17.02 1.52
C PHE B 89 0.91 17.60 2.93
N GLU B 90 1.93 17.59 3.73
CA GLU B 90 1.80 18.15 5.11
C GLU B 90 1.89 19.68 5.05
N HIS B 91 1.02 20.31 4.33
CA HIS B 91 1.05 21.79 4.28
C HIS B 91 0.85 22.33 5.68
N GLU B 92 -0.01 21.71 6.44
CA GLU B 92 -0.26 22.18 7.83
N SER C 1 -18.90 -37.41 6.15
CA SER C 1 -17.78 -37.46 5.18
C SER C 1 -17.41 -36.04 4.76
N HIS C 2 -18.34 -35.13 4.79
CA HIS C 2 -18.06 -33.72 4.38
C HIS C 2 -17.60 -32.92 5.60
N LEU C 3 -17.34 -33.56 6.70
CA LEU C 3 -16.89 -32.81 7.91
C LEU C 3 -15.59 -32.08 7.59
N LYS C 4 -15.51 -30.81 7.93
CA LYS C 4 -14.28 -30.03 7.66
C LYS C 4 -13.32 -30.13 8.84
N SER C 5 -13.56 -29.38 9.88
CA SER C 5 -12.66 -29.43 11.06
C SER C 5 -13.42 -28.97 12.31
N LYS C 6 -12.79 -29.03 13.45
CA LYS C 6 -13.48 -28.60 14.70
C LYS C 6 -13.66 -27.08 14.67
N LYS C 7 -14.65 -26.57 15.35
CA LYS C 7 -14.90 -25.10 15.34
C LYS C 7 -13.69 -24.35 15.89
N GLY C 8 -13.10 -24.85 16.95
CA GLY C 8 -11.91 -24.15 17.52
C GLY C 8 -12.29 -22.75 18.00
N GLN C 9 -11.33 -21.88 18.15
CA GLN C 9 -11.64 -20.49 18.61
C GLN C 9 -12.06 -19.62 17.42
N SER C 10 -12.85 -18.62 17.68
CA SER C 10 -13.29 -17.72 16.57
C SER C 10 -12.05 -17.13 15.90
N THR C 11 -10.96 -17.06 16.63
CA THR C 11 -9.70 -16.50 16.05
C THR C 11 -9.49 -17.03 14.63
N SER C 12 -10.05 -18.17 14.33
CA SER C 12 -9.89 -18.73 12.96
C SER C 12 -10.27 -17.65 11.93
N ARG C 13 -11.14 -16.75 12.30
CA ARG C 13 -11.55 -15.68 11.35
C ARG C 13 -10.31 -14.87 10.96
N HIS C 14 -9.44 -14.61 11.90
CA HIS C 14 -8.20 -13.86 11.57
C HIS C 14 -7.49 -14.58 10.42
N LYS C 15 -7.60 -15.87 10.38
CA LYS C 15 -6.96 -16.64 9.29
C LYS C 15 -7.53 -16.16 7.95
N LYS C 16 -8.77 -15.75 7.92
CA LYS C 16 -9.34 -15.29 6.62
C LYS C 16 -8.49 -14.13 6.10
N LEU C 17 -8.06 -13.24 6.96
CA LEU C 17 -7.19 -12.11 6.50
C LEU C 17 -5.76 -12.62 6.27
N MET C 18 -5.36 -13.69 6.90
CA MET C 18 -3.98 -14.19 6.69
C MET C 18 -3.77 -14.53 5.21
N PHE C 19 -4.81 -14.82 4.50
CA PHE C 19 -4.66 -15.19 3.06
C PHE C 19 -3.68 -14.22 2.37
N LYS C 20 -3.84 -12.95 2.60
CA LYS C 20 -2.92 -11.94 1.97
C LYS C 20 -1.54 -12.06 2.61
N THR C 21 -1.49 -12.36 3.88
CA THR C 21 -0.18 -12.49 4.58
C THR C 21 0.62 -13.62 3.93
N GLU C 22 -0.04 -14.69 3.58
CA GLU C 22 0.66 -15.82 2.93
N SER D 1 33.89 25.24 -1.79
CA SER D 1 33.78 24.47 -0.51
C SER D 1 32.38 23.89 -0.39
N HIS D 2 31.40 24.52 -0.99
CA HIS D 2 30.00 24.01 -0.91
C HIS D 2 29.73 23.06 -2.07
N LEU D 3 30.75 22.67 -2.80
CA LEU D 3 30.52 21.74 -3.93
C LEU D 3 29.92 20.43 -3.41
N LYS D 4 28.88 19.96 -4.04
CA LYS D 4 28.24 18.69 -3.60
C LYS D 4 28.88 17.50 -4.32
N SER D 5 28.50 17.26 -5.53
CA SER D 5 29.08 16.11 -6.28
C SER D 5 28.95 16.37 -7.79
N LYS D 6 29.49 15.49 -8.60
CA LYS D 6 29.40 15.68 -10.07
C LYS D 6 27.95 15.48 -10.52
N LYS D 7 27.56 16.09 -11.60
CA LYS D 7 26.15 15.97 -12.07
C LYS D 7 25.83 14.50 -12.37
N GLY D 8 26.72 13.79 -12.98
CA GLY D 8 26.46 12.36 -13.29
C GLY D 8 25.26 12.24 -14.23
N GLN D 9 24.64 11.08 -14.28
CA GLN D 9 23.46 10.88 -15.18
C GLN D 9 22.20 11.39 -14.48
N SER D 10 21.22 11.80 -15.25
CA SER D 10 19.95 12.28 -14.65
C SER D 10 19.36 11.16 -13.78
N THR D 11 19.71 9.95 -14.09
CA THR D 11 19.18 8.79 -13.30
C THR D 11 19.24 9.11 -11.81
N SER D 12 20.11 10.00 -11.41
CA SER D 12 20.18 10.36 -9.97
C SER D 12 18.78 10.72 -9.47
N ARG D 13 17.94 11.21 -10.34
CA ARG D 13 16.56 11.57 -9.91
C ARG D 13 15.87 10.32 -9.35
N HIS D 14 16.08 9.19 -9.98
CA HIS D 14 15.45 7.95 -9.47
C HIS D 14 15.83 7.77 -8.01
N LYS D 15 17.01 8.21 -7.65
CA LYS D 15 17.45 8.10 -6.24
C LYS D 15 16.47 8.88 -5.35
N LYS D 16 15.89 9.93 -5.86
CA LYS D 16 14.94 10.71 -5.00
C LYS D 16 13.82 9.76 -4.56
N LEU D 17 13.36 8.91 -5.44
CA LEU D 17 12.27 7.94 -5.04
C LEU D 17 12.90 6.80 -4.20
N MET D 18 14.15 6.52 -4.36
CA MET D 18 14.76 5.42 -3.57
C MET D 18 14.62 5.70 -2.07
N PHE D 19 14.49 6.94 -1.69
CA PHE D 19 14.37 7.28 -0.24
C PHE D 19 13.38 6.32 0.44
N LYS D 20 12.24 6.09 -0.16
CA LYS D 20 11.25 5.15 0.44
C LYS D 20 11.80 3.72 0.36
N THR D 21 12.49 3.41 -0.70
CA THR D 21 13.05 2.03 -0.86
C THR D 21 14.00 1.74 0.30
N GLU D 22 14.77 2.72 0.70
CA GLU D 22 15.72 2.53 1.83
CA CA E . -2.91 8.23 15.89
CA CA F . 5.59 0.27 14.31
CA CA G . -1.99 -6.08 -16.04
CA CA H . 7.12 -10.07 -8.87
N MET A 1 -8.78 8.82 -12.35
CA MET A 1 -8.38 9.98 -13.20
C MET A 1 -7.37 10.84 -12.43
N SER A 2 -6.18 10.35 -12.24
CA SER A 2 -5.17 11.15 -11.49
C SER A 2 -5.74 11.51 -10.11
N GLU A 3 -6.79 10.85 -9.72
CA GLU A 3 -7.41 11.13 -8.39
C GLU A 3 -6.52 10.54 -7.31
N LEU A 4 -5.46 9.89 -7.71
CA LEU A 4 -4.56 9.27 -6.72
C LEU A 4 -4.24 10.26 -5.60
N GLU A 5 -4.38 11.54 -5.84
CA GLU A 5 -4.11 12.52 -4.76
C GLU A 5 -5.21 12.39 -3.71
N LYS A 6 -6.40 12.15 -4.16
CA LYS A 6 -7.55 12.01 -3.23
C LYS A 6 -7.41 10.71 -2.44
N ALA A 7 -6.98 9.66 -3.06
CA ALA A 7 -6.86 8.36 -2.35
C ALA A 7 -5.74 8.40 -1.31
N MET A 8 -4.63 9.02 -1.61
CA MET A 8 -3.53 9.07 -0.61
C MET A 8 -3.97 9.87 0.60
N VAL A 9 -4.66 10.94 0.38
CA VAL A 9 -5.11 11.79 1.50
C VAL A 9 -6.13 11.02 2.35
N ALA A 10 -6.97 10.27 1.70
CA ALA A 10 -8.02 9.50 2.41
C ALA A 10 -7.42 8.40 3.28
N LEU A 11 -6.39 7.75 2.83
CA LEU A 11 -5.78 6.66 3.65
C LEU A 11 -5.32 7.27 4.97
N ILE A 12 -4.77 8.43 4.91
CA ILE A 12 -4.29 9.09 6.15
C ILE A 12 -5.47 9.53 7.03
N ASP A 13 -6.54 10.01 6.45
CA ASP A 13 -7.69 10.46 7.29
C ASP A 13 -8.25 9.29 8.12
N VAL A 14 -8.42 8.15 7.52
CA VAL A 14 -8.97 6.97 8.26
C VAL A 14 -7.92 6.45 9.26
N PHE A 15 -6.68 6.52 8.91
CA PHE A 15 -5.64 6.02 9.84
C PHE A 15 -5.76 6.79 11.14
N HIS A 16 -6.01 8.06 11.08
CA HIS A 16 -6.15 8.86 12.32
C HIS A 16 -7.43 8.46 13.03
N GLN A 17 -8.37 7.90 12.31
CA GLN A 17 -9.66 7.51 12.95
C GLN A 17 -9.41 6.50 14.08
N TYR A 18 -8.59 5.50 13.87
CA TYR A 18 -8.35 4.49 14.96
C TYR A 18 -7.09 4.82 15.77
N SER A 19 -6.06 5.32 15.15
CA SER A 19 -4.80 5.61 15.90
C SER A 19 -5.07 6.63 17.01
N GLY A 20 -5.82 7.65 16.73
CA GLY A 20 -6.11 8.68 17.78
C GLY A 20 -7.10 8.13 18.79
N ARG A 21 -7.78 7.07 18.48
CA ARG A 21 -8.76 6.50 19.45
C ARG A 21 -8.01 6.11 20.72
N GLU A 22 -6.87 5.49 20.57
CA GLU A 22 -6.07 5.04 21.75
C GLU A 22 -4.76 5.84 21.79
N GLY A 23 -4.17 5.92 22.96
CA GLY A 23 -2.90 6.70 23.11
C GLY A 23 -1.86 6.29 22.08
N ASP A 24 -1.85 5.07 21.62
CA ASP A 24 -0.82 4.67 20.63
C ASP A 24 -1.10 5.34 19.28
N LYS A 25 -1.18 6.64 19.26
CA LYS A 25 -1.46 7.36 17.99
C LYS A 25 -0.33 7.11 16.97
N HIS A 26 0.89 7.07 17.42
CA HIS A 26 2.03 6.87 16.47
C HIS A 26 2.18 5.40 16.07
N LYS A 27 1.49 4.48 16.70
CA LYS A 27 1.62 3.04 16.32
C LYS A 27 0.28 2.32 16.51
N LEU A 28 0.10 1.24 15.80
CA LEU A 28 -1.16 0.45 15.91
C LEU A 28 -0.86 -0.87 16.62
N LYS A 29 -1.48 -1.11 17.76
CA LYS A 29 -1.22 -2.39 18.47
C LYS A 29 -2.23 -3.43 17.98
N LYS A 30 -1.86 -4.69 17.99
CA LYS A 30 -2.80 -5.74 17.51
C LYS A 30 -4.20 -5.46 18.06
N SER A 31 -4.25 -4.74 19.14
CA SER A 31 -5.58 -4.40 19.74
C SER A 31 -6.23 -3.30 18.89
N GLU A 32 -5.48 -2.27 18.59
CA GLU A 32 -6.03 -1.17 17.76
C GLU A 32 -6.31 -1.72 16.36
N LEU A 33 -5.45 -2.58 15.89
CA LEU A 33 -5.63 -3.18 14.54
C LEU A 33 -6.95 -3.93 14.47
N LYS A 34 -7.31 -4.63 15.50
CA LYS A 34 -8.60 -5.39 15.48
C LYS A 34 -9.77 -4.43 15.28
N GLU A 35 -9.71 -3.29 15.91
CA GLU A 35 -10.84 -2.32 15.79
C GLU A 35 -10.88 -1.75 14.38
N LEU A 36 -9.75 -1.52 13.79
CA LEU A 36 -9.75 -0.97 12.41
C LEU A 36 -10.42 -1.98 11.49
N ILE A 37 -10.00 -3.21 11.56
CA ILE A 37 -10.58 -4.23 10.65
C ILE A 37 -12.01 -4.57 11.06
N ASN A 38 -12.24 -4.85 12.30
CA ASN A 38 -13.61 -5.24 12.74
C ASN A 38 -14.63 -4.13 12.47
N ASN A 39 -14.25 -2.91 12.70
CA ASN A 39 -15.22 -1.76 12.53
C ASN A 39 -15.07 -1.04 11.18
N GLU A 40 -13.88 -0.91 10.66
CA GLU A 40 -13.73 -0.16 9.36
C GLU A 40 -13.82 -1.13 8.20
N LEU A 41 -13.57 -2.41 8.45
CA LEU A 41 -13.64 -3.42 7.34
C LEU A 41 -14.67 -4.49 7.70
N SER A 42 -15.75 -4.12 8.33
CA SER A 42 -16.79 -5.12 8.71
C SER A 42 -17.46 -5.69 7.46
N HIS A 43 -18.27 -4.91 6.80
CA HIS A 43 -18.96 -5.41 5.58
C HIS A 43 -18.02 -5.34 4.37
N PHE A 44 -16.96 -4.60 4.49
CA PHE A 44 -15.99 -4.47 3.37
C PHE A 44 -15.43 -5.86 3.01
N LEU A 45 -15.04 -6.63 3.99
CA LEU A 45 -14.48 -7.98 3.68
C LEU A 45 -14.52 -8.88 4.92
N GLU A 46 -13.69 -9.88 4.95
CA GLU A 46 -13.69 -10.83 6.09
C GLU A 46 -13.61 -10.08 7.42
N GLU A 47 -14.74 -9.81 8.00
CA GLU A 47 -14.78 -9.14 9.32
C GLU A 47 -14.11 -10.07 10.33
N ILE A 48 -13.46 -9.54 11.33
CA ILE A 48 -12.77 -10.43 12.32
C ILE A 48 -13.76 -10.84 13.42
N LYS A 49 -13.75 -12.09 13.81
CA LYS A 49 -14.67 -12.58 14.89
C LYS A 49 -13.86 -12.89 16.15
N GLU A 50 -12.58 -13.18 15.97
CA GLU A 50 -11.70 -13.49 17.13
C GLU A 50 -10.43 -12.66 17.04
N GLN A 51 -9.90 -12.23 18.17
CA GLN A 51 -8.65 -11.43 18.12
C GLN A 51 -7.51 -12.33 17.67
N GLU A 52 -7.70 -13.63 17.78
CA GLU A 52 -6.63 -14.58 17.34
C GLU A 52 -6.33 -14.39 15.86
N VAL A 53 -7.33 -14.18 15.05
CA VAL A 53 -7.09 -13.99 13.60
C VAL A 53 -6.21 -12.78 13.43
N VAL A 54 -6.46 -11.76 14.20
CA VAL A 54 -5.64 -10.55 14.10
C VAL A 54 -4.21 -10.88 14.46
N ASP A 55 -4.01 -11.70 15.44
CA ASP A 55 -2.63 -12.08 15.84
C ASP A 55 -1.93 -12.76 14.65
N LYS A 56 -2.65 -13.58 13.94
CA LYS A 56 -2.05 -14.29 12.77
C LYS A 56 -1.63 -13.24 11.76
N VAL A 57 -2.45 -12.25 11.60
CA VAL A 57 -2.14 -11.15 10.65
C VAL A 57 -0.93 -10.40 11.20
N MET A 58 -0.79 -10.35 12.49
CA MET A 58 0.35 -9.62 13.08
C MET A 58 1.64 -10.40 12.81
N GLU A 59 1.60 -11.69 12.73
CA GLU A 59 2.86 -12.42 12.43
C GLU A 59 3.34 -11.89 11.07
N THR A 60 2.43 -11.67 10.18
CA THR A 60 2.79 -11.14 8.83
C THR A 60 3.02 -9.62 8.88
N LEU A 61 2.15 -8.86 9.51
CA LEU A 61 2.33 -7.39 9.54
C LEU A 61 3.18 -6.94 10.72
N ASP A 62 3.44 -7.79 11.67
CA ASP A 62 4.32 -7.35 12.80
C ASP A 62 5.74 -7.47 12.29
N GLU A 63 6.04 -6.70 11.28
CA GLU A 63 7.38 -6.74 10.67
C GLU A 63 8.42 -6.40 11.73
N ASP A 64 8.12 -5.45 12.57
CA ASP A 64 9.10 -5.08 13.64
C ASP A 64 9.07 -6.15 14.73
N GLY A 65 8.10 -7.03 14.69
CA GLY A 65 8.02 -8.11 15.72
C GLY A 65 7.87 -7.48 17.12
N ASP A 66 7.21 -6.35 17.22
CA ASP A 66 7.04 -5.68 18.55
C ASP A 66 5.59 -5.88 19.03
N GLY A 67 4.83 -6.65 18.31
CA GLY A 67 3.41 -6.89 18.71
C GLY A 67 2.52 -5.76 18.19
N GLU A 68 3.11 -4.80 17.54
CA GLU A 68 2.32 -3.66 16.99
C GLU A 68 2.86 -3.28 15.61
N CYS A 69 1.99 -3.00 14.67
CA CYS A 69 2.45 -2.59 13.31
C CYS A 69 2.41 -1.06 13.23
N ASP A 70 3.47 -0.45 12.80
CA ASP A 70 3.51 1.04 12.76
C ASP A 70 2.70 1.58 11.58
N PHE A 71 2.46 2.86 11.54
CA PHE A 71 1.69 3.44 10.43
C PHE A 71 2.30 2.97 9.12
N GLN A 72 3.60 2.92 9.05
CA GLN A 72 4.25 2.43 7.81
C GLN A 72 3.79 0.99 7.53
N GLU A 73 3.88 0.13 8.50
CA GLU A 73 3.47 -1.28 8.29
C GLU A 73 1.99 -1.36 7.94
N PHE A 74 1.16 -0.58 8.57
CA PHE A 74 -0.29 -0.61 8.26
C PHE A 74 -0.52 -0.12 6.82
N MET A 75 0.30 0.80 6.38
CA MET A 75 0.12 1.34 5.01
C MET A 75 0.23 0.21 4.00
N ALA A 76 1.11 -0.72 4.24
CA ALA A 76 1.27 -1.83 3.27
C ALA A 76 0.04 -2.76 3.28
N PHE A 77 -0.57 -2.92 4.42
CA PHE A 77 -1.77 -3.82 4.50
C PHE A 77 -2.86 -3.30 3.57
N VAL A 78 -2.99 -2.01 3.49
CA VAL A 78 -4.03 -1.38 2.61
C VAL A 78 -3.68 -1.65 1.15
N SER A 79 -2.43 -1.67 0.82
CA SER A 79 -2.03 -1.90 -0.58
C SER A 79 -2.48 -3.28 -1.05
N MET A 80 -2.33 -4.28 -0.23
CA MET A 80 -2.74 -5.65 -0.67
C MET A 80 -4.26 -5.83 -0.63
N VAL A 81 -4.90 -5.33 0.38
CA VAL A 81 -6.38 -5.49 0.48
C VAL A 81 -7.04 -4.82 -0.73
N THR A 82 -6.55 -3.70 -1.13
CA THR A 82 -7.13 -2.99 -2.30
C THR A 82 -7.03 -3.91 -3.50
N THR A 83 -5.94 -4.61 -3.59
CA THR A 83 -5.73 -5.54 -4.71
C THR A 83 -6.90 -6.53 -4.75
N ALA A 84 -7.35 -6.97 -3.61
CA ALA A 84 -8.52 -7.90 -3.57
C ALA A 84 -9.72 -7.21 -4.20
N CYS A 85 -9.88 -5.94 -3.95
CA CYS A 85 -11.04 -5.19 -4.52
C CYS A 85 -10.98 -5.23 -6.05
N HIS A 86 -9.80 -5.20 -6.62
CA HIS A 86 -9.70 -5.25 -8.11
C HIS A 86 -10.32 -6.54 -8.62
N GLU A 87 -10.11 -7.61 -7.93
CA GLU A 87 -10.68 -8.91 -8.37
C GLU A 87 -12.21 -8.80 -8.43
N PHE A 88 -12.81 -8.13 -7.49
CA PHE A 88 -14.30 -7.99 -7.48
C PHE A 88 -14.68 -6.69 -8.19
N PHE A 89 -13.80 -5.72 -8.22
CA PHE A 89 -14.12 -4.43 -8.90
C PHE A 89 -13.62 -4.56 -10.34
N GLU A 90 -14.24 -5.39 -11.12
CA GLU A 90 -13.79 -5.57 -12.54
C GLU A 90 -14.42 -4.47 -13.39
N HIS A 91 -13.68 -3.44 -13.66
CA HIS A 91 -14.21 -2.31 -14.48
C HIS A 91 -14.50 -2.77 -15.91
N GLU A 92 -13.64 -3.58 -16.46
CA GLU A 92 -13.85 -4.05 -17.86
N MET B 1 -13.01 9.18 7.35
CA MET B 1 -14.27 8.73 8.00
C MET B 1 -14.73 7.42 7.34
N SER B 2 -14.04 6.34 7.58
CA SER B 2 -14.45 5.05 6.96
C SER B 2 -14.52 5.22 5.45
N GLU B 3 -13.94 6.27 4.94
CA GLU B 3 -13.94 6.51 3.47
C GLU B 3 -12.97 5.56 2.81
N LEU B 4 -12.29 4.77 3.61
CA LEU B 4 -11.29 3.82 3.05
C LEU B 4 -11.90 3.06 1.87
N GLU B 5 -13.20 2.99 1.78
CA GLU B 5 -13.81 2.27 0.62
C GLU B 5 -13.59 3.13 -0.63
N LYS B 6 -13.65 4.42 -0.46
CA LYS B 6 -13.45 5.34 -1.61
C LYS B 6 -11.98 5.32 -2.04
N ALA B 7 -11.08 5.27 -1.10
CA ALA B 7 -9.63 5.27 -1.46
C ALA B 7 -9.22 3.97 -2.15
N MET B 8 -9.72 2.86 -1.71
CA MET B 8 -9.33 1.57 -2.37
C MET B 8 -9.85 1.54 -3.80
N VAL B 9 -11.04 2.04 -4.00
CA VAL B 9 -11.62 2.04 -5.37
C VAL B 9 -10.81 2.98 -6.26
N ALA B 10 -10.40 4.09 -5.70
CA ALA B 10 -9.64 5.10 -6.48
C ALA B 10 -8.27 4.57 -6.91
N LEU B 11 -7.61 3.82 -6.07
CA LEU B 11 -6.27 3.30 -6.44
C LEU B 11 -6.42 2.45 -7.68
N ILE B 12 -7.46 1.69 -7.75
CA ILE B 12 -7.69 0.82 -8.92
C ILE B 12 -8.05 1.66 -10.16
N ASP B 13 -8.83 2.70 -10.00
CA ASP B 13 -9.21 3.53 -11.20
C ASP B 13 -7.96 4.13 -11.87
N VAL B 14 -7.06 4.66 -11.10
CA VAL B 14 -5.82 5.28 -11.69
C VAL B 14 -4.91 4.17 -12.23
N PHE B 15 -4.88 3.05 -11.58
CA PHE B 15 -4.00 1.96 -12.08
C PHE B 15 -4.39 1.62 -13.51
N HIS B 16 -5.67 1.61 -13.79
CA HIS B 16 -6.11 1.30 -15.17
C HIS B 16 -5.74 2.46 -16.09
N GLN B 17 -5.53 3.62 -15.53
CA GLN B 17 -5.20 4.80 -16.38
C GLN B 17 -3.91 4.54 -17.16
N TYR B 18 -2.89 4.01 -16.54
CA TYR B 18 -1.60 3.76 -17.27
C TYR B 18 -1.50 2.31 -17.77
N SER B 19 -1.99 1.36 -17.02
CA SER B 19 -1.87 -0.06 -17.46
C SER B 19 -2.58 -0.27 -18.80
N GLY B 20 -3.74 0.30 -18.96
CA GLY B 20 -4.49 0.11 -20.24
C GLY B 20 -3.86 0.96 -21.34
N ARG B 21 -3.03 1.90 -20.99
CA ARG B 21 -2.39 2.74 -22.04
C ARG B 21 -1.56 1.84 -22.95
N GLU B 22 -0.83 0.93 -22.36
CA GLU B 22 0.03 0.00 -23.16
C GLU B 22 -0.51 -1.43 -23.04
N GLY B 23 -0.20 -2.26 -23.99
CA GLY B 23 -0.70 -3.67 -23.98
C GLY B 23 -0.43 -4.35 -22.64
N ASP B 24 0.61 -4.00 -21.94
CA ASP B 24 0.89 -4.68 -20.65
C ASP B 24 -0.15 -4.26 -19.61
N LYS B 25 -1.40 -4.45 -19.90
CA LYS B 25 -2.47 -4.07 -18.93
C LYS B 25 -2.33 -4.87 -17.63
N HIS B 26 -1.99 -6.13 -17.72
CA HIS B 26 -1.87 -6.96 -16.48
C HIS B 26 -0.56 -6.70 -15.74
N LYS B 27 0.37 -5.98 -16.32
CA LYS B 27 1.67 -5.72 -15.60
C LYS B 27 2.20 -4.34 -15.97
N LEU B 28 3.01 -3.78 -15.12
CA LEU B 28 3.59 -2.43 -15.37
C LEU B 28 5.08 -2.60 -15.69
N LYS B 29 5.52 -2.20 -16.86
CA LYS B 29 6.97 -2.32 -17.19
C LYS B 29 7.68 -1.05 -16.76
N LYS B 30 8.94 -1.12 -16.39
CA LYS B 30 9.67 0.11 -15.96
C LYS B 30 9.33 1.25 -16.90
N SER B 31 8.92 0.92 -18.09
CA SER B 31 8.55 1.98 -19.09
C SER B 31 7.19 2.55 -18.70
N GLU B 32 6.24 1.68 -18.44
CA GLU B 32 4.89 2.14 -18.04
C GLU B 32 5.00 2.84 -16.69
N LEU B 33 5.83 2.31 -15.83
CA LEU B 33 6.01 2.89 -14.48
C LEU B 33 6.50 4.33 -14.59
N LYS B 34 7.40 4.60 -15.51
CA LYS B 34 7.91 5.99 -15.67
C LYS B 34 6.77 6.94 -16.00
N GLU B 35 5.85 6.52 -16.82
CA GLU B 35 4.73 7.40 -17.21
C GLU B 35 3.80 7.62 -16.02
N LEU B 36 3.61 6.62 -15.22
CA LEU B 36 2.72 6.81 -14.04
C LEU B 36 3.33 7.87 -13.13
N ILE B 37 4.58 7.71 -12.82
CA ILE B 37 5.23 8.68 -11.89
C ILE B 37 5.44 10.03 -12.57
N ASN B 38 6.00 10.03 -13.75
CA ASN B 38 6.28 11.33 -14.43
C ASN B 38 5.00 12.11 -14.69
N ASN B 39 3.95 11.45 -15.08
CA ASN B 39 2.67 12.17 -15.41
C ASN B 39 1.64 12.16 -14.28
N GLU B 40 1.55 11.11 -13.49
CA GLU B 40 0.53 11.10 -12.41
C GLU B 40 1.14 11.64 -11.11
N LEU B 41 2.44 11.62 -11.00
CA LEU B 41 3.12 12.14 -9.77
C LEU B 41 4.07 13.28 -10.14
N SER B 42 3.71 14.08 -11.10
CA SER B 42 4.60 15.20 -11.52
C SER B 42 4.73 16.24 -10.39
N HIS B 43 3.68 16.98 -10.15
CA HIS B 43 3.73 18.02 -9.08
C HIS B 43 3.49 17.37 -7.71
N PHE B 44 2.98 16.17 -7.71
CA PHE B 44 2.70 15.47 -6.43
C PHE B 44 4.01 15.31 -5.64
N LEU B 45 5.07 14.89 -6.29
CA LEU B 45 6.36 14.71 -5.55
C LEU B 45 7.52 14.68 -6.52
N GLU B 46 8.62 14.08 -6.12
CA GLU B 46 9.82 14.03 -6.97
C GLU B 46 9.48 13.51 -8.37
N GLU B 47 9.20 14.41 -9.26
CA GLU B 47 8.92 14.01 -10.67
C GLU B 47 10.17 13.35 -11.23
N ILE B 48 10.02 12.40 -12.12
CA ILE B 48 11.24 11.72 -12.67
C ILE B 48 11.76 12.51 -13.88
N LYS B 49 13.07 12.68 -13.97
CA LYS B 49 13.66 13.44 -15.12
C LYS B 49 14.42 12.45 -16.01
N GLU B 50 14.85 11.35 -15.45
CA GLU B 50 15.59 10.32 -16.25
C GLU B 50 14.97 8.95 -16.02
N GLN B 51 14.94 8.11 -17.02
CA GLN B 51 14.36 6.76 -16.83
C GLN B 51 15.27 5.97 -15.91
N GLU B 52 16.49 6.39 -15.78
CA GLU B 52 17.45 5.68 -14.88
C GLU B 52 16.93 5.67 -13.45
N VAL B 53 16.36 6.76 -13.00
CA VAL B 53 15.83 6.79 -11.61
C VAL B 53 14.76 5.73 -11.48
N VAL B 54 13.97 5.60 -12.48
CA VAL B 54 12.90 4.58 -12.45
C VAL B 54 13.54 3.21 -12.34
N ASP B 55 14.62 2.98 -13.03
CA ASP B 55 15.29 1.66 -12.96
C ASP B 55 15.73 1.39 -11.52
N LYS B 56 16.21 2.40 -10.86
CA LYS B 56 16.66 2.24 -9.44
C LYS B 56 15.46 1.83 -8.61
N VAL B 57 14.36 2.44 -8.89
CA VAL B 57 13.11 2.11 -8.15
C VAL B 57 12.72 0.68 -8.51
N MET B 58 13.04 0.27 -9.70
CA MET B 58 12.68 -1.11 -10.12
C MET B 58 13.53 -2.11 -9.36
N GLU B 59 14.74 -1.78 -9.00
CA GLU B 59 15.54 -2.75 -8.23
C GLU B 59 14.76 -3.04 -6.96
N THR B 60 14.17 -2.02 -6.40
CA THR B 60 13.37 -2.18 -5.16
C THR B 60 11.97 -2.75 -5.47
N LEU B 61 11.28 -2.20 -6.46
CA LEU B 61 9.90 -2.70 -6.77
C LEU B 61 9.93 -3.87 -7.76
N ASP B 62 11.04 -4.14 -8.39
CA ASP B 62 11.05 -5.32 -9.30
C ASP B 62 11.23 -6.53 -8.43
N GLU B 63 10.29 -6.75 -7.58
CA GLU B 63 10.37 -7.89 -6.64
C GLU B 63 10.48 -9.19 -7.44
N ASP B 64 9.76 -9.29 -8.52
CA ASP B 64 9.83 -10.53 -9.34
C ASP B 64 11.14 -10.51 -10.14
N GLY B 65 11.81 -9.40 -10.17
CA GLY B 65 13.10 -9.31 -10.92
C GLY B 65 12.85 -9.61 -12.40
N ASP B 66 11.70 -9.24 -12.92
CA ASP B 66 11.39 -9.50 -14.37
C ASP B 66 11.48 -8.19 -15.15
N GLY B 67 11.92 -7.14 -14.51
CA GLY B 67 12.04 -5.82 -15.21
C GLY B 67 10.68 -5.11 -15.20
N GLU B 68 9.69 -5.73 -14.64
CA GLU B 68 8.33 -5.11 -14.58
C GLU B 68 7.69 -5.41 -13.23
N CYS B 69 7.03 -4.43 -12.64
CA CYS B 69 6.36 -4.65 -11.32
C CYS B 69 4.89 -4.93 -11.60
N ASP B 70 4.34 -5.97 -11.04
CA ASP B 70 2.92 -6.33 -11.32
C ASP B 70 1.98 -5.41 -10.54
N PHE B 71 0.70 -5.45 -10.86
CA PHE B 71 -0.26 -4.60 -10.14
C PHE B 71 -0.07 -4.79 -8.65
N GLN B 72 0.17 -6.00 -8.24
CA GLN B 72 0.40 -6.25 -6.79
C GLN B 72 1.62 -5.45 -6.32
N GLU B 73 2.71 -5.56 -7.04
CA GLU B 73 3.93 -4.83 -6.63
C GLU B 73 3.70 -3.31 -6.66
N PHE B 74 3.00 -2.83 -7.65
CA PHE B 74 2.72 -1.37 -7.72
C PHE B 74 1.84 -0.95 -6.56
N MET B 75 0.97 -1.83 -6.12
CA MET B 75 0.07 -1.48 -5.00
C MET B 75 0.89 -1.12 -3.77
N ALA B 76 1.97 -1.81 -3.56
CA ALA B 76 2.80 -1.52 -2.36
C ALA B 76 3.50 -0.15 -2.50
N PHE B 77 3.85 0.22 -3.70
CA PHE B 77 4.55 1.54 -3.88
C PHE B 77 3.64 2.66 -3.40
N VAL B 78 2.38 2.53 -3.65
CA VAL B 78 1.40 3.57 -3.24
C VAL B 78 1.30 3.62 -1.71
N SER B 79 1.43 2.50 -1.08
CA SER B 79 1.33 2.47 0.40
C SER B 79 2.46 3.29 1.02
N MET B 80 3.65 3.20 0.51
CA MET B 80 4.77 3.96 1.12
C MET B 80 4.73 5.44 0.71
N VAL B 81 4.41 5.73 -0.51
CA VAL B 81 4.37 7.15 -0.96
C VAL B 81 3.32 7.91 -0.14
N THR B 82 2.22 7.27 0.12
CA THR B 82 1.14 7.93 0.91
C THR B 82 1.71 8.29 2.27
N THR B 83 2.53 7.42 2.79
CA THR B 83 3.15 7.67 4.11
C THR B 83 3.89 9.00 4.04
N ALA B 84 4.54 9.28 2.95
CA ALA B 84 5.26 10.58 2.81
C ALA B 84 4.26 11.72 2.94
N CYS B 85 3.09 11.55 2.38
CA CYS B 85 2.05 12.61 2.45
C CYS B 85 1.70 12.89 3.92
N HIS B 86 1.70 11.89 4.75
CA HIS B 86 1.37 12.13 6.18
C HIS B 86 2.36 13.11 6.79
N GLU B 87 3.60 12.98 6.43
CA GLU B 87 4.64 13.90 6.98
C GLU B 87 4.28 15.35 6.61
N PHE B 88 3.80 15.56 5.41
CA PHE B 88 3.43 16.94 4.99
C PHE B 88 1.95 17.20 5.26
N PHE B 89 1.16 16.16 5.31
CA PHE B 89 -0.29 16.34 5.60
C PHE B 89 -0.49 16.20 7.11
N GLU B 90 0.01 17.13 7.86
CA GLU B 90 -0.12 17.05 9.34
C GLU B 90 -1.49 17.60 9.74
N HIS B 91 -2.43 16.74 9.96
CA HIS B 91 -3.81 17.18 10.35
C HIS B 91 -3.79 17.86 11.71
N GLU B 92 -3.04 17.33 12.64
CA GLU B 92 -2.98 17.94 14.00
N SER C 1 -12.15 -28.77 32.05
CA SER C 1 -11.82 -27.31 32.07
C SER C 1 -11.46 -26.85 30.65
N HIS C 2 -11.29 -27.78 29.75
CA HIS C 2 -10.93 -27.41 28.34
C HIS C 2 -11.66 -28.34 27.36
N LEU C 3 -11.80 -27.92 26.13
CA LEU C 3 -12.50 -28.78 25.13
C LEU C 3 -11.99 -28.46 23.73
N LYS C 4 -12.03 -29.42 22.85
CA LYS C 4 -11.56 -29.19 21.46
C LYS C 4 -12.65 -28.44 20.67
N SER C 5 -13.89 -28.79 20.90
CA SER C 5 -15.00 -28.11 20.17
C SER C 5 -14.66 -27.99 18.68
N LYS C 6 -14.35 -29.08 18.04
CA LYS C 6 -14.00 -29.03 16.58
C LYS C 6 -15.26 -28.70 15.77
N LYS C 7 -15.22 -27.63 15.03
CA LYS C 7 -16.41 -27.24 14.21
C LYS C 7 -15.94 -26.25 13.14
N GLY C 8 -16.70 -26.06 12.09
CA GLY C 8 -16.26 -25.09 11.04
C GLY C 8 -15.86 -23.78 11.71
N GLN C 9 -14.79 -23.16 11.25
CA GLN C 9 -14.33 -21.87 11.88
C GLN C 9 -14.33 -20.76 10.83
N SER C 10 -14.61 -19.56 11.27
CA SER C 10 -14.61 -18.41 10.33
C SER C 10 -13.23 -18.30 9.70
N THR C 11 -12.23 -18.80 10.38
CA THR C 11 -10.84 -18.74 9.85
C THR C 11 -10.83 -19.08 8.37
N SER C 12 -11.81 -19.81 7.91
CA SER C 12 -11.87 -20.16 6.48
C SER C 12 -11.95 -18.85 5.67
N ARG C 13 -12.71 -17.90 6.13
CA ARG C 13 -12.79 -16.60 5.41
C ARG C 13 -11.42 -15.94 5.47
N HIS C 14 -10.74 -16.08 6.58
CA HIS C 14 -9.39 -15.47 6.70
C HIS C 14 -8.51 -16.05 5.59
N LYS C 15 -8.72 -17.29 5.25
CA LYS C 15 -7.91 -17.91 4.17
C LYS C 15 -8.15 -17.10 2.88
N LYS C 16 -9.30 -16.52 2.75
CA LYS C 16 -9.59 -15.73 1.52
C LYS C 16 -8.57 -14.58 1.43
N LEU C 17 -8.25 -13.97 2.55
CA LEU C 17 -7.24 -12.86 2.51
C LEU C 17 -5.85 -13.45 2.22
N MET C 18 -5.57 -14.61 2.73
CA MET C 18 -4.24 -15.23 2.47
C MET C 18 -3.94 -15.21 0.98
N PHE C 19 -4.95 -15.16 0.15
CA PHE C 19 -4.71 -15.16 -1.32
C PHE C 19 -3.60 -14.16 -1.66
N LYS C 20 -3.65 -12.99 -1.08
CA LYS C 20 -2.61 -11.98 -1.34
C LYS C 20 -1.27 -12.45 -0.76
N THR C 21 -1.29 -13.15 0.35
CA THR C 21 -0.01 -13.62 0.97
C THR C 21 0.65 -14.64 0.02
N GLU C 22 -0.15 -15.38 -0.68
CA GLU C 22 0.41 -16.38 -1.63
N SER D 1 34.14 10.06 -26.97
CA SER D 1 32.79 9.46 -27.21
C SER D 1 32.04 9.35 -25.89
N HIS D 2 32.71 9.55 -24.79
CA HIS D 2 32.02 9.46 -23.46
C HIS D 2 32.57 10.55 -22.53
N LEU D 3 31.85 10.87 -21.50
CA LEU D 3 32.32 11.92 -20.55
C LEU D 3 31.71 11.68 -19.16
N LYS D 4 32.40 12.09 -18.13
CA LYS D 4 31.87 11.91 -16.76
C LYS D 4 30.82 12.99 -16.46
N SER D 5 31.07 14.20 -16.92
CA SER D 5 30.09 15.30 -16.68
C SER D 5 29.63 15.28 -15.22
N LYS D 6 30.56 15.32 -14.29
CA LYS D 6 30.17 15.31 -12.85
C LYS D 6 29.49 16.63 -12.49
N LYS D 7 28.27 16.56 -12.02
CA LYS D 7 27.54 17.81 -11.64
C LYS D 7 26.37 17.43 -10.73
N GLY D 8 25.82 18.36 -10.00
CA GLY D 8 24.68 18.00 -9.10
C GLY D 8 23.63 17.23 -9.91
N GLN D 9 23.06 16.20 -9.34
CA GLN D 9 22.04 15.37 -10.09
C GLN D 9 20.70 15.41 -9.37
N SER D 10 19.63 15.37 -10.11
CA SER D 10 18.28 15.37 -9.48
C SER D 10 18.18 14.16 -8.56
N THR D 11 18.95 13.14 -8.84
CA THR D 11 18.93 11.92 -7.99
C THR D 11 18.87 12.31 -6.52
N SER D 12 19.34 13.48 -6.19
CA SER D 12 19.29 13.92 -4.76
C SER D 12 17.82 13.94 -4.32
N ARG D 13 16.94 14.39 -5.17
CA ARG D 13 15.50 14.39 -4.80
C ARG D 13 15.04 12.94 -4.64
N HIS D 14 15.54 12.07 -5.48
CA HIS D 14 15.15 10.64 -5.38
C HIS D 14 15.53 10.15 -3.98
N LYS D 15 16.60 10.65 -3.43
CA LYS D 15 17.01 10.23 -2.06
C LYS D 15 15.87 10.59 -1.11
N LYS D 16 15.14 11.63 -1.41
CA LYS D 16 14.03 12.03 -0.50
C LYS D 16 13.04 10.88 -0.41
N LEU D 17 12.77 10.21 -1.51
CA LEU D 17 11.82 9.05 -1.46
C LEU D 17 12.48 7.89 -0.69
N MET D 18 13.76 7.71 -0.84
CA MET D 18 14.45 6.61 -0.12
C MET D 18 14.07 6.65 1.37
N PHE D 19 13.69 7.79 1.87
CA PHE D 19 13.33 7.88 3.32
C PHE D 19 12.42 6.71 3.70
N LYS D 20 11.46 6.44 2.87
CA LYS D 20 10.53 5.30 3.17
C LYS D 20 11.30 3.98 3.09
N THR D 21 12.24 3.87 2.18
CA THR D 21 13.02 2.60 2.05
C THR D 21 13.82 2.35 3.33
N GLU D 22 14.26 3.41 3.95
CA GLU D 22 15.04 3.26 5.21
CA CA E . -2.96 4.27 17.37
CA CA F . 6.11 -4.04 13.89
CA CA G . 0.07 -1.86 -18.04
CA CA H . 8.43 -7.94 -10.61
N MET A 1 -10.10 9.89 -12.36
CA MET A 1 -8.96 10.27 -13.23
C MET A 1 -7.91 11.03 -12.41
N SER A 2 -6.79 10.42 -12.13
CA SER A 2 -5.73 11.12 -11.34
C SER A 2 -6.27 11.50 -9.96
N GLU A 3 -7.32 10.88 -9.53
CA GLU A 3 -7.90 11.19 -8.21
C GLU A 3 -7.05 10.54 -7.13
N LEU A 4 -5.99 9.91 -7.54
CA LEU A 4 -5.10 9.22 -6.58
C LEU A 4 -4.55 10.22 -5.56
N GLU A 5 -4.49 11.48 -5.89
CA GLU A 5 -3.99 12.47 -4.88
C GLU A 5 -4.95 12.51 -3.70
N LYS A 6 -6.21 12.46 -3.96
CA LYS A 6 -7.22 12.49 -2.87
C LYS A 6 -7.13 11.20 -2.08
N ALA A 7 -6.88 10.10 -2.74
CA ALA A 7 -6.81 8.78 -2.02
C ALA A 7 -5.62 8.75 -1.07
N MET A 8 -4.49 9.28 -1.47
CA MET A 8 -3.29 9.27 -0.59
C MET A 8 -3.57 10.10 0.65
N VAL A 9 -4.22 11.21 0.47
CA VAL A 9 -4.54 12.09 1.63
C VAL A 9 -5.51 11.37 2.55
N ALA A 10 -6.43 10.66 1.99
CA ALA A 10 -7.46 9.93 2.81
C ALA A 10 -6.82 8.86 3.68
N LEU A 11 -5.85 8.15 3.18
CA LEU A 11 -5.25 7.09 4.04
C LEU A 11 -4.66 7.75 5.29
N ILE A 12 -4.06 8.88 5.13
CA ILE A 12 -3.48 9.58 6.29
C ILE A 12 -4.59 10.07 7.23
N ASP A 13 -5.69 10.55 6.72
CA ASP A 13 -6.77 11.07 7.61
C ASP A 13 -7.41 9.95 8.45
N VAL A 14 -7.63 8.81 7.87
CA VAL A 14 -8.26 7.67 8.62
C VAL A 14 -7.27 7.11 9.65
N PHE A 15 -6.03 7.01 9.26
CA PHE A 15 -5.01 6.47 10.19
C PHE A 15 -4.95 7.32 11.44
N HIS A 16 -5.04 8.61 11.30
CA HIS A 16 -4.98 9.48 12.50
C HIS A 16 -6.25 9.30 13.32
N GLN A 17 -7.32 8.82 12.74
CA GLN A 17 -8.56 8.66 13.52
C GLN A 17 -8.32 7.68 14.67
N TYR A 18 -7.66 6.58 14.44
CA TYR A 18 -7.41 5.59 15.56
C TYR A 18 -6.07 5.82 16.25
N SER A 19 -5.05 6.18 15.52
CA SER A 19 -3.72 6.39 16.15
C SER A 19 -3.80 7.49 17.20
N GLY A 20 -4.53 8.53 16.93
CA GLY A 20 -4.65 9.64 17.93
C GLY A 20 -5.62 9.24 19.03
N ARG A 21 -6.37 8.19 18.84
CA ARG A 21 -7.32 7.77 19.91
C ARG A 21 -6.52 7.46 21.17
N GLU A 22 -5.44 6.74 21.02
CA GLU A 22 -4.57 6.38 22.19
C GLU A 22 -3.22 7.08 22.06
N GLY A 23 -2.49 7.18 23.14
CA GLY A 23 -1.18 7.87 23.09
C GLY A 23 -0.31 7.32 21.95
N ASP A 24 -0.67 6.20 21.38
CA ASP A 24 0.16 5.64 20.28
C ASP A 24 -0.07 6.46 19.00
N LYS A 25 0.29 7.72 19.03
CA LYS A 25 0.08 8.59 17.84
C LYS A 25 1.05 8.22 16.70
N HIS A 26 2.27 7.90 17.01
CA HIS A 26 3.26 7.56 15.93
C HIS A 26 3.29 6.04 15.69
N LYS A 27 2.50 5.29 16.41
CA LYS A 27 2.51 3.81 16.21
C LYS A 27 1.10 3.27 16.45
N LEU A 28 0.88 2.03 16.13
CA LEU A 28 -0.49 1.43 16.32
C LEU A 28 -0.33 0.05 16.98
N LYS A 29 -1.05 -0.22 18.04
CA LYS A 29 -0.92 -1.54 18.71
C LYS A 29 -2.01 -2.50 18.22
N LYS A 30 -1.72 -3.78 18.15
CA LYS A 30 -2.73 -4.78 17.67
C LYS A 30 -4.09 -4.45 18.27
N SER A 31 -4.08 -3.77 19.39
CA SER A 31 -5.38 -3.43 20.04
C SER A 31 -6.06 -2.32 19.28
N GLU A 32 -5.34 -1.27 19.00
CA GLU A 32 -5.93 -0.15 18.23
C GLU A 32 -6.26 -0.64 16.83
N LEU A 33 -5.44 -1.50 16.30
CA LEU A 33 -5.67 -2.05 14.94
C LEU A 33 -7.02 -2.76 14.89
N LYS A 34 -7.34 -3.53 15.89
CA LYS A 34 -8.66 -4.24 15.90
C LYS A 34 -9.81 -3.25 15.83
N GLU A 35 -9.73 -2.17 16.54
CA GLU A 35 -10.85 -1.20 16.52
C GLU A 35 -10.90 -0.54 15.15
N LEU A 36 -9.79 -0.39 14.52
CA LEU A 36 -9.77 0.24 13.18
C LEU A 36 -10.43 -0.70 12.17
N ILE A 37 -10.12 -1.96 12.26
CA ILE A 37 -10.68 -2.94 11.29
C ILE A 37 -12.15 -3.23 11.54
N ASN A 38 -12.56 -3.53 12.75
CA ASN A 38 -14.00 -3.88 12.95
C ASN A 38 -14.90 -2.64 13.14
N ASN A 39 -14.37 -1.53 13.59
CA ASN A 39 -15.23 -0.32 13.79
C ASN A 39 -15.18 0.60 12.58
N GLU A 40 -14.05 0.73 11.92
CA GLU A 40 -14.00 1.63 10.73
C GLU A 40 -14.39 0.85 9.48
N LEU A 41 -14.36 -0.46 9.54
CA LEU A 41 -14.76 -1.31 8.36
C LEU A 41 -15.78 -2.33 8.84
N SER A 42 -16.65 -1.95 9.72
CA SER A 42 -17.66 -2.91 10.26
C SER A 42 -18.54 -3.46 9.12
N HIS A 43 -19.10 -2.60 8.30
CA HIS A 43 -19.97 -3.09 7.18
C HIS A 43 -19.19 -3.14 5.86
N PHE A 44 -18.25 -2.25 5.67
CA PHE A 44 -17.48 -2.24 4.40
C PHE A 44 -16.62 -3.50 4.27
N LEU A 45 -16.10 -4.02 5.36
CA LEU A 45 -15.23 -5.24 5.29
C LEU A 45 -15.65 -6.20 6.40
N GLU A 46 -15.30 -7.45 6.27
CA GLU A 46 -15.68 -8.42 7.32
C GLU A 46 -15.07 -7.97 8.65
N GLU A 47 -15.88 -7.55 9.58
CA GLU A 47 -15.35 -7.08 10.89
C GLU A 47 -14.70 -8.27 11.62
N ILE A 48 -13.78 -7.99 12.52
CA ILE A 48 -13.12 -9.11 13.25
C ILE A 48 -14.06 -9.58 14.37
N LYS A 49 -14.14 -10.86 14.59
CA LYS A 49 -15.04 -11.40 15.66
C LYS A 49 -14.21 -11.82 16.87
N GLU A 50 -12.93 -12.07 16.69
CA GLU A 50 -12.07 -12.47 17.84
C GLU A 50 -10.70 -11.76 17.70
N GLN A 51 -10.16 -11.29 18.79
CA GLN A 51 -8.84 -10.57 18.71
C GLN A 51 -7.72 -11.50 18.26
N GLU A 52 -7.87 -12.78 18.42
CA GLU A 52 -6.78 -13.71 17.98
C GLU A 52 -6.56 -13.55 16.48
N VAL A 53 -7.59 -13.37 15.73
CA VAL A 53 -7.41 -13.19 14.26
C VAL A 53 -6.55 -11.97 14.04
N VAL A 54 -6.77 -10.94 14.79
CA VAL A 54 -5.96 -9.73 14.62
C VAL A 54 -4.50 -10.06 14.88
N ASP A 55 -4.23 -10.89 15.85
CA ASP A 55 -2.83 -11.28 16.14
C ASP A 55 -2.26 -12.00 14.91
N LYS A 56 -3.06 -12.81 14.28
CA LYS A 56 -2.61 -13.55 13.06
C LYS A 56 -2.22 -12.53 12.00
N VAL A 57 -3.00 -11.49 11.89
CA VAL A 57 -2.70 -10.43 10.90
C VAL A 57 -1.45 -9.70 11.35
N MET A 58 -1.24 -9.64 12.63
CA MET A 58 -0.03 -8.95 13.13
C MET A 58 1.21 -9.76 12.79
N GLU A 59 1.10 -11.04 12.71
CA GLU A 59 2.30 -11.83 12.33
C GLU A 59 2.74 -11.33 10.96
N THR A 60 1.79 -11.07 10.10
CA THR A 60 2.11 -10.55 8.74
C THR A 60 2.29 -9.02 8.75
N LEU A 61 1.47 -8.31 9.49
CA LEU A 61 1.55 -6.82 9.51
C LEU A 61 2.58 -6.37 10.55
N ASP A 62 2.92 -7.21 11.49
CA ASP A 62 3.94 -6.79 12.49
C ASP A 62 5.29 -6.98 11.84
N GLU A 63 5.53 -6.22 10.82
CA GLU A 63 6.81 -6.33 10.08
C GLU A 63 7.97 -6.12 11.05
N ASP A 64 7.84 -5.21 11.96
CA ASP A 64 8.94 -4.98 12.95
C ASP A 64 8.92 -6.10 13.98
N GLY A 65 7.84 -6.83 14.04
CA GLY A 65 7.76 -7.96 15.02
C GLY A 65 7.73 -7.41 16.45
N ASP A 66 7.16 -6.24 16.65
CA ASP A 66 7.11 -5.65 18.03
C ASP A 66 5.69 -5.75 18.59
N GLY A 67 4.82 -6.44 17.90
CA GLY A 67 3.42 -6.59 18.38
C GLY A 67 2.64 -5.32 18.03
N GLU A 68 3.28 -4.40 17.36
CA GLU A 68 2.62 -3.12 16.98
C GLU A 68 3.03 -2.75 15.56
N CYS A 69 2.11 -2.29 14.74
CA CYS A 69 2.46 -1.88 13.34
C CYS A 69 2.59 -0.35 13.29
N ASP A 70 3.67 0.11 12.73
CA ASP A 70 3.91 1.58 12.64
C ASP A 70 3.01 2.17 11.55
N PHE A 71 2.96 3.47 11.45
CA PHE A 71 2.10 4.08 10.42
C PHE A 71 2.49 3.55 9.04
N GLN A 72 3.75 3.38 8.78
CA GLN A 72 4.15 2.86 7.44
C GLN A 72 3.69 1.42 7.29
N GLU A 73 3.79 0.62 8.32
CA GLU A 73 3.37 -0.81 8.21
C GLU A 73 1.87 -0.88 7.94
N PHE A 74 1.10 -0.08 8.62
CA PHE A 74 -0.38 -0.10 8.42
C PHE A 74 -0.70 0.31 6.99
N MET A 75 0.05 1.23 6.46
CA MET A 75 -0.22 1.72 5.09
C MET A 75 -0.13 0.57 4.08
N ALA A 76 0.80 -0.32 4.27
CA ALA A 76 0.93 -1.43 3.29
C ALA A 76 -0.26 -2.39 3.37
N PHE A 77 -0.82 -2.58 4.53
CA PHE A 77 -1.98 -3.51 4.66
C PHE A 77 -3.15 -2.99 3.81
N VAL A 78 -3.34 -1.71 3.81
CA VAL A 78 -4.45 -1.10 3.03
C VAL A 78 -4.30 -1.42 1.54
N SER A 79 -3.10 -1.40 1.06
CA SER A 79 -2.88 -1.66 -0.40
C SER A 79 -3.29 -3.08 -0.76
N MET A 80 -3.00 -4.04 0.07
CA MET A 80 -3.35 -5.43 -0.30
C MET A 80 -4.86 -5.68 -0.16
N VAL A 81 -5.46 -5.15 0.87
CA VAL A 81 -6.93 -5.36 1.06
C VAL A 81 -7.67 -4.76 -0.13
N THR A 82 -7.22 -3.62 -0.57
CA THR A 82 -7.89 -2.96 -1.73
C THR A 82 -7.82 -3.89 -2.92
N THR A 83 -6.71 -4.54 -3.07
CA THR A 83 -6.53 -5.47 -4.20
C THR A 83 -7.70 -6.46 -4.18
N ALA A 84 -8.15 -6.87 -3.03
CA ALA A 84 -9.30 -7.81 -2.96
C ALA A 84 -10.52 -7.10 -3.56
N CYS A 85 -10.66 -5.82 -3.30
CA CYS A 85 -11.82 -5.06 -3.84
C CYS A 85 -11.81 -5.10 -5.37
N HIS A 86 -10.66 -5.04 -5.99
CA HIS A 86 -10.63 -5.05 -7.48
C HIS A 86 -11.27 -6.36 -7.95
N GLU A 87 -10.98 -7.43 -7.29
CA GLU A 87 -11.60 -8.73 -7.67
C GLU A 87 -13.12 -8.60 -7.50
N PHE A 88 -13.55 -7.94 -6.46
CA PHE A 88 -15.01 -7.78 -6.21
C PHE A 88 -15.58 -6.65 -7.08
N PHE A 89 -14.75 -5.72 -7.50
CA PHE A 89 -15.25 -4.59 -8.34
C PHE A 89 -15.06 -4.96 -9.80
N GLU A 90 -14.91 -6.23 -10.05
CA GLU A 90 -14.73 -6.72 -11.44
C GLU A 90 -16.11 -7.07 -11.99
N HIS A 91 -16.36 -8.32 -12.27
CA HIS A 91 -17.70 -8.71 -12.76
C HIS A 91 -18.66 -8.62 -11.58
N GLU A 92 -18.21 -9.04 -10.43
CA GLU A 92 -19.05 -8.98 -9.19
N MET B 1 -13.22 10.67 7.93
CA MET B 1 -13.64 9.67 8.95
C MET B 1 -14.11 8.40 8.23
N SER B 2 -13.34 7.33 8.32
CA SER B 2 -13.75 6.06 7.65
C SER B 2 -13.90 6.28 6.14
N GLU B 3 -13.31 7.31 5.62
CA GLU B 3 -13.40 7.58 4.16
C GLU B 3 -12.45 6.65 3.43
N LEU B 4 -11.82 5.78 4.16
CA LEU B 4 -10.85 4.83 3.56
C LEU B 4 -11.55 3.98 2.51
N GLU B 5 -12.84 3.80 2.60
CA GLU B 5 -13.54 2.98 1.57
C GLU B 5 -13.44 3.69 0.21
N LYS B 6 -13.58 4.98 0.22
CA LYS B 6 -13.48 5.75 -1.06
C LYS B 6 -12.04 5.71 -1.57
N ALA B 7 -11.09 5.74 -0.67
CA ALA B 7 -9.66 5.73 -1.11
C ALA B 7 -9.31 4.39 -1.77
N MET B 8 -9.80 3.30 -1.24
CA MET B 8 -9.48 1.98 -1.83
C MET B 8 -10.05 1.89 -3.24
N VAL B 9 -11.23 2.41 -3.40
CA VAL B 9 -11.89 2.37 -4.74
C VAL B 9 -11.09 3.26 -5.71
N ALA B 10 -10.60 4.36 -5.23
CA ALA B 10 -9.84 5.31 -6.09
C ALA B 10 -8.54 4.68 -6.59
N LEU B 11 -7.85 3.93 -5.79
CA LEU B 11 -6.58 3.33 -6.29
C LEU B 11 -6.91 2.44 -7.49
N ILE B 12 -7.98 1.73 -7.42
CA ILE B 12 -8.37 0.84 -8.54
C ILE B 12 -8.75 1.68 -9.77
N ASP B 13 -9.45 2.77 -9.60
CA ASP B 13 -9.87 3.59 -10.77
C ASP B 13 -8.68 4.22 -11.50
N VAL B 14 -7.70 4.71 -10.79
CA VAL B 14 -6.51 5.34 -11.43
C VAL B 14 -5.65 4.26 -12.10
N PHE B 15 -5.52 3.14 -11.46
CA PHE B 15 -4.68 2.05 -12.03
C PHE B 15 -5.24 1.64 -13.38
N HIS B 16 -6.53 1.57 -13.50
CA HIS B 16 -7.12 1.18 -14.80
C HIS B 16 -6.91 2.29 -15.83
N GLN B 17 -6.68 3.50 -15.39
CA GLN B 17 -6.48 4.59 -16.38
C GLN B 17 -5.27 4.28 -17.26
N TYR B 18 -4.18 3.83 -16.69
CA TYR B 18 -2.96 3.53 -17.53
C TYR B 18 -2.90 2.06 -17.97
N SER B 19 -3.30 1.17 -17.12
CA SER B 19 -3.23 -0.29 -17.48
C SER B 19 -4.10 -0.55 -18.71
N GLY B 20 -5.24 0.06 -18.79
CA GLY B 20 -6.13 -0.17 -19.97
C GLY B 20 -5.61 0.62 -21.17
N ARG B 21 -4.70 1.54 -20.95
CA ARG B 21 -4.17 2.33 -22.11
C ARG B 21 -3.52 1.36 -23.09
N GLU B 22 -2.75 0.43 -22.60
CA GLU B 22 -2.07 -0.56 -23.47
C GLU B 22 -2.63 -1.95 -23.19
N GLY B 23 -2.44 -2.87 -24.09
CA GLY B 23 -2.97 -4.25 -23.89
C GLY B 23 -2.59 -4.80 -22.51
N ASP B 24 -1.65 -4.18 -21.83
CA ASP B 24 -1.25 -4.71 -20.49
C ASP B 24 -2.34 -4.37 -19.47
N LYS B 25 -3.53 -4.90 -19.65
CA LYS B 25 -4.65 -4.60 -18.70
C LYS B 25 -4.41 -5.27 -17.35
N HIS B 26 -3.91 -6.48 -17.33
CA HIS B 26 -3.70 -7.20 -16.03
C HIS B 26 -2.27 -6.97 -15.51
N LYS B 27 -1.48 -6.22 -16.22
CA LYS B 27 -0.08 -5.98 -15.76
C LYS B 27 0.36 -4.58 -16.19
N LEU B 28 1.48 -4.13 -15.71
CA LEU B 28 1.95 -2.76 -16.06
C LEU B 28 3.45 -2.84 -16.41
N LYS B 29 3.86 -2.29 -17.53
CA LYS B 29 5.30 -2.36 -17.91
C LYS B 29 6.01 -1.06 -17.49
N LYS B 30 7.27 -1.16 -17.12
CA LYS B 30 8.03 0.05 -16.68
C LYS B 30 7.71 1.22 -17.60
N SER B 31 7.29 0.91 -18.80
CA SER B 31 6.97 2.00 -19.77
C SER B 31 5.65 2.65 -19.37
N GLU B 32 4.65 1.86 -19.15
CA GLU B 32 3.32 2.41 -18.74
C GLU B 32 3.49 3.05 -17.37
N LEU B 33 4.31 2.47 -16.55
CA LEU B 33 4.53 3.02 -15.17
C LEU B 33 5.07 4.45 -15.28
N LYS B 34 5.99 4.69 -16.18
CA LYS B 34 6.55 6.07 -16.32
C LYS B 34 5.45 7.06 -16.69
N GLU B 35 4.55 6.69 -17.54
CA GLU B 35 3.48 7.65 -17.93
C GLU B 35 2.55 7.87 -16.75
N LEU B 36 2.39 6.88 -15.94
CA LEU B 36 1.51 7.02 -14.76
C LEU B 36 2.15 7.98 -13.75
N ILE B 37 3.42 7.85 -13.54
CA ILE B 37 4.12 8.69 -12.55
C ILE B 37 4.30 10.13 -13.04
N ASN B 38 4.80 10.34 -14.23
CA ASN B 38 5.03 11.77 -14.66
C ASN B 38 3.78 12.41 -15.27
N ASN B 39 2.85 11.65 -15.79
CA ASN B 39 1.62 12.30 -16.39
C ASN B 39 0.48 12.34 -15.38
N GLU B 40 0.34 11.35 -14.54
CA GLU B 40 -0.80 11.39 -13.55
C GLU B 40 -0.33 12.11 -12.28
N LEU B 41 0.96 12.25 -12.10
CA LEU B 41 1.50 12.97 -10.89
C LEU B 41 2.49 14.03 -11.37
N SER B 42 2.21 14.67 -12.47
CA SER B 42 3.15 15.68 -13.02
C SER B 42 3.36 16.82 -12.02
N HIS B 43 2.31 17.39 -11.50
CA HIS B 43 2.46 18.52 -10.51
C HIS B 43 2.31 18.00 -9.08
N PHE B 44 1.51 16.99 -8.87
CA PHE B 44 1.31 16.48 -7.48
C PHE B 44 2.61 15.85 -6.95
N LEU B 45 3.38 15.21 -7.79
CA LEU B 45 4.64 14.56 -7.32
C LEU B 45 5.77 14.89 -8.30
N GLU B 46 6.99 14.76 -7.87
CA GLU B 46 8.12 15.08 -8.79
C GLU B 46 8.02 14.17 -10.01
N GLU B 47 7.71 14.73 -11.14
CA GLU B 47 7.59 13.92 -12.39
C GLU B 47 8.96 13.30 -12.73
N ILE B 48 8.98 12.21 -13.45
CA ILE B 48 10.28 11.59 -13.81
C ILE B 48 10.86 12.36 -15.00
N LYS B 49 12.16 12.58 -14.99
CA LYS B 49 12.80 13.34 -16.11
C LYS B 49 13.56 12.37 -17.03
N GLU B 50 13.88 11.19 -16.54
CA GLU B 50 14.60 10.20 -17.39
C GLU B 50 14.02 8.81 -17.10
N GLN B 51 13.85 7.99 -18.11
CA GLN B 51 13.26 6.64 -17.90
C GLN B 51 14.19 5.75 -17.06
N GLU B 52 15.46 6.05 -17.01
CA GLU B 52 16.38 5.21 -16.19
C GLU B 52 15.94 5.24 -14.75
N VAL B 53 15.49 6.37 -14.26
CA VAL B 53 15.05 6.43 -12.85
C VAL B 53 13.91 5.46 -12.67
N VAL B 54 13.04 5.39 -13.64
CA VAL B 54 11.90 4.45 -13.53
C VAL B 54 12.43 3.04 -13.40
N ASP B 55 13.46 2.72 -14.14
CA ASP B 55 14.05 1.36 -14.05
C ASP B 55 14.54 1.13 -12.62
N LYS B 56 15.12 2.14 -12.03
CA LYS B 56 15.64 2.03 -10.64
C LYS B 56 14.46 1.70 -9.71
N VAL B 57 13.34 2.33 -9.96
CA VAL B 57 12.14 2.08 -9.14
C VAL B 57 11.66 0.66 -9.45
N MET B 58 11.88 0.21 -10.65
CA MET B 58 11.44 -1.15 -11.01
C MET B 58 12.28 -2.17 -10.26
N GLU B 59 13.50 -1.87 -9.97
CA GLU B 59 14.31 -2.86 -9.22
C GLU B 59 13.58 -3.10 -7.90
N THR B 60 13.05 -2.05 -7.32
CA THR B 60 12.30 -2.18 -6.05
C THR B 60 10.83 -2.59 -6.30
N LEU B 61 10.21 -2.02 -7.31
CA LEU B 61 8.78 -2.33 -7.59
C LEU B 61 8.66 -3.58 -8.46
N ASP B 62 9.71 -3.96 -9.13
CA ASP B 62 9.60 -5.20 -9.95
C ASP B 62 9.80 -6.36 -9.00
N GLU B 63 8.86 -6.52 -8.13
CA GLU B 63 8.96 -7.61 -7.12
C GLU B 63 9.09 -8.94 -7.85
N ASP B 64 8.37 -9.11 -8.92
CA ASP B 64 8.46 -10.39 -9.68
C ASP B 64 9.77 -10.41 -10.46
N GLY B 65 10.37 -9.27 -10.63
CA GLY B 65 11.66 -9.21 -11.38
C GLY B 65 11.42 -9.52 -12.86
N ASP B 66 10.27 -9.17 -13.38
CA ASP B 66 9.97 -9.45 -14.83
C ASP B 66 10.04 -8.16 -15.64
N GLY B 67 10.48 -7.10 -15.03
CA GLY B 67 10.58 -5.80 -15.76
C GLY B 67 9.20 -5.16 -15.82
N GLU B 68 8.23 -5.78 -15.21
CA GLU B 68 6.83 -5.25 -15.21
C GLU B 68 6.22 -5.45 -13.83
N CYS B 69 5.51 -4.46 -13.32
CA CYS B 69 4.85 -4.60 -11.98
C CYS B 69 3.38 -4.94 -12.18
N ASP B 70 2.92 -5.95 -11.50
CA ASP B 70 1.50 -6.38 -11.63
C ASP B 70 0.61 -5.39 -10.89
N PHE B 71 -0.69 -5.50 -11.04
CA PHE B 71 -1.58 -4.56 -10.34
C PHE B 71 -1.31 -4.61 -8.83
N GLN B 72 -1.08 -5.77 -8.29
CA GLN B 72 -0.81 -5.83 -6.83
C GLN B 72 0.53 -5.15 -6.51
N GLU B 73 1.52 -5.34 -7.34
CA GLU B 73 2.84 -4.70 -7.06
C GLU B 73 2.70 -3.18 -7.09
N PHE B 74 1.99 -2.66 -8.06
CA PHE B 74 1.82 -1.19 -8.17
C PHE B 74 1.09 -0.67 -6.94
N MET B 75 0.16 -1.43 -6.44
CA MET B 75 -0.63 -0.99 -5.26
C MET B 75 0.29 -0.73 -4.07
N ALA B 76 1.29 -1.53 -3.90
CA ALA B 76 2.18 -1.33 -2.73
C ALA B 76 3.00 -0.05 -2.88
N PHE B 77 3.38 0.30 -4.07
CA PHE B 77 4.18 1.55 -4.26
C PHE B 77 3.40 2.76 -3.79
N VAL B 78 2.12 2.75 -4.05
CA VAL B 78 1.25 3.90 -3.65
C VAL B 78 1.27 4.07 -2.14
N SER B 79 1.27 2.99 -1.43
CA SER B 79 1.24 3.09 0.06
C SER B 79 2.51 3.76 0.59
N MET B 80 3.63 3.45 0.03
CA MET B 80 4.88 4.06 0.57
C MET B 80 4.99 5.53 0.15
N VAL B 81 4.64 5.85 -1.05
CA VAL B 81 4.74 7.27 -1.50
C VAL B 81 3.83 8.13 -0.63
N THR B 82 2.67 7.63 -0.30
CA THR B 82 1.72 8.39 0.54
C THR B 82 2.39 8.66 1.86
N THR B 83 3.11 7.70 2.36
CA THR B 83 3.79 7.88 3.66
C THR B 83 4.63 9.15 3.58
N ALA B 84 5.23 9.42 2.45
CA ALA B 84 6.03 10.67 2.31
C ALA B 84 5.10 11.87 2.52
N CYS B 85 3.90 11.78 1.99
CA CYS B 85 2.93 12.91 2.12
C CYS B 85 2.64 13.18 3.60
N HIS B 86 2.56 12.17 4.43
CA HIS B 86 2.28 12.42 5.87
C HIS B 86 3.39 13.31 6.43
N GLU B 87 4.60 13.06 6.05
CA GLU B 87 5.72 13.91 6.52
C GLU B 87 5.48 15.34 6.03
N PHE B 88 5.01 15.47 4.82
CA PHE B 88 4.75 16.82 4.24
C PHE B 88 3.41 17.37 4.74
N PHE B 89 2.51 16.51 5.16
CA PHE B 89 1.19 17.00 5.65
C PHE B 89 1.26 17.13 7.17
N GLU B 90 2.45 17.21 7.68
CA GLU B 90 2.65 17.36 9.13
C GLU B 90 2.75 18.86 9.43
N HIS B 91 3.87 19.32 9.88
CA HIS B 91 4.02 20.78 10.14
C HIS B 91 4.08 21.48 8.79
N GLU B 92 4.77 20.89 7.86
CA GLU B 92 4.89 21.47 6.49
N SER C 1 -0.90 -31.82 25.16
CA SER C 1 -1.44 -31.30 23.88
C SER C 1 -2.51 -32.27 23.34
N HIS C 2 -3.75 -31.86 23.36
CA HIS C 2 -4.83 -32.76 22.85
C HIS C 2 -4.83 -32.74 21.31
N LEU C 3 -5.42 -33.73 20.70
CA LEU C 3 -5.45 -33.78 19.21
C LEU C 3 -6.53 -32.84 18.68
N LYS C 4 -6.39 -32.37 17.46
CA LYS C 4 -7.41 -31.44 16.89
C LYS C 4 -8.39 -32.24 16.01
N SER C 5 -9.50 -32.63 16.57
CA SER C 5 -10.49 -33.41 15.76
C SER C 5 -11.19 -32.48 14.76
N LYS C 6 -11.50 -31.27 15.16
CA LYS C 6 -12.18 -30.31 14.24
C LYS C 6 -11.47 -28.94 14.30
N LYS C 7 -10.96 -28.48 13.20
CA LYS C 7 -10.26 -27.16 13.16
C LYS C 7 -11.07 -26.18 12.31
N GLY C 8 -12.26 -26.55 11.93
CA GLY C 8 -13.10 -25.65 11.10
C GLY C 8 -13.57 -24.46 11.94
N GLN C 9 -12.67 -23.77 12.57
CA GLN C 9 -13.07 -22.60 13.41
C GLN C 9 -13.31 -21.39 12.50
N SER C 10 -14.04 -20.41 12.98
CA SER C 10 -14.31 -19.22 12.14
C SER C 10 -13.01 -18.70 11.56
N THR C 11 -11.90 -18.97 12.22
CA THR C 11 -10.57 -18.50 11.72
C THR C 11 -10.51 -18.67 10.20
N SER C 12 -11.29 -19.57 9.66
CA SER C 12 -11.29 -19.77 8.20
C SER C 12 -11.51 -18.43 7.50
N ARG C 13 -12.27 -17.56 8.11
CA ARG C 13 -12.52 -16.22 7.47
C ARG C 13 -11.18 -15.50 7.29
N HIS C 14 -10.31 -15.59 8.26
CA HIS C 14 -9.00 -14.92 8.14
C HIS C 14 -8.25 -15.49 6.94
N LYS C 15 -8.34 -16.78 6.75
CA LYS C 15 -7.63 -17.43 5.61
C LYS C 15 -8.14 -16.83 4.29
N LYS C 16 -9.37 -16.41 4.26
CA LYS C 16 -9.90 -15.83 3.00
C LYS C 16 -9.06 -14.62 2.64
N LEU C 17 -8.67 -13.83 3.61
CA LEU C 17 -7.84 -12.63 3.31
C LEU C 17 -6.39 -13.08 2.98
N MET C 18 -5.96 -14.19 3.48
CA MET C 18 -4.58 -14.65 3.21
C MET C 18 -4.36 -14.81 1.70
N PHE C 19 -5.41 -15.03 0.94
CA PHE C 19 -5.25 -15.19 -0.54
C PHE C 19 -4.20 -14.18 -1.05
N LYS C 20 -4.27 -12.97 -0.55
CA LYS C 20 -3.30 -11.92 -0.95
C LYS C 20 -1.92 -12.26 -0.38
N THR C 21 -1.86 -12.79 0.82
CA THR C 21 -0.53 -13.11 1.44
C THR C 21 0.19 -14.15 0.58
N GLU C 22 -0.54 -14.99 -0.09
CA GLU C 22 0.10 -16.03 -0.95
N SER D 1 36.08 0.52 -18.53
CA SER D 1 35.24 1.23 -17.52
C SER D 1 35.97 2.48 -17.05
N HIS D 2 35.46 3.63 -17.39
CA HIS D 2 36.12 4.90 -16.96
C HIS D 2 35.79 5.18 -15.50
N LEU D 3 36.57 6.00 -14.85
CA LEU D 3 36.31 6.31 -13.41
C LEU D 3 35.18 7.34 -13.30
N LYS D 4 34.49 7.37 -12.18
CA LYS D 4 33.37 8.34 -12.01
C LYS D 4 33.87 9.55 -11.23
N SER D 5 34.27 10.60 -11.91
CA SER D 5 34.76 11.81 -11.21
C SER D 5 33.58 12.54 -10.56
N LYS D 6 32.46 12.62 -11.23
CA LYS D 6 31.27 13.32 -10.67
C LYS D 6 30.03 12.44 -10.84
N LYS D 7 29.40 12.08 -9.74
CA LYS D 7 28.17 11.22 -9.80
C LYS D 7 26.96 12.04 -9.33
N GLY D 8 27.13 13.32 -9.15
CA GLY D 8 26.00 14.17 -8.68
C GLY D 8 24.97 14.32 -9.81
N GLN D 9 24.51 13.22 -10.36
CA GLN D 9 23.50 13.31 -11.46
C GLN D 9 22.12 13.54 -10.86
N SER D 10 21.20 14.03 -11.65
CA SER D 10 19.84 14.30 -11.13
C SER D 10 19.33 13.06 -10.40
N THR D 11 19.84 11.90 -10.75
CA THR D 11 19.41 10.63 -10.08
C THR D 11 19.26 10.88 -8.57
N SER D 12 19.95 11.87 -8.06
CA SER D 12 19.84 12.15 -6.60
C SER D 12 18.37 12.33 -6.23
N ARG D 13 17.57 12.83 -7.13
CA ARG D 13 16.12 13.01 -6.83
C ARG D 13 15.50 11.66 -6.50
N HIS D 14 15.88 10.64 -7.24
CA HIS D 14 15.32 9.29 -6.97
C HIS D 14 15.70 8.85 -5.55
N LYS D 15 16.91 9.15 -5.16
CA LYS D 15 17.37 8.76 -3.80
C LYS D 15 16.48 9.41 -2.74
N LYS D 16 15.95 10.57 -3.04
CA LYS D 16 15.07 11.24 -2.06
C LYS D 16 13.88 10.31 -1.76
N LEU D 17 13.35 9.66 -2.76
CA LEU D 17 12.20 8.74 -2.51
C LEU D 17 12.71 7.46 -1.81
N MET D 18 13.93 7.09 -2.02
CA MET D 18 14.46 5.85 -1.37
C MET D 18 14.32 5.94 0.15
N PHE D 19 14.27 7.14 0.69
CA PHE D 19 14.15 7.26 2.19
C PHE D 19 13.15 6.21 2.71
N LYS D 20 12.08 6.02 1.99
CA LYS D 20 11.06 5.02 2.39
C LYS D 20 11.64 3.61 2.19
N THR D 21 12.41 3.40 1.14
CA THR D 21 12.97 2.03 0.89
C THR D 21 13.87 1.63 2.05
N GLU D 22 14.49 2.57 2.70
CA GLU D 22 15.38 2.25 3.84
CA CA E . -2.24 4.92 17.88
CA CA F . 6.10 -3.47 13.47
CA CA G . -1.15 -1.78 -18.55
CA CA H . 6.73 -7.89 -11.04
N MET A 1 -9.99 10.49 -12.73
CA MET A 1 -8.72 9.92 -13.25
C MET A 1 -7.54 10.66 -12.62
N SER A 2 -6.44 9.97 -12.41
CA SER A 2 -5.25 10.63 -11.80
C SER A 2 -5.57 11.15 -10.39
N GLU A 3 -6.70 10.77 -9.85
CA GLU A 3 -7.06 11.23 -8.48
C GLU A 3 -6.25 10.44 -7.47
N LEU A 4 -5.14 9.93 -7.88
CA LEU A 4 -4.30 9.15 -6.97
C LEU A 4 -3.90 10.02 -5.79
N GLU A 5 -3.75 11.29 -6.00
CA GLU A 5 -3.34 12.18 -4.86
C GLU A 5 -4.45 12.19 -3.81
N LYS A 6 -5.68 12.18 -4.23
CA LYS A 6 -6.81 12.19 -3.27
C LYS A 6 -6.80 10.91 -2.43
N ALA A 7 -6.50 9.81 -3.04
CA ALA A 7 -6.50 8.54 -2.26
C ALA A 7 -5.35 8.53 -1.25
N MET A 8 -4.21 9.03 -1.64
CA MET A 8 -3.05 9.04 -0.71
C MET A 8 -3.38 9.88 0.52
N VAL A 9 -4.04 10.98 0.31
CA VAL A 9 -4.41 11.86 1.45
C VAL A 9 -5.41 11.13 2.35
N ALA A 10 -6.31 10.41 1.76
CA ALA A 10 -7.35 9.69 2.56
C ALA A 10 -6.72 8.63 3.48
N LEU A 11 -5.73 7.92 3.02
CA LEU A 11 -5.13 6.88 3.88
C LEU A 11 -4.58 7.55 5.12
N ILE A 12 -3.99 8.70 4.95
CA ILE A 12 -3.42 9.44 6.10
C ILE A 12 -4.53 9.91 7.05
N ASP A 13 -5.65 10.37 6.54
CA ASP A 13 -6.74 10.87 7.44
C ASP A 13 -7.24 9.77 8.39
N VAL A 14 -7.50 8.61 7.87
CA VAL A 14 -8.04 7.49 8.72
C VAL A 14 -6.96 6.97 9.67
N PHE A 15 -5.75 6.86 9.21
CA PHE A 15 -4.66 6.34 10.08
C PHE A 15 -4.52 7.23 11.30
N HIS A 16 -4.64 8.51 11.13
CA HIS A 16 -4.50 9.42 12.31
C HIS A 16 -5.67 9.24 13.27
N GLN A 17 -6.81 8.78 12.80
CA GLN A 17 -7.95 8.61 13.73
C GLN A 17 -7.60 7.61 14.84
N TYR A 18 -6.94 6.54 14.51
CA TYR A 18 -6.58 5.52 15.57
C TYR A 18 -5.19 5.78 16.18
N SER A 19 -4.24 6.17 15.38
CA SER A 19 -2.87 6.40 15.92
C SER A 19 -2.89 7.50 16.99
N GLY A 20 -3.66 8.53 16.78
CA GLY A 20 -3.72 9.63 17.78
C GLY A 20 -4.69 9.26 18.91
N ARG A 21 -5.47 8.22 18.71
CA ARG A 21 -6.43 7.80 19.77
C ARG A 21 -5.66 7.47 21.05
N GLU A 22 -4.61 6.70 20.91
CA GLU A 22 -3.80 6.31 22.12
C GLU A 22 -2.74 7.38 22.40
N GLY A 23 -1.68 7.41 21.62
CA GLY A 23 -0.63 8.43 21.87
C GLY A 23 0.51 8.26 20.86
N ASP A 24 0.74 7.08 20.35
CA ASP A 24 1.86 6.90 19.38
C ASP A 24 1.38 7.31 17.98
N LYS A 25 1.43 8.58 17.67
CA LYS A 25 0.98 9.04 16.32
C LYS A 25 1.97 8.56 15.25
N HIS A 26 3.24 8.61 15.54
CA HIS A 26 4.26 8.19 14.52
C HIS A 26 4.39 6.66 14.49
N LYS A 27 3.98 5.98 15.53
CA LYS A 27 4.11 4.48 15.56
C LYS A 27 2.78 3.86 15.99
N LEU A 28 2.54 2.63 15.59
CA LEU A 28 1.26 1.95 15.93
C LEU A 28 1.57 0.61 16.63
N LYS A 29 0.83 0.25 17.65
CA LYS A 29 1.08 -1.05 18.36
C LYS A 29 -0.05 -2.04 18.04
N LYS A 30 0.25 -3.32 18.00
CA LYS A 30 -0.80 -4.33 17.67
C LYS A 30 -2.09 -4.00 18.42
N SER A 31 -1.98 -3.30 19.51
CA SER A 31 -3.20 -2.95 20.28
C SER A 31 -3.97 -1.86 19.53
N GLU A 32 -3.31 -0.80 19.17
CA GLU A 32 -3.98 0.28 18.41
C GLU A 32 -4.46 -0.28 17.07
N LEU A 33 -3.66 -1.11 16.46
CA LEU A 33 -4.03 -1.70 15.15
C LEU A 33 -5.33 -2.49 15.27
N LYS A 34 -5.51 -3.23 16.33
CA LYS A 34 -6.79 -4.00 16.46
C LYS A 34 -7.98 -3.05 16.44
N GLU A 35 -7.85 -1.93 17.10
CA GLU A 35 -8.98 -0.96 17.15
C GLU A 35 -9.24 -0.43 15.74
N LEU A 36 -8.21 -0.18 15.00
CA LEU A 36 -8.41 0.31 13.61
C LEU A 36 -9.20 -0.73 12.82
N ILE A 37 -8.76 -1.95 12.87
CA ILE A 37 -9.44 -3.03 12.10
C ILE A 37 -10.80 -3.38 12.72
N ASN A 38 -10.85 -3.57 14.01
CA ASN A 38 -12.15 -3.98 14.64
C ASN A 38 -13.22 -2.90 14.52
N ASN A 39 -12.86 -1.66 14.70
CA ASN A 39 -13.87 -0.55 14.65
C ASN A 39 -13.92 0.17 13.30
N GLU A 40 -12.81 0.32 12.62
CA GLU A 40 -12.87 1.06 11.32
C GLU A 40 -13.39 0.14 10.21
N LEU A 41 -13.52 -1.13 10.48
CA LEU A 41 -14.02 -2.09 9.43
C LEU A 41 -14.95 -3.12 10.09
N SER A 42 -15.91 -2.66 10.84
CA SER A 42 -16.84 -3.63 11.50
C SER A 42 -17.58 -4.47 10.46
N HIS A 43 -18.04 -3.86 9.38
CA HIS A 43 -18.77 -4.61 8.31
C HIS A 43 -18.03 -4.50 6.98
N PHE A 44 -17.27 -3.45 6.79
CA PHE A 44 -16.54 -3.29 5.51
C PHE A 44 -15.56 -4.45 5.32
N LEU A 45 -14.89 -4.86 6.37
CA LEU A 45 -13.91 -5.98 6.26
C LEU A 45 -14.19 -6.98 7.38
N GLU A 46 -13.73 -8.19 7.26
CA GLU A 46 -14.02 -9.17 8.35
C GLU A 46 -13.54 -8.58 9.68
N GLU A 47 -14.46 -8.28 10.54
CA GLU A 47 -14.10 -7.70 11.86
C GLU A 47 -13.26 -8.72 12.65
N ILE A 48 -12.33 -8.26 13.46
CA ILE A 48 -11.50 -9.22 14.24
C ILE A 48 -12.22 -9.55 15.54
N LYS A 49 -12.25 -10.80 15.91
CA LYS A 49 -12.97 -11.22 17.16
C LYS A 49 -11.95 -11.57 18.25
N GLU A 50 -10.73 -11.82 17.89
CA GLU A 50 -9.71 -12.22 18.92
C GLU A 50 -8.36 -11.54 18.61
N GLN A 51 -7.67 -11.13 19.65
CA GLN A 51 -6.34 -10.46 19.48
C GLN A 51 -5.34 -11.41 18.78
N GLU A 52 -5.52 -12.70 18.91
CA GLU A 52 -4.56 -13.64 18.28
C GLU A 52 -4.53 -13.43 16.76
N VAL A 53 -5.64 -13.15 16.16
CA VAL A 53 -5.63 -12.94 14.68
C VAL A 53 -4.71 -11.77 14.39
N VAL A 54 -4.77 -10.77 15.21
CA VAL A 54 -3.89 -9.60 15.01
C VAL A 54 -2.43 -10.02 15.15
N ASP A 55 -2.16 -10.91 16.08
CA ASP A 55 -0.76 -11.39 16.28
C ASP A 55 -0.25 -12.06 15.00
N LYS A 56 -1.09 -12.80 14.35
CA LYS A 56 -0.68 -13.48 13.09
C LYS A 56 -0.42 -12.41 12.04
N VAL A 57 -1.24 -11.42 12.03
CA VAL A 57 -1.08 -10.30 11.06
C VAL A 57 0.21 -9.57 11.41
N MET A 58 0.58 -9.59 12.66
CA MET A 58 1.84 -8.91 13.09
C MET A 58 3.02 -9.66 12.47
N GLU A 59 2.95 -10.95 12.36
CA GLU A 59 4.09 -11.66 11.75
C GLU A 59 4.34 -11.03 10.39
N THR A 60 3.27 -10.68 9.73
CA THR A 60 3.38 -10.05 8.39
C THR A 60 3.71 -8.55 8.48
N LEU A 61 3.01 -7.82 9.31
CA LEU A 61 3.26 -6.35 9.40
C LEU A 61 4.32 -6.03 10.45
N ASP A 62 4.66 -6.96 11.28
CA ASP A 62 5.71 -6.66 12.30
C ASP A 62 7.05 -6.80 11.62
N GLU A 63 7.26 -6.01 10.61
CA GLU A 63 8.54 -6.08 9.86
C GLU A 63 9.69 -5.81 10.81
N ASP A 64 9.52 -4.88 11.71
CA ASP A 64 10.59 -4.57 12.68
C ASP A 64 10.64 -5.69 13.73
N GLY A 65 9.65 -6.55 13.73
CA GLY A 65 9.64 -7.67 14.72
C GLY A 65 9.63 -7.12 16.15
N ASP A 66 9.03 -5.97 16.36
CA ASP A 66 8.99 -5.37 17.73
C ASP A 66 7.58 -5.48 18.31
N GLY A 67 6.69 -6.14 17.64
CA GLY A 67 5.31 -6.26 18.16
C GLY A 67 4.58 -4.95 17.87
N GLU A 68 5.21 -4.11 17.09
CA GLU A 68 4.61 -2.78 16.73
C GLU A 68 4.91 -2.49 15.26
N CYS A 69 3.94 -1.97 14.53
CA CYS A 69 4.16 -1.64 13.08
C CYS A 69 4.11 -0.11 12.92
N ASP A 70 5.09 0.45 12.26
CA ASP A 70 5.12 1.92 12.06
C ASP A 70 4.03 2.32 11.08
N PHE A 71 3.64 3.57 11.06
CA PHE A 71 2.59 4.02 10.11
C PHE A 71 2.97 3.48 8.72
N GLN A 72 4.24 3.46 8.43
CA GLN A 72 4.70 2.91 7.12
C GLN A 72 4.27 1.44 6.98
N GLU A 73 4.53 0.64 7.97
CA GLU A 73 4.16 -0.80 7.89
C GLU A 73 2.64 -0.96 7.70
N PHE A 74 1.86 -0.17 8.37
CA PHE A 74 0.38 -0.28 8.20
C PHE A 74 0.00 0.14 6.78
N MET A 75 0.73 1.06 6.21
CA MET A 75 0.39 1.54 4.84
C MET A 75 0.44 0.36 3.87
N ALA A 76 1.36 -0.54 4.07
CA ALA A 76 1.46 -1.70 3.13
C ALA A 76 0.26 -2.63 3.31
N PHE A 77 -0.24 -2.76 4.50
CA PHE A 77 -1.42 -3.65 4.73
C PHE A 77 -2.60 -3.19 3.88
N VAL A 78 -2.77 -1.91 3.80
CA VAL A 78 -3.89 -1.33 3.00
C VAL A 78 -3.71 -1.70 1.53
N SER A 79 -2.49 -1.72 1.09
CA SER A 79 -2.22 -2.02 -0.34
C SER A 79 -2.72 -3.43 -0.69
N MET A 80 -2.50 -4.40 0.16
CA MET A 80 -2.96 -5.77 -0.19
C MET A 80 -4.47 -5.91 -0.04
N VAL A 81 -5.03 -5.37 0.99
CA VAL A 81 -6.50 -5.52 1.20
C VAL A 81 -7.26 -4.84 0.06
N THR A 82 -6.76 -3.73 -0.41
CA THR A 82 -7.44 -3.00 -1.52
C THR A 82 -7.51 -3.90 -2.72
N THR A 83 -6.46 -4.61 -2.95
CA THR A 83 -6.39 -5.52 -4.11
C THR A 83 -7.58 -6.49 -4.03
N ALA A 84 -7.92 -6.94 -2.85
CA ALA A 84 -9.08 -7.86 -2.69
C ALA A 84 -10.34 -7.15 -3.18
N CYS A 85 -10.46 -5.88 -2.92
CA CYS A 85 -11.67 -5.13 -3.36
C CYS A 85 -11.79 -5.18 -4.88
N HIS A 86 -10.69 -5.16 -5.57
CA HIS A 86 -10.74 -5.20 -7.06
C HIS A 86 -11.44 -6.50 -7.48
N GLU A 87 -11.13 -7.58 -6.82
CA GLU A 87 -11.79 -8.86 -7.17
C GLU A 87 -13.31 -8.69 -6.96
N PHE A 88 -13.68 -8.01 -5.91
CA PHE A 88 -15.13 -7.80 -5.62
C PHE A 88 -15.68 -6.69 -6.51
N PHE A 89 -15.00 -5.58 -6.58
CA PHE A 89 -15.48 -4.44 -7.42
C PHE A 89 -14.82 -4.52 -8.80
N GLU A 90 -15.18 -5.49 -9.59
CA GLU A 90 -14.57 -5.61 -10.94
C GLU A 90 -15.26 -4.63 -11.88
N HIS A 91 -14.61 -3.54 -12.19
CA HIS A 91 -15.23 -2.54 -13.10
C HIS A 91 -15.06 -3.00 -14.55
N GLU A 92 -16.07 -3.60 -15.11
CA GLU A 92 -15.98 -4.06 -16.53
N MET B 1 -14.06 10.26 8.29
CA MET B 1 -13.46 9.21 9.16
C MET B 1 -13.90 7.83 8.68
N SER B 2 -13.05 6.85 8.82
CA SER B 2 -13.42 5.47 8.37
C SER B 2 -13.67 5.45 6.86
N GLU B 3 -13.33 6.50 6.16
CA GLU B 3 -13.54 6.53 4.69
C GLU B 3 -12.47 5.70 4.03
N LEU B 4 -11.93 4.77 4.75
CA LEU B 4 -10.86 3.92 4.18
C LEU B 4 -11.41 3.18 2.97
N GLU B 5 -12.68 2.86 2.98
CA GLU B 5 -13.25 2.13 1.81
C GLU B 5 -13.20 3.01 0.57
N LYS B 6 -13.42 4.28 0.73
CA LYS B 6 -13.38 5.20 -0.44
C LYS B 6 -11.96 5.25 -1.02
N ALA B 7 -10.97 5.25 -0.18
CA ALA B 7 -9.58 5.31 -0.69
C ALA B 7 -9.22 4.01 -1.42
N MET B 8 -9.64 2.90 -0.92
CA MET B 8 -9.32 1.61 -1.57
C MET B 8 -9.92 1.57 -2.97
N VAL B 9 -11.11 2.07 -3.11
CA VAL B 9 -11.78 2.09 -4.43
C VAL B 9 -11.01 3.00 -5.37
N ALA B 10 -10.55 4.10 -4.86
CA ALA B 10 -9.82 5.08 -5.73
C ALA B 10 -8.52 4.48 -6.29
N LEU B 11 -7.80 3.72 -5.50
CA LEU B 11 -6.53 3.15 -6.03
C LEU B 11 -6.87 2.29 -7.23
N ILE B 12 -7.93 1.56 -7.15
CA ILE B 12 -8.35 0.69 -8.27
C ILE B 12 -8.75 1.51 -9.50
N ASP B 13 -9.44 2.61 -9.32
CA ASP B 13 -9.88 3.42 -10.50
C ASP B 13 -8.68 3.93 -11.31
N VAL B 14 -7.69 4.47 -10.67
CA VAL B 14 -6.50 5.01 -11.39
C VAL B 14 -5.66 3.88 -12.00
N PHE B 15 -5.50 2.81 -11.28
CA PHE B 15 -4.68 1.68 -11.80
C PHE B 15 -5.28 1.18 -13.10
N HIS B 16 -6.57 1.12 -13.20
CA HIS B 16 -7.19 0.62 -14.45
C HIS B 16 -6.96 1.62 -15.60
N GLN B 17 -6.75 2.87 -15.29
CA GLN B 17 -6.53 3.85 -16.40
C GLN B 17 -5.30 3.46 -17.21
N TYR B 18 -4.23 3.05 -16.57
CA TYR B 18 -2.99 2.69 -17.33
C TYR B 18 -2.95 1.18 -17.67
N SER B 19 -3.37 0.35 -16.78
CA SER B 19 -3.32 -1.12 -17.06
C SER B 19 -4.16 -1.46 -18.29
N GLY B 20 -5.30 -0.85 -18.42
CA GLY B 20 -6.17 -1.14 -19.60
C GLY B 20 -5.69 -0.34 -20.81
N ARG B 21 -4.83 0.61 -20.61
CA ARG B 21 -4.33 1.42 -21.75
C ARG B 21 -3.63 0.49 -22.75
N GLU B 22 -2.78 -0.38 -22.28
CA GLU B 22 -2.07 -1.31 -23.20
C GLU B 22 -2.91 -2.57 -23.44
N GLY B 23 -2.96 -3.45 -22.48
CA GLY B 23 -3.78 -4.69 -22.67
C GLY B 23 -3.69 -5.60 -21.44
N ASP B 24 -2.62 -5.52 -20.70
CA ASP B 24 -2.50 -6.40 -19.50
C ASP B 24 -3.24 -5.75 -18.32
N LYS B 25 -4.53 -5.96 -18.23
CA LYS B 25 -5.31 -5.35 -17.12
C LYS B 25 -4.95 -6.05 -15.79
N HIS B 26 -4.78 -7.34 -15.81
CA HIS B 26 -4.45 -8.08 -14.56
C HIS B 26 -2.96 -7.96 -14.22
N LYS B 27 -2.13 -7.62 -15.19
CA LYS B 27 -0.66 -7.51 -14.93
C LYS B 27 -0.13 -6.19 -15.50
N LEU B 28 0.95 -5.70 -14.96
CA LEU B 28 1.53 -4.41 -15.43
C LEU B 28 3.01 -4.60 -15.79
N LYS B 29 3.48 -4.02 -16.86
CA LYS B 29 4.91 -4.17 -17.27
C LYS B 29 5.67 -2.87 -17.01
N LYS B 30 6.94 -2.94 -16.68
CA LYS B 30 7.72 -1.69 -16.42
C LYS B 30 7.40 -0.63 -17.46
N SER B 31 6.95 -1.06 -18.60
CA SER B 31 6.61 -0.06 -19.67
C SER B 31 5.31 0.65 -19.30
N GLU B 32 4.30 -0.11 -19.00
CA GLU B 32 3.00 0.51 -18.60
C GLU B 32 3.21 1.30 -17.31
N LEU B 33 4.00 0.77 -16.41
CA LEU B 33 4.25 1.46 -15.12
C LEU B 33 4.88 2.83 -15.36
N LYS B 34 5.78 2.95 -16.29
CA LYS B 34 6.42 4.27 -16.54
C LYS B 34 5.33 5.28 -16.95
N GLU B 35 4.39 4.86 -17.75
CA GLU B 35 3.33 5.79 -18.21
C GLU B 35 2.49 6.20 -17.00
N LEU B 36 2.22 5.31 -16.11
CA LEU B 36 1.43 5.67 -14.91
C LEU B 36 2.18 6.73 -14.12
N ILE B 37 3.43 6.50 -13.86
CA ILE B 37 4.24 7.48 -13.08
C ILE B 37 4.53 8.75 -13.89
N ASN B 38 4.98 8.59 -15.10
CA ASN B 38 5.35 9.79 -15.91
C ASN B 38 4.14 10.69 -16.21
N ASN B 39 3.02 10.10 -16.52
CA ASN B 39 1.81 10.91 -16.89
C ASN B 39 0.82 11.09 -15.73
N GLU B 40 0.67 10.12 -14.86
CA GLU B 40 -0.32 10.27 -13.75
C GLU B 40 0.28 11.12 -12.64
N LEU B 41 1.55 11.42 -12.70
CA LEU B 41 2.20 12.24 -11.62
C LEU B 41 3.22 13.20 -12.26
N SER B 42 2.83 13.92 -13.27
CA SER B 42 3.77 14.86 -13.93
C SER B 42 4.28 15.90 -12.92
N HIS B 43 3.40 16.44 -12.10
CA HIS B 43 3.82 17.47 -11.09
C HIS B 43 3.54 16.97 -9.67
N PHE B 44 2.57 16.10 -9.52
CA PHE B 44 2.25 15.58 -8.16
C PHE B 44 3.45 14.86 -7.57
N LEU B 45 4.15 14.09 -8.36
CA LEU B 45 5.34 13.34 -7.86
C LEU B 45 6.51 13.57 -8.83
N GLU B 46 7.72 13.35 -8.40
CA GLU B 46 8.85 13.59 -9.33
C GLU B 46 8.63 12.78 -10.61
N GLU B 47 8.39 13.47 -11.69
CA GLU B 47 8.15 12.80 -12.99
C GLU B 47 9.40 12.01 -13.38
N ILE B 48 9.23 10.88 -14.05
CA ILE B 48 10.43 10.08 -14.45
C ILE B 48 10.93 10.61 -15.81
N LYS B 49 12.22 10.78 -15.94
CA LYS B 49 12.78 11.32 -17.22
C LYS B 49 13.48 10.21 -18.00
N GLU B 50 13.80 9.11 -17.35
CA GLU B 50 14.52 8.00 -18.06
C GLU B 50 13.97 6.64 -17.61
N GLN B 51 13.87 5.71 -18.52
CA GLN B 51 13.36 4.35 -18.22
C GLN B 51 14.25 3.66 -17.17
N GLU B 52 15.51 4.02 -17.10
CA GLU B 52 16.42 3.35 -16.12
C GLU B 52 15.91 3.56 -14.70
N VAL B 53 15.38 4.71 -14.39
CA VAL B 53 14.86 4.92 -13.02
C VAL B 53 13.79 3.89 -12.74
N VAL B 54 12.98 3.64 -13.72
CA VAL B 54 11.91 2.64 -13.56
C VAL B 54 12.52 1.27 -13.33
N ASP B 55 13.61 0.98 -13.98
CA ASP B 55 14.29 -0.33 -13.81
C ASP B 55 14.74 -0.50 -12.36
N LYS B 56 15.22 0.56 -11.78
CA LYS B 56 15.68 0.49 -10.37
C LYS B 56 14.46 0.26 -9.48
N VAL B 57 13.39 0.90 -9.82
CA VAL B 57 12.13 0.73 -9.05
C VAL B 57 11.65 -0.71 -9.26
N MET B 58 11.97 -1.29 -10.38
CA MET B 58 11.55 -2.68 -10.64
C MET B 58 12.29 -3.60 -9.68
N GLU B 59 13.52 -3.31 -9.36
CA GLU B 59 14.24 -4.19 -8.40
C GLU B 59 13.37 -4.29 -7.15
N THR B 60 12.76 -3.20 -6.81
CA THR B 60 11.90 -3.16 -5.60
C THR B 60 10.50 -3.74 -5.89
N LEU B 61 9.86 -3.33 -6.96
CA LEU B 61 8.48 -3.83 -7.25
C LEU B 61 8.52 -5.09 -8.10
N ASP B 62 9.64 -5.43 -8.67
CA ASP B 62 9.69 -6.67 -9.48
C ASP B 62 9.86 -7.83 -8.52
N GLU B 63 8.91 -7.98 -7.65
CA GLU B 63 8.98 -9.07 -6.65
C GLU B 63 9.05 -10.41 -7.38
N ASP B 64 8.31 -10.54 -8.44
CA ASP B 64 8.35 -11.82 -9.21
C ASP B 64 9.66 -11.88 -10.01
N GLY B 65 10.36 -10.78 -10.07
CA GLY B 65 11.65 -10.75 -10.82
C GLY B 65 11.42 -11.09 -12.29
N ASP B 66 10.26 -10.73 -12.82
CA ASP B 66 9.96 -11.04 -14.26
C ASP B 66 10.01 -9.76 -15.10
N GLY B 67 10.41 -8.67 -14.50
CA GLY B 67 10.45 -7.40 -15.28
C GLY B 67 9.04 -6.85 -15.38
N GLU B 68 8.14 -7.46 -14.65
CA GLU B 68 6.70 -7.03 -14.67
C GLU B 68 6.16 -7.10 -13.24
N CYS B 69 5.38 -6.13 -12.83
CA CYS B 69 4.78 -6.13 -11.45
C CYS B 69 3.26 -6.30 -11.57
N ASP B 70 2.71 -7.22 -10.84
CA ASP B 70 1.24 -7.45 -10.89
C ASP B 70 0.52 -6.28 -10.24
N PHE B 71 -0.74 -6.10 -10.53
CA PHE B 71 -1.51 -4.99 -9.91
C PHE B 71 -1.23 -5.02 -8.41
N GLN B 72 -1.10 -6.19 -7.85
CA GLN B 72 -0.79 -6.32 -6.40
C GLN B 72 0.55 -5.64 -6.10
N GLU B 73 1.57 -5.94 -6.86
CA GLU B 73 2.90 -5.34 -6.61
C GLU B 73 2.83 -3.81 -6.71
N PHE B 74 2.10 -3.28 -7.65
CA PHE B 74 1.99 -1.81 -7.78
C PHE B 74 1.23 -1.25 -6.57
N MET B 75 0.32 -2.01 -6.03
CA MET B 75 -0.46 -1.51 -4.87
C MET B 75 0.49 -1.19 -3.71
N ALA B 76 1.51 -1.98 -3.55
CA ALA B 76 2.45 -1.71 -2.42
C ALA B 76 3.26 -0.43 -2.67
N PHE B 77 3.56 -0.13 -3.90
CA PHE B 77 4.33 1.12 -4.21
C PHE B 77 3.55 2.33 -3.72
N VAL B 78 2.27 2.31 -3.90
CA VAL B 78 1.40 3.44 -3.47
C VAL B 78 1.49 3.58 -1.95
N SER B 79 1.56 2.49 -1.27
CA SER B 79 1.60 2.54 0.21
C SER B 79 2.83 3.31 0.70
N MET B 80 3.97 3.10 0.09
CA MET B 80 5.18 3.84 0.58
C MET B 80 5.16 5.30 0.15
N VAL B 81 4.78 5.56 -1.06
CA VAL B 81 4.78 6.99 -1.53
C VAL B 81 3.79 7.81 -0.71
N THR B 82 2.68 7.22 -0.36
CA THR B 82 1.66 7.96 0.43
C THR B 82 2.27 8.39 1.75
N THR B 83 3.05 7.53 2.30
CA THR B 83 3.71 7.83 3.60
C THR B 83 4.51 9.13 3.44
N ALA B 84 5.15 9.31 2.31
CA ALA B 84 5.93 10.56 2.09
C ALA B 84 4.98 11.76 2.18
N CYS B 85 3.79 11.63 1.67
CA CYS B 85 2.81 12.75 1.70
C CYS B 85 2.54 13.15 3.15
N HIS B 86 2.51 12.19 4.05
CA HIS B 86 2.24 12.53 5.47
C HIS B 86 3.32 13.48 5.96
N GLU B 87 4.55 13.25 5.59
CA GLU B 87 5.64 14.16 6.00
C GLU B 87 5.33 15.55 5.46
N PHE B 88 4.84 15.62 4.25
CA PHE B 88 4.51 16.95 3.64
C PHE B 88 3.18 17.46 4.19
N PHE B 89 2.18 16.63 4.20
CA PHE B 89 0.84 17.06 4.71
C PHE B 89 0.71 16.68 6.18
N GLU B 90 1.45 17.33 7.03
CA GLU B 90 1.37 17.00 8.49
C GLU B 90 0.13 17.67 9.07
N HIS B 91 -0.91 16.93 9.31
CA HIS B 91 -2.14 17.53 9.88
C HIS B 91 -1.98 17.70 11.40
N GLU B 92 -1.63 18.87 11.83
CA GLU B 92 -1.47 19.11 13.30
N SER C 1 -19.97 -28.55 19.26
CA SER C 1 -21.03 -28.77 18.24
C SER C 1 -21.38 -30.25 18.18
N HIS C 2 -22.16 -30.65 17.21
CA HIS C 2 -22.54 -32.09 17.10
C HIS C 2 -21.31 -32.91 16.69
N LEU C 3 -20.34 -32.28 16.08
CA LEU C 3 -19.13 -33.03 15.65
C LEU C 3 -18.18 -33.17 16.85
N LYS C 4 -17.75 -34.37 17.13
CA LYS C 4 -16.83 -34.56 18.29
C LYS C 4 -15.54 -33.75 18.09
N SER C 5 -15.04 -33.72 16.88
CA SER C 5 -13.79 -32.94 16.63
C SER C 5 -14.14 -31.47 16.41
N LYS C 6 -13.38 -30.58 17.00
CA LYS C 6 -13.66 -29.12 16.83
C LYS C 6 -12.88 -28.59 15.62
N LYS C 7 -13.56 -28.17 14.59
CA LYS C 7 -12.86 -27.65 13.37
C LYS C 7 -13.72 -26.59 12.70
N GLY C 8 -13.15 -25.78 11.86
CA GLY C 8 -13.95 -24.73 11.16
C GLY C 8 -14.01 -23.45 12.00
N GLN C 9 -12.92 -23.07 12.59
CA GLN C 9 -12.92 -21.82 13.42
C GLN C 9 -13.18 -20.63 12.50
N SER C 10 -13.97 -19.69 12.94
CA SER C 10 -14.26 -18.50 12.08
C SER C 10 -12.95 -17.90 11.58
N THR C 11 -11.87 -18.12 12.30
CA THR C 11 -10.56 -17.57 11.87
C THR C 11 -10.34 -17.93 10.40
N SER C 12 -10.88 -19.03 9.95
CA SER C 12 -10.70 -19.42 8.53
C SER C 12 -11.05 -18.22 7.65
N ARG C 13 -11.93 -17.38 8.12
CA ARG C 13 -12.29 -16.17 7.34
C ARG C 13 -11.02 -15.34 7.14
N HIS C 14 -10.20 -15.26 8.15
CA HIS C 14 -8.94 -14.50 8.04
C HIS C 14 -8.02 -15.20 7.05
N LYS C 15 -8.08 -16.50 6.99
CA LYS C 15 -7.22 -17.23 6.01
C LYS C 15 -7.56 -16.74 4.62
N LYS C 16 -8.79 -16.38 4.39
CA LYS C 16 -9.16 -15.87 3.04
C LYS C 16 -8.31 -14.63 2.78
N LEU C 17 -8.10 -13.82 3.78
CA LEU C 17 -7.26 -12.60 3.60
C LEU C 17 -5.81 -12.99 3.31
N MET C 18 -5.36 -14.13 3.79
CA MET C 18 -3.96 -14.54 3.53
C MET C 18 -3.74 -14.78 2.02
N PHE C 19 -4.77 -15.06 1.28
CA PHE C 19 -4.59 -15.32 -0.18
C PHE C 19 -3.68 -14.25 -0.79
N LYS C 20 -3.81 -13.01 -0.39
CA LYS C 20 -2.93 -11.94 -0.96
C LYS C 20 -1.56 -11.99 -0.29
N THR C 21 -1.49 -12.23 0.98
CA THR C 21 -0.16 -12.28 1.64
C THR C 21 0.73 -13.27 0.88
N GLU C 22 0.15 -14.28 0.30
CA GLU C 22 0.95 -15.27 -0.47
N SER D 1 29.64 20.23 -17.49
CA SER D 1 29.53 21.48 -16.68
C SER D 1 30.93 22.04 -16.43
N HIS D 2 31.03 23.03 -15.59
CA HIS D 2 32.37 23.62 -15.30
C HIS D 2 33.21 22.62 -14.50
N LEU D 3 32.57 21.69 -13.83
CA LEU D 3 33.34 20.70 -13.03
C LEU D 3 33.81 19.58 -13.97
N LYS D 4 35.08 19.28 -13.94
CA LYS D 4 35.61 18.20 -14.84
C LYS D 4 34.91 16.88 -14.53
N SER D 5 34.67 16.59 -13.27
CA SER D 5 34.00 15.30 -12.92
C SER D 5 32.49 15.47 -13.05
N LYS D 6 31.82 14.51 -13.62
CA LYS D 6 30.34 14.61 -13.77
C LYS D 6 29.66 13.98 -12.55
N LYS D 7 28.97 14.77 -11.77
CA LYS D 7 28.29 14.23 -10.57
C LYS D 7 27.02 15.05 -10.28
N GLY D 8 26.11 14.51 -9.51
CA GLY D 8 24.87 15.28 -9.19
C GLY D 8 23.79 15.00 -10.24
N GLN D 9 23.66 13.77 -10.67
CA GLN D 9 22.61 13.45 -11.68
C GLN D 9 21.24 13.71 -11.07
N SER D 10 20.32 14.26 -11.82
CA SER D 10 18.97 14.53 -11.27
C SER D 10 18.42 13.26 -10.64
N THR D 11 18.89 12.12 -11.07
CA THR D 11 18.40 10.84 -10.48
C THR D 11 18.47 10.93 -8.96
N SER D 12 19.39 11.69 -8.44
CA SER D 12 19.50 11.82 -6.97
C SER D 12 18.11 12.15 -6.41
N ARG D 13 17.30 12.80 -7.19
CA ARG D 13 15.93 13.12 -6.73
C ARG D 13 15.21 11.82 -6.43
N HIS D 14 15.42 10.82 -7.25
CA HIS D 14 14.78 9.50 -7.04
C HIS D 14 15.35 8.88 -5.77
N LYS D 15 16.61 9.14 -5.48
CA LYS D 15 17.21 8.58 -4.25
C LYS D 15 16.41 9.08 -3.06
N LYS D 16 15.88 10.27 -3.15
CA LYS D 16 15.07 10.80 -2.02
C LYS D 16 13.89 9.84 -1.82
N LEU D 17 13.33 9.35 -2.89
CA LEU D 17 12.19 8.38 -2.77
C LEU D 17 12.67 7.07 -2.12
N MET D 18 13.92 6.72 -2.30
CA MET D 18 14.42 5.45 -1.68
C MET D 18 14.35 5.54 -0.15
N PHE D 19 14.38 6.73 0.41
CA PHE D 19 14.34 6.84 1.90
C PHE D 19 13.27 5.92 2.48
N LYS D 20 12.14 5.79 1.84
CA LYS D 20 11.07 4.89 2.37
C LYS D 20 11.39 3.44 2.02
N THR D 21 11.91 3.19 0.85
CA THR D 21 12.22 1.78 0.49
C THR D 21 13.12 1.18 1.58
N GLU D 22 13.92 2.00 2.21
CA GLU D 22 14.82 1.50 3.29
CA CA E . -0.68 5.37 16.99
CA CA F . 7.63 -3.62 13.08
CA CA G . -1.63 -3.28 -17.63
CA CA H . 7.13 -9.19 -10.41
N MET A 1 -8.94 7.95 -12.68
CA MET A 1 -8.62 9.22 -13.39
C MET A 1 -7.63 10.03 -12.55
N SER A 2 -6.42 9.57 -12.46
CA SER A 2 -5.39 10.31 -11.66
C SER A 2 -5.97 10.61 -10.28
N GLU A 3 -6.94 9.87 -9.86
CA GLU A 3 -7.56 10.07 -8.53
C GLU A 3 -6.62 9.55 -7.46
N LEU A 4 -5.59 8.87 -7.86
CA LEU A 4 -4.62 8.30 -6.88
C LEU A 4 -4.17 9.39 -5.91
N GLU A 5 -4.26 10.63 -6.28
CA GLU A 5 -3.82 11.70 -5.33
C GLU A 5 -4.79 11.76 -4.15
N LYS A 6 -6.05 11.62 -4.43
CA LYS A 6 -7.07 11.64 -3.34
C LYS A 6 -6.92 10.36 -2.52
N ALA A 7 -6.53 9.30 -3.16
CA ALA A 7 -6.38 8.00 -2.45
C ALA A 7 -5.21 8.05 -1.47
N MET A 8 -4.12 8.66 -1.85
CA MET A 8 -2.96 8.74 -0.94
C MET A 8 -3.33 9.61 0.26
N VAL A 9 -4.04 10.67 0.03
CA VAL A 9 -4.43 11.57 1.14
C VAL A 9 -5.37 10.83 2.10
N ALA A 10 -6.24 10.01 1.58
CA ALA A 10 -7.21 9.29 2.45
C ALA A 10 -6.49 8.25 3.29
N LEU A 11 -5.47 7.66 2.75
CA LEU A 11 -4.71 6.62 3.51
C LEU A 11 -4.19 7.25 4.80
N ILE A 12 -3.72 8.46 4.70
CA ILE A 12 -3.19 9.17 5.89
C ILE A 12 -4.33 9.67 6.79
N ASP A 13 -5.44 10.06 6.22
CA ASP A 13 -6.57 10.58 7.05
C ASP A 13 -7.05 9.51 8.05
N VAL A 14 -7.19 8.29 7.61
CA VAL A 14 -7.67 7.21 8.53
C VAL A 14 -6.56 6.84 9.53
N PHE A 15 -5.33 7.06 9.17
CA PHE A 15 -4.23 6.71 10.11
C PHE A 15 -4.42 7.50 11.41
N HIS A 16 -4.78 8.73 11.30
CA HIS A 16 -4.99 9.57 12.52
C HIS A 16 -6.38 9.29 13.13
N GLN A 17 -7.30 8.79 12.36
CA GLN A 17 -8.66 8.52 12.89
C GLN A 17 -8.58 7.66 14.15
N TYR A 18 -7.83 6.58 14.13
CA TYR A 18 -7.75 5.68 15.34
C TYR A 18 -6.37 5.74 16.02
N SER A 19 -5.34 6.06 15.29
CA SER A 19 -3.99 6.09 15.91
C SER A 19 -3.96 7.10 17.06
N GLY A 20 -4.59 8.23 16.89
CA GLY A 20 -4.58 9.26 17.98
C GLY A 20 -5.64 8.91 19.04
N ARG A 21 -6.42 7.90 18.81
CA ARG A 21 -7.47 7.52 19.81
C ARG A 21 -6.82 7.19 21.15
N GLU A 22 -5.80 6.36 21.14
CA GLU A 22 -5.13 5.97 22.43
C GLU A 22 -3.99 6.95 22.73
N GLY A 23 -2.84 6.79 22.11
CA GLY A 23 -1.72 7.72 22.40
C GLY A 23 -0.60 7.55 21.37
N ASP A 24 -0.45 6.37 20.82
CA ASP A 24 0.62 6.17 19.81
C ASP A 24 0.22 6.87 18.51
N LYS A 25 0.25 8.17 18.51
CA LYS A 25 -0.14 8.94 17.30
C LYS A 25 0.74 8.58 16.10
N HIS A 26 2.04 8.60 16.27
CA HIS A 26 2.95 8.30 15.14
C HIS A 26 3.26 6.80 15.04
N LYS A 27 2.80 6.01 15.97
CA LYS A 27 3.10 4.54 15.94
C LYS A 27 1.84 3.73 16.24
N LEU A 28 1.85 2.51 15.81
CA LEU A 28 0.67 1.61 16.02
C LEU A 28 1.12 0.33 16.71
N LYS A 29 0.43 -0.07 17.74
CA LYS A 29 0.76 -1.35 18.44
C LYS A 29 -0.27 -2.38 18.01
N LYS A 30 0.00 -3.65 18.15
CA LYS A 30 -1.01 -4.66 17.73
C LYS A 30 -2.35 -4.25 18.35
N SER A 31 -2.27 -3.52 19.42
CA SER A 31 -3.50 -3.04 20.12
C SER A 31 -4.14 -1.91 19.30
N GLU A 32 -3.35 -0.96 18.84
CA GLU A 32 -3.93 0.15 18.05
C GLU A 32 -4.37 -0.42 16.70
N LEU A 33 -3.64 -1.38 16.20
CA LEU A 33 -4.01 -2.00 14.89
C LEU A 33 -5.41 -2.61 15.00
N LYS A 34 -5.68 -3.27 16.09
CA LYS A 34 -7.02 -3.89 16.30
C LYS A 34 -8.11 -2.80 16.32
N GLU A 35 -7.81 -1.67 16.88
CA GLU A 35 -8.84 -0.61 16.98
C GLU A 35 -9.28 -0.21 15.57
N LEU A 36 -8.37 -0.14 14.64
CA LEU A 36 -8.78 0.21 13.25
C LEU A 36 -9.59 -0.94 12.66
N ILE A 37 -9.11 -2.14 12.83
CA ILE A 37 -9.80 -3.32 12.26
C ILE A 37 -11.13 -3.61 12.95
N ASN A 38 -11.19 -3.50 14.25
CA ASN A 38 -12.47 -3.80 14.95
C ASN A 38 -13.51 -2.70 14.69
N ASN A 39 -13.07 -1.47 14.68
CA ASN A 39 -14.03 -0.33 14.51
C ASN A 39 -14.07 0.25 13.09
N GLU A 40 -12.99 0.24 12.37
CA GLU A 40 -13.01 0.87 11.01
C GLU A 40 -13.59 -0.11 9.98
N LEU A 41 -13.70 -1.37 10.32
CA LEU A 41 -14.26 -2.36 9.35
C LEU A 41 -15.56 -2.93 9.91
N SER A 42 -16.49 -2.07 10.25
CA SER A 42 -17.78 -2.56 10.81
C SER A 42 -18.49 -3.48 9.81
N HIS A 43 -18.46 -3.15 8.54
CA HIS A 43 -19.12 -4.02 7.52
C HIS A 43 -18.32 -4.03 6.22
N PHE A 44 -17.43 -3.10 6.03
CA PHE A 44 -16.66 -3.08 4.76
C PHE A 44 -15.84 -4.37 4.64
N LEU A 45 -15.19 -4.76 5.70
CA LEU A 45 -14.39 -6.04 5.68
C LEU A 45 -14.70 -6.80 6.95
N GLU A 46 -14.65 -8.10 6.91
CA GLU A 46 -14.96 -8.86 8.15
C GLU A 46 -14.02 -8.38 9.26
N GLU A 47 -14.58 -7.77 10.27
CA GLU A 47 -13.75 -7.25 11.39
C GLU A 47 -13.13 -8.43 12.15
N ILE A 48 -12.22 -8.16 13.05
CA ILE A 48 -11.57 -9.27 13.83
C ILE A 48 -12.25 -9.39 15.20
N LYS A 49 -12.46 -10.61 15.65
CA LYS A 49 -13.15 -10.84 16.96
C LYS A 49 -12.15 -11.38 17.99
N GLU A 50 -11.10 -12.01 17.55
CA GLU A 50 -10.08 -12.57 18.51
C GLU A 50 -8.76 -11.85 18.30
N GLN A 51 -8.07 -11.55 19.38
CA GLN A 51 -6.77 -10.85 19.23
C GLN A 51 -5.74 -11.79 18.61
N GLU A 52 -5.99 -13.07 18.63
CA GLU A 52 -4.99 -14.02 18.03
C GLU A 52 -4.85 -13.73 16.53
N VAL A 53 -5.92 -13.44 15.86
CA VAL A 53 -5.82 -13.14 14.41
C VAL A 53 -4.91 -11.95 14.24
N VAL A 54 -5.04 -10.99 15.10
CA VAL A 54 -4.19 -9.78 15.00
C VAL A 54 -2.74 -10.18 15.17
N ASP A 55 -2.45 -11.07 16.06
CA ASP A 55 -1.05 -11.48 16.29
C ASP A 55 -0.48 -12.11 15.03
N LYS A 56 -1.27 -12.87 14.34
CA LYS A 56 -0.80 -13.53 13.09
C LYS A 56 -0.55 -12.47 12.03
N VAL A 57 -1.40 -11.50 11.98
CA VAL A 57 -1.24 -10.41 10.99
C VAL A 57 -0.01 -9.61 11.39
N MET A 58 0.26 -9.56 12.67
CA MET A 58 1.44 -8.82 13.15
C MET A 58 2.70 -9.61 12.82
N GLU A 59 2.61 -10.90 12.69
CA GLU A 59 3.83 -11.66 12.32
C GLU A 59 4.28 -11.11 10.97
N THR A 60 3.32 -10.85 10.12
CA THR A 60 3.63 -10.28 8.78
C THR A 60 3.88 -8.76 8.86
N LEU A 61 3.11 -8.05 9.66
CA LEU A 61 3.28 -6.57 9.76
C LEU A 61 4.34 -6.22 10.81
N ASP A 62 4.62 -7.11 11.71
CA ASP A 62 5.64 -6.78 12.75
C ASP A 62 7.01 -6.98 12.12
N GLU A 63 7.28 -6.23 11.11
CA GLU A 63 8.58 -6.35 10.42
C GLU A 63 9.70 -6.05 11.41
N ASP A 64 9.48 -5.12 12.29
CA ASP A 64 10.53 -4.79 13.30
C ASP A 64 10.54 -5.87 14.38
N GLY A 65 9.55 -6.72 14.38
CA GLY A 65 9.50 -7.81 15.40
C GLY A 65 9.40 -7.20 16.81
N ASP A 66 8.75 -6.06 16.92
CA ASP A 66 8.62 -5.40 18.27
C ASP A 66 7.19 -5.52 18.78
N GLY A 67 6.37 -6.29 18.10
CA GLY A 67 4.96 -6.45 18.55
C GLY A 67 4.16 -5.22 18.12
N GLU A 68 4.79 -4.31 17.42
CA GLU A 68 4.08 -3.08 16.95
C GLU A 68 4.58 -2.73 15.54
N CYS A 69 3.75 -2.11 14.75
CA CYS A 69 4.13 -1.72 13.36
C CYS A 69 4.07 -0.19 13.27
N ASP A 70 5.02 0.42 12.63
CA ASP A 70 5.03 1.91 12.52
C ASP A 70 4.12 2.34 11.39
N PHE A 71 3.88 3.62 11.26
CA PHE A 71 3.01 4.10 10.17
C PHE A 71 3.50 3.52 8.84
N GLN A 72 4.79 3.47 8.65
CA GLN A 72 5.33 2.90 7.38
C GLN A 72 4.89 1.44 7.21
N GLU A 73 5.11 0.61 8.21
CA GLU A 73 4.72 -0.82 8.06
C GLU A 73 3.21 -0.95 7.87
N PHE A 74 2.45 -0.17 8.58
CA PHE A 74 0.97 -0.22 8.44
C PHE A 74 0.57 0.13 7.01
N MET A 75 1.29 1.01 6.38
CA MET A 75 0.93 1.42 5.00
C MET A 75 0.97 0.21 4.09
N ALA A 76 1.88 -0.68 4.29
CA ALA A 76 1.96 -1.86 3.39
C ALA A 76 0.78 -2.80 3.60
N PHE A 77 0.28 -2.91 4.79
CA PHE A 77 -0.89 -3.83 5.02
C PHE A 77 -2.07 -3.40 4.18
N VAL A 78 -2.27 -2.13 4.09
CA VAL A 78 -3.43 -1.58 3.33
C VAL A 78 -3.27 -1.92 1.85
N SER A 79 -2.06 -1.91 1.37
CA SER A 79 -1.83 -2.22 -0.06
C SER A 79 -2.26 -3.65 -0.37
N MET A 80 -1.98 -4.56 0.51
CA MET A 80 -2.36 -5.97 0.25
C MET A 80 -3.88 -6.19 0.40
N VAL A 81 -4.47 -5.64 1.42
CA VAL A 81 -5.93 -5.83 1.63
C VAL A 81 -6.71 -5.27 0.44
N THR A 82 -6.25 -4.17 -0.08
CA THR A 82 -6.95 -3.54 -1.23
C THR A 82 -6.97 -4.53 -2.39
N THR A 83 -5.89 -5.23 -2.57
CA THR A 83 -5.83 -6.22 -3.67
C THR A 83 -7.03 -7.16 -3.54
N ALA A 84 -7.36 -7.53 -2.32
CA ALA A 84 -8.55 -8.41 -2.12
C ALA A 84 -9.77 -7.68 -2.66
N CYS A 85 -9.83 -6.39 -2.44
CA CYS A 85 -10.99 -5.60 -2.93
C CYS A 85 -11.12 -5.77 -4.44
N HIS A 86 -10.01 -5.89 -5.14
CA HIS A 86 -10.10 -6.07 -6.61
C HIS A 86 -10.88 -7.34 -6.90
N GLU A 87 -10.65 -8.37 -6.14
CA GLU A 87 -11.40 -9.63 -6.34
C GLU A 87 -12.89 -9.36 -6.13
N PHE A 88 -13.21 -8.56 -5.16
CA PHE A 88 -14.63 -8.23 -4.88
C PHE A 88 -15.16 -7.36 -6.02
N PHE A 89 -14.37 -6.43 -6.47
CA PHE A 89 -14.80 -5.56 -7.60
C PHE A 89 -14.29 -6.17 -8.90
N GLU A 90 -14.87 -7.26 -9.27
CA GLU A 90 -14.45 -7.94 -10.52
C GLU A 90 -14.95 -7.13 -11.72
N HIS A 91 -14.08 -6.44 -12.38
CA HIS A 91 -14.48 -5.63 -13.56
C HIS A 91 -14.54 -6.52 -14.79
N GLU A 92 -15.62 -7.25 -14.95
CA GLU A 92 -15.75 -8.15 -16.13
N MET B 1 -12.07 9.34 8.46
CA MET B 1 -13.40 8.89 8.96
C MET B 1 -13.82 7.61 8.24
N SER B 2 -13.15 6.52 8.52
CA SER B 2 -13.50 5.22 7.86
C SER B 2 -13.57 5.43 6.35
N GLU B 3 -12.91 6.45 5.87
CA GLU B 3 -12.90 6.74 4.41
C GLU B 3 -11.98 5.75 3.71
N LEU B 4 -11.25 4.99 4.47
CA LEU B 4 -10.32 3.99 3.88
C LEU B 4 -11.05 3.13 2.86
N GLU B 5 -12.34 3.02 2.94
CA GLU B 5 -13.08 2.19 1.94
C GLU B 5 -13.02 2.88 0.58
N LYS B 6 -13.16 4.16 0.57
CA LYS B 6 -13.10 4.92 -0.72
C LYS B 6 -11.66 4.89 -1.22
N ALA B 7 -10.72 4.87 -0.32
CA ALA B 7 -9.29 4.86 -0.70
C ALA B 7 -8.91 3.54 -1.36
N MET B 8 -9.41 2.45 -0.86
CA MET B 8 -9.07 1.13 -1.47
C MET B 8 -9.68 1.07 -2.86
N VAL B 9 -10.87 1.56 -3.01
CA VAL B 9 -11.54 1.53 -4.33
C VAL B 9 -10.76 2.40 -5.33
N ALA B 10 -10.24 3.51 -4.87
CA ALA B 10 -9.51 4.43 -5.80
C ALA B 10 -8.19 3.79 -6.23
N LEU B 11 -7.58 3.05 -5.36
CA LEU B 11 -6.28 2.40 -5.70
C LEU B 11 -6.51 1.52 -6.94
N ILE B 12 -7.60 0.83 -6.96
CA ILE B 12 -7.92 -0.07 -8.10
C ILE B 12 -8.37 0.74 -9.33
N ASP B 13 -9.06 1.83 -9.12
CA ASP B 13 -9.56 2.64 -10.29
C ASP B 13 -8.38 3.13 -11.15
N VAL B 14 -7.34 3.61 -10.54
CA VAL B 14 -6.17 4.13 -11.31
C VAL B 14 -5.39 2.95 -11.91
N PHE B 15 -5.48 1.80 -11.33
CA PHE B 15 -4.74 0.63 -11.90
C PHE B 15 -5.22 0.40 -13.33
N HIS B 16 -6.50 0.49 -13.55
CA HIS B 16 -7.04 0.27 -14.92
C HIS B 16 -6.86 1.53 -15.78
N GLN B 17 -6.71 2.67 -15.17
CA GLN B 17 -6.56 3.93 -15.95
C GLN B 17 -5.43 3.80 -16.96
N TYR B 18 -4.28 3.32 -16.55
CA TYR B 18 -3.12 3.20 -17.51
C TYR B 18 -2.78 1.74 -17.84
N SER B 19 -3.09 0.83 -16.96
CA SER B 19 -2.73 -0.60 -17.24
C SER B 19 -3.44 -1.07 -18.53
N GLY B 20 -4.67 -0.68 -18.73
CA GLY B 20 -5.40 -1.10 -19.96
C GLY B 20 -4.99 -0.24 -21.16
N ARG B 21 -4.20 0.77 -20.93
CA ARG B 21 -3.78 1.66 -22.05
C ARG B 21 -3.03 0.85 -23.12
N GLU B 22 -2.07 0.05 -22.71
CA GLU B 22 -1.29 -0.75 -23.69
C GLU B 22 -1.96 -2.12 -23.90
N GLY B 23 -1.77 -3.05 -23.01
CA GLY B 23 -2.40 -4.39 -23.19
C GLY B 23 -2.28 -5.22 -21.91
N ASP B 24 -1.26 -5.00 -21.12
CA ASP B 24 -1.13 -5.79 -19.87
C ASP B 24 -2.17 -5.30 -18.87
N LYS B 25 -3.41 -5.62 -19.11
CA LYS B 25 -4.50 -5.16 -18.21
C LYS B 25 -4.29 -5.71 -16.79
N HIS B 26 -4.05 -6.98 -16.64
CA HIS B 26 -3.89 -7.56 -15.27
C HIS B 26 -2.42 -7.52 -14.82
N LYS B 27 -1.51 -7.09 -15.68
CA LYS B 27 -0.06 -7.06 -15.28
C LYS B 27 0.57 -5.74 -15.71
N LEU B 28 1.65 -5.39 -15.07
CA LEU B 28 2.36 -4.12 -15.38
C LEU B 28 3.81 -4.41 -15.68
N LYS B 29 4.32 -3.86 -16.75
CA LYS B 29 5.77 -4.05 -17.09
C LYS B 29 6.48 -2.75 -16.73
N LYS B 30 7.78 -2.76 -16.55
CA LYS B 30 8.48 -1.49 -16.21
C LYS B 30 8.01 -0.42 -17.19
N SER B 31 7.57 -0.87 -18.33
CA SER B 31 7.08 0.08 -19.37
C SER B 31 5.69 0.60 -18.97
N GLU B 32 4.80 -0.26 -18.52
CA GLU B 32 3.45 0.21 -18.12
C GLU B 32 3.60 1.01 -16.83
N LEU B 33 4.53 0.63 -16.00
CA LEU B 33 4.76 1.36 -14.73
C LEU B 33 5.14 2.80 -15.04
N LYS B 34 5.97 3.00 -16.03
CA LYS B 34 6.39 4.38 -16.41
C LYS B 34 5.18 5.17 -16.90
N GLU B 35 4.29 4.53 -17.59
CA GLU B 35 3.11 5.27 -18.12
C GLU B 35 2.33 5.89 -16.96
N LEU B 36 2.20 5.19 -15.88
CA LEU B 36 1.46 5.76 -14.72
C LEU B 36 2.29 6.90 -14.13
N ILE B 37 3.56 6.67 -13.96
CA ILE B 37 4.44 7.70 -13.34
C ILE B 37 4.65 8.89 -14.27
N ASN B 38 4.84 8.68 -15.54
CA ASN B 38 5.07 9.83 -16.44
C ASN B 38 3.80 10.64 -16.65
N ASN B 39 2.69 9.96 -16.77
CA ASN B 39 1.39 10.67 -17.06
C ASN B 39 0.50 10.86 -15.83
N GLU B 40 0.52 9.96 -14.89
CA GLU B 40 -0.40 10.10 -13.71
C GLU B 40 0.19 11.08 -12.69
N LEU B 41 1.46 11.39 -12.79
CA LEU B 41 2.09 12.34 -11.81
C LEU B 41 2.55 13.59 -12.56
N SER B 42 1.66 14.23 -13.25
CA SER B 42 2.02 15.46 -14.00
C SER B 42 2.57 16.53 -13.04
N HIS B 43 1.95 16.68 -11.90
CA HIS B 43 2.43 17.70 -10.91
C HIS B 43 2.27 17.19 -9.47
N PHE B 44 1.48 16.18 -9.26
CA PHE B 44 1.29 15.67 -7.88
C PHE B 44 2.64 15.20 -7.32
N LEU B 45 3.39 14.45 -8.10
CA LEU B 45 4.72 13.95 -7.65
C LEU B 45 5.71 14.17 -8.78
N GLU B 46 6.95 14.40 -8.49
CA GLU B 46 7.92 14.63 -9.59
C GLU B 46 7.87 13.42 -10.52
N GLU B 47 7.42 13.62 -11.72
CA GLU B 47 7.34 12.49 -12.69
C GLU B 47 8.74 12.00 -13.04
N ILE B 48 8.85 10.90 -13.74
CA ILE B 48 10.20 10.37 -14.11
C ILE B 48 10.53 10.78 -15.55
N LYS B 49 11.76 11.15 -15.79
CA LYS B 49 12.17 11.60 -17.16
C LYS B 49 13.11 10.57 -17.80
N GLU B 50 13.79 9.77 -17.01
CA GLU B 50 14.72 8.74 -17.58
C GLU B 50 14.19 7.36 -17.22
N GLN B 51 14.28 6.42 -18.13
CA GLN B 51 13.79 5.05 -17.82
C GLN B 51 14.70 4.39 -16.80
N GLU B 52 15.91 4.90 -16.62
CA GLU B 52 16.83 4.27 -15.63
C GLU B 52 16.24 4.36 -14.23
N VAL B 53 15.62 5.46 -13.90
CA VAL B 53 15.03 5.58 -12.55
C VAL B 53 13.99 4.49 -12.41
N VAL B 54 13.25 4.24 -13.45
CA VAL B 54 12.21 3.19 -13.38
C VAL B 54 12.86 1.85 -13.11
N ASP B 55 13.97 1.59 -13.73
CA ASP B 55 14.66 0.28 -13.53
C ASP B 55 15.06 0.13 -12.07
N LYS B 56 15.50 1.19 -11.47
CA LYS B 56 15.92 1.13 -10.04
C LYS B 56 14.69 0.85 -9.16
N VAL B 57 13.60 1.49 -9.50
CA VAL B 57 12.36 1.28 -8.72
C VAL B 57 11.89 -0.14 -8.98
N MET B 58 12.20 -0.65 -10.13
CA MET B 58 11.80 -2.05 -10.45
C MET B 58 12.68 -3.01 -9.69
N GLU B 59 13.87 -2.62 -9.34
CA GLU B 59 14.71 -3.56 -8.55
C GLU B 59 13.94 -3.85 -7.27
N THR B 60 13.34 -2.82 -6.73
CA THR B 60 12.53 -2.97 -5.50
C THR B 60 11.14 -3.54 -5.80
N LEU B 61 10.52 -3.13 -6.89
CA LEU B 61 9.16 -3.63 -7.22
C LEU B 61 9.24 -4.91 -8.05
N ASP B 62 10.35 -5.18 -8.66
CA ASP B 62 10.45 -6.42 -9.47
C ASP B 62 10.73 -7.56 -8.50
N GLU B 63 9.82 -7.79 -7.63
CA GLU B 63 9.98 -8.87 -6.63
C GLU B 63 10.12 -10.20 -7.37
N ASP B 64 9.40 -10.36 -8.43
CA ASP B 64 9.48 -11.64 -9.21
C ASP B 64 10.78 -11.63 -10.02
N GLY B 65 11.43 -10.50 -10.10
CA GLY B 65 12.70 -10.42 -10.88
C GLY B 65 12.43 -10.72 -12.36
N ASP B 66 11.25 -10.38 -12.85
CA ASP B 66 10.91 -10.66 -14.28
C ASP B 66 10.92 -9.36 -15.08
N GLY B 67 11.35 -8.28 -14.48
CA GLY B 67 11.37 -6.98 -15.22
C GLY B 67 9.97 -6.39 -15.23
N GLU B 68 9.04 -7.06 -14.60
CA GLU B 68 7.63 -6.56 -14.55
C GLU B 68 7.05 -6.84 -13.16
N CYS B 69 6.12 -6.02 -12.72
CA CYS B 69 5.49 -6.20 -11.38
C CYS B 69 4.00 -6.45 -11.61
N ASP B 70 3.42 -7.36 -10.88
CA ASP B 70 1.97 -7.66 -11.07
C ASP B 70 1.14 -6.66 -10.29
N PHE B 71 -0.15 -6.68 -10.46
CA PHE B 71 -1.02 -5.74 -9.73
C PHE B 71 -0.69 -5.83 -8.24
N GLN B 72 -0.48 -7.02 -7.74
CA GLN B 72 -0.14 -7.16 -6.29
C GLN B 72 1.16 -6.40 -5.95
N GLU B 73 2.22 -6.62 -6.69
CA GLU B 73 3.49 -5.92 -6.37
C GLU B 73 3.30 -4.41 -6.51
N PHE B 74 2.60 -3.98 -7.53
CA PHE B 74 2.38 -2.52 -7.74
C PHE B 74 1.64 -1.93 -6.53
N MET B 75 0.76 -2.69 -5.94
CA MET B 75 -0.01 -2.17 -4.79
C MET B 75 0.94 -1.77 -3.67
N ALA B 76 2.00 -2.50 -3.49
CA ALA B 76 2.94 -2.15 -2.39
C ALA B 76 3.67 -0.84 -2.68
N PHE B 77 3.98 -0.57 -3.91
CA PHE B 77 4.72 0.70 -4.23
C PHE B 77 3.90 1.90 -3.80
N VAL B 78 2.64 1.84 -4.00
CA VAL B 78 1.73 2.97 -3.65
C VAL B 78 1.74 3.18 -2.14
N SER B 79 1.83 2.11 -1.40
CA SER B 79 1.82 2.24 0.08
C SER B 79 3.04 3.03 0.54
N MET B 80 4.18 2.79 -0.06
CA MET B 80 5.40 3.50 0.38
C MET B 80 5.40 4.97 -0.08
N VAL B 81 5.00 5.21 -1.31
CA VAL B 81 5.00 6.62 -1.81
C VAL B 81 4.04 7.46 -0.97
N THR B 82 2.93 6.90 -0.58
CA THR B 82 1.96 7.67 0.23
C THR B 82 2.63 8.12 1.51
N THR B 83 3.43 7.27 2.07
CA THR B 83 4.13 7.64 3.33
C THR B 83 4.86 8.96 3.10
N ALA B 84 5.46 9.13 1.95
CA ALA B 84 6.14 10.41 1.64
C ALA B 84 5.12 11.53 1.71
N CYS B 85 3.92 11.26 1.25
CA CYS B 85 2.85 12.29 1.27
C CYS B 85 2.63 12.75 2.72
N HIS B 86 2.77 11.85 3.67
CA HIS B 86 2.58 12.26 5.09
C HIS B 86 3.60 13.35 5.42
N GLU B 87 4.80 13.19 4.95
CA GLU B 87 5.84 14.23 5.21
C GLU B 87 5.38 15.55 4.59
N PHE B 88 4.79 15.48 3.44
CA PHE B 88 4.30 16.73 2.78
C PHE B 88 3.12 17.27 3.57
N PHE B 89 2.25 16.40 4.01
CA PHE B 89 1.08 16.84 4.81
C PHE B 89 1.44 16.75 6.29
N GLU B 90 2.30 17.61 6.71
CA GLU B 90 2.73 17.60 8.14
C GLU B 90 1.59 18.14 9.00
N HIS B 91 0.93 17.28 9.71
CA HIS B 91 -0.20 17.73 10.58
C HIS B 91 0.36 18.21 11.91
N GLU B 92 0.84 19.43 11.94
CA GLU B 92 1.40 19.98 13.20
N SER C 1 -15.82 -36.17 2.99
CA SER C 1 -14.92 -35.00 3.16
C SER C 1 -15.69 -33.71 2.83
N HIS C 2 -16.92 -33.83 2.42
CA HIS C 2 -17.71 -32.61 2.09
C HIS C 2 -17.81 -31.72 3.33
N LEU C 3 -18.00 -32.31 4.48
CA LEU C 3 -18.09 -31.50 5.72
C LEU C 3 -16.70 -30.97 6.07
N LYS C 4 -16.61 -29.78 6.60
CA LYS C 4 -15.28 -29.21 6.94
C LYS C 4 -14.84 -29.74 8.31
N SER C 5 -13.64 -30.23 8.40
CA SER C 5 -13.15 -30.77 9.71
C SER C 5 -12.66 -29.63 10.59
N LYS C 6 -12.72 -29.80 11.89
CA LYS C 6 -12.27 -28.72 12.82
C LYS C 6 -13.09 -27.46 12.58
N LYS C 7 -14.39 -27.59 12.48
CA LYS C 7 -15.26 -26.41 12.23
C LYS C 7 -15.90 -25.96 13.55
N GLY C 8 -15.99 -24.69 13.79
CA GLY C 8 -16.60 -24.18 15.06
C GLY C 8 -15.80 -22.98 15.56
N GLN C 9 -14.65 -22.75 14.99
CA GLN C 9 -13.81 -21.60 15.43
C GLN C 9 -13.91 -20.46 14.40
N SER C 10 -14.20 -19.27 14.85
CA SER C 10 -14.31 -18.12 13.91
C SER C 10 -12.92 -17.78 13.38
N THR C 11 -11.90 -18.11 14.14
CA THR C 11 -10.50 -17.82 13.70
C THR C 11 -10.35 -18.16 12.21
N SER C 12 -11.16 -19.05 11.71
CA SER C 12 -11.07 -19.42 10.27
C SER C 12 -11.01 -18.15 9.42
N ARG C 13 -11.52 -17.06 9.94
CA ARG C 13 -11.52 -15.79 9.17
C ARG C 13 -10.08 -15.40 8.78
N HIS C 14 -9.13 -15.67 9.63
CA HIS C 14 -7.72 -15.29 9.32
C HIS C 14 -7.29 -16.00 8.03
N LYS C 15 -7.69 -17.23 7.86
CA LYS C 15 -7.31 -17.97 6.62
C LYS C 15 -7.83 -17.22 5.40
N LYS C 16 -8.96 -16.57 5.52
CA LYS C 16 -9.51 -15.85 4.34
C LYS C 16 -8.49 -14.80 3.88
N LEU C 17 -7.88 -14.09 4.77
CA LEU C 17 -6.87 -13.07 4.34
C LEU C 17 -5.59 -13.79 3.90
N MET C 18 -5.33 -14.96 4.38
CA MET C 18 -4.08 -15.67 3.98
C MET C 18 -4.06 -15.83 2.46
N PHE C 19 -5.20 -15.82 1.82
CA PHE C 19 -5.23 -16.00 0.33
C PHE C 19 -4.11 -15.13 -0.29
N LYS C 20 -3.96 -13.93 0.20
CA LYS C 20 -2.89 -13.04 -0.34
C LYS C 20 -1.53 -13.60 0.08
N THR C 21 -1.48 -14.22 1.24
CA THR C 21 -0.19 -14.79 1.73
C THR C 21 0.32 -15.83 0.75
N GLU C 22 -0.57 -16.63 0.23
CA GLU C 22 -0.15 -17.68 -0.74
N SER D 1 33.12 21.88 -0.03
CA SER D 1 32.15 20.76 -0.18
C SER D 1 30.74 21.32 -0.28
N HIS D 2 30.58 22.61 -0.16
CA HIS D 2 29.20 23.18 -0.26
C HIS D 2 28.60 22.84 -1.62
N LEU D 3 29.39 22.90 -2.66
CA LEU D 3 28.86 22.57 -4.01
C LEU D 3 28.64 21.06 -4.10
N LYS D 4 27.61 20.64 -4.78
CA LYS D 4 27.34 19.17 -4.89
C LYS D 4 28.21 18.57 -5.98
N SER D 5 28.89 17.50 -5.69
CA SER D 5 29.77 16.85 -6.71
C SER D 5 28.92 15.97 -7.65
N LYS D 6 29.37 15.80 -8.86
CA LYS D 6 28.60 14.95 -9.82
C LYS D 6 27.21 15.54 -10.02
N LYS D 7 27.11 16.83 -10.21
CA LYS D 7 25.78 17.48 -10.42
C LYS D 7 25.56 17.74 -11.91
N GLY D 8 24.37 17.51 -12.38
CA GLY D 8 24.07 17.74 -13.83
C GLY D 8 23.14 16.63 -14.33
N GLN D 9 22.96 15.60 -13.55
CA GLN D 9 22.07 14.47 -13.96
C GLN D 9 20.74 14.56 -13.21
N SER D 10 19.64 14.52 -13.92
CA SER D 10 18.31 14.60 -13.25
C SER D 10 18.07 13.32 -12.47
N THR D 11 18.71 12.26 -12.87
CA THR D 11 18.54 10.94 -12.16
C THR D 11 18.57 11.17 -10.65
N SER D 12 19.19 12.24 -10.21
CA SER D 12 19.25 12.52 -8.75
C SER D 12 17.85 12.40 -8.15
N ARG D 13 16.84 12.58 -8.95
CA ARG D 13 15.44 12.48 -8.45
C ARG D 13 15.19 11.11 -7.81
N HIS D 14 15.78 10.07 -8.34
CA HIS D 14 15.56 8.72 -7.75
C HIS D 14 16.03 8.72 -6.30
N LYS D 15 17.11 9.37 -6.01
CA LYS D 15 17.61 9.40 -4.61
C LYS D 15 16.55 10.02 -3.70
N LYS D 16 15.79 10.94 -4.21
CA LYS D 16 14.75 11.59 -3.34
C LYS D 16 13.78 10.51 -2.83
N LEU D 17 13.37 9.60 -3.66
CA LEU D 17 12.46 8.52 -3.18
C LEU D 17 13.24 7.53 -2.31
N MET D 18 14.52 7.40 -2.51
CA MET D 18 15.30 6.44 -1.68
C MET D 18 15.13 6.77 -0.21
N PHE D 19 14.82 8.00 0.12
CA PHE D 19 14.66 8.37 1.55
C PHE D 19 13.84 7.27 2.27
N LYS D 20 12.81 6.79 1.63
CA LYS D 20 11.99 5.70 2.24
C LYS D 20 12.84 4.42 2.28
N THR D 21 13.68 4.23 1.30
CA THR D 21 14.53 3.00 1.25
C THR D 21 15.40 2.94 2.50
N GLU D 22 15.92 4.05 2.93
CA GLU D 22 16.79 4.07 4.14
CA CA E . -1.77 4.56 17.79
CA CA F . 7.62 -3.87 13.35
CA CA G . -0.44 -2.90 -18.40
CA CA H . 8.11 -9.14 -10.20
N MET A 1 -9.47 9.08 -11.86
CA MET A 1 -8.63 9.83 -12.83
C MET A 1 -7.55 10.61 -12.08
N SER A 2 -6.35 10.08 -12.02
CA SER A 2 -5.26 10.80 -11.31
C SER A 2 -5.73 11.23 -9.92
N GLU A 3 -6.76 10.60 -9.43
CA GLU A 3 -7.30 10.95 -8.10
C GLU A 3 -6.38 10.41 -7.01
N LEU A 4 -5.37 9.68 -7.41
CA LEU A 4 -4.43 9.09 -6.41
C LEU A 4 -4.05 10.13 -5.36
N GLU A 5 -4.14 11.38 -5.66
CA GLU A 5 -3.77 12.40 -4.63
C GLU A 5 -4.78 12.36 -3.49
N LYS A 6 -6.04 12.20 -3.82
CA LYS A 6 -7.09 12.12 -2.78
C LYS A 6 -6.98 10.80 -2.01
N ALA A 7 -6.70 9.74 -2.70
CA ALA A 7 -6.60 8.41 -2.03
C ALA A 7 -5.44 8.38 -1.04
N MET A 8 -4.33 8.96 -1.39
CA MET A 8 -3.17 8.95 -0.46
C MET A 8 -3.48 9.79 0.77
N VAL A 9 -4.12 10.89 0.59
CA VAL A 9 -4.45 11.77 1.75
C VAL A 9 -5.43 11.05 2.70
N ALA A 10 -6.38 10.35 2.16
CA ALA A 10 -7.41 9.65 3.00
C ALA A 10 -6.80 8.43 3.70
N LEU A 11 -5.93 7.73 3.04
CA LEU A 11 -5.33 6.53 3.66
C LEU A 11 -4.62 6.97 4.93
N ILE A 12 -3.98 8.09 4.85
CA ILE A 12 -3.26 8.65 6.03
C ILE A 12 -4.26 9.10 7.10
N ASP A 13 -5.39 9.64 6.71
CA ASP A 13 -6.37 10.12 7.72
C ASP A 13 -6.84 8.98 8.63
N VAL A 14 -7.20 7.86 8.07
CA VAL A 14 -7.68 6.72 8.91
C VAL A 14 -6.54 6.25 9.83
N PHE A 15 -5.33 6.21 9.35
CA PHE A 15 -4.23 5.73 10.23
C PHE A 15 -4.20 6.59 11.48
N HIS A 16 -4.41 7.87 11.34
CA HIS A 16 -4.42 8.75 12.54
C HIS A 16 -5.65 8.46 13.39
N GLN A 17 -6.66 7.87 12.81
CA GLN A 17 -7.90 7.59 13.57
C GLN A 17 -7.59 6.65 14.75
N TYR A 18 -6.81 5.63 14.54
CA TYR A 18 -6.50 4.67 15.67
C TYR A 18 -5.16 4.98 16.34
N SER A 19 -4.17 5.40 15.60
CA SER A 19 -2.84 5.67 16.21
C SER A 19 -2.94 6.74 17.31
N GLY A 20 -3.72 7.76 17.09
CA GLY A 20 -3.83 8.82 18.13
C GLY A 20 -4.67 8.34 19.31
N ARG A 21 -5.23 7.16 19.24
CA ARG A 21 -6.06 6.68 20.38
C ARG A 21 -5.19 6.37 21.59
N GLU A 22 -4.08 5.70 21.39
CA GLU A 22 -3.19 5.33 22.53
C GLU A 22 -1.85 6.06 22.41
N GLY A 23 -1.13 6.15 23.50
CA GLY A 23 0.19 6.85 23.48
C GLY A 23 1.00 6.42 22.27
N ASP A 24 0.73 5.26 21.73
CA ASP A 24 1.50 4.81 20.54
C ASP A 24 1.06 5.65 19.33
N LYS A 25 1.19 6.95 19.43
CA LYS A 25 0.78 7.86 18.32
C LYS A 25 1.65 7.64 17.08
N HIS A 26 2.93 7.46 17.27
CA HIS A 26 3.85 7.29 16.09
C HIS A 26 3.94 5.82 15.66
N LYS A 27 3.38 4.92 16.41
CA LYS A 27 3.47 3.47 16.03
C LYS A 27 2.16 2.76 16.41
N LEU A 28 1.98 1.57 15.92
CA LEU A 28 0.75 0.78 16.24
C LEU A 28 1.15 -0.52 16.93
N LYS A 29 0.59 -0.81 18.06
CA LYS A 29 0.93 -2.08 18.75
C LYS A 29 -0.07 -3.13 18.31
N LYS A 30 0.32 -4.37 18.26
CA LYS A 30 -0.62 -5.45 17.83
C LYS A 30 -1.97 -5.23 18.52
N SER A 31 -1.94 -4.54 19.62
CA SER A 31 -3.20 -4.27 20.38
C SER A 31 -3.94 -3.10 19.72
N GLU A 32 -3.25 -2.01 19.48
CA GLU A 32 -3.92 -0.85 18.83
C GLU A 32 -4.25 -1.25 17.40
N LEU A 33 -3.40 -2.05 16.80
CA LEU A 33 -3.65 -2.50 15.41
C LEU A 33 -4.97 -3.26 15.34
N LYS A 34 -5.24 -4.09 16.31
CA LYS A 34 -6.51 -4.88 16.29
C LYS A 34 -7.71 -3.93 16.27
N GLU A 35 -7.65 -2.87 17.01
CA GLU A 35 -8.78 -1.92 17.04
C GLU A 35 -8.98 -1.36 15.64
N LEU A 36 -7.91 -1.09 14.96
CA LEU A 36 -8.04 -0.57 13.58
C LEU A 36 -8.77 -1.59 12.72
N ILE A 37 -8.35 -2.82 12.77
CA ILE A 37 -8.97 -3.88 11.94
C ILE A 37 -10.35 -4.29 12.47
N ASN A 38 -10.47 -4.52 13.75
CA ASN A 38 -11.78 -5.01 14.30
C ASN A 38 -12.87 -3.93 14.27
N ASN A 39 -12.52 -2.72 14.57
CA ASN A 39 -13.55 -1.63 14.62
C ASN A 39 -13.63 -0.83 13.32
N GLU A 40 -12.54 -0.55 12.68
CA GLU A 40 -12.62 0.25 11.43
C GLU A 40 -13.33 -0.57 10.36
N LEU A 41 -13.04 -1.84 10.29
CA LEU A 41 -13.68 -2.72 9.28
C LEU A 41 -14.82 -3.50 9.95
N SER A 42 -15.82 -2.81 10.42
CA SER A 42 -16.94 -3.50 11.12
C SER A 42 -17.61 -4.49 10.16
N HIS A 43 -17.77 -4.12 8.92
CA HIS A 43 -18.42 -5.05 7.93
C HIS A 43 -17.63 -5.05 6.61
N PHE A 44 -16.80 -4.07 6.40
CA PHE A 44 -16.01 -4.00 5.14
C PHE A 44 -15.10 -5.23 5.02
N LEU A 45 -14.48 -5.64 6.10
CA LEU A 45 -13.59 -6.84 6.07
C LEU A 45 -13.99 -7.74 7.24
N GLU A 46 -13.75 -9.01 7.14
CA GLU A 46 -14.16 -9.90 8.26
C GLU A 46 -13.43 -9.46 9.53
N GLU A 47 -14.16 -8.97 10.48
CA GLU A 47 -13.53 -8.53 11.76
C GLU A 47 -12.74 -9.69 12.37
N ILE A 48 -11.91 -9.38 13.32
CA ILE A 48 -11.08 -10.42 13.97
C ILE A 48 -11.80 -10.90 15.24
N LYS A 49 -11.77 -12.18 15.50
CA LYS A 49 -12.46 -12.74 16.70
C LYS A 49 -11.42 -13.17 17.75
N GLU A 50 -10.17 -13.29 17.37
CA GLU A 50 -9.12 -13.73 18.34
C GLU A 50 -7.86 -12.88 18.19
N GLN A 51 -7.15 -12.69 19.27
CA GLN A 51 -5.89 -11.90 19.24
C GLN A 51 -4.84 -12.70 18.48
N GLU A 52 -4.98 -14.00 18.44
CA GLU A 52 -3.96 -14.83 17.73
C GLU A 52 -3.90 -14.47 16.26
N VAL A 53 -5.02 -14.22 15.63
CA VAL A 53 -4.98 -13.85 14.19
C VAL A 53 -4.16 -12.60 14.01
N VAL A 54 -4.31 -11.69 14.91
CA VAL A 54 -3.55 -10.43 14.82
C VAL A 54 -2.07 -10.71 15.02
N ASP A 55 -1.72 -11.63 15.86
CA ASP A 55 -0.28 -11.94 16.10
C ASP A 55 0.33 -12.56 14.83
N LYS A 56 -0.44 -13.34 14.14
CA LYS A 56 0.09 -13.97 12.89
C LYS A 56 0.30 -12.88 11.87
N VAL A 57 -0.61 -11.95 11.82
CA VAL A 57 -0.47 -10.83 10.87
C VAL A 57 0.77 -10.05 11.29
N MET A 58 1.01 -9.97 12.56
CA MET A 58 2.20 -9.24 13.05
C MET A 58 3.47 -10.01 12.68
N GLU A 59 3.40 -11.30 12.51
CA GLU A 59 4.63 -12.02 12.12
C GLU A 59 5.06 -11.41 10.78
N THR A 60 4.11 -11.15 9.95
CA THR A 60 4.38 -10.53 8.62
C THR A 60 4.52 -9.00 8.76
N LEU A 61 3.72 -8.38 9.61
CA LEU A 61 3.77 -6.90 9.75
C LEU A 61 4.81 -6.49 10.81
N ASP A 62 5.22 -7.39 11.65
CA ASP A 62 6.26 -7.03 12.65
C ASP A 62 7.60 -7.10 11.93
N GLU A 63 7.74 -6.28 10.92
CA GLU A 63 8.97 -6.29 10.09
C GLU A 63 10.19 -5.97 10.94
N ASP A 64 10.07 -5.06 11.86
CA ASP A 64 11.25 -4.72 12.71
C ASP A 64 11.31 -5.69 13.89
N GLY A 65 10.35 -6.57 13.98
CA GLY A 65 10.36 -7.56 15.09
C GLY A 65 10.16 -6.86 16.44
N ASP A 66 9.37 -5.81 16.48
CA ASP A 66 9.16 -5.08 17.78
C ASP A 66 7.77 -5.41 18.33
N GLY A 67 7.01 -6.21 17.64
CA GLY A 67 5.65 -6.55 18.13
C GLY A 67 4.69 -5.39 17.82
N GLU A 68 5.19 -4.39 17.14
CA GLU A 68 4.35 -3.21 16.79
C GLU A 68 4.64 -2.81 15.34
N CYS A 69 3.63 -2.57 14.55
CA CYS A 69 3.87 -2.15 13.13
C CYS A 69 3.85 -0.63 13.05
N ASP A 70 4.91 -0.05 12.58
CA ASP A 70 5.00 1.44 12.49
C ASP A 70 4.21 1.95 11.29
N PHE A 71 4.05 3.25 11.20
CA PHE A 71 3.31 3.85 10.06
C PHE A 71 3.77 3.19 8.75
N GLN A 72 5.05 3.01 8.60
CA GLN A 72 5.57 2.37 7.37
C GLN A 72 5.05 0.93 7.25
N GLU A 73 5.17 0.17 8.30
CA GLU A 73 4.71 -1.25 8.25
C GLU A 73 3.21 -1.31 7.98
N PHE A 74 2.44 -0.45 8.57
CA PHE A 74 0.97 -0.47 8.32
C PHE A 74 0.69 -0.06 6.88
N MET A 75 1.53 0.76 6.32
CA MET A 75 1.30 1.21 4.93
C MET A 75 1.27 0.00 4.01
N ALA A 76 2.13 -0.94 4.23
CA ALA A 76 2.13 -2.12 3.33
C ALA A 76 0.86 -2.96 3.56
N PHE A 77 0.37 -3.01 4.77
CA PHE A 77 -0.86 -3.82 5.04
C PHE A 77 -2.04 -3.30 4.20
N VAL A 78 -2.14 -2.01 4.08
CA VAL A 78 -3.27 -1.42 3.30
C VAL A 78 -3.15 -1.79 1.82
N SER A 79 -1.96 -1.89 1.32
CA SER A 79 -1.79 -2.25 -0.12
C SER A 79 -2.22 -3.70 -0.33
N MET A 80 -1.91 -4.55 0.58
CA MET A 80 -2.26 -5.99 0.44
C MET A 80 -3.77 -6.20 0.50
N VAL A 81 -4.42 -5.59 1.44
CA VAL A 81 -5.89 -5.78 1.57
C VAL A 81 -6.61 -5.11 0.41
N THR A 82 -6.11 -3.99 -0.04
CA THR A 82 -6.78 -3.27 -1.15
C THR A 82 -6.80 -4.19 -2.36
N THR A 83 -5.74 -4.91 -2.58
CA THR A 83 -5.68 -5.84 -3.72
C THR A 83 -6.91 -6.77 -3.62
N ALA A 84 -7.25 -7.16 -2.43
CA ALA A 84 -8.44 -8.04 -2.26
C ALA A 84 -9.69 -7.34 -2.80
N CYS A 85 -9.81 -6.06 -2.56
CA CYS A 85 -11.00 -5.32 -3.07
C CYS A 85 -11.06 -5.41 -4.59
N HIS A 86 -9.92 -5.35 -5.24
CA HIS A 86 -9.93 -5.43 -6.73
C HIS A 86 -10.55 -6.77 -7.15
N GLU A 87 -10.23 -7.82 -6.46
CA GLU A 87 -10.82 -9.13 -6.83
C GLU A 87 -12.33 -9.06 -6.68
N PHE A 88 -12.79 -8.42 -5.63
CA PHE A 88 -14.26 -8.28 -5.42
C PHE A 88 -14.81 -7.19 -6.34
N PHE A 89 -14.09 -6.12 -6.49
CA PHE A 89 -14.54 -5.01 -7.37
C PHE A 89 -13.99 -5.25 -8.77
N GLU A 90 -14.37 -6.34 -9.38
CA GLU A 90 -13.86 -6.64 -10.74
C GLU A 90 -14.55 -5.71 -11.72
N HIS A 91 -13.84 -4.74 -12.21
CA HIS A 91 -14.43 -3.79 -13.17
C HIS A 91 -14.91 -4.55 -14.41
N GLU A 92 -14.16 -5.53 -14.83
CA GLU A 92 -14.55 -6.34 -16.02
N MET B 1 -12.44 9.12 8.72
CA MET B 1 -13.20 8.30 9.70
C MET B 1 -13.63 6.98 9.06
N SER B 2 -12.90 5.93 9.28
CA SER B 2 -13.30 4.62 8.68
C SER B 2 -13.56 4.80 7.19
N GLU B 3 -13.05 5.85 6.62
CA GLU B 3 -13.25 6.11 5.16
C GLU B 3 -12.40 5.15 4.34
N LEU B 4 -11.57 4.39 4.99
CA LEU B 4 -10.67 3.44 4.27
C LEU B 4 -11.44 2.73 3.16
N GLU B 5 -12.72 2.60 3.27
CA GLU B 5 -13.48 1.90 2.19
C GLU B 5 -13.42 2.73 0.92
N LYS B 6 -13.53 4.03 1.05
CA LYS B 6 -13.47 4.92 -0.15
C LYS B 6 -12.05 4.95 -0.70
N ALA B 7 -11.08 4.99 0.17
CA ALA B 7 -9.66 5.06 -0.29
C ALA B 7 -9.26 3.80 -1.05
N MET B 8 -9.69 2.65 -0.59
CA MET B 8 -9.32 1.40 -1.30
C MET B 8 -9.99 1.36 -2.67
N VAL B 9 -11.20 1.79 -2.75
CA VAL B 9 -11.91 1.77 -4.06
C VAL B 9 -11.23 2.72 -5.06
N ALA B 10 -10.81 3.87 -4.59
CA ALA B 10 -10.16 4.87 -5.51
C ALA B 10 -8.75 4.44 -5.91
N LEU B 11 -8.04 3.81 -5.03
CA LEU B 11 -6.66 3.38 -5.36
C LEU B 11 -6.76 2.42 -6.54
N ILE B 12 -7.75 1.59 -6.50
CA ILE B 12 -7.97 0.61 -7.60
C ILE B 12 -8.40 1.35 -8.89
N ASP B 13 -9.19 2.38 -8.77
CA ASP B 13 -9.66 3.10 -9.99
C ASP B 13 -8.48 3.65 -10.80
N VAL B 14 -7.54 4.30 -10.16
CA VAL B 14 -6.37 4.86 -10.91
C VAL B 14 -5.56 3.73 -11.54
N PHE B 15 -5.40 2.63 -10.86
CA PHE B 15 -4.61 1.52 -11.45
C PHE B 15 -5.23 1.15 -12.79
N HIS B 16 -6.52 1.13 -12.88
CA HIS B 16 -7.18 0.78 -14.16
C HIS B 16 -6.95 1.92 -15.16
N GLN B 17 -6.67 3.10 -14.69
CA GLN B 17 -6.48 4.25 -15.63
C GLN B 17 -5.32 3.96 -16.59
N TYR B 18 -4.21 3.43 -16.10
CA TYR B 18 -3.04 3.15 -17.01
C TYR B 18 -3.02 1.70 -17.48
N SER B 19 -3.38 0.77 -16.65
CA SER B 19 -3.31 -0.66 -17.05
C SER B 19 -4.17 -0.94 -18.29
N GLY B 20 -5.33 -0.35 -18.35
CA GLY B 20 -6.21 -0.59 -19.53
C GLY B 20 -5.69 0.15 -20.76
N ARG B 21 -4.66 0.92 -20.62
CA ARG B 21 -4.14 1.66 -21.81
C ARG B 21 -3.49 0.70 -22.81
N GLU B 22 -2.68 -0.21 -22.33
CA GLU B 22 -1.98 -1.18 -23.24
C GLU B 22 -2.48 -2.60 -22.99
N GLY B 23 -2.26 -3.48 -23.93
CA GLY B 23 -2.72 -4.89 -23.79
C GLY B 23 -2.35 -5.42 -22.40
N ASP B 24 -1.37 -4.84 -21.76
CA ASP B 24 -1.01 -5.33 -20.41
C ASP B 24 -2.09 -4.89 -19.42
N LYS B 25 -3.31 -5.30 -19.68
CA LYS B 25 -4.45 -4.90 -18.79
C LYS B 25 -4.30 -5.54 -17.40
N HIS B 26 -3.87 -6.77 -17.33
CA HIS B 26 -3.74 -7.46 -16.01
C HIS B 26 -2.37 -7.20 -15.38
N LYS B 27 -1.47 -6.58 -16.07
CA LYS B 27 -0.11 -6.32 -15.49
C LYS B 27 0.42 -4.98 -15.98
N LEU B 28 1.47 -4.50 -15.37
CA LEU B 28 2.07 -3.19 -15.79
C LEU B 28 3.51 -3.42 -16.21
N LYS B 29 3.89 -2.98 -17.38
CA LYS B 29 5.29 -3.17 -17.82
C LYS B 29 6.07 -1.92 -17.42
N LYS B 30 7.34 -2.06 -17.14
CA LYS B 30 8.14 -0.87 -16.72
C LYS B 30 7.81 0.30 -17.67
N SER B 31 7.34 -0.02 -18.83
CA SER B 31 6.97 1.03 -19.81
C SER B 31 5.61 1.62 -19.46
N GLU B 32 4.63 0.78 -19.26
CA GLU B 32 3.28 1.29 -18.91
C GLU B 32 3.37 1.89 -17.50
N LEU B 33 4.19 1.31 -16.67
CA LEU B 33 4.36 1.84 -15.28
C LEU B 33 4.86 3.28 -15.35
N LYS B 34 5.78 3.57 -16.22
CA LYS B 34 6.32 4.95 -16.31
C LYS B 34 5.19 5.94 -16.63
N GLU B 35 4.29 5.55 -17.49
CA GLU B 35 3.18 6.46 -17.84
C GLU B 35 2.38 6.74 -16.58
N LEU B 36 2.18 5.77 -15.78
CA LEU B 36 1.42 5.99 -14.52
C LEU B 36 2.15 7.02 -13.68
N ILE B 37 3.41 6.84 -13.48
CA ILE B 37 4.19 7.77 -12.64
C ILE B 37 4.45 9.11 -13.33
N ASN B 38 4.87 9.09 -14.56
CA ASN B 38 5.21 10.37 -15.27
C ASN B 38 3.97 11.22 -15.57
N ASN B 39 2.90 10.61 -15.96
CA ASN B 39 1.68 11.39 -16.35
C ASN B 39 0.68 11.49 -15.20
N GLU B 40 0.49 10.47 -14.43
CA GLU B 40 -0.52 10.57 -13.33
C GLU B 40 -0.03 11.58 -12.29
N LEU B 41 1.26 11.55 -12.01
CA LEU B 41 1.83 12.50 -11.00
C LEU B 41 2.49 13.65 -11.75
N SER B 42 1.73 14.42 -12.49
CA SER B 42 2.32 15.55 -13.25
C SER B 42 3.01 16.53 -12.30
N HIS B 43 2.42 16.79 -11.16
CA HIS B 43 3.04 17.74 -10.18
C HIS B 43 2.95 17.17 -8.76
N PHE B 44 2.11 16.19 -8.56
CA PHE B 44 1.98 15.59 -7.19
C PHE B 44 3.31 14.97 -6.76
N LEU B 45 3.99 14.30 -7.64
CA LEU B 45 5.30 13.67 -7.30
C LEU B 45 6.31 14.07 -8.38
N GLU B 46 7.57 14.12 -8.06
CA GLU B 46 8.53 14.51 -9.10
C GLU B 46 8.44 13.54 -10.28
N GLU B 47 8.00 14.01 -11.40
CA GLU B 47 7.90 13.13 -12.60
C GLU B 47 9.25 12.50 -12.89
N ILE B 48 9.26 11.51 -13.73
CA ILE B 48 10.53 10.81 -14.08
C ILE B 48 11.08 11.41 -15.37
N LYS B 49 12.37 11.60 -15.45
CA LYS B 49 12.99 12.21 -16.67
C LYS B 49 13.77 11.14 -17.44
N GLU B 50 14.04 10.01 -16.84
CA GLU B 50 14.80 8.94 -17.55
C GLU B 50 14.18 7.55 -17.30
N GLN B 51 14.30 6.69 -18.27
CA GLN B 51 13.74 5.31 -18.12
C GLN B 51 14.56 4.56 -17.09
N GLU B 52 15.80 4.96 -16.89
CA GLU B 52 16.66 4.24 -15.91
C GLU B 52 16.07 4.32 -14.51
N VAL B 53 15.53 5.44 -14.13
CA VAL B 53 14.94 5.54 -12.76
C VAL B 53 13.84 4.52 -12.63
N VAL B 54 13.08 4.35 -13.66
CA VAL B 54 11.98 3.38 -13.62
C VAL B 54 12.54 1.97 -13.51
N ASP B 55 13.64 1.70 -14.14
CA ASP B 55 14.22 0.33 -14.08
C ASP B 55 14.72 0.04 -12.67
N LYS B 56 15.22 1.04 -12.00
CA LYS B 56 15.72 0.83 -10.62
C LYS B 56 14.52 0.56 -9.72
N VAL B 57 13.45 1.28 -9.97
CA VAL B 57 12.23 1.04 -9.18
C VAL B 57 11.75 -0.37 -9.47
N MET B 58 11.94 -0.81 -10.68
CA MET B 58 11.51 -2.18 -11.06
C MET B 58 12.41 -3.20 -10.37
N GLU B 59 13.62 -2.85 -10.04
CA GLU B 59 14.47 -3.85 -9.34
C GLU B 59 13.73 -4.19 -8.05
N THR B 60 13.17 -3.19 -7.43
CA THR B 60 12.40 -3.40 -6.18
C THR B 60 10.96 -3.85 -6.51
N LEU B 61 10.37 -3.31 -7.54
CA LEU B 61 8.96 -3.69 -7.89
C LEU B 61 8.92 -4.92 -8.79
N ASP B 62 10.01 -5.27 -9.41
CA ASP B 62 10.00 -6.49 -10.27
C ASP B 62 10.18 -7.67 -9.32
N GLU B 63 9.24 -7.81 -8.44
CA GLU B 63 9.32 -8.87 -7.41
C GLU B 63 9.37 -10.25 -8.07
N ASP B 64 8.60 -10.46 -9.11
CA ASP B 64 8.62 -11.79 -9.78
C ASP B 64 9.78 -11.82 -10.78
N GLY B 65 10.47 -10.73 -10.92
CA GLY B 65 11.63 -10.70 -11.86
C GLY B 65 11.13 -10.85 -13.32
N ASP B 66 9.99 -10.30 -13.64
CA ASP B 66 9.46 -10.42 -15.04
C ASP B 66 9.62 -9.08 -15.77
N GLY B 67 10.16 -8.09 -15.12
CA GLY B 67 10.35 -6.77 -15.78
C GLY B 67 9.00 -6.03 -15.80
N GLU B 68 8.01 -6.60 -15.20
CA GLU B 68 6.65 -5.97 -15.17
C GLU B 68 6.07 -6.13 -13.76
N CYS B 69 5.53 -5.08 -13.18
CA CYS B 69 4.93 -5.20 -11.81
C CYS B 69 3.43 -5.46 -11.95
N ASP B 70 2.98 -6.54 -11.39
CA ASP B 70 1.53 -6.90 -11.49
C ASP B 70 0.70 -6.07 -10.52
N PHE B 71 -0.60 -6.16 -10.64
CA PHE B 71 -1.52 -5.39 -9.75
C PHE B 71 -1.01 -5.52 -8.30
N GLN B 72 -0.63 -6.71 -7.91
CA GLN B 72 -0.12 -6.92 -6.52
C GLN B 72 1.16 -6.10 -6.31
N GLU B 73 2.10 -6.22 -7.20
CA GLU B 73 3.38 -5.49 -7.04
C GLU B 73 3.14 -3.97 -7.03
N PHE B 74 2.27 -3.49 -7.86
CA PHE B 74 2.01 -2.02 -7.86
C PHE B 74 1.31 -1.62 -6.56
N MET B 75 0.57 -2.52 -5.98
CA MET B 75 -0.14 -2.18 -4.73
C MET B 75 0.86 -1.79 -3.66
N ALA B 76 1.97 -2.46 -3.60
CA ALA B 76 2.97 -2.10 -2.57
C ALA B 76 3.61 -0.75 -2.89
N PHE B 77 3.77 -0.43 -4.15
CA PHE B 77 4.38 0.88 -4.51
C PHE B 77 3.54 2.03 -3.97
N VAL B 78 2.25 1.91 -4.04
CA VAL B 78 1.35 2.99 -3.56
C VAL B 78 1.49 3.17 -2.04
N SER B 79 1.70 2.10 -1.34
CA SER B 79 1.84 2.21 0.14
C SER B 79 3.13 2.95 0.49
N MET B 80 4.17 2.69 -0.25
CA MET B 80 5.49 3.33 0.04
C MET B 80 5.44 4.83 -0.26
N VAL B 81 4.90 5.21 -1.37
CA VAL B 81 4.85 6.65 -1.72
C VAL B 81 3.87 7.38 -0.81
N THR B 82 2.81 6.74 -0.45
CA THR B 82 1.80 7.40 0.44
C THR B 82 2.49 7.78 1.73
N THR B 83 3.34 6.91 2.23
CA THR B 83 4.06 7.22 3.48
C THR B 83 4.76 8.56 3.30
N ALA B 84 5.28 8.81 2.12
CA ALA B 84 5.96 10.11 1.86
C ALA B 84 4.97 11.26 2.09
N CYS B 85 3.75 11.09 1.67
CA CYS B 85 2.73 12.17 1.86
C CYS B 85 2.57 12.46 3.35
N HIS B 86 2.60 11.45 4.17
CA HIS B 86 2.43 11.68 5.64
C HIS B 86 3.54 12.61 6.12
N GLU B 87 4.73 12.40 5.65
CA GLU B 87 5.85 13.28 6.09
C GLU B 87 5.53 14.72 5.65
N PHE B 88 5.01 14.89 4.48
CA PHE B 88 4.66 16.26 4.00
C PHE B 88 3.35 16.71 4.64
N PHE B 89 2.42 15.81 4.77
CA PHE B 89 1.11 16.16 5.40
C PHE B 89 1.21 15.88 6.90
N GLU B 90 2.11 16.56 7.57
CA GLU B 90 2.25 16.31 9.03
C GLU B 90 1.07 16.94 9.74
N HIS B 91 0.17 16.13 10.20
CA HIS B 91 -1.03 16.66 10.91
C HIS B 91 -0.57 17.44 12.14
N GLU B 92 0.44 16.96 12.81
CA GLU B 92 0.94 17.68 14.02
N SER C 1 -22.02 -32.66 0.37
CA SER C 1 -23.03 -33.41 1.15
C SER C 1 -22.39 -34.02 2.39
N HIS C 2 -21.18 -33.65 2.68
CA HIS C 2 -20.48 -34.21 3.89
C HIS C 2 -20.88 -33.40 5.12
N LEU C 3 -21.12 -34.07 6.22
CA LEU C 3 -21.50 -33.35 7.47
C LEU C 3 -20.25 -33.12 8.32
N LYS C 4 -20.17 -31.99 8.97
CA LYS C 4 -18.97 -31.68 9.80
C LYS C 4 -19.39 -30.94 11.07
N SER C 5 -18.56 -30.94 12.07
CA SER C 5 -18.90 -30.24 13.35
C SER C 5 -18.24 -28.86 13.37
N LYS C 6 -18.13 -28.26 14.53
CA LYS C 6 -17.51 -26.91 14.62
C LYS C 6 -15.99 -27.02 14.52
N LYS C 7 -15.49 -28.03 13.86
CA LYS C 7 -14.01 -28.18 13.74
C LYS C 7 -13.45 -26.94 13.04
N GLY C 8 -14.12 -26.46 12.05
CA GLY C 8 -13.62 -25.26 11.33
C GLY C 8 -13.70 -24.04 12.25
N GLN C 9 -12.87 -23.06 12.00
CA GLN C 9 -12.87 -21.82 12.85
C GLN C 9 -12.92 -20.61 11.93
N SER C 10 -13.32 -19.47 12.45
CA SER C 10 -13.39 -18.27 11.57
C SER C 10 -12.02 -18.01 10.95
N THR C 11 -10.97 -18.45 11.60
CA THR C 11 -9.60 -18.24 11.05
C THR C 11 -9.60 -18.58 9.55
N SER C 12 -10.51 -19.41 9.13
CA SER C 12 -10.57 -19.77 7.69
C SER C 12 -10.79 -18.50 6.86
N ARG C 13 -11.62 -17.60 7.32
CA ARG C 13 -11.82 -16.34 6.54
C ARG C 13 -10.47 -15.62 6.43
N HIS C 14 -9.72 -15.63 7.49
CA HIS C 14 -8.39 -14.96 7.46
C HIS C 14 -7.55 -15.61 6.37
N LYS C 15 -7.78 -16.88 6.10
CA LYS C 15 -6.99 -17.57 5.04
C LYS C 15 -7.24 -16.85 3.72
N LYS C 16 -8.41 -16.34 3.50
CA LYS C 16 -8.66 -15.64 2.21
C LYS C 16 -7.67 -14.47 2.14
N LEU C 17 -7.45 -13.81 3.24
CA LEU C 17 -6.47 -12.67 3.25
C LEU C 17 -5.04 -13.20 3.07
N MET C 18 -4.80 -14.43 3.44
CA MET C 18 -3.44 -15.01 3.30
C MET C 18 -3.08 -15.15 1.82
N PHE C 19 -4.05 -15.24 0.95
CA PHE C 19 -3.74 -15.38 -0.50
C PHE C 19 -2.68 -14.35 -0.88
N LYS C 20 -2.73 -13.21 -0.27
CA LYS C 20 -1.70 -12.18 -0.57
C LYS C 20 -0.39 -12.60 0.10
N THR C 21 -0.45 -13.14 1.28
CA THR C 21 0.81 -13.57 1.96
C THR C 21 1.49 -14.61 1.09
N GLU C 22 0.73 -15.40 0.38
CA GLU C 22 1.33 -16.44 -0.50
N SER D 1 26.99 28.54 -0.23
CA SER D 1 27.62 29.58 -1.09
C SER D 1 28.58 28.89 -2.07
N HIS D 2 28.54 27.59 -2.15
CA HIS D 2 29.44 26.87 -3.09
C HIS D 2 28.83 26.84 -4.49
N LEU D 3 29.62 27.05 -5.50
CA LEU D 3 29.09 27.03 -6.90
C LEU D 3 29.29 25.63 -7.49
N LYS D 4 28.34 25.16 -8.26
CA LYS D 4 28.47 23.80 -8.87
C LYS D 4 27.90 23.80 -10.28
N SER D 5 28.28 22.84 -11.09
CA SER D 5 27.77 22.77 -12.48
C SER D 5 26.59 21.79 -12.57
N LYS D 6 26.26 21.35 -13.75
CA LYS D 6 25.12 20.41 -13.91
C LYS D 6 25.53 19.00 -13.47
N LYS D 7 26.48 18.88 -12.59
CA LYS D 7 26.92 17.53 -12.14
C LYS D 7 25.73 16.80 -11.52
N GLY D 8 24.92 17.50 -10.77
CA GLY D 8 23.75 16.86 -10.13
C GLY D 8 22.74 16.46 -11.22
N GLN D 9 21.93 15.47 -10.95
CA GLN D 9 20.91 15.02 -11.94
C GLN D 9 19.55 14.92 -11.24
N SER D 10 18.48 14.93 -11.97
CA SER D 10 17.15 14.85 -11.32
C SER D 10 17.08 13.59 -10.46
N THR D 11 17.84 12.58 -10.82
CA THR D 11 17.84 11.32 -10.02
C THR D 11 17.89 11.66 -8.54
N SER D 12 18.40 12.81 -8.20
CA SER D 12 18.47 13.19 -6.76
C SER D 12 17.05 13.23 -6.18
N ARG D 13 16.10 13.71 -6.93
CA ARG D 13 14.70 13.72 -6.40
C ARG D 13 14.28 12.28 -6.12
N HIS D 14 14.64 11.38 -6.98
CA HIS D 14 14.28 9.96 -6.77
C HIS D 14 14.88 9.51 -5.45
N LYS D 15 15.99 10.08 -5.06
CA LYS D 15 16.62 9.68 -3.76
C LYS D 15 15.64 9.96 -2.64
N LYS D 16 14.85 11.00 -2.73
CA LYS D 16 13.88 11.26 -1.65
C LYS D 16 12.97 10.05 -1.54
N LEU D 17 12.59 9.48 -2.65
CA LEU D 17 11.72 8.27 -2.62
C LEU D 17 12.51 7.07 -2.07
N MET D 18 13.80 7.08 -2.22
CA MET D 18 14.61 5.95 -1.71
C MET D 18 14.55 5.89 -0.18
N PHE D 19 14.27 6.99 0.48
CA PHE D 19 14.20 6.97 1.96
C PHE D 19 13.37 5.77 2.41
N LYS D 20 12.37 5.42 1.65
CA LYS D 20 11.55 4.24 1.99
C LYS D 20 12.36 2.98 1.69
N THR D 21 13.09 2.98 0.60
CA THR D 21 13.90 1.77 0.26
C THR D 21 14.90 1.51 1.41
N GLU D 22 15.34 2.57 2.05
CA GLU D 22 16.30 2.40 3.17
CA CA E . -1.03 4.29 17.60
CA CA F . 6.89 -4.26 13.30
CA CA G . -1.38 -2.36 -17.86
CA CA H . 7.57 -8.07 -11.06
N MET A 1 -8.46 8.77 -11.43
CA MET A 1 -8.33 10.12 -12.03
C MET A 1 -7.27 10.92 -11.27
N SER A 2 -6.05 10.45 -11.28
CA SER A 2 -4.97 11.18 -10.55
C SER A 2 -5.40 11.44 -9.10
N GLU A 3 -6.50 10.87 -8.69
CA GLU A 3 -6.97 11.07 -7.28
C GLU A 3 -6.11 10.21 -6.35
N LEU A 4 -4.93 9.87 -6.78
CA LEU A 4 -4.03 9.03 -5.93
C LEU A 4 -3.76 9.77 -4.64
N GLU A 5 -3.62 11.06 -4.70
CA GLU A 5 -3.36 11.85 -3.46
C GLU A 5 -4.53 11.71 -2.50
N LYS A 6 -5.73 11.69 -3.00
CA LYS A 6 -6.91 11.53 -2.08
C LYS A 6 -6.79 10.20 -1.38
N ALA A 7 -6.38 9.19 -2.09
CA ALA A 7 -6.24 7.84 -1.48
C ALA A 7 -5.22 7.90 -0.34
N MET A 8 -4.16 8.63 -0.54
CA MET A 8 -3.12 8.74 0.51
C MET A 8 -3.69 9.36 1.76
N VAL A 9 -4.52 10.35 1.59
CA VAL A 9 -5.12 11.05 2.74
C VAL A 9 -6.07 10.10 3.49
N ALA A 10 -6.78 9.29 2.78
CA ALA A 10 -7.75 8.36 3.44
C ALA A 10 -7.04 7.29 4.26
N LEU A 11 -5.95 6.77 3.77
CA LEU A 11 -5.23 5.71 4.54
C LEU A 11 -4.81 6.29 5.88
N ILE A 12 -4.38 7.51 5.89
CA ILE A 12 -3.94 8.16 7.15
C ILE A 12 -5.15 8.40 8.08
N ASP A 13 -6.27 8.82 7.55
CA ASP A 13 -7.44 9.10 8.45
C ASP A 13 -7.93 7.83 9.17
N VAL A 14 -8.05 6.74 8.47
CA VAL A 14 -8.56 5.48 9.11
C VAL A 14 -7.49 4.87 10.05
N PHE A 15 -6.25 4.91 9.65
CA PHE A 15 -5.21 4.31 10.52
C PHE A 15 -5.21 5.04 11.86
N HIS A 16 -5.38 6.33 11.85
CA HIS A 16 -5.39 7.08 13.13
C HIS A 16 -6.60 6.65 13.98
N GLN A 17 -7.66 6.22 13.36
CA GLN A 17 -8.86 5.83 14.14
C GLN A 17 -8.52 4.68 15.11
N TYR A 18 -7.76 3.70 14.70
CA TYR A 18 -7.44 2.55 15.62
C TYR A 18 -6.08 2.72 16.33
N SER A 19 -5.13 3.32 15.69
CA SER A 19 -3.79 3.48 16.32
C SER A 19 -3.86 4.38 17.56
N GLY A 20 -4.63 5.43 17.50
CA GLY A 20 -4.72 6.34 18.68
C GLY A 20 -5.64 5.74 19.74
N ARG A 21 -6.32 4.67 19.40
CA ARG A 21 -7.24 4.03 20.39
C ARG A 21 -6.43 3.57 21.61
N GLU A 22 -5.34 2.90 21.38
CA GLU A 22 -4.49 2.41 22.50
C GLU A 22 -3.38 3.43 22.77
N GLY A 23 -3.32 4.47 21.99
CA GLY A 23 -2.26 5.50 22.19
C GLY A 23 -1.02 5.16 21.36
N ASP A 24 -1.00 4.01 20.72
CA ASP A 24 0.18 3.66 19.88
C ASP A 24 0.02 4.34 18.52
N LYS A 25 0.14 5.63 18.48
CA LYS A 25 -0.02 6.36 17.18
C LYS A 25 1.16 6.08 16.24
N HIS A 26 2.35 6.06 16.76
CA HIS A 26 3.55 5.83 15.89
C HIS A 26 3.72 4.33 15.57
N LYS A 27 3.04 3.47 16.27
CA LYS A 27 3.19 2.00 15.99
C LYS A 27 1.84 1.30 16.12
N LEU A 28 1.71 0.15 15.53
CA LEU A 28 0.41 -0.61 15.57
C LEU A 28 0.64 -1.97 16.25
N LYS A 29 -0.16 -2.32 17.22
CA LYS A 29 0.02 -3.64 17.92
C LYS A 29 -1.04 -4.64 17.41
N LYS A 30 -0.64 -5.87 17.22
CA LYS A 30 -1.60 -6.92 16.73
C LYS A 30 -2.98 -6.72 17.36
N SER A 31 -3.01 -6.07 18.50
CA SER A 31 -4.31 -5.88 19.20
C SER A 31 -5.16 -4.84 18.47
N GLU A 32 -4.64 -3.67 18.25
CA GLU A 32 -5.43 -2.65 17.52
C GLU A 32 -5.62 -3.13 16.08
N LEU A 33 -4.69 -3.91 15.58
CA LEU A 33 -4.81 -4.42 14.18
C LEU A 33 -6.09 -5.26 14.06
N LYS A 34 -6.32 -6.17 14.97
CA LYS A 34 -7.54 -7.02 14.88
C LYS A 34 -8.81 -6.16 14.95
N GLU A 35 -8.82 -5.18 15.78
CA GLU A 35 -10.03 -4.33 15.91
C GLU A 35 -10.29 -3.62 14.59
N LEU A 36 -9.25 -3.23 13.92
CA LEU A 36 -9.45 -2.55 12.61
C LEU A 36 -10.04 -3.55 11.63
N ILE A 37 -9.45 -4.70 11.55
CA ILE A 37 -9.92 -5.74 10.58
C ILE A 37 -11.32 -6.24 10.94
N ASN A 38 -11.55 -6.59 12.18
CA ASN A 38 -12.89 -7.14 12.55
C ASN A 38 -13.97 -6.04 12.58
N ASN A 39 -13.63 -4.89 13.06
CA ASN A 39 -14.65 -3.78 13.20
C ASN A 39 -14.62 -2.78 12.05
N GLU A 40 -13.49 -2.44 11.50
CA GLU A 40 -13.49 -1.42 10.41
C GLU A 40 -13.81 -2.09 9.08
N LEU A 41 -13.77 -3.39 9.02
CA LEU A 41 -14.08 -4.10 7.74
C LEU A 41 -14.85 -5.39 8.04
N SER A 42 -15.83 -5.32 8.90
CA SER A 42 -16.60 -6.55 9.24
C SER A 42 -17.27 -7.12 7.99
N HIS A 43 -17.96 -6.31 7.24
CA HIS A 43 -18.66 -6.81 6.00
C HIS A 43 -17.84 -6.47 4.75
N PHE A 44 -16.85 -5.63 4.88
CA PHE A 44 -16.02 -5.26 3.69
C PHE A 44 -14.88 -6.27 3.54
N LEU A 45 -14.69 -7.13 4.51
CA LEU A 45 -13.63 -8.17 4.42
C LEU A 45 -14.06 -9.35 5.29
N GLU A 46 -13.37 -10.46 5.22
CA GLU A 46 -13.79 -11.60 6.07
C GLU A 46 -13.50 -11.24 7.53
N GLU A 47 -14.52 -11.22 8.35
CA GLU A 47 -14.32 -10.87 9.79
C GLU A 47 -13.41 -11.91 10.45
N ILE A 48 -12.57 -11.49 11.36
CA ILE A 48 -11.64 -12.46 12.03
C ILE A 48 -12.33 -13.03 13.28
N LYS A 49 -12.25 -14.32 13.48
CA LYS A 49 -12.92 -14.95 14.66
C LYS A 49 -11.85 -15.39 15.68
N GLU A 50 -10.65 -15.63 15.24
CA GLU A 50 -9.56 -16.09 16.17
C GLU A 50 -8.35 -15.18 16.10
N GLN A 51 -7.65 -15.06 17.19
CA GLN A 51 -6.43 -14.22 17.22
C GLN A 51 -5.36 -14.90 16.38
N GLU A 52 -5.48 -16.19 16.17
CA GLU A 52 -4.44 -16.92 15.38
C GLU A 52 -4.34 -16.37 13.96
N VAL A 53 -5.44 -16.05 13.34
CA VAL A 53 -5.37 -15.51 11.95
C VAL A 53 -4.54 -14.24 11.97
N VAL A 54 -4.73 -13.45 12.98
CA VAL A 54 -3.98 -12.18 13.09
C VAL A 54 -2.49 -12.47 13.33
N ASP A 55 -2.19 -13.54 14.02
CA ASP A 55 -0.76 -13.89 14.29
C ASP A 55 -0.08 -14.33 13.00
N LYS A 56 -0.81 -14.98 12.16
CA LYS A 56 -0.23 -15.45 10.86
C LYS A 56 0.02 -14.22 10.01
N VAL A 57 -0.90 -13.31 10.06
CA VAL A 57 -0.77 -12.05 9.30
C VAL A 57 0.42 -11.29 9.88
N MET A 58 0.62 -11.40 11.17
CA MET A 58 1.77 -10.70 11.81
C MET A 58 3.06 -11.22 11.19
N GLU A 59 3.16 -12.48 10.94
CA GLU A 59 4.42 -13.00 10.32
C GLU A 59 4.68 -12.18 9.08
N THR A 60 3.65 -11.88 8.37
CA THR A 60 3.79 -11.09 7.12
C THR A 60 3.94 -9.58 7.40
N LEU A 61 3.13 -9.03 8.27
CA LEU A 61 3.22 -7.56 8.54
C LEU A 61 4.19 -7.28 9.69
N ASP A 62 4.54 -8.27 10.44
CA ASP A 62 5.49 -8.02 11.56
C ASP A 62 6.89 -8.01 10.97
N GLU A 63 7.12 -7.09 10.09
CA GLU A 63 8.44 -7.00 9.44
C GLU A 63 9.49 -6.78 10.52
N ASP A 64 9.18 -5.99 11.50
CA ASP A 64 10.15 -5.74 12.60
C ASP A 64 10.23 -6.99 13.48
N GLY A 65 9.28 -7.89 13.32
CA GLY A 65 9.30 -9.14 14.13
C GLY A 65 9.18 -8.81 15.62
N ASP A 66 8.51 -7.74 15.98
CA ASP A 66 8.36 -7.36 17.43
C ASP A 66 6.93 -7.62 17.89
N GLY A 67 6.13 -8.24 17.07
CA GLY A 67 4.72 -8.52 17.46
C GLY A 67 3.90 -7.24 17.25
N GLU A 68 4.50 -6.25 16.66
CA GLU A 68 3.81 -4.96 16.39
C GLU A 68 4.23 -4.47 15.00
N CYS A 69 3.29 -4.09 14.18
CA CYS A 69 3.63 -3.60 12.81
C CYS A 69 3.60 -2.07 12.80
N ASP A 70 4.63 -1.45 12.29
CA ASP A 70 4.67 0.02 12.27
C ASP A 70 3.52 0.55 11.41
N PHE A 71 3.12 1.77 11.62
CA PHE A 71 2.00 2.34 10.82
C PHE A 71 2.24 2.02 9.35
N GLN A 72 3.47 2.09 8.91
CA GLN A 72 3.76 1.78 7.48
C GLN A 72 3.54 0.30 7.21
N GLU A 73 3.89 -0.56 8.14
CA GLU A 73 3.70 -2.01 7.88
C GLU A 73 2.21 -2.32 7.65
N PHE A 74 1.34 -1.75 8.44
CA PHE A 74 -0.11 -2.01 8.24
C PHE A 74 -0.53 -1.47 6.88
N MET A 75 0.01 -0.36 6.50
CA MET A 75 -0.37 0.26 5.20
C MET A 75 -0.05 -0.68 4.05
N ALA A 76 1.04 -1.37 4.12
CA ALA A 76 1.39 -2.28 2.99
C ALA A 76 0.33 -3.37 2.86
N PHE A 77 -0.27 -3.79 3.94
CA PHE A 77 -1.34 -4.83 3.86
C PHE A 77 -2.46 -4.28 2.99
N VAL A 78 -2.64 -3.00 3.03
CA VAL A 78 -3.70 -2.33 2.22
C VAL A 78 -3.44 -2.55 0.74
N SER A 79 -2.21 -2.49 0.34
CA SER A 79 -1.89 -2.67 -1.10
C SER A 79 -2.21 -4.09 -1.54
N MET A 80 -1.93 -5.05 -0.72
CA MET A 80 -2.17 -6.47 -1.10
C MET A 80 -3.67 -6.78 -1.19
N VAL A 81 -4.45 -6.32 -0.27
CA VAL A 81 -5.91 -6.64 -0.32
C VAL A 81 -6.60 -5.75 -1.36
N THR A 82 -6.10 -4.57 -1.55
CA THR A 82 -6.71 -3.66 -2.56
C THR A 82 -6.64 -4.33 -3.92
N THR A 83 -5.54 -4.98 -4.17
CA THR A 83 -5.35 -5.70 -5.44
C THR A 83 -6.44 -6.76 -5.56
N ALA A 84 -6.76 -7.40 -4.46
CA ALA A 84 -7.84 -8.43 -4.48
C ALA A 84 -9.14 -7.78 -4.93
N CYS A 85 -9.40 -6.59 -4.47
CA CYS A 85 -10.65 -5.88 -4.87
C CYS A 85 -10.68 -5.70 -6.39
N HIS A 86 -9.54 -5.48 -6.99
CA HIS A 86 -9.53 -5.28 -8.46
C HIS A 86 -10.10 -6.53 -9.13
N GLU A 87 -9.79 -7.69 -8.62
CA GLU A 87 -10.33 -8.93 -9.22
C GLU A 87 -11.86 -8.90 -9.18
N PHE A 88 -12.42 -8.42 -8.10
CA PHE A 88 -13.91 -8.38 -7.98
C PHE A 88 -14.45 -7.06 -8.56
N PHE A 89 -13.63 -6.04 -8.62
CA PHE A 89 -14.11 -4.73 -9.16
C PHE A 89 -13.81 -4.67 -10.65
N GLU A 90 -13.22 -5.71 -11.18
CA GLU A 90 -12.88 -5.72 -12.63
C GLU A 90 -14.17 -5.79 -13.46
N HIS A 91 -14.57 -6.95 -13.90
CA HIS A 91 -15.82 -7.08 -14.71
C HIS A 91 -16.99 -7.33 -13.75
N GLU A 92 -16.71 -7.44 -12.49
CA GLU A 92 -17.80 -7.69 -11.50
N MET B 1 -12.31 7.54 8.37
CA MET B 1 -13.68 7.17 8.80
C MET B 1 -14.08 5.84 8.13
N SER B 2 -13.36 4.79 8.43
CA SER B 2 -13.69 3.47 7.82
C SER B 2 -13.78 3.61 6.29
N GLU B 3 -13.40 4.74 5.77
CA GLU B 3 -13.45 4.95 4.29
C GLU B 3 -12.28 4.21 3.65
N LEU B 4 -11.76 3.22 4.32
CA LEU B 4 -10.61 2.46 3.78
C LEU B 4 -11.03 1.83 2.46
N GLU B 5 -12.25 1.37 2.38
CA GLU B 5 -12.74 0.76 1.11
C GLU B 5 -12.69 1.79 -0.02
N LYS B 6 -13.03 3.01 0.24
CA LYS B 6 -12.98 4.05 -0.83
C LYS B 6 -11.54 4.18 -1.30
N ALA B 7 -10.60 4.13 -0.40
CA ALA B 7 -9.18 4.24 -0.80
C ALA B 7 -8.81 3.08 -1.73
N MET B 8 -9.31 1.92 -1.45
CA MET B 8 -8.99 0.74 -2.30
C MET B 8 -9.52 0.96 -3.71
N VAL B 9 -10.68 1.53 -3.82
CA VAL B 9 -11.27 1.78 -5.15
C VAL B 9 -10.44 2.81 -5.92
N ALA B 10 -9.94 3.80 -5.24
CA ALA B 10 -9.15 4.87 -5.92
C ALA B 10 -7.82 4.33 -6.44
N LEU B 11 -7.16 3.48 -5.70
CA LEU B 11 -5.85 2.95 -6.18
C LEU B 11 -6.08 2.21 -7.51
N ILE B 12 -7.15 1.50 -7.59
CA ILE B 12 -7.45 0.75 -8.83
C ILE B 12 -7.80 1.71 -9.99
N ASP B 13 -8.53 2.77 -9.73
CA ASP B 13 -8.91 3.69 -10.85
C ASP B 13 -7.68 4.37 -11.47
N VAL B 14 -6.78 4.85 -10.66
CA VAL B 14 -5.56 5.56 -11.20
C VAL B 14 -4.59 4.56 -11.84
N PHE B 15 -4.41 3.42 -11.25
CA PHE B 15 -3.46 2.44 -11.82
C PHE B 15 -3.93 2.07 -13.22
N HIS B 16 -5.19 1.92 -13.42
CA HIS B 16 -5.69 1.56 -14.78
C HIS B 16 -5.40 2.71 -15.76
N GLN B 17 -5.33 3.92 -15.29
CA GLN B 17 -5.09 5.06 -16.20
C GLN B 17 -3.75 4.88 -16.94
N TYR B 18 -2.71 4.45 -16.26
CA TYR B 18 -1.37 4.29 -16.95
C TYR B 18 -1.12 2.85 -17.42
N SER B 19 -1.58 1.87 -16.70
CA SER B 19 -1.33 0.46 -17.10
C SER B 19 -1.99 0.13 -18.44
N GLY B 20 -3.18 0.62 -18.67
CA GLY B 20 -3.87 0.32 -19.96
C GLY B 20 -3.30 1.20 -21.07
N ARG B 21 -2.50 2.17 -20.72
CA ARG B 21 -1.90 3.06 -21.76
C ARG B 21 -1.08 2.24 -22.73
N GLU B 22 -0.23 1.38 -22.22
CA GLU B 22 0.63 0.54 -23.11
C GLU B 22 -0.05 -0.82 -23.32
N GLY B 23 -1.17 -1.03 -22.68
CA GLY B 23 -1.90 -2.32 -22.84
C GLY B 23 -1.45 -3.31 -21.76
N ASP B 24 -0.45 -2.96 -20.97
CA ASP B 24 0.01 -3.88 -19.90
C ASP B 24 -0.92 -3.71 -18.69
N LYS B 25 -2.14 -4.13 -18.81
CA LYS B 25 -3.10 -3.98 -17.67
C LYS B 25 -2.74 -4.90 -16.50
N HIS B 26 -2.37 -6.13 -16.79
CA HIS B 26 -2.04 -7.09 -15.70
C HIS B 26 -0.62 -6.84 -15.15
N LYS B 27 0.19 -6.07 -15.84
CA LYS B 27 1.58 -5.82 -15.34
C LYS B 27 1.96 -4.37 -15.61
N LEU B 28 2.95 -3.88 -14.91
CA LEU B 28 3.39 -2.45 -15.07
C LEU B 28 4.87 -2.43 -15.50
N LYS B 29 5.21 -1.70 -16.55
CA LYS B 29 6.62 -1.65 -17.01
C LYS B 29 7.26 -0.33 -16.57
N LYS B 30 8.50 -0.36 -16.14
CA LYS B 30 9.20 0.87 -15.69
C LYS B 30 8.81 2.06 -16.58
N SER B 31 8.39 1.77 -17.78
CA SER B 31 8.03 2.88 -18.72
C SER B 31 6.72 3.54 -18.31
N GLU B 32 5.69 2.78 -18.15
CA GLU B 32 4.41 3.39 -17.72
C GLU B 32 4.57 3.88 -16.29
N LEU B 33 5.43 3.26 -15.54
CA LEU B 33 5.65 3.69 -14.12
C LEU B 33 6.14 5.14 -14.12
N LYS B 34 7.12 5.46 -14.92
CA LYS B 34 7.66 6.86 -14.93
C LYS B 34 6.57 7.84 -15.33
N GLU B 35 5.76 7.49 -16.29
CA GLU B 35 4.70 8.43 -16.74
C GLU B 35 3.73 8.69 -15.60
N LEU B 36 3.47 7.70 -14.82
CA LEU B 36 2.56 7.90 -13.67
C LEU B 36 3.21 8.86 -12.68
N ILE B 37 4.43 8.59 -12.33
CA ILE B 37 5.15 9.42 -11.34
C ILE B 37 5.38 10.84 -11.87
N ASN B 38 5.89 10.98 -13.07
CA ASN B 38 6.17 12.35 -13.60
C ASN B 38 4.90 13.10 -13.97
N ASN B 39 3.94 12.42 -14.53
CA ASN B 39 2.69 13.11 -15.00
C ASN B 39 1.52 13.01 -14.01
N GLU B 40 1.36 11.90 -13.33
CA GLU B 40 0.19 11.80 -12.40
C GLU B 40 0.52 12.47 -11.07
N LEU B 41 1.77 12.75 -10.83
CA LEU B 41 2.15 13.41 -9.53
C LEU B 41 3.27 14.42 -9.78
N SER B 42 3.14 15.23 -10.81
CA SER B 42 4.21 16.22 -11.12
C SER B 42 4.39 17.18 -9.93
N HIS B 43 3.32 17.75 -9.44
CA HIS B 43 3.43 18.71 -8.30
C HIS B 43 3.08 18.02 -6.97
N PHE B 44 2.51 16.84 -7.04
CA PHE B 44 2.13 16.12 -5.78
C PHE B 44 3.33 15.31 -5.28
N LEU B 45 4.36 15.19 -6.07
CA LEU B 45 5.58 14.44 -5.66
C LEU B 45 6.77 15.03 -6.42
N GLU B 46 7.97 14.67 -6.08
CA GLU B 46 9.12 15.22 -6.83
C GLU B 46 9.10 14.64 -8.25
N GLU B 47 9.00 15.50 -9.23
CA GLU B 47 8.96 15.02 -10.64
C GLU B 47 10.27 14.31 -10.98
N ILE B 48 10.22 13.28 -11.78
CA ILE B 48 11.47 12.53 -12.13
C ILE B 48 12.08 13.16 -13.39
N LYS B 49 13.37 13.37 -13.40
CA LYS B 49 14.04 14.00 -14.59
C LYS B 49 14.87 12.96 -15.33
N GLU B 50 15.29 11.92 -14.65
CA GLU B 50 16.14 10.87 -15.30
C GLU B 50 15.52 9.48 -15.14
N GLN B 51 15.75 8.62 -16.10
CA GLN B 51 15.22 7.24 -16.02
C GLN B 51 15.96 6.50 -14.91
N GLU B 52 17.14 6.97 -14.57
CA GLU B 52 17.93 6.27 -13.51
C GLU B 52 17.18 6.23 -12.18
N VAL B 53 16.51 7.30 -11.82
CA VAL B 53 15.77 7.29 -10.53
C VAL B 53 14.74 6.17 -10.58
N VAL B 54 14.11 6.01 -11.69
CA VAL B 54 13.09 4.97 -11.85
C VAL B 54 13.74 3.58 -11.78
N ASP B 55 14.95 3.45 -12.25
CA ASP B 55 15.64 2.14 -12.21
C ASP B 55 15.99 1.77 -10.77
N LYS B 56 16.31 2.76 -9.98
CA LYS B 56 16.67 2.49 -8.56
C LYS B 56 15.38 2.08 -7.85
N VAL B 57 14.32 2.73 -8.19
CA VAL B 57 13.01 2.39 -7.60
C VAL B 57 12.64 0.99 -8.06
N MET B 58 13.02 0.64 -9.26
CA MET B 58 12.72 -0.73 -9.77
C MET B 58 13.39 -1.75 -8.87
N GLU B 59 14.59 -1.50 -8.43
CA GLU B 59 15.25 -2.49 -7.54
C GLU B 59 14.30 -2.77 -6.39
N THR B 60 13.65 -1.75 -5.92
CA THR B 60 12.71 -1.91 -4.80
C THR B 60 11.36 -2.47 -5.25
N LEU B 61 10.79 -1.95 -6.31
CA LEU B 61 9.45 -2.43 -6.77
C LEU B 61 9.59 -3.59 -7.75
N ASP B 62 10.76 -3.79 -8.28
CA ASP B 62 10.92 -4.92 -9.23
C ASP B 62 11.12 -6.19 -8.41
N GLU B 63 10.14 -6.51 -7.63
CA GLU B 63 10.24 -7.71 -6.79
C GLU B 63 10.44 -8.93 -7.68
N ASP B 64 9.78 -8.95 -8.81
CA ASP B 64 9.94 -10.10 -9.74
C ASP B 64 11.32 -9.99 -10.41
N GLY B 65 11.94 -8.84 -10.29
CA GLY B 65 13.28 -8.66 -10.91
C GLY B 65 13.21 -8.84 -12.44
N ASP B 66 12.09 -8.51 -13.05
CA ASP B 66 11.96 -8.67 -14.54
C ASP B 66 11.97 -7.29 -15.20
N GLY B 67 12.24 -6.26 -14.46
CA GLY B 67 12.26 -4.89 -15.05
C GLY B 67 10.82 -4.40 -15.17
N GLU B 68 9.89 -5.14 -14.63
CA GLU B 68 8.46 -4.74 -14.66
C GLU B 68 7.83 -5.07 -13.31
N CYS B 69 7.12 -4.15 -12.73
CA CYS B 69 6.49 -4.40 -11.40
C CYS B 69 5.02 -4.75 -11.58
N ASP B 70 4.56 -5.82 -11.01
CA ASP B 70 3.14 -6.22 -11.18
C ASP B 70 2.25 -5.13 -10.62
N PHE B 71 1.01 -5.07 -11.05
CA PHE B 71 0.08 -4.04 -10.56
C PHE B 71 0.18 -3.98 -9.04
N GLN B 72 0.32 -5.10 -8.39
CA GLN B 72 0.42 -5.10 -6.91
C GLN B 72 1.75 -4.50 -6.48
N GLU B 73 2.82 -4.74 -7.21
CA GLU B 73 4.12 -4.17 -6.79
C GLU B 73 4.04 -2.64 -6.79
N PHE B 74 3.45 -2.05 -7.79
CA PHE B 74 3.33 -0.57 -7.83
C PHE B 74 2.48 -0.11 -6.64
N MET B 75 1.47 -0.85 -6.33
CA MET B 75 0.57 -0.46 -5.22
C MET B 75 1.34 -0.38 -3.91
N ALA B 76 2.25 -1.26 -3.68
CA ALA B 76 3.01 -1.20 -2.41
C ALA B 76 3.80 0.11 -2.31
N PHE B 77 4.25 0.62 -3.42
CA PHE B 77 4.99 1.92 -3.40
C PHE B 77 4.07 2.98 -2.81
N VAL B 78 2.80 2.83 -3.06
CA VAL B 78 1.79 3.79 -2.55
C VAL B 78 1.80 3.81 -1.04
N SER B 79 1.94 2.67 -0.43
CA SER B 79 1.93 2.61 1.05
C SER B 79 3.15 3.33 1.62
N MET B 80 4.27 3.18 1.00
CA MET B 80 5.51 3.83 1.52
C MET B 80 5.47 5.34 1.39
N VAL B 81 5.02 5.85 0.28
CA VAL B 81 4.99 7.34 0.12
C VAL B 81 3.80 7.92 0.89
N THR B 82 2.75 7.17 1.01
CA THR B 82 1.56 7.67 1.74
C THR B 82 1.99 7.96 3.18
N THR B 83 2.80 7.11 3.71
CA THR B 83 3.31 7.28 5.09
C THR B 83 4.06 8.61 5.14
N ALA B 84 4.80 8.92 4.11
CA ALA B 84 5.55 10.20 4.07
C ALA B 84 4.55 11.37 4.19
N CYS B 85 3.43 11.25 3.54
CA CYS B 85 2.41 12.33 3.60
C CYS B 85 1.96 12.53 5.05
N HIS B 86 1.90 11.47 5.82
CA HIS B 86 1.46 11.61 7.23
C HIS B 86 2.41 12.57 7.95
N GLU B 87 3.68 12.48 7.67
CA GLU B 87 4.65 13.40 8.34
C GLU B 87 4.29 14.85 8.01
N PHE B 88 3.89 15.10 6.79
CA PHE B 88 3.54 16.51 6.40
C PHE B 88 2.06 16.78 6.69
N PHE B 89 1.25 15.76 6.74
CA PHE B 89 -0.21 15.96 7.02
C PHE B 89 -0.46 15.87 8.52
N GLU B 90 0.57 15.63 9.28
CA GLU B 90 0.40 15.53 10.75
C GLU B 90 0.04 16.89 11.34
N HIS B 91 0.99 17.61 11.86
CA HIS B 91 0.69 18.97 12.43
C HIS B 91 0.84 20.01 11.34
N GLU B 92 1.23 19.60 10.16
CA GLU B 92 1.39 20.56 9.04
N SER C 1 -27.61 -23.51 17.99
CA SER C 1 -26.27 -23.25 17.38
C SER C 1 -25.23 -23.10 18.49
N HIS C 2 -24.02 -23.56 18.25
CA HIS C 2 -22.94 -23.45 19.29
C HIS C 2 -21.65 -22.99 18.64
N LEU C 3 -20.85 -22.24 19.35
CA LEU C 3 -19.56 -21.74 18.79
C LEU C 3 -18.68 -22.93 18.40
N LYS C 4 -18.66 -23.96 19.21
CA LYS C 4 -17.79 -25.14 18.91
C LYS C 4 -18.60 -26.21 18.17
N SER C 5 -18.10 -27.41 18.12
CA SER C 5 -18.81 -28.51 17.42
C SER C 5 -19.00 -28.16 15.94
N LYS C 6 -18.00 -27.55 15.32
CA LYS C 6 -18.09 -27.19 13.88
C LYS C 6 -16.96 -27.89 13.11
N LYS C 7 -17.30 -28.65 12.10
CA LYS C 7 -16.25 -29.36 11.30
C LYS C 7 -15.43 -28.37 10.48
N GLY C 8 -16.06 -27.38 9.90
CA GLY C 8 -15.30 -26.40 9.06
C GLY C 8 -14.70 -25.30 9.94
N GLN C 9 -13.63 -24.69 9.48
CA GLN C 9 -12.98 -23.59 10.26
C GLN C 9 -12.91 -22.33 9.40
N SER C 10 -13.08 -21.18 10.01
CA SER C 10 -13.04 -19.92 9.21
C SER C 10 -11.66 -19.77 8.58
N THR C 11 -10.65 -20.38 9.16
CA THR C 11 -9.28 -20.25 8.58
C THR C 11 -9.33 -20.51 7.08
N SER C 12 -10.31 -21.24 6.62
CA SER C 12 -10.40 -21.51 5.16
C SER C 12 -10.52 -20.18 4.42
N ARG C 13 -11.29 -19.26 4.95
CA ARG C 13 -11.42 -17.93 4.29
C ARG C 13 -10.06 -17.23 4.34
N HIS C 14 -9.38 -17.36 5.44
CA HIS C 14 -8.04 -16.71 5.58
C HIS C 14 -7.10 -17.25 4.50
N LYS C 15 -7.17 -18.53 4.23
CA LYS C 15 -6.26 -19.12 3.20
C LYS C 15 -6.54 -18.43 1.86
N LYS C 16 -7.74 -18.01 1.63
CA LYS C 16 -8.04 -17.32 0.35
C LYS C 16 -7.15 -16.08 0.27
N LEU C 17 -6.93 -15.43 1.38
CA LEU C 17 -6.05 -14.22 1.39
C LEU C 17 -4.59 -14.62 1.11
N MET C 18 -4.21 -15.82 1.45
CA MET C 18 -2.80 -16.25 1.19
C MET C 18 -2.52 -16.24 -0.32
N PHE C 19 -3.52 -16.36 -1.15
CA PHE C 19 -3.27 -16.37 -2.61
C PHE C 19 -2.38 -15.17 -2.99
N LYS C 20 -2.57 -14.05 -2.35
CA LYS C 20 -1.73 -12.87 -2.66
C LYS C 20 -0.32 -13.09 -2.10
N THR C 21 -0.20 -13.67 -0.94
CA THR C 21 1.16 -13.90 -0.38
C THR C 21 1.96 -14.76 -1.37
N GLU C 22 1.27 -15.56 -2.14
CA GLU C 22 1.97 -16.43 -3.14
N SER D 1 19.51 29.99 -19.02
CA SER D 1 19.47 28.73 -18.24
C SER D 1 19.78 27.54 -19.15
N HIS D 2 20.45 26.53 -18.64
CA HIS D 2 20.79 25.34 -19.48
C HIS D 2 20.53 24.06 -18.68
N LEU D 3 20.14 23.00 -19.36
CA LEU D 3 19.86 21.72 -18.66
C LEU D 3 21.13 21.24 -17.95
N LYS D 4 22.26 21.38 -18.57
CA LYS D 4 23.53 20.90 -17.95
C LYS D 4 24.22 22.05 -17.21
N SER D 5 25.48 21.89 -16.89
CA SER D 5 26.23 22.94 -16.17
C SER D 5 25.56 23.23 -14.82
N LYS D 6 25.11 22.19 -14.14
CA LYS D 6 24.47 22.38 -12.80
C LYS D 6 25.24 21.58 -11.73
N LYS D 7 25.70 22.24 -10.70
CA LYS D 7 26.47 21.53 -9.65
C LYS D 7 25.56 20.60 -8.84
N GLY D 8 24.36 21.02 -8.54
CA GLY D 8 23.44 20.15 -7.74
C GLY D 8 22.70 19.18 -8.66
N GLN D 9 22.28 18.05 -8.13
CA GLN D 9 21.54 17.03 -8.93
C GLN D 9 20.19 16.76 -8.28
N SER D 10 19.16 16.54 -9.07
CA SER D 10 17.82 16.27 -8.48
C SER D 10 17.87 14.99 -7.64
N THR D 11 18.80 14.12 -7.93
CA THR D 11 18.89 12.85 -7.16
C THR D 11 18.84 13.17 -5.66
N SER D 12 19.22 14.35 -5.27
CA SER D 12 19.18 14.69 -3.83
C SER D 12 17.73 14.56 -3.34
N ARG D 13 16.78 14.98 -4.12
CA ARG D 13 15.36 14.86 -3.70
C ARG D 13 15.01 13.37 -3.62
N HIS D 14 15.50 12.60 -4.54
CA HIS D 14 15.22 11.14 -4.55
C HIS D 14 15.76 10.52 -3.25
N LYS D 15 16.91 10.95 -2.80
CA LYS D 15 17.48 10.39 -1.55
C LYS D 15 16.52 10.64 -0.40
N LYS D 16 15.78 11.71 -0.46
CA LYS D 16 14.82 11.99 0.63
C LYS D 16 13.84 10.82 0.68
N LEU D 17 13.47 10.30 -0.47
CA LEU D 17 12.52 9.15 -0.51
C LEU D 17 13.19 7.89 0.08
N MET D 18 14.50 7.80 0.01
CA MET D 18 15.18 6.59 0.57
C MET D 18 14.95 6.51 2.08
N PHE D 19 14.67 7.62 2.73
CA PHE D 19 14.45 7.57 4.21
C PHE D 19 13.45 6.46 4.54
N LYS D 20 12.47 6.26 3.72
CA LYS D 20 11.47 5.19 3.99
C LYS D 20 12.11 3.83 3.73
N THR D 21 12.93 3.72 2.72
CA THR D 21 13.57 2.40 2.45
C THR D 21 14.38 1.99 3.68
N GLU D 22 14.85 2.95 4.42
CA GLU D 22 15.65 2.64 5.65
CA CA E . -1.68 2.36 17.23
CA CA F . 6.99 -4.86 13.10
CA CA G . 0.74 -1.48 -17.78
CA CA H . 8.46 -7.32 -10.94
N MET A 1 -9.05 6.38 -13.69
CA MET A 1 -9.45 7.81 -13.80
C MET A 1 -8.38 8.67 -13.14
N SER A 2 -7.22 8.11 -12.88
CA SER A 2 -6.15 8.91 -12.24
C SER A 2 -6.63 9.40 -10.86
N GLU A 3 -7.65 8.79 -10.34
CA GLU A 3 -8.19 9.18 -9.01
C GLU A 3 -7.25 8.68 -7.92
N LEU A 4 -6.06 8.29 -8.30
CA LEU A 4 -5.08 7.77 -7.31
C LEU A 4 -4.76 8.81 -6.25
N GLU A 5 -4.68 10.05 -6.62
CA GLU A 5 -4.34 11.10 -5.60
C GLU A 5 -5.41 11.13 -4.49
N LYS A 6 -6.64 10.97 -4.83
CA LYS A 6 -7.71 11.00 -3.79
C LYS A 6 -7.61 9.76 -2.91
N ALA A 7 -7.30 8.65 -3.48
CA ALA A 7 -7.21 7.39 -2.68
C ALA A 7 -6.04 7.47 -1.70
N MET A 8 -4.92 7.99 -2.12
CA MET A 8 -3.75 8.07 -1.18
C MET A 8 -4.11 8.97 -0.01
N VAL A 9 -4.81 10.03 -0.29
CA VAL A 9 -5.21 10.95 0.80
C VAL A 9 -6.13 10.21 1.76
N ALA A 10 -6.99 9.41 1.23
CA ALA A 10 -7.96 8.65 2.08
C ALA A 10 -7.24 7.70 3.02
N LEU A 11 -6.19 7.05 2.58
CA LEU A 11 -5.49 6.11 3.50
C LEU A 11 -5.01 6.89 4.71
N ILE A 12 -4.53 8.07 4.49
CA ILE A 12 -4.04 8.90 5.60
C ILE A 12 -5.19 9.35 6.50
N ASP A 13 -6.33 9.69 5.95
CA ASP A 13 -7.47 10.16 6.79
C ASP A 13 -7.93 9.08 7.76
N VAL A 14 -8.07 7.87 7.28
CA VAL A 14 -8.56 6.76 8.13
C VAL A 14 -7.50 6.39 9.17
N PHE A 15 -6.26 6.38 8.78
CA PHE A 15 -5.19 6.01 9.73
C PHE A 15 -5.20 6.97 10.90
N HIS A 16 -5.43 8.22 10.65
CA HIS A 16 -5.45 9.22 11.75
C HIS A 16 -6.63 8.94 12.70
N GLN A 17 -7.67 8.31 12.22
CA GLN A 17 -8.82 8.05 13.12
C GLN A 17 -8.37 7.16 14.29
N TYR A 18 -7.60 6.13 14.02
CA TYR A 18 -7.16 5.22 15.14
C TYR A 18 -5.85 5.69 15.79
N SER A 19 -4.91 6.11 15.01
CA SER A 19 -3.59 6.54 15.57
C SER A 19 -3.76 7.74 16.51
N GLY A 20 -4.57 8.69 16.16
CA GLY A 20 -4.76 9.89 17.02
C GLY A 20 -5.74 9.57 18.16
N ARG A 21 -6.34 8.42 18.13
CA ARG A 21 -7.30 8.06 19.20
C ARG A 21 -6.56 8.06 20.56
N GLU A 22 -5.42 7.44 20.61
CA GLU A 22 -4.63 7.39 21.89
C GLU A 22 -3.29 8.10 21.71
N GLY A 23 -2.54 8.23 22.78
CA GLY A 23 -1.22 8.94 22.73
C GLY A 23 -0.35 8.45 21.56
N ASP A 24 -0.52 7.23 21.12
CA ASP A 24 0.34 6.74 20.01
C ASP A 24 -0.03 7.50 18.71
N LYS A 25 -0.11 8.80 18.78
CA LYS A 25 -0.47 9.61 17.57
C LYS A 25 0.60 9.47 16.47
N HIS A 26 1.85 9.47 16.83
CA HIS A 26 2.93 9.38 15.80
C HIS A 26 3.32 7.93 15.54
N LYS A 27 2.68 6.99 16.16
CA LYS A 27 3.03 5.56 15.93
C LYS A 27 1.78 4.69 16.08
N LEU A 28 1.83 3.50 15.54
CA LEU A 28 0.67 2.56 15.61
C LEU A 28 1.08 1.42 16.56
N LYS A 29 0.34 1.17 17.62
CA LYS A 29 0.73 0.09 18.56
C LYS A 29 -0.13 -1.16 18.34
N LYS A 30 0.45 -2.32 18.48
CA LYS A 30 -0.31 -3.61 18.31
C LYS A 30 -1.70 -3.45 18.91
N SER A 31 -1.87 -2.54 19.82
CA SER A 31 -3.20 -2.33 20.43
C SER A 31 -4.07 -1.53 19.46
N GLU A 32 -3.56 -0.46 18.96
CA GLU A 32 -4.33 0.35 17.97
C GLU A 32 -4.55 -0.50 16.73
N LEU A 33 -3.58 -1.31 16.39
CA LEU A 33 -3.72 -2.16 15.18
C LEU A 33 -4.94 -3.07 15.31
N LYS A 34 -5.12 -3.66 16.44
CA LYS A 34 -6.30 -4.56 16.63
C LYS A 34 -7.62 -3.79 16.57
N GLU A 35 -7.67 -2.62 17.13
CA GLU A 35 -8.95 -1.86 17.15
C GLU A 35 -9.29 -1.40 15.74
N LEU A 36 -8.30 -1.12 14.95
CA LEU A 36 -8.56 -0.72 13.54
C LEU A 36 -9.11 -1.91 12.80
N ILE A 37 -8.44 -3.01 12.87
CA ILE A 37 -8.88 -4.22 12.14
C ILE A 37 -10.19 -4.76 12.71
N ASN A 38 -10.31 -4.87 14.00
CA ASN A 38 -11.55 -5.44 14.59
C ASN A 38 -12.74 -4.49 14.44
N ASN A 39 -12.52 -3.22 14.62
CA ASN A 39 -13.64 -2.23 14.55
C ASN A 39 -13.74 -1.51 13.20
N GLU A 40 -12.65 -1.20 12.55
CA GLU A 40 -12.76 -0.46 11.24
C GLU A 40 -13.08 -1.45 10.12
N LEU A 41 -12.96 -2.73 10.39
CA LEU A 41 -13.26 -3.76 9.34
C LEU A 41 -14.03 -4.92 9.99
N SER A 42 -15.12 -4.62 10.62
CA SER A 42 -15.92 -5.70 11.29
C SER A 42 -16.37 -6.75 10.28
N HIS A 43 -16.78 -6.33 9.11
CA HIS A 43 -17.26 -7.30 8.07
C HIS A 43 -16.49 -7.13 6.76
N PHE A 44 -15.87 -6.00 6.55
CA PHE A 44 -15.11 -5.81 5.27
C PHE A 44 -13.91 -6.76 5.24
N LEU A 45 -13.26 -6.96 6.36
CA LEU A 45 -12.07 -7.89 6.42
C LEU A 45 -12.32 -8.90 7.54
N GLU A 46 -11.67 -10.02 7.48
CA GLU A 46 -11.88 -11.03 8.55
C GLU A 46 -11.67 -10.37 9.91
N GLU A 47 -12.73 -10.18 10.65
CA GLU A 47 -12.61 -9.55 12.00
C GLU A 47 -11.70 -10.42 12.87
N ILE A 48 -10.87 -9.79 13.67
CA ILE A 48 -9.92 -10.57 14.53
C ILE A 48 -10.45 -10.61 15.98
N LYS A 49 -10.48 -11.77 16.58
CA LYS A 49 -11.03 -11.89 17.98
C LYS A 49 -9.89 -12.18 18.97
N GLU A 50 -8.76 -12.69 18.51
CA GLU A 50 -7.64 -13.02 19.44
C GLU A 50 -6.47 -12.06 19.23
N GLN A 51 -5.80 -11.70 20.29
CA GLN A 51 -4.63 -10.78 20.18
C GLN A 51 -3.48 -11.50 19.50
N GLU A 52 -3.50 -12.82 19.50
CA GLU A 52 -2.38 -13.58 18.89
C GLU A 52 -2.29 -13.33 17.38
N VAL A 53 -3.40 -13.23 16.72
CA VAL A 53 -3.37 -13.00 15.26
C VAL A 53 -2.75 -11.66 14.99
N VAL A 54 -3.05 -10.70 15.81
CA VAL A 54 -2.49 -9.35 15.61
C VAL A 54 -1.00 -9.36 15.90
N ASP A 55 -0.57 -10.15 16.84
CA ASP A 55 0.89 -10.19 17.17
C ASP A 55 1.65 -10.78 15.99
N LYS A 56 1.08 -11.75 15.35
CA LYS A 56 1.73 -12.41 14.19
C LYS A 56 1.78 -11.40 13.05
N VAL A 57 0.74 -10.66 12.90
CA VAL A 57 0.72 -9.63 11.83
C VAL A 57 1.79 -8.61 12.16
N MET A 58 2.00 -8.37 13.42
CA MET A 58 3.02 -7.38 13.83
C MET A 58 4.41 -7.91 13.50
N GLU A 59 4.63 -9.19 13.55
CA GLU A 59 5.98 -9.69 13.19
C GLU A 59 6.29 -9.18 11.80
N THR A 60 5.28 -9.12 10.99
CA THR A 60 5.43 -8.64 9.60
C THR A 60 5.45 -7.10 9.55
N LEU A 61 4.54 -6.44 10.23
CA LEU A 61 4.51 -4.95 10.18
C LEU A 61 5.42 -4.35 11.24
N ASP A 62 5.86 -5.13 12.18
CA ASP A 62 6.78 -4.58 13.22
C ASP A 62 8.17 -4.55 12.63
N GLU A 63 8.32 -3.86 11.54
CA GLU A 63 9.64 -3.79 10.87
C GLU A 63 10.65 -3.23 11.86
N ASP A 64 10.25 -2.27 12.63
CA ASP A 64 11.19 -1.68 13.64
C ASP A 64 11.41 -2.71 14.75
N GLY A 65 10.56 -3.70 14.81
CA GLY A 65 10.72 -4.77 15.85
C GLY A 65 10.43 -4.19 17.25
N ASP A 66 9.61 -3.17 17.33
CA ASP A 66 9.30 -2.55 18.66
C ASP A 66 7.87 -2.91 19.10
N GLY A 67 7.24 -3.82 18.40
CA GLY A 67 5.86 -4.20 18.78
C GLY A 67 4.91 -3.09 18.33
N GLU A 68 5.44 -2.13 17.62
CA GLU A 68 4.63 -0.99 17.12
C GLU A 68 4.98 -0.77 15.65
N CYS A 69 4.01 -0.61 14.80
CA CYS A 69 4.29 -0.37 13.36
C CYS A 69 4.08 1.12 13.09
N ASP A 70 5.07 1.78 12.55
CA ASP A 70 4.93 3.24 12.27
C ASP A 70 3.81 3.42 11.25
N PHE A 71 3.26 4.61 11.13
CA PHE A 71 2.17 4.79 10.12
C PHE A 71 2.72 4.31 8.78
N GLN A 72 4.00 4.46 8.58
CA GLN A 72 4.64 3.97 7.34
C GLN A 72 4.48 2.45 7.26
N GLU A 73 4.73 1.78 8.34
CA GLU A 73 4.63 0.29 8.34
C GLU A 73 3.17 -0.14 8.11
N PHE A 74 2.24 0.55 8.69
CA PHE A 74 0.81 0.18 8.48
C PHE A 74 0.43 0.48 7.03
N MET A 75 1.07 1.44 6.42
CA MET A 75 0.73 1.78 5.01
C MET A 75 0.97 0.56 4.12
N ALA A 76 1.99 -0.17 4.38
CA ALA A 76 2.28 -1.36 3.52
C ALA A 76 1.22 -2.43 3.73
N PHE A 77 0.71 -2.56 4.91
CA PHE A 77 -0.34 -3.59 5.16
C PHE A 77 -1.55 -3.33 4.27
N VAL A 78 -1.89 -2.10 4.11
CA VAL A 78 -3.06 -1.73 3.28
C VAL A 78 -2.86 -2.19 1.83
N SER A 79 -1.67 -2.11 1.33
CA SER A 79 -1.43 -2.52 -0.07
C SER A 79 -1.70 -4.00 -0.24
N MET A 80 -1.30 -4.79 0.71
CA MET A 80 -1.52 -6.25 0.58
C MET A 80 -2.99 -6.62 0.72
N VAL A 81 -3.67 -6.07 1.69
CA VAL A 81 -5.11 -6.43 1.86
C VAL A 81 -5.91 -6.04 0.62
N THR A 82 -5.59 -4.93 0.02
CA THR A 82 -6.35 -4.51 -1.19
C THR A 82 -6.19 -5.59 -2.24
N THR A 83 -5.02 -6.14 -2.34
CA THR A 83 -4.76 -7.18 -3.35
C THR A 83 -5.82 -8.29 -3.20
N ALA A 84 -6.16 -8.63 -1.99
CA ALA A 84 -7.21 -9.67 -1.78
C ALA A 84 -8.54 -9.16 -2.36
N CYS A 85 -8.80 -7.89 -2.23
CA CYS A 85 -10.06 -7.33 -2.78
C CYS A 85 -10.12 -7.56 -4.29
N HIS A 86 -9.01 -7.43 -4.97
CA HIS A 86 -9.01 -7.65 -6.44
C HIS A 86 -9.46 -9.08 -6.74
N GLU A 87 -9.03 -10.02 -5.96
CA GLU A 87 -9.46 -11.42 -6.19
C GLU A 87 -10.98 -11.48 -6.07
N PHE A 88 -11.52 -10.77 -5.12
CA PHE A 88 -12.99 -10.77 -4.92
C PHE A 88 -13.65 -9.81 -5.90
N PHE A 89 -13.01 -8.70 -6.15
CA PHE A 89 -13.59 -7.70 -7.10
C PHE A 89 -13.30 -8.13 -8.54
N GLU A 90 -13.78 -9.28 -8.94
CA GLU A 90 -13.53 -9.74 -10.33
C GLU A 90 -14.04 -8.68 -11.30
N HIS A 91 -13.16 -7.87 -11.82
CA HIS A 91 -13.59 -6.80 -12.76
C HIS A 91 -14.24 -7.43 -13.99
N GLU A 92 -13.67 -8.48 -14.51
CA GLU A 92 -14.25 -9.14 -15.72
N MET B 1 -12.94 7.79 9.00
CA MET B 1 -14.37 7.52 8.73
C MET B 1 -14.54 6.07 8.25
N SER B 2 -13.54 5.25 8.46
CA SER B 2 -13.65 3.83 8.02
C SER B 2 -13.87 3.79 6.50
N GLU B 3 -13.56 4.85 5.83
CA GLU B 3 -13.72 4.90 4.36
C GLU B 3 -12.62 4.07 3.70
N LEU B 4 -11.94 3.28 4.48
CA LEU B 4 -10.83 2.46 3.94
C LEU B 4 -11.32 1.53 2.84
N GLU B 5 -12.49 0.98 2.98
CA GLU B 5 -13.00 0.04 1.94
C GLU B 5 -13.10 0.74 0.58
N LYS B 6 -13.53 1.96 0.57
CA LYS B 6 -13.66 2.70 -0.74
C LYS B 6 -12.28 2.99 -1.31
N ALA B 7 -11.34 3.30 -0.48
CA ALA B 7 -9.97 3.62 -0.98
C ALA B 7 -9.31 2.36 -1.57
N MET B 8 -9.47 1.23 -0.95
CA MET B 8 -8.84 0.00 -1.49
C MET B 8 -9.42 -0.30 -2.86
N VAL B 9 -10.71 -0.10 -2.99
CA VAL B 9 -11.36 -0.35 -4.30
C VAL B 9 -10.77 0.60 -5.34
N ALA B 10 -10.54 1.82 -4.94
CA ALA B 10 -9.98 2.83 -5.89
C ALA B 10 -8.60 2.43 -6.39
N LEU B 11 -7.76 1.87 -5.56
CA LEU B 11 -6.40 1.49 -6.04
C LEU B 11 -6.56 0.50 -7.17
N ILE B 12 -7.49 -0.39 -7.05
CA ILE B 12 -7.71 -1.41 -8.10
C ILE B 12 -8.28 -0.74 -9.36
N ASP B 13 -9.17 0.20 -9.23
CA ASP B 13 -9.77 0.86 -10.44
C ASP B 13 -8.70 1.56 -11.28
N VAL B 14 -7.84 2.29 -10.66
CA VAL B 14 -6.79 3.04 -11.40
C VAL B 14 -5.76 2.08 -12.01
N PHE B 15 -5.41 1.07 -11.27
CA PHE B 15 -4.41 0.10 -11.77
C PHE B 15 -4.93 -0.52 -13.06
N HIS B 16 -6.18 -0.82 -13.11
CA HIS B 16 -6.74 -1.44 -14.34
C HIS B 16 -6.67 -0.47 -15.51
N GLN B 17 -6.64 0.82 -15.26
CA GLN B 17 -6.59 1.76 -16.40
C GLN B 17 -5.29 1.55 -17.20
N TYR B 18 -4.18 1.36 -16.53
CA TYR B 18 -2.89 1.16 -17.28
C TYR B 18 -2.63 -0.32 -17.59
N SER B 19 -2.86 -1.18 -16.66
CA SER B 19 -2.58 -2.64 -16.89
C SER B 19 -3.43 -3.18 -18.05
N GLY B 20 -4.68 -2.82 -18.10
CA GLY B 20 -5.55 -3.36 -19.20
C GLY B 20 -5.32 -2.57 -20.49
N ARG B 21 -4.54 -1.53 -20.42
CA ARG B 21 -4.27 -0.73 -21.65
C ARG B 21 -3.61 -1.62 -22.70
N GLU B 22 -2.61 -2.38 -22.31
CA GLU B 22 -1.90 -3.29 -23.27
C GLU B 22 -2.08 -4.75 -22.85
N GLY B 23 -1.62 -5.66 -23.65
CA GLY B 23 -1.76 -7.11 -23.35
C GLY B 23 -1.34 -7.45 -21.92
N ASP B 24 -0.45 -6.69 -21.32
CA ASP B 24 -0.01 -7.01 -19.94
C ASP B 24 -1.19 -6.78 -18.97
N LYS B 25 -2.36 -7.27 -19.30
CA LYS B 25 -3.56 -7.08 -18.40
C LYS B 25 -3.35 -7.76 -17.05
N HIS B 26 -2.77 -8.93 -17.02
CA HIS B 26 -2.59 -9.66 -15.72
C HIS B 26 -1.24 -9.31 -15.09
N LYS B 27 -0.47 -8.46 -15.70
CA LYS B 27 0.87 -8.10 -15.12
C LYS B 27 1.21 -6.64 -15.46
N LEU B 28 2.11 -6.07 -14.71
CA LEU B 28 2.53 -4.66 -14.95
C LEU B 28 3.96 -4.69 -15.52
N LYS B 29 4.20 -4.14 -16.68
CA LYS B 29 5.59 -4.19 -17.26
C LYS B 29 6.29 -2.83 -17.07
N LYS B 30 7.58 -2.86 -16.83
CA LYS B 30 8.38 -1.60 -16.66
C LYS B 30 7.89 -0.55 -17.66
N SER B 31 7.28 -0.98 -18.73
CA SER B 31 6.77 -0.01 -19.73
C SER B 31 5.46 0.59 -19.21
N GLU B 32 4.56 -0.25 -18.78
CA GLU B 32 3.28 0.25 -18.22
C GLU B 32 3.58 1.06 -16.97
N LEU B 33 4.56 0.64 -16.22
CA LEU B 33 4.91 1.35 -14.96
C LEU B 33 5.29 2.79 -15.29
N LYS B 34 6.08 2.99 -16.30
CA LYS B 34 6.48 4.39 -16.65
C LYS B 34 5.28 5.22 -17.12
N GLU B 35 4.40 4.65 -17.89
CA GLU B 35 3.25 5.45 -18.41
C GLU B 35 2.32 5.82 -17.26
N LEU B 36 2.23 4.97 -16.28
CA LEU B 36 1.37 5.29 -15.11
C LEU B 36 1.99 6.44 -14.35
N ILE B 37 3.23 6.31 -14.03
CA ILE B 37 3.91 7.37 -13.25
C ILE B 37 4.05 8.65 -14.06
N ASN B 38 4.49 8.55 -15.29
CA ASN B 38 4.69 9.79 -16.10
C ASN B 38 3.37 10.45 -16.48
N ASN B 39 2.38 9.67 -16.82
CA ASN B 39 1.06 10.23 -17.27
C ASN B 39 0.00 10.26 -16.15
N GLU B 40 -0.04 9.29 -15.28
CA GLU B 40 -1.12 9.30 -14.23
C GLU B 40 -0.69 10.23 -13.08
N LEU B 41 0.56 10.63 -13.06
CA LEU B 41 1.05 11.54 -11.98
C LEU B 41 1.97 12.60 -12.61
N SER B 42 1.48 13.32 -13.58
CA SER B 42 2.31 14.36 -14.25
C SER B 42 2.78 15.40 -13.24
N HIS B 43 1.93 15.80 -12.32
CA HIS B 43 2.31 16.84 -11.32
C HIS B 43 2.07 16.34 -9.90
N PHE B 44 1.25 15.35 -9.73
CA PHE B 44 1.00 14.85 -8.35
C PHE B 44 2.28 14.21 -7.78
N LEU B 45 3.01 13.51 -8.61
CA LEU B 45 4.29 12.87 -8.15
C LEU B 45 5.42 13.30 -9.07
N GLU B 46 6.64 13.23 -8.64
CA GLU B 46 7.75 13.65 -9.52
C GLU B 46 7.65 12.92 -10.86
N GLU B 47 7.30 13.63 -11.89
CA GLU B 47 7.17 13.00 -13.24
C GLU B 47 8.53 12.40 -13.63
N ILE B 48 8.53 11.25 -14.26
CA ILE B 48 9.81 10.59 -14.66
C ILE B 48 10.07 10.81 -16.15
N LYS B 49 11.25 11.23 -16.52
CA LYS B 49 11.56 11.50 -17.96
C LYS B 49 12.52 10.43 -18.51
N GLU B 50 13.24 9.76 -17.66
CA GLU B 50 14.23 8.73 -18.14
C GLU B 50 13.76 7.32 -17.75
N GLN B 51 14.01 6.38 -18.63
CA GLN B 51 13.61 4.96 -18.36
C GLN B 51 14.49 4.39 -17.26
N GLU B 52 15.63 4.99 -17.03
CA GLU B 52 16.55 4.44 -15.98
C GLU B 52 15.93 4.55 -14.59
N VAL B 53 15.23 5.62 -14.32
CA VAL B 53 14.62 5.76 -12.97
C VAL B 53 13.59 4.66 -12.78
N VAL B 54 12.87 4.37 -13.81
CA VAL B 54 11.83 3.33 -13.71
C VAL B 54 12.49 1.97 -13.54
N ASP B 55 13.60 1.75 -14.16
CA ASP B 55 14.29 0.43 -14.03
C ASP B 55 14.75 0.23 -12.59
N LYS B 56 15.21 1.29 -11.98
CA LYS B 56 15.69 1.22 -10.58
C LYS B 56 14.51 0.95 -9.68
N VAL B 57 13.40 1.58 -9.97
CA VAL B 57 12.19 1.35 -9.16
C VAL B 57 11.80 -0.11 -9.35
N MET B 58 12.03 -0.64 -10.52
CA MET B 58 11.66 -2.05 -10.77
C MET B 58 12.56 -2.98 -9.97
N GLU B 59 13.78 -2.62 -9.72
CA GLU B 59 14.63 -3.52 -8.90
C GLU B 59 13.88 -3.75 -7.60
N THR B 60 13.22 -2.73 -7.15
CA THR B 60 12.45 -2.80 -5.89
C THR B 60 11.09 -3.49 -6.11
N LEU B 61 10.36 -3.11 -7.14
CA LEU B 61 9.02 -3.72 -7.38
C LEU B 61 9.14 -5.00 -8.21
N ASP B 62 10.26 -5.22 -8.83
CA ASP B 62 10.41 -6.45 -9.63
C ASP B 62 10.74 -7.58 -8.66
N GLU B 63 9.87 -7.79 -7.73
CA GLU B 63 10.12 -8.85 -6.73
C GLU B 63 10.28 -10.19 -7.46
N ASP B 64 9.51 -10.40 -8.48
CA ASP B 64 9.64 -11.67 -9.25
C ASP B 64 10.96 -11.63 -10.04
N GLY B 65 11.54 -10.46 -10.17
CA GLY B 65 12.83 -10.35 -10.91
C GLY B 65 12.61 -10.61 -12.40
N ASP B 66 11.43 -10.34 -12.90
CA ASP B 66 11.14 -10.60 -14.35
C ASP B 66 11.05 -9.26 -15.11
N GLY B 67 11.43 -8.18 -14.48
CA GLY B 67 11.34 -6.86 -15.17
C GLY B 67 9.89 -6.43 -15.24
N GLU B 68 9.04 -7.18 -14.59
CA GLU B 68 7.59 -6.87 -14.57
C GLU B 68 7.09 -7.00 -13.12
N CYS B 69 6.35 -6.05 -12.64
CA CYS B 69 5.82 -6.13 -11.25
C CYS B 69 4.35 -6.54 -11.32
N ASP B 70 3.99 -7.60 -10.65
CA ASP B 70 2.58 -8.06 -10.70
C ASP B 70 1.69 -6.96 -10.11
N PHE B 71 0.40 -6.99 -10.37
CA PHE B 71 -0.44 -5.92 -9.78
C PHE B 71 -0.21 -5.94 -8.27
N GLN B 72 0.08 -7.09 -7.75
CA GLN B 72 0.39 -7.20 -6.30
C GLN B 72 1.65 -6.38 -5.99
N GLU B 73 2.66 -6.52 -6.80
CA GLU B 73 3.92 -5.77 -6.56
C GLU B 73 3.68 -4.26 -6.69
N PHE B 74 2.90 -3.85 -7.64
CA PHE B 74 2.61 -2.40 -7.79
C PHE B 74 1.80 -1.91 -6.60
N MET B 75 1.02 -2.77 -6.01
CA MET B 75 0.19 -2.35 -4.84
C MET B 75 1.10 -1.87 -3.71
N ALA B 76 2.20 -2.52 -3.53
CA ALA B 76 3.10 -2.09 -2.41
C ALA B 76 3.71 -0.71 -2.72
N PHE B 77 3.97 -0.43 -3.96
CA PHE B 77 4.55 0.89 -4.31
C PHE B 77 3.61 2.00 -3.87
N VAL B 78 2.36 1.80 -4.05
CA VAL B 78 1.34 2.83 -3.68
C VAL B 78 1.41 3.13 -2.19
N SER B 79 1.65 2.13 -1.38
CA SER B 79 1.69 2.38 0.09
C SER B 79 2.85 3.30 0.43
N MET B 80 3.98 3.10 -0.20
CA MET B 80 5.15 3.95 0.13
C MET B 80 4.95 5.39 -0.38
N VAL B 81 4.49 5.56 -1.57
CA VAL B 81 4.32 6.95 -2.09
C VAL B 81 3.31 7.72 -1.24
N THR B 82 2.28 7.06 -0.78
CA THR B 82 1.28 7.78 0.05
C THR B 82 1.98 8.31 1.28
N THR B 83 2.87 7.55 1.82
CA THR B 83 3.60 7.97 3.03
C THR B 83 4.22 9.36 2.78
N ALA B 84 4.74 9.57 1.60
CA ALA B 84 5.33 10.91 1.28
C ALA B 84 4.22 11.96 1.36
N CYS B 85 3.04 11.62 0.94
CA CYS B 85 1.90 12.59 0.98
C CYS B 85 1.67 13.02 2.42
N HIS B 86 1.77 12.11 3.37
CA HIS B 86 1.53 12.49 4.79
C HIS B 86 2.53 13.57 5.19
N GLU B 87 3.75 13.45 4.75
CA GLU B 87 4.76 14.48 5.10
C GLU B 87 4.29 15.82 4.55
N PHE B 88 3.72 15.80 3.37
CA PHE B 88 3.22 17.05 2.74
C PHE B 88 1.85 17.41 3.32
N PHE B 89 1.03 16.41 3.53
CA PHE B 89 -0.33 16.67 4.06
C PHE B 89 -0.26 16.88 5.59
N GLU B 90 0.46 17.87 6.02
CA GLU B 90 0.56 18.12 7.49
C GLU B 90 -0.85 18.29 8.07
N HIS B 91 -1.37 17.25 8.65
CA HIS B 91 -2.75 17.33 9.23
C HIS B 91 -2.80 18.42 10.31
N GLU B 92 -1.80 18.48 11.15
CA GLU B 92 -1.79 19.50 12.24
N SER C 1 -26.46 -21.75 21.21
CA SER C 1 -27.25 -23.00 21.00
C SER C 1 -26.41 -24.02 20.22
N HIS C 2 -25.29 -23.60 19.70
CA HIS C 2 -24.41 -24.54 18.92
C HIS C 2 -23.68 -25.46 19.90
N LEU C 3 -23.32 -26.64 19.46
CA LEU C 3 -22.60 -27.58 20.36
C LEU C 3 -21.30 -26.93 20.82
N LYS C 4 -20.63 -26.24 19.92
CA LYS C 4 -19.35 -25.57 20.30
C LYS C 4 -18.39 -26.61 20.88
N SER C 5 -18.16 -27.67 20.16
CA SER C 5 -17.24 -28.73 20.66
C SER C 5 -15.82 -28.18 20.72
N LYS C 6 -15.60 -27.01 20.20
CA LYS C 6 -14.23 -26.41 20.23
C LYS C 6 -13.30 -27.28 19.38
N LYS C 7 -13.72 -27.62 18.20
CA LYS C 7 -12.86 -28.47 17.31
C LYS C 7 -12.02 -27.56 16.42
N GLY C 8 -10.73 -27.76 16.40
CA GLY C 8 -9.84 -26.90 15.57
C GLY C 8 -9.54 -25.61 16.32
N GLN C 9 -8.94 -24.65 15.66
CA GLN C 9 -8.61 -23.35 16.33
C GLN C 9 -8.98 -22.20 15.41
N SER C 10 -9.51 -21.15 15.95
CA SER C 10 -9.88 -19.98 15.09
C SER C 10 -8.61 -19.32 14.58
N THR C 11 -7.52 -19.48 15.28
CA THR C 11 -6.25 -18.85 14.82
C THR C 11 -6.04 -19.14 13.33
N SER C 12 -6.54 -20.25 12.87
CA SER C 12 -6.38 -20.59 11.42
C SER C 12 -6.76 -19.38 10.56
N ARG C 13 -7.57 -18.50 11.06
CA ARG C 13 -7.98 -17.32 10.26
C ARG C 13 -6.74 -16.54 9.82
N HIS C 14 -5.75 -16.41 10.67
CA HIS C 14 -4.52 -15.65 10.30
C HIS C 14 -3.92 -16.28 9.05
N LYS C 15 -3.91 -17.59 8.97
CA LYS C 15 -3.32 -18.27 7.78
C LYS C 15 -4.04 -17.81 6.51
N LYS C 16 -5.29 -17.50 6.61
CA LYS C 16 -6.03 -17.06 5.40
C LYS C 16 -5.38 -15.80 4.83
N LEU C 17 -5.11 -14.82 5.65
CA LEU C 17 -4.48 -13.56 5.14
C LEU C 17 -3.02 -13.82 4.71
N MET C 18 -2.40 -14.80 5.30
CA MET C 18 -0.99 -15.11 4.94
C MET C 18 -0.89 -15.41 3.44
N PHE C 19 -1.96 -15.84 2.82
CA PHE C 19 -1.91 -16.17 1.36
C PHE C 19 -1.06 -15.12 0.62
N LYS C 20 -1.13 -13.88 1.05
CA LYS C 20 -0.28 -12.81 0.42
C LYS C 20 1.13 -12.88 0.99
N THR C 21 1.24 -13.17 2.26
CA THR C 21 2.60 -13.25 2.85
C THR C 21 3.36 -14.33 2.10
N GLU C 22 2.66 -15.33 1.62
CA GLU C 22 3.31 -16.43 0.86
N SER D 1 16.18 29.33 -22.92
CA SER D 1 16.98 30.57 -22.68
C SER D 1 17.95 30.35 -21.52
N HIS D 2 17.80 29.26 -20.82
CA HIS D 2 18.72 28.98 -19.68
C HIS D 2 20.08 28.52 -20.21
N LEU D 3 21.14 28.74 -19.47
CA LEU D 3 22.47 28.31 -19.93
C LEU D 3 22.48 26.80 -20.15
N LYS D 4 21.83 26.07 -19.29
CA LYS D 4 21.79 24.58 -19.44
C LYS D 4 23.21 24.04 -19.52
N SER D 5 24.03 24.38 -18.57
CA SER D 5 25.44 23.89 -18.59
C SER D 5 25.46 22.38 -18.40
N LYS D 6 24.33 21.80 -18.07
CA LYS D 6 24.29 20.32 -17.86
C LYS D 6 25.13 19.96 -16.64
N LYS D 7 24.98 20.68 -15.57
CA LYS D 7 25.76 20.40 -14.34
C LYS D 7 24.97 19.41 -13.48
N GLY D 8 25.59 18.33 -13.08
CA GLY D 8 24.89 17.32 -12.23
C GLY D 8 24.06 16.41 -13.13
N GLN D 9 23.22 15.59 -12.54
CA GLN D 9 22.36 14.66 -13.35
C GLN D 9 20.94 14.69 -12.79
N SER D 10 19.96 14.66 -13.65
CA SER D 10 18.54 14.68 -13.18
C SER D 10 18.24 13.35 -12.49
N THR D 11 18.95 12.31 -12.83
CA THR D 11 18.69 11.00 -12.20
C THR D 11 18.61 11.17 -10.68
N SER D 12 19.30 12.14 -10.14
CA SER D 12 19.24 12.38 -8.67
C SER D 12 17.79 12.37 -8.19
N ARG D 13 16.88 12.66 -9.06
CA ARG D 13 15.43 12.69 -8.66
C ARG D 13 15.04 11.32 -8.07
N HIS D 14 15.51 10.26 -8.65
CA HIS D 14 15.13 8.91 -8.12
C HIS D 14 15.55 8.82 -6.64
N LYS D 15 16.70 9.34 -6.31
CA LYS D 15 17.17 9.29 -4.91
C LYS D 15 16.16 9.95 -3.98
N LYS D 16 15.47 10.95 -4.47
CA LYS D 16 14.48 11.65 -3.61
C LYS D 16 13.42 10.65 -3.15
N LEU D 17 12.85 9.87 -4.06
CA LEU D 17 11.80 8.89 -3.65
C LEU D 17 12.43 7.75 -2.82
N MET D 18 13.68 7.48 -3.01
CA MET D 18 14.33 6.39 -2.24
C MET D 18 14.20 6.68 -0.74
N PHE D 19 14.05 7.92 -0.35
CA PHE D 19 13.95 8.24 1.13
C PHE D 19 13.08 7.17 1.82
N LYS D 20 12.08 6.67 1.15
CA LYS D 20 11.23 5.58 1.75
C LYS D 20 11.94 4.25 1.59
N THR D 21 12.60 4.04 0.49
CA THR D 21 13.31 2.75 0.31
C THR D 21 14.33 2.61 1.43
N GLU D 22 14.84 3.73 1.89
CA GLU D 22 15.83 3.71 3.01
CA CA E . -1.37 5.96 16.36
CA CA F . 7.80 -1.21 13.91
CA CA G . -0.62 -4.29 -17.47
CA CA H . 8.14 -9.20 -10.62
N MET A 1 -10.55 7.31 -12.59
CA MET A 1 -9.57 7.89 -13.54
C MET A 1 -8.74 8.95 -12.83
N SER A 2 -7.44 8.77 -12.79
CA SER A 2 -6.58 9.78 -12.11
C SER A 2 -7.12 10.06 -10.71
N GLU A 3 -7.99 9.22 -10.22
CA GLU A 3 -8.54 9.42 -8.86
C GLU A 3 -7.49 9.00 -7.84
N LEU A 4 -6.28 8.89 -8.28
CA LEU A 4 -5.20 8.45 -7.38
C LEU A 4 -4.98 9.51 -6.29
N GLU A 5 -5.25 10.74 -6.57
CA GLU A 5 -5.04 11.79 -5.53
C GLU A 5 -6.12 11.69 -4.45
N LYS A 6 -7.32 11.36 -4.84
CA LYS A 6 -8.41 11.26 -3.81
C LYS A 6 -8.19 10.01 -2.98
N ALA A 7 -7.66 8.99 -3.58
CA ALA A 7 -7.43 7.72 -2.86
C ALA A 7 -6.31 7.85 -1.84
N MET A 8 -5.24 8.49 -2.19
CA MET A 8 -4.12 8.64 -1.22
C MET A 8 -4.59 9.45 -0.02
N VAL A 9 -5.36 10.46 -0.28
CA VAL A 9 -5.87 11.33 0.81
C VAL A 9 -6.82 10.53 1.71
N ALA A 10 -7.60 9.67 1.12
CA ALA A 10 -8.59 8.87 1.91
C ALA A 10 -7.89 7.88 2.84
N LEU A 11 -6.84 7.25 2.40
CA LEU A 11 -6.17 6.26 3.30
C LEU A 11 -5.71 6.99 4.55
N ILE A 12 -5.22 8.17 4.38
CA ILE A 12 -4.76 8.97 5.54
C ILE A 12 -5.95 9.38 6.41
N ASP A 13 -7.07 9.70 5.82
CA ASP A 13 -8.25 10.14 6.62
C ASP A 13 -8.71 9.05 7.61
N VAL A 14 -8.84 7.83 7.17
CA VAL A 14 -9.32 6.74 8.08
C VAL A 14 -8.23 6.40 9.12
N PHE A 15 -6.99 6.37 8.71
CA PHE A 15 -5.91 6.03 9.67
C PHE A 15 -5.94 7.04 10.82
N HIS A 16 -6.24 8.26 10.53
CA HIS A 16 -6.29 9.29 11.60
C HIS A 16 -7.48 9.05 12.53
N GLN A 17 -8.53 8.43 12.05
CA GLN A 17 -9.71 8.21 12.93
C GLN A 17 -9.32 7.35 14.14
N TYR A 18 -8.52 6.32 13.94
CA TYR A 18 -8.14 5.44 15.10
C TYR A 18 -6.82 5.89 15.75
N SER A 19 -5.88 6.31 14.97
CA SER A 19 -4.56 6.73 15.54
C SER A 19 -4.75 7.88 16.53
N GLY A 20 -5.61 8.80 16.21
CA GLY A 20 -5.83 9.96 17.13
C GLY A 20 -6.74 9.55 18.29
N ARG A 21 -7.31 8.38 18.24
CA ARG A 21 -8.19 7.93 19.35
C ARG A 21 -7.40 7.92 20.65
N GLU A 22 -6.23 7.34 20.62
CA GLU A 22 -5.37 7.26 21.84
C GLU A 22 -4.10 8.08 21.61
N GLY A 23 -3.45 8.46 22.67
CA GLY A 23 -2.21 9.28 22.54
C GLY A 23 -1.30 8.74 21.44
N ASP A 24 -1.52 7.54 20.97
CA ASP A 24 -0.64 6.99 19.91
C ASP A 24 -0.98 7.66 18.56
N LYS A 25 -0.89 8.96 18.50
CA LYS A 25 -1.20 9.66 17.21
C LYS A 25 -0.12 9.32 16.17
N HIS A 26 1.12 9.39 16.57
CA HIS A 26 2.23 9.11 15.62
C HIS A 26 2.44 7.61 15.42
N LYS A 27 1.97 6.78 16.32
CA LYS A 27 2.16 5.30 16.18
C LYS A 27 0.83 4.59 16.47
N LEU A 28 0.69 3.38 16.01
CA LEU A 28 -0.58 2.61 16.22
C LEU A 28 -0.25 1.32 16.99
N LYS A 29 -0.98 1.01 18.05
CA LYS A 29 -0.66 -0.23 18.83
C LYS A 29 -1.54 -1.38 18.33
N LYS A 30 -1.08 -2.59 18.49
CA LYS A 30 -1.88 -3.76 18.06
C LYS A 30 -3.28 -3.61 18.64
N SER A 31 -3.37 -2.85 19.70
CA SER A 31 -4.68 -2.63 20.36
C SER A 31 -5.52 -1.68 19.51
N GLU A 32 -4.97 -0.55 19.19
CA GLU A 32 -5.71 0.42 18.35
C GLU A 32 -6.01 -0.24 17.00
N LEU A 33 -5.08 -1.00 16.52
CA LEU A 33 -5.26 -1.69 15.22
C LEU A 33 -6.47 -2.61 15.29
N LYS A 34 -6.66 -3.32 16.37
CA LYS A 34 -7.85 -4.23 16.48
C LYS A 34 -9.14 -3.43 16.37
N GLU A 35 -9.20 -2.28 16.96
CA GLU A 35 -10.45 -1.47 16.91
C GLU A 35 -10.69 -1.04 15.47
N LEU A 36 -9.67 -0.73 14.75
CA LEU A 36 -9.86 -0.33 13.33
C LEU A 36 -10.42 -1.50 12.54
N ILE A 37 -9.79 -2.64 12.64
CA ILE A 37 -10.24 -3.82 11.86
C ILE A 37 -11.57 -4.38 12.37
N ASN A 38 -11.74 -4.47 13.66
CA ASN A 38 -13.01 -5.05 14.16
C ASN A 38 -14.19 -4.10 13.91
N ASN A 39 -13.99 -2.83 14.08
CA ASN A 39 -15.10 -1.84 13.92
C ASN A 39 -15.09 -1.12 12.56
N GLU A 40 -13.94 -0.81 12.00
CA GLU A 40 -13.95 -0.05 10.71
C GLU A 40 -14.14 -1.01 9.54
N LEU A 41 -14.04 -2.29 9.77
CA LEU A 41 -14.23 -3.29 8.67
C LEU A 41 -15.09 -4.45 9.19
N SER A 42 -16.12 -4.15 9.92
CA SER A 42 -16.99 -5.23 10.49
C SER A 42 -17.61 -6.10 9.40
N HIS A 43 -18.06 -5.51 8.31
CA HIS A 43 -18.70 -6.33 7.21
C HIS A 43 -17.91 -6.16 5.90
N PHE A 44 -17.18 -5.10 5.76
CA PHE A 44 -16.40 -4.90 4.50
C PHE A 44 -15.29 -5.95 4.41
N LEU A 45 -14.67 -6.28 5.53
CA LEU A 45 -13.57 -7.30 5.53
C LEU A 45 -13.84 -8.30 6.65
N GLU A 46 -13.25 -9.46 6.60
CA GLU A 46 -13.49 -10.45 7.68
C GLU A 46 -13.22 -9.79 9.03
N GLU A 47 -14.24 -9.56 9.79
CA GLU A 47 -14.07 -8.92 11.12
C GLU A 47 -13.18 -9.82 11.99
N ILE A 48 -12.22 -9.26 12.68
CA ILE A 48 -11.37 -10.12 13.56
C ILE A 48 -12.14 -10.37 14.85
N LYS A 49 -12.07 -11.57 15.37
CA LYS A 49 -12.85 -11.92 16.59
C LYS A 49 -11.91 -12.15 17.78
N GLU A 50 -10.66 -12.48 17.54
CA GLU A 50 -9.71 -12.73 18.67
C GLU A 50 -8.48 -11.82 18.57
N GLN A 51 -8.02 -11.37 19.70
CA GLN A 51 -6.82 -10.50 19.73
C GLN A 51 -5.64 -11.28 19.16
N GLU A 52 -5.64 -12.57 19.28
CA GLU A 52 -4.49 -13.38 18.76
C GLU A 52 -4.34 -13.18 17.25
N VAL A 53 -5.42 -13.12 16.51
CA VAL A 53 -5.27 -12.92 15.05
C VAL A 53 -4.56 -11.60 14.81
N VAL A 54 -4.89 -10.61 15.57
CA VAL A 54 -4.23 -9.30 15.41
C VAL A 54 -2.75 -9.44 15.68
N ASP A 55 -2.39 -10.24 16.64
CA ASP A 55 -0.95 -10.41 16.98
C ASP A 55 -0.22 -11.07 15.81
N LYS A 56 -0.87 -11.97 15.15
CA LYS A 56 -0.24 -12.67 13.99
C LYS A 56 -0.04 -11.65 12.87
N VAL A 57 -1.00 -10.79 12.68
CA VAL A 57 -0.88 -9.76 11.63
C VAL A 57 0.23 -8.83 12.04
N MET A 58 0.36 -8.61 13.31
CA MET A 58 1.44 -7.73 13.81
C MET A 58 2.78 -8.40 13.61
N GLU A 59 2.82 -9.71 13.55
CA GLU A 59 4.13 -10.36 13.31
C GLU A 59 4.64 -9.82 11.98
N THR A 60 3.75 -9.69 11.04
CA THR A 60 4.12 -9.14 9.70
C THR A 60 4.14 -7.61 9.73
N LEU A 61 3.24 -7.00 10.47
CA LEU A 61 3.17 -5.50 10.52
C LEU A 61 4.10 -4.96 11.61
N ASP A 62 4.49 -5.77 12.54
CA ASP A 62 5.40 -5.26 13.60
C ASP A 62 6.80 -5.23 13.04
N GLU A 63 6.98 -4.49 11.99
CA GLU A 63 8.30 -4.40 11.35
C GLU A 63 9.32 -3.87 12.35
N ASP A 64 8.93 -2.92 13.15
CA ASP A 64 9.87 -2.37 14.16
C ASP A 64 10.04 -3.40 15.28
N GLY A 65 9.19 -4.39 15.31
CA GLY A 65 9.30 -5.44 16.37
C GLY A 65 8.93 -4.84 17.74
N ASP A 66 8.08 -3.84 17.77
CA ASP A 66 7.70 -3.21 19.08
C ASP A 66 6.27 -3.61 19.46
N GLY A 67 5.63 -4.42 18.66
CA GLY A 67 4.23 -4.83 18.99
C GLY A 67 3.29 -3.71 18.57
N GLU A 68 3.83 -2.70 17.93
CA GLU A 68 3.00 -1.55 17.46
C GLU A 68 3.43 -1.23 16.02
N CYS A 69 2.50 -0.98 15.13
CA CYS A 69 2.87 -0.66 13.72
C CYS A 69 2.74 0.86 13.50
N ASP A 70 3.75 1.48 12.98
CA ASP A 70 3.71 2.95 12.75
C ASP A 70 2.80 3.25 11.58
N PHE A 71 2.48 4.51 11.38
CA PHE A 71 1.60 4.88 10.25
C PHE A 71 2.15 4.23 8.98
N GLN A 72 3.45 4.22 8.82
CA GLN A 72 4.05 3.58 7.62
C GLN A 72 3.70 2.08 7.59
N GLU A 73 3.90 1.39 8.67
CA GLU A 73 3.59 -0.06 8.70
C GLU A 73 2.11 -0.31 8.43
N PHE A 74 1.26 0.51 8.98
CA PHE A 74 -0.20 0.33 8.75
C PHE A 74 -0.52 0.57 7.29
N MET A 75 0.18 1.48 6.69
CA MET A 75 -0.07 1.82 5.26
C MET A 75 0.16 0.58 4.38
N ALA A 76 1.13 -0.21 4.68
CA ALA A 76 1.38 -1.41 3.81
C ALA A 76 0.26 -2.44 3.99
N PHE A 77 -0.34 -2.51 5.14
CA PHE A 77 -1.44 -3.50 5.36
C PHE A 77 -2.67 -3.14 4.51
N VAL A 78 -2.82 -1.91 4.20
CA VAL A 78 -4.00 -1.47 3.38
C VAL A 78 -3.75 -1.84 1.92
N SER A 79 -2.52 -1.82 1.52
CA SER A 79 -2.17 -2.13 0.12
C SER A 79 -2.41 -3.62 -0.17
N MET A 80 -2.01 -4.50 0.70
CA MET A 80 -2.22 -5.95 0.41
C MET A 80 -3.69 -6.33 0.49
N VAL A 81 -4.41 -5.84 1.47
CA VAL A 81 -5.84 -6.21 1.57
C VAL A 81 -6.60 -5.67 0.37
N THR A 82 -6.20 -4.52 -0.11
CA THR A 82 -6.88 -3.91 -1.29
C THR A 82 -6.75 -4.87 -2.46
N THR A 83 -5.61 -5.47 -2.59
CA THR A 83 -5.37 -6.40 -3.70
C THR A 83 -6.46 -7.48 -3.66
N ALA A 84 -6.83 -7.91 -2.49
CA ALA A 84 -7.92 -8.92 -2.39
C ALA A 84 -9.19 -8.32 -3.00
N CYS A 85 -9.39 -7.04 -2.80
CA CYS A 85 -10.60 -6.38 -3.36
C CYS A 85 -10.61 -6.54 -4.89
N HIS A 86 -9.47 -6.50 -5.51
CA HIS A 86 -9.45 -6.66 -6.99
C HIS A 86 -10.05 -8.02 -7.36
N GLU A 87 -9.75 -9.03 -6.60
CA GLU A 87 -10.32 -10.38 -6.90
C GLU A 87 -11.85 -10.32 -6.77
N PHE A 88 -12.34 -9.62 -5.79
CA PHE A 88 -13.81 -9.51 -5.59
C PHE A 88 -14.36 -8.40 -6.48
N PHE A 89 -13.64 -7.33 -6.61
CA PHE A 89 -14.09 -6.20 -7.46
C PHE A 89 -13.53 -6.42 -8.87
N GLU A 90 -14.04 -7.39 -9.55
CA GLU A 90 -13.56 -7.66 -10.93
C GLU A 90 -14.22 -6.67 -11.89
N HIS A 91 -13.53 -5.61 -12.21
CA HIS A 91 -14.11 -4.60 -13.14
C HIS A 91 -14.44 -5.27 -14.48
N GLU A 92 -13.60 -6.15 -14.93
CA GLU A 92 -13.87 -6.83 -16.23
N MET B 1 -13.89 9.17 6.83
CA MET B 1 -14.38 8.26 7.90
C MET B 1 -14.83 6.93 7.29
N SER B 2 -14.24 5.85 7.69
CA SER B 2 -14.64 4.52 7.12
C SER B 2 -14.63 4.60 5.59
N GLU B 3 -14.03 5.62 5.04
CA GLU B 3 -13.96 5.73 3.56
C GLU B 3 -12.92 4.75 3.04
N LEU B 4 -12.56 3.81 3.86
CA LEU B 4 -11.53 2.82 3.44
C LEU B 4 -12.06 1.99 2.27
N GLU B 5 -13.35 1.79 2.20
CA GLU B 5 -13.89 0.96 1.08
C GLU B 5 -13.82 1.74 -0.24
N LYS B 6 -14.03 3.03 -0.19
CA LYS B 6 -13.98 3.82 -1.45
C LYS B 6 -12.54 3.95 -1.90
N ALA B 7 -11.64 4.02 -0.96
CA ALA B 7 -10.21 4.16 -1.29
C ALA B 7 -9.63 2.90 -1.92
N MET B 8 -9.97 1.76 -1.39
CA MET B 8 -9.44 0.49 -1.98
C MET B 8 -9.95 0.33 -3.41
N VAL B 9 -11.17 0.68 -3.61
CA VAL B 9 -11.79 0.55 -4.96
C VAL B 9 -11.10 1.53 -5.92
N ALA B 10 -10.78 2.70 -5.44
CA ALA B 10 -10.14 3.73 -6.31
C ALA B 10 -8.73 3.30 -6.75
N LEU B 11 -7.96 2.71 -5.89
CA LEU B 11 -6.59 2.32 -6.31
C LEU B 11 -6.70 1.36 -7.48
N ILE B 12 -7.65 0.49 -7.41
CA ILE B 12 -7.85 -0.49 -8.51
C ILE B 12 -8.34 0.22 -9.78
N ASP B 13 -9.18 1.22 -9.65
CA ASP B 13 -9.71 1.92 -10.86
C ASP B 13 -8.57 2.56 -11.68
N VAL B 14 -7.67 3.26 -11.05
CA VAL B 14 -6.56 3.93 -11.83
C VAL B 14 -5.58 2.88 -12.38
N PHE B 15 -5.28 1.88 -11.61
CA PHE B 15 -4.32 0.84 -12.09
C PHE B 15 -4.87 0.23 -13.37
N HIS B 16 -6.15 0.06 -13.45
CA HIS B 16 -6.75 -0.54 -14.68
C HIS B 16 -6.64 0.44 -15.86
N GLN B 17 -6.60 1.72 -15.62
CA GLN B 17 -6.51 2.67 -16.76
C GLN B 17 -5.24 2.42 -17.57
N TYR B 18 -4.11 2.17 -16.93
CA TYR B 18 -2.85 1.93 -17.70
C TYR B 18 -2.61 0.44 -17.98
N SER B 19 -2.92 -0.42 -17.05
CA SER B 19 -2.68 -1.88 -17.25
C SER B 19 -3.47 -2.37 -18.47
N GLY B 20 -4.67 -1.91 -18.64
CA GLY B 20 -5.49 -2.37 -19.80
C GLY B 20 -5.06 -1.63 -21.07
N ARG B 21 -4.22 -0.65 -20.95
CA ARG B 21 -3.78 0.08 -22.17
C ARG B 21 -3.10 -0.89 -23.13
N GLU B 22 -2.20 -1.70 -22.61
CA GLU B 22 -1.47 -2.68 -23.46
C GLU B 22 -1.86 -4.10 -23.03
N GLY B 23 -1.64 -5.06 -23.88
CA GLY B 23 -2.01 -6.47 -23.55
C GLY B 23 -1.58 -6.83 -22.12
N ASP B 24 -0.72 -6.05 -21.51
CA ASP B 24 -0.29 -6.40 -20.14
C ASP B 24 -1.41 -6.08 -19.13
N LYS B 25 -2.56 -6.66 -19.31
CA LYS B 25 -3.68 -6.39 -18.36
C LYS B 25 -3.35 -7.00 -16.99
N HIS B 26 -2.89 -8.21 -16.99
CA HIS B 26 -2.56 -8.90 -15.70
C HIS B 26 -1.21 -8.44 -15.13
N LYS B 27 -0.35 -7.88 -15.95
CA LYS B 27 0.99 -7.42 -15.44
C LYS B 27 1.28 -6.02 -15.98
N LEU B 28 2.17 -5.30 -15.35
CA LEU B 28 2.51 -3.91 -15.79
C LEU B 28 4.00 -3.84 -16.14
N LYS B 29 4.37 -3.31 -17.28
CA LYS B 29 5.81 -3.25 -17.65
C LYS B 29 6.41 -1.90 -17.22
N LYS B 30 7.69 -1.86 -16.96
CA LYS B 30 8.34 -0.58 -16.58
C LYS B 30 7.92 0.48 -17.60
N SER B 31 7.55 0.03 -18.75
CA SER B 31 7.12 0.98 -19.82
C SER B 31 5.74 1.51 -19.49
N GLU B 32 4.79 0.64 -19.26
CA GLU B 32 3.43 1.08 -18.91
C GLU B 32 3.51 1.90 -17.62
N LEU B 33 4.36 1.48 -16.72
CA LEU B 33 4.51 2.19 -15.43
C LEU B 33 4.94 3.64 -15.68
N LYS B 34 5.85 3.84 -16.60
CA LYS B 34 6.31 5.24 -16.87
C LYS B 34 5.14 6.10 -17.35
N GLU B 35 4.28 5.57 -18.16
CA GLU B 35 3.13 6.37 -18.66
C GLU B 35 2.22 6.72 -17.49
N LEU B 36 2.06 5.83 -16.56
CA LEU B 36 1.20 6.16 -15.39
C LEU B 36 1.81 7.29 -14.59
N ILE B 37 3.06 7.17 -14.26
CA ILE B 37 3.74 8.20 -13.43
C ILE B 37 3.95 9.49 -14.19
N ASN B 38 4.37 9.41 -15.42
CA ASN B 38 4.63 10.67 -16.17
C ASN B 38 3.32 11.39 -16.51
N ASN B 39 2.30 10.67 -16.86
CA ASN B 39 1.00 11.31 -17.27
C ASN B 39 -0.07 11.29 -16.15
N GLU B 40 -0.13 10.26 -15.34
CA GLU B 40 -1.21 10.24 -14.30
C GLU B 40 -0.78 11.04 -13.07
N LEU B 41 0.47 11.42 -13.00
CA LEU B 41 0.96 12.22 -11.82
C LEU B 41 1.87 13.33 -12.33
N SER B 42 1.49 13.99 -13.41
CA SER B 42 2.34 15.06 -13.98
C SER B 42 2.57 16.20 -12.97
N HIS B 43 1.56 16.60 -12.22
CA HIS B 43 1.75 17.72 -11.23
C HIS B 43 1.46 17.23 -9.82
N PHE B 44 0.71 16.17 -9.68
CA PHE B 44 0.39 15.67 -8.31
C PHE B 44 1.67 15.13 -7.66
N LEU B 45 2.51 14.47 -8.43
CA LEU B 45 3.78 13.90 -7.88
C LEU B 45 4.94 14.30 -8.80
N GLU B 46 6.14 14.25 -8.32
CA GLU B 46 7.28 14.63 -9.18
C GLU B 46 7.20 13.84 -10.49
N GLU B 47 6.90 14.50 -11.56
CA GLU B 47 6.80 13.81 -12.87
C GLU B 47 8.16 13.19 -13.23
N ILE B 48 8.19 11.97 -13.69
CA ILE B 48 9.51 11.36 -14.05
C ILE B 48 9.88 11.87 -15.43
N LYS B 49 11.13 12.19 -15.64
CA LYS B 49 11.57 12.77 -16.94
C LYS B 49 12.45 11.78 -17.71
N GLU B 50 13.07 10.84 -17.03
CA GLU B 50 13.97 9.86 -17.73
C GLU B 50 13.53 8.43 -17.44
N GLN B 51 13.62 7.59 -18.43
CA GLN B 51 13.26 6.17 -18.28
C GLN B 51 14.16 5.54 -17.21
N GLU B 52 15.35 6.04 -17.06
CA GLU B 52 16.28 5.45 -16.05
C GLU B 52 15.68 5.55 -14.65
N VAL B 53 15.04 6.63 -14.30
CA VAL B 53 14.46 6.73 -12.94
C VAL B 53 13.45 5.62 -12.77
N VAL B 54 12.69 5.36 -13.79
CA VAL B 54 11.68 4.29 -13.72
C VAL B 54 12.37 2.96 -13.47
N ASP B 55 13.51 2.76 -14.08
CA ASP B 55 14.26 1.48 -13.91
C ASP B 55 14.71 1.34 -12.46
N LYS B 56 15.10 2.42 -11.86
CA LYS B 56 15.56 2.37 -10.44
C LYS B 56 14.38 2.02 -9.55
N VAL B 57 13.24 2.58 -9.86
CA VAL B 57 12.03 2.29 -9.06
C VAL B 57 11.69 0.82 -9.29
N MET B 58 11.94 0.35 -10.47
CA MET B 58 11.65 -1.06 -10.78
C MET B 58 12.63 -1.95 -10.04
N GLU B 59 13.78 -1.45 -9.70
CA GLU B 59 14.72 -2.31 -8.94
C GLU B 59 14.00 -2.70 -7.65
N THR B 60 13.30 -1.76 -7.09
CA THR B 60 12.53 -2.02 -5.84
C THR B 60 11.17 -2.67 -6.18
N LEU B 61 10.55 -2.26 -7.27
CA LEU B 61 9.21 -2.80 -7.64
C LEU B 61 9.36 -4.08 -8.48
N ASP B 62 10.51 -4.31 -9.05
CA ASP B 62 10.67 -5.54 -9.87
C ASP B 62 10.94 -6.68 -8.91
N GLU B 63 10.01 -6.92 -8.04
CA GLU B 63 10.16 -8.00 -7.04
C GLU B 63 10.34 -9.33 -7.77
N ASP B 64 9.60 -9.53 -8.83
CA ASP B 64 9.74 -10.80 -9.59
C ASP B 64 11.06 -10.77 -10.36
N GLY B 65 11.68 -9.63 -10.45
CA GLY B 65 12.98 -9.53 -11.18
C GLY B 65 12.75 -9.74 -12.68
N ASP B 66 11.59 -9.38 -13.19
CA ASP B 66 11.30 -9.57 -14.65
C ASP B 66 11.31 -8.21 -15.37
N GLY B 67 11.57 -7.15 -14.66
CA GLY B 67 11.59 -5.80 -15.31
C GLY B 67 10.14 -5.33 -15.43
N GLU B 68 9.23 -6.08 -14.90
CA GLU B 68 7.78 -5.70 -14.96
C GLU B 68 7.20 -5.91 -13.55
N CYS B 69 6.39 -4.99 -13.07
CA CYS B 69 5.78 -5.16 -11.71
C CYS B 69 4.32 -5.60 -11.87
N ASP B 70 3.94 -6.64 -11.20
CA ASP B 70 2.55 -7.14 -11.31
C ASP B 70 1.60 -6.21 -10.57
N PHE B 71 0.31 -6.39 -10.74
CA PHE B 71 -0.65 -5.51 -10.04
C PHE B 71 -0.28 -5.47 -8.55
N GLN B 72 0.10 -6.59 -8.00
CA GLN B 72 0.50 -6.62 -6.57
C GLN B 72 1.70 -5.70 -6.35
N GLU B 73 2.73 -5.82 -7.14
CA GLU B 73 3.93 -4.98 -6.96
C GLU B 73 3.58 -3.50 -7.12
N PHE B 74 2.74 -3.18 -8.07
CA PHE B 74 2.36 -1.77 -8.28
C PHE B 74 1.58 -1.27 -7.07
N MET B 75 0.81 -2.13 -6.48
CA MET B 75 -0.02 -1.75 -5.30
C MET B 75 0.88 -1.26 -4.16
N ALA B 76 2.01 -1.88 -3.96
CA ALA B 76 2.87 -1.44 -2.85
C ALA B 76 3.50 -0.07 -3.14
N PHE B 77 3.72 0.26 -4.38
CA PHE B 77 4.31 1.59 -4.72
C PHE B 77 3.33 2.71 -4.40
N VAL B 78 2.08 2.42 -4.40
CA VAL B 78 1.05 3.47 -4.11
C VAL B 78 1.01 3.70 -2.59
N SER B 79 1.27 2.68 -1.85
CA SER B 79 1.23 2.80 -0.37
C SER B 79 2.38 3.67 0.13
N MET B 80 3.58 3.49 -0.37
CA MET B 80 4.72 4.30 0.14
C MET B 80 4.59 5.76 -0.32
N VAL B 81 4.22 5.99 -1.55
CA VAL B 81 4.12 7.40 -2.03
C VAL B 81 3.01 8.10 -1.24
N THR B 82 1.97 7.39 -0.92
CA THR B 82 0.85 8.00 -0.17
C THR B 82 1.37 8.51 1.16
N THR B 83 2.24 7.76 1.75
CA THR B 83 2.80 8.16 3.05
C THR B 83 3.41 9.56 2.90
N ALA B 84 4.05 9.81 1.79
CA ALA B 84 4.62 11.17 1.57
C ALA B 84 3.48 12.19 1.62
N CYS B 85 2.33 11.82 1.10
CA CYS B 85 1.17 12.75 1.10
C CYS B 85 0.84 13.14 2.54
N HIS B 86 0.99 12.23 3.48
CA HIS B 86 0.68 12.60 4.89
C HIS B 86 1.58 13.75 5.32
N GLU B 87 2.82 13.73 4.92
CA GLU B 87 3.74 14.84 5.31
C GLU B 87 3.22 16.15 4.69
N PHE B 88 2.75 16.10 3.48
CA PHE B 88 2.22 17.34 2.82
C PHE B 88 0.78 17.57 3.25
N PHE B 89 0.02 16.52 3.35
CA PHE B 89 -1.39 16.65 3.77
C PHE B 89 -1.46 16.53 5.30
N GLU B 90 -0.96 17.53 5.98
CA GLU B 90 -1.00 17.49 7.46
C GLU B 90 -2.40 17.88 7.93
N HIS B 91 -3.21 16.91 8.25
CA HIS B 91 -4.59 17.22 8.70
C HIS B 91 -4.52 18.06 9.97
N GLU B 92 -3.60 17.75 10.85
CA GLU B 92 -3.49 18.54 12.11
N SER C 1 -2.47 -22.39 33.83
CA SER C 1 -2.47 -23.61 32.98
C SER C 1 -3.15 -23.31 31.64
N HIS C 2 -2.39 -23.16 30.59
CA HIS C 2 -2.97 -22.87 29.25
C HIS C 2 -2.38 -23.82 28.20
N LEU C 3 -3.17 -24.73 27.70
CA LEU C 3 -2.67 -25.69 26.66
C LEU C 3 -3.16 -25.24 25.29
N LYS C 4 -2.33 -25.37 24.27
CA LYS C 4 -2.75 -24.94 22.91
C LYS C 4 -3.19 -26.15 22.08
N SER C 5 -4.46 -26.48 22.12
CA SER C 5 -4.97 -27.64 21.35
C SER C 5 -6.43 -27.39 20.97
N LYS C 6 -6.78 -26.15 20.75
CA LYS C 6 -8.19 -25.83 20.39
C LYS C 6 -8.49 -26.35 18.97
N LYS C 7 -9.72 -26.71 18.72
CA LYS C 7 -10.09 -27.23 17.38
C LYS C 7 -10.16 -26.06 16.39
N GLY C 8 -10.19 -26.34 15.12
CA GLY C 8 -10.25 -25.25 14.10
C GLY C 8 -11.47 -24.36 14.37
N GLN C 9 -11.39 -23.10 14.00
CA GLN C 9 -12.53 -22.17 14.23
C GLN C 9 -12.65 -21.21 13.03
N SER C 10 -13.72 -20.46 12.98
CA SER C 10 -13.91 -19.49 11.86
C SER C 10 -12.64 -18.65 11.68
N THR C 11 -11.92 -18.44 12.75
CA THR C 11 -10.66 -17.62 12.66
C THR C 11 -9.90 -17.99 11.37
N SER C 12 -10.12 -19.18 10.87
CA SER C 12 -9.43 -19.60 9.61
C SER C 12 -9.51 -18.45 8.59
N ARG C 13 -10.49 -17.61 8.75
CA ARG C 13 -10.64 -16.46 7.81
C ARG C 13 -9.33 -15.68 7.75
N HIS C 14 -8.62 -15.60 8.84
CA HIS C 14 -7.33 -14.86 8.83
C HIS C 14 -6.42 -15.51 7.79
N LYS C 15 -6.47 -16.82 7.69
CA LYS C 15 -5.61 -17.52 6.70
C LYS C 15 -5.93 -17.02 5.30
N LYS C 16 -7.14 -16.58 5.07
CA LYS C 16 -7.48 -16.07 3.72
C LYS C 16 -6.55 -14.90 3.43
N LEU C 17 -6.29 -14.09 4.42
CA LEU C 17 -5.38 -12.92 4.23
C LEU C 17 -3.95 -13.40 3.94
N MET C 18 -3.57 -14.52 4.48
CA MET C 18 -2.17 -15.03 4.27
C MET C 18 -1.92 -15.28 2.78
N PHE C 19 -2.94 -15.52 1.99
CA PHE C 19 -2.69 -15.79 0.55
C PHE C 19 -1.77 -14.71 -0.02
N LYS C 20 -1.91 -13.49 0.43
CA LYS C 20 -1.01 -12.40 -0.06
C LYS C 20 0.36 -12.50 0.63
N THR C 21 0.38 -12.87 1.88
CA THR C 21 1.69 -12.97 2.60
C THR C 21 2.59 -13.95 1.83
N GLU C 22 2.01 -14.97 1.26
CA GLU C 22 2.82 -15.95 0.50
N SER D 1 30.45 3.81 -27.01
CA SER D 1 31.25 4.46 -25.94
C SER D 1 30.33 5.24 -25.00
N HIS D 2 30.09 4.72 -23.82
CA HIS D 2 29.19 5.42 -22.84
C HIS D 2 29.87 5.49 -21.47
N LEU D 3 30.26 6.66 -21.05
CA LEU D 3 30.92 6.81 -19.72
C LEU D 3 29.91 7.36 -18.72
N LYS D 4 29.94 6.90 -17.50
CA LYS D 4 28.97 7.38 -16.46
C LYS D 4 29.64 8.43 -15.57
N SER D 5 29.55 9.67 -15.94
CA SER D 5 30.16 10.75 -15.11
C SER D 5 29.35 12.04 -15.29
N LYS D 6 28.07 11.91 -15.48
CA LYS D 6 27.22 13.13 -15.68
C LYS D 6 27.12 13.90 -14.37
N LYS D 7 26.97 15.19 -14.45
CA LYS D 7 26.87 16.01 -13.21
C LYS D 7 25.47 15.83 -12.60
N GLY D 8 25.29 16.24 -11.37
CA GLY D 8 23.96 16.07 -10.72
C GLY D 8 22.88 16.76 -11.56
N GLN D 9 21.67 16.27 -11.49
CA GLN D 9 20.56 16.88 -12.28
C GLN D 9 19.27 16.86 -11.45
N SER D 10 18.24 17.53 -11.92
CA SER D 10 16.95 17.56 -11.16
C SER D 10 16.55 16.14 -10.80
N THR D 11 16.94 15.17 -11.59
CA THR D 11 16.58 13.75 -11.30
C THR D 11 16.71 13.48 -9.79
N SER D 12 17.52 14.25 -9.12
CA SER D 12 17.69 14.09 -7.65
C SER D 12 16.31 13.92 -7.01
N ARG D 13 15.29 14.42 -7.65
CA ARG D 13 13.92 14.31 -7.11
C ARG D 13 13.62 12.83 -6.81
N HIS D 14 14.12 11.94 -7.62
CA HIS D 14 13.87 10.50 -7.37
C HIS D 14 14.39 10.16 -5.97
N LYS D 15 15.49 10.75 -5.58
CA LYS D 15 16.07 10.45 -4.23
C LYS D 15 15.04 10.84 -3.17
N LYS D 16 14.20 11.80 -3.44
CA LYS D 16 13.19 12.20 -2.44
C LYS D 16 12.35 10.97 -2.14
N LEU D 17 12.03 10.20 -3.16
CA LEU D 17 11.22 8.96 -2.96
C LEU D 17 12.00 7.94 -2.12
N MET D 18 13.29 7.92 -2.25
CA MET D 18 14.12 6.93 -1.48
C MET D 18 13.92 7.11 0.03
N PHE D 19 13.54 8.28 0.48
CA PHE D 19 13.38 8.47 1.95
C PHE D 19 12.52 7.34 2.51
N LYS D 20 11.55 6.88 1.77
CA LYS D 20 10.69 5.77 2.27
C LYS D 20 11.42 4.43 2.08
N THR D 21 12.20 4.29 1.04
CA THR D 21 12.92 3.00 0.83
C THR D 21 13.82 2.76 2.03
N GLU D 22 14.35 3.79 2.60
CA GLU D 22 15.23 3.62 3.79
CA CA E . -2.75 5.49 17.62
CA CA F . 6.81 -1.89 14.46
CA CA G . -0.33 -3.46 -18.44
CA CA H . 8.39 -8.31 -10.92
N MET A 1 -10.25 6.30 -13.43
CA MET A 1 -9.01 6.50 -14.24
C MET A 1 -8.05 7.43 -13.49
N SER A 2 -6.86 6.97 -13.21
CA SER A 2 -5.88 7.83 -12.48
C SER A 2 -6.49 8.29 -11.16
N GLU A 3 -7.20 7.42 -10.50
CA GLU A 3 -7.85 7.78 -9.21
C GLU A 3 -6.81 7.91 -8.11
N LEU A 4 -5.61 7.44 -8.35
CA LEU A 4 -4.56 7.49 -7.28
C LEU A 4 -4.59 8.85 -6.58
N GLU A 5 -5.13 9.85 -7.20
CA GLU A 5 -5.16 11.17 -6.51
C GLU A 5 -6.16 11.08 -5.36
N LYS A 6 -7.26 10.43 -5.60
CA LYS A 6 -8.32 10.28 -4.55
C LYS A 6 -7.94 9.19 -3.56
N ALA A 7 -7.50 8.06 -4.04
CA ALA A 7 -7.17 6.93 -3.13
C ALA A 7 -5.98 7.28 -2.23
N MET A 8 -4.93 7.78 -2.79
CA MET A 8 -3.73 8.11 -1.97
C MET A 8 -4.11 9.13 -0.90
N VAL A 9 -4.91 10.08 -1.26
CA VAL A 9 -5.31 11.12 -0.27
C VAL A 9 -6.12 10.47 0.86
N ALA A 10 -6.96 9.53 0.52
CA ALA A 10 -7.82 8.88 1.55
C ALA A 10 -6.99 8.03 2.52
N LEU A 11 -5.94 7.40 2.05
CA LEU A 11 -5.14 6.56 3.00
C LEU A 11 -4.62 7.48 4.10
N ILE A 12 -4.22 8.67 3.73
CA ILE A 12 -3.70 9.63 4.73
C ILE A 12 -4.82 10.10 5.68
N ASP A 13 -6.01 10.33 5.17
CA ASP A 13 -7.12 10.82 6.06
C ASP A 13 -7.44 9.79 7.16
N VAL A 14 -7.52 8.53 6.83
CA VAL A 14 -7.87 7.50 7.87
C VAL A 14 -6.70 7.31 8.85
N PHE A 15 -5.49 7.43 8.40
CA PHE A 15 -4.34 7.25 9.33
C PHE A 15 -4.46 8.28 10.45
N HIS A 16 -4.84 9.49 10.13
CA HIS A 16 -4.97 10.53 11.18
C HIS A 16 -6.25 10.32 11.99
N GLN A 17 -7.22 9.64 11.43
CA GLN A 17 -8.50 9.44 12.15
C GLN A 17 -8.27 8.83 13.53
N TYR A 18 -7.42 7.83 13.64
CA TYR A 18 -7.18 7.19 15.00
C TYR A 18 -5.71 7.34 15.42
N SER A 19 -4.80 7.50 14.50
CA SER A 19 -3.37 7.64 14.91
C SER A 19 -3.21 8.86 15.82
N GLY A 20 -3.88 9.93 15.49
CA GLY A 20 -3.77 11.16 16.32
C GLY A 20 -4.61 11.02 17.59
N ARG A 21 -5.22 9.88 17.78
CA ARG A 21 -6.04 9.69 19.01
C ARG A 21 -5.14 9.86 20.23
N GLU A 22 -3.95 9.30 20.17
CA GLU A 22 -2.99 9.40 21.32
C GLU A 22 -1.77 10.22 20.87
N GLY A 23 -1.01 10.69 21.82
CA GLY A 23 0.20 11.51 21.50
C GLY A 23 0.96 10.94 20.30
N ASP A 24 0.75 9.69 19.97
CA ASP A 24 1.48 9.09 18.81
C ASP A 24 0.86 9.56 17.50
N LYS A 25 1.25 10.71 17.02
CA LYS A 25 0.69 11.25 15.74
C LYS A 25 1.59 10.86 14.55
N HIS A 26 2.88 10.96 14.71
CA HIS A 26 3.82 10.63 13.59
C HIS A 26 4.26 9.16 13.68
N LYS A 27 3.78 8.45 14.66
CA LYS A 27 4.15 7.01 14.82
C LYS A 27 2.90 6.25 15.24
N LEU A 28 2.85 4.97 15.00
CA LEU A 28 1.64 4.17 15.34
C LEU A 28 2.04 3.02 16.29
N LYS A 29 1.52 2.99 17.48
CA LYS A 29 1.87 1.87 18.41
C LYS A 29 0.85 0.76 18.22
N LYS A 30 1.25 -0.48 18.42
CA LYS A 30 0.28 -1.60 18.28
C LYS A 30 -1.03 -1.22 18.95
N SER A 31 -0.96 -0.30 19.86
CA SER A 31 -2.19 0.14 20.58
C SER A 31 -3.11 0.91 19.63
N GLU A 32 -2.58 1.88 18.92
CA GLU A 32 -3.44 2.64 17.98
C GLU A 32 -3.84 1.73 16.83
N LEU A 33 -2.97 0.83 16.45
CA LEU A 33 -3.30 -0.11 15.34
C LEU A 33 -4.55 -0.90 15.74
N LYS A 34 -4.61 -1.31 16.98
CA LYS A 34 -5.79 -2.09 17.46
C LYS A 34 -7.04 -1.21 17.36
N GLU A 35 -6.93 0.04 17.68
CA GLU A 35 -8.12 0.93 17.61
C GLU A 35 -8.67 0.99 16.20
N LEU A 36 -7.83 1.03 15.22
CA LEU A 36 -8.35 1.08 13.82
C LEU A 36 -8.96 -0.28 13.47
N ILE A 37 -8.30 -1.33 13.81
CA ILE A 37 -8.82 -2.68 13.47
C ILE A 37 -10.08 -3.05 14.26
N ASN A 38 -10.12 -2.75 15.53
CA ASN A 38 -11.34 -3.15 16.31
C ASN A 38 -12.47 -2.13 16.17
N ASN A 39 -12.14 -0.88 16.04
CA ASN A 39 -13.20 0.18 15.95
C ASN A 39 -13.49 0.67 14.52
N GLU A 40 -12.49 0.77 13.68
CA GLU A 40 -12.76 1.30 12.30
C GLU A 40 -13.19 0.17 11.37
N LEU A 41 -12.93 -1.06 11.73
CA LEU A 41 -13.33 -2.21 10.87
C LEU A 41 -14.42 -3.01 11.57
N SER A 42 -15.52 -2.40 11.89
CA SER A 42 -16.61 -3.13 12.61
C SER A 42 -17.08 -4.31 11.75
N HIS A 43 -17.20 -4.14 10.46
CA HIS A 43 -17.67 -5.28 9.59
C HIS A 43 -16.90 -5.26 8.26
N PHE A 44 -16.15 -4.23 8.00
CA PHE A 44 -15.38 -4.18 6.72
C PHE A 44 -14.25 -5.21 6.73
N LEU A 45 -13.71 -5.51 7.89
CA LEU A 45 -12.61 -6.52 7.98
C LEU A 45 -12.84 -7.34 9.25
N GLU A 46 -12.18 -8.46 9.39
CA GLU A 46 -12.41 -9.25 10.63
C GLU A 46 -11.89 -8.47 11.84
N GLU A 47 -12.77 -8.16 12.75
CA GLU A 47 -12.35 -7.41 13.96
C GLU A 47 -11.43 -8.27 14.82
N ILE A 48 -10.58 -7.64 15.57
CA ILE A 48 -9.66 -8.38 16.48
C ILE A 48 -10.20 -8.28 17.90
N LYS A 49 -10.33 -9.40 18.58
CA LYS A 49 -10.89 -9.39 19.97
C LYS A 49 -9.78 -9.63 20.99
N GLU A 50 -8.66 -10.18 20.57
CA GLU A 50 -7.53 -10.44 21.51
C GLU A 50 -6.30 -9.67 21.03
N GLN A 51 -5.57 -9.07 21.95
CA GLN A 51 -4.37 -8.28 21.57
C GLN A 51 -3.30 -9.19 20.96
N GLU A 52 -3.34 -10.46 21.25
CA GLU A 52 -2.30 -11.39 20.70
C GLU A 52 -2.32 -11.35 19.18
N VAL A 53 -3.47 -11.27 18.58
CA VAL A 53 -3.52 -11.23 17.10
C VAL A 53 -2.75 -10.01 16.65
N VAL A 54 -2.89 -8.93 17.36
CA VAL A 54 -2.16 -7.70 16.99
C VAL A 54 -0.66 -7.91 17.14
N ASP A 55 -0.24 -8.67 18.12
CA ASP A 55 1.21 -8.91 18.31
C ASP A 55 1.76 -9.68 17.11
N LYS A 56 1.00 -10.59 16.61
CA LYS A 56 1.44 -11.39 15.43
C LYS A 56 1.50 -10.45 14.24
N VAL A 57 0.55 -9.57 14.15
CA VAL A 57 0.52 -8.60 13.03
C VAL A 57 1.71 -7.67 13.21
N MET A 58 2.14 -7.47 14.42
CA MET A 58 3.31 -6.59 14.68
C MET A 58 4.54 -7.28 14.11
N GLU A 59 4.61 -8.58 14.15
CA GLU A 59 5.81 -9.25 13.60
C GLU A 59 5.92 -8.82 12.14
N THR A 60 4.82 -8.75 11.47
CA THR A 60 4.82 -8.33 10.04
C THR A 60 4.99 -6.81 9.90
N LEU A 61 4.26 -6.03 10.66
CA LEU A 61 4.35 -4.54 10.53
C LEU A 61 5.43 -3.96 11.45
N ASP A 62 5.90 -4.70 12.41
CA ASP A 62 6.96 -4.13 13.30
C ASP A 62 8.28 -4.31 12.57
N GLU A 63 8.38 -3.73 11.41
CA GLU A 63 9.62 -3.85 10.61
C GLU A 63 10.79 -3.30 11.42
N ASP A 64 10.55 -2.25 12.16
CA ASP A 64 11.64 -1.66 12.99
C ASP A 64 11.84 -2.53 14.22
N GLY A 65 10.95 -3.46 14.45
CA GLY A 65 11.09 -4.35 15.64
C GLY A 65 11.07 -3.52 16.91
N ASP A 66 10.38 -2.41 16.90
CA ASP A 66 10.31 -1.52 18.11
C ASP A 66 8.93 -1.62 18.76
N GLY A 67 8.11 -2.52 18.31
CA GLY A 67 6.75 -2.65 18.91
C GLY A 67 5.92 -1.43 18.47
N GLU A 68 6.35 -0.78 17.42
CA GLU A 68 5.66 0.42 16.90
C GLU A 68 5.88 0.50 15.39
N CYS A 69 4.84 0.58 14.61
CA CYS A 69 5.00 0.67 13.12
C CYS A 69 4.88 2.13 12.70
N ASP A 70 5.81 2.60 11.93
CA ASP A 70 5.77 4.01 11.47
C ASP A 70 4.63 4.20 10.49
N PHE A 71 4.20 5.43 10.30
CA PHE A 71 3.09 5.70 9.36
C PHE A 71 3.35 4.96 8.05
N GLN A 72 4.58 4.93 7.60
CA GLN A 72 4.88 4.21 6.32
C GLN A 72 4.69 2.69 6.50
N GLU A 73 5.07 2.13 7.62
CA GLU A 73 4.91 0.66 7.81
C GLU A 73 3.44 0.30 7.80
N PHE A 74 2.61 1.07 8.44
CA PHE A 74 1.16 0.77 8.46
C PHE A 74 0.60 0.92 7.05
N MET A 75 1.11 1.89 6.33
CA MET A 75 0.62 2.14 4.95
C MET A 75 0.82 0.91 4.06
N ALA A 76 1.92 0.24 4.21
CA ALA A 76 2.16 -0.94 3.34
C ALA A 76 1.19 -2.08 3.65
N PHE A 77 0.73 -2.20 4.86
CA PHE A 77 -0.23 -3.31 5.18
C PHE A 77 -1.57 -3.02 4.52
N VAL A 78 -1.81 -1.81 4.17
CA VAL A 78 -3.11 -1.44 3.52
C VAL A 78 -3.08 -1.92 2.06
N SER A 79 -1.94 -1.82 1.44
CA SER A 79 -1.86 -2.26 0.01
C SER A 79 -2.16 -3.75 -0.11
N MET A 80 -1.60 -4.56 0.75
CA MET A 80 -1.84 -6.03 0.66
C MET A 80 -3.29 -6.39 1.07
N VAL A 81 -3.82 -5.76 2.07
CA VAL A 81 -5.22 -6.09 2.48
C VAL A 81 -6.17 -5.81 1.32
N THR A 82 -5.94 -4.74 0.62
CA THR A 82 -6.82 -4.39 -0.52
C THR A 82 -6.78 -5.52 -1.53
N THR A 83 -5.62 -6.08 -1.73
CA THR A 83 -5.48 -7.19 -2.70
C THR A 83 -6.57 -8.23 -2.41
N ALA A 84 -6.90 -8.41 -1.16
CA ALA A 84 -7.96 -9.39 -0.80
C ALA A 84 -9.29 -8.88 -1.36
N CYS A 85 -9.51 -7.58 -1.30
CA CYS A 85 -10.78 -7.01 -1.83
C CYS A 85 -10.90 -7.34 -3.32
N HIS A 86 -9.81 -7.39 -4.03
CA HIS A 86 -9.89 -7.71 -5.48
C HIS A 86 -10.52 -9.10 -5.62
N GLU A 87 -10.15 -10.01 -4.76
CA GLU A 87 -10.74 -11.37 -4.83
C GLU A 87 -12.26 -11.27 -4.65
N PHE A 88 -12.68 -10.41 -3.75
CA PHE A 88 -14.15 -10.26 -3.50
C PHE A 88 -14.74 -9.25 -4.48
N PHE A 89 -13.93 -8.35 -4.99
CA PHE A 89 -14.44 -7.34 -5.96
C PHE A 89 -14.22 -7.87 -7.39
N GLU A 90 -14.85 -8.97 -7.72
CA GLU A 90 -14.68 -9.54 -9.08
C GLU A 90 -15.10 -8.48 -10.10
N HIS A 91 -14.17 -8.02 -10.86
CA HIS A 91 -14.48 -6.98 -11.89
C HIS A 91 -15.51 -7.55 -12.87
N GLU A 92 -15.36 -8.79 -13.23
CA GLU A 92 -16.33 -9.41 -14.19
N MET B 1 -13.54 9.26 7.54
CA MET B 1 -13.54 8.27 8.66
C MET B 1 -13.77 6.86 8.09
N SER B 2 -12.87 5.95 8.34
CA SER B 2 -13.04 4.57 7.81
C SER B 2 -13.22 4.62 6.29
N GLU B 3 -12.47 5.48 5.64
CA GLU B 3 -12.59 5.60 4.16
C GLU B 3 -11.96 4.39 3.47
N LEU B 4 -11.22 3.59 4.19
CA LEU B 4 -10.55 2.41 3.55
C LEU B 4 -11.53 1.70 2.61
N GLU B 5 -12.79 1.87 2.79
CA GLU B 5 -13.73 1.19 1.86
C GLU B 5 -13.61 1.85 0.48
N LYS B 6 -13.49 3.14 0.47
CA LYS B 6 -13.39 3.91 -0.80
C LYS B 6 -11.96 3.83 -1.36
N ALA B 7 -10.98 4.04 -0.53
CA ALA B 7 -9.57 4.03 -1.01
C ALA B 7 -9.18 2.64 -1.50
N MET B 8 -9.44 1.62 -0.75
CA MET B 8 -9.04 0.26 -1.17
C MET B 8 -9.71 -0.09 -2.49
N VAL B 9 -10.95 0.28 -2.64
CA VAL B 9 -11.66 -0.02 -3.91
C VAL B 9 -11.00 0.72 -5.07
N ALA B 10 -10.57 1.93 -4.84
CA ALA B 10 -9.95 2.74 -5.93
C ALA B 10 -8.60 2.16 -6.36
N LEU B 11 -7.83 1.61 -5.45
CA LEU B 11 -6.52 1.05 -5.87
C LEU B 11 -6.78 -0.02 -6.90
N ILE B 12 -7.80 -0.80 -6.68
CA ILE B 12 -8.13 -1.89 -7.63
C ILE B 12 -8.62 -1.31 -8.97
N ASP B 13 -9.40 -0.27 -8.95
CA ASP B 13 -9.91 0.30 -10.25
C ASP B 13 -8.76 0.79 -11.14
N VAL B 14 -7.78 1.46 -10.60
CA VAL B 14 -6.66 1.99 -11.44
C VAL B 14 -5.76 0.83 -11.90
N PHE B 15 -5.60 -0.19 -11.11
CA PHE B 15 -4.73 -1.31 -11.55
C PHE B 15 -5.30 -1.90 -12.84
N HIS B 16 -6.59 -2.02 -12.93
CA HIS B 16 -7.20 -2.58 -14.17
C HIS B 16 -7.20 -1.54 -15.29
N GLN B 17 -7.12 -0.28 -14.96
CA GLN B 17 -7.15 0.77 -16.01
C GLN B 17 -6.07 0.52 -17.06
N TYR B 18 -4.87 0.19 -16.66
CA TYR B 18 -3.78 -0.05 -17.68
C TYR B 18 -3.27 -1.49 -17.62
N SER B 19 -3.39 -2.16 -16.50
CA SER B 19 -2.88 -3.56 -16.43
C SER B 19 -3.59 -4.42 -17.47
N GLY B 20 -4.87 -4.23 -17.63
CA GLY B 20 -5.64 -5.03 -18.61
C GLY B 20 -5.38 -4.51 -20.03
N ARG B 21 -4.53 -3.53 -20.17
CA ARG B 21 -4.24 -3.00 -21.51
C ARG B 21 -3.66 -4.13 -22.38
N GLU B 22 -2.78 -4.92 -21.81
CA GLU B 22 -2.17 -6.06 -22.56
C GLU B 22 -2.61 -7.38 -21.92
N GLY B 23 -2.44 -8.46 -22.62
CA GLY B 23 -2.85 -9.79 -22.10
C GLY B 23 -2.47 -9.95 -20.62
N ASP B 24 -1.57 -9.16 -20.12
CA ASP B 24 -1.18 -9.29 -18.69
C ASP B 24 -2.25 -8.65 -17.80
N LYS B 25 -3.27 -9.39 -17.48
CA LYS B 25 -4.37 -8.84 -16.61
C LYS B 25 -4.11 -9.21 -15.13
N HIS B 26 -3.70 -10.42 -14.87
CA HIS B 26 -3.45 -10.85 -13.45
C HIS B 26 -1.99 -10.63 -13.07
N LYS B 27 -1.21 -10.11 -13.98
CA LYS B 27 0.24 -9.85 -13.69
C LYS B 27 0.61 -8.53 -14.33
N LEU B 28 1.64 -7.89 -13.84
CA LEU B 28 2.05 -6.56 -14.38
C LEU B 28 3.50 -6.62 -14.88
N LYS B 29 3.74 -6.42 -16.15
CA LYS B 29 5.15 -6.46 -16.63
C LYS B 29 5.72 -5.04 -16.56
N LYS B 30 7.01 -4.90 -16.35
CA LYS B 30 7.62 -3.54 -16.29
C LYS B 30 7.05 -2.71 -17.43
N SER B 31 6.56 -3.35 -18.44
CA SER B 31 6.00 -2.62 -19.61
C SER B 31 4.69 -1.95 -19.22
N GLU B 32 3.79 -2.67 -18.60
CA GLU B 32 2.50 -2.04 -18.18
C GLU B 32 2.78 -1.04 -17.06
N LEU B 33 3.75 -1.33 -16.23
CA LEU B 33 4.08 -0.39 -15.13
C LEU B 33 4.48 0.95 -15.74
N LYS B 34 5.24 0.91 -16.80
CA LYS B 34 5.66 2.17 -17.48
C LYS B 34 4.43 2.92 -17.99
N GLU B 35 3.47 2.21 -18.52
CA GLU B 35 2.26 2.89 -19.06
C GLU B 35 1.55 3.65 -17.94
N LEU B 36 1.47 3.11 -16.77
CA LEU B 36 0.79 3.85 -15.67
C LEU B 36 1.65 5.06 -15.26
N ILE B 37 2.92 4.86 -15.13
CA ILE B 37 3.82 5.96 -14.69
C ILE B 37 3.97 7.04 -15.76
N ASN B 38 4.12 6.68 -17.01
CA ASN B 38 4.30 7.74 -18.05
C ASN B 38 2.98 8.33 -18.51
N ASN B 39 1.94 7.54 -18.55
CA ASN B 39 0.61 8.03 -19.07
C ASN B 39 -0.39 8.38 -17.95
N GLU B 40 -0.42 7.65 -16.87
CA GLU B 40 -1.44 7.96 -15.80
C GLU B 40 -0.90 9.02 -14.85
N LEU B 41 0.39 9.25 -14.84
CA LEU B 41 0.97 10.28 -13.92
C LEU B 41 1.54 11.42 -14.76
N SER B 42 0.71 12.05 -15.56
CA SER B 42 1.22 13.16 -16.42
C SER B 42 1.82 14.27 -15.54
N HIS B 43 1.19 14.59 -14.43
CA HIS B 43 1.73 15.67 -13.54
C HIS B 43 1.56 15.28 -12.08
N PHE B 44 0.82 14.24 -11.80
CA PHE B 44 0.61 13.82 -10.38
C PHE B 44 1.92 13.27 -9.80
N LEU B 45 2.75 12.67 -10.61
CA LEU B 45 4.04 12.13 -10.11
C LEU B 45 5.10 12.40 -11.16
N GLU B 46 6.36 12.27 -10.84
CA GLU B 46 7.39 12.54 -11.88
C GLU B 46 7.29 11.49 -12.98
N GLU B 47 7.01 11.93 -14.18
CA GLU B 47 6.90 10.97 -15.31
C GLU B 47 8.26 10.35 -15.60
N ILE B 48 8.25 9.16 -16.14
CA ILE B 48 9.53 8.48 -16.50
C ILE B 48 9.73 8.60 -18.02
N LYS B 49 10.88 9.03 -18.44
CA LYS B 49 11.14 9.22 -19.90
C LYS B 49 12.08 8.12 -20.42
N GLU B 50 12.81 7.48 -19.53
CA GLU B 50 13.74 6.39 -19.97
C GLU B 50 13.33 5.08 -19.28
N GLN B 51 13.37 4.00 -20.01
CA GLN B 51 12.96 2.67 -19.43
C GLN B 51 13.93 2.26 -18.32
N GLU B 52 15.12 2.78 -18.32
CA GLU B 52 16.11 2.37 -17.27
C GLU B 52 15.57 2.72 -15.89
N VAL B 53 14.90 3.83 -15.74
CA VAL B 53 14.35 4.18 -14.41
C VAL B 53 13.40 3.08 -13.99
N VAL B 54 12.64 2.58 -14.93
CA VAL B 54 11.69 1.50 -14.62
C VAL B 54 12.44 0.24 -14.20
N ASP B 55 13.58 -0.01 -14.79
CA ASP B 55 14.36 -1.23 -14.43
C ASP B 55 14.82 -1.12 -12.98
N LYS B 56 15.19 0.04 -12.58
CA LYS B 56 15.65 0.26 -11.18
C LYS B 56 14.45 0.06 -10.27
N VAL B 57 13.33 0.55 -10.69
CA VAL B 57 12.08 0.40 -9.90
C VAL B 57 11.74 -1.08 -9.85
N MET B 58 12.12 -1.80 -10.87
CA MET B 58 11.83 -3.27 -10.90
C MET B 58 12.68 -3.93 -9.83
N GLU B 59 13.85 -3.44 -9.56
CA GLU B 59 14.67 -4.08 -8.51
C GLU B 59 13.85 -4.05 -7.22
N THR B 60 13.18 -2.96 -6.99
CA THR B 60 12.33 -2.83 -5.77
C THR B 60 11.02 -3.60 -5.91
N LEU B 61 10.33 -3.45 -7.02
CA LEU B 61 9.01 -4.15 -7.20
C LEU B 61 9.18 -5.54 -7.80
N ASP B 62 10.32 -5.85 -8.36
CA ASP B 62 10.48 -7.22 -8.94
C ASP B 62 10.85 -8.15 -7.79
N GLU B 63 9.99 -8.22 -6.82
CA GLU B 63 10.26 -9.07 -5.65
C GLU B 63 10.44 -10.52 -6.12
N ASP B 64 9.69 -10.93 -7.11
CA ASP B 64 9.82 -12.31 -7.62
C ASP B 64 11.07 -12.38 -8.50
N GLY B 65 11.66 -11.25 -8.80
CA GLY B 65 12.88 -11.24 -9.65
C GLY B 65 12.57 -11.87 -11.01
N ASP B 66 11.34 -11.74 -11.47
CA ASP B 66 10.95 -12.33 -12.79
C ASP B 66 10.77 -11.23 -13.83
N GLY B 67 11.13 -10.02 -13.50
CA GLY B 67 10.97 -8.90 -14.47
C GLY B 67 9.48 -8.60 -14.62
N GLU B 68 8.71 -9.03 -13.65
CA GLU B 68 7.24 -8.81 -13.67
C GLU B 68 6.74 -8.72 -12.21
N CYS B 69 6.05 -7.67 -11.86
CA CYS B 69 5.53 -7.51 -10.47
C CYS B 69 4.08 -7.94 -10.44
N ASP B 70 3.72 -8.78 -9.52
CA ASP B 70 2.32 -9.26 -9.43
C ASP B 70 1.43 -8.13 -8.94
N PHE B 71 0.15 -8.23 -9.19
CA PHE B 71 -0.80 -7.18 -8.75
C PHE B 71 -0.49 -6.80 -7.29
N GLN B 72 -0.18 -7.76 -6.47
CA GLN B 72 0.12 -7.44 -5.04
C GLN B 72 1.44 -6.66 -4.95
N GLU B 73 2.44 -7.01 -5.72
CA GLU B 73 3.74 -6.28 -5.64
C GLU B 73 3.55 -4.81 -6.04
N PHE B 74 2.79 -4.57 -7.06
CA PHE B 74 2.56 -3.17 -7.50
C PHE B 74 1.76 -2.44 -6.43
N MET B 75 0.86 -3.12 -5.81
CA MET B 75 0.00 -2.51 -4.76
C MET B 75 0.86 -1.98 -3.62
N ALA B 76 1.88 -2.68 -3.25
CA ALA B 76 2.71 -2.20 -2.10
C ALA B 76 3.47 -0.91 -2.47
N PHE B 77 3.83 -0.74 -3.71
CA PHE B 77 4.58 0.50 -4.08
C PHE B 77 3.64 1.72 -3.99
N VAL B 78 2.36 1.48 -4.02
CA VAL B 78 1.39 2.60 -3.93
C VAL B 78 1.33 3.10 -2.48
N SER B 79 1.44 2.20 -1.55
CA SER B 79 1.37 2.61 -0.12
C SER B 79 2.53 3.55 0.22
N MET B 80 3.72 3.22 -0.21
CA MET B 80 4.89 4.09 0.10
C MET B 80 4.84 5.41 -0.67
N VAL B 81 4.44 5.39 -1.90
CA VAL B 81 4.38 6.67 -2.69
C VAL B 81 3.43 7.63 -2.01
N THR B 82 2.33 7.13 -1.51
CA THR B 82 1.34 8.00 -0.83
C THR B 82 2.02 8.68 0.35
N THR B 83 2.83 7.94 1.04
CA THR B 83 3.53 8.51 2.21
C THR B 83 4.18 9.84 1.80
N ALA B 84 4.63 9.93 0.58
CA ALA B 84 5.23 11.21 0.12
C ALA B 84 4.14 12.28 0.07
N CYS B 85 2.96 11.90 -0.33
CA CYS B 85 1.84 12.88 -0.39
C CYS B 85 1.59 13.46 1.01
N HIS B 86 1.77 12.67 2.03
CA HIS B 86 1.55 13.21 3.41
C HIS B 86 2.50 14.38 3.63
N GLU B 87 3.71 14.26 3.16
CA GLU B 87 4.68 15.37 3.32
C GLU B 87 4.12 16.62 2.61
N PHE B 88 3.53 16.44 1.46
CA PHE B 88 2.96 17.60 0.71
C PHE B 88 1.55 17.89 1.20
N PHE B 89 0.87 16.91 1.74
CA PHE B 89 -0.51 17.15 2.25
C PHE B 89 -0.44 17.49 3.74
N GLU B 90 0.19 18.59 4.08
CA GLU B 90 0.29 18.97 5.50
C GLU B 90 -1.12 19.11 6.06
N HIS B 91 -1.46 18.26 6.98
CA HIS B 91 -2.81 18.32 7.59
C HIS B 91 -3.00 19.68 8.26
N GLU B 92 -1.98 20.16 8.91
CA GLU B 92 -2.08 21.48 9.60
N SER C 1 -15.31 -35.59 20.31
CA SER C 1 -14.84 -35.18 18.96
C SER C 1 -16.03 -35.16 17.99
N HIS C 2 -16.87 -36.16 18.04
CA HIS C 2 -18.04 -36.20 17.12
C HIS C 2 -18.93 -34.98 17.37
N LEU C 3 -19.11 -34.59 18.60
CA LEU C 3 -19.96 -33.40 18.89
C LEU C 3 -19.17 -32.13 18.60
N LYS C 4 -19.84 -31.06 18.28
CA LYS C 4 -19.13 -29.78 17.95
C LYS C 4 -19.15 -28.86 19.17
N SER C 5 -17.99 -28.47 19.66
CA SER C 5 -17.93 -27.58 20.85
C SER C 5 -16.82 -26.54 20.67
N LYS C 6 -15.95 -26.74 19.71
CA LYS C 6 -14.83 -25.76 19.48
C LYS C 6 -15.11 -24.93 18.22
N LYS C 7 -15.06 -23.63 18.35
CA LYS C 7 -15.31 -22.74 17.18
C LYS C 7 -13.97 -22.38 16.51
N GLY C 8 -12.89 -22.90 17.03
CA GLY C 8 -11.56 -22.58 16.43
C GLY C 8 -11.08 -21.22 16.93
N GLN C 9 -11.75 -20.69 17.92
CA GLN C 9 -11.34 -19.36 18.47
C GLN C 9 -11.26 -18.32 17.35
N SER C 10 -11.09 -17.08 17.69
CA SER C 10 -10.99 -16.02 16.64
C SER C 10 -9.71 -16.22 15.84
N THR C 11 -8.72 -16.84 16.43
CA THR C 11 -7.44 -17.04 15.70
C THR C 11 -7.71 -17.65 14.33
N SER C 12 -8.76 -18.43 14.21
CA SER C 12 -9.06 -19.03 12.89
C SER C 12 -9.29 -17.90 11.88
N ARG C 13 -9.96 -16.85 12.30
CA ARG C 13 -10.21 -15.71 11.36
C ARG C 13 -8.87 -15.10 10.94
N HIS C 14 -7.95 -14.99 11.87
CA HIS C 14 -6.62 -14.41 11.54
C HIS C 14 -5.95 -15.25 10.46
N LYS C 15 -6.07 -16.55 10.55
CA LYS C 15 -5.42 -17.44 9.54
C LYS C 15 -5.97 -17.11 8.14
N LYS C 16 -7.23 -16.81 8.04
CA LYS C 16 -7.80 -16.52 6.70
C LYS C 16 -7.06 -15.33 6.08
N LEU C 17 -6.74 -14.32 6.84
CA LEU C 17 -6.00 -13.14 6.28
C LEU C 17 -4.57 -13.54 5.89
N MET C 18 -3.95 -14.37 6.68
CA MET C 18 -2.55 -14.79 6.39
C MET C 18 -2.45 -15.25 4.93
N PHE C 19 -3.54 -15.68 4.35
CA PHE C 19 -3.50 -16.16 2.93
C PHE C 19 -2.61 -15.22 2.08
N LYS C 20 -2.78 -13.93 2.19
CA LYS C 20 -1.96 -12.99 1.38
C LYS C 20 -0.52 -12.94 1.93
N THR C 21 -0.36 -13.05 3.22
CA THR C 21 1.02 -13.00 3.78
C THR C 21 1.81 -14.17 3.19
N GLU C 22 1.17 -15.30 3.05
CA GLU C 22 1.85 -16.48 2.47
N SER D 1 32.83 24.13 -16.04
CA SER D 1 32.16 23.85 -14.74
C SER D 1 31.41 25.10 -14.27
N HIS D 2 32.02 26.25 -14.38
CA HIS D 2 31.35 27.50 -13.93
C HIS D 2 30.05 27.69 -14.73
N LEU D 3 30.07 27.42 -16.00
CA LEU D 3 28.84 27.59 -16.82
C LEU D 3 27.90 26.42 -16.57
N LYS D 4 26.61 26.62 -16.74
CA LYS D 4 25.63 25.53 -16.49
C LYS D 4 25.23 24.87 -17.81
N SER D 5 25.46 23.59 -17.94
CA SER D 5 25.10 22.87 -19.21
C SER D 5 24.50 21.50 -18.89
N LYS D 6 24.64 21.04 -17.67
CA LYS D 6 24.08 19.70 -17.29
C LYS D 6 22.84 19.87 -16.42
N LYS D 7 21.76 19.24 -16.80
CA LYS D 7 20.49 19.34 -16.02
C LYS D 7 20.42 18.18 -15.03
N GLY D 8 21.40 17.33 -15.02
CA GLY D 8 21.38 16.16 -14.09
C GLY D 8 20.52 15.06 -14.69
N GLN D 9 20.16 15.19 -15.94
CA GLN D 9 19.31 14.14 -16.60
C GLN D 9 18.06 13.87 -15.77
N SER D 10 17.14 13.11 -16.30
CA SER D 10 15.89 12.82 -15.54
C SER D 10 16.23 11.95 -14.33
N THR D 11 17.31 11.23 -14.39
CA THR D 11 17.68 10.36 -13.25
C THR D 11 17.65 11.16 -11.95
N SER D 12 17.93 12.43 -12.03
CA SER D 12 17.91 13.25 -10.78
C SER D 12 16.50 13.20 -10.20
N ARG D 13 15.50 13.24 -11.03
CA ARG D 13 14.09 13.19 -10.52
C ARG D 13 13.87 11.85 -9.82
N HIS D 14 14.39 10.79 -10.37
CA HIS D 14 14.23 9.44 -9.75
C HIS D 14 14.83 9.46 -8.34
N LYS D 15 15.96 10.10 -8.17
CA LYS D 15 16.61 10.14 -6.84
C LYS D 15 15.68 10.80 -5.83
N LYS D 16 14.94 11.80 -6.23
CA LYS D 16 14.04 12.47 -5.26
C LYS D 16 13.03 11.46 -4.70
N LEU D 17 12.53 10.57 -5.52
CA LEU D 17 11.54 9.56 -5.01
C LEU D 17 12.25 8.55 -4.08
N MET D 18 13.45 8.17 -4.41
CA MET D 18 14.20 7.20 -3.56
C MET D 18 14.14 7.64 -2.10
N PHE D 19 13.95 8.90 -1.84
CA PHE D 19 13.90 9.38 -0.42
C PHE D 19 13.09 8.41 0.46
N LYS D 20 11.95 7.98 -0.01
CA LYS D 20 11.13 7.04 0.82
C LYS D 20 11.76 5.65 0.79
N THR D 21 12.33 5.25 -0.32
CA THR D 21 12.96 3.89 -0.36
C THR D 21 14.05 3.84 0.71
N GLU D 22 14.77 4.92 0.87
CA GLU D 22 15.85 4.96 1.90
CA CA E . -0.40 7.39 15.59
CA CA F . 8.66 -0.84 13.33
CA CA G . -1.70 -6.32 -15.87
CA CA H . 8.24 -10.17 -9.08
N MET A 1 -9.20 5.86 -12.95
CA MET A 1 -8.99 6.79 -14.09
C MET A 1 -8.09 7.93 -13.64
N SER A 2 -6.81 7.69 -13.50
CA SER A 2 -5.89 8.77 -13.05
C SER A 2 -6.32 9.25 -11.66
N GLU A 3 -7.26 8.57 -11.07
CA GLU A 3 -7.73 8.94 -9.71
C GLU A 3 -6.70 8.48 -8.69
N LEU A 4 -5.54 8.12 -9.15
CA LEU A 4 -4.49 7.63 -8.21
C LEU A 4 -4.18 8.71 -7.18
N GLU A 5 -4.11 9.94 -7.58
CA GLU A 5 -3.81 11.02 -6.60
C GLU A 5 -4.87 11.06 -5.50
N LYS A 6 -6.11 10.84 -5.85
CA LYS A 6 -7.20 10.88 -4.82
C LYS A 6 -7.07 9.67 -3.90
N ALA A 7 -6.69 8.54 -4.44
CA ALA A 7 -6.58 7.31 -3.62
C ALA A 7 -5.45 7.42 -2.59
N MET A 8 -4.35 7.99 -2.96
CA MET A 8 -3.23 8.10 -1.98
C MET A 8 -3.62 9.08 -0.89
N VAL A 9 -4.26 10.14 -1.27
CA VAL A 9 -4.66 11.16 -0.29
C VAL A 9 -5.69 10.57 0.70
N ALA A 10 -6.55 9.73 0.22
CA ALA A 10 -7.59 9.14 1.14
C ALA A 10 -6.93 8.14 2.08
N LEU A 11 -5.94 7.43 1.62
CA LEU A 11 -5.28 6.43 2.49
C LEU A 11 -4.70 7.17 3.70
N ILE A 12 -4.15 8.32 3.47
CA ILE A 12 -3.58 9.13 4.58
C ILE A 12 -4.69 9.68 5.49
N ASP A 13 -5.79 10.13 4.93
CA ASP A 13 -6.87 10.73 5.78
C ASP A 13 -7.41 9.73 6.82
N VAL A 14 -7.61 8.50 6.45
CA VAL A 14 -8.17 7.52 7.44
C VAL A 14 -7.13 7.19 8.52
N PHE A 15 -5.88 7.07 8.15
CA PHE A 15 -4.85 6.73 9.17
C PHE A 15 -4.88 7.80 10.27
N HIS A 16 -5.03 9.03 9.91
CA HIS A 16 -5.05 10.09 10.95
C HIS A 16 -6.27 9.89 11.86
N GLN A 17 -7.32 9.30 11.35
CA GLN A 17 -8.53 9.10 12.19
C GLN A 17 -8.22 8.25 13.43
N TYR A 18 -7.42 7.22 13.30
CA TYR A 18 -7.12 6.34 14.49
C TYR A 18 -5.81 6.75 15.21
N SER A 19 -4.85 7.27 14.51
CA SER A 19 -3.57 7.64 15.19
C SER A 19 -3.85 8.68 16.26
N GLY A 20 -4.72 9.61 15.99
CA GLY A 20 -5.02 10.66 17.00
C GLY A 20 -6.00 10.10 18.04
N ARG A 21 -6.40 8.85 17.89
CA ARG A 21 -7.34 8.27 18.88
C ARG A 21 -6.72 8.31 20.27
N GLU A 22 -5.48 7.92 20.38
CA GLU A 22 -4.77 7.93 21.69
C GLU A 22 -3.63 8.94 21.64
N GLY A 23 -3.10 9.32 22.77
CA GLY A 23 -1.99 10.30 22.80
C GLY A 23 -0.87 9.92 21.83
N ASP A 24 -0.84 8.69 21.37
CA ASP A 24 0.24 8.30 20.42
C ASP A 24 -0.11 8.77 19.01
N LYS A 25 -0.20 10.05 18.81
CA LYS A 25 -0.54 10.60 17.47
C LYS A 25 0.61 10.37 16.48
N HIS A 26 1.84 10.52 16.92
CA HIS A 26 3.00 10.35 15.99
C HIS A 26 3.30 8.87 15.72
N LYS A 27 2.83 7.99 16.55
CA LYS A 27 3.09 6.52 16.34
C LYS A 27 1.83 5.72 16.63
N LEU A 28 1.72 4.54 16.08
CA LEU A 28 0.51 3.70 16.28
C LEU A 28 0.89 2.47 17.11
N LYS A 29 0.26 2.24 18.24
CA LYS A 29 0.60 1.05 19.07
C LYS A 29 -0.41 -0.08 18.78
N LYS A 30 -0.01 -1.30 19.02
CA LYS A 30 -0.93 -2.46 18.77
C LYS A 30 -2.31 -2.14 19.30
N SER A 31 -2.40 -1.26 20.26
CA SER A 31 -3.74 -0.91 20.82
C SER A 31 -4.52 -0.06 19.82
N GLU A 32 -3.91 0.99 19.33
CA GLU A 32 -4.60 1.85 18.34
C GLU A 32 -4.85 1.02 17.08
N LEU A 33 -3.93 0.18 16.74
CA LEU A 33 -4.09 -0.67 15.52
C LEU A 33 -5.34 -1.53 15.65
N LYS A 34 -5.60 -2.06 16.81
CA LYS A 34 -6.81 -2.91 16.98
C LYS A 34 -8.08 -2.09 16.70
N GLU A 35 -8.11 -0.87 17.13
CA GLU A 35 -9.32 -0.04 16.92
C GLU A 35 -9.49 0.24 15.43
N LEU A 36 -8.43 0.44 14.74
CA LEU A 36 -8.53 0.69 13.29
C LEU A 36 -9.06 -0.56 12.58
N ILE A 37 -8.48 -1.69 12.86
CA ILE A 37 -8.92 -2.93 12.19
C ILE A 37 -10.32 -3.34 12.64
N ASN A 38 -10.59 -3.31 13.92
CA ASN A 38 -11.94 -3.76 14.39
C ASN A 38 -13.04 -2.77 14.00
N ASN A 39 -12.78 -1.50 14.11
CA ASN A 39 -13.84 -0.47 13.81
C ASN A 39 -13.72 0.15 12.41
N GLU A 40 -12.54 0.28 11.85
CA GLU A 40 -12.45 0.92 10.49
C GLU A 40 -12.84 -0.11 9.43
N LEU A 41 -12.97 -1.35 9.81
CA LEU A 41 -13.34 -2.42 8.83
C LEU A 41 -14.72 -2.97 9.19
N SER A 42 -15.70 -2.11 9.35
CA SER A 42 -17.06 -2.60 9.72
C SER A 42 -17.61 -3.54 8.63
N HIS A 43 -17.70 -4.81 8.93
CA HIS A 43 -18.23 -5.81 7.95
C HIS A 43 -17.44 -5.80 6.63
N PHE A 44 -16.61 -4.81 6.42
CA PHE A 44 -15.84 -4.79 5.15
C PHE A 44 -14.80 -5.92 5.15
N LEU A 45 -14.19 -6.15 6.29
CA LEU A 45 -13.17 -7.24 6.41
C LEU A 45 -13.46 -8.02 7.70
N GLU A 46 -12.97 -9.21 7.82
CA GLU A 46 -13.25 -9.98 9.07
C GLU A 46 -12.74 -9.19 10.27
N GLU A 47 -13.63 -8.72 11.11
CA GLU A 47 -13.22 -7.94 12.31
C GLU A 47 -12.41 -8.83 13.25
N ILE A 48 -11.71 -8.21 14.17
CA ILE A 48 -10.88 -8.97 15.15
C ILE A 48 -11.68 -9.15 16.44
N LYS A 49 -11.64 -10.34 17.01
CA LYS A 49 -12.41 -10.60 18.27
C LYS A 49 -11.43 -10.72 19.44
N GLU A 50 -10.19 -11.08 19.18
CA GLU A 50 -9.19 -11.21 20.29
C GLU A 50 -7.98 -10.33 20.00
N GLN A 51 -7.41 -9.75 21.02
CA GLN A 51 -6.22 -8.89 20.83
C GLN A 51 -5.04 -9.78 20.41
N GLU A 52 -5.13 -11.07 20.66
CA GLU A 52 -4.00 -11.97 20.28
C GLU A 52 -3.78 -11.90 18.77
N VAL A 53 -4.83 -11.85 18.00
CA VAL A 53 -4.65 -11.78 16.54
C VAL A 53 -3.88 -10.53 16.21
N VAL A 54 -4.17 -9.48 16.89
CA VAL A 54 -3.48 -8.21 16.63
C VAL A 54 -1.99 -8.34 16.94
N ASP A 55 -1.65 -9.03 17.99
CA ASP A 55 -0.21 -9.19 18.35
C ASP A 55 0.52 -9.95 17.24
N LYS A 56 -0.12 -10.94 16.71
CA LYS A 56 0.51 -11.75 15.62
C LYS A 56 0.72 -10.85 14.41
N VAL A 57 -0.24 -10.02 14.15
CA VAL A 57 -0.13 -9.09 13.00
C VAL A 57 0.99 -8.10 13.31
N MET A 58 1.18 -7.81 14.56
CA MET A 58 2.26 -6.84 14.93
C MET A 58 3.61 -7.46 14.70
N GLU A 59 3.74 -8.75 14.83
CA GLU A 59 5.06 -9.36 14.55
C GLU A 59 5.41 -9.02 13.11
N THR A 60 4.43 -9.08 12.25
CA THR A 60 4.65 -8.75 10.81
C THR A 60 4.73 -7.23 10.59
N LEU A 61 3.87 -6.47 11.22
CA LEU A 61 3.88 -4.99 11.02
C LEU A 61 4.90 -4.35 11.94
N ASP A 62 5.27 -4.99 13.01
CA ASP A 62 6.29 -4.40 13.91
C ASP A 62 7.64 -4.70 13.30
N GLU A 63 7.87 -4.16 12.14
CA GLU A 63 9.15 -4.41 11.44
C GLU A 63 10.30 -3.92 12.33
N ASP A 64 10.11 -2.82 13.00
CA ASP A 64 11.18 -2.30 13.89
C ASP A 64 11.18 -3.09 15.20
N GLY A 65 10.17 -3.88 15.42
CA GLY A 65 10.13 -4.67 16.69
C GLY A 65 9.97 -3.71 17.87
N ASP A 66 9.11 -2.71 17.74
CA ASP A 66 8.92 -1.72 18.84
C ASP A 66 7.60 -1.99 19.58
N GLY A 67 6.86 -2.97 19.14
CA GLY A 67 5.54 -3.24 19.80
C GLY A 67 4.53 -2.25 19.24
N GLU A 68 5.00 -1.43 18.34
CA GLU A 68 4.15 -0.40 17.69
C GLU A 68 4.63 -0.23 16.25
N CYS A 69 3.75 0.11 15.34
CA CYS A 69 4.16 0.29 13.91
C CYS A 69 3.97 1.77 13.57
N ASP A 70 4.91 2.34 12.86
CA ASP A 70 4.79 3.77 12.50
C ASP A 70 3.77 3.89 11.39
N PHE A 71 3.32 5.06 11.07
CA PHE A 71 2.29 5.15 10.01
C PHE A 71 2.82 4.51 8.73
N GLN A 72 4.08 4.68 8.42
CA GLN A 72 4.62 4.05 7.19
C GLN A 72 4.49 2.51 7.28
N GLU A 73 4.75 1.93 8.44
CA GLU A 73 4.64 0.45 8.54
C GLU A 73 3.18 0.05 8.27
N PHE A 74 2.26 0.82 8.79
CA PHE A 74 0.82 0.52 8.57
C PHE A 74 0.48 0.65 7.08
N MET A 75 1.12 1.57 6.41
CA MET A 75 0.85 1.78 4.96
C MET A 75 1.12 0.51 4.17
N ALA A 76 2.13 -0.21 4.53
CA ALA A 76 2.44 -1.44 3.75
C ALA A 76 1.37 -2.51 3.96
N PHE A 77 0.82 -2.60 5.12
CA PHE A 77 -0.22 -3.66 5.37
C PHE A 77 -1.50 -3.34 4.60
N VAL A 78 -1.82 -2.10 4.45
CA VAL A 78 -3.08 -1.70 3.71
C VAL A 78 -2.98 -2.20 2.27
N SER A 79 -1.83 -2.10 1.68
CA SER A 79 -1.67 -2.55 0.28
C SER A 79 -1.90 -4.05 0.17
N MET A 80 -1.43 -4.81 1.12
CA MET A 80 -1.60 -6.28 1.02
C MET A 80 -3.06 -6.69 1.22
N VAL A 81 -3.75 -6.09 2.15
CA VAL A 81 -5.17 -6.48 2.35
C VAL A 81 -5.96 -6.10 1.11
N THR A 82 -5.65 -4.98 0.54
CA THR A 82 -6.37 -4.53 -0.68
C THR A 82 -6.16 -5.58 -1.75
N THR A 83 -4.98 -6.12 -1.84
CA THR A 83 -4.71 -7.15 -2.85
C THR A 83 -5.75 -8.27 -2.65
N ALA A 84 -6.05 -8.56 -1.42
CA ALA A 84 -7.09 -9.59 -1.14
C ALA A 84 -8.42 -9.11 -1.71
N CYS A 85 -8.70 -7.83 -1.60
CA CYS A 85 -9.98 -7.28 -2.14
C CYS A 85 -10.08 -7.53 -3.64
N HIS A 86 -8.98 -7.42 -4.36
CA HIS A 86 -9.03 -7.67 -5.82
C HIS A 86 -9.54 -9.08 -6.04
N GLU A 87 -9.14 -9.99 -5.22
CA GLU A 87 -9.61 -11.39 -5.36
C GLU A 87 -11.12 -11.39 -5.22
N PHE A 88 -11.65 -10.59 -4.34
CA PHE A 88 -13.13 -10.52 -4.17
C PHE A 88 -13.69 -9.57 -5.22
N PHE A 89 -13.00 -8.49 -5.48
CA PHE A 89 -13.49 -7.53 -6.51
C PHE A 89 -12.83 -7.88 -7.85
N GLU A 90 -13.29 -8.94 -8.46
CA GLU A 90 -12.71 -9.34 -9.77
C GLU A 90 -13.34 -8.50 -10.87
N HIS A 91 -12.62 -7.53 -11.34
CA HIS A 91 -13.16 -6.66 -12.42
C HIS A 91 -13.24 -7.47 -13.72
N GLU A 92 -12.67 -8.64 -13.74
CA GLU A 92 -12.71 -9.48 -14.96
N MET B 1 -12.35 9.12 7.24
CA MET B 1 -13.48 8.83 8.17
C MET B 1 -14.08 7.47 7.80
N SER B 2 -13.44 6.40 8.18
CA SER B 2 -13.98 5.05 7.84
C SER B 2 -14.06 4.91 6.31
N GLU B 3 -13.54 5.88 5.62
CA GLU B 3 -13.55 5.82 4.12
C GLU B 3 -12.48 4.84 3.66
N LEU B 4 -11.97 4.04 4.56
CA LEU B 4 -10.90 3.08 4.18
C LEU B 4 -11.42 2.14 3.10
N GLU B 5 -12.64 1.70 3.21
CA GLU B 5 -13.19 0.78 2.17
C GLU B 5 -13.16 1.45 0.79
N LYS B 6 -13.46 2.72 0.73
CA LYS B 6 -13.46 3.42 -0.59
C LYS B 6 -12.03 3.56 -1.11
N ALA B 7 -11.10 3.78 -0.22
CA ALA B 7 -9.68 3.96 -0.64
C ALA B 7 -9.09 2.67 -1.22
N MET B 8 -9.40 1.56 -0.63
CA MET B 8 -8.83 0.28 -1.16
C MET B 8 -9.46 -0.01 -2.51
N VAL B 9 -10.73 0.23 -2.62
CA VAL B 9 -11.43 -0.03 -3.90
C VAL B 9 -10.87 0.87 -5.01
N ALA B 10 -10.53 2.09 -4.70
CA ALA B 10 -10.00 3.00 -5.75
C ALA B 10 -8.58 2.59 -6.15
N LEU B 11 -7.83 2.10 -5.21
CA LEU B 11 -6.44 1.67 -5.53
C LEU B 11 -6.51 0.60 -6.61
N ILE B 12 -7.47 -0.29 -6.49
CA ILE B 12 -7.64 -1.38 -7.48
C ILE B 12 -8.15 -0.82 -8.82
N ASP B 13 -9.06 0.12 -8.80
CA ASP B 13 -9.63 0.64 -10.08
C ASP B 13 -8.55 1.27 -10.99
N VAL B 14 -7.64 2.02 -10.44
CA VAL B 14 -6.58 2.65 -11.29
C VAL B 14 -5.62 1.58 -11.84
N PHE B 15 -5.27 0.61 -11.06
CA PHE B 15 -4.32 -0.42 -11.55
C PHE B 15 -4.91 -1.07 -12.80
N HIS B 16 -6.18 -1.32 -12.81
CA HIS B 16 -6.78 -1.96 -14.01
C HIS B 16 -6.65 -1.02 -15.21
N GLN B 17 -6.60 0.26 -14.98
CA GLN B 17 -6.50 1.22 -16.11
C GLN B 17 -5.22 0.97 -16.93
N TYR B 18 -4.11 0.68 -16.30
CA TYR B 18 -2.83 0.46 -17.08
C TYR B 18 -2.57 -1.03 -17.37
N SER B 19 -2.98 -1.91 -16.53
CA SER B 19 -2.71 -3.35 -16.79
C SER B 19 -3.36 -3.76 -18.10
N GLY B 20 -4.55 -3.29 -18.37
CA GLY B 20 -5.22 -3.66 -19.64
C GLY B 20 -4.65 -2.83 -20.78
N ARG B 21 -3.71 -1.97 -20.50
CA ARG B 21 -3.13 -1.12 -21.60
C ARG B 21 -2.52 -2.03 -22.66
N GLU B 22 -1.76 -3.01 -22.24
CA GLU B 22 -1.11 -3.97 -23.19
C GLU B 22 -1.69 -5.36 -22.97
N GLY B 23 -1.49 -6.24 -23.91
CA GLY B 23 -2.03 -7.62 -23.78
C GLY B 23 -1.69 -8.23 -22.42
N ASP B 24 -0.74 -7.67 -21.70
CA ASP B 24 -0.39 -8.26 -20.38
C ASP B 24 -1.39 -7.79 -19.33
N LYS B 25 -2.63 -8.17 -19.47
CA LYS B 25 -3.68 -7.75 -18.50
C LYS B 25 -3.47 -8.45 -17.13
N HIS B 26 -3.09 -9.70 -17.15
CA HIS B 26 -2.91 -10.45 -15.87
C HIS B 26 -1.59 -10.08 -15.18
N LYS B 27 -0.66 -9.51 -15.90
CA LYS B 27 0.65 -9.14 -15.27
C LYS B 27 1.09 -7.76 -15.79
N LEU B 28 1.93 -7.10 -15.06
CA LEU B 28 2.39 -5.73 -15.47
C LEU B 28 3.88 -5.79 -15.81
N LYS B 29 4.27 -5.40 -17.00
CA LYS B 29 5.73 -5.44 -17.36
C LYS B 29 6.34 -4.06 -17.19
N LYS B 30 7.63 -3.98 -16.97
CA LYS B 30 8.31 -2.67 -16.80
C LYS B 30 7.80 -1.68 -17.84
N SER B 31 7.31 -2.17 -18.94
CA SER B 31 6.80 -1.25 -20.00
C SER B 31 5.46 -0.66 -19.55
N GLU B 32 4.54 -1.49 -19.14
CA GLU B 32 3.23 -0.96 -18.67
C GLU B 32 3.47 -0.11 -17.43
N LEU B 33 4.38 -0.53 -16.60
CA LEU B 33 4.67 0.23 -15.36
C LEU B 33 5.11 1.65 -15.70
N LYS B 34 5.91 1.81 -16.72
CA LYS B 34 6.37 3.19 -17.10
C LYS B 34 5.16 4.06 -17.47
N GLU B 35 4.20 3.51 -18.17
CA GLU B 35 3.03 4.32 -18.57
C GLU B 35 2.23 4.72 -17.35
N LEU B 36 2.13 3.86 -16.40
CA LEU B 36 1.38 4.20 -15.16
C LEU B 36 2.10 5.33 -14.43
N ILE B 37 3.36 5.18 -14.22
CA ILE B 37 4.13 6.22 -13.47
C ILE B 37 4.24 7.51 -14.27
N ASN B 38 4.56 7.43 -15.52
CA ASN B 38 4.72 8.68 -16.32
C ASN B 38 3.38 9.39 -16.57
N ASN B 39 2.35 8.63 -16.87
CA ASN B 39 1.03 9.25 -17.21
C ASN B 39 0.03 9.24 -16.03
N GLU B 40 0.07 8.28 -15.15
CA GLU B 40 -0.92 8.27 -14.04
C GLU B 40 -0.49 9.27 -12.96
N LEU B 41 0.72 9.77 -13.07
CA LEU B 41 1.23 10.75 -12.06
C LEU B 41 1.44 12.11 -12.74
N SER B 42 0.44 12.62 -13.41
CA SER B 42 0.59 13.92 -14.11
C SER B 42 0.89 15.04 -13.09
N HIS B 43 2.10 15.54 -13.10
CA HIS B 43 2.51 16.64 -12.16
C HIS B 43 2.28 16.24 -10.69
N PHE B 44 1.58 15.17 -10.44
CA PHE B 44 1.35 14.78 -9.02
C PHE B 44 2.67 14.30 -8.41
N LEU B 45 3.44 13.56 -9.17
CA LEU B 45 4.76 13.05 -8.68
C LEU B 45 5.79 13.30 -9.78
N GLU B 46 7.06 13.30 -9.45
CA GLU B 46 8.08 13.55 -10.50
C GLU B 46 7.94 12.49 -11.60
N GLU B 47 7.54 12.91 -12.77
CA GLU B 47 7.37 11.95 -13.91
C GLU B 47 8.72 11.34 -14.28
N ILE B 48 8.68 10.26 -15.02
CA ILE B 48 9.94 9.58 -15.44
C ILE B 48 10.32 10.05 -16.85
N LYS B 49 11.57 10.34 -17.08
CA LYS B 49 12.01 10.82 -18.43
C LYS B 49 12.81 9.72 -19.14
N GLU B 50 13.39 8.82 -18.39
CA GLU B 50 14.19 7.71 -19.01
C GLU B 50 13.66 6.36 -18.53
N GLN B 51 13.67 5.39 -19.40
CA GLN B 51 13.18 4.05 -19.02
C GLN B 51 14.19 3.44 -18.04
N GLU B 52 15.40 3.96 -17.98
CA GLU B 52 16.41 3.39 -17.03
C GLU B 52 15.90 3.53 -15.61
N VAL B 53 15.28 4.63 -15.28
CA VAL B 53 14.76 4.79 -13.90
C VAL B 53 13.77 3.69 -13.63
N VAL B 54 12.97 3.39 -14.59
CA VAL B 54 11.96 2.33 -14.40
C VAL B 54 12.63 1.00 -14.14
N ASP B 55 13.69 0.71 -14.83
CA ASP B 55 14.38 -0.60 -14.62
C ASP B 55 14.91 -0.69 -13.19
N LYS B 56 15.42 0.40 -12.68
CA LYS B 56 15.96 0.40 -11.30
C LYS B 56 14.81 0.16 -10.34
N VAL B 57 13.70 0.75 -10.61
CA VAL B 57 12.51 0.57 -9.75
C VAL B 57 12.06 -0.88 -9.86
N MET B 58 12.28 -1.47 -11.01
CA MET B 58 11.86 -2.88 -11.20
C MET B 58 12.74 -3.80 -10.37
N GLU B 59 13.97 -3.44 -10.14
CA GLU B 59 14.82 -4.32 -9.31
C GLU B 59 14.13 -4.41 -7.94
N THR B 60 13.60 -3.30 -7.49
CA THR B 60 12.88 -3.29 -6.18
C THR B 60 11.48 -3.89 -6.31
N LEU B 61 10.75 -3.57 -7.36
CA LEU B 61 9.37 -4.10 -7.51
C LEU B 61 9.41 -5.49 -8.14
N ASP B 62 10.46 -5.82 -8.84
CA ASP B 62 10.53 -7.17 -9.45
C ASP B 62 11.00 -8.12 -8.35
N GLU B 63 10.19 -8.25 -7.35
CA GLU B 63 10.54 -9.13 -6.21
C GLU B 63 10.76 -10.55 -6.73
N ASP B 64 9.95 -10.97 -7.65
CA ASP B 64 10.10 -12.33 -8.20
C ASP B 64 11.25 -12.35 -9.21
N GLY B 65 11.73 -11.19 -9.59
CA GLY B 65 12.86 -11.15 -10.58
C GLY B 65 12.34 -11.67 -11.93
N ASP B 66 11.17 -11.26 -12.34
CA ASP B 66 10.60 -11.74 -13.64
C ASP B 66 10.69 -10.64 -14.69
N GLY B 67 11.20 -9.50 -14.33
CA GLY B 67 11.28 -8.37 -15.32
C GLY B 67 9.90 -7.72 -15.39
N GLU B 68 9.00 -8.24 -14.60
CA GLU B 68 7.60 -7.71 -14.54
C GLU B 68 7.11 -7.86 -13.10
N CYS B 69 6.25 -7.00 -12.66
CA CYS B 69 5.71 -7.08 -11.26
C CYS B 69 4.22 -7.41 -11.35
N ASP B 70 3.76 -8.29 -10.52
CA ASP B 70 2.32 -8.67 -10.56
C ASP B 70 1.54 -7.53 -9.93
N PHE B 71 0.25 -7.49 -10.08
CA PHE B 71 -0.49 -6.36 -9.49
C PHE B 71 -0.19 -6.30 -7.99
N GLN B 72 -0.09 -7.40 -7.31
CA GLN B 72 0.22 -7.33 -5.85
C GLN B 72 1.58 -6.65 -5.63
N GLU B 73 2.57 -6.94 -6.45
CA GLU B 73 3.89 -6.29 -6.25
C GLU B 73 3.72 -4.76 -6.41
N PHE B 74 2.94 -4.37 -7.37
CA PHE B 74 2.71 -2.93 -7.61
C PHE B 74 1.99 -2.32 -6.41
N MET B 75 1.14 -3.07 -5.78
CA MET B 75 0.37 -2.56 -4.61
C MET B 75 1.32 -2.13 -3.50
N ALA B 76 2.38 -2.84 -3.31
CA ALA B 76 3.30 -2.46 -2.21
C ALA B 76 4.02 -1.14 -2.52
N PHE B 77 4.32 -0.89 -3.76
CA PHE B 77 5.04 0.38 -4.09
C PHE B 77 4.11 1.59 -3.90
N VAL B 78 2.86 1.43 -4.18
CA VAL B 78 1.88 2.57 -4.02
C VAL B 78 1.87 3.03 -2.56
N SER B 79 1.93 2.09 -1.65
CA SER B 79 1.90 2.47 -0.21
C SER B 79 3.14 3.28 0.15
N MET B 80 4.28 2.92 -0.37
CA MET B 80 5.51 3.67 -0.01
C MET B 80 5.50 5.08 -0.59
N VAL B 81 5.08 5.24 -1.81
CA VAL B 81 5.08 6.61 -2.40
C VAL B 81 4.08 7.46 -1.64
N THR B 82 2.98 6.89 -1.27
CA THR B 82 1.96 7.65 -0.50
C THR B 82 2.59 8.13 0.79
N THR B 83 3.40 7.30 1.38
CA THR B 83 4.05 7.72 2.64
C THR B 83 4.81 9.02 2.36
N ALA B 84 5.40 9.11 1.20
CA ALA B 84 6.11 10.36 0.82
C ALA B 84 5.08 11.50 0.77
N CYS B 85 3.89 11.22 0.29
CA CYS B 85 2.84 12.28 0.19
C CYS B 85 2.52 12.82 1.60
N HIS B 86 2.51 11.97 2.60
CA HIS B 86 2.22 12.46 3.97
C HIS B 86 3.25 13.52 4.33
N GLU B 87 4.47 13.31 3.93
CA GLU B 87 5.53 14.32 4.21
C GLU B 87 5.13 15.64 3.56
N PHE B 88 4.56 15.57 2.39
CA PHE B 88 4.12 16.82 1.70
C PHE B 88 2.75 17.21 2.25
N PHE B 89 1.89 16.25 2.48
CA PHE B 89 0.54 16.55 3.03
C PHE B 89 0.59 16.43 4.55
N GLU B 90 1.20 17.38 5.19
CA GLU B 90 1.28 17.35 6.67
C GLU B 90 -0.03 17.84 7.26
N HIS B 91 -0.85 16.95 7.72
CA HIS B 91 -2.15 17.34 8.32
C HIS B 91 -1.89 18.03 9.65
N GLU B 92 -0.68 17.98 10.13
CA GLU B 92 -0.35 18.64 11.43
N SER C 1 -29.57 -25.11 21.05
CA SER C 1 -30.53 -25.35 19.92
C SER C 1 -29.77 -25.91 18.72
N HIS C 2 -28.78 -25.21 18.26
CA HIS C 2 -28.00 -25.71 17.08
C HIS C 2 -26.91 -26.69 17.55
N LEU C 3 -26.27 -27.36 16.64
CA LEU C 3 -25.21 -28.33 17.01
C LEU C 3 -23.85 -27.62 16.98
N LYS C 4 -23.01 -27.86 17.95
CA LYS C 4 -21.67 -27.19 18.01
C LYS C 4 -20.54 -28.22 17.90
N SER C 5 -19.58 -27.96 17.05
CA SER C 5 -18.43 -28.90 16.87
C SER C 5 -17.13 -28.07 16.92
N LYS C 6 -16.08 -28.61 17.48
CA LYS C 6 -14.80 -27.85 17.56
C LYS C 6 -13.90 -28.23 16.37
N LYS C 7 -14.20 -27.71 15.21
CA LYS C 7 -13.37 -28.02 14.02
C LYS C 7 -12.00 -27.35 14.15
N GLY C 8 -11.94 -26.22 14.81
CA GLY C 8 -10.64 -25.52 14.97
C GLY C 8 -10.87 -24.22 15.75
N GLN C 9 -9.82 -23.53 16.11
CA GLN C 9 -9.98 -22.25 16.86
C GLN C 9 -10.21 -21.11 15.87
N SER C 10 -10.94 -20.10 16.27
CA SER C 10 -11.21 -18.96 15.35
C SER C 10 -9.89 -18.23 15.04
N THR C 11 -8.93 -18.32 15.91
CA THR C 11 -7.63 -17.63 15.65
C THR C 11 -7.15 -17.99 14.25
N SER C 12 -7.52 -19.15 13.76
CA SER C 12 -7.11 -19.55 12.39
C SER C 12 -7.38 -18.40 11.43
N ARG C 13 -8.32 -17.56 11.76
CA ARG C 13 -8.65 -16.41 10.87
C ARG C 13 -7.38 -15.61 10.58
N HIS C 14 -6.50 -15.50 11.53
CA HIS C 14 -5.25 -14.74 11.29
C HIS C 14 -4.51 -15.39 10.12
N LYS C 15 -4.51 -16.70 10.08
CA LYS C 15 -3.81 -17.41 8.97
C LYS C 15 -4.43 -16.98 7.63
N LYS C 16 -5.70 -16.65 7.63
CA LYS C 16 -6.34 -16.23 6.34
C LYS C 16 -5.59 -15.03 5.77
N LEU C 17 -5.19 -14.11 6.60
CA LEU C 17 -4.41 -12.92 6.10
C LEU C 17 -2.94 -13.30 5.90
N MET C 18 -2.47 -14.30 6.59
CA MET C 18 -1.04 -14.69 6.45
C MET C 18 -0.71 -15.03 4.99
N PHE C 19 -1.67 -15.43 4.21
CA PHE C 19 -1.32 -15.76 2.79
C PHE C 19 -0.58 -14.57 2.17
N LYS C 20 -0.85 -13.37 2.63
CA LYS C 20 -0.08 -12.19 2.09
C LYS C 20 1.35 -12.28 2.60
N THR C 21 1.53 -12.67 3.84
CA THR C 21 2.90 -12.77 4.38
C THR C 21 3.70 -13.77 3.55
N GLU C 22 3.07 -14.81 3.10
CA GLU C 22 3.79 -15.83 2.28
N SER D 1 20.27 31.04 -23.66
CA SER D 1 19.80 32.27 -22.95
C SER D 1 20.11 32.13 -21.45
N HIS D 2 19.65 31.07 -20.83
CA HIS D 2 19.92 30.87 -19.39
C HIS D 2 21.29 30.22 -19.20
N LEU D 3 21.76 30.14 -17.98
CA LEU D 3 23.09 29.51 -17.73
C LEU D 3 22.88 28.04 -17.38
N LYS D 4 23.71 27.17 -17.92
CA LYS D 4 23.56 25.70 -17.64
C LYS D 4 24.78 25.15 -16.91
N SER D 5 24.56 24.41 -15.86
CA SER D 5 25.69 23.81 -15.07
C SER D 5 25.40 22.33 -14.84
N LYS D 6 26.40 21.49 -14.85
CA LYS D 6 26.16 20.03 -14.65
C LYS D 6 26.37 19.67 -13.17
N LYS D 7 25.41 20.00 -12.34
CA LYS D 7 25.53 19.68 -10.90
C LYS D 7 25.41 18.16 -10.69
N GLY D 8 24.68 17.50 -11.53
CA GLY D 8 24.52 16.03 -11.39
C GLY D 8 23.57 15.50 -12.46
N GLN D 9 23.43 14.21 -12.58
CA GLN D 9 22.51 13.65 -13.61
C GLN D 9 21.07 13.62 -13.06
N SER D 10 20.10 13.76 -13.91
CA SER D 10 18.69 13.74 -13.43
C SER D 10 18.35 12.36 -12.85
N THR D 11 19.05 11.34 -13.28
CA THR D 11 18.76 9.98 -12.76
C THR D 11 18.74 10.04 -11.23
N SER D 12 19.47 10.95 -10.65
CA SER D 12 19.49 11.08 -9.16
C SER D 12 18.04 11.09 -8.65
N ARG D 13 17.12 11.48 -9.49
CA ARG D 13 15.69 11.51 -9.07
C ARG D 13 15.28 10.13 -8.53
N HIS D 14 15.81 9.09 -9.11
CA HIS D 14 15.44 7.74 -8.63
C HIS D 14 15.85 7.62 -7.16
N LYS D 15 16.97 8.18 -6.81
CA LYS D 15 17.45 8.12 -5.39
C LYS D 15 16.40 8.81 -4.49
N LYS D 16 15.71 9.79 -5.01
CA LYS D 16 14.69 10.49 -4.17
C LYS D 16 13.67 9.46 -3.67
N LEU D 17 13.27 8.53 -4.49
CA LEU D 17 12.30 7.49 -4.04
C LEU D 17 13.03 6.39 -3.24
N MET D 18 14.30 6.21 -3.47
CA MET D 18 15.05 5.14 -2.76
C MET D 18 14.94 5.35 -1.24
N PHE D 19 14.71 6.55 -0.77
CA PHE D 19 14.63 6.72 0.71
C PHE D 19 13.60 5.73 1.25
N LYS D 20 12.61 5.36 0.46
CA LYS D 20 11.63 4.33 0.94
C LYS D 20 12.34 2.99 1.02
N THR D 21 13.17 2.69 0.05
CA THR D 21 13.89 1.40 0.06
C THR D 21 14.74 1.29 1.33
N GLU D 22 15.29 2.40 1.76
CA GLU D 22 16.13 2.38 2.99
CA CA E . -1.53 6.83 17.02
CA CA F . 8.17 -0.56 14.54
CA CA G . -0.47 -5.11 -17.44
CA CA H . 7.90 -10.49 -10.22
N MET A 1 -9.04 7.52 -13.50
CA MET A 1 -8.35 8.47 -14.42
C MET A 1 -7.43 9.38 -13.60
N SER A 2 -6.27 8.89 -13.25
CA SER A 2 -5.31 9.72 -12.44
C SER A 2 -5.96 10.08 -11.09
N GLU A 3 -6.85 9.26 -10.64
CA GLU A 3 -7.52 9.52 -9.34
C GLU A 3 -6.55 9.22 -8.21
N LEU A 4 -5.43 8.63 -8.51
CA LEU A 4 -4.45 8.28 -7.46
C LEU A 4 -4.30 9.43 -6.46
N GLU A 5 -4.59 10.63 -6.87
CA GLU A 5 -4.46 11.77 -5.91
C GLU A 5 -5.58 11.70 -4.88
N LYS A 6 -6.76 11.29 -5.26
CA LYS A 6 -7.87 11.22 -4.28
C LYS A 6 -7.80 9.91 -3.48
N ALA A 7 -7.30 8.86 -4.07
CA ALA A 7 -7.21 7.57 -3.34
C ALA A 7 -6.15 7.65 -2.25
N MET A 8 -5.05 8.27 -2.53
CA MET A 8 -3.98 8.38 -1.51
C MET A 8 -4.46 9.26 -0.36
N VAL A 9 -5.14 10.30 -0.68
CA VAL A 9 -5.64 11.22 0.38
C VAL A 9 -6.66 10.49 1.26
N ALA A 10 -7.50 9.68 0.69
CA ALA A 10 -8.53 8.97 1.50
C ALA A 10 -7.89 7.91 2.39
N LEU A 11 -6.88 7.26 1.90
CA LEU A 11 -6.21 6.20 2.70
C LEU A 11 -5.70 6.85 3.99
N ILE A 12 -5.20 8.03 3.88
CA ILE A 12 -4.68 8.77 5.07
C ILE A 12 -5.83 9.20 5.99
N ASP A 13 -6.93 9.64 5.44
CA ASP A 13 -8.07 10.12 6.30
C ASP A 13 -8.58 9.01 7.23
N VAL A 14 -8.79 7.83 6.71
CA VAL A 14 -9.35 6.74 7.54
C VAL A 14 -8.36 6.29 8.62
N PHE A 15 -7.11 6.21 8.30
CA PHE A 15 -6.11 5.77 9.32
C PHE A 15 -6.14 6.73 10.50
N HIS A 16 -6.27 7.99 10.25
CA HIS A 16 -6.29 8.97 11.37
C HIS A 16 -7.54 8.75 12.24
N GLN A 17 -8.60 8.25 11.67
CA GLN A 17 -9.83 8.04 12.50
C GLN A 17 -9.54 7.08 13.66
N TYR A 18 -8.78 6.04 13.42
CA TYR A 18 -8.48 5.06 14.53
C TYR A 18 -7.19 5.42 15.28
N SER A 19 -6.25 6.03 14.62
CA SER A 19 -4.96 6.39 15.29
C SER A 19 -5.24 7.32 16.47
N GLY A 20 -6.14 8.24 16.29
CA GLY A 20 -6.45 9.20 17.40
C GLY A 20 -7.41 8.54 18.40
N ARG A 21 -7.89 7.36 18.10
CA ARG A 21 -8.84 6.69 19.05
C ARG A 21 -8.15 6.48 20.41
N GLU A 22 -6.96 5.93 20.42
CA GLU A 22 -6.25 5.70 21.71
C GLU A 22 -5.36 6.92 22.01
N GLY A 23 -5.35 7.87 21.13
CA GLY A 23 -4.52 9.10 21.36
C GLY A 23 -3.12 8.88 20.78
N ASP A 24 -2.81 7.67 20.39
CA ASP A 24 -1.47 7.41 19.81
C ASP A 24 -1.50 7.79 18.33
N LYS A 25 -1.59 9.05 18.05
CA LYS A 25 -1.63 9.52 16.63
C LYS A 25 -0.31 9.20 15.93
N HIS A 26 0.79 9.38 16.60
CA HIS A 26 2.13 9.14 15.96
C HIS A 26 2.46 7.63 15.88
N LYS A 27 1.88 6.82 16.73
CA LYS A 27 2.17 5.35 16.70
C LYS A 27 0.88 4.56 16.91
N LEU A 28 0.84 3.32 16.48
CA LEU A 28 -0.39 2.49 16.62
C LEU A 28 -0.07 1.21 17.39
N LYS A 29 -0.87 0.86 18.39
CA LYS A 29 -0.60 -0.37 19.17
C LYS A 29 -1.52 -1.49 18.70
N LYS A 30 -1.05 -2.72 18.74
CA LYS A 30 -1.90 -3.87 18.30
C LYS A 30 -3.31 -3.71 18.86
N SER A 31 -3.44 -3.00 19.93
CA SER A 31 -4.79 -2.82 20.55
C SER A 31 -5.59 -1.85 19.70
N GLU A 32 -5.01 -0.72 19.40
CA GLU A 32 -5.71 0.29 18.57
C GLU A 32 -5.93 -0.31 17.17
N LEU A 33 -4.99 -1.08 16.72
CA LEU A 33 -5.11 -1.72 15.37
C LEU A 33 -6.33 -2.62 15.34
N LYS A 34 -6.59 -3.33 16.39
CA LYS A 34 -7.78 -4.23 16.40
C LYS A 34 -9.07 -3.42 16.19
N GLU A 35 -9.16 -2.25 16.79
CA GLU A 35 -10.38 -1.44 16.60
C GLU A 35 -10.53 -1.09 15.13
N LEU A 36 -9.45 -0.80 14.47
CA LEU A 36 -9.54 -0.48 13.02
C LEU A 36 -10.08 -1.68 12.25
N ILE A 37 -9.50 -2.82 12.49
CA ILE A 37 -9.90 -4.05 11.75
C ILE A 37 -11.29 -4.55 12.15
N ASN A 38 -11.60 -4.57 13.41
CA ASN A 38 -12.95 -5.10 13.81
C ASN A 38 -14.07 -4.10 13.54
N ASN A 39 -13.81 -2.84 13.70
CA ASN A 39 -14.89 -1.81 13.51
C ASN A 39 -14.84 -1.14 12.13
N GLU A 40 -13.69 -1.00 11.52
CA GLU A 40 -13.66 -0.31 10.18
C GLU A 40 -14.00 -1.32 9.10
N LEU A 41 -14.04 -2.58 9.44
CA LEU A 41 -14.36 -3.65 8.44
C LEU A 41 -15.41 -4.60 9.04
N SER A 42 -16.55 -4.09 9.42
CA SER A 42 -17.59 -4.98 10.01
C SER A 42 -17.99 -6.06 9.02
N HIS A 43 -18.11 -5.73 7.76
CA HIS A 43 -18.50 -6.75 6.73
C HIS A 43 -17.66 -6.58 5.45
N PHE A 44 -16.93 -5.50 5.34
CA PHE A 44 -16.09 -5.29 4.12
C PHE A 44 -14.93 -6.29 4.13
N LEU A 45 -14.51 -6.70 5.30
CA LEU A 45 -13.39 -7.69 5.40
C LEU A 45 -13.70 -8.63 6.56
N GLU A 46 -12.94 -9.68 6.72
CA GLU A 46 -13.23 -10.61 7.84
C GLU A 46 -12.90 -9.93 9.18
N GLU A 47 -13.89 -9.75 10.00
CA GLU A 47 -13.66 -9.13 11.33
C GLU A 47 -12.74 -10.06 12.15
N ILE A 48 -12.04 -9.55 13.14
CA ILE A 48 -11.15 -10.44 13.96
C ILE A 48 -11.85 -10.74 15.28
N LYS A 49 -11.95 -12.00 15.62
CA LYS A 49 -12.68 -12.40 16.86
C LYS A 49 -11.70 -12.67 18.02
N GLU A 50 -10.45 -12.92 17.73
CA GLU A 50 -9.46 -13.23 18.83
C GLU A 50 -8.23 -12.33 18.69
N GLN A 51 -7.76 -11.80 19.80
CA GLN A 51 -6.57 -10.91 19.78
C GLN A 51 -5.35 -11.66 19.22
N GLU A 52 -5.35 -12.96 19.34
CA GLU A 52 -4.18 -13.75 18.83
C GLU A 52 -4.00 -13.53 17.33
N VAL A 53 -5.06 -13.43 16.59
CA VAL A 53 -4.90 -13.21 15.13
C VAL A 53 -4.15 -11.91 14.93
N VAL A 54 -4.48 -10.94 15.73
CA VAL A 54 -3.79 -9.64 15.62
C VAL A 54 -2.32 -9.82 15.95
N ASP A 55 -2.01 -10.67 16.88
CA ASP A 55 -0.59 -10.89 17.27
C ASP A 55 0.18 -11.49 16.10
N LYS A 56 -0.44 -12.37 15.38
CA LYS A 56 0.24 -13.00 14.21
C LYS A 56 0.42 -11.94 13.13
N VAL A 57 -0.56 -11.11 12.97
CA VAL A 57 -0.47 -10.02 11.96
C VAL A 57 0.62 -9.06 12.42
N MET A 58 0.84 -8.98 13.70
CA MET A 58 1.89 -8.08 14.23
C MET A 58 3.26 -8.64 13.82
N GLU A 59 3.42 -9.92 13.80
CA GLU A 59 4.74 -10.47 13.39
C GLU A 59 5.06 -9.86 12.04
N THR A 60 4.06 -9.75 11.24
CA THR A 60 4.23 -9.18 9.88
C THR A 60 4.29 -7.64 9.90
N LEU A 61 3.36 -6.99 10.55
CA LEU A 61 3.36 -5.50 10.54
C LEU A 61 4.18 -4.94 11.70
N ASP A 62 4.52 -5.75 12.66
CA ASP A 62 5.36 -5.22 13.78
C ASP A 62 6.80 -5.22 13.32
N GLU A 63 7.07 -4.49 12.27
CA GLU A 63 8.43 -4.45 11.72
C GLU A 63 9.38 -3.93 12.80
N ASP A 64 8.95 -2.96 13.55
CA ASP A 64 9.81 -2.44 14.64
C ASP A 64 9.89 -3.51 15.73
N GLY A 65 8.96 -4.42 15.73
CA GLY A 65 8.97 -5.51 16.76
C GLY A 65 8.83 -4.87 18.14
N ASP A 66 8.12 -3.77 18.24
CA ASP A 66 7.93 -3.08 19.55
C ASP A 66 6.51 -3.28 20.06
N GLY A 67 5.76 -4.17 19.44
CA GLY A 67 4.37 -4.42 19.89
C GLY A 67 3.46 -3.32 19.34
N GLU A 68 4.01 -2.43 18.57
CA GLU A 68 3.20 -1.32 17.97
C GLU A 68 3.74 -1.01 16.58
N CYS A 69 2.88 -0.88 15.60
CA CYS A 69 3.33 -0.57 14.21
C CYS A 69 3.13 0.91 13.95
N ASP A 70 4.05 1.52 13.25
CA ASP A 70 3.92 2.97 12.95
C ASP A 70 2.93 3.12 11.80
N PHE A 71 2.37 4.29 11.63
CA PHE A 71 1.42 4.49 10.50
C PHE A 71 2.04 3.90 9.24
N GLN A 72 3.32 4.00 9.09
CA GLN A 72 4.01 3.42 7.90
C GLN A 72 3.77 1.90 7.82
N GLU A 73 4.01 1.20 8.90
CA GLU A 73 3.85 -0.28 8.86
C GLU A 73 2.42 -0.67 8.49
N PHE A 74 1.46 0.04 9.01
CA PHE A 74 0.05 -0.30 8.67
C PHE A 74 -0.21 0.05 7.22
N MET A 75 0.42 1.06 6.71
CA MET A 75 0.19 1.48 5.31
C MET A 75 0.53 0.33 4.36
N ALA A 76 1.57 -0.41 4.66
CA ALA A 76 1.93 -1.51 3.75
C ALA A 76 0.85 -2.60 3.76
N PHE A 77 0.26 -2.85 4.88
CA PHE A 77 -0.79 -3.91 4.94
C PHE A 77 -1.94 -3.56 4.02
N VAL A 78 -2.31 -2.32 3.98
CA VAL A 78 -3.45 -1.86 3.12
C VAL A 78 -3.16 -2.17 1.66
N SER A 79 -1.94 -2.06 1.25
CA SER A 79 -1.63 -2.32 -0.17
C SER A 79 -1.95 -3.78 -0.51
N MET A 80 -1.64 -4.68 0.39
CA MET A 80 -1.92 -6.11 0.08
C MET A 80 -3.41 -6.40 0.12
N VAL A 81 -4.11 -5.93 1.11
CA VAL A 81 -5.57 -6.22 1.17
C VAL A 81 -6.27 -5.64 -0.05
N THR A 82 -5.85 -4.50 -0.47
CA THR A 82 -6.47 -3.86 -1.66
C THR A 82 -6.29 -4.79 -2.85
N THR A 83 -5.16 -5.42 -2.94
CA THR A 83 -4.93 -6.34 -4.07
C THR A 83 -6.02 -7.41 -4.04
N ALA A 84 -6.38 -7.85 -2.87
CA ALA A 84 -7.47 -8.86 -2.75
C ALA A 84 -8.77 -8.29 -3.34
N CYS A 85 -9.02 -7.02 -3.10
CA CYS A 85 -10.26 -6.39 -3.63
C CYS A 85 -10.30 -6.50 -5.15
N HIS A 86 -9.16 -6.42 -5.80
CA HIS A 86 -9.16 -6.52 -7.27
C HIS A 86 -9.73 -7.87 -7.67
N GLU A 87 -9.40 -8.90 -6.95
CA GLU A 87 -9.94 -10.25 -7.29
C GLU A 87 -11.47 -10.22 -7.15
N PHE A 88 -11.98 -9.56 -6.14
CA PHE A 88 -13.47 -9.52 -5.96
C PHE A 88 -14.08 -8.40 -6.81
N PHE A 89 -13.35 -7.34 -7.04
CA PHE A 89 -13.89 -6.21 -7.86
C PHE A 89 -13.45 -6.41 -9.30
N GLU A 90 -12.87 -7.53 -9.59
CA GLU A 90 -12.40 -7.79 -10.98
C GLU A 90 -13.56 -7.62 -11.96
N HIS A 91 -13.62 -6.49 -12.58
CA HIS A 91 -14.71 -6.23 -13.56
C HIS A 91 -14.61 -7.27 -14.68
N GLU A 92 -13.41 -7.62 -15.05
CA GLU A 92 -13.19 -8.63 -16.14
N MET B 1 -14.07 8.40 7.25
CA MET B 1 -15.05 7.64 8.07
C MET B 1 -15.29 6.26 7.44
N SER B 2 -14.39 5.33 7.66
CA SER B 2 -14.56 3.97 7.05
C SER B 2 -14.61 4.08 5.53
N GLU B 3 -13.96 5.08 4.99
CA GLU B 3 -13.94 5.26 3.52
C GLU B 3 -12.99 4.23 2.91
N LEU B 4 -12.25 3.55 3.73
CA LEU B 4 -11.27 2.55 3.21
C LEU B 4 -11.90 1.73 2.09
N GLU B 5 -13.19 1.62 2.06
CA GLU B 5 -13.83 0.82 0.97
C GLU B 5 -13.74 1.60 -0.35
N LYS B 6 -13.86 2.89 -0.31
CA LYS B 6 -13.77 3.68 -1.58
C LYS B 6 -12.31 3.93 -1.96
N ALA B 7 -11.44 4.04 -1.00
CA ALA B 7 -10.01 4.28 -1.33
C ALA B 7 -9.38 3.05 -1.95
N MET B 8 -9.71 1.89 -1.45
CA MET B 8 -9.13 0.65 -2.03
C MET B 8 -9.65 0.46 -3.44
N VAL B 9 -10.90 0.74 -3.65
CA VAL B 9 -11.48 0.55 -5.00
C VAL B 9 -10.83 1.53 -5.99
N ALA B 10 -10.55 2.73 -5.57
CA ALA B 10 -9.94 3.73 -6.49
C ALA B 10 -8.51 3.36 -6.82
N LEU B 11 -7.80 2.84 -5.86
CA LEU B 11 -6.38 2.45 -6.10
C LEU B 11 -6.35 1.44 -7.25
N ILE B 12 -7.29 0.55 -7.25
CA ILE B 12 -7.37 -0.48 -8.31
C ILE B 12 -7.77 0.15 -9.66
N ASP B 13 -8.69 1.09 -9.66
CA ASP B 13 -9.13 1.69 -10.95
C ASP B 13 -7.98 2.35 -11.70
N VAL B 14 -7.18 3.13 -11.03
CA VAL B 14 -6.08 3.86 -11.72
C VAL B 14 -5.01 2.88 -12.24
N PHE B 15 -4.68 1.88 -11.48
CA PHE B 15 -3.64 0.93 -11.94
C PHE B 15 -4.08 0.29 -13.26
N HIS B 16 -5.34 -0.04 -13.38
CA HIS B 16 -5.81 -0.67 -14.63
C HIS B 16 -5.68 0.32 -15.81
N GLN B 17 -5.74 1.60 -15.56
CA GLN B 17 -5.63 2.56 -16.68
C GLN B 17 -4.29 2.40 -17.40
N TYR B 18 -3.21 2.19 -16.66
CA TYR B 18 -1.88 2.04 -17.34
C TYR B 18 -1.56 0.57 -17.64
N SER B 19 -2.05 -0.34 -16.85
CA SER B 19 -1.75 -1.78 -17.08
C SER B 19 -2.26 -2.20 -18.46
N GLY B 20 -3.39 -1.72 -18.85
CA GLY B 20 -3.95 -2.08 -20.19
C GLY B 20 -3.29 -1.22 -21.28
N ARG B 21 -2.50 -0.26 -20.90
CA ARG B 21 -1.85 0.61 -21.92
C ARG B 21 -0.98 -0.25 -22.86
N GLU B 22 -0.14 -1.08 -22.31
CA GLU B 22 0.73 -1.94 -23.18
C GLU B 22 0.01 -3.28 -23.43
N GLY B 23 -1.14 -3.46 -22.85
CA GLY B 23 -1.89 -4.73 -23.06
C GLY B 23 -1.50 -5.74 -22.00
N ASP B 24 -0.47 -5.45 -21.24
CA ASP B 24 -0.04 -6.40 -20.18
C ASP B 24 -0.91 -6.16 -18.94
N LYS B 25 -2.15 -6.50 -19.03
CA LYS B 25 -3.08 -6.29 -17.87
C LYS B 25 -2.66 -7.18 -16.69
N HIS B 26 -2.25 -8.39 -16.95
CA HIS B 26 -1.87 -9.32 -15.84
C HIS B 26 -0.46 -9.00 -15.29
N LYS B 27 0.39 -8.37 -16.07
CA LYS B 27 1.77 -8.05 -15.57
C LYS B 27 2.17 -6.66 -16.04
N LEU B 28 3.11 -6.03 -15.36
CA LEU B 28 3.52 -4.64 -15.74
C LEU B 28 5.04 -4.61 -16.01
N LYS B 29 5.45 -4.02 -17.11
CA LYS B 29 6.91 -3.97 -17.43
C LYS B 29 7.47 -2.59 -17.06
N LYS B 30 8.70 -2.53 -16.63
CA LYS B 30 9.32 -1.22 -16.26
C LYS B 30 8.97 -0.17 -17.30
N SER B 31 8.67 -0.60 -18.50
CA SER B 31 8.33 0.38 -19.57
C SER B 31 6.92 0.91 -19.32
N GLU B 32 6.00 0.04 -19.11
CA GLU B 32 4.59 0.46 -18.85
C GLU B 32 4.58 1.24 -17.53
N LEU B 33 5.37 0.80 -16.59
CA LEU B 33 5.43 1.48 -15.27
C LEU B 33 5.85 2.94 -15.45
N LYS B 34 6.79 3.19 -16.32
CA LYS B 34 7.24 4.60 -16.54
C LYS B 34 6.06 5.46 -17.00
N GLU B 35 5.22 4.95 -17.85
CA GLU B 35 4.07 5.76 -18.32
C GLU B 35 3.19 6.11 -17.12
N LEU B 36 3.01 5.20 -16.22
CA LEU B 36 2.19 5.51 -15.01
C LEU B 36 2.84 6.65 -14.23
N ILE B 37 4.11 6.52 -13.95
CA ILE B 37 4.81 7.54 -13.13
C ILE B 37 5.00 8.86 -13.86
N ASN B 38 5.36 8.85 -15.11
CA ASN B 38 5.57 10.15 -15.81
C ASN B 38 4.26 10.83 -16.21
N ASN B 39 3.27 10.06 -16.56
CA ASN B 39 1.98 10.66 -17.03
C ASN B 39 0.90 10.69 -15.92
N GLU B 40 0.90 9.76 -15.00
CA GLU B 40 -0.17 9.79 -13.95
C GLU B 40 0.25 10.76 -12.84
N LEU B 41 1.49 11.20 -12.86
CA LEU B 41 1.99 12.15 -11.82
C LEU B 41 2.73 13.30 -12.50
N SER B 42 2.07 14.03 -13.36
CA SER B 42 2.76 15.14 -14.06
C SER B 42 3.26 16.17 -13.04
N HIS B 43 2.49 16.45 -12.02
CA HIS B 43 2.92 17.45 -10.99
C HIS B 43 2.56 16.95 -9.58
N PHE B 44 1.78 15.91 -9.48
CA PHE B 44 1.41 15.39 -8.13
C PHE B 44 2.64 14.74 -7.49
N LEU B 45 3.55 14.24 -8.29
CA LEU B 45 4.79 13.60 -7.75
C LEU B 45 5.95 13.97 -8.68
N GLU B 46 7.15 13.66 -8.31
CA GLU B 46 8.29 14.02 -9.21
C GLU B 46 8.26 13.13 -10.46
N GLU B 47 8.10 13.73 -11.59
CA GLU B 47 8.08 12.96 -12.86
C GLU B 47 9.46 12.32 -13.06
N ILE B 48 9.55 11.25 -13.82
CA ILE B 48 10.90 10.60 -14.03
C ILE B 48 11.42 11.03 -15.41
N LYS B 49 12.64 11.52 -15.45
CA LYS B 49 13.21 12.02 -16.74
C LYS B 49 14.15 10.98 -17.37
N GLU B 50 14.65 10.03 -16.60
CA GLU B 50 15.59 9.02 -17.17
C GLU B 50 15.11 7.60 -16.84
N GLN B 51 15.16 6.71 -17.79
CA GLN B 51 14.72 5.30 -17.56
C GLN B 51 15.55 4.66 -16.45
N GLU B 52 16.75 5.13 -16.24
CA GLU B 52 17.61 4.53 -15.18
C GLU B 52 16.95 4.65 -13.82
N VAL B 53 16.29 5.73 -13.53
CA VAL B 53 15.63 5.86 -12.21
C VAL B 53 14.62 4.74 -12.09
N VAL B 54 13.94 4.45 -13.15
CA VAL B 54 12.94 3.36 -13.13
C VAL B 54 13.66 2.04 -12.86
N ASP B 55 14.83 1.88 -13.39
CA ASP B 55 15.59 0.61 -13.19
C ASP B 55 15.93 0.44 -11.71
N LYS B 56 16.28 1.51 -11.07
CA LYS B 56 16.63 1.44 -9.62
C LYS B 56 15.36 1.13 -8.84
N VAL B 57 14.28 1.72 -9.24
CA VAL B 57 12.99 1.46 -8.56
C VAL B 57 12.61 0.01 -8.81
N MET B 58 13.06 -0.53 -9.91
CA MET B 58 12.75 -1.95 -10.23
C MET B 58 13.51 -2.85 -9.25
N GLU B 59 14.69 -2.48 -8.86
CA GLU B 59 15.42 -3.34 -7.89
C GLU B 59 14.51 -3.53 -6.70
N THR B 60 13.82 -2.50 -6.35
CA THR B 60 12.89 -2.53 -5.21
C THR B 60 11.56 -3.19 -5.57
N LEU B 61 10.92 -2.78 -6.64
CA LEU B 61 9.60 -3.35 -7.00
C LEU B 61 9.75 -4.59 -7.88
N ASP B 62 10.90 -4.82 -8.44
CA ASP B 62 11.08 -6.04 -9.29
C ASP B 62 11.34 -7.20 -8.35
N GLU B 63 10.40 -7.46 -7.49
CA GLU B 63 10.58 -8.57 -6.52
C GLU B 63 10.78 -9.87 -7.29
N ASP B 64 10.05 -10.05 -8.35
CA ASP B 64 10.22 -11.29 -9.16
C ASP B 64 11.58 -11.21 -9.86
N GLY B 65 12.12 -10.02 -9.96
CA GLY B 65 13.45 -9.86 -10.63
C GLY B 65 13.33 -10.32 -12.08
N ASP B 66 12.17 -10.13 -12.69
CA ASP B 66 11.96 -10.58 -14.10
C ASP B 66 11.90 -9.35 -15.02
N GLY B 67 12.26 -8.20 -14.51
CA GLY B 67 12.21 -6.97 -15.36
C GLY B 67 10.78 -6.45 -15.44
N GLU B 68 9.88 -7.10 -14.76
CA GLU B 68 8.45 -6.67 -14.77
C GLU B 68 7.84 -6.94 -13.39
N CYS B 69 7.13 -5.98 -12.85
CA CYS B 69 6.50 -6.16 -11.50
C CYS B 69 5.03 -6.51 -11.69
N ASP B 70 4.52 -7.39 -10.89
CA ASP B 70 3.09 -7.76 -11.01
C ASP B 70 2.26 -6.66 -10.35
N PHE B 71 1.00 -6.58 -10.67
CA PHE B 71 0.14 -5.54 -10.05
C PHE B 71 0.41 -5.54 -8.54
N GLN B 72 0.65 -6.69 -7.98
CA GLN B 72 0.94 -6.79 -6.52
C GLN B 72 2.19 -5.97 -6.16
N GLU B 73 3.26 -6.17 -6.87
CA GLU B 73 4.52 -5.44 -6.54
C GLU B 73 4.31 -3.92 -6.62
N PHE B 74 3.59 -3.48 -7.61
CA PHE B 74 3.35 -2.01 -7.73
C PHE B 74 2.44 -1.55 -6.59
N MET B 75 1.55 -2.40 -6.15
CA MET B 75 0.62 -2.01 -5.06
C MET B 75 1.42 -1.63 -3.81
N ALA B 76 2.47 -2.34 -3.55
CA ALA B 76 3.25 -2.01 -2.32
C ALA B 76 3.90 -0.62 -2.44
N PHE B 77 4.35 -0.28 -3.62
CA PHE B 77 5.00 1.06 -3.79
C PHE B 77 4.02 2.17 -3.44
N VAL B 78 2.80 2.02 -3.83
CA VAL B 78 1.75 3.06 -3.57
C VAL B 78 1.60 3.28 -2.07
N SER B 79 1.71 2.26 -1.30
CA SER B 79 1.54 2.43 0.16
C SER B 79 2.62 3.36 0.70
N MET B 80 3.82 3.22 0.22
CA MET B 80 4.90 4.11 0.73
C MET B 80 4.73 5.53 0.25
N VAL B 81 4.46 5.72 -1.01
CA VAL B 81 4.31 7.13 -1.52
C VAL B 81 3.17 7.81 -0.79
N THR B 82 2.12 7.09 -0.53
CA THR B 82 0.95 7.68 0.17
C THR B 82 1.41 8.18 1.53
N THR B 83 2.27 7.45 2.16
CA THR B 83 2.77 7.88 3.49
C THR B 83 3.40 9.26 3.33
N ALA B 84 4.10 9.46 2.25
CA ALA B 84 4.72 10.80 2.00
C ALA B 84 3.62 11.86 1.94
N CYS B 85 2.51 11.54 1.32
CA CYS B 85 1.39 12.53 1.21
C CYS B 85 0.94 12.96 2.60
N HIS B 86 0.98 12.07 3.56
CA HIS B 86 0.55 12.48 4.93
C HIS B 86 1.44 13.61 5.41
N GLU B 87 2.71 13.54 5.12
CA GLU B 87 3.62 14.64 5.55
C GLU B 87 3.20 15.95 4.89
N PHE B 88 2.81 15.91 3.63
CA PHE B 88 2.40 17.16 2.93
C PHE B 88 0.93 17.48 3.21
N PHE B 89 0.12 16.47 3.42
CA PHE B 89 -1.33 16.69 3.70
C PHE B 89 -1.53 16.74 5.21
N GLU B 90 -0.46 16.74 5.94
CA GLU B 90 -0.58 16.76 7.43
C GLU B 90 -1.42 17.96 7.86
N HIS B 91 -2.66 17.73 8.13
CA HIS B 91 -3.55 18.83 8.57
C HIS B 91 -3.00 19.42 9.87
N GLU B 92 -2.47 18.58 10.71
CA GLU B 92 -1.89 19.06 12.01
N SER C 1 -20.32 -16.51 22.45
CA SER C 1 -18.96 -17.13 22.34
C SER C 1 -19.11 -18.64 22.16
N HIS C 2 -20.21 -19.07 21.59
CA HIS C 2 -20.42 -20.54 21.39
C HIS C 2 -20.04 -21.30 22.66
N LEU C 3 -19.88 -22.59 22.58
CA LEU C 3 -19.51 -23.38 23.79
C LEU C 3 -17.99 -23.52 23.87
N LYS C 4 -17.27 -22.49 23.51
CA LYS C 4 -15.78 -22.56 23.56
C LYS C 4 -15.30 -23.81 22.81
N SER C 5 -15.82 -24.06 21.65
CA SER C 5 -15.38 -25.26 20.88
C SER C 5 -13.88 -25.15 20.58
N LYS C 6 -13.06 -25.81 21.36
CA LYS C 6 -11.60 -25.75 21.13
C LYS C 6 -11.26 -26.30 19.74
N LYS C 7 -11.93 -27.36 19.34
CA LYS C 7 -11.65 -27.96 18.01
C LYS C 7 -11.96 -26.94 16.91
N GLY C 8 -13.02 -26.20 17.06
CA GLY C 8 -13.38 -25.19 16.01
C GLY C 8 -12.46 -23.96 16.13
N GLN C 9 -11.41 -23.92 15.35
CA GLN C 9 -10.47 -22.76 15.43
C GLN C 9 -10.73 -21.83 14.23
N SER C 10 -11.18 -20.62 14.50
CA SER C 10 -11.44 -19.66 13.40
C SER C 10 -10.12 -19.16 12.81
N THR C 11 -9.06 -19.20 13.59
CA THR C 11 -7.74 -18.72 13.09
C THR C 11 -7.51 -19.21 11.66
N SER C 12 -8.14 -20.28 11.29
CA SER C 12 -7.97 -20.82 9.91
C SER C 12 -8.40 -19.76 8.89
N ARG C 13 -9.43 -19.01 9.19
CA ARG C 13 -9.91 -17.97 8.24
C ARG C 13 -8.78 -16.96 7.96
N HIS C 14 -8.03 -16.62 8.98
CA HIS C 14 -6.93 -15.63 8.79
C HIS C 14 -5.93 -16.19 7.77
N LYS C 15 -5.65 -17.47 7.83
CA LYS C 15 -4.70 -18.06 6.85
C LYS C 15 -5.23 -17.85 5.43
N LYS C 16 -6.51 -17.83 5.26
CA LYS C 16 -7.04 -17.63 3.89
C LYS C 16 -6.52 -16.29 3.38
N LEU C 17 -6.48 -15.30 4.23
CA LEU C 17 -5.96 -13.96 3.82
C LEU C 17 -4.45 -14.07 3.54
N MET C 18 -3.75 -14.87 4.30
CA MET C 18 -2.28 -15.02 4.06
C MET C 18 -2.00 -15.21 2.58
N PHE C 19 -2.97 -15.72 1.83
CA PHE C 19 -2.74 -15.95 0.35
C PHE C 19 -1.92 -14.78 -0.24
N LYS C 20 -2.33 -13.56 0.03
CA LYS C 20 -1.58 -12.39 -0.50
C LYS C 20 -0.28 -12.20 0.28
N THR C 21 -0.32 -12.46 1.56
CA THR C 21 0.90 -12.28 2.40
C THR C 21 2.00 -13.19 1.85
N GLU C 22 1.65 -14.39 1.46
CA GLU C 22 2.65 -15.33 0.91
N SER D 1 16.09 19.47 -23.39
CA SER D 1 17.04 18.52 -22.73
C SER D 1 18.28 19.27 -22.26
N HIS D 2 18.15 20.55 -22.00
CA HIS D 2 19.32 21.34 -21.54
C HIS D 2 20.54 21.00 -22.41
N LEU D 3 21.72 21.39 -21.99
CA LEU D 3 22.94 21.08 -22.80
C LEU D 3 23.54 19.75 -22.34
N LYS D 4 22.71 18.79 -22.00
CA LYS D 4 23.25 17.47 -21.55
C LYS D 4 24.26 17.68 -20.41
N SER D 5 23.94 18.52 -19.46
CA SER D 5 24.88 18.75 -18.34
C SER D 5 25.13 17.43 -17.60
N LYS D 6 26.23 16.78 -17.89
CA LYS D 6 26.54 15.49 -17.20
C LYS D 6 26.67 15.72 -15.70
N LYS D 7 27.29 16.80 -15.31
CA LYS D 7 27.46 17.09 -13.86
C LYS D 7 26.09 17.22 -13.18
N GLY D 8 25.16 17.86 -13.84
CA GLY D 8 23.81 18.03 -13.24
C GLY D 8 23.03 16.72 -13.33
N GLN D 9 23.04 15.93 -12.28
CA GLN D 9 22.30 14.63 -12.30
C GLN D 9 20.99 14.77 -11.51
N SER D 10 19.88 14.66 -12.17
CA SER D 10 18.57 14.77 -11.47
C SER D 10 18.32 13.53 -10.62
N THR D 11 18.93 12.43 -10.98
CA THR D 11 18.73 11.16 -10.19
C THR D 11 18.77 11.47 -8.69
N SER D 12 19.41 12.53 -8.31
CA SER D 12 19.48 12.89 -6.87
C SER D 12 18.07 13.11 -6.32
N ARG D 13 17.19 13.68 -7.11
CA ARG D 13 15.81 13.91 -6.63
C ARG D 13 15.16 12.58 -6.23
N HIS D 14 15.41 11.55 -7.00
CA HIS D 14 14.79 10.23 -6.69
C HIS D 14 15.24 9.78 -5.30
N LYS D 15 16.49 10.01 -4.97
CA LYS D 15 16.98 9.60 -3.62
C LYS D 15 16.17 10.32 -2.54
N LYS D 16 15.71 11.50 -2.81
CA LYS D 16 14.91 12.20 -1.79
C LYS D 16 13.71 11.34 -1.45
N LEU D 17 13.11 10.74 -2.46
CA LEU D 17 11.93 9.84 -2.21
C LEU D 17 12.39 8.61 -1.41
N MET D 18 13.57 8.10 -1.70
CA MET D 18 14.06 6.90 -0.97
C MET D 18 13.82 7.07 0.53
N PHE D 19 13.74 8.29 1.01
CA PHE D 19 13.52 8.50 2.48
C PHE D 19 12.52 7.46 3.02
N LYS D 20 11.40 7.30 2.37
CA LYS D 20 10.39 6.30 2.83
C LYS D 20 10.88 4.89 2.50
N THR D 21 11.53 4.73 1.38
CA THR D 21 12.01 3.39 0.98
C THR D 21 12.97 2.87 2.05
N GLU D 22 13.80 3.74 2.55
CA GLU D 22 14.77 3.32 3.61
CA CA E . -2.80 5.40 17.34
CA CA F . 6.74 -1.87 14.61
CA CA G . 0.47 -3.89 -17.92
CA CA H . 8.76 -8.75 -10.44
N MET A 1 -9.69 6.87 -13.94
CA MET A 1 -9.19 8.07 -14.66
C MET A 1 -8.33 8.91 -13.72
N SER A 2 -7.12 8.49 -13.48
CA SER A 2 -6.24 9.27 -12.56
C SER A 2 -6.90 9.35 -11.17
N GLU A 3 -7.62 8.32 -10.81
CA GLU A 3 -8.30 8.28 -9.49
C GLU A 3 -7.23 8.16 -8.40
N LEU A 4 -5.99 8.08 -8.79
CA LEU A 4 -4.88 7.90 -7.81
C LEU A 4 -4.84 9.07 -6.81
N GLU A 5 -5.15 10.26 -7.23
CA GLU A 5 -5.10 11.43 -6.28
C GLU A 5 -6.06 11.22 -5.11
N LYS A 6 -7.23 10.70 -5.35
CA LYS A 6 -8.19 10.51 -4.23
C LYS A 6 -7.77 9.32 -3.37
N ALA A 7 -7.16 8.34 -3.97
CA ALA A 7 -6.77 7.12 -3.20
C ALA A 7 -5.62 7.42 -2.24
N MET A 8 -4.66 8.19 -2.64
CA MET A 8 -3.52 8.50 -1.72
C MET A 8 -4.00 9.38 -0.58
N VAL A 9 -4.85 10.31 -0.89
CA VAL A 9 -5.37 11.23 0.16
C VAL A 9 -6.29 10.46 1.11
N ALA A 10 -7.00 9.49 0.61
CA ALA A 10 -7.93 8.71 1.48
C ALA A 10 -7.16 7.82 2.46
N LEU A 11 -6.08 7.20 2.04
CA LEU A 11 -5.35 6.33 3.01
C LEU A 11 -4.91 7.18 4.19
N ILE A 12 -4.47 8.37 3.92
CA ILE A 12 -4.03 9.26 5.00
C ILE A 12 -5.22 9.65 5.88
N ASP A 13 -6.38 9.87 5.31
CA ASP A 13 -7.55 10.26 6.15
C ASP A 13 -7.88 9.16 7.18
N VAL A 14 -7.91 7.92 6.76
CA VAL A 14 -8.25 6.79 7.70
C VAL A 14 -7.22 6.68 8.83
N PHE A 15 -5.96 6.85 8.52
CA PHE A 15 -4.93 6.74 9.58
C PHE A 15 -5.26 7.71 10.69
N HIS A 16 -5.71 8.87 10.37
CA HIS A 16 -6.06 9.86 11.43
C HIS A 16 -7.38 9.50 12.11
N GLN A 17 -8.24 8.72 11.48
CA GLN A 17 -9.55 8.41 12.12
C GLN A 17 -9.35 7.70 13.45
N TYR A 18 -8.42 6.79 13.55
CA TYR A 18 -8.22 6.06 14.87
C TYR A 18 -6.81 6.31 15.43
N SER A 19 -5.85 6.64 14.60
CA SER A 19 -4.47 6.87 15.14
C SER A 19 -4.46 8.13 16.00
N GLY A 20 -5.21 9.13 15.61
CA GLY A 20 -5.25 10.39 16.40
C GLY A 20 -6.12 10.20 17.65
N ARG A 21 -6.80 9.09 17.74
CA ARG A 21 -7.66 8.83 18.91
C ARG A 21 -6.80 8.82 20.19
N GLU A 22 -5.65 8.19 20.12
CA GLU A 22 -4.76 8.12 21.33
C GLU A 22 -3.47 8.92 21.07
N GLY A 23 -2.76 9.23 22.12
CA GLY A 23 -1.51 10.03 21.98
C GLY A 23 -0.61 9.44 20.89
N ASP A 24 -0.73 8.17 20.59
CA ASP A 24 0.13 7.59 19.54
C ASP A 24 -0.32 8.06 18.16
N LYS A 25 -0.48 9.34 17.99
CA LYS A 25 -0.92 9.87 16.66
C LYS A 25 0.23 9.74 15.64
N HIS A 26 1.45 10.00 16.06
CA HIS A 26 2.61 9.92 15.12
C HIS A 26 3.13 8.46 14.99
N LYS A 27 2.67 7.58 15.84
CA LYS A 27 3.12 6.15 15.77
C LYS A 27 1.90 5.26 15.92
N LEU A 28 1.97 4.02 15.50
CA LEU A 28 0.76 3.13 15.59
C LEU A 28 1.11 1.88 16.41
N LYS A 29 0.59 1.74 17.60
CA LYS A 29 0.89 0.53 18.41
C LYS A 29 -0.13 -0.55 18.09
N LYS A 30 0.26 -1.80 18.19
CA LYS A 30 -0.68 -2.92 17.90
C LYS A 30 -2.07 -2.60 18.44
N SER A 31 -2.15 -1.76 19.42
CA SER A 31 -3.50 -1.43 19.99
C SER A 31 -4.27 -0.56 19.01
N GLU A 32 -3.65 0.44 18.45
CA GLU A 32 -4.36 1.31 17.47
C GLU A 32 -4.65 0.50 16.20
N LEU A 33 -3.72 -0.32 15.80
CA LEU A 33 -3.94 -1.17 14.59
C LEU A 33 -5.17 -2.04 14.81
N LYS A 34 -5.32 -2.56 15.99
CA LYS A 34 -6.47 -3.44 16.32
C LYS A 34 -7.77 -2.62 16.13
N GLU A 35 -7.75 -1.38 16.51
CA GLU A 35 -8.97 -0.53 16.39
C GLU A 35 -9.37 -0.35 14.93
N LEU A 36 -8.44 -0.17 14.06
CA LEU A 36 -8.83 0.00 12.64
C LEU A 36 -9.40 -1.31 12.12
N ILE A 37 -8.71 -2.38 12.37
CA ILE A 37 -9.16 -3.69 11.86
C ILE A 37 -10.41 -4.19 12.60
N ASN A 38 -10.46 -4.05 13.90
CA ASN A 38 -11.65 -4.56 14.64
C ASN A 38 -12.85 -3.60 14.51
N ASN A 39 -12.59 -2.34 14.50
CA ASN A 39 -13.71 -1.33 14.45
C ASN A 39 -13.99 -0.79 13.04
N GLU A 40 -12.99 -0.55 12.22
CA GLU A 40 -13.27 0.04 10.87
C GLU A 40 -13.49 -1.06 9.84
N LEU A 41 -13.07 -2.27 10.11
CA LEU A 41 -13.25 -3.39 9.13
C LEU A 41 -14.20 -4.44 9.74
N SER A 42 -15.35 -4.03 10.21
CA SER A 42 -16.30 -5.00 10.82
C SER A 42 -16.95 -5.88 9.75
N HIS A 43 -17.68 -5.30 8.82
CA HIS A 43 -18.33 -6.11 7.74
C HIS A 43 -17.44 -6.16 6.51
N PHE A 44 -16.39 -5.38 6.50
CA PHE A 44 -15.46 -5.37 5.33
C PHE A 44 -14.86 -6.78 5.18
N LEU A 45 -14.37 -7.33 6.26
CA LEU A 45 -13.77 -8.70 6.21
C LEU A 45 -13.74 -9.30 7.60
N GLU A 46 -13.33 -10.52 7.72
CA GLU A 46 -13.30 -11.16 9.05
C GLU A 46 -12.51 -10.26 10.00
N GLU A 47 -13.22 -9.50 10.78
CA GLU A 47 -12.54 -8.59 11.74
C GLU A 47 -11.77 -9.43 12.75
N ILE A 48 -10.87 -8.84 13.48
CA ILE A 48 -10.09 -9.63 14.48
C ILE A 48 -10.91 -9.84 15.74
N LYS A 49 -10.82 -11.01 16.32
CA LYS A 49 -11.59 -11.32 17.57
C LYS A 49 -10.65 -11.35 18.77
N GLU A 50 -9.36 -11.46 18.54
CA GLU A 50 -8.38 -11.49 19.67
C GLU A 50 -7.15 -10.64 19.34
N GLN A 51 -6.51 -10.12 20.35
CA GLN A 51 -5.29 -9.30 20.13
C GLN A 51 -4.16 -10.23 19.67
N GLU A 52 -4.26 -11.50 19.98
CA GLU A 52 -3.18 -12.46 19.58
C GLU A 52 -3.02 -12.50 18.07
N VAL A 53 -4.10 -12.46 17.34
CA VAL A 53 -3.99 -12.49 15.87
C VAL A 53 -3.21 -11.27 15.43
N VAL A 54 -3.46 -10.17 16.06
CA VAL A 54 -2.74 -8.93 15.71
C VAL A 54 -1.25 -9.09 16.00
N ASP A 55 -0.92 -9.79 17.06
CA ASP A 55 0.52 -9.99 17.39
C ASP A 55 1.19 -10.78 16.26
N LYS A 56 0.51 -11.75 15.75
CA LYS A 56 1.07 -12.56 14.63
C LYS A 56 1.25 -11.65 13.42
N VAL A 57 0.30 -10.79 13.23
CA VAL A 57 0.35 -9.84 12.10
C VAL A 57 1.50 -8.88 12.36
N MET A 58 1.82 -8.66 13.60
CA MET A 58 2.94 -7.75 13.93
C MET A 58 4.25 -8.41 13.52
N GLU A 59 4.35 -9.70 13.58
CA GLU A 59 5.61 -10.35 13.13
C GLU A 59 5.84 -9.88 11.72
N THR A 60 4.76 -9.73 11.00
CA THR A 60 4.83 -9.29 9.59
C THR A 60 4.93 -7.77 9.47
N LEU A 61 4.08 -7.02 10.15
CA LEU A 61 4.10 -5.54 10.01
C LEU A 61 5.06 -4.92 11.03
N ASP A 62 5.48 -5.65 12.02
CA ASP A 62 6.41 -5.04 13.00
C ASP A 62 7.79 -5.09 12.40
N GLU A 63 7.96 -4.39 11.32
CA GLU A 63 9.27 -4.36 10.64
C GLU A 63 10.31 -3.83 11.61
N ASP A 64 9.96 -2.84 12.38
CA ASP A 64 10.93 -2.30 13.37
C ASP A 64 11.11 -3.35 14.47
N GLY A 65 10.18 -4.25 14.58
CA GLY A 65 10.28 -5.32 15.62
C GLY A 65 10.19 -4.69 17.02
N ASP A 66 9.48 -3.59 17.16
CA ASP A 66 9.36 -2.92 18.49
C ASP A 66 7.94 -3.08 19.04
N GLY A 67 7.16 -3.96 18.48
CA GLY A 67 5.76 -4.12 18.98
C GLY A 67 4.95 -2.90 18.57
N GLU A 68 5.46 -2.16 17.62
CA GLU A 68 4.80 -0.93 17.12
C GLU A 68 5.21 -0.72 15.66
N CYS A 69 4.30 -0.34 14.80
CA CYS A 69 4.64 -0.11 13.37
C CYS A 69 4.46 1.38 13.06
N ASP A 70 5.33 1.93 12.27
CA ASP A 70 5.23 3.38 11.95
C ASP A 70 4.09 3.58 10.96
N PHE A 71 3.60 4.79 10.86
CA PHE A 71 2.49 5.05 9.91
C PHE A 71 2.85 4.40 8.57
N GLN A 72 4.11 4.43 8.23
CA GLN A 72 4.57 3.80 6.96
C GLN A 72 4.26 2.29 6.97
N GLU A 73 4.61 1.59 8.01
CA GLU A 73 4.35 0.12 8.04
C GLU A 73 2.85 -0.16 7.91
N PHE A 74 2.05 0.63 8.55
CA PHE A 74 0.57 0.45 8.46
C PHE A 74 0.12 0.62 7.00
N MET A 75 0.71 1.56 6.33
CA MET A 75 0.31 1.84 4.92
C MET A 75 0.55 0.63 4.04
N ALA A 76 1.60 -0.09 4.24
CA ALA A 76 1.85 -1.26 3.36
C ALA A 76 0.79 -2.33 3.58
N PHE A 77 0.32 -2.46 4.78
CA PHE A 77 -0.73 -3.50 5.06
C PHE A 77 -1.97 -3.23 4.23
N VAL A 78 -2.28 -2.00 4.02
CA VAL A 78 -3.51 -1.65 3.25
C VAL A 78 -3.34 -2.05 1.78
N SER A 79 -2.15 -1.94 1.27
CA SER A 79 -1.93 -2.28 -0.16
C SER A 79 -2.13 -3.78 -0.40
N MET A 80 -1.68 -4.60 0.50
CA MET A 80 -1.83 -6.07 0.29
C MET A 80 -3.28 -6.53 0.52
N VAL A 81 -3.94 -6.01 1.53
CA VAL A 81 -5.35 -6.45 1.78
C VAL A 81 -6.23 -5.98 0.62
N THR A 82 -5.94 -4.82 0.11
CA THR A 82 -6.75 -4.27 -1.01
C THR A 82 -6.67 -5.22 -2.18
N THR A 83 -5.52 -5.76 -2.42
CA THR A 83 -5.37 -6.70 -3.55
C THR A 83 -6.41 -7.81 -3.36
N ALA A 84 -6.59 -8.24 -2.14
CA ALA A 84 -7.61 -9.28 -1.87
C ALA A 84 -8.96 -8.72 -2.31
N CYS A 85 -9.16 -7.44 -2.12
CA CYS A 85 -10.44 -6.79 -2.51
C CYS A 85 -10.66 -6.97 -4.02
N HIS A 86 -9.61 -6.94 -4.80
CA HIS A 86 -9.80 -7.11 -6.27
C HIS A 86 -10.46 -8.46 -6.52
N GLU A 87 -10.06 -9.45 -5.80
CA GLU A 87 -10.67 -10.79 -5.97
C GLU A 87 -12.14 -10.72 -5.53
N PHE A 88 -12.43 -10.01 -4.47
CA PHE A 88 -13.83 -9.91 -3.96
C PHE A 88 -14.60 -8.81 -4.70
N PHE A 89 -13.93 -7.84 -5.25
CA PHE A 89 -14.64 -6.74 -5.96
C PHE A 89 -15.43 -7.33 -7.13
N GLU A 90 -15.01 -8.47 -7.61
CA GLU A 90 -15.72 -9.10 -8.76
C GLU A 90 -17.21 -9.17 -8.46
N HIS A 91 -17.94 -8.14 -8.78
CA HIS A 91 -19.41 -8.14 -8.52
C HIS A 91 -20.09 -9.05 -9.55
N GLU A 92 -19.42 -9.32 -10.64
CA GLU A 92 -20.00 -10.20 -11.69
N MET B 1 -13.60 9.07 8.12
CA MET B 1 -14.76 8.33 8.69
C MET B 1 -14.96 7.03 7.90
N SER B 2 -14.14 6.05 8.16
CA SER B 2 -14.27 4.75 7.42
C SER B 2 -14.09 5.01 5.92
N GLU B 3 -13.28 5.98 5.59
CA GLU B 3 -13.02 6.31 4.16
C GLU B 3 -12.22 5.16 3.52
N LEU B 4 -11.89 4.18 4.30
CA LEU B 4 -11.07 3.03 3.79
C LEU B 4 -11.78 2.32 2.63
N GLU B 5 -13.09 2.22 2.66
CA GLU B 5 -13.81 1.53 1.53
C GLU B 5 -13.55 2.20 0.19
N LYS B 6 -13.50 3.49 0.16
CA LYS B 6 -13.26 4.19 -1.14
C LYS B 6 -11.79 4.08 -1.53
N ALA B 7 -10.92 4.05 -0.57
CA ALA B 7 -9.46 4.00 -0.88
C ALA B 7 -9.06 2.64 -1.46
N MET B 8 -9.59 1.58 -0.94
CA MET B 8 -9.22 0.23 -1.49
C MET B 8 -9.78 0.07 -2.89
N VAL B 9 -10.97 0.54 -3.09
CA VAL B 9 -11.61 0.41 -4.43
C VAL B 9 -10.89 1.32 -5.42
N ALA B 10 -10.41 2.44 -4.97
CA ALA B 10 -9.71 3.40 -5.89
C ALA B 10 -8.37 2.84 -6.35
N LEU B 11 -7.62 2.19 -5.49
CA LEU B 11 -6.29 1.66 -5.94
C LEU B 11 -6.53 0.67 -7.07
N ILE B 12 -7.55 -0.11 -6.95
CA ILE B 12 -7.87 -1.10 -7.99
C ILE B 12 -8.29 -0.37 -9.28
N ASP B 13 -9.02 0.70 -9.18
CA ASP B 13 -9.47 1.41 -10.42
C ASP B 13 -8.25 1.91 -11.23
N VAL B 14 -7.28 2.50 -10.58
CA VAL B 14 -6.07 3.04 -11.29
C VAL B 14 -5.29 1.90 -11.97
N PHE B 15 -5.16 0.79 -11.31
CA PHE B 15 -4.39 -0.33 -11.93
C PHE B 15 -5.00 -0.65 -13.28
N HIS B 16 -6.29 -0.62 -13.39
CA HIS B 16 -6.93 -0.93 -14.70
C HIS B 16 -6.79 0.25 -15.67
N GLN B 17 -6.57 1.44 -15.19
CA GLN B 17 -6.48 2.60 -16.14
C GLN B 17 -5.36 2.40 -17.15
N TYR B 18 -4.23 1.90 -16.73
CA TYR B 18 -3.08 1.71 -17.71
C TYR B 18 -2.69 0.22 -17.82
N SER B 19 -2.96 -0.57 -16.84
CA SER B 19 -2.57 -2.03 -16.92
C SER B 19 -3.42 -2.70 -18.01
N GLY B 20 -4.66 -2.34 -18.11
CA GLY B 20 -5.54 -2.97 -19.14
C GLY B 20 -5.22 -2.39 -20.52
N ARG B 21 -4.42 -1.37 -20.57
CA ARG B 21 -4.06 -0.75 -21.87
C ARG B 21 -3.38 -1.79 -22.76
N GLU B 22 -2.49 -2.56 -22.20
CA GLU B 22 -1.75 -3.60 -22.99
C GLU B 22 -2.16 -5.00 -22.52
N GLY B 23 -1.88 -6.00 -23.32
CA GLY B 23 -2.25 -7.39 -22.96
C GLY B 23 -1.82 -7.73 -21.53
N ASP B 24 -0.81 -7.07 -21.01
CA ASP B 24 -0.36 -7.39 -19.63
C ASP B 24 -1.39 -6.86 -18.62
N LYS B 25 -2.64 -7.16 -18.81
CA LYS B 25 -3.68 -6.69 -17.85
C LYS B 25 -3.53 -7.44 -16.51
N HIS B 26 -3.25 -8.72 -16.56
CA HIS B 26 -3.12 -9.53 -15.30
C HIS B 26 -1.72 -9.40 -14.69
N LYS B 27 -0.79 -8.83 -15.41
CA LYS B 27 0.61 -8.69 -14.89
C LYS B 27 1.08 -7.27 -15.23
N LEU B 28 2.07 -6.76 -14.53
CA LEU B 28 2.53 -5.35 -14.81
C LEU B 28 4.01 -5.36 -15.17
N LYS B 29 4.36 -5.11 -16.41
CA LYS B 29 5.82 -5.10 -16.78
C LYS B 29 6.36 -3.69 -16.58
N LYS B 30 7.63 -3.58 -16.26
CA LYS B 30 8.25 -2.24 -16.06
C LYS B 30 7.72 -1.24 -17.07
N SER B 31 7.25 -1.71 -18.19
CA SER B 31 6.73 -0.75 -19.22
C SER B 31 5.39 -0.18 -18.77
N GLU B 32 4.51 -1.00 -18.28
CA GLU B 32 3.20 -0.49 -17.81
C GLU B 32 3.42 0.37 -16.55
N LEU B 33 4.31 -0.05 -15.70
CA LEU B 33 4.61 0.73 -14.46
C LEU B 33 5.09 2.12 -14.86
N LYS B 34 5.90 2.19 -15.87
CA LYS B 34 6.42 3.50 -16.35
C LYS B 34 5.24 4.38 -16.77
N GLU B 35 4.26 3.80 -17.41
CA GLU B 35 3.09 4.60 -17.88
C GLU B 35 2.33 5.20 -16.71
N LEU B 36 2.17 4.50 -15.64
CA LEU B 36 1.43 5.10 -14.50
C LEU B 36 2.27 6.24 -13.91
N ILE B 37 3.51 5.97 -13.67
CA ILE B 37 4.39 7.00 -13.06
C ILE B 37 4.68 8.14 -14.04
N ASN B 38 4.96 7.85 -15.28
CA ASN B 38 5.30 8.95 -16.23
C ASN B 38 4.04 9.68 -16.71
N ASN B 39 2.97 8.96 -16.90
CA ASN B 39 1.72 9.59 -17.45
C ASN B 39 0.69 9.94 -16.37
N GLU B 40 0.52 9.13 -15.35
CA GLU B 40 -0.54 9.45 -14.33
C GLU B 40 0.04 10.30 -13.20
N LEU B 41 1.35 10.31 -13.04
CA LEU B 41 1.98 11.14 -11.95
C LEU B 41 2.82 12.27 -12.58
N SER B 42 2.25 13.02 -13.48
CA SER B 42 3.03 14.12 -14.13
C SER B 42 3.27 15.27 -13.15
N HIS B 43 2.23 15.91 -12.66
CA HIS B 43 2.41 17.05 -11.71
C HIS B 43 2.33 16.54 -10.27
N PHE B 44 1.95 15.30 -10.10
CA PHE B 44 1.85 14.73 -8.73
C PHE B 44 3.23 14.76 -8.08
N LEU B 45 4.22 14.29 -8.79
CA LEU B 45 5.61 14.29 -8.24
C LEU B 45 6.61 14.20 -9.38
N GLU B 46 7.87 14.28 -9.07
CA GLU B 46 8.89 14.21 -10.15
C GLU B 46 8.63 12.95 -10.97
N GLU B 47 7.99 13.11 -12.09
CA GLU B 47 7.69 11.94 -12.96
C GLU B 47 9.02 11.36 -13.45
N ILE B 48 8.99 10.15 -13.97
CA ILE B 48 10.26 9.54 -14.45
C ILE B 48 10.62 10.07 -15.83
N LYS B 49 11.88 10.32 -16.07
CA LYS B 49 12.32 10.86 -17.39
C LYS B 49 13.03 9.75 -18.19
N GLU B 50 13.45 8.70 -17.53
CA GLU B 50 14.15 7.58 -18.26
C GLU B 50 13.65 6.23 -17.75
N GLN B 51 13.71 5.23 -18.58
CA GLN B 51 13.27 3.87 -18.15
C GLN B 51 14.31 3.31 -17.17
N GLU B 52 15.52 3.83 -17.20
CA GLU B 52 16.57 3.31 -16.27
C GLU B 52 16.15 3.53 -14.82
N VAL B 53 15.57 4.64 -14.51
CA VAL B 53 15.15 4.87 -13.11
C VAL B 53 14.15 3.80 -12.73
N VAL B 54 13.29 3.46 -13.64
CA VAL B 54 12.29 2.42 -13.36
C VAL B 54 12.99 1.09 -13.10
N ASP B 55 14.05 0.82 -13.82
CA ASP B 55 14.79 -0.46 -13.61
C ASP B 55 15.33 -0.51 -12.18
N LYS B 56 15.81 0.59 -11.71
CA LYS B 56 16.36 0.65 -10.32
C LYS B 56 15.20 0.40 -9.36
N VAL B 57 14.09 0.98 -9.67
CA VAL B 57 12.87 0.80 -8.83
C VAL B 57 12.45 -0.66 -8.91
N MET B 58 12.76 -1.29 -10.00
CA MET B 58 12.39 -2.73 -10.15
C MET B 58 13.24 -3.56 -9.20
N GLU B 59 14.45 -3.15 -8.93
CA GLU B 59 15.26 -3.94 -7.98
C GLU B 59 14.45 -4.02 -6.70
N THR B 60 13.78 -2.95 -6.42
CA THR B 60 12.94 -2.87 -5.20
C THR B 60 11.56 -3.52 -5.40
N LEU B 61 10.86 -3.19 -6.45
CA LEU B 61 9.50 -3.76 -6.66
C LEU B 61 9.56 -5.08 -7.42
N ASP B 62 10.68 -5.38 -8.04
CA ASP B 62 10.73 -6.68 -8.77
C ASP B 62 10.99 -7.77 -7.77
N GLU B 63 10.07 -7.94 -6.88
CA GLU B 63 10.23 -8.97 -5.83
C GLU B 63 10.38 -10.33 -6.51
N ASP B 64 9.63 -10.57 -7.55
CA ASP B 64 9.76 -11.87 -8.26
C ASP B 64 11.11 -11.86 -8.98
N GLY B 65 11.68 -10.71 -9.19
CA GLY B 65 13.01 -10.62 -9.88
C GLY B 65 12.87 -11.09 -11.33
N ASP B 66 11.72 -10.91 -11.92
CA ASP B 66 11.52 -11.36 -13.34
C ASP B 66 11.40 -10.15 -14.28
N GLY B 67 11.76 -8.98 -13.81
CA GLY B 67 11.66 -7.77 -14.68
C GLY B 67 10.18 -7.43 -14.84
N GLU B 68 9.36 -7.96 -13.97
CA GLU B 68 7.90 -7.73 -14.00
C GLU B 68 7.36 -7.86 -12.57
N CYS B 69 6.45 -7.00 -12.17
CA CYS B 69 5.88 -7.08 -10.79
C CYS B 69 4.40 -7.44 -10.90
N ASP B 70 3.91 -8.25 -10.01
CA ASP B 70 2.49 -8.65 -10.08
C ASP B 70 1.63 -7.49 -9.60
N PHE B 71 0.37 -7.49 -9.92
CA PHE B 71 -0.52 -6.40 -9.46
C PHE B 71 -0.26 -6.18 -7.98
N GLN B 72 -0.01 -7.23 -7.25
CA GLN B 72 0.29 -7.12 -5.80
C GLN B 72 1.54 -6.25 -5.56
N GLU B 73 2.61 -6.52 -6.26
CA GLU B 73 3.86 -5.74 -6.05
C GLU B 73 3.61 -4.26 -6.35
N PHE B 74 2.86 -3.98 -7.36
CA PHE B 74 2.56 -2.57 -7.72
C PHE B 74 1.78 -1.92 -6.57
N MET B 75 0.89 -2.65 -5.98
CA MET B 75 0.07 -2.10 -4.88
C MET B 75 0.93 -1.63 -3.71
N ALA B 76 1.96 -2.36 -3.39
CA ALA B 76 2.80 -1.94 -2.25
C ALA B 76 3.51 -0.63 -2.55
N PHE B 77 3.87 -0.40 -3.77
CA PHE B 77 4.58 0.86 -4.13
C PHE B 77 3.69 2.06 -3.83
N VAL B 78 2.43 1.92 -4.02
CA VAL B 78 1.49 3.05 -3.78
C VAL B 78 1.42 3.38 -2.28
N SER B 79 1.51 2.38 -1.46
CA SER B 79 1.42 2.63 0.01
C SER B 79 2.62 3.44 0.49
N MET B 80 3.80 3.16 -0.01
CA MET B 80 4.99 3.92 0.48
C MET B 80 5.03 5.33 -0.12
N VAL B 81 4.70 5.49 -1.37
CA VAL B 81 4.73 6.88 -1.95
C VAL B 81 3.67 7.73 -1.27
N THR B 82 2.55 7.15 -0.98
CA THR B 82 1.45 7.90 -0.33
C THR B 82 1.93 8.46 0.99
N THR B 83 2.69 7.69 1.71
CA THR B 83 3.21 8.18 3.00
C THR B 83 3.95 9.48 2.74
N ALA B 84 4.68 9.54 1.65
CA ALA B 84 5.39 10.81 1.30
C ALA B 84 4.33 11.89 1.15
N CYS B 85 3.18 11.53 0.62
CA CYS B 85 2.09 12.51 0.42
C CYS B 85 1.68 13.12 1.77
N HIS B 86 1.73 12.35 2.83
CA HIS B 86 1.35 12.90 4.15
C HIS B 86 2.26 14.07 4.47
N GLU B 87 3.51 13.94 4.16
CA GLU B 87 4.46 15.04 4.42
C GLU B 87 4.10 16.23 3.52
N PHE B 88 3.72 15.96 2.30
CA PHE B 88 3.37 17.08 1.35
C PHE B 88 1.90 17.51 1.54
N PHE B 89 1.07 16.65 2.04
CA PHE B 89 -0.36 17.02 2.22
C PHE B 89 -0.45 18.21 3.18
N GLU B 90 0.54 18.38 4.02
CA GLU B 90 0.51 19.51 4.98
C GLU B 90 0.21 20.81 4.23
N HIS B 91 -1.04 21.13 4.06
CA HIS B 91 -1.41 22.39 3.35
C HIS B 91 -1.13 23.58 4.28
N GLU B 92 -1.05 23.32 5.55
CA GLU B 92 -0.78 24.43 6.52
N SER C 1 -29.04 -31.97 19.76
CA SER C 1 -27.85 -31.91 18.87
C SER C 1 -26.56 -32.02 19.70
N HIS C 2 -25.45 -32.25 19.06
CA HIS C 2 -24.16 -32.38 19.81
C HIS C 2 -23.62 -30.99 20.11
N LEU C 3 -23.05 -30.80 21.26
CA LEU C 3 -22.49 -29.47 21.62
C LEU C 3 -21.05 -29.37 21.12
N LYS C 4 -20.53 -30.43 20.56
CA LYS C 4 -19.14 -30.39 20.03
C LYS C 4 -18.19 -29.89 21.13
N SER C 5 -17.75 -30.77 21.99
CA SER C 5 -16.82 -30.33 23.08
C SER C 5 -15.55 -29.74 22.47
N LYS C 6 -15.05 -30.35 21.42
CA LYS C 6 -13.81 -29.83 20.75
C LYS C 6 -14.12 -29.41 19.32
N LYS C 7 -13.59 -28.30 18.88
CA LYS C 7 -13.84 -27.85 17.49
C LYS C 7 -12.68 -26.95 17.04
N GLY C 8 -12.56 -26.71 15.76
CA GLY C 8 -11.45 -25.85 15.27
C GLY C 8 -11.62 -24.43 15.82
N GLN C 9 -10.59 -23.63 15.77
CA GLN C 9 -10.68 -22.24 16.30
C GLN C 9 -10.91 -21.26 15.14
N SER C 10 -11.78 -20.30 15.32
CA SER C 10 -12.07 -19.31 14.24
C SER C 10 -10.76 -18.62 13.85
N THR C 11 -9.83 -18.56 14.76
CA THR C 11 -8.53 -17.91 14.46
C THR C 11 -7.98 -18.45 13.14
N SER C 12 -8.35 -19.66 12.79
CA SER C 12 -7.87 -20.25 11.51
C SER C 12 -8.23 -19.28 10.38
N ARG C 13 -9.25 -18.50 10.58
CA ARG C 13 -9.67 -17.53 9.52
C ARG C 13 -8.52 -16.57 9.23
N HIS C 14 -7.81 -16.14 10.24
CA HIS C 14 -6.68 -15.21 9.97
C HIS C 14 -5.71 -15.87 9.00
N LYS C 15 -5.60 -17.17 9.05
CA LYS C 15 -4.69 -17.87 8.11
C LYS C 15 -5.15 -17.57 6.69
N LYS C 16 -6.42 -17.42 6.50
CA LYS C 16 -6.92 -17.13 5.13
C LYS C 16 -6.26 -15.84 4.65
N LEU C 17 -6.14 -14.87 5.51
CA LEU C 17 -5.50 -13.59 5.11
C LEU C 17 -3.99 -13.81 4.85
N MET C 18 -3.40 -14.78 5.47
CA MET C 18 -1.95 -15.03 5.24
C MET C 18 -1.71 -15.38 3.76
N PHE C 19 -2.69 -15.89 3.08
CA PHE C 19 -2.48 -16.24 1.64
C PHE C 19 -1.84 -15.05 0.92
N LYS C 20 -2.15 -13.85 1.35
CA LYS C 20 -1.55 -12.65 0.71
C LYS C 20 -0.13 -12.43 1.24
N THR C 21 0.14 -12.81 2.46
CA THR C 21 1.52 -12.62 3.01
C THR C 21 2.49 -13.40 2.14
N GLU C 22 2.07 -14.52 1.62
CA GLU C 22 2.96 -15.36 0.75
N SER D 1 27.61 33.59 -19.72
CA SER D 1 27.58 32.66 -18.54
C SER D 1 28.27 31.35 -18.90
N HIS D 2 28.57 30.55 -17.92
CA HIS D 2 29.25 29.25 -18.17
C HIS D 2 28.22 28.21 -18.61
N LEU D 3 28.58 27.38 -19.55
CA LEU D 3 27.62 26.34 -20.04
C LEU D 3 27.75 25.09 -19.16
N LYS D 4 28.67 25.09 -18.24
CA LYS D 4 28.82 23.92 -17.34
C LYS D 4 28.97 22.65 -18.17
N SER D 5 30.16 22.35 -18.63
CA SER D 5 30.34 21.12 -19.46
C SER D 5 29.95 19.89 -18.65
N LYS D 6 30.29 19.86 -17.37
CA LYS D 6 29.92 18.68 -16.51
C LYS D 6 29.00 19.14 -15.39
N LYS D 7 27.99 18.37 -15.09
CA LYS D 7 27.05 18.74 -14.00
C LYS D 7 26.40 17.47 -13.45
N GLY D 8 25.79 17.55 -12.30
CA GLY D 8 25.15 16.34 -11.72
C GLY D 8 23.98 15.91 -12.62
N GLN D 9 23.51 14.70 -12.47
CA GLN D 9 22.37 14.22 -13.32
C GLN D 9 21.06 14.35 -12.55
N SER D 10 20.02 14.79 -13.21
CA SER D 10 18.69 14.93 -12.53
C SER D 10 18.27 13.59 -11.96
N THR D 11 18.77 12.52 -12.52
CA THR D 11 18.41 11.17 -12.01
C THR D 11 18.62 11.15 -10.49
N SER D 12 19.50 11.96 -9.98
CA SER D 12 19.74 11.99 -8.51
C SER D 12 18.40 12.24 -7.82
N ARG D 13 17.49 12.86 -8.50
CA ARG D 13 16.16 13.15 -7.90
C ARG D 13 15.49 11.83 -7.50
N HIS D 14 15.61 10.82 -8.32
CA HIS D 14 14.96 9.53 -7.97
C HIS D 14 15.51 9.07 -6.63
N LYS D 15 16.74 9.40 -6.31
CA LYS D 15 17.31 9.00 -5.00
C LYS D 15 16.45 9.62 -3.89
N LYS D 16 15.92 10.78 -4.15
CA LYS D 16 15.08 11.43 -3.10
C LYS D 16 13.91 10.49 -2.77
N LEU D 17 13.34 9.86 -3.77
CA LEU D 17 12.20 8.92 -3.51
C LEU D 17 12.72 7.68 -2.76
N MET D 18 13.97 7.34 -2.92
CA MET D 18 14.49 6.14 -2.21
C MET D 18 14.40 6.35 -0.69
N PHE D 19 14.39 7.58 -0.22
CA PHE D 19 14.30 7.80 1.25
C PHE D 19 13.15 6.96 1.82
N LYS D 20 12.12 6.76 1.04
CA LYS D 20 10.97 5.93 1.52
C LYS D 20 11.32 4.44 1.41
N THR D 21 12.12 4.07 0.45
CA THR D 21 12.47 2.62 0.32
C THR D 21 13.16 2.18 1.62
N GLU D 22 13.91 3.06 2.23
CA GLU D 22 14.60 2.70 3.49
CA CA E . -1.83 6.52 16.01
CA CA F . 7.70 -1.44 13.69
CA CA G . -1.12 -4.44 -16.73
CA CA H . 8.06 -9.35 -9.92
N MET A 1 -10.38 6.70 -12.58
CA MET A 1 -9.82 7.41 -13.76
C MET A 1 -8.81 8.47 -13.28
N SER A 2 -7.58 8.07 -13.07
CA SER A 2 -6.54 9.04 -12.60
C SER A 2 -6.96 9.68 -11.29
N GLU A 3 -7.90 9.09 -10.61
CA GLU A 3 -8.34 9.65 -9.29
C GLU A 3 -7.29 9.31 -8.25
N LEU A 4 -6.25 8.66 -8.67
CA LEU A 4 -5.17 8.24 -7.72
C LEU A 4 -4.85 9.36 -6.74
N GLU A 5 -5.03 10.59 -7.13
CA GLU A 5 -4.73 11.70 -6.17
C GLU A 5 -5.76 11.66 -5.04
N LYS A 6 -6.98 11.40 -5.39
CA LYS A 6 -8.06 11.33 -4.38
C LYS A 6 -7.88 10.09 -3.50
N ALA A 7 -7.48 8.99 -4.07
CA ALA A 7 -7.34 7.74 -3.27
C ALA A 7 -6.19 7.87 -2.26
N MET A 8 -5.11 8.46 -2.65
CA MET A 8 -3.97 8.59 -1.70
C MET A 8 -4.35 9.50 -0.54
N VAL A 9 -5.05 10.54 -0.84
CA VAL A 9 -5.48 11.49 0.23
C VAL A 9 -6.45 10.79 1.18
N ALA A 10 -7.32 9.97 0.65
CA ALA A 10 -8.34 9.28 1.51
C ALA A 10 -7.68 8.27 2.45
N LEU A 11 -6.71 7.54 1.99
CA LEU A 11 -6.08 6.53 2.90
C LEU A 11 -5.51 7.27 4.10
N ILE A 12 -4.93 8.40 3.86
CA ILE A 12 -4.34 9.20 4.95
C ILE A 12 -5.45 9.71 5.89
N ASP A 13 -6.58 10.13 5.37
CA ASP A 13 -7.65 10.65 6.27
C ASP A 13 -8.11 9.58 7.27
N VAL A 14 -8.36 8.39 6.82
CA VAL A 14 -8.81 7.31 7.76
C VAL A 14 -7.72 7.04 8.80
N PHE A 15 -6.48 7.03 8.38
CA PHE A 15 -5.37 6.78 9.34
C PHE A 15 -5.41 7.85 10.43
N HIS A 16 -5.73 9.07 10.08
CA HIS A 16 -5.75 10.15 11.10
C HIS A 16 -6.88 9.93 12.12
N GLN A 17 -8.00 9.37 11.72
CA GLN A 17 -9.11 9.18 12.71
C GLN A 17 -8.65 8.29 13.87
N TYR A 18 -7.90 7.26 13.59
CA TYR A 18 -7.45 6.33 14.70
C TYR A 18 -6.07 6.70 15.23
N SER A 19 -5.27 7.37 14.47
CA SER A 19 -3.92 7.74 14.97
C SER A 19 -4.07 8.57 16.24
N GLY A 20 -5.04 9.46 16.25
CA GLY A 20 -5.26 10.32 17.45
C GLY A 20 -6.16 9.58 18.47
N ARG A 21 -6.37 8.30 18.29
CA ARG A 21 -7.26 7.57 19.24
C ARG A 21 -6.73 7.65 20.67
N GLU A 22 -5.45 7.38 20.86
CA GLU A 22 -4.87 7.44 22.24
C GLU A 22 -3.94 8.66 22.37
N GLY A 23 -3.42 9.14 21.27
CA GLY A 23 -2.51 10.32 21.32
C GLY A 23 -1.30 10.08 20.43
N ASP A 24 -1.03 8.85 20.05
CA ASP A 24 0.14 8.59 19.18
C ASP A 24 -0.26 8.91 17.74
N LYS A 25 -0.34 10.16 17.41
CA LYS A 25 -0.73 10.55 16.03
C LYS A 25 0.33 10.05 15.04
N HIS A 26 1.57 10.16 15.39
CA HIS A 26 2.66 9.71 14.47
C HIS A 26 2.86 8.20 14.53
N LYS A 27 2.35 7.53 15.54
CA LYS A 27 2.55 6.04 15.64
C LYS A 27 1.24 5.34 16.02
N LEU A 28 1.10 4.11 15.57
CA LEU A 28 -0.13 3.30 15.88
C LEU A 28 0.28 2.12 16.77
N LYS A 29 -0.42 1.91 17.85
CA LYS A 29 -0.07 0.78 18.75
C LYS A 29 -0.99 -0.41 18.42
N LYS A 30 -0.54 -1.62 18.63
CA LYS A 30 -1.41 -2.79 18.33
C LYS A 30 -2.77 -2.54 18.94
N SER A 31 -2.80 -1.69 19.93
CA SER A 31 -4.10 -1.35 20.59
C SER A 31 -4.87 -0.39 19.69
N GLU A 32 -4.23 0.66 19.25
CA GLU A 32 -4.89 1.62 18.35
C GLU A 32 -5.27 0.87 17.07
N LEU A 33 -4.44 -0.04 16.67
CA LEU A 33 -4.70 -0.84 15.45
C LEU A 33 -6.00 -1.61 15.63
N LYS A 34 -6.27 -2.10 16.81
CA LYS A 34 -7.53 -2.87 17.04
C LYS A 34 -8.74 -1.98 16.74
N GLU A 35 -8.68 -0.73 17.10
CA GLU A 35 -9.83 0.17 16.85
C GLU A 35 -9.97 0.45 15.34
N LEU A 36 -8.88 0.64 14.65
CA LEU A 36 -8.98 0.91 13.19
C LEU A 36 -9.64 -0.31 12.52
N ILE A 37 -9.15 -1.47 12.83
CA ILE A 37 -9.67 -2.71 12.19
C ILE A 37 -11.04 -3.12 12.76
N ASN A 38 -11.22 -3.08 14.05
CA ASN A 38 -12.51 -3.57 14.62
C ASN A 38 -13.66 -2.57 14.51
N ASN A 39 -13.38 -1.31 14.52
CA ASN A 39 -14.47 -0.26 14.48
C ASN A 39 -14.67 0.34 13.08
N GLU A 40 -13.63 0.59 12.36
CA GLU A 40 -13.81 1.23 11.02
C GLU A 40 -14.27 0.19 10.00
N LEU A 41 -14.19 -1.07 10.34
CA LEU A 41 -14.63 -2.13 9.39
C LEU A 41 -16.01 -2.63 9.82
N SER A 42 -16.96 -1.73 10.01
CA SER A 42 -18.32 -2.15 10.45
C SER A 42 -18.76 -3.41 9.69
N HIS A 43 -18.76 -3.36 8.37
CA HIS A 43 -19.17 -4.58 7.59
C HIS A 43 -18.31 -4.69 6.32
N PHE A 44 -17.39 -3.78 6.13
CA PHE A 44 -16.54 -3.84 4.91
C PHE A 44 -15.58 -5.04 5.00
N LEU A 45 -15.06 -5.33 6.17
CA LEU A 45 -14.14 -6.49 6.34
C LEU A 45 -14.51 -7.20 7.63
N GLU A 46 -14.21 -8.46 7.74
CA GLU A 46 -14.56 -9.17 9.00
C GLU A 46 -13.83 -8.50 10.16
N GLU A 47 -14.56 -7.92 11.07
CA GLU A 47 -13.91 -7.27 12.24
C GLU A 47 -13.12 -8.30 13.04
N ILE A 48 -12.27 -7.84 13.90
CA ILE A 48 -11.45 -8.76 14.73
C ILE A 48 -12.26 -9.11 15.98
N LYS A 49 -12.22 -10.35 16.39
CA LYS A 49 -12.99 -10.79 17.59
C LYS A 49 -12.04 -11.03 18.76
N GLU A 50 -10.78 -11.29 18.48
CA GLU A 50 -9.79 -11.55 19.57
C GLU A 50 -8.54 -10.69 19.38
N GLN A 51 -7.92 -10.29 20.45
CA GLN A 51 -6.68 -9.47 20.36
C GLN A 51 -5.56 -10.34 19.80
N GLU A 52 -5.69 -11.64 19.92
CA GLU A 52 -4.62 -12.55 19.43
C GLU A 52 -4.42 -12.36 17.92
N VAL A 53 -5.49 -12.18 17.19
CA VAL A 53 -5.33 -11.99 15.73
C VAL A 53 -4.49 -10.75 15.49
N VAL A 54 -4.71 -9.75 16.26
CA VAL A 54 -3.93 -8.49 16.09
C VAL A 54 -2.47 -8.72 16.45
N ASP A 55 -2.20 -9.57 17.40
CA ASP A 55 -0.78 -9.84 17.79
C ASP A 55 -0.07 -10.53 16.63
N LYS A 56 -0.76 -11.41 15.96
CA LYS A 56 -0.14 -12.14 14.82
C LYS A 56 0.06 -11.16 13.67
N VAL A 57 -0.89 -10.28 13.48
CA VAL A 57 -0.78 -9.25 12.41
C VAL A 57 0.39 -8.34 12.79
N MET A 58 0.61 -8.20 14.06
CA MET A 58 1.72 -7.34 14.52
C MET A 58 3.03 -8.01 14.11
N GLU A 59 3.07 -9.30 14.05
CA GLU A 59 4.34 -9.95 13.62
C GLU A 59 4.65 -9.42 12.22
N THR A 60 3.65 -9.28 11.40
CA THR A 60 3.86 -8.75 10.03
C THR A 60 3.93 -7.22 10.02
N LEU A 61 3.10 -6.56 10.81
CA LEU A 61 3.11 -5.06 10.82
C LEU A 61 4.12 -4.53 11.84
N ASP A 62 4.51 -5.32 12.80
CA ASP A 62 5.50 -4.81 13.79
C ASP A 62 6.89 -4.94 13.18
N GLU A 63 7.08 -4.26 12.09
CA GLU A 63 8.39 -4.33 11.40
C GLU A 63 9.49 -3.83 12.34
N ASP A 64 9.22 -2.80 13.09
CA ASP A 64 10.25 -2.27 14.02
C ASP A 64 10.32 -3.20 15.22
N GLY A 65 9.38 -4.10 15.35
CA GLY A 65 9.38 -5.04 16.50
C GLY A 65 9.16 -4.27 17.81
N ASP A 66 8.42 -3.19 17.76
CA ASP A 66 8.17 -2.40 19.01
C ASP A 66 6.74 -2.63 19.48
N GLY A 67 6.02 -3.48 18.82
CA GLY A 67 4.61 -3.74 19.22
C GLY A 67 3.75 -2.59 18.70
N GLU A 68 4.35 -1.71 17.94
CA GLU A 68 3.61 -0.54 17.38
C GLU A 68 4.02 -0.33 15.92
N CYS A 69 3.07 -0.22 15.02
CA CYS A 69 3.42 0.00 13.58
C CYS A 69 3.33 1.51 13.29
N ASP A 70 4.37 2.07 12.76
CA ASP A 70 4.38 3.54 12.49
C ASP A 70 3.57 3.88 11.24
N PHE A 71 3.34 5.15 11.03
CA PHE A 71 2.57 5.60 9.84
C PHE A 71 2.98 4.79 8.62
N GLN A 72 4.25 4.56 8.47
CA GLN A 72 4.74 3.78 7.30
C GLN A 72 4.25 2.33 7.39
N GLU A 73 4.46 1.70 8.51
CA GLU A 73 4.05 0.27 8.65
C GLU A 73 2.54 0.10 8.45
N PHE A 74 1.75 0.98 8.99
CA PHE A 74 0.29 0.86 8.80
C PHE A 74 -0.05 1.08 7.32
N MET A 75 0.65 1.98 6.69
CA MET A 75 0.37 2.30 5.27
C MET A 75 0.54 1.07 4.38
N ALA A 76 1.53 0.27 4.64
CA ALA A 76 1.77 -0.91 3.77
C ALA A 76 0.68 -1.96 3.96
N PHE A 77 0.13 -2.08 5.13
CA PHE A 77 -0.93 -3.10 5.35
C PHE A 77 -2.16 -2.74 4.54
N VAL A 78 -2.46 -1.49 4.42
CA VAL A 78 -3.67 -1.08 3.66
C VAL A 78 -3.54 -1.51 2.20
N SER A 79 -2.36 -1.40 1.64
CA SER A 79 -2.20 -1.80 0.20
C SER A 79 -2.41 -3.31 0.07
N MET A 80 -1.91 -4.06 1.00
CA MET A 80 -2.06 -5.53 0.93
C MET A 80 -3.52 -5.96 1.03
N VAL A 81 -4.28 -5.32 1.89
CA VAL A 81 -5.72 -5.70 2.02
C VAL A 81 -6.47 -5.28 0.76
N THR A 82 -6.07 -4.20 0.17
CA THR A 82 -6.74 -3.72 -1.07
C THR A 82 -6.61 -4.81 -2.10
N THR A 83 -5.46 -5.42 -2.14
CA THR A 83 -5.21 -6.51 -3.11
C THR A 83 -6.32 -7.55 -2.94
N ALA A 84 -6.70 -7.83 -1.72
CA ALA A 84 -7.80 -8.80 -1.50
C ALA A 84 -9.06 -8.27 -2.18
N CYS A 85 -9.30 -7.00 -2.09
CA CYS A 85 -10.52 -6.42 -2.74
C CYS A 85 -10.46 -6.69 -4.24
N HIS A 86 -9.29 -6.75 -4.81
CA HIS A 86 -9.20 -7.01 -6.29
C HIS A 86 -9.84 -8.35 -6.61
N GLU A 87 -9.48 -9.40 -5.91
CA GLU A 87 -10.11 -10.72 -6.22
C GLU A 87 -11.62 -10.62 -5.97
N PHE A 88 -12.01 -9.86 -5.00
CA PHE A 88 -13.47 -9.70 -4.69
C PHE A 88 -14.09 -8.68 -5.66
N PHE A 89 -13.28 -7.85 -6.25
CA PHE A 89 -13.82 -6.83 -7.19
C PHE A 89 -14.04 -7.48 -8.56
N GLU A 90 -13.60 -8.70 -8.72
CA GLU A 90 -13.80 -9.38 -10.03
C GLU A 90 -15.23 -9.87 -10.14
N HIS A 91 -16.07 -9.09 -10.77
CA HIS A 91 -17.50 -9.47 -10.93
C HIS A 91 -17.63 -10.45 -12.09
N GLU A 92 -16.58 -10.67 -12.82
CA GLU A 92 -16.64 -11.59 -13.99
N MET B 1 -13.40 9.41 6.42
CA MET B 1 -14.27 8.89 7.52
C MET B 1 -14.72 7.47 7.19
N SER B 2 -13.91 6.49 7.50
CA SER B 2 -14.30 5.07 7.21
C SER B 2 -14.56 4.90 5.71
N GLU B 3 -14.10 5.81 4.91
CA GLU B 3 -14.28 5.69 3.43
C GLU B 3 -13.30 4.66 2.90
N LEU B 4 -12.54 4.08 3.79
CA LEU B 4 -11.52 3.08 3.38
C LEU B 4 -12.09 2.12 2.33
N GLU B 5 -13.37 1.88 2.34
CA GLU B 5 -13.95 0.96 1.31
C GLU B 5 -13.85 1.63 -0.06
N LYS B 6 -14.10 2.90 -0.08
CA LYS B 6 -14.04 3.66 -1.36
C LYS B 6 -12.58 3.79 -1.83
N ALA B 7 -11.68 4.01 -0.92
CA ALA B 7 -10.25 4.18 -1.31
C ALA B 7 -9.66 2.89 -1.87
N MET B 8 -9.99 1.78 -1.29
CA MET B 8 -9.43 0.50 -1.80
C MET B 8 -9.97 0.22 -3.20
N VAL B 9 -11.21 0.50 -3.40
CA VAL B 9 -11.83 0.26 -4.74
C VAL B 9 -11.19 1.19 -5.77
N ALA B 10 -10.91 2.40 -5.39
CA ALA B 10 -10.32 3.39 -6.36
C ALA B 10 -8.90 2.99 -6.77
N LEU B 11 -8.09 2.52 -5.86
CA LEU B 11 -6.70 2.16 -6.24
C LEU B 11 -6.78 1.08 -7.33
N ILE B 12 -7.69 0.18 -7.16
CA ILE B 12 -7.86 -0.91 -8.15
C ILE B 12 -8.33 -0.34 -9.50
N ASP B 13 -9.23 0.61 -9.49
CA ASP B 13 -9.73 1.15 -10.79
C ASP B 13 -8.58 1.76 -11.61
N VAL B 14 -7.74 2.57 -11.02
CA VAL B 14 -6.62 3.18 -11.78
C VAL B 14 -5.68 2.08 -12.30
N PHE B 15 -5.43 1.08 -11.50
CA PHE B 15 -4.54 -0.03 -11.95
C PHE B 15 -5.14 -0.67 -13.20
N HIS B 16 -6.43 -0.79 -13.28
CA HIS B 16 -7.06 -1.43 -14.46
C HIS B 16 -6.87 -0.56 -15.72
N GLN B 17 -6.86 0.74 -15.60
CA GLN B 17 -6.70 1.58 -16.83
C GLN B 17 -5.37 1.27 -17.53
N TYR B 18 -4.31 1.06 -16.80
CA TYR B 18 -2.98 0.79 -17.44
C TYR B 18 -2.69 -0.71 -17.56
N SER B 19 -3.31 -1.51 -16.75
CA SER B 19 -3.04 -2.97 -16.83
C SER B 19 -3.40 -3.46 -18.24
N GLY B 20 -4.49 -2.95 -18.77
CA GLY B 20 -4.92 -3.36 -20.14
C GLY B 20 -4.20 -2.50 -21.20
N ARG B 21 -3.19 -1.77 -20.82
CA ARG B 21 -2.50 -0.89 -21.80
C ARG B 21 -1.91 -1.72 -22.96
N GLU B 22 -1.22 -2.80 -22.66
CA GLU B 22 -0.63 -3.66 -23.73
C GLU B 22 -1.38 -4.98 -23.82
N GLY B 23 -2.01 -5.39 -22.75
CA GLY B 23 -2.77 -6.68 -22.76
C GLY B 23 -2.48 -7.47 -21.49
N ASP B 24 -1.43 -7.13 -20.77
CA ASP B 24 -1.12 -7.88 -19.52
C ASP B 24 -2.02 -7.32 -18.41
N LYS B 25 -3.27 -7.67 -18.43
CA LYS B 25 -4.20 -7.16 -17.38
C LYS B 25 -3.77 -7.68 -16.01
N HIS B 26 -3.35 -8.91 -15.94
CA HIS B 26 -2.94 -9.49 -14.63
C HIS B 26 -1.49 -9.09 -14.27
N LYS B 27 -0.72 -8.60 -15.22
CA LYS B 27 0.70 -8.21 -14.89
C LYS B 27 1.05 -6.86 -15.51
N LEU B 28 1.93 -6.14 -14.87
CA LEU B 28 2.38 -4.80 -15.38
C LEU B 28 3.85 -4.90 -15.79
N LYS B 29 4.19 -4.44 -16.96
CA LYS B 29 5.61 -4.49 -17.40
C LYS B 29 6.26 -3.14 -17.13
N LYS B 30 7.55 -3.10 -16.91
CA LYS B 30 8.22 -1.79 -16.65
C LYS B 30 7.77 -0.82 -17.73
N SER B 31 7.35 -1.35 -18.83
CA SER B 31 6.87 -0.48 -19.95
C SER B 31 5.47 0.03 -19.60
N GLU B 32 4.59 -0.87 -19.22
CA GLU B 32 3.22 -0.45 -18.84
C GLU B 32 3.35 0.48 -17.63
N LEU B 33 4.28 0.18 -16.77
CA LEU B 33 4.50 1.02 -15.56
C LEU B 33 4.85 2.44 -15.99
N LYS B 34 5.60 2.60 -17.04
CA LYS B 34 5.98 3.97 -17.50
C LYS B 34 4.70 4.76 -17.83
N GLU B 35 3.74 4.14 -18.43
CA GLU B 35 2.49 4.86 -18.80
C GLU B 35 1.69 5.21 -17.53
N LEU B 36 1.62 4.32 -16.58
CA LEU B 36 0.86 4.64 -15.33
C LEU B 36 1.51 5.85 -14.66
N ILE B 37 2.80 5.81 -14.51
CA ILE B 37 3.53 6.92 -13.83
C ILE B 37 3.66 8.16 -14.70
N ASN B 38 3.99 8.02 -15.95
CA ASN B 38 4.23 9.23 -16.80
C ASN B 38 2.93 9.89 -17.30
N ASN B 39 1.91 9.13 -17.50
CA ASN B 39 0.63 9.71 -18.07
C ASN B 39 -0.44 9.94 -17.01
N GLU B 40 -0.58 9.08 -16.04
CA GLU B 40 -1.66 9.30 -15.04
C GLU B 40 -1.23 10.34 -14.01
N LEU B 41 0.04 10.69 -14.01
CA LEU B 41 0.53 11.72 -13.05
C LEU B 41 0.67 13.06 -13.79
N SER B 42 -0.34 13.50 -14.48
CA SER B 42 -0.24 14.79 -15.24
C SER B 42 0.48 15.84 -14.40
N HIS B 43 0.00 16.13 -13.21
CA HIS B 43 0.69 17.14 -12.34
C HIS B 43 0.63 16.71 -10.88
N PHE B 44 0.04 15.58 -10.61
CA PHE B 44 -0.05 15.12 -9.20
C PHE B 44 1.34 14.73 -8.68
N LEU B 45 2.15 14.11 -9.51
CA LEU B 45 3.53 13.71 -9.08
C LEU B 45 4.48 14.03 -10.24
N GLU B 46 5.73 14.24 -9.95
CA GLU B 46 6.67 14.54 -11.05
C GLU B 46 6.70 13.36 -12.02
N GLU B 47 6.26 13.57 -13.23
CA GLU B 47 6.27 12.47 -14.23
C GLU B 47 7.70 12.00 -14.46
N ILE B 48 7.85 10.87 -15.08
CA ILE B 48 9.20 10.33 -15.35
C ILE B 48 9.69 10.90 -16.68
N LYS B 49 10.94 11.26 -16.74
CA LYS B 49 11.50 11.85 -18.01
C LYS B 49 12.40 10.83 -18.70
N GLU B 50 12.93 9.88 -17.96
CA GLU B 50 13.83 8.86 -18.58
C GLU B 50 13.38 7.44 -18.18
N GLN B 51 13.58 6.49 -19.04
CA GLN B 51 13.21 5.08 -18.73
C GLN B 51 14.15 4.56 -17.65
N GLU B 52 15.31 5.16 -17.51
CA GLU B 52 16.28 4.68 -16.48
C GLU B 52 15.66 4.77 -15.08
N VAL B 53 14.93 5.81 -14.81
CA VAL B 53 14.31 5.93 -13.46
C VAL B 53 13.39 4.74 -13.25
N VAL B 54 12.69 4.36 -14.26
CA VAL B 54 11.75 3.22 -14.14
C VAL B 54 12.54 1.93 -13.92
N ASP B 55 13.69 1.81 -14.51
CA ASP B 55 14.50 0.57 -14.33
C ASP B 55 14.95 0.47 -12.87
N LYS B 56 15.29 1.57 -12.29
CA LYS B 56 15.75 1.57 -10.87
C LYS B 56 14.54 1.26 -9.97
N VAL B 57 13.42 1.80 -10.32
CA VAL B 57 12.18 1.54 -9.55
C VAL B 57 11.85 0.07 -9.70
N MET B 58 12.21 -0.48 -10.82
CA MET B 58 11.96 -1.92 -11.07
C MET B 58 12.82 -2.73 -10.10
N GLU B 59 13.96 -2.23 -9.74
CA GLU B 59 14.79 -3.01 -8.78
C GLU B 59 13.94 -3.19 -7.52
N THR B 60 13.23 -2.15 -7.13
CA THR B 60 12.36 -2.24 -5.93
C THR B 60 11.02 -2.92 -6.26
N LEU B 61 10.45 -2.62 -7.40
CA LEU B 61 9.11 -3.22 -7.75
C LEU B 61 9.30 -4.56 -8.47
N ASP B 62 10.44 -4.81 -9.03
CA ASP B 62 10.63 -6.12 -9.73
C ASP B 62 10.96 -7.16 -8.69
N GLU B 63 10.07 -7.36 -7.76
CA GLU B 63 10.31 -8.34 -6.68
C GLU B 63 10.51 -9.73 -7.29
N ASP B 64 9.76 -10.07 -8.29
CA ASP B 64 9.93 -11.40 -8.93
C ASP B 64 11.19 -11.37 -9.79
N GLY B 65 11.73 -10.20 -10.02
CA GLY B 65 12.96 -10.10 -10.85
C GLY B 65 12.65 -10.50 -12.30
N ASP B 66 11.44 -10.25 -12.75
CA ASP B 66 11.07 -10.63 -14.16
C ASP B 66 11.00 -9.37 -15.01
N GLY B 67 11.31 -8.24 -14.45
CA GLY B 67 11.24 -6.98 -15.23
C GLY B 67 9.78 -6.55 -15.31
N GLU B 68 8.92 -7.25 -14.60
CA GLU B 68 7.47 -6.93 -14.62
C GLU B 68 6.92 -7.05 -13.19
N CYS B 69 6.22 -6.04 -12.72
CA CYS B 69 5.64 -6.12 -11.34
C CYS B 69 4.18 -6.57 -11.46
N ASP B 70 3.82 -7.60 -10.75
CA ASP B 70 2.44 -8.14 -10.83
C ASP B 70 1.46 -7.27 -10.04
N PHE B 71 0.17 -7.52 -10.21
CA PHE B 71 -0.87 -6.74 -9.49
C PHE B 71 -0.42 -6.51 -8.05
N GLN B 72 0.12 -7.52 -7.43
CA GLN B 72 0.58 -7.38 -6.02
C GLN B 72 1.75 -6.39 -5.93
N GLU B 73 2.75 -6.57 -6.74
CA GLU B 73 3.94 -5.67 -6.68
C GLU B 73 3.55 -4.22 -6.96
N PHE B 74 2.71 -4.00 -7.91
CA PHE B 74 2.30 -2.60 -8.20
C PHE B 74 1.50 -2.05 -7.02
N MET B 75 0.71 -2.88 -6.42
CA MET B 75 -0.15 -2.44 -5.28
C MET B 75 0.70 -1.92 -4.13
N ALA B 76 1.81 -2.54 -3.86
CA ALA B 76 2.64 -2.09 -2.72
C ALA B 76 3.29 -0.74 -3.00
N PHE B 77 3.62 -0.47 -4.23
CA PHE B 77 4.28 0.84 -4.55
C PHE B 77 3.31 1.98 -4.30
N VAL B 78 2.06 1.77 -4.59
CA VAL B 78 1.06 2.85 -4.38
C VAL B 78 0.99 3.23 -2.91
N SER B 79 1.07 2.27 -2.02
CA SER B 79 0.99 2.61 -0.58
C SER B 79 2.22 3.42 -0.17
N MET B 80 3.36 3.06 -0.68
CA MET B 80 4.60 3.79 -0.33
C MET B 80 4.55 5.25 -0.82
N VAL B 81 4.05 5.48 -1.99
CA VAL B 81 3.98 6.89 -2.51
C VAL B 81 2.95 7.67 -1.71
N THR B 82 1.91 7.01 -1.28
CA THR B 82 0.87 7.71 -0.50
C THR B 82 1.53 8.25 0.76
N THR B 83 2.41 7.48 1.31
CA THR B 83 3.13 7.90 2.53
C THR B 83 3.77 9.26 2.24
N ALA B 84 4.31 9.44 1.08
CA ALA B 84 4.91 10.76 0.72
C ALA B 84 3.81 11.83 0.80
N CYS B 85 2.63 11.51 0.35
CA CYS B 85 1.54 12.50 0.40
C CYS B 85 1.28 12.90 1.85
N HIS B 86 1.50 12.01 2.79
CA HIS B 86 1.27 12.37 4.21
C HIS B 86 2.16 13.55 4.61
N GLU B 87 3.43 13.49 4.32
CA GLU B 87 4.31 14.63 4.70
C GLU B 87 3.83 15.88 3.96
N PHE B 88 3.36 15.71 2.76
CA PHE B 88 2.88 16.87 1.96
C PHE B 88 1.45 17.24 2.39
N PHE B 89 0.75 16.32 3.01
CA PHE B 89 -0.64 16.62 3.45
C PHE B 89 -0.58 17.38 4.78
N GLU B 90 0.59 17.51 5.36
CA GLU B 90 0.69 18.24 6.65
C GLU B 90 0.64 19.74 6.38
N HIS B 91 -0.51 20.32 6.50
CA HIS B 91 -0.68 21.78 6.25
C HIS B 91 -0.24 22.55 7.50
N GLU B 92 0.02 21.85 8.58
CA GLU B 92 0.44 22.54 9.83
N SER C 1 -6.82 -39.74 11.58
CA SER C 1 -6.19 -38.39 11.59
C SER C 1 -5.76 -38.04 13.03
N HIS C 2 -6.06 -38.89 13.96
CA HIS C 2 -5.67 -38.61 15.37
C HIS C 2 -6.12 -37.19 15.76
N LEU C 3 -5.34 -36.49 16.54
CA LEU C 3 -5.72 -35.11 16.94
C LEU C 3 -7.16 -35.10 17.45
N LYS C 4 -7.91 -34.08 17.14
CA LYS C 4 -9.32 -34.02 17.61
C LYS C 4 -10.11 -33.05 16.73
N SER C 5 -11.33 -33.40 16.40
CA SER C 5 -12.15 -32.50 15.54
C SER C 5 -12.53 -31.25 16.34
N LYS C 6 -12.88 -30.19 15.66
CA LYS C 6 -13.29 -28.93 16.37
C LYS C 6 -14.41 -28.25 15.60
N LYS C 7 -15.27 -27.54 16.29
CA LYS C 7 -16.39 -26.85 15.59
C LYS C 7 -15.82 -25.83 14.60
N GLY C 8 -14.79 -25.14 15.00
CA GLY C 8 -14.18 -24.11 14.10
C GLY C 8 -13.70 -22.93 14.95
N GLN C 9 -12.75 -22.17 14.47
CA GLN C 9 -12.26 -20.99 15.26
C GLN C 9 -12.06 -19.80 14.33
N SER C 10 -12.06 -18.61 14.86
CA SER C 10 -11.89 -17.40 14.02
C SER C 10 -10.50 -17.42 13.38
N THR C 11 -9.56 -18.10 13.98
CA THR C 11 -8.20 -18.16 13.39
C THR C 11 -8.30 -18.55 11.92
N SER C 12 -9.31 -19.30 11.56
CA SER C 12 -9.47 -19.69 10.13
C SER C 12 -9.60 -18.42 9.30
N ARG C 13 -10.36 -17.46 9.79
CA ARG C 13 -10.51 -16.19 9.04
C ARG C 13 -9.14 -15.53 8.87
N HIS C 14 -8.32 -15.58 9.89
CA HIS C 14 -6.98 -14.95 9.79
C HIS C 14 -6.20 -15.60 8.65
N LYS C 15 -6.32 -16.89 8.52
CA LYS C 15 -5.59 -17.59 7.43
C LYS C 15 -6.09 -17.06 6.08
N LYS C 16 -7.34 -16.71 6.00
CA LYS C 16 -7.88 -16.20 4.71
C LYS C 16 -7.12 -14.95 4.26
N LEU C 17 -6.84 -14.03 5.16
CA LEU C 17 -6.10 -12.80 4.76
C LEU C 17 -4.62 -13.15 4.50
N MET C 18 -4.13 -14.14 5.16
CA MET C 18 -2.71 -14.55 4.98
C MET C 18 -2.42 -14.87 3.50
N PHE C 19 -3.43 -15.23 2.75
CA PHE C 19 -3.19 -15.57 1.30
C PHE C 19 -2.18 -14.59 0.69
N LYS C 20 -2.37 -13.33 0.95
CA LYS C 20 -1.43 -12.31 0.42
C LYS C 20 -0.09 -12.43 1.16
N THR C 21 -0.14 -12.81 2.40
CA THR C 21 1.12 -12.93 3.20
C THR C 21 2.01 -14.00 2.57
N GLU C 22 1.42 -15.07 2.12
CA GLU C 22 2.23 -16.17 1.50
N SER D 1 37.29 18.87 -3.23
CA SER D 1 36.28 17.79 -3.36
C SER D 1 36.60 16.94 -4.61
N HIS D 2 37.60 17.32 -5.35
CA HIS D 2 37.96 16.54 -6.57
C HIS D 2 36.70 16.30 -7.41
N LEU D 3 36.59 15.16 -8.03
CA LEU D 3 35.39 14.86 -8.86
C LEU D 3 35.13 16.03 -9.82
N LYS D 4 33.89 16.37 -10.04
CA LYS D 4 33.59 17.49 -10.97
C LYS D 4 32.19 18.03 -10.68
N SER D 5 32.03 19.33 -10.71
CA SER D 5 30.67 19.91 -10.43
C SER D 5 29.74 19.59 -11.59
N LYS D 6 28.44 19.64 -11.36
CA LYS D 6 27.46 19.35 -12.46
C LYS D 6 26.25 20.26 -12.31
N LYS D 7 25.61 20.60 -13.40
CA LYS D 7 24.43 21.49 -13.33
C LYS D 7 23.34 20.81 -12.48
N GLY D 8 23.18 19.52 -12.66
CA GLY D 8 22.14 18.78 -11.88
C GLY D 8 21.52 17.72 -12.78
N GLN D 9 20.95 16.68 -12.21
CA GLN D 9 20.32 15.59 -13.05
C GLN D 9 18.99 15.18 -12.42
N SER D 10 18.13 14.59 -13.21
CA SER D 10 16.80 14.16 -12.67
C SER D 10 17.01 13.08 -11.61
N THR D 11 18.11 12.37 -11.66
CA THR D 11 18.36 11.31 -10.65
C THR D 11 18.15 11.90 -9.26
N SER D 12 18.38 13.17 -9.09
CA SER D 12 18.19 13.79 -7.76
C SER D 12 16.73 13.61 -7.36
N ARG D 13 15.82 13.79 -8.30
CA ARG D 13 14.39 13.61 -7.99
C ARG D 13 14.14 12.18 -7.53
N HIS D 14 14.79 11.23 -8.16
CA HIS D 14 14.60 9.80 -7.76
C HIS D 14 15.00 9.64 -6.30
N LYS D 15 16.07 10.27 -5.91
CA LYS D 15 16.52 10.16 -4.50
C LYS D 15 15.43 10.70 -3.57
N LYS D 16 14.71 11.69 -4.01
CA LYS D 16 13.64 12.27 -3.14
C LYS D 16 12.60 11.21 -2.79
N LEU D 17 12.18 10.40 -3.74
CA LEU D 17 11.16 9.35 -3.43
C LEU D 17 11.82 8.23 -2.60
N MET D 18 13.09 8.03 -2.78
CA MET D 18 13.80 6.96 -2.03
C MET D 18 13.66 7.17 -0.53
N PHE D 19 13.41 8.38 -0.09
CA PHE D 19 13.27 8.65 1.38
C PHE D 19 12.50 7.50 2.04
N LYS D 20 11.41 7.13 1.45
CA LYS D 20 10.59 6.01 2.00
C LYS D 20 11.36 4.69 1.81
N THR D 21 12.11 4.58 0.75
CA THR D 21 12.88 3.33 0.48
C THR D 21 13.86 3.08 1.63
N GLU D 22 14.48 4.14 2.10
CA GLU D 22 15.47 3.99 3.21
CA CA E . -1.90 6.50 16.54
CA CA F . 7.20 -1.37 14.45
CA CA G . -0.88 -4.61 -17.24
CA CA H . 8.41 -9.15 -10.39
N MET A 1 -11.17 9.20 -14.01
CA MET A 1 -9.96 8.64 -14.66
C MET A 1 -8.71 9.15 -13.95
N SER A 2 -7.78 8.29 -13.64
CA SER A 2 -6.53 8.74 -12.95
C SER A 2 -6.88 9.38 -11.60
N GLU A 3 -7.91 8.91 -10.95
CA GLU A 3 -8.29 9.48 -9.63
C GLU A 3 -7.33 8.98 -8.57
N LEU A 4 -6.16 8.60 -8.97
CA LEU A 4 -5.16 8.09 -7.99
C LEU A 4 -4.88 9.18 -6.97
N GLU A 5 -5.03 10.42 -7.34
CA GLU A 5 -4.78 11.52 -6.37
C GLU A 5 -5.79 11.44 -5.23
N LYS A 6 -7.01 11.15 -5.58
CA LYS A 6 -8.10 11.07 -4.57
C LYS A 6 -7.89 9.87 -3.64
N ALA A 7 -7.47 8.76 -4.16
CA ALA A 7 -7.28 7.56 -3.31
C ALA A 7 -6.10 7.73 -2.36
N MET A 8 -5.04 8.29 -2.82
CA MET A 8 -3.85 8.47 -1.93
C MET A 8 -4.18 9.44 -0.81
N VAL A 9 -4.90 10.48 -1.13
CA VAL A 9 -5.26 11.48 -0.11
C VAL A 9 -6.22 10.84 0.90
N ALA A 10 -7.09 9.99 0.43
CA ALA A 10 -8.08 9.35 1.34
C ALA A 10 -7.41 8.39 2.32
N LEU A 11 -6.42 7.66 1.90
CA LEU A 11 -5.76 6.72 2.85
C LEU A 11 -5.20 7.52 4.01
N ILE A 12 -4.64 8.65 3.71
CA ILE A 12 -4.06 9.51 4.77
C ILE A 12 -5.17 10.12 5.63
N ASP A 13 -6.29 10.48 5.05
CA ASP A 13 -7.40 11.12 5.83
C ASP A 13 -7.93 10.17 6.91
N VAL A 14 -8.13 8.92 6.59
CA VAL A 14 -8.68 7.97 7.59
C VAL A 14 -7.63 7.73 8.68
N PHE A 15 -6.39 7.62 8.29
CA PHE A 15 -5.33 7.40 9.30
C PHE A 15 -5.41 8.52 10.34
N HIS A 16 -5.68 9.71 9.92
CA HIS A 16 -5.77 10.84 10.87
C HIS A 16 -6.87 10.59 11.91
N GLN A 17 -7.94 9.96 11.53
CA GLN A 17 -9.05 9.71 12.50
C GLN A 17 -8.57 8.88 13.69
N TYR A 18 -7.75 7.89 13.48
CA TYR A 18 -7.30 7.03 14.64
C TYR A 18 -5.97 7.51 15.22
N SER A 19 -5.17 8.19 14.47
CA SER A 19 -3.87 8.64 15.02
C SER A 19 -4.11 9.57 16.21
N GLY A 20 -5.10 10.40 16.12
CA GLY A 20 -5.42 11.34 17.25
C GLY A 20 -6.32 10.65 18.28
N ARG A 21 -6.54 9.37 18.15
CA ARG A 21 -7.43 8.67 19.12
C ARG A 21 -6.92 8.80 20.56
N GLU A 22 -5.67 8.49 20.78
CA GLU A 22 -5.10 8.58 22.17
C GLU A 22 -4.07 9.70 22.25
N GLY A 23 -3.65 10.24 21.12
CA GLY A 23 -2.64 11.35 21.13
C GLY A 23 -1.42 10.98 20.29
N ASP A 24 -1.18 9.71 20.04
CA ASP A 24 -0.01 9.35 19.21
C ASP A 24 -0.30 9.72 17.76
N LYS A 25 -0.50 10.98 17.51
CA LYS A 25 -0.80 11.43 16.13
C LYS A 25 0.35 11.06 15.19
N HIS A 26 1.57 11.16 15.64
CA HIS A 26 2.74 10.85 14.76
C HIS A 26 2.92 9.34 14.60
N LYS A 27 2.42 8.53 15.51
CA LYS A 27 2.61 7.05 15.37
C LYS A 27 1.43 6.29 15.96
N LEU A 28 1.28 5.06 15.55
CA LEU A 28 0.15 4.21 16.04
C LEU A 28 0.69 3.14 16.99
N LYS A 29 0.01 2.90 18.08
CA LYS A 29 0.47 1.83 19.03
C LYS A 29 -0.35 0.58 18.71
N LYS A 30 0.15 -0.59 18.99
CA LYS A 30 -0.65 -1.81 18.70
C LYS A 30 -2.05 -1.60 19.28
N SER A 31 -2.12 -0.73 20.25
CA SER A 31 -3.43 -0.43 20.89
C SER A 31 -4.25 0.48 19.97
N GLU A 32 -3.65 1.51 19.45
CA GLU A 32 -4.41 2.41 18.53
C GLU A 32 -4.70 1.65 17.24
N LEU A 33 -3.78 0.82 16.83
CA LEU A 33 -3.99 0.04 15.59
C LEU A 33 -5.23 -0.82 15.77
N LYS A 34 -5.41 -1.39 16.92
CA LYS A 34 -6.62 -2.24 17.15
C LYS A 34 -7.89 -1.41 16.96
N GLU A 35 -7.88 -0.19 17.42
CA GLU A 35 -9.09 0.67 17.27
C GLU A 35 -9.39 0.85 15.79
N LEU A 36 -8.40 1.02 14.99
CA LEU A 36 -8.65 1.18 13.53
C LEU A 36 -9.28 -0.10 12.99
N ILE A 37 -8.68 -1.22 13.29
CA ILE A 37 -9.19 -2.52 12.78
C ILE A 37 -10.53 -2.90 13.39
N ASN A 38 -10.68 -2.77 14.68
CA ASN A 38 -11.96 -3.17 15.31
C ASN A 38 -13.10 -2.19 14.96
N ASN A 39 -12.79 -0.92 14.95
CA ASN A 39 -13.86 0.12 14.71
C ASN A 39 -13.88 0.67 13.27
N GLU A 40 -12.78 0.76 12.59
CA GLU A 40 -12.85 1.34 11.20
C GLU A 40 -13.32 0.26 10.24
N LEU A 41 -13.27 -0.98 10.67
CA LEU A 41 -13.73 -2.10 9.80
C LEU A 41 -14.94 -2.75 10.49
N SER A 42 -16.00 -2.02 10.68
CA SER A 42 -17.20 -2.60 11.36
C SER A 42 -17.58 -3.92 10.69
N HIS A 43 -17.84 -3.92 9.41
CA HIS A 43 -18.23 -5.19 8.71
C HIS A 43 -17.55 -5.25 7.34
N PHE A 44 -16.77 -4.26 7.00
CA PHE A 44 -16.08 -4.25 5.68
C PHE A 44 -14.98 -5.33 5.67
N LEU A 45 -14.32 -5.53 6.77
CA LEU A 45 -13.23 -6.56 6.84
C LEU A 45 -13.40 -7.36 8.13
N GLU A 46 -12.82 -8.52 8.20
CA GLU A 46 -12.97 -9.32 9.44
C GLU A 46 -12.40 -8.53 10.62
N GLU A 47 -13.25 -8.14 11.53
CA GLU A 47 -12.77 -7.37 12.72
C GLU A 47 -11.91 -8.27 13.60
N ILE A 48 -11.22 -7.68 14.54
CA ILE A 48 -10.36 -8.46 15.46
C ILE A 48 -11.04 -8.50 16.85
N LYS A 49 -11.18 -9.67 17.41
CA LYS A 49 -11.86 -9.82 18.73
C LYS A 49 -10.83 -10.02 19.84
N GLU A 50 -9.65 -10.49 19.52
CA GLU A 50 -8.60 -10.71 20.56
C GLU A 50 -7.39 -9.83 20.26
N GLN A 51 -6.80 -9.28 21.29
CA GLN A 51 -5.62 -8.41 21.07
C GLN A 51 -4.46 -9.28 20.56
N GLU A 52 -4.53 -10.57 20.76
CA GLU A 52 -3.44 -11.47 20.29
C GLU A 52 -3.30 -11.38 18.78
N VAL A 53 -4.38 -11.30 18.05
CA VAL A 53 -4.27 -11.21 16.58
C VAL A 53 -3.48 -9.94 16.27
N VAL A 54 -3.73 -8.90 17.00
CA VAL A 54 -3.00 -7.65 16.76
C VAL A 54 -1.51 -7.86 17.04
N ASP A 55 -1.19 -8.64 18.04
CA ASP A 55 0.24 -8.89 18.38
C ASP A 55 0.93 -9.58 17.18
N LYS A 56 0.24 -10.47 16.55
CA LYS A 56 0.82 -11.18 15.39
C LYS A 56 1.00 -10.19 14.25
N VAL A 57 0.04 -9.33 14.09
CA VAL A 57 0.12 -8.30 13.02
C VAL A 57 1.24 -7.33 13.37
N MET A 58 1.51 -7.20 14.64
CA MET A 58 2.60 -6.27 15.08
C MET A 58 3.93 -6.84 14.59
N GLU A 59 4.12 -8.12 14.64
CA GLU A 59 5.41 -8.66 14.16
C GLU A 59 5.59 -8.22 12.72
N THR A 60 4.54 -8.24 11.95
CA THR A 60 4.65 -7.82 10.53
C THR A 60 4.71 -6.30 10.39
N LEU A 61 3.89 -5.57 11.09
CA LEU A 61 3.89 -4.07 10.94
C LEU A 61 4.86 -3.44 11.94
N ASP A 62 5.28 -4.15 12.96
CA ASP A 62 6.25 -3.54 13.91
C ASP A 62 7.61 -3.68 13.29
N GLU A 63 7.79 -3.03 12.17
CA GLU A 63 9.07 -3.11 11.43
C GLU A 63 10.21 -2.60 12.30
N ASP A 64 9.98 -1.55 13.03
CA ASP A 64 11.07 -1.00 13.91
C ASP A 64 11.12 -1.81 15.21
N GLY A 65 10.18 -2.70 15.40
CA GLY A 65 10.20 -3.54 16.65
C GLY A 65 10.03 -2.65 17.88
N ASP A 66 9.23 -1.62 17.82
CA ASP A 66 9.03 -0.73 19.01
C ASP A 66 7.66 -0.99 19.63
N GLY A 67 6.93 -1.94 19.10
CA GLY A 67 5.58 -2.24 19.65
C GLY A 67 4.58 -1.23 19.08
N GLU A 68 5.03 -0.38 18.19
CA GLU A 68 4.14 0.65 17.59
C GLU A 68 4.46 0.74 16.08
N CYS A 69 3.46 0.82 15.25
CA CYS A 69 3.72 0.93 13.77
C CYS A 69 3.54 2.38 13.33
N ASP A 70 4.51 2.92 12.66
CA ASP A 70 4.42 4.34 12.22
C ASP A 70 3.37 4.47 11.12
N PHE A 71 2.89 5.65 10.88
CA PHE A 71 1.83 5.81 9.83
C PHE A 71 2.35 5.15 8.54
N GLN A 72 3.63 5.22 8.29
CA GLN A 72 4.19 4.59 7.06
C GLN A 72 4.13 3.05 7.19
N GLU A 73 4.36 2.51 8.35
CA GLU A 73 4.31 1.03 8.49
C GLU A 73 2.87 0.56 8.27
N PHE A 74 1.92 1.25 8.84
CA PHE A 74 0.51 0.86 8.63
C PHE A 74 0.13 1.17 7.19
N MET A 75 0.81 2.09 6.58
CA MET A 75 0.51 2.45 5.17
C MET A 75 0.69 1.21 4.31
N ALA A 76 1.69 0.44 4.60
CA ALA A 76 1.93 -0.78 3.80
C ALA A 76 0.82 -1.81 4.04
N PHE A 77 0.31 -1.88 5.24
CA PHE A 77 -0.76 -2.86 5.53
C PHE A 77 -2.00 -2.58 4.68
N VAL A 78 -2.31 -1.33 4.50
CA VAL A 78 -3.52 -0.96 3.70
C VAL A 78 -3.36 -1.46 2.26
N SER A 79 -2.19 -1.40 1.71
CA SER A 79 -2.03 -1.86 0.30
C SER A 79 -2.31 -3.36 0.23
N MET A 80 -1.86 -4.09 1.20
CA MET A 80 -2.08 -5.56 1.18
C MET A 80 -3.55 -5.93 1.37
N VAL A 81 -4.24 -5.25 2.24
CA VAL A 81 -5.67 -5.58 2.46
C VAL A 81 -6.48 -5.25 1.21
N THR A 82 -6.17 -4.17 0.56
CA THR A 82 -6.91 -3.79 -0.66
C THR A 82 -6.77 -4.90 -1.67
N THR A 83 -5.60 -5.45 -1.75
CA THR A 83 -5.34 -6.54 -2.72
C THR A 83 -6.42 -7.60 -2.53
N ALA A 84 -6.81 -7.84 -1.30
CA ALA A 84 -7.88 -8.84 -1.06
C ALA A 84 -9.19 -8.33 -1.68
N CYS A 85 -9.41 -7.04 -1.63
CA CYS A 85 -10.65 -6.45 -2.21
C CYS A 85 -10.71 -6.76 -3.71
N HIS A 86 -9.59 -6.71 -4.38
CA HIS A 86 -9.60 -7.00 -5.85
C HIS A 86 -10.11 -8.42 -6.07
N GLU A 87 -9.72 -9.34 -5.24
CA GLU A 87 -10.20 -10.73 -5.39
C GLU A 87 -11.73 -10.74 -5.26
N PHE A 88 -12.26 -9.93 -4.40
CA PHE A 88 -13.74 -9.88 -4.22
C PHE A 88 -14.35 -8.87 -5.18
N PHE A 89 -13.57 -7.90 -5.63
CA PHE A 89 -14.11 -6.89 -6.58
C PHE A 89 -13.88 -7.41 -8.00
N GLU A 90 -14.49 -8.51 -8.34
CA GLU A 90 -14.30 -9.07 -9.70
C GLU A 90 -15.24 -8.35 -10.67
N HIS A 91 -14.73 -7.40 -11.40
CA HIS A 91 -15.59 -6.66 -12.36
C HIS A 91 -15.95 -7.61 -13.52
N GLU A 92 -15.27 -8.71 -13.62
CA GLU A 92 -15.56 -9.68 -14.72
N MET B 1 -16.04 9.88 7.12
CA MET B 1 -15.39 9.15 8.24
C MET B 1 -15.26 7.67 7.87
N SER B 2 -14.11 7.09 8.10
CA SER B 2 -13.94 5.63 7.77
C SER B 2 -14.19 5.41 6.28
N GLU B 3 -13.84 6.35 5.45
CA GLU B 3 -14.04 6.18 3.98
C GLU B 3 -12.96 5.26 3.42
N LEU B 4 -12.41 4.44 4.27
CA LEU B 4 -11.36 3.50 3.81
C LEU B 4 -11.93 2.60 2.72
N GLU B 5 -13.20 2.37 2.73
CA GLU B 5 -13.81 1.50 1.67
C GLU B 5 -13.66 2.20 0.32
N LYS B 6 -13.86 3.48 0.30
CA LYS B 6 -13.77 4.26 -0.96
C LYS B 6 -12.33 4.30 -1.47
N ALA B 7 -11.38 4.45 -0.60
CA ALA B 7 -9.96 4.52 -1.05
C ALA B 7 -9.47 3.19 -1.58
N MET B 8 -9.82 2.12 -0.94
CA MET B 8 -9.35 0.79 -1.40
C MET B 8 -9.96 0.47 -2.76
N VAL B 9 -11.20 0.80 -2.93
CA VAL B 9 -11.88 0.53 -4.22
C VAL B 9 -11.25 1.39 -5.31
N ALA B 10 -10.89 2.60 -4.98
CA ALA B 10 -10.29 3.53 -5.98
C ALA B 10 -8.93 3.03 -6.45
N LEU B 11 -8.12 2.52 -5.58
CA LEU B 11 -6.77 2.06 -6.02
C LEU B 11 -6.95 0.99 -7.09
N ILE B 12 -7.91 0.14 -6.88
CA ILE B 12 -8.17 -0.95 -7.86
C ILE B 12 -8.77 -0.38 -9.15
N ASP B 13 -9.60 0.63 -9.06
CA ASP B 13 -10.24 1.21 -10.29
C ASP B 13 -9.19 1.80 -11.23
N VAL B 14 -8.23 2.51 -10.72
CA VAL B 14 -7.20 3.13 -11.60
C VAL B 14 -6.32 2.02 -12.21
N PHE B 15 -6.00 1.04 -11.43
CA PHE B 15 -5.17 -0.07 -11.95
C PHE B 15 -5.86 -0.64 -13.19
N HIS B 16 -7.15 -0.75 -13.14
CA HIS B 16 -7.89 -1.31 -14.32
C HIS B 16 -7.64 -0.46 -15.57
N GLN B 17 -7.50 0.83 -15.43
CA GLN B 17 -7.28 1.69 -16.63
C GLN B 17 -6.01 1.29 -17.38
N TYR B 18 -4.95 0.97 -16.68
CA TYR B 18 -3.67 0.62 -17.40
C TYR B 18 -3.53 -0.90 -17.62
N SER B 19 -4.16 -1.69 -16.81
CA SER B 19 -4.02 -3.16 -17.00
C SER B 19 -4.53 -3.55 -18.38
N GLY B 20 -5.60 -2.95 -18.81
CA GLY B 20 -6.17 -3.27 -20.17
C GLY B 20 -5.47 -2.44 -21.25
N ARG B 21 -4.41 -1.75 -20.92
CA ARG B 21 -3.74 -0.91 -21.94
C ARG B 21 -3.23 -1.75 -23.12
N GLU B 22 -2.53 -2.81 -22.85
CA GLU B 22 -1.99 -3.68 -23.96
C GLU B 22 -2.68 -5.04 -23.94
N GLY B 23 -3.40 -5.35 -22.89
CA GLY B 23 -4.13 -6.68 -22.82
C GLY B 23 -3.71 -7.45 -21.56
N ASP B 24 -2.58 -7.13 -20.97
CA ASP B 24 -2.18 -7.87 -19.75
C ASP B 24 -3.08 -7.40 -18.60
N LYS B 25 -4.35 -7.64 -18.71
CA LYS B 25 -5.29 -7.21 -17.65
C LYS B 25 -4.93 -7.89 -16.32
N HIS B 26 -4.53 -9.13 -16.36
CA HIS B 26 -4.19 -9.86 -15.10
C HIS B 26 -2.83 -9.43 -14.55
N LYS B 27 -1.96 -8.89 -15.37
CA LYS B 27 -0.61 -8.49 -14.85
C LYS B 27 -0.08 -7.27 -15.60
N LEU B 28 0.86 -6.58 -15.00
CA LEU B 28 1.47 -5.38 -15.63
C LEU B 28 2.90 -5.68 -16.08
N LYS B 29 3.27 -5.24 -17.24
CA LYS B 29 4.66 -5.47 -17.72
C LYS B 29 5.45 -4.20 -17.41
N LYS B 30 6.76 -4.28 -17.25
CA LYS B 30 7.53 -3.04 -16.96
C LYS B 30 7.12 -2.00 -18.00
N SER B 31 6.63 -2.48 -19.11
CA SER B 31 6.18 -1.56 -20.20
C SER B 31 4.84 -0.94 -19.83
N GLU B 32 3.90 -1.74 -19.38
CA GLU B 32 2.58 -1.19 -18.99
C GLU B 32 2.76 -0.35 -17.73
N LEU B 33 3.64 -0.77 -16.87
CA LEU B 33 3.89 0.00 -15.62
C LEU B 33 4.36 1.40 -16.00
N LYS B 34 5.20 1.50 -16.98
CA LYS B 34 5.70 2.85 -17.39
C LYS B 34 4.52 3.73 -17.82
N GLU B 35 3.56 3.16 -18.52
CA GLU B 35 2.40 3.97 -18.98
C GLU B 35 1.67 4.52 -17.76
N LEU B 36 1.54 3.74 -16.73
CA LEU B 36 0.86 4.24 -15.51
C LEU B 36 1.65 5.41 -14.94
N ILE B 37 2.93 5.21 -14.76
CA ILE B 37 3.79 6.27 -14.16
C ILE B 37 3.95 7.48 -15.08
N ASN B 38 4.21 7.26 -16.34
CA ASN B 38 4.40 8.43 -17.25
C ASN B 38 3.08 9.16 -17.53
N ASN B 39 2.02 8.42 -17.70
CA ASN B 39 0.70 9.05 -18.06
C ASN B 39 -0.27 9.21 -16.87
N GLU B 40 -0.27 8.33 -15.91
CA GLU B 40 -1.25 8.50 -14.78
C GLU B 40 -0.73 9.54 -13.81
N LEU B 41 0.54 9.86 -13.91
CA LEU B 41 1.14 10.89 -13.02
C LEU B 41 1.60 12.07 -13.88
N SER B 42 0.70 12.70 -14.57
CA SER B 42 1.10 13.83 -15.46
C SER B 42 1.97 14.83 -14.68
N HIS B 43 1.47 15.35 -13.59
CA HIS B 43 2.28 16.33 -12.79
C HIS B 43 2.09 16.05 -11.28
N PHE B 44 1.31 15.06 -10.96
CA PHE B 44 1.07 14.75 -9.53
C PHE B 44 2.35 14.16 -8.90
N LEU B 45 3.09 13.39 -9.65
CA LEU B 45 4.35 12.77 -9.13
C LEU B 45 5.44 12.92 -10.19
N GLU B 46 6.67 12.81 -9.81
CA GLU B 46 7.75 12.95 -10.80
C GLU B 46 7.59 11.88 -11.88
N GLU B 47 7.28 12.28 -13.08
CA GLU B 47 7.11 11.30 -14.19
C GLU B 47 8.46 10.65 -14.50
N ILE B 48 8.42 9.60 -15.28
CA ILE B 48 9.68 8.90 -15.67
C ILE B 48 9.97 9.21 -17.15
N LYS B 49 11.17 9.64 -17.45
CA LYS B 49 11.53 10.00 -18.86
C LYS B 49 12.38 8.90 -19.50
N GLU B 50 13.03 8.08 -18.69
CA GLU B 50 13.87 6.98 -19.25
C GLU B 50 13.32 5.63 -18.78
N GLN B 51 13.32 4.66 -19.66
CA GLN B 51 12.81 3.32 -19.26
C GLN B 51 13.76 2.72 -18.23
N GLU B 52 14.97 3.22 -18.16
CA GLU B 52 15.94 2.68 -17.16
C GLU B 52 15.41 2.85 -15.74
N VAL B 53 14.80 3.96 -15.44
CA VAL B 53 14.27 4.16 -14.08
C VAL B 53 13.26 3.07 -13.82
N VAL B 54 12.48 2.74 -14.80
CA VAL B 54 11.47 1.67 -14.64
C VAL B 54 12.19 0.35 -14.35
N ASP B 55 13.31 0.12 -14.99
CA ASP B 55 14.06 -1.15 -14.77
C ASP B 55 14.49 -1.24 -13.31
N LYS B 56 14.88 -0.14 -12.75
CA LYS B 56 15.32 -0.14 -11.32
C LYS B 56 14.10 -0.41 -10.44
N VAL B 57 13.00 0.17 -10.81
CA VAL B 57 11.74 -0.03 -10.04
C VAL B 57 11.31 -1.47 -10.21
N MET B 58 11.68 -2.07 -11.32
CA MET B 58 11.31 -3.49 -11.58
C MET B 58 12.03 -4.37 -10.56
N GLU B 59 13.26 -4.07 -10.26
CA GLU B 59 13.97 -4.93 -9.27
C GLU B 59 13.16 -4.92 -7.98
N THR B 60 12.62 -3.79 -7.62
CA THR B 60 11.82 -3.71 -6.37
C THR B 60 10.41 -4.31 -6.57
N LEU B 61 9.74 -3.99 -7.65
CA LEU B 61 8.35 -4.51 -7.85
C LEU B 61 8.38 -5.84 -8.59
N ASP B 62 9.47 -6.19 -9.22
CA ASP B 62 9.51 -7.50 -9.93
C ASP B 62 9.82 -8.55 -8.87
N GLU B 63 8.93 -8.68 -7.94
CA GLU B 63 9.13 -9.63 -6.83
C GLU B 63 9.28 -11.05 -7.36
N ASP B 64 8.50 -11.41 -8.35
CA ASP B 64 8.61 -12.79 -8.91
C ASP B 64 9.77 -12.84 -9.90
N GLY B 65 10.37 -11.72 -10.19
CA GLY B 65 11.53 -11.70 -11.13
C GLY B 65 11.09 -12.16 -12.53
N ASP B 66 9.90 -11.80 -12.96
CA ASP B 66 9.43 -12.23 -14.32
C ASP B 66 9.47 -11.03 -15.27
N GLY B 67 9.95 -9.92 -14.81
CA GLY B 67 10.01 -8.71 -15.69
C GLY B 67 8.62 -8.07 -15.74
N GLU B 68 7.71 -8.57 -14.96
CA GLU B 68 6.32 -8.01 -14.92
C GLU B 68 5.84 -7.99 -13.47
N CYS B 69 5.21 -6.93 -13.04
CA CYS B 69 4.71 -6.85 -11.63
C CYS B 69 3.21 -7.12 -11.62
N ASP B 70 2.78 -8.04 -10.81
CA ASP B 70 1.34 -8.39 -10.75
C ASP B 70 0.57 -7.23 -10.12
N PHE B 71 -0.72 -7.18 -10.31
CA PHE B 71 -1.51 -6.06 -9.73
C PHE B 71 -1.19 -5.97 -8.24
N GLN B 72 -0.96 -7.09 -7.61
CA GLN B 72 -0.63 -7.09 -6.15
C GLN B 72 0.77 -6.49 -5.94
N GLU B 73 1.70 -6.77 -6.81
CA GLU B 73 3.08 -6.20 -6.62
C GLU B 73 3.02 -4.69 -6.77
N PHE B 74 2.31 -4.22 -7.76
CA PHE B 74 2.18 -2.76 -7.96
C PHE B 74 1.32 -2.19 -6.82
N MET B 75 0.50 -3.01 -6.24
CA MET B 75 -0.37 -2.55 -5.13
C MET B 75 0.52 -2.05 -4.01
N ALA B 76 1.59 -2.74 -3.77
CA ALA B 76 2.49 -2.32 -2.68
C ALA B 76 3.18 -0.99 -3.03
N PHE B 77 3.49 -0.79 -4.28
CA PHE B 77 4.18 0.48 -4.68
C PHE B 77 3.29 1.67 -4.36
N VAL B 78 2.02 1.54 -4.59
CA VAL B 78 1.08 2.68 -4.33
C VAL B 78 1.11 3.05 -2.85
N SER B 79 1.20 2.10 -1.97
CA SER B 79 1.21 2.45 -0.52
C SER B 79 2.46 3.28 -0.21
N MET B 80 3.56 2.93 -0.79
CA MET B 80 4.82 3.67 -0.51
C MET B 80 4.79 5.09 -1.09
N VAL B 81 4.25 5.25 -2.26
CA VAL B 81 4.22 6.61 -2.85
C VAL B 81 3.28 7.51 -2.04
N THR B 82 2.19 6.97 -1.59
CA THR B 82 1.23 7.78 -0.80
C THR B 82 1.95 8.29 0.43
N THR B 83 2.75 7.46 1.01
CA THR B 83 3.48 7.86 2.23
C THR B 83 4.20 9.19 1.93
N ALA B 84 4.70 9.34 0.75
CA ALA B 84 5.37 10.62 0.38
C ALA B 84 4.34 11.74 0.41
N CYS B 85 3.13 11.45 0.01
CA CYS B 85 2.05 12.48 0.00
C CYS B 85 1.83 13.00 1.43
N HIS B 86 1.88 12.13 2.40
CA HIS B 86 1.68 12.58 3.81
C HIS B 86 2.74 13.62 4.17
N GLU B 87 3.94 13.41 3.74
CA GLU B 87 5.01 14.40 4.03
C GLU B 87 4.62 15.75 3.42
N PHE B 88 4.01 15.72 2.27
CA PHE B 88 3.61 17.00 1.60
C PHE B 88 2.20 17.39 2.06
N PHE B 89 1.42 16.45 2.51
CA PHE B 89 0.04 16.77 2.97
C PHE B 89 0.11 17.08 4.47
N GLU B 90 0.81 18.11 4.83
CA GLU B 90 0.93 18.47 6.27
C GLU B 90 -0.29 19.27 6.69
N HIS B 91 -1.24 18.63 7.30
CA HIS B 91 -2.46 19.36 7.74
C HIS B 91 -2.09 20.29 8.90
N GLU B 92 -0.93 20.10 9.47
CA GLU B 92 -0.50 20.98 10.59
N SER C 1 -9.69 -41.40 8.51
CA SER C 1 -9.64 -40.14 7.72
C SER C 1 -11.06 -39.68 7.41
N HIS C 2 -12.02 -40.56 7.54
CA HIS C 2 -13.44 -40.20 7.25
C HIS C 2 -14.15 -39.80 8.54
N LEU C 3 -13.45 -39.80 9.64
CA LEU C 3 -14.09 -39.43 10.93
C LEU C 3 -14.41 -37.93 10.93
N LYS C 4 -15.46 -37.54 11.62
CA LYS C 4 -15.83 -36.09 11.66
C LYS C 4 -15.15 -35.42 12.85
N SER C 5 -14.36 -34.41 12.59
CA SER C 5 -13.66 -33.70 13.69
C SER C 5 -13.44 -32.24 13.30
N LYS C 6 -13.28 -31.37 14.27
CA LYS C 6 -13.05 -29.93 13.97
C LYS C 6 -11.96 -29.39 14.88
N LYS C 7 -11.30 -28.33 14.48
CA LYS C 7 -10.21 -27.76 15.32
C LYS C 7 -9.97 -26.30 14.93
N GLY C 8 -9.36 -25.54 15.80
CA GLY C 8 -9.07 -24.11 15.47
C GLY C 8 -10.15 -23.20 16.09
N GLN C 9 -9.95 -21.91 15.99
CA GLN C 9 -10.93 -20.93 16.55
C GLN C 9 -11.31 -19.93 15.46
N SER C 10 -12.30 -19.11 15.69
CA SER C 10 -12.69 -18.11 14.67
C SER C 10 -11.44 -17.37 14.20
N THR C 11 -10.45 -17.32 15.04
CA THR C 11 -9.19 -16.63 14.67
C THR C 11 -8.73 -17.15 13.31
N SER C 12 -9.14 -18.34 12.97
CA SER C 12 -8.77 -18.91 11.64
C SER C 12 -9.17 -17.91 10.55
N ARG C 13 -10.18 -17.15 10.82
CA ARG C 13 -10.64 -16.16 9.81
C ARG C 13 -9.50 -15.18 9.51
N HIS C 14 -8.82 -14.74 10.53
CA HIS C 14 -7.69 -13.80 10.32
C HIS C 14 -6.65 -14.47 9.43
N LYS C 15 -6.41 -15.74 9.64
CA LYS C 15 -5.41 -16.46 8.79
C LYS C 15 -5.88 -16.36 7.35
N LYS C 16 -7.14 -16.21 7.13
CA LYS C 16 -7.62 -16.09 5.74
C LYS C 16 -6.94 -14.86 5.14
N LEU C 17 -6.82 -13.80 5.92
CA LEU C 17 -6.13 -12.57 5.42
C LEU C 17 -4.63 -12.87 5.16
N MET C 18 -4.04 -13.68 5.98
CA MET C 18 -2.59 -14.02 5.80
C MET C 18 -2.33 -14.46 4.36
N PHE C 19 -3.34 -14.96 3.68
CA PHE C 19 -3.14 -15.45 2.26
C PHE C 19 -2.19 -14.50 1.51
N LYS C 20 -2.43 -13.23 1.62
CA LYS C 20 -1.56 -12.24 0.94
C LYS C 20 -0.21 -12.21 1.65
N THR C 21 -0.20 -12.43 2.94
CA THR C 21 1.09 -12.40 3.70
C THR C 21 2.01 -13.48 3.13
N GLU C 22 1.46 -14.60 2.75
CA GLU C 22 2.28 -15.71 2.18
N SER D 1 37.09 22.59 -1.54
CA SER D 1 35.70 22.24 -1.11
C SER D 1 34.76 23.40 -1.40
N HIS D 2 35.30 24.55 -1.66
CA HIS D 2 34.44 25.74 -1.97
C HIS D 2 34.32 25.92 -3.49
N LEU D 3 34.89 25.02 -4.25
CA LEU D 3 34.81 25.14 -5.73
C LEU D 3 33.37 24.84 -6.17
N LYS D 4 32.95 25.44 -7.25
CA LYS D 4 31.56 25.20 -7.75
C LYS D 4 31.56 24.05 -8.75
N SER D 5 30.82 23.02 -8.47
CA SER D 5 30.77 21.85 -9.39
C SER D 5 29.41 21.18 -9.30
N LYS D 6 29.01 20.47 -10.32
CA LYS D 6 27.67 19.77 -10.29
C LYS D 6 27.83 18.36 -10.88
N LYS D 7 26.95 17.47 -10.52
CA LYS D 7 27.06 16.08 -11.04
C LYS D 7 25.70 15.39 -10.93
N GLY D 8 25.49 14.33 -11.69
CA GLY D 8 24.19 13.59 -11.62
C GLY D 8 23.27 14.05 -12.75
N GLN D 9 22.14 13.40 -12.89
CA GLN D 9 21.16 13.75 -13.96
C GLN D 9 19.79 13.96 -13.33
N SER D 10 18.85 14.46 -14.08
CA SER D 10 17.48 14.68 -13.51
C SER D 10 17.04 13.38 -12.83
N THR D 11 17.58 12.27 -13.26
CA THR D 11 17.21 10.97 -12.63
C THR D 11 17.35 11.10 -11.12
N SER D 12 18.18 12.01 -10.67
CA SER D 12 18.35 12.22 -9.21
C SER D 12 16.98 12.46 -8.59
N ARG D 13 16.07 13.00 -9.36
CA ARG D 13 14.71 13.26 -8.83
C ARG D 13 14.08 11.94 -8.38
N HIS D 14 14.24 10.91 -9.17
CA HIS D 14 13.67 9.59 -8.80
C HIS D 14 14.28 9.14 -7.47
N LYS D 15 15.55 9.37 -7.29
CA LYS D 15 16.21 8.97 -6.01
C LYS D 15 15.50 9.70 -4.88
N LYS D 16 14.91 10.82 -5.16
CA LYS D 16 14.18 11.53 -4.09
C LYS D 16 13.09 10.59 -3.59
N LEU D 17 12.45 9.87 -4.49
CA LEU D 17 11.38 8.90 -4.09
C LEU D 17 12.01 7.75 -3.26
N MET D 18 13.20 7.34 -3.61
CA MET D 18 13.86 6.23 -2.87
C MET D 18 13.85 6.53 -1.37
N PHE D 19 13.76 7.78 -0.99
CA PHE D 19 13.79 8.14 0.48
C PHE D 19 12.96 7.10 1.27
N LYS D 20 11.79 6.79 0.80
CA LYS D 20 10.94 5.79 1.50
C LYS D 20 11.56 4.40 1.31
N THR D 21 12.19 4.18 0.19
CA THR D 21 12.82 2.85 -0.05
C THR D 21 13.86 2.58 1.04
N GLU D 22 14.56 3.60 1.44
CA GLU D 22 15.60 3.43 2.50
CA CA E . -1.74 7.45 16.36
CA CA F . 6.80 -0.25 14.41
CA CA G . -1.80 -4.75 -17.53
CA CA H . 6.97 -9.39 -10.86
N MET A 1 -10.19 7.26 -12.69
CA MET A 1 -9.47 8.16 -13.63
C MET A 1 -8.42 8.97 -12.86
N SER A 2 -7.26 8.40 -12.64
CA SER A 2 -6.19 9.13 -11.90
C SER A 2 -6.70 9.52 -10.51
N GLU A 3 -7.60 8.76 -9.97
CA GLU A 3 -8.14 9.06 -8.61
C GLU A 3 -7.11 8.66 -7.57
N LEU A 4 -5.92 8.38 -8.00
CA LEU A 4 -4.86 7.94 -7.05
C LEU A 4 -4.60 9.03 -5.99
N GLU A 5 -4.72 10.28 -6.34
CA GLU A 5 -4.47 11.36 -5.33
C GLU A 5 -5.42 11.23 -4.15
N LYS A 6 -6.65 10.91 -4.41
CA LYS A 6 -7.65 10.77 -3.31
C LYS A 6 -7.31 9.57 -2.44
N ALA A 7 -6.89 8.50 -3.04
CA ALA A 7 -6.57 7.28 -2.24
C ALA A 7 -5.36 7.51 -1.34
N MET A 8 -4.37 8.19 -1.82
CA MET A 8 -3.15 8.43 -0.99
C MET A 8 -3.50 9.29 0.21
N VAL A 9 -4.33 10.27 0.00
CA VAL A 9 -4.71 11.18 1.10
C VAL A 9 -5.58 10.44 2.13
N ALA A 10 -6.42 9.56 1.67
CA ALA A 10 -7.34 8.83 2.61
C ALA A 10 -6.57 7.86 3.49
N LEU A 11 -5.62 7.16 2.94
CA LEU A 11 -4.88 6.18 3.78
C LEU A 11 -4.23 6.92 4.94
N ILE A 12 -3.70 8.08 4.67
CA ILE A 12 -3.07 8.88 5.74
C ILE A 12 -4.12 9.30 6.78
N ASP A 13 -5.30 9.66 6.37
CA ASP A 13 -6.33 10.10 7.38
C ASP A 13 -6.70 8.95 8.33
N VAL A 14 -6.83 7.75 7.82
CA VAL A 14 -7.21 6.59 8.69
C VAL A 14 -6.05 6.22 9.63
N PHE A 15 -4.83 6.35 9.18
CA PHE A 15 -3.71 5.97 10.06
C PHE A 15 -3.77 6.85 11.31
N HIS A 16 -4.09 8.10 11.14
CA HIS A 16 -4.20 9.01 12.32
C HIS A 16 -5.52 8.78 13.06
N GLN A 17 -6.51 8.23 12.40
CA GLN A 17 -7.82 8.02 13.06
C GLN A 17 -7.65 7.26 14.38
N TYR A 18 -6.87 6.21 14.39
CA TYR A 18 -6.70 5.42 15.68
C TYR A 18 -5.25 5.48 16.17
N SER A 19 -4.30 5.69 15.31
CA SER A 19 -2.87 5.71 15.77
C SER A 19 -2.64 6.85 16.75
N GLY A 20 -3.10 8.03 16.44
CA GLY A 20 -2.88 9.19 17.35
C GLY A 20 -3.81 9.12 18.57
N ARG A 21 -4.36 7.98 18.86
CA ARG A 21 -5.29 7.89 20.03
C ARG A 21 -4.56 8.27 21.33
N GLU A 22 -3.35 7.81 21.51
CA GLU A 22 -2.57 8.15 22.76
C GLU A 22 -1.39 9.04 22.40
N GLY A 23 -0.74 8.79 21.29
CA GLY A 23 0.43 9.64 20.92
C GLY A 23 1.38 8.87 19.99
N ASP A 24 1.15 7.60 19.76
CA ASP A 24 2.07 6.86 18.85
C ASP A 24 1.81 7.34 17.42
N LYS A 25 1.85 8.62 17.21
CA LYS A 25 1.59 9.19 15.86
C LYS A 25 2.72 8.79 14.89
N HIS A 26 3.95 8.80 15.34
CA HIS A 26 5.09 8.44 14.43
C HIS A 26 5.34 6.93 14.43
N LYS A 27 4.67 6.19 15.27
CA LYS A 27 4.87 4.71 15.30
C LYS A 27 3.56 4.04 15.70
N LEU A 28 3.33 2.84 15.24
CA LEU A 28 2.06 2.12 15.56
C LEU A 28 2.38 0.90 16.42
N LYS A 29 1.72 0.76 17.54
CA LYS A 29 2.00 -0.42 18.41
C LYS A 29 1.01 -1.53 18.09
N LYS A 30 1.40 -2.77 18.25
CA LYS A 30 0.46 -3.88 17.97
C LYS A 30 -0.85 -3.57 18.69
N SER A 31 -0.76 -2.73 19.68
CA SER A 31 -1.98 -2.34 20.45
C SER A 31 -2.87 -1.45 19.58
N GLU A 32 -2.34 -0.39 19.04
CA GLU A 32 -3.17 0.50 18.17
C GLU A 32 -3.58 -0.29 16.93
N LEU A 33 -2.75 -1.19 16.49
CA LEU A 33 -3.08 -2.01 15.31
C LEU A 33 -4.35 -2.80 15.59
N LYS A 34 -4.49 -3.30 16.78
CA LYS A 34 -5.71 -4.06 17.15
C LYS A 34 -6.94 -3.15 17.07
N GLU A 35 -6.82 -1.93 17.51
CA GLU A 35 -7.99 -1.01 17.48
C GLU A 35 -8.46 -0.78 16.05
N LEU A 36 -7.57 -0.65 15.12
CA LEU A 36 -8.03 -0.44 13.71
C LEU A 36 -8.69 -1.71 13.21
N ILE A 37 -8.08 -2.83 13.45
CA ILE A 37 -8.61 -4.11 12.93
C ILE A 37 -9.89 -4.54 13.67
N ASN A 38 -9.96 -4.40 14.95
CA ASN A 38 -11.19 -4.87 15.68
C ASN A 38 -12.29 -3.82 15.63
N ASN A 39 -11.93 -2.57 15.59
CA ASN A 39 -12.96 -1.47 15.61
C ASN A 39 -13.24 -0.89 14.21
N GLU A 40 -12.23 -0.71 13.38
CA GLU A 40 -12.50 -0.10 12.04
C GLU A 40 -12.82 -1.19 11.01
N LEU A 41 -12.39 -2.41 11.26
CA LEU A 41 -12.67 -3.52 10.29
C LEU A 41 -13.60 -4.54 10.96
N SER A 42 -14.66 -4.07 11.58
CA SER A 42 -15.60 -5.00 12.27
C SER A 42 -16.30 -5.93 11.27
N HIS A 43 -16.70 -5.42 10.13
CA HIS A 43 -17.40 -6.27 9.12
C HIS A 43 -16.81 -6.04 7.72
N PHE A 44 -16.03 -5.01 7.56
CA PHE A 44 -15.46 -4.75 6.21
C PHE A 44 -14.42 -5.82 5.86
N LEU A 45 -13.64 -6.25 6.83
CA LEU A 45 -12.59 -7.29 6.56
C LEU A 45 -12.71 -8.41 7.61
N GLU A 46 -11.59 -8.96 8.01
CA GLU A 46 -11.61 -10.05 9.02
C GLU A 46 -11.43 -9.45 10.41
N GLU A 47 -12.47 -9.43 11.20
CA GLU A 47 -12.35 -8.88 12.58
C GLU A 47 -11.44 -9.80 13.39
N ILE A 48 -10.50 -9.28 14.13
CA ILE A 48 -9.60 -10.17 14.94
C ILE A 48 -10.24 -10.37 16.32
N LYS A 49 -10.17 -11.57 16.82
CA LYS A 49 -10.79 -11.89 18.13
C LYS A 49 -9.73 -12.15 19.20
N GLU A 50 -8.55 -12.54 18.80
CA GLU A 50 -7.45 -12.83 19.79
C GLU A 50 -6.27 -11.90 19.54
N GLN A 51 -5.60 -11.51 20.58
CA GLN A 51 -4.42 -10.63 20.42
C GLN A 51 -3.31 -11.45 19.76
N GLU A 52 -3.38 -12.75 19.85
CA GLU A 52 -2.32 -13.61 19.22
C GLU A 52 -2.32 -13.41 17.71
N VAL A 53 -3.47 -13.31 17.10
CA VAL A 53 -3.49 -13.12 15.64
C VAL A 53 -2.75 -11.85 15.31
N VAL A 54 -2.95 -10.85 16.11
CA VAL A 54 -2.25 -9.58 15.88
C VAL A 54 -0.75 -9.80 15.96
N ASP A 55 -0.31 -10.61 16.88
CA ASP A 55 1.14 -10.86 17.03
C ASP A 55 1.68 -11.50 15.75
N LYS A 56 0.93 -12.38 15.18
CA LYS A 56 1.37 -13.08 13.94
C LYS A 56 1.46 -12.07 12.82
N VAL A 57 0.51 -11.19 12.77
CA VAL A 57 0.50 -10.16 11.72
C VAL A 57 1.70 -9.24 11.97
N MET A 58 2.03 -9.05 13.21
CA MET A 58 3.18 -8.17 13.54
C MET A 58 4.47 -8.86 13.14
N GLU A 59 4.52 -10.16 13.14
CA GLU A 59 5.78 -10.81 12.72
C GLU A 59 6.06 -10.33 11.30
N THR A 60 5.02 -10.24 10.52
CA THR A 60 5.14 -9.77 9.11
C THR A 60 5.37 -8.23 9.07
N LEU A 61 4.62 -7.48 9.83
CA LEU A 61 4.77 -5.98 9.79
C LEU A 61 5.82 -5.51 10.79
N ASP A 62 6.21 -6.33 11.71
CA ASP A 62 7.26 -5.90 12.67
C ASP A 62 8.58 -6.07 11.96
N GLU A 63 8.74 -5.34 10.90
CA GLU A 63 9.97 -5.43 10.07
C GLU A 63 11.18 -5.07 10.93
N ASP A 64 11.06 -4.09 11.77
CA ASP A 64 12.22 -3.71 12.64
C ASP A 64 12.29 -4.66 13.84
N GLY A 65 11.29 -5.51 14.00
CA GLY A 65 11.32 -6.48 15.13
C GLY A 65 11.22 -5.75 16.48
N ASP A 66 10.44 -4.70 16.56
CA ASP A 66 10.29 -3.95 17.85
C ASP A 66 8.92 -4.21 18.48
N GLY A 67 8.13 -5.04 17.86
CA GLY A 67 6.77 -5.33 18.43
C GLY A 67 5.83 -4.18 18.02
N GLU A 68 6.34 -3.25 17.28
CA GLU A 68 5.53 -2.09 16.81
C GLU A 68 5.82 -1.89 15.32
N CYS A 69 4.81 -1.65 14.52
CA CYS A 69 5.05 -1.44 13.05
C CYS A 69 5.04 0.06 12.76
N ASP A 70 6.08 0.56 12.17
CA ASP A 70 6.15 2.01 11.87
C ASP A 70 5.03 2.38 10.88
N PHE A 71 4.68 3.64 10.81
CA PHE A 71 3.60 4.05 9.88
C PHE A 71 3.86 3.42 8.52
N GLN A 72 5.10 3.37 8.10
CA GLN A 72 5.42 2.76 6.78
C GLN A 72 5.19 1.24 6.81
N GLU A 73 5.55 0.60 7.90
CA GLU A 73 5.36 -0.88 7.97
C GLU A 73 3.86 -1.21 7.88
N PHE A 74 3.04 -0.50 8.60
CA PHE A 74 1.58 -0.76 8.53
C PHE A 74 1.07 -0.27 7.18
N MET A 75 1.75 0.66 6.61
CA MET A 75 1.33 1.19 5.29
C MET A 75 1.32 0.05 4.29
N ALA A 76 2.30 -0.81 4.37
CA ALA A 76 2.35 -1.93 3.40
C ALA A 76 1.20 -2.92 3.68
N PHE A 77 0.79 -3.05 4.90
CA PHE A 77 -0.32 -3.99 5.22
C PHE A 77 -1.57 -3.59 4.46
N VAL A 78 -1.82 -2.31 4.37
CA VAL A 78 -3.02 -1.81 3.65
C VAL A 78 -2.94 -2.17 2.18
N SER A 79 -1.77 -2.12 1.63
CA SER A 79 -1.64 -2.43 0.18
C SER A 79 -1.97 -3.91 -0.08
N MET A 80 -1.51 -4.80 0.74
CA MET A 80 -1.82 -6.24 0.46
C MET A 80 -3.30 -6.54 0.67
N VAL A 81 -3.88 -6.00 1.71
CA VAL A 81 -5.30 -6.30 1.97
C VAL A 81 -6.16 -5.75 0.83
N THR A 82 -5.77 -4.62 0.29
CA THR A 82 -6.54 -4.03 -0.82
C THR A 82 -6.55 -5.02 -1.97
N THR A 83 -5.45 -5.65 -2.19
CA THR A 83 -5.35 -6.64 -3.29
C THR A 83 -6.46 -7.68 -3.09
N ALA A 84 -6.76 -8.01 -1.86
CA ALA A 84 -7.84 -9.00 -1.59
C ALA A 84 -9.17 -8.47 -2.15
N CYS A 85 -9.40 -7.18 -2.02
CA CYS A 85 -10.67 -6.60 -2.55
C CYS A 85 -10.75 -6.82 -4.06
N HIS A 86 -9.65 -6.74 -4.76
CA HIS A 86 -9.69 -6.96 -6.23
C HIS A 86 -10.24 -8.36 -6.51
N GLU A 87 -9.85 -9.33 -5.73
CA GLU A 87 -10.36 -10.71 -5.96
C GLU A 87 -11.88 -10.72 -5.73
N PHE A 88 -12.34 -10.01 -4.74
CA PHE A 88 -13.81 -9.98 -4.47
C PHE A 88 -14.50 -9.06 -5.47
N PHE A 89 -13.96 -7.89 -5.67
CA PHE A 89 -14.58 -6.93 -6.65
C PHE A 89 -13.87 -7.10 -7.99
N GLU A 90 -14.01 -8.24 -8.60
CA GLU A 90 -13.34 -8.47 -9.90
C GLU A 90 -14.21 -7.91 -11.02
N HIS A 91 -13.86 -6.77 -11.52
CA HIS A 91 -14.65 -6.15 -12.62
C HIS A 91 -14.45 -6.96 -13.90
N GLU A 92 -13.41 -7.75 -13.96
CA GLU A 92 -13.15 -8.55 -15.18
N MET B 1 -12.51 9.10 8.71
CA MET B 1 -13.35 8.27 9.62
C MET B 1 -13.62 6.91 8.99
N SER B 2 -12.71 5.99 9.14
CA SER B 2 -12.91 4.63 8.54
C SER B 2 -13.12 4.75 7.03
N GLU B 3 -12.56 5.77 6.43
CA GLU B 3 -12.69 5.95 4.96
C GLU B 3 -11.79 4.96 4.24
N LEU B 4 -11.28 4.00 4.97
CA LEU B 4 -10.35 3.01 4.36
C LEU B 4 -11.05 2.25 3.23
N GLU B 5 -12.33 2.01 3.33
CA GLU B 5 -13.04 1.25 2.24
C GLU B 5 -12.93 2.00 0.92
N LYS B 6 -13.04 3.29 0.95
CA LYS B 6 -12.97 4.08 -0.32
C LYS B 6 -11.56 4.02 -0.88
N ALA B 7 -10.57 4.08 -0.04
CA ALA B 7 -9.16 4.06 -0.53
C ALA B 7 -8.83 2.72 -1.18
N MET B 8 -9.28 1.64 -0.61
CA MET B 8 -8.96 0.30 -1.18
C MET B 8 -9.61 0.16 -2.55
N VAL B 9 -10.80 0.64 -2.68
CA VAL B 9 -11.51 0.52 -3.98
C VAL B 9 -10.85 1.40 -5.04
N ALA B 10 -10.39 2.55 -4.65
CA ALA B 10 -9.77 3.49 -5.63
C ALA B 10 -8.43 2.96 -6.14
N LEU B 11 -7.63 2.39 -5.30
CA LEU B 11 -6.31 1.89 -5.79
C LEU B 11 -6.56 0.86 -6.89
N ILE B 12 -7.54 0.04 -6.69
CA ILE B 12 -7.87 -0.99 -7.70
C ILE B 12 -8.33 -0.33 -9.01
N ASP B 13 -9.12 0.73 -8.94
CA ASP B 13 -9.60 1.38 -10.20
C ASP B 13 -8.42 1.96 -11.01
N VAL B 14 -7.45 2.55 -10.37
CA VAL B 14 -6.29 3.15 -11.09
C VAL B 14 -5.40 2.03 -11.67
N PHE B 15 -5.26 0.94 -11.00
CA PHE B 15 -4.39 -0.14 -11.54
C PHE B 15 -4.95 -0.56 -12.89
N HIS B 16 -6.25 -0.64 -13.02
CA HIS B 16 -6.87 -1.03 -14.31
C HIS B 16 -6.87 0.16 -15.28
N GLN B 17 -6.79 1.37 -14.77
CA GLN B 17 -6.83 2.55 -15.66
C GLN B 17 -5.79 2.43 -16.77
N TYR B 18 -4.58 2.05 -16.44
CA TYR B 18 -3.52 1.94 -17.51
C TYR B 18 -3.02 0.49 -17.67
N SER B 19 -3.13 -0.32 -16.67
CA SER B 19 -2.65 -1.73 -16.80
C SER B 19 -3.43 -2.48 -17.89
N GLY B 20 -4.73 -2.39 -17.87
CA GLY B 20 -5.54 -3.12 -18.89
C GLY B 20 -5.48 -2.42 -20.26
N ARG B 21 -4.51 -1.57 -20.47
CA ARG B 21 -4.43 -0.87 -21.78
C ARG B 21 -4.29 -1.88 -22.94
N GLU B 22 -3.46 -2.90 -22.77
CA GLU B 22 -3.28 -3.92 -23.86
C GLU B 22 -3.86 -5.27 -23.40
N GLY B 23 -3.66 -5.62 -22.15
CA GLY B 23 -4.19 -6.92 -21.66
C GLY B 23 -3.42 -7.40 -20.43
N ASP B 24 -2.35 -6.73 -20.06
CA ASP B 24 -1.60 -7.20 -18.87
C ASP B 24 -2.43 -6.89 -17.62
N LYS B 25 -3.67 -7.31 -17.62
CA LYS B 25 -4.57 -7.05 -16.47
C LYS B 25 -4.08 -7.81 -15.22
N HIS B 26 -3.63 -9.03 -15.38
CA HIS B 26 -3.17 -9.82 -14.19
C HIS B 26 -1.69 -9.58 -13.91
N LYS B 27 -1.01 -8.82 -14.73
CA LYS B 27 0.44 -8.54 -14.49
C LYS B 27 0.77 -7.16 -15.04
N LEU B 28 1.72 -6.48 -14.46
CA LEU B 28 2.09 -5.11 -14.94
C LEU B 28 3.50 -5.15 -15.51
N LYS B 29 3.69 -4.66 -16.70
CA LYS B 29 5.06 -4.67 -17.29
C LYS B 29 5.73 -3.34 -17.02
N LYS B 30 7.03 -3.32 -16.88
CA LYS B 30 7.74 -2.03 -16.66
C LYS B 30 7.23 -1.03 -17.70
N SER B 31 6.68 -1.55 -18.76
CA SER B 31 6.14 -0.67 -19.83
C SER B 31 4.86 0.02 -19.33
N GLU B 32 3.91 -0.74 -18.86
CA GLU B 32 2.66 -0.14 -18.35
C GLU B 32 2.99 0.72 -17.12
N LEU B 33 3.98 0.31 -16.37
CA LEU B 33 4.39 1.07 -15.17
C LEU B 33 4.80 2.47 -15.60
N LYS B 34 5.50 2.58 -16.70
CA LYS B 34 5.93 3.90 -17.20
C LYS B 34 4.71 4.76 -17.54
N GLU B 35 3.70 4.17 -18.12
CA GLU B 35 2.51 4.96 -18.51
C GLU B 35 1.84 5.56 -17.27
N LEU B 36 1.76 4.83 -16.19
CA LEU B 36 1.12 5.42 -14.98
C LEU B 36 2.02 6.53 -14.43
N ILE B 37 3.29 6.28 -14.34
CA ILE B 37 4.21 7.30 -13.77
C ILE B 37 4.40 8.50 -14.68
N ASN B 38 4.54 8.30 -15.97
CA ASN B 38 4.77 9.49 -16.85
C ASN B 38 3.46 10.19 -17.22
N ASN B 39 2.39 9.44 -17.31
CA ASN B 39 1.08 10.05 -17.73
C ASN B 39 0.15 10.33 -16.54
N GLU B 40 0.10 9.47 -15.55
CA GLU B 40 -0.85 9.72 -14.41
C GLU B 40 -0.16 10.54 -13.32
N LEU B 41 1.15 10.51 -13.27
CA LEU B 41 1.89 11.29 -12.22
C LEU B 41 2.72 12.39 -12.92
N SER B 42 2.11 13.12 -13.80
CA SER B 42 2.85 14.19 -14.53
C SER B 42 3.29 15.31 -13.58
N HIS B 43 2.46 15.69 -12.65
CA HIS B 43 2.82 16.78 -11.69
C HIS B 43 2.47 16.39 -10.26
N PHE B 44 1.70 15.35 -10.08
CA PHE B 44 1.33 14.94 -8.70
C PHE B 44 2.55 14.38 -7.97
N LEU B 45 3.38 13.64 -8.66
CA LEU B 45 4.60 13.05 -8.01
C LEU B 45 5.84 13.36 -8.87
N GLU B 46 6.76 12.44 -8.91
CA GLU B 46 8.01 12.65 -9.71
C GLU B 46 7.80 12.06 -11.12
N GLU B 47 7.65 12.89 -12.11
CA GLU B 47 7.48 12.38 -13.50
C GLU B 47 8.79 11.72 -13.93
N ILE B 48 8.73 10.55 -14.52
CA ILE B 48 10.00 9.88 -14.96
C ILE B 48 10.31 10.32 -16.39
N LYS B 49 11.55 10.57 -16.66
CA LYS B 49 11.97 11.05 -18.01
C LYS B 49 12.75 9.97 -18.76
N GLU B 50 13.37 9.06 -18.05
CA GLU B 50 14.17 7.97 -18.72
C GLU B 50 13.60 6.60 -18.37
N GLN B 51 13.65 5.70 -19.29
CA GLN B 51 13.15 4.33 -19.01
C GLN B 51 14.08 3.68 -17.99
N GLU B 52 15.30 4.15 -17.89
CA GLU B 52 16.26 3.55 -16.92
C GLU B 52 15.75 3.72 -15.49
N VAL B 53 15.18 4.85 -15.18
CA VAL B 53 14.68 5.05 -13.80
C VAL B 53 13.64 4.00 -13.53
N VAL B 54 12.83 3.72 -14.51
CA VAL B 54 11.79 2.69 -14.33
C VAL B 54 12.45 1.36 -14.04
N ASP B 55 13.53 1.07 -14.71
CA ASP B 55 14.23 -0.23 -14.48
C ASP B 55 14.69 -0.32 -13.03
N LYS B 56 15.17 0.77 -12.51
CA LYS B 56 15.68 0.77 -11.11
C LYS B 56 14.52 0.54 -10.17
N VAL B 57 13.41 1.14 -10.47
CA VAL B 57 12.21 0.97 -9.63
C VAL B 57 11.76 -0.48 -9.75
N MET B 58 11.95 -1.05 -10.91
CA MET B 58 11.55 -2.46 -11.11
C MET B 58 12.48 -3.38 -10.32
N GLU B 59 13.69 -2.99 -10.11
CA GLU B 59 14.58 -3.89 -9.32
C GLU B 59 13.90 -4.07 -7.96
N THR B 60 13.33 -3.00 -7.46
CA THR B 60 12.61 -3.06 -6.17
C THR B 60 11.25 -3.76 -6.31
N LEU B 61 10.49 -3.43 -7.33
CA LEU B 61 9.13 -4.05 -7.50
C LEU B 61 9.22 -5.35 -8.31
N ASP B 62 10.31 -5.59 -8.97
CA ASP B 62 10.43 -6.87 -9.74
C ASP B 62 10.81 -7.94 -8.72
N GLU B 63 9.94 -8.14 -7.79
CA GLU B 63 10.21 -9.13 -6.72
C GLU B 63 10.41 -10.51 -7.32
N ASP B 64 9.64 -10.86 -8.32
CA ASP B 64 9.82 -12.20 -8.96
C ASP B 64 10.99 -12.14 -9.94
N GLY B 65 11.52 -10.96 -10.18
CA GLY B 65 12.69 -10.85 -11.11
C GLY B 65 12.28 -11.20 -12.54
N ASP B 66 11.08 -10.84 -12.97
CA ASP B 66 10.63 -11.15 -14.36
C ASP B 66 10.62 -9.89 -15.23
N GLY B 67 11.03 -8.78 -14.67
CA GLY B 67 11.02 -7.51 -15.47
C GLY B 67 9.59 -6.95 -15.47
N GLU B 68 8.71 -7.61 -14.79
CA GLU B 68 7.28 -7.17 -14.71
C GLU B 68 6.84 -7.26 -13.24
N CYS B 69 6.16 -6.28 -12.73
CA CYS B 69 5.71 -6.33 -11.30
C CYS B 69 4.24 -6.77 -11.26
N ASP B 70 3.96 -7.80 -10.54
CA ASP B 70 2.55 -8.30 -10.47
C ASP B 70 1.66 -7.23 -9.83
N PHE B 71 0.38 -7.29 -10.04
CA PHE B 71 -0.52 -6.28 -9.46
C PHE B 71 -0.17 -6.10 -7.98
N GLN B 72 0.15 -7.16 -7.29
CA GLN B 72 0.52 -7.06 -5.85
C GLN B 72 1.87 -6.35 -5.70
N GLU B 73 2.82 -6.64 -6.55
CA GLU B 73 4.15 -5.99 -6.43
C GLU B 73 4.00 -4.48 -6.62
N PHE B 74 3.27 -4.07 -7.61
CA PHE B 74 3.07 -2.61 -7.83
C PHE B 74 2.17 -2.07 -6.72
N MET B 75 1.37 -2.93 -6.17
CA MET B 75 0.45 -2.50 -5.07
C MET B 75 1.29 -1.96 -3.92
N ALA B 76 2.40 -2.59 -3.66
CA ALA B 76 3.25 -2.12 -2.53
C ALA B 76 3.90 -0.78 -2.90
N PHE B 77 4.16 -0.55 -4.15
CA PHE B 77 4.79 0.75 -4.54
C PHE B 77 3.88 1.91 -4.14
N VAL B 78 2.61 1.73 -4.32
CA VAL B 78 1.63 2.81 -3.99
C VAL B 78 1.66 3.07 -2.48
N SER B 79 1.83 2.05 -1.70
CA SER B 79 1.84 2.26 -0.23
C SER B 79 3.06 3.10 0.18
N MET B 80 4.22 2.83 -0.37
CA MET B 80 5.39 3.63 0.07
C MET B 80 5.30 5.07 -0.42
N VAL B 81 4.86 5.28 -1.62
CA VAL B 81 4.77 6.66 -2.15
C VAL B 81 3.77 7.46 -1.33
N THR B 82 2.72 6.82 -0.91
CA THR B 82 1.68 7.52 -0.10
C THR B 82 2.35 8.04 1.17
N THR B 83 3.22 7.24 1.73
CA THR B 83 3.91 7.67 2.96
C THR B 83 4.60 9.00 2.70
N ALA B 84 5.10 9.19 1.51
CA ALA B 84 5.76 10.48 1.16
C ALA B 84 4.75 11.62 1.33
N CYS B 85 3.53 11.41 0.94
CA CYS B 85 2.50 12.47 1.06
C CYS B 85 2.35 12.86 2.54
N HIS B 86 2.44 11.92 3.44
CA HIS B 86 2.31 12.27 4.89
C HIS B 86 3.38 13.29 5.25
N GLU B 87 4.57 13.11 4.75
CA GLU B 87 5.65 14.08 5.08
C GLU B 87 5.27 15.45 4.52
N PHE B 88 4.70 15.50 3.35
CA PHE B 88 4.32 16.81 2.77
C PHE B 88 3.03 17.32 3.43
N PHE B 89 2.05 16.47 3.56
CA PHE B 89 0.77 16.88 4.21
C PHE B 89 0.83 16.49 5.68
N GLU B 90 1.72 17.09 6.42
CA GLU B 90 1.83 16.75 7.85
C GLU B 90 0.82 17.55 8.65
N HIS B 91 -0.26 16.93 9.02
CA HIS B 91 -1.30 17.64 9.80
C HIS B 91 -0.78 17.92 11.22
N GLU B 92 0.24 17.22 11.63
CA GLU B 92 0.80 17.44 12.98
N SER C 1 -29.73 -17.83 9.43
CA SER C 1 -29.50 -18.31 10.82
C SER C 1 -29.02 -19.77 10.78
N HIS C 2 -29.31 -20.52 11.81
CA HIS C 2 -28.87 -21.95 11.84
C HIS C 2 -27.37 -22.01 11.52
N LEU C 3 -26.60 -21.10 12.02
CA LEU C 3 -25.13 -21.12 11.74
C LEU C 3 -24.47 -22.27 12.49
N LYS C 4 -23.48 -22.90 11.91
CA LYS C 4 -22.79 -24.04 12.58
C LYS C 4 -21.43 -23.58 13.13
N SER C 5 -21.18 -23.83 14.38
CA SER C 5 -19.87 -23.43 14.97
C SER C 5 -18.78 -24.36 14.48
N LYS C 6 -17.60 -23.85 14.22
CA LYS C 6 -16.49 -24.73 13.74
C LYS C 6 -15.81 -25.41 14.93
N LYS C 7 -15.70 -26.70 14.90
CA LYS C 7 -15.04 -27.43 16.01
C LYS C 7 -13.59 -26.95 16.17
N GLY C 8 -12.91 -26.73 15.08
CA GLY C 8 -11.50 -26.28 15.16
C GLY C 8 -11.43 -24.90 15.81
N GLN C 9 -10.41 -24.14 15.52
CA GLN C 9 -10.26 -22.78 16.11
C GLN C 9 -10.59 -21.71 15.06
N SER C 10 -11.27 -20.67 15.46
CA SER C 10 -11.62 -19.60 14.48
C SER C 10 -10.36 -18.88 14.00
N THR C 11 -9.33 -18.86 14.79
CA THR C 11 -8.07 -18.18 14.36
C THR C 11 -7.72 -18.60 12.93
N SER C 12 -8.15 -19.77 12.54
CA SER C 12 -7.87 -20.25 11.16
C SER C 12 -8.22 -19.14 10.17
N ARG C 13 -9.11 -18.27 10.56
CA ARG C 13 -9.51 -17.16 9.67
C ARG C 13 -8.29 -16.30 9.32
N HIS C 14 -7.42 -16.06 10.26
CA HIS C 14 -6.21 -15.24 9.94
C HIS C 14 -5.43 -15.93 8.84
N LYS C 15 -5.42 -17.23 8.81
CA LYS C 15 -4.68 -17.94 7.73
C LYS C 15 -5.26 -17.52 6.39
N LYS C 16 -6.53 -17.25 6.34
CA LYS C 16 -7.13 -16.82 5.05
C LYS C 16 -6.36 -15.60 4.59
N LEU C 17 -5.98 -14.73 5.50
CA LEU C 17 -5.20 -13.51 5.15
C LEU C 17 -3.75 -13.88 4.81
N MET C 18 -3.25 -14.97 5.32
CA MET C 18 -1.84 -15.34 5.01
C MET C 18 -1.68 -15.51 3.49
N PHE C 19 -2.73 -15.81 2.76
CA PHE C 19 -2.56 -15.97 1.28
C PHE C 19 -1.77 -14.79 0.72
N LYS C 20 -1.90 -13.61 1.30
CA LYS C 20 -1.08 -12.47 0.79
C LYS C 20 0.38 -12.74 1.17
N THR C 21 0.61 -13.25 2.35
CA THR C 21 2.02 -13.52 2.75
C THR C 21 2.64 -14.51 1.77
N GLU C 22 1.84 -15.42 1.26
CA GLU C 22 2.37 -16.42 0.29
N SER D 1 10.28 32.18 -12.17
CA SER D 1 11.09 31.92 -13.39
C SER D 1 12.58 31.93 -13.02
N HIS D 2 13.43 32.30 -13.95
CA HIS D 2 14.89 32.33 -13.65
C HIS D 2 15.30 31.00 -13.04
N LEU D 3 14.77 29.91 -13.53
CA LEU D 3 15.13 28.58 -12.95
C LEU D 3 16.57 28.23 -13.37
N LYS D 4 17.30 27.56 -12.50
CA LYS D 4 18.71 27.18 -12.83
C LYS D 4 18.79 25.69 -13.16
N SER D 5 19.36 25.35 -14.29
CA SER D 5 19.47 23.91 -14.67
C SER D 5 20.56 23.25 -13.81
N LYS D 6 20.35 22.02 -13.42
CA LYS D 6 21.38 21.32 -12.59
C LYS D 6 22.46 20.74 -13.50
N LYS D 7 23.70 21.03 -13.23
CA LYS D 7 24.80 20.49 -14.07
C LYS D 7 24.79 18.97 -14.01
N GLY D 8 24.54 18.40 -12.85
CA GLY D 8 24.54 16.92 -12.73
C GLY D 8 23.41 16.34 -13.57
N GLN D 9 22.92 15.18 -13.20
CA GLN D 9 21.82 14.53 -13.98
C GLN D 9 20.50 14.64 -13.20
N SER D 10 19.42 14.90 -13.88
CA SER D 10 18.10 15.03 -13.19
C SER D 10 17.69 13.69 -12.59
N THR D 11 18.13 12.60 -13.15
CA THR D 11 17.75 11.27 -12.60
C THR D 11 17.95 11.28 -11.08
N SER D 12 18.83 12.10 -10.60
CA SER D 12 19.06 12.18 -9.13
C SER D 12 17.70 12.30 -8.42
N ARG D 13 16.73 12.79 -9.12
CA ARG D 13 15.37 12.95 -8.53
C ARG D 13 14.85 11.58 -8.08
N HIS D 14 15.07 10.55 -8.86
CA HIS D 14 14.57 9.21 -8.44
C HIS D 14 15.20 8.84 -7.10
N LYS D 15 16.41 9.25 -6.86
CA LYS D 15 17.06 8.93 -5.56
C LYS D 15 16.21 9.53 -4.44
N LYS D 16 15.59 10.64 -4.69
CA LYS D 16 14.75 11.25 -3.64
C LYS D 16 13.71 10.20 -3.23
N LEU D 17 13.21 9.46 -4.19
CA LEU D 17 12.20 8.39 -3.89
C LEU D 17 12.89 7.18 -3.21
N MET D 18 14.15 7.00 -3.42
CA MET D 18 14.83 5.83 -2.79
C MET D 18 14.71 5.93 -1.26
N PHE D 19 14.54 7.12 -0.71
CA PHE D 19 14.42 7.21 0.77
C PHE D 19 13.42 6.18 1.27
N LYS D 20 12.40 5.85 0.50
CA LYS D 20 11.47 4.79 0.96
C LYS D 20 12.20 3.46 0.94
N THR D 21 12.99 3.23 -0.08
CA THR D 21 13.73 1.93 -0.15
C THR D 21 14.62 1.81 1.08
N GLU D 22 15.12 2.91 1.58
CA GLU D 22 16.00 2.86 2.78
CA CA E . 0.03 5.34 16.40
CA CA F . 7.88 -3.07 13.29
CA CA G . -1.31 -4.43 -16.78
CA CA H . 7.98 -8.59 -10.63
N MET A 1 -10.30 8.09 -12.92
CA MET A 1 -9.82 9.22 -13.76
C MET A 1 -8.90 10.10 -12.93
N SER A 2 -7.69 9.66 -12.66
CA SER A 2 -6.75 10.48 -11.86
C SER A 2 -7.41 10.81 -10.52
N GLU A 3 -8.30 9.97 -10.08
CA GLU A 3 -9.01 10.20 -8.78
C GLU A 3 -8.10 9.84 -7.61
N LEU A 4 -7.00 9.18 -7.85
CA LEU A 4 -6.11 8.80 -6.72
C LEU A 4 -5.89 9.99 -5.78
N GLU A 5 -6.14 11.18 -6.23
CA GLU A 5 -5.92 12.36 -5.34
C GLU A 5 -6.89 12.28 -4.15
N LYS A 6 -8.11 11.87 -4.39
CA LYS A 6 -9.09 11.77 -3.27
C LYS A 6 -8.80 10.51 -2.46
N ALA A 7 -8.42 9.46 -3.11
CA ALA A 7 -8.15 8.19 -2.40
C ALA A 7 -6.98 8.35 -1.42
N MET A 8 -5.91 8.93 -1.87
CA MET A 8 -4.73 9.12 -0.99
C MET A 8 -5.11 9.97 0.22
N VAL A 9 -5.89 10.98 -0.01
CA VAL A 9 -6.30 11.87 1.11
C VAL A 9 -7.13 11.08 2.12
N ALA A 10 -7.96 10.20 1.63
CA ALA A 10 -8.83 9.40 2.53
C ALA A 10 -8.02 8.42 3.37
N LEU A 11 -6.98 7.83 2.83
CA LEU A 11 -6.20 6.84 3.63
C LEU A 11 -5.69 7.57 4.88
N ILE A 12 -5.26 8.77 4.70
CA ILE A 12 -4.73 9.58 5.83
C ILE A 12 -5.83 9.92 6.82
N ASP A 13 -7.00 10.26 6.36
CA ASP A 13 -8.10 10.64 7.30
C ASP A 13 -8.46 9.50 8.24
N VAL A 14 -8.69 8.34 7.70
CA VAL A 14 -9.07 7.15 8.54
C VAL A 14 -7.93 6.83 9.53
N PHE A 15 -6.71 6.92 9.09
CA PHE A 15 -5.57 6.61 9.99
C PHE A 15 -5.67 7.47 11.25
N HIS A 16 -6.05 8.70 11.12
CA HIS A 16 -6.18 9.59 12.31
C HIS A 16 -7.48 9.32 13.06
N GLN A 17 -8.48 8.73 12.42
CA GLN A 17 -9.77 8.50 13.13
C GLN A 17 -9.57 7.67 14.40
N TYR A 18 -8.77 6.62 14.36
CA TYR A 18 -8.58 5.78 15.58
C TYR A 18 -7.14 5.85 16.10
N SER A 19 -6.18 6.15 15.26
CA SER A 19 -4.77 6.22 15.75
C SER A 19 -4.64 7.29 16.82
N GLY A 20 -5.27 8.42 16.65
CA GLY A 20 -5.15 9.50 17.67
C GLY A 20 -6.03 9.17 18.88
N ARG A 21 -6.86 8.17 18.78
CA ARG A 21 -7.73 7.82 19.94
C ARG A 21 -6.86 7.44 21.14
N GLU A 22 -5.83 6.67 20.91
CA GLU A 22 -4.95 6.24 22.05
C GLU A 22 -3.98 7.37 22.41
N GLY A 23 -2.94 7.55 21.66
CA GLY A 23 -1.98 8.63 22.00
C GLY A 23 -0.93 8.81 20.90
N ASP A 24 -0.48 7.74 20.30
CA ASP A 24 0.55 7.89 19.23
C ASP A 24 -0.14 8.26 17.91
N LYS A 25 0.00 9.49 17.49
CA LYS A 25 -0.63 9.92 16.22
C LYS A 25 0.30 9.60 15.04
N HIS A 26 1.58 9.53 15.29
CA HIS A 26 2.55 9.24 14.18
C HIS A 26 2.96 7.76 14.19
N LYS A 27 2.49 7.00 15.15
CA LYS A 27 2.87 5.54 15.20
C LYS A 27 1.64 4.73 15.59
N LEU A 28 1.48 3.59 14.97
CA LEU A 28 0.30 2.71 15.26
C LEU A 28 0.76 1.51 16.08
N LYS A 29 0.05 1.17 17.13
CA LYS A 29 0.44 0.00 17.96
C LYS A 29 -0.44 -1.19 17.58
N LYS A 30 0.04 -2.38 17.74
CA LYS A 30 -0.79 -3.57 17.42
C LYS A 30 -2.15 -3.39 18.11
N SER A 31 -2.16 -2.58 19.13
CA SER A 31 -3.43 -2.33 19.87
C SER A 31 -4.32 -1.37 19.07
N GLU A 32 -3.77 -0.29 18.58
CA GLU A 32 -4.60 0.65 17.76
C GLU A 32 -4.98 -0.04 16.46
N LEU A 33 -4.09 -0.84 15.93
CA LEU A 33 -4.38 -1.57 14.66
C LEU A 33 -5.60 -2.46 14.89
N LYS A 34 -5.66 -3.09 16.01
CA LYS A 34 -6.83 -3.97 16.33
C LYS A 34 -8.10 -3.13 16.38
N GLU A 35 -8.02 -1.95 16.94
CA GLU A 35 -9.23 -1.10 17.05
C GLU A 35 -9.79 -0.78 15.67
N LEU A 36 -8.96 -0.54 14.70
CA LEU A 36 -9.51 -0.23 13.35
C LEU A 36 -10.12 -1.50 12.76
N ILE A 37 -9.44 -2.59 12.92
CA ILE A 37 -9.95 -3.85 12.33
C ILE A 37 -11.20 -4.35 13.07
N ASN A 38 -11.24 -4.30 14.36
CA ASN A 38 -12.44 -4.83 15.08
C ASN A 38 -13.59 -3.81 15.11
N ASN A 39 -13.30 -2.55 15.20
CA ASN A 39 -14.39 -1.52 15.31
C ASN A 39 -14.69 -0.82 13.98
N GLU A 40 -13.70 -0.56 13.17
CA GLU A 40 -13.99 0.19 11.90
C GLU A 40 -14.42 -0.78 10.80
N LEU A 41 -14.19 -2.06 10.98
CA LEU A 41 -14.59 -3.05 9.92
C LEU A 41 -15.73 -3.92 10.44
N SER A 42 -16.80 -3.32 10.89
CA SER A 42 -17.94 -4.14 11.42
C SER A 42 -18.40 -5.11 10.33
N HIS A 43 -18.51 -4.67 9.10
CA HIS A 43 -18.96 -5.60 8.00
C HIS A 43 -18.12 -5.38 6.74
N PHE A 44 -17.34 -4.33 6.68
CA PHE A 44 -16.53 -4.10 5.45
C PHE A 44 -15.41 -5.15 5.35
N LEU A 45 -15.04 -5.77 6.43
CA LEU A 45 -13.97 -6.82 6.37
C LEU A 45 -14.21 -7.81 7.51
N GLU A 46 -13.56 -8.95 7.50
CA GLU A 46 -13.80 -9.91 8.60
C GLU A 46 -13.20 -9.34 9.89
N GLU A 47 -14.02 -9.11 10.88
CA GLU A 47 -13.51 -8.56 12.17
C GLU A 47 -12.60 -9.59 12.84
N ILE A 48 -11.69 -9.12 13.65
CA ILE A 48 -10.78 -10.04 14.38
C ILE A 48 -11.34 -10.21 15.79
N LYS A 49 -11.31 -11.41 16.33
CA LYS A 49 -11.87 -11.64 17.70
C LYS A 49 -10.75 -11.93 18.69
N GLU A 50 -9.64 -12.42 18.20
CA GLU A 50 -8.48 -12.73 19.11
C GLU A 50 -7.33 -11.79 18.81
N GLN A 51 -6.66 -11.34 19.82
CA GLN A 51 -5.51 -10.43 19.58
C GLN A 51 -4.38 -11.22 18.92
N GLU A 52 -4.40 -12.53 19.03
CA GLU A 52 -3.31 -13.34 18.41
C GLU A 52 -3.28 -13.09 16.90
N VAL A 53 -4.43 -13.01 16.29
CA VAL A 53 -4.45 -12.79 14.82
C VAL A 53 -3.77 -11.46 14.53
N VAL A 54 -4.00 -10.49 15.36
CA VAL A 54 -3.39 -9.17 15.16
C VAL A 54 -1.87 -9.26 15.26
N ASP A 55 -1.37 -10.06 16.16
CA ASP A 55 0.10 -10.19 16.32
C ASP A 55 0.70 -10.83 15.08
N LYS A 56 0.02 -11.77 14.53
CA LYS A 56 0.54 -12.46 13.30
C LYS A 56 0.54 -11.47 12.16
N VAL A 57 -0.48 -10.67 12.08
CA VAL A 57 -0.55 -9.65 11.00
C VAL A 57 0.57 -8.66 11.26
N MET A 58 0.88 -8.44 12.50
CA MET A 58 1.96 -7.49 12.83
C MET A 58 3.29 -8.11 12.42
N GLU A 59 3.39 -9.40 12.39
CA GLU A 59 4.68 -10.00 11.96
C GLU A 59 4.93 -9.46 10.54
N THR A 60 3.88 -9.38 9.76
CA THR A 60 4.00 -8.84 8.38
C THR A 60 4.12 -7.30 8.38
N LEU A 61 3.35 -6.61 9.21
CA LEU A 61 3.40 -5.12 9.22
C LEU A 61 4.43 -4.61 10.23
N ASP A 62 4.89 -5.45 11.11
CA ASP A 62 5.90 -4.99 12.11
C ASP A 62 7.26 -5.04 11.41
N GLU A 63 7.35 -4.29 10.36
CA GLU A 63 8.60 -4.28 9.55
C GLU A 63 9.77 -3.82 10.41
N ASP A 64 9.57 -2.87 11.27
CA ASP A 64 10.70 -2.41 12.13
C ASP A 64 10.85 -3.38 13.30
N GLY A 65 9.96 -4.32 13.43
CA GLY A 65 10.07 -5.32 14.53
C GLY A 65 9.93 -4.64 15.90
N ASP A 66 9.10 -3.63 16.02
CA ASP A 66 8.92 -2.93 17.33
C ASP A 66 7.57 -3.30 17.95
N GLY A 67 6.81 -4.14 17.30
CA GLY A 67 5.48 -4.52 17.85
C GLY A 67 4.48 -3.41 17.53
N GLU A 68 4.90 -2.45 16.77
CA GLU A 68 4.03 -1.32 16.37
C GLU A 68 4.30 -1.02 14.89
N CYS A 69 3.29 -0.79 14.11
CA CYS A 69 3.51 -0.49 12.64
C CYS A 69 3.40 1.02 12.46
N ASP A 70 4.42 1.64 11.97
CA ASP A 70 4.40 3.11 11.79
C ASP A 70 3.25 3.45 10.85
N PHE A 71 2.85 4.69 10.81
CA PHE A 71 1.75 5.08 9.90
C PHE A 71 2.05 4.50 8.52
N GLN A 72 3.29 4.55 8.12
CA GLN A 72 3.69 3.98 6.79
C GLN A 72 3.41 2.48 6.75
N GLU A 73 3.78 1.76 7.77
CA GLU A 73 3.59 0.29 7.76
C GLU A 73 2.09 -0.06 7.69
N PHE A 74 1.26 0.66 8.39
CA PHE A 74 -0.21 0.34 8.32
C PHE A 74 -0.73 0.73 6.93
N MET A 75 -0.18 1.75 6.36
CA MET A 75 -0.64 2.22 5.03
C MET A 75 -0.45 1.11 3.99
N ALA A 76 0.61 0.37 4.08
CA ALA A 76 0.82 -0.70 3.06
C ALA A 76 -0.24 -1.79 3.22
N PHE A 77 -0.64 -2.06 4.42
CA PHE A 77 -1.68 -3.12 4.64
C PHE A 77 -2.97 -2.75 3.91
N VAL A 78 -3.18 -1.50 3.69
CA VAL A 78 -4.42 -1.06 3.02
C VAL A 78 -4.30 -1.32 1.52
N SER A 79 -3.12 -1.23 0.99
CA SER A 79 -2.97 -1.46 -0.46
C SER A 79 -3.25 -2.92 -0.80
N MET A 80 -2.77 -3.83 0.02
CA MET A 80 -3.02 -5.27 -0.29
C MET A 80 -4.48 -5.65 -0.01
N VAL A 81 -5.05 -5.19 1.08
CA VAL A 81 -6.47 -5.56 1.37
C VAL A 81 -7.36 -5.07 0.25
N THR A 82 -7.07 -3.93 -0.29
CA THR A 82 -7.91 -3.40 -1.39
C THR A 82 -7.88 -4.40 -2.54
N THR A 83 -6.73 -4.97 -2.78
CA THR A 83 -6.61 -5.95 -3.87
C THR A 83 -7.76 -6.97 -3.74
N ALA A 84 -8.06 -7.35 -2.53
CA ALA A 84 -9.18 -8.31 -2.31
C ALA A 84 -10.49 -7.61 -2.72
N CYS A 85 -10.58 -6.32 -2.51
CA CYS A 85 -11.80 -5.57 -2.89
C CYS A 85 -12.04 -5.69 -4.40
N HIS A 86 -10.99 -5.67 -5.19
CA HIS A 86 -11.19 -5.78 -6.66
C HIS A 86 -11.88 -7.10 -6.96
N GLU A 87 -11.51 -8.15 -6.29
CA GLU A 87 -12.17 -9.47 -6.53
C GLU A 87 -13.66 -9.31 -6.23
N PHE A 88 -13.97 -8.58 -5.18
CA PHE A 88 -15.40 -8.38 -4.80
C PHE A 88 -16.00 -7.22 -5.61
N PHE A 89 -15.18 -6.32 -6.08
CA PHE A 89 -15.72 -5.18 -6.85
C PHE A 89 -16.44 -5.73 -8.08
N GLU A 90 -15.89 -6.75 -8.68
CA GLU A 90 -16.54 -7.34 -9.86
C GLU A 90 -17.75 -8.15 -9.44
N HIS A 91 -18.91 -7.55 -9.46
CA HIS A 91 -20.15 -8.27 -9.05
C HIS A 91 -20.51 -9.31 -10.11
N GLU A 92 -20.07 -9.12 -11.33
CA GLU A 92 -20.39 -10.11 -12.40
N MET B 1 -13.66 8.83 8.63
CA MET B 1 -14.77 8.14 9.34
C MET B 1 -15.10 6.84 8.62
N SER B 2 -14.25 5.86 8.72
CA SER B 2 -14.52 4.56 8.03
C SER B 2 -14.71 4.82 6.54
N GLU B 3 -14.10 5.86 6.05
CA GLU B 3 -14.22 6.22 4.61
C GLU B 3 -13.33 5.32 3.76
N LEU B 4 -12.45 4.58 4.36
CA LEU B 4 -11.56 3.69 3.54
C LEU B 4 -12.38 2.92 2.51
N GLU B 5 -13.66 2.81 2.68
CA GLU B 5 -14.45 2.05 1.69
C GLU B 5 -14.40 2.76 0.34
N LYS B 6 -14.46 4.06 0.34
CA LYS B 6 -14.42 4.82 -0.94
C LYS B 6 -12.98 4.87 -1.45
N ALA B 7 -12.04 4.98 -0.56
CA ALA B 7 -10.61 5.06 -0.96
C ALA B 7 -10.18 3.75 -1.64
N MET B 8 -10.49 2.64 -1.06
CA MET B 8 -10.09 1.35 -1.66
C MET B 8 -10.69 1.19 -3.04
N VAL B 9 -11.92 1.58 -3.18
CA VAL B 9 -12.61 1.46 -4.51
C VAL B 9 -11.89 2.34 -5.53
N ALA B 10 -11.44 3.48 -5.11
CA ALA B 10 -10.76 4.43 -6.03
C ALA B 10 -9.40 3.89 -6.48
N LEU B 11 -8.67 3.22 -5.62
CA LEU B 11 -7.34 2.73 -6.06
C LEU B 11 -7.55 1.81 -7.24
N ILE B 12 -8.56 1.01 -7.17
CA ILE B 12 -8.87 0.06 -8.27
C ILE B 12 -9.30 0.78 -9.54
N ASP B 13 -10.09 1.82 -9.42
CA ASP B 13 -10.57 2.54 -10.64
C ASP B 13 -9.38 3.11 -11.43
N VAL B 14 -8.51 3.82 -10.77
CA VAL B 14 -7.34 4.43 -11.47
C VAL B 14 -6.46 3.34 -12.10
N PHE B 15 -6.28 2.25 -11.40
CA PHE B 15 -5.43 1.15 -11.95
C PHE B 15 -5.96 0.75 -13.32
N HIS B 16 -7.24 0.69 -13.48
CA HIS B 16 -7.82 0.31 -14.79
C HIS B 16 -7.79 1.48 -15.78
N GLN B 17 -7.69 2.70 -15.31
CA GLN B 17 -7.72 3.86 -16.27
C GLN B 17 -6.59 3.75 -17.30
N TYR B 18 -5.39 3.39 -16.89
CA TYR B 18 -4.26 3.31 -17.89
C TYR B 18 -3.77 1.86 -18.06
N SER B 19 -3.96 1.01 -17.08
CA SER B 19 -3.46 -0.39 -17.23
C SER B 19 -4.17 -1.07 -18.41
N GLY B 20 -5.44 -0.87 -18.57
CA GLY B 20 -6.15 -1.53 -19.71
C GLY B 20 -5.83 -0.80 -21.01
N ARG B 21 -5.20 0.35 -20.93
CA ARG B 21 -4.86 1.08 -22.19
C ARG B 21 -3.96 0.22 -23.07
N GLU B 22 -3.00 -0.44 -22.47
CA GLU B 22 -2.06 -1.29 -23.27
C GLU B 22 -2.71 -2.63 -23.60
N GLY B 23 -2.74 -3.54 -22.65
CA GLY B 23 -3.35 -4.86 -22.95
C GLY B 23 -3.44 -5.70 -21.67
N ASP B 24 -2.47 -5.62 -20.80
CA ASP B 24 -2.55 -6.45 -19.56
C ASP B 24 -3.40 -5.73 -18.52
N LYS B 25 -4.60 -6.21 -18.30
CA LYS B 25 -5.50 -5.58 -17.31
C LYS B 25 -5.20 -6.13 -15.92
N HIS B 26 -4.67 -7.32 -15.82
CA HIS B 26 -4.37 -7.92 -14.48
C HIS B 26 -2.89 -7.79 -14.15
N LYS B 27 -2.10 -7.25 -15.04
CA LYS B 27 -0.64 -7.10 -14.76
C LYS B 27 -0.16 -5.76 -15.30
N LEU B 28 0.69 -5.10 -14.55
CA LEU B 28 1.21 -3.77 -14.96
C LEU B 28 2.66 -3.92 -15.45
N LYS B 29 3.01 -3.30 -16.55
CA LYS B 29 4.40 -3.39 -17.05
C LYS B 29 5.14 -2.11 -16.71
N LYS B 30 6.43 -2.16 -16.55
CA LYS B 30 7.20 -0.93 -16.24
C LYS B 30 6.77 0.14 -17.24
N SER B 31 6.27 -0.29 -18.37
CA SER B 31 5.82 0.66 -19.41
C SER B 31 4.48 1.28 -19.02
N GLU B 32 3.54 0.48 -18.58
CA GLU B 32 2.22 1.05 -18.16
C GLU B 32 2.42 1.88 -16.90
N LEU B 33 3.29 1.42 -16.04
CA LEU B 33 3.57 2.16 -14.78
C LEU B 33 4.07 3.55 -15.14
N LYS B 34 4.91 3.64 -16.11
CA LYS B 34 5.44 4.96 -16.55
C LYS B 34 4.27 5.83 -17.05
N GLU B 35 3.34 5.24 -17.75
CA GLU B 35 2.21 6.04 -18.29
C GLU B 35 1.43 6.69 -17.15
N LEU B 36 1.24 6.00 -16.07
CA LEU B 36 0.48 6.63 -14.95
C LEU B 36 1.32 7.74 -14.33
N ILE B 37 2.56 7.47 -14.14
CA ILE B 37 3.44 8.47 -13.51
C ILE B 37 3.67 9.68 -14.40
N ASN B 38 3.94 9.47 -15.66
CA ASN B 38 4.21 10.64 -16.55
C ASN B 38 2.94 11.34 -17.02
N ASN B 39 1.89 10.61 -17.23
CA ASN B 39 0.62 11.25 -17.77
C ASN B 39 -0.42 11.51 -16.69
N GLU B 40 -0.58 10.64 -15.75
CA GLU B 40 -1.64 10.87 -14.72
C GLU B 40 -1.14 11.78 -13.60
N LEU B 41 0.15 11.98 -13.49
CA LEU B 41 0.69 12.87 -12.41
C LEU B 41 1.27 14.15 -13.04
N SER B 42 0.50 14.84 -13.83
CA SER B 42 1.04 16.08 -14.45
C SER B 42 1.53 17.04 -13.36
N HIS B 43 0.80 17.19 -12.28
CA HIS B 43 1.25 18.11 -11.17
C HIS B 43 1.00 17.47 -9.80
N PHE B 44 0.27 16.39 -9.75
CA PHE B 44 0.01 15.75 -8.43
C PHE B 44 1.30 15.11 -7.88
N LEU B 45 2.24 14.80 -8.73
CA LEU B 45 3.53 14.20 -8.26
C LEU B 45 4.63 14.57 -9.24
N GLU B 46 5.87 14.39 -8.88
CA GLU B 46 6.95 14.76 -9.84
C GLU B 46 6.91 13.78 -11.02
N GLU B 47 6.69 14.29 -12.20
CA GLU B 47 6.65 13.42 -13.39
C GLU B 47 8.03 12.83 -13.64
N ILE B 48 8.07 11.68 -14.28
CA ILE B 48 9.37 11.05 -14.60
C ILE B 48 9.69 11.38 -16.06
N LYS B 49 10.93 11.70 -16.37
CA LYS B 49 11.29 12.07 -17.77
C LYS B 49 12.15 10.97 -18.41
N GLU B 50 12.81 10.18 -17.62
CA GLU B 50 13.67 9.09 -18.16
C GLU B 50 13.09 7.75 -17.75
N GLN B 51 13.11 6.79 -18.63
CA GLN B 51 12.58 5.46 -18.27
C GLN B 51 13.50 4.81 -17.24
N GLU B 52 14.72 5.27 -17.13
CA GLU B 52 15.65 4.64 -16.14
C GLU B 52 15.08 4.79 -14.74
N VAL B 53 14.51 5.91 -14.43
CA VAL B 53 13.93 6.10 -13.08
C VAL B 53 12.85 5.05 -12.87
N VAL B 54 12.09 4.79 -13.87
CA VAL B 54 11.00 3.79 -13.75
C VAL B 54 11.58 2.42 -13.47
N ASP B 55 12.68 2.09 -14.09
CA ASP B 55 13.29 0.76 -13.89
C ASP B 55 13.77 0.63 -12.44
N LYS B 56 14.30 1.68 -11.91
CA LYS B 56 14.81 1.65 -10.51
C LYS B 56 13.63 1.50 -9.57
N VAL B 57 12.56 2.17 -9.88
CA VAL B 57 11.34 2.06 -9.04
C VAL B 57 10.82 0.64 -9.18
N MET B 58 11.01 0.08 -10.33
CA MET B 58 10.54 -1.30 -10.54
C MET B 58 11.42 -2.25 -9.73
N GLU B 59 12.64 -1.89 -9.47
CA GLU B 59 13.47 -2.81 -8.63
C GLU B 59 12.73 -2.99 -7.32
N THR B 60 12.15 -1.92 -6.83
CA THR B 60 11.37 -1.99 -5.57
C THR B 60 9.99 -2.65 -5.81
N LEU B 61 9.31 -2.29 -6.87
CA LEU B 61 7.95 -2.86 -7.14
C LEU B 61 8.04 -4.16 -7.95
N ASP B 62 9.16 -4.44 -8.55
CA ASP B 62 9.28 -5.70 -9.33
C ASP B 62 9.58 -6.81 -8.34
N GLU B 63 8.68 -6.98 -7.43
CA GLU B 63 8.84 -7.99 -6.37
C GLU B 63 8.99 -9.39 -6.98
N ASP B 64 8.25 -9.68 -8.01
CA ASP B 64 8.39 -11.04 -8.64
C ASP B 64 9.61 -11.04 -9.56
N GLY B 65 10.22 -9.89 -9.75
CA GLY B 65 11.44 -9.82 -10.62
C GLY B 65 11.09 -10.17 -12.07
N ASP B 66 9.94 -9.78 -12.55
CA ASP B 66 9.56 -10.09 -13.96
C ASP B 66 9.63 -8.82 -14.81
N GLY B 67 10.03 -7.71 -14.24
CA GLY B 67 10.10 -6.45 -15.02
C GLY B 67 8.70 -5.86 -15.13
N GLU B 68 7.76 -6.45 -14.45
CA GLU B 68 6.36 -5.97 -14.47
C GLU B 68 5.81 -6.07 -13.04
N CYS B 69 5.10 -5.09 -12.57
CA CYS B 69 4.54 -5.15 -11.18
C CYS B 69 3.07 -5.56 -11.28
N ASP B 70 2.70 -6.63 -10.65
CA ASP B 70 1.28 -7.08 -10.71
C ASP B 70 0.40 -5.98 -10.16
N PHE B 71 -0.88 -6.04 -10.41
CA PHE B 71 -1.79 -5.02 -9.87
C PHE B 71 -1.49 -4.86 -8.38
N GLN B 72 -1.25 -5.95 -7.71
CA GLN B 72 -0.93 -5.91 -6.26
C GLN B 72 0.37 -5.12 -6.03
N GLU B 73 1.38 -5.39 -6.80
CA GLU B 73 2.67 -4.69 -6.60
C GLU B 73 2.52 -3.17 -6.82
N PHE B 74 1.78 -2.77 -7.81
CA PHE B 74 1.59 -1.31 -8.03
C PHE B 74 0.75 -0.73 -6.90
N MET B 75 -0.15 -1.51 -6.38
CA MET B 75 -1.03 -1.03 -5.28
C MET B 75 -0.20 -0.63 -4.07
N ALA B 76 0.83 -1.38 -3.77
CA ALA B 76 1.64 -1.03 -2.58
C ALA B 76 2.35 0.31 -2.80
N PHE B 77 2.76 0.58 -4.01
CA PHE B 77 3.46 1.87 -4.28
C PHE B 77 2.56 3.04 -3.96
N VAL B 78 1.29 2.84 -4.00
CA VAL B 78 0.35 3.96 -3.72
C VAL B 78 0.28 4.20 -2.22
N SER B 79 0.41 3.16 -1.44
CA SER B 79 0.34 3.34 0.03
C SER B 79 1.53 4.16 0.51
N MET B 80 2.70 3.91 -0.01
CA MET B 80 3.88 4.69 0.46
C MET B 80 3.85 6.12 -0.09
N VAL B 81 3.50 6.30 -1.34
CA VAL B 81 3.48 7.68 -1.90
C VAL B 81 2.50 8.53 -1.10
N THR B 82 1.40 7.95 -0.71
CA THR B 82 0.41 8.72 0.07
C THR B 82 1.06 9.23 1.33
N THR B 83 1.88 8.42 1.94
CA THR B 83 2.57 8.84 3.18
C THR B 83 3.19 10.23 2.94
N ALA B 84 3.73 10.44 1.77
CA ALA B 84 4.31 11.77 1.46
C ALA B 84 3.17 12.80 1.43
N CYS B 85 2.01 12.39 0.99
CA CYS B 85 0.85 13.32 0.94
C CYS B 85 0.54 13.83 2.35
N HIS B 86 0.64 12.99 3.33
CA HIS B 86 0.33 13.46 4.72
C HIS B 86 1.27 14.60 5.08
N GLU B 87 2.51 14.50 4.69
CA GLU B 87 3.46 15.61 4.99
C GLU B 87 2.94 16.88 4.31
N PHE B 88 2.42 16.74 3.12
CA PHE B 88 1.88 17.93 2.38
C PHE B 88 0.45 18.22 2.81
N PHE B 89 -0.24 17.22 3.29
CA PHE B 89 -1.65 17.45 3.73
C PHE B 89 -1.64 18.51 4.82
N GLU B 90 -0.68 18.47 5.69
CA GLU B 90 -0.62 19.47 6.78
C GLU B 90 -0.13 20.80 6.22
N HIS B 91 -1.05 21.65 5.86
CA HIS B 91 -0.68 22.98 5.30
C HIS B 91 -0.07 23.85 6.41
N GLU B 92 -0.40 23.58 7.64
CA GLU B 92 0.15 24.40 8.75
N SER C 1 1.76 -39.08 12.66
CA SER C 1 2.12 -37.67 12.32
C SER C 1 1.10 -36.74 12.95
N HIS C 2 -0.12 -37.16 13.03
CA HIS C 2 -1.18 -36.31 13.65
C HIS C 2 -0.82 -36.01 15.10
N LEU C 3 -0.31 -36.99 15.80
CA LEU C 3 0.08 -36.79 17.22
C LEU C 3 -1.12 -36.18 17.98
N LYS C 4 -2.31 -36.67 17.71
CA LYS C 4 -3.52 -36.15 18.41
C LYS C 4 -3.56 -34.63 18.32
N SER C 5 -3.21 -34.08 17.18
CA SER C 5 -3.23 -32.60 17.03
C SER C 5 -4.66 -32.14 16.73
N LYS C 6 -4.94 -30.87 16.92
CA LYS C 6 -6.32 -30.36 16.65
C LYS C 6 -6.42 -29.97 15.17
N LYS C 7 -7.56 -30.15 14.57
CA LYS C 7 -7.73 -29.79 13.13
C LYS C 7 -7.46 -28.28 12.97
N GLY C 8 -7.92 -27.48 13.89
CA GLY C 8 -7.69 -26.01 13.79
C GLY C 8 -8.83 -25.26 14.48
N GLN C 9 -8.87 -23.97 14.34
CA GLN C 9 -9.95 -23.15 14.99
C GLN C 9 -10.41 -22.06 14.02
N SER C 10 -11.40 -21.30 14.40
CA SER C 10 -11.90 -20.22 13.50
C SER C 10 -10.74 -19.30 13.12
N THR C 11 -9.79 -19.11 13.99
CA THR C 11 -8.64 -18.22 13.65
C THR C 11 -8.14 -18.54 12.25
N SER C 12 -8.34 -19.76 11.80
CA SER C 12 -7.90 -20.13 10.42
C SER C 12 -8.40 -19.08 9.44
N ARG C 13 -9.45 -18.40 9.80
CA ARG C 13 -10.00 -17.35 8.90
C ARG C 13 -8.88 -16.36 8.54
N HIS C 14 -8.00 -16.07 9.45
CA HIS C 14 -6.91 -15.11 9.12
C HIS C 14 -6.14 -15.66 7.91
N LYS C 15 -5.99 -16.95 7.83
CA LYS C 15 -5.26 -17.56 6.68
C LYS C 15 -5.97 -17.17 5.38
N LYS C 16 -7.27 -17.05 5.40
CA LYS C 16 -7.99 -16.68 4.16
C LYS C 16 -7.39 -15.36 3.66
N LEU C 17 -7.10 -14.44 4.56
CA LEU C 17 -6.50 -13.14 4.14
C LEU C 17 -5.03 -13.33 3.71
N MET C 18 -4.37 -14.35 4.20
CA MET C 18 -2.94 -14.55 3.81
C MET C 18 -2.84 -14.67 2.29
N PHE C 19 -3.91 -15.06 1.64
CA PHE C 19 -3.86 -15.21 0.14
C PHE C 19 -3.07 -14.04 -0.47
N LYS C 20 -3.25 -12.84 0.04
CA LYS C 20 -2.45 -11.69 -0.49
C LYS C 20 -1.03 -11.85 -0.01
N THR C 21 -0.89 -12.22 1.23
CA THR C 21 0.46 -12.38 1.81
C THR C 21 1.14 -13.57 1.13
N GLU C 22 0.37 -14.50 0.64
CA GLU C 22 0.94 -15.68 -0.06
N SER D 1 39.48 9.65 -5.89
CA SER D 1 38.21 8.91 -5.70
C SER D 1 37.16 9.46 -6.66
N HIS D 2 37.22 10.73 -6.94
CA HIS D 2 36.22 11.33 -7.88
C HIS D 2 36.36 10.69 -9.25
N LEU D 3 37.57 10.44 -9.67
CA LEU D 3 37.78 9.80 -11.00
C LEU D 3 37.04 10.60 -12.08
N LYS D 4 37.06 11.91 -11.98
CA LYS D 4 36.36 12.77 -12.99
C LYS D 4 34.91 12.31 -13.14
N SER D 5 34.28 11.97 -12.06
CA SER D 5 32.86 11.51 -12.12
C SER D 5 31.94 12.73 -12.21
N LYS D 6 30.72 12.55 -12.64
CA LYS D 6 29.78 13.69 -12.74
C LYS D 6 29.07 13.89 -11.40
N LYS D 7 28.77 15.10 -11.02
CA LYS D 7 28.07 15.34 -9.74
C LYS D 7 26.72 14.61 -9.74
N GLY D 8 26.02 14.64 -10.85
CA GLY D 8 24.70 13.96 -10.91
C GLY D 8 23.82 14.67 -11.95
N GLN D 9 22.56 14.30 -12.01
CA GLN D 9 21.63 14.94 -12.99
C GLN D 9 20.28 15.16 -12.32
N SER D 10 19.35 15.77 -13.00
CA SER D 10 18.01 16.01 -12.40
C SER D 10 17.42 14.68 -11.93
N THR D 11 17.72 13.60 -12.61
CA THR D 11 17.16 12.28 -12.18
C THR D 11 17.31 12.12 -10.66
N SER D 12 18.28 12.77 -10.08
CA SER D 12 18.47 12.68 -8.61
C SER D 12 17.13 12.94 -7.93
N ARG D 13 16.26 13.65 -8.60
CA ARG D 13 14.93 13.95 -8.01
C ARG D 13 14.27 12.62 -7.58
N HIS D 14 14.46 11.58 -8.32
CA HIS D 14 13.84 10.28 -7.92
C HIS D 14 14.31 9.93 -6.51
N LYS D 15 15.55 10.23 -6.19
CA LYS D 15 16.08 9.93 -4.83
C LYS D 15 15.23 10.65 -3.79
N LYS D 16 14.75 11.82 -4.10
CA LYS D 16 13.91 12.55 -3.10
C LYS D 16 12.76 11.63 -2.70
N LEU D 17 12.20 10.92 -3.64
CA LEU D 17 11.07 10.00 -3.31
C LEU D 17 11.60 8.75 -2.56
N MET D 18 12.85 8.40 -2.75
CA MET D 18 13.38 7.20 -2.05
C MET D 18 13.20 7.36 -0.55
N PHE D 19 13.11 8.58 -0.07
CA PHE D 19 12.94 8.80 1.41
C PHE D 19 11.96 7.78 1.98
N LYS D 20 10.92 7.45 1.27
CA LYS D 20 9.97 6.42 1.77
C LYS D 20 10.64 5.07 1.64
N THR D 21 11.27 4.88 0.52
CA THR D 21 11.96 3.59 0.27
C THR D 21 13.12 3.45 1.26
N GLU D 22 13.64 4.56 1.71
CA GLU D 22 14.78 4.51 2.68
CA CA E . -1.77 5.80 16.92
CA CA F . 6.85 -1.91 12.74
CA CA G . -2.08 -3.15 -17.24
CA CA H . 6.89 -7.57 -10.38
N MET A 1 -10.61 6.48 -13.47
CA MET A 1 -9.91 7.33 -14.47
C MET A 1 -8.88 8.20 -13.75
N SER A 2 -7.68 7.71 -13.58
CA SER A 2 -6.63 8.53 -12.89
C SER A 2 -7.19 9.07 -11.58
N GLU A 3 -8.22 8.46 -11.07
CA GLU A 3 -8.82 8.92 -9.78
C GLU A 3 -7.94 8.45 -8.62
N LEU A 4 -6.79 7.94 -8.92
CA LEU A 4 -5.86 7.43 -7.88
C LEU A 4 -5.46 8.53 -6.90
N GLU A 5 -5.27 9.73 -7.35
CA GLU A 5 -4.86 10.82 -6.42
C GLU A 5 -5.91 10.99 -5.33
N LYS A 6 -7.16 10.90 -5.69
CA LYS A 6 -8.25 11.08 -4.69
C LYS A 6 -8.24 9.89 -3.74
N ALA A 7 -7.90 8.73 -4.24
CA ALA A 7 -7.89 7.52 -3.37
C ALA A 7 -6.77 7.60 -2.34
N MET A 8 -5.63 8.09 -2.72
CA MET A 8 -4.50 8.19 -1.75
C MET A 8 -4.86 9.17 -0.65
N VAL A 9 -5.49 10.24 -1.03
CA VAL A 9 -5.88 11.26 -0.03
C VAL A 9 -6.87 10.65 0.97
N ALA A 10 -7.76 9.85 0.47
CA ALA A 10 -8.79 9.20 1.34
C ALA A 10 -8.14 8.29 2.38
N LEU A 11 -7.12 7.57 2.01
CA LEU A 11 -6.50 6.64 3.00
C LEU A 11 -5.98 7.46 4.18
N ILE A 12 -5.43 8.60 3.90
CA ILE A 12 -4.91 9.46 4.99
C ILE A 12 -6.08 10.01 5.84
N ASP A 13 -7.18 10.35 5.24
CA ASP A 13 -8.32 10.91 6.04
C ASP A 13 -8.79 9.89 7.09
N VAL A 14 -8.99 8.67 6.68
CA VAL A 14 -9.47 7.63 7.63
C VAL A 14 -8.46 7.46 8.78
N PHE A 15 -7.20 7.50 8.47
CA PHE A 15 -6.16 7.33 9.52
C PHE A 15 -6.33 8.41 10.58
N HIS A 16 -6.62 9.60 10.18
CA HIS A 16 -6.75 10.69 11.17
C HIS A 16 -7.86 10.38 12.18
N GLN A 17 -8.96 9.82 11.74
CA GLN A 17 -10.07 9.54 12.69
C GLN A 17 -9.63 8.59 13.82
N TYR A 18 -8.85 7.59 13.51
CA TYR A 18 -8.42 6.62 14.59
C TYR A 18 -7.14 7.07 15.30
N SER A 19 -6.29 7.77 14.63
CA SER A 19 -5.02 8.20 15.27
C SER A 19 -5.31 9.10 16.46
N GLY A 20 -6.27 9.97 16.32
CA GLY A 20 -6.61 10.90 17.44
C GLY A 20 -7.56 10.21 18.43
N ARG A 21 -8.03 9.04 18.10
CA ARG A 21 -8.98 8.35 19.01
C ARG A 21 -8.32 8.04 20.36
N GLU A 22 -7.10 7.57 20.36
CA GLU A 22 -6.41 7.24 21.65
C GLU A 22 -5.44 8.38 22.02
N GLY A 23 -5.27 9.34 21.16
CA GLY A 23 -4.36 10.48 21.46
C GLY A 23 -3.01 10.28 20.78
N ASP A 24 -2.70 9.07 20.38
CA ASP A 24 -1.38 8.83 19.70
C ASP A 24 -1.52 9.22 18.23
N LYS A 25 -1.68 10.48 17.97
CA LYS A 25 -1.85 10.97 16.57
C LYS A 25 -0.63 10.60 15.72
N HIS A 26 0.54 10.72 16.27
CA HIS A 26 1.78 10.42 15.47
C HIS A 26 1.99 8.91 15.32
N LYS A 27 1.41 8.10 16.17
CA LYS A 27 1.64 6.62 16.03
C LYS A 27 0.41 5.83 16.48
N LEU A 28 0.34 4.61 16.02
CA LEU A 28 -0.81 3.71 16.38
C LEU A 28 -0.29 2.61 17.31
N LYS A 29 -1.03 2.29 18.35
CA LYS A 29 -0.59 1.21 19.28
C LYS A 29 -1.47 -0.02 19.06
N LYS A 30 -0.99 -1.19 19.40
CA LYS A 30 -1.81 -2.42 19.22
C LYS A 30 -3.23 -2.14 19.69
N SER A 31 -3.37 -1.22 20.61
CA SER A 31 -4.72 -0.88 21.14
C SER A 31 -5.46 0.00 20.14
N GLU A 32 -4.81 1.03 19.65
CA GLU A 32 -5.47 1.92 18.66
C GLU A 32 -5.63 1.14 17.36
N LEU A 33 -4.72 0.23 17.10
CA LEU A 33 -4.81 -0.60 15.86
C LEU A 33 -6.05 -1.49 15.92
N LYS A 34 -6.35 -2.03 17.07
CA LYS A 34 -7.55 -2.92 17.20
C LYS A 34 -8.82 -2.14 16.84
N GLU A 35 -8.92 -0.91 17.24
CA GLU A 35 -10.14 -0.12 16.94
C GLU A 35 -10.19 0.20 15.45
N LEU A 36 -9.07 0.46 14.84
CA LEU A 36 -9.08 0.76 13.38
C LEU A 36 -9.63 -0.45 12.64
N ILE A 37 -9.12 -1.60 12.92
CA ILE A 37 -9.58 -2.83 12.22
C ILE A 37 -10.95 -3.28 12.71
N ASN A 38 -11.15 -3.36 13.99
CA ASN A 38 -12.45 -3.88 14.51
C ASN A 38 -13.63 -2.94 14.19
N ASN A 39 -13.44 -1.66 14.30
CA ASN A 39 -14.58 -0.69 14.07
C ASN A 39 -14.59 -0.08 12.66
N GLU A 40 -13.47 0.17 12.04
CA GLU A 40 -13.52 0.80 10.69
C GLU A 40 -13.81 -0.28 9.65
N LEU A 41 -13.75 -1.52 10.04
CA LEU A 41 -14.03 -2.65 9.08
C LEU A 41 -15.01 -3.62 9.76
N SER A 42 -16.16 -3.14 10.14
CA SER A 42 -17.14 -4.02 10.83
C SER A 42 -17.53 -5.20 9.92
N HIS A 43 -17.70 -4.97 8.64
CA HIS A 43 -18.10 -6.08 7.71
C HIS A 43 -17.25 -6.04 6.43
N PHE A 44 -16.61 -4.94 6.16
CA PHE A 44 -15.79 -4.88 4.91
C PHE A 44 -14.65 -5.91 4.99
N LEU A 45 -14.07 -6.06 6.15
CA LEU A 45 -12.96 -7.06 6.35
C LEU A 45 -13.38 -7.92 7.55
N GLU A 46 -12.86 -9.11 7.69
CA GLU A 46 -13.29 -9.93 8.85
C GLU A 46 -12.98 -9.16 10.14
N GLU A 47 -13.99 -8.83 10.88
CA GLU A 47 -13.80 -8.08 12.14
C GLU A 47 -12.91 -8.89 13.09
N ILE A 48 -12.10 -8.25 13.89
CA ILE A 48 -11.22 -9.01 14.82
C ILE A 48 -12.05 -9.38 16.06
N LYS A 49 -11.91 -10.59 16.54
CA LYS A 49 -12.71 -11.03 17.73
C LYS A 49 -11.82 -11.11 18.96
N GLU A 50 -10.53 -11.17 18.78
CA GLU A 50 -9.61 -11.28 19.95
C GLU A 50 -8.34 -10.46 19.65
N GLN A 51 -7.83 -9.77 20.64
CA GLN A 51 -6.62 -8.94 20.43
C GLN A 51 -5.44 -9.82 19.96
N GLU A 52 -5.39 -11.06 20.39
CA GLU A 52 -4.25 -11.94 19.99
C GLU A 52 -4.07 -11.91 18.48
N VAL A 53 -5.14 -11.79 17.75
CA VAL A 53 -5.03 -11.73 16.27
C VAL A 53 -4.25 -10.49 15.89
N VAL A 54 -4.48 -9.43 16.60
CA VAL A 54 -3.76 -8.16 16.31
C VAL A 54 -2.30 -8.32 16.67
N ASP A 55 -2.01 -9.08 17.68
CA ASP A 55 -0.60 -9.29 18.10
C ASP A 55 0.14 -10.06 17.01
N LYS A 56 -0.52 -10.99 16.39
CA LYS A 56 0.11 -11.79 15.31
C LYS A 56 0.37 -10.87 14.14
N VAL A 57 -0.56 -9.99 13.88
CA VAL A 57 -0.40 -9.01 12.78
C VAL A 57 0.77 -8.11 13.14
N MET A 58 0.96 -7.88 14.40
CA MET A 58 2.07 -7.00 14.84
C MET A 58 3.40 -7.69 14.60
N GLU A 59 3.48 -8.98 14.71
CA GLU A 59 4.78 -9.64 14.45
C GLU A 59 5.20 -9.25 13.03
N THR A 60 4.25 -9.23 12.14
CA THR A 60 4.53 -8.84 10.73
C THR A 60 4.42 -7.32 10.54
N LEU A 61 3.45 -6.70 11.16
CA LEU A 61 3.26 -5.23 10.97
C LEU A 61 4.09 -4.43 11.97
N ASP A 62 4.55 -5.04 13.03
CA ASP A 62 5.37 -4.26 14.00
C ASP A 62 6.77 -4.20 13.43
N GLU A 63 6.90 -3.59 12.31
CA GLU A 63 8.23 -3.49 11.66
C GLU A 63 9.18 -2.81 12.63
N ASP A 64 8.73 -1.81 13.33
CA ASP A 64 9.62 -1.11 14.31
C ASP A 64 9.84 -2.05 15.49
N GLY A 65 8.97 -3.03 15.65
CA GLY A 65 9.13 -3.99 16.79
C GLY A 65 8.95 -3.27 18.13
N ASP A 66 8.14 -2.24 18.17
CA ASP A 66 7.93 -1.49 19.47
C ASP A 66 6.53 -1.79 20.03
N GLY A 67 5.81 -2.69 19.43
CA GLY A 67 4.44 -3.01 19.93
C GLY A 67 3.49 -1.93 19.43
N GLU A 68 3.95 -1.10 18.54
CA GLU A 68 3.11 -0.01 17.98
C GLU A 68 3.54 0.21 16.51
N CYS A 69 2.61 0.34 15.59
CA CYS A 69 3.00 0.58 14.15
C CYS A 69 2.79 2.06 13.85
N ASP A 70 3.71 2.67 13.17
CA ASP A 70 3.59 4.12 12.86
C ASP A 70 2.64 4.31 11.68
N PHE A 71 2.25 5.52 11.40
CA PHE A 71 1.34 5.77 10.26
C PHE A 71 1.90 5.04 9.04
N GLN A 72 3.20 5.05 8.89
CA GLN A 72 3.84 4.38 7.73
C GLN A 72 3.56 2.87 7.74
N GLU A 73 3.79 2.22 8.85
CA GLU A 73 3.58 0.75 8.91
C GLU A 73 2.11 0.40 8.62
N PHE A 74 1.21 1.18 9.15
CA PHE A 74 -0.22 0.89 8.90
C PHE A 74 -0.53 1.17 7.44
N MET A 75 0.17 2.09 6.87
CA MET A 75 -0.07 2.47 5.46
C MET A 75 0.16 1.25 4.56
N ALA A 76 1.16 0.47 4.84
CA ALA A 76 1.41 -0.72 3.99
C ALA A 76 0.30 -1.75 4.17
N PHE A 77 -0.29 -1.82 5.32
CA PHE A 77 -1.39 -2.80 5.54
C PHE A 77 -2.56 -2.45 4.62
N VAL A 78 -2.64 -1.23 4.24
CA VAL A 78 -3.75 -0.79 3.34
C VAL A 78 -3.52 -1.36 1.94
N SER A 79 -2.30 -1.38 1.52
CA SER A 79 -2.01 -1.87 0.14
C SER A 79 -2.21 -3.38 0.03
N MET A 80 -1.77 -4.13 0.99
CA MET A 80 -1.93 -5.61 0.88
C MET A 80 -3.41 -6.00 0.93
N VAL A 81 -4.18 -5.39 1.77
CA VAL A 81 -5.63 -5.77 1.82
C VAL A 81 -6.31 -5.30 0.54
N THR A 82 -5.88 -4.19 0.00
CA THR A 82 -6.50 -3.69 -1.25
C THR A 82 -6.34 -4.75 -2.34
N THR A 83 -5.19 -5.35 -2.37
CA THR A 83 -4.94 -6.41 -3.38
C THR A 83 -5.97 -7.53 -3.18
N ALA A 84 -6.28 -7.84 -1.95
CA ALA A 84 -7.29 -8.89 -1.68
C ALA A 84 -8.62 -8.47 -2.30
N CYS A 85 -8.92 -7.20 -2.24
CA CYS A 85 -10.21 -6.71 -2.81
C CYS A 85 -10.26 -7.04 -4.31
N HIS A 86 -9.13 -7.02 -4.97
CA HIS A 86 -9.15 -7.36 -6.43
C HIS A 86 -9.69 -8.77 -6.60
N GLU A 87 -9.28 -9.68 -5.76
CA GLU A 87 -9.81 -11.07 -5.87
C GLU A 87 -11.32 -11.06 -5.69
N PHE A 88 -11.82 -10.28 -4.77
CA PHE A 88 -13.29 -10.23 -4.54
C PHE A 88 -13.95 -9.53 -5.73
N PHE A 89 -13.34 -8.49 -6.24
CA PHE A 89 -13.93 -7.77 -7.39
C PHE A 89 -13.41 -8.44 -8.66
N GLU A 90 -13.79 -9.68 -8.86
CA GLU A 90 -13.33 -10.40 -10.07
C GLU A 90 -14.12 -9.86 -11.26
N HIS A 91 -13.47 -9.13 -12.10
CA HIS A 91 -14.16 -8.57 -13.29
C HIS A 91 -14.71 -9.72 -14.13
N GLU A 92 -13.94 -10.77 -14.26
CA GLU A 92 -14.41 -11.93 -15.05
N MET B 1 -14.29 9.27 6.75
CA MET B 1 -15.13 8.49 7.71
C MET B 1 -15.24 7.04 7.24
N SER B 2 -14.33 6.20 7.64
CA SER B 2 -14.39 4.77 7.21
C SER B 2 -14.58 4.70 5.69
N GLU B 3 -14.24 5.74 4.99
CA GLU B 3 -14.38 5.75 3.51
C GLU B 3 -13.25 4.93 2.89
N LEU B 4 -12.50 4.26 3.72
CA LEU B 4 -11.34 3.45 3.22
C LEU B 4 -11.79 2.37 2.24
N GLU B 5 -12.92 1.77 2.44
CA GLU B 5 -13.36 0.70 1.50
C GLU B 5 -13.49 1.27 0.09
N LYS B 6 -14.00 2.46 -0.01
CA LYS B 6 -14.16 3.09 -1.36
C LYS B 6 -12.79 3.40 -1.94
N ALA B 7 -11.87 3.76 -1.11
CA ALA B 7 -10.51 4.11 -1.60
C ALA B 7 -9.79 2.87 -2.14
N MET B 8 -9.94 1.75 -1.49
CA MET B 8 -9.27 0.51 -1.97
C MET B 8 -9.84 0.11 -3.32
N VAL B 9 -11.13 0.25 -3.46
CA VAL B 9 -11.78 -0.12 -4.75
C VAL B 9 -11.24 0.79 -5.86
N ALA B 10 -11.06 2.03 -5.56
CA ALA B 10 -10.56 3.00 -6.57
C ALA B 10 -9.16 2.63 -7.06
N LEU B 11 -8.31 2.18 -6.19
CA LEU B 11 -6.92 1.83 -6.64
C LEU B 11 -7.01 0.75 -7.70
N ILE B 12 -7.89 -0.19 -7.51
CA ILE B 12 -8.05 -1.27 -8.50
C ILE B 12 -8.62 -0.74 -9.82
N ASP B 13 -9.54 0.20 -9.76
CA ASP B 13 -10.14 0.73 -11.02
C ASP B 13 -9.06 1.36 -11.90
N VAL B 14 -8.23 2.19 -11.34
CA VAL B 14 -7.16 2.86 -12.13
C VAL B 14 -6.22 1.80 -12.76
N PHE B 15 -5.92 0.78 -12.01
CA PHE B 15 -5.02 -0.29 -12.55
C PHE B 15 -5.62 -0.88 -13.81
N HIS B 16 -6.89 -1.09 -13.83
CA HIS B 16 -7.52 -1.70 -15.03
C HIS B 16 -7.28 -0.84 -16.28
N GLN B 17 -7.36 0.45 -16.15
CA GLN B 17 -7.17 1.33 -17.35
C GLN B 17 -5.78 1.12 -17.98
N TYR B 18 -4.75 0.97 -17.20
CA TYR B 18 -3.38 0.81 -17.79
C TYR B 18 -3.03 -0.66 -18.06
N SER B 19 -3.57 -1.56 -17.31
CA SER B 19 -3.25 -3.00 -17.51
C SER B 19 -3.70 -3.44 -18.90
N GLY B 20 -4.83 -2.99 -19.33
CA GLY B 20 -5.34 -3.38 -20.67
C GLY B 20 -4.74 -2.48 -21.76
N ARG B 21 -4.03 -1.46 -21.37
CA ARG B 21 -3.45 -0.53 -22.38
C ARG B 21 -2.45 -1.27 -23.28
N GLU B 22 -1.60 -2.10 -22.72
CA GLU B 22 -0.60 -2.85 -23.56
C GLU B 22 -1.09 -4.28 -23.80
N GLY B 23 -2.17 -4.66 -23.17
CA GLY B 23 -2.72 -6.04 -23.37
C GLY B 23 -2.28 -6.95 -22.22
N ASP B 24 -1.30 -6.57 -21.45
CA ASP B 24 -0.87 -7.42 -20.32
C ASP B 24 -1.78 -7.14 -19.13
N LYS B 25 -3.02 -7.54 -19.24
CA LYS B 25 -4.01 -7.29 -18.16
C LYS B 25 -3.56 -7.96 -16.86
N HIS B 26 -3.03 -9.16 -16.95
CA HIS B 26 -2.62 -9.88 -15.70
C HIS B 26 -1.29 -9.35 -15.14
N LYS B 27 -0.49 -8.67 -15.93
CA LYS B 27 0.80 -8.16 -15.39
C LYS B 27 1.20 -6.84 -16.06
N LEU B 28 2.06 -6.11 -15.41
CA LEU B 28 2.54 -4.80 -15.95
C LEU B 28 4.01 -4.95 -16.34
N LYS B 29 4.39 -4.41 -17.48
CA LYS B 29 5.82 -4.50 -17.91
C LYS B 29 6.47 -3.14 -17.74
N LYS B 30 7.77 -3.09 -17.62
CA LYS B 30 8.47 -1.77 -17.46
C LYS B 30 7.88 -0.79 -18.48
N SER B 31 7.38 -1.31 -19.57
CA SER B 31 6.79 -0.44 -20.61
C SER B 31 5.40 0.02 -20.18
N GLU B 32 4.57 -0.89 -19.73
CA GLU B 32 3.21 -0.51 -19.30
C GLU B 32 3.35 0.30 -18.00
N LEU B 33 4.36 0.00 -17.23
CA LEU B 33 4.58 0.73 -15.95
C LEU B 33 4.92 2.20 -16.26
N LYS B 34 5.70 2.44 -17.28
CA LYS B 34 6.07 3.85 -17.64
C LYS B 34 4.82 4.66 -17.97
N GLU B 35 3.87 4.08 -18.64
CA GLU B 35 2.64 4.83 -19.00
C GLU B 35 1.81 5.08 -17.74
N LEU B 36 1.76 4.14 -16.85
CA LEU B 36 0.97 4.35 -15.60
C LEU B 36 1.54 5.55 -14.86
N ILE B 37 2.81 5.58 -14.67
CA ILE B 37 3.45 6.70 -13.92
C ILE B 37 3.51 7.97 -14.76
N ASN B 38 3.98 7.87 -15.97
CA ASN B 38 4.14 9.11 -16.80
C ASN B 38 2.80 9.77 -17.14
N ASN B 39 1.80 8.99 -17.47
CA ASN B 39 0.49 9.56 -17.91
C ASN B 39 -0.56 9.63 -16.77
N GLU B 40 -0.59 8.69 -15.87
CA GLU B 40 -1.64 8.75 -14.82
C GLU B 40 -1.22 9.75 -13.73
N LEU B 41 0.01 10.17 -13.77
CA LEU B 41 0.53 11.15 -12.77
C LEU B 41 1.25 12.28 -13.51
N SER B 42 0.57 12.96 -14.38
CA SER B 42 1.23 14.05 -15.16
C SER B 42 1.77 15.14 -14.22
N HIS B 43 1.04 15.47 -13.18
CA HIS B 43 1.51 16.54 -12.24
C HIS B 43 1.31 16.10 -10.78
N PHE B 44 0.50 15.10 -10.54
CA PHE B 44 0.29 14.65 -9.14
C PHE B 44 1.61 14.14 -8.56
N LEU B 45 2.39 13.43 -9.36
CA LEU B 45 3.71 12.90 -8.90
C LEU B 45 4.74 13.38 -9.93
N GLU B 46 6.00 13.44 -9.60
CA GLU B 46 6.97 13.91 -10.62
C GLU B 46 6.88 13.00 -11.85
N GLU B 47 6.50 13.56 -12.96
CA GLU B 47 6.40 12.75 -14.20
C GLU B 47 7.76 12.15 -14.54
N ILE B 48 7.80 10.98 -15.11
CA ILE B 48 9.11 10.36 -15.45
C ILE B 48 9.57 10.94 -16.78
N LYS B 49 10.83 11.27 -16.89
CA LYS B 49 11.36 11.88 -18.15
C LYS B 49 12.20 10.87 -18.93
N GLU B 50 12.66 9.83 -18.27
CA GLU B 50 13.51 8.82 -18.96
C GLU B 50 13.16 7.43 -18.42
N GLN B 51 13.12 6.45 -19.27
CA GLN B 51 12.76 5.06 -18.83
C GLN B 51 13.78 4.58 -17.78
N GLU B 52 15.00 5.00 -17.86
CA GLU B 52 16.03 4.52 -16.89
C GLU B 52 15.50 4.71 -15.46
N VAL B 53 14.75 5.74 -15.22
CA VAL B 53 14.21 5.96 -13.86
C VAL B 53 13.29 4.80 -13.52
N VAL B 54 12.55 4.35 -14.48
CA VAL B 54 11.61 3.22 -14.25
C VAL B 54 12.41 1.95 -13.99
N ASP B 55 13.53 1.81 -14.63
CA ASP B 55 14.38 0.61 -14.44
C ASP B 55 14.91 0.59 -13.00
N LYS B 56 15.25 1.73 -12.49
CA LYS B 56 15.77 1.80 -11.09
C LYS B 56 14.64 1.43 -10.15
N VAL B 57 13.46 1.89 -10.47
CA VAL B 57 12.28 1.55 -9.63
C VAL B 57 12.05 0.05 -9.74
N MET B 58 12.38 -0.51 -10.86
CA MET B 58 12.20 -1.97 -11.05
C MET B 58 13.19 -2.74 -10.18
N GLU B 59 14.36 -2.23 -9.96
CA GLU B 59 15.30 -2.99 -9.10
C GLU B 59 14.61 -3.19 -7.75
N THR B 60 13.91 -2.19 -7.30
CA THR B 60 13.17 -2.28 -6.01
C THR B 60 11.76 -2.84 -6.23
N LEU B 61 11.10 -2.44 -7.29
CA LEU B 61 9.69 -2.90 -7.52
C LEU B 61 9.68 -4.21 -8.30
N ASP B 62 10.75 -4.57 -8.95
CA ASP B 62 10.74 -5.87 -9.70
C ASP B 62 10.98 -6.97 -8.69
N GLU B 63 10.09 -7.10 -7.78
CA GLU B 63 10.24 -8.12 -6.72
C GLU B 63 10.36 -9.50 -7.39
N ASP B 64 9.60 -9.72 -8.43
CA ASP B 64 9.69 -11.03 -9.14
C ASP B 64 11.01 -11.06 -9.91
N GLY B 65 11.58 -9.91 -10.16
CA GLY B 65 12.89 -9.86 -10.89
C GLY B 65 12.69 -10.35 -12.34
N ASP B 66 11.52 -10.14 -12.92
CA ASP B 66 11.28 -10.59 -14.32
C ASP B 66 11.24 -9.39 -15.28
N GLY B 67 11.53 -8.23 -14.79
CA GLY B 67 11.49 -7.02 -15.67
C GLY B 67 10.03 -6.58 -15.82
N GLU B 68 9.16 -7.15 -15.04
CA GLU B 68 7.72 -6.81 -15.09
C GLU B 68 7.16 -6.94 -13.66
N CYS B 69 6.37 -5.99 -13.21
CA CYS B 69 5.78 -6.10 -11.82
C CYS B 69 4.32 -6.52 -11.96
N ASP B 70 3.90 -7.45 -11.15
CA ASP B 70 2.49 -7.93 -11.26
C ASP B 70 1.56 -6.93 -10.58
N PHE B 71 0.28 -7.10 -10.75
CA PHE B 71 -0.69 -6.16 -10.10
C PHE B 71 -0.31 -6.04 -8.63
N GLN B 72 0.09 -7.11 -8.02
CA GLN B 72 0.48 -7.08 -6.59
C GLN B 72 1.68 -6.14 -6.36
N GLU B 73 2.73 -6.31 -7.12
CA GLU B 73 3.94 -5.45 -6.91
C GLU B 73 3.60 -3.98 -7.12
N PHE B 74 2.80 -3.68 -8.10
CA PHE B 74 2.43 -2.26 -8.34
C PHE B 74 1.55 -1.79 -7.20
N MET B 75 0.79 -2.68 -6.64
CA MET B 75 -0.12 -2.32 -5.54
C MET B 75 0.68 -1.74 -4.37
N ALA B 76 1.81 -2.31 -4.08
CA ALA B 76 2.61 -1.78 -2.94
C ALA B 76 3.15 -0.40 -3.27
N PHE B 77 3.42 -0.13 -4.52
CA PHE B 77 3.96 1.21 -4.89
C PHE B 77 2.90 2.27 -4.58
N VAL B 78 1.67 1.87 -4.53
CA VAL B 78 0.58 2.83 -4.23
C VAL B 78 0.63 3.22 -2.77
N SER B 79 0.93 2.28 -1.92
CA SER B 79 0.96 2.57 -0.46
C SER B 79 2.14 3.47 -0.09
N MET B 80 3.30 3.21 -0.62
CA MET B 80 4.47 4.06 -0.25
C MET B 80 4.28 5.49 -0.75
N VAL B 81 3.78 5.68 -1.93
CA VAL B 81 3.61 7.07 -2.42
C VAL B 81 2.49 7.74 -1.62
N THR B 82 1.50 6.99 -1.22
CA THR B 82 0.38 7.58 -0.44
C THR B 82 0.95 8.18 0.84
N THR B 83 1.88 7.50 1.43
CA THR B 83 2.50 7.99 2.67
C THR B 83 3.16 9.35 2.37
N ALA B 84 3.77 9.46 1.22
CA ALA B 84 4.41 10.75 0.84
C ALA B 84 3.34 11.84 0.81
N CYS B 85 2.15 11.50 0.36
CA CYS B 85 1.06 12.51 0.30
C CYS B 85 0.78 13.06 1.70
N HIS B 86 0.93 12.24 2.72
CA HIS B 86 0.68 12.75 4.09
C HIS B 86 1.64 13.90 4.38
N GLU B 87 2.86 13.77 3.96
CA GLU B 87 3.83 14.88 4.21
C GLU B 87 3.35 16.14 3.47
N PHE B 88 2.84 15.99 2.29
CA PHE B 88 2.33 17.16 1.53
C PHE B 88 1.06 17.69 2.20
N PHE B 89 0.20 16.81 2.64
CA PHE B 89 -1.05 17.25 3.31
C PHE B 89 -0.75 17.42 4.80
N GLU B 90 0.09 18.35 5.12
CA GLU B 90 0.44 18.57 6.53
C GLU B 90 -0.73 19.28 7.20
N HIS B 91 -1.44 18.57 8.02
CA HIS B 91 -2.60 19.19 8.71
C HIS B 91 -2.11 20.37 9.54
N GLU B 92 -0.99 20.24 10.17
CA GLU B 92 -0.44 21.36 10.99
N SER C 1 -11.97 -42.67 7.64
CA SER C 1 -10.59 -43.20 7.81
C SER C 1 -9.64 -42.07 8.20
N HIS C 2 -10.12 -40.85 8.18
CA HIS C 2 -9.25 -39.69 8.53
C HIS C 2 -9.14 -39.57 10.05
N LEU C 3 -8.12 -38.90 10.54
CA LEU C 3 -7.95 -38.73 12.02
C LEU C 3 -8.48 -37.35 12.44
N LYS C 4 -9.17 -36.68 11.56
CA LYS C 4 -9.70 -35.33 11.91
C LYS C 4 -8.57 -34.48 12.48
N SER C 5 -8.87 -33.29 12.92
CA SER C 5 -7.83 -32.40 13.49
C SER C 5 -8.47 -31.43 14.48
N LYS C 6 -7.69 -30.72 15.24
CA LYS C 6 -8.29 -29.77 16.23
C LYS C 6 -9.15 -28.74 15.49
N LYS C 7 -10.30 -28.43 16.03
CA LYS C 7 -11.19 -27.46 15.34
C LYS C 7 -10.49 -26.11 15.22
N GLY C 8 -9.78 -25.70 16.24
CA GLY C 8 -9.07 -24.40 16.18
C GLY C 8 -10.06 -23.28 16.54
N GLN C 9 -9.77 -22.07 16.12
CA GLN C 9 -10.69 -20.92 16.43
C GLN C 9 -10.81 -20.04 15.20
N SER C 10 -11.73 -19.09 15.23
CA SER C 10 -11.90 -18.18 14.06
C SER C 10 -10.54 -17.69 13.57
N THR C 11 -9.56 -17.69 14.45
CA THR C 11 -8.19 -17.24 14.05
C THR C 11 -7.83 -17.81 12.68
N SER C 12 -8.43 -18.90 12.31
CA SER C 12 -8.13 -19.50 10.98
C SER C 12 -8.48 -18.49 9.88
N ARG C 13 -9.54 -17.75 10.04
CA ARG C 13 -9.91 -16.74 9.02
C ARG C 13 -8.77 -15.73 8.90
N HIS C 14 -8.18 -15.36 10.01
CA HIS C 14 -7.07 -14.39 9.97
C HIS C 14 -5.96 -14.95 9.07
N LYS C 15 -5.76 -16.24 9.12
CA LYS C 15 -4.72 -16.85 8.25
C LYS C 15 -5.08 -16.57 6.80
N LYS C 16 -6.35 -16.49 6.49
CA LYS C 16 -6.75 -16.22 5.08
C LYS C 16 -6.05 -14.93 4.65
N LEU C 17 -5.83 -14.02 5.56
CA LEU C 17 -5.16 -12.72 5.21
C LEU C 17 -3.64 -12.96 5.07
N MET C 18 -3.12 -13.96 5.72
CA MET C 18 -1.66 -14.22 5.60
C MET C 18 -1.31 -14.47 4.13
N PHE C 19 -2.25 -14.92 3.33
CA PHE C 19 -1.91 -15.20 1.90
C PHE C 19 -1.15 -13.98 1.32
N LYS C 20 -1.41 -12.80 1.81
CA LYS C 20 -0.62 -11.62 1.33
C LYS C 20 0.80 -11.76 1.84
N THR C 21 0.95 -12.21 3.06
CA THR C 21 2.31 -12.36 3.62
C THR C 21 3.11 -13.35 2.77
N GLU C 22 2.44 -14.32 2.20
CA GLU C 22 3.15 -15.31 1.35
N SER D 1 35.39 27.77 -0.96
CA SER D 1 36.40 26.79 -0.47
C SER D 1 35.88 25.37 -0.76
N HIS D 2 34.66 25.25 -1.21
CA HIS D 2 34.09 23.90 -1.49
C HIS D 2 34.60 23.40 -2.86
N LEU D 3 34.55 22.11 -3.09
CA LEU D 3 35.02 21.56 -4.40
C LEU D 3 33.80 21.30 -5.30
N LYS D 4 32.66 21.80 -4.92
CA LYS D 4 31.44 21.58 -5.76
C LYS D 4 31.31 20.09 -6.07
N SER D 5 30.34 19.72 -6.87
CA SER D 5 30.16 18.29 -7.23
C SER D 5 29.46 18.19 -8.59
N LYS D 6 29.41 17.03 -9.16
CA LYS D 6 28.76 16.89 -10.50
C LYS D 6 27.30 17.35 -10.39
N LYS D 7 26.83 18.09 -11.36
CA LYS D 7 25.42 18.58 -11.32
C LYS D 7 24.46 17.39 -11.28
N GLY D 8 24.74 16.37 -12.03
CA GLY D 8 23.84 15.19 -12.05
C GLY D 8 22.66 15.46 -13.00
N GLN D 9 21.56 14.77 -12.82
CA GLN D 9 20.38 14.98 -13.71
C GLN D 9 19.10 14.98 -12.86
N SER D 10 17.99 15.33 -13.46
CA SER D 10 16.71 15.35 -12.68
C SER D 10 16.58 14.06 -11.87
N THR D 11 17.24 13.02 -12.29
CA THR D 11 17.18 11.71 -11.56
C THR D 11 17.28 11.98 -10.06
N SER D 12 17.87 13.07 -9.67
CA SER D 12 18.00 13.38 -8.22
C SER D 12 16.60 13.47 -7.61
N ARG D 13 15.67 14.04 -8.32
CA ARG D 13 14.28 14.13 -7.78
C ARG D 13 13.77 12.72 -7.51
N HIS D 14 14.06 11.80 -8.38
CA HIS D 14 13.59 10.41 -8.18
C HIS D 14 14.12 9.91 -6.83
N LYS D 15 15.32 10.29 -6.50
CA LYS D 15 15.88 9.85 -5.18
C LYS D 15 14.98 10.39 -4.08
N LYS D 16 14.36 11.52 -4.28
CA LYS D 16 13.46 12.06 -3.22
C LYS D 16 12.42 10.98 -2.89
N LEU D 17 12.05 10.18 -3.86
CA LEU D 17 11.04 9.10 -3.62
C LEU D 17 11.72 7.92 -2.88
N MET D 18 13.00 7.77 -3.02
CA MET D 18 13.68 6.65 -2.32
C MET D 18 13.47 6.80 -0.82
N PHE D 19 13.24 8.00 -0.32
CA PHE D 19 13.05 8.14 1.15
C PHE D 19 12.06 7.09 1.65
N LYS D 20 11.13 6.66 0.82
CA LYS D 20 10.21 5.57 1.26
C LYS D 20 11.01 4.29 1.35
N THR D 21 11.89 4.08 0.41
CA THR D 21 12.71 2.84 0.43
C THR D 21 13.52 2.78 1.73
N GLU D 22 13.90 3.92 2.24
CA GLU D 22 14.70 3.94 3.51
CA CA E . -2.79 7.36 16.21
CA CA F . 6.23 -0.29 14.74
CA CA G . -0.96 -4.56 -17.78
CA CA H . 8.01 -8.61 -10.76
N MET A 1 -10.57 7.91 -13.32
CA MET A 1 -9.79 8.78 -14.25
C MET A 1 -8.93 9.74 -13.44
N SER A 2 -7.70 9.37 -13.19
CA SER A 2 -6.79 10.26 -12.39
C SER A 2 -7.42 10.53 -11.03
N GLU A 3 -8.32 9.69 -10.59
CA GLU A 3 -8.96 9.89 -9.27
C GLU A 3 -8.00 9.45 -8.16
N LEU A 4 -6.78 9.18 -8.51
CA LEU A 4 -5.81 8.69 -7.49
C LEU A 4 -5.64 9.72 -6.37
N GLU A 5 -5.64 10.98 -6.69
CA GLU A 5 -5.46 12.00 -5.61
C GLU A 5 -6.58 11.87 -4.57
N LYS A 6 -7.78 11.63 -5.01
CA LYS A 6 -8.92 11.52 -4.06
C LYS A 6 -8.76 10.26 -3.21
N ALA A 7 -8.31 9.18 -3.79
CA ALA A 7 -8.16 7.93 -3.00
C ALA A 7 -7.06 8.08 -1.94
N MET A 8 -5.98 8.72 -2.28
CA MET A 8 -4.87 8.88 -1.29
C MET A 8 -5.37 9.68 -0.10
N VAL A 9 -6.15 10.68 -0.37
CA VAL A 9 -6.69 11.52 0.73
C VAL A 9 -7.62 10.70 1.60
N ALA A 10 -8.39 9.84 0.98
CA ALA A 10 -9.36 9.01 1.75
C ALA A 10 -8.64 8.07 2.72
N LEU A 11 -7.54 7.49 2.35
CA LEU A 11 -6.84 6.56 3.28
C LEU A 11 -6.47 7.34 4.54
N ILE A 12 -6.03 8.55 4.36
CA ILE A 12 -5.63 9.37 5.53
C ILE A 12 -6.85 9.71 6.42
N ASP A 13 -7.99 10.00 5.84
CA ASP A 13 -9.17 10.36 6.68
C ASP A 13 -9.66 9.16 7.51
N VAL A 14 -9.67 8.00 6.94
CA VAL A 14 -10.18 6.79 7.68
C VAL A 14 -9.23 6.43 8.84
N PHE A 15 -7.95 6.52 8.62
CA PHE A 15 -6.98 6.19 9.71
C PHE A 15 -7.32 7.00 10.94
N HIS A 16 -7.68 8.24 10.77
CA HIS A 16 -8.01 9.09 11.96
C HIS A 16 -9.41 8.78 12.50
N GLN A 17 -10.29 8.21 11.71
CA GLN A 17 -11.66 7.94 12.23
C GLN A 17 -11.60 7.10 13.49
N TYR A 18 -10.83 6.04 13.50
CA TYR A 18 -10.78 5.16 14.71
C TYR A 18 -9.41 5.19 15.41
N SER A 19 -8.36 5.49 14.70
CA SER A 19 -7.01 5.50 15.35
C SER A 19 -6.90 6.63 16.38
N GLY A 20 -7.43 7.78 16.06
CA GLY A 20 -7.34 8.94 16.99
C GLY A 20 -8.19 8.72 18.25
N ARG A 21 -9.00 7.69 18.28
CA ARG A 21 -9.83 7.47 19.51
C ARG A 21 -8.91 7.28 20.70
N GLU A 22 -7.95 6.41 20.56
CA GLU A 22 -7.00 6.13 21.68
C GLU A 22 -5.77 7.02 21.55
N GLY A 23 -4.99 7.11 22.59
CA GLY A 23 -3.78 7.97 22.55
C GLY A 23 -2.89 7.56 21.37
N ASP A 24 -3.08 6.39 20.83
CA ASP A 24 -2.23 5.96 19.69
C ASP A 24 -2.64 6.73 18.42
N LYS A 25 -2.72 8.03 18.49
CA LYS A 25 -3.11 8.83 17.28
C LYS A 25 -1.96 8.81 16.25
N HIS A 26 -0.74 8.92 16.70
CA HIS A 26 0.42 8.95 15.75
C HIS A 26 0.92 7.54 15.48
N LYS A 27 0.31 6.55 16.07
CA LYS A 27 0.75 5.15 15.84
C LYS A 27 -0.47 4.23 15.95
N LEU A 28 -0.33 3.00 15.55
CA LEU A 28 -1.49 2.05 15.58
C LEU A 28 -1.11 0.83 16.44
N LYS A 29 -1.95 0.44 17.36
CA LYS A 29 -1.64 -0.74 18.23
C LYS A 29 -2.51 -1.92 17.80
N LYS A 30 -1.98 -3.12 17.89
CA LYS A 30 -2.75 -4.35 17.52
C LYS A 30 -4.20 -4.18 17.97
N SER A 31 -4.43 -3.36 18.96
CA SER A 31 -5.83 -3.14 19.44
C SER A 31 -6.57 -2.27 18.43
N GLU A 32 -6.00 -1.16 18.05
CA GLU A 32 -6.69 -0.30 17.05
C GLU A 32 -6.72 -1.01 15.71
N LEU A 33 -5.70 -1.77 15.40
CA LEU A 33 -5.68 -2.48 14.10
C LEU A 33 -6.88 -3.43 14.03
N LYS A 34 -7.17 -4.12 15.10
CA LYS A 34 -8.34 -5.04 15.08
C LYS A 34 -9.62 -4.24 14.82
N GLU A 35 -9.71 -3.07 15.40
CA GLU A 35 -10.92 -2.24 15.21
C GLU A 35 -11.06 -1.88 13.73
N LEU A 36 -9.97 -1.59 13.10
CA LEU A 36 -10.04 -1.23 11.66
C LEU A 36 -10.63 -2.40 10.91
N ILE A 37 -10.11 -3.56 11.14
CA ILE A 37 -10.60 -4.75 10.40
C ILE A 37 -11.99 -5.20 10.87
N ASN A 38 -12.20 -5.32 12.15
CA ASN A 38 -13.52 -5.84 12.61
C ASN A 38 -14.61 -4.78 12.59
N ASN A 39 -14.32 -3.63 13.11
CA ASN A 39 -15.36 -2.56 13.19
C ASN A 39 -15.62 -1.86 11.85
N GLU A 40 -14.61 -1.41 11.16
CA GLU A 40 -14.86 -0.71 9.87
C GLU A 40 -15.32 -1.70 8.81
N LEU A 41 -14.74 -2.86 8.78
CA LEU A 41 -15.13 -3.87 7.75
C LEU A 41 -16.10 -4.87 8.39
N SER A 42 -17.23 -4.39 8.83
CA SER A 42 -18.22 -5.30 9.48
C SER A 42 -18.64 -6.39 8.49
N HIS A 43 -18.84 -6.05 7.24
CA HIS A 43 -19.26 -7.07 6.23
C HIS A 43 -18.46 -6.90 4.92
N PHE A 44 -17.81 -5.78 4.76
CA PHE A 44 -17.02 -5.56 3.51
C PHE A 44 -15.84 -6.53 3.46
N LEU A 45 -15.26 -6.85 4.59
CA LEU A 45 -14.11 -7.79 4.63
C LEU A 45 -14.42 -8.84 5.71
N GLU A 46 -13.78 -9.96 5.67
CA GLU A 46 -14.09 -11.00 6.69
C GLU A 46 -13.67 -10.50 8.08
N GLU A 47 -14.63 -10.30 8.94
CA GLU A 47 -14.35 -9.82 10.33
C GLU A 47 -13.45 -10.82 11.06
N ILE A 48 -12.53 -10.33 11.86
CA ILE A 48 -11.63 -11.26 12.60
C ILE A 48 -12.40 -11.86 13.77
N LYS A 49 -12.27 -13.14 13.97
CA LYS A 49 -13.00 -13.82 15.08
C LYS A 49 -12.08 -14.12 16.25
N GLU A 50 -10.81 -13.80 16.13
CA GLU A 50 -9.87 -14.07 17.25
C GLU A 50 -8.71 -13.06 17.19
N GLN A 51 -8.39 -12.48 18.30
CA GLN A 51 -7.29 -11.46 18.34
C GLN A 51 -5.96 -12.06 17.88
N GLU A 52 -5.76 -13.34 18.07
CA GLU A 52 -4.46 -13.96 17.65
C GLU A 52 -4.26 -13.76 16.15
N VAL A 53 -5.30 -13.83 15.39
CA VAL A 53 -5.15 -13.64 13.92
C VAL A 53 -4.58 -12.25 13.70
N VAL A 54 -5.00 -11.31 14.49
CA VAL A 54 -4.47 -9.93 14.35
C VAL A 54 -3.00 -9.90 14.75
N ASP A 55 -2.61 -10.71 15.69
CA ASP A 55 -1.18 -10.73 16.12
C ASP A 55 -0.31 -11.26 14.99
N LYS A 56 -0.81 -12.22 14.26
CA LYS A 56 -0.05 -12.78 13.10
C LYS A 56 0.05 -11.70 12.04
N VAL A 57 -1.03 -10.98 11.87
CA VAL A 57 -1.04 -9.88 10.89
C VAL A 57 0.03 -8.89 11.33
N MET A 58 0.14 -8.71 12.62
CA MET A 58 1.15 -7.77 13.17
C MET A 58 2.55 -8.35 13.00
N GLU A 59 2.70 -9.63 12.88
CA GLU A 59 4.07 -10.15 12.68
C GLU A 59 4.61 -9.51 11.41
N THR A 60 3.78 -9.38 10.41
CA THR A 60 4.22 -8.73 9.14
C THR A 60 4.02 -7.20 9.25
N LEU A 61 2.93 -6.77 9.84
CA LEU A 61 2.66 -5.30 9.97
C LEU A 61 3.53 -4.71 11.08
N ASP A 62 3.91 -5.49 12.05
CA ASP A 62 4.78 -4.94 13.12
C ASP A 62 6.19 -4.90 12.57
N GLU A 63 6.36 -4.20 11.50
CA GLU A 63 7.68 -4.11 10.87
C GLU A 63 8.66 -3.55 11.90
N ASP A 64 8.21 -2.65 12.72
CA ASP A 64 9.10 -2.08 13.77
C ASP A 64 9.23 -3.12 14.89
N GLY A 65 8.41 -4.14 14.86
CA GLY A 65 8.50 -5.20 15.92
C GLY A 65 8.14 -4.58 17.29
N ASP A 66 7.30 -3.58 17.32
CA ASP A 66 6.93 -2.92 18.61
C ASP A 66 5.49 -3.28 18.99
N GLY A 67 4.90 -4.22 18.30
CA GLY A 67 3.49 -4.60 18.62
C GLY A 67 2.57 -3.50 18.11
N GLU A 68 3.15 -2.52 17.48
CA GLU A 68 2.38 -1.37 16.93
C GLU A 68 2.81 -1.12 15.48
N CYS A 69 1.88 -0.99 14.58
CA CYS A 69 2.23 -0.72 13.15
C CYS A 69 2.11 0.79 12.91
N ASP A 70 3.16 1.40 12.45
CA ASP A 70 3.12 2.87 12.24
C ASP A 70 2.07 3.18 11.18
N PHE A 71 1.58 4.39 11.13
CA PHE A 71 0.56 4.74 10.13
C PHE A 71 1.02 4.25 8.75
N GLN A 72 2.29 4.34 8.46
CA GLN A 72 2.77 3.85 7.15
C GLN A 72 2.67 2.32 7.07
N GLU A 73 2.98 1.63 8.14
CA GLU A 73 2.89 0.15 8.12
C GLU A 73 1.45 -0.30 7.85
N PHE A 74 0.51 0.33 8.49
CA PHE A 74 -0.91 -0.03 8.27
C PHE A 74 -1.30 0.33 6.83
N MET A 75 -0.76 1.40 6.33
CA MET A 75 -1.09 1.84 4.94
C MET A 75 -0.70 0.74 3.94
N ALA A 76 0.37 0.06 4.18
CA ALA A 76 0.79 -1.00 3.22
C ALA A 76 -0.20 -2.16 3.22
N PHE A 77 -0.77 -2.47 4.35
CA PHE A 77 -1.75 -3.59 4.40
C PHE A 77 -2.91 -3.30 3.47
N VAL A 78 -3.33 -2.08 3.46
CA VAL A 78 -4.47 -1.65 2.60
C VAL A 78 -4.17 -1.92 1.13
N SER A 79 -2.95 -1.69 0.73
CA SER A 79 -2.61 -1.91 -0.71
C SER A 79 -2.81 -3.36 -1.09
N MET A 80 -2.46 -4.27 -0.23
CA MET A 80 -2.62 -5.71 -0.59
C MET A 80 -4.09 -6.12 -0.55
N VAL A 81 -4.81 -5.73 0.47
CA VAL A 81 -6.24 -6.15 0.56
C VAL A 81 -7.01 -5.66 -0.65
N THR A 82 -6.72 -4.48 -1.11
CA THR A 82 -7.43 -3.93 -2.29
C THR A 82 -7.20 -4.87 -3.46
N THR A 83 -6.02 -5.40 -3.57
CA THR A 83 -5.73 -6.31 -4.68
C THR A 83 -6.76 -7.45 -4.67
N ALA A 84 -7.10 -7.94 -3.51
CA ALA A 84 -8.12 -9.02 -3.42
C ALA A 84 -9.42 -8.48 -3.99
N CYS A 85 -9.72 -7.25 -3.74
CA CYS A 85 -10.98 -6.66 -4.28
C CYS A 85 -10.97 -6.73 -5.80
N HIS A 86 -9.81 -6.61 -6.42
CA HIS A 86 -9.77 -6.67 -7.91
C HIS A 86 -10.31 -8.02 -8.36
N GLU A 87 -9.97 -9.08 -7.68
CA GLU A 87 -10.50 -10.40 -8.09
C GLU A 87 -12.02 -10.37 -8.00
N PHE A 88 -12.52 -9.75 -6.96
CA PHE A 88 -14.00 -9.64 -6.78
C PHE A 88 -14.57 -8.68 -7.82
N PHE A 89 -13.88 -7.61 -8.09
CA PHE A 89 -14.36 -6.62 -9.09
C PHE A 89 -13.74 -6.96 -10.44
N GLU A 90 -13.93 -8.18 -10.88
CA GLU A 90 -13.35 -8.58 -12.17
C GLU A 90 -14.04 -7.81 -13.28
N HIS A 91 -13.30 -6.98 -13.95
CA HIS A 91 -13.89 -6.18 -15.06
C HIS A 91 -14.59 -7.12 -16.05
N GLU A 92 -14.08 -8.31 -16.19
CA GLU A 92 -14.69 -9.30 -17.14
N MET B 1 -15.31 8.53 6.66
CA MET B 1 -16.13 7.68 7.57
C MET B 1 -16.36 6.31 6.91
N SER B 2 -15.51 5.37 7.20
CA SER B 2 -15.66 4.01 6.60
C SER B 2 -15.65 4.13 5.07
N GLU B 3 -15.08 5.18 4.56
CA GLU B 3 -15.03 5.36 3.08
C GLU B 3 -13.92 4.48 2.50
N LEU B 4 -13.36 3.62 3.30
CA LEU B 4 -12.23 2.76 2.84
C LEU B 4 -12.66 1.92 1.64
N GLU B 5 -13.86 1.41 1.64
CA GLU B 5 -14.30 0.56 0.49
C GLU B 5 -14.24 1.35 -0.81
N LYS B 6 -14.62 2.59 -0.77
CA LYS B 6 -14.59 3.43 -2.01
C LYS B 6 -13.14 3.67 -2.44
N ALA B 7 -12.26 3.89 -1.52
CA ALA B 7 -10.84 4.15 -1.90
C ALA B 7 -10.20 2.90 -2.51
N MET B 8 -10.49 1.75 -1.97
CA MET B 8 -9.88 0.51 -2.52
C MET B 8 -10.34 0.30 -3.95
N VAL B 9 -11.57 0.59 -4.21
CA VAL B 9 -12.12 0.43 -5.58
C VAL B 9 -11.42 1.41 -6.51
N ALA B 10 -11.17 2.60 -6.04
CA ALA B 10 -10.53 3.64 -6.89
C ALA B 10 -9.12 3.23 -7.31
N LEU B 11 -8.35 2.63 -6.44
CA LEU B 11 -6.97 2.23 -6.85
C LEU B 11 -7.08 1.28 -8.03
N ILE B 12 -8.02 0.39 -7.99
CA ILE B 12 -8.18 -0.59 -9.10
C ILE B 12 -8.60 0.12 -10.41
N ASP B 13 -9.47 1.10 -10.33
CA ASP B 13 -9.91 1.77 -11.60
C ASP B 13 -8.77 2.56 -12.26
N VAL B 14 -7.96 3.22 -11.49
CA VAL B 14 -6.84 4.03 -12.07
C VAL B 14 -5.77 3.12 -12.71
N PHE B 15 -5.47 2.02 -12.08
CA PHE B 15 -4.46 1.09 -12.65
C PHE B 15 -4.84 0.74 -14.08
N HIS B 16 -6.10 0.53 -14.33
CA HIS B 16 -6.54 0.17 -15.71
C HIS B 16 -6.58 1.40 -16.62
N GLN B 17 -6.68 2.59 -16.09
CA GLN B 17 -6.76 3.78 -16.97
C GLN B 17 -5.56 3.82 -17.92
N TYR B 18 -4.38 3.63 -17.42
CA TYR B 18 -3.16 3.71 -18.31
C TYR B 18 -2.46 2.36 -18.47
N SER B 19 -2.58 1.47 -17.52
CA SER B 19 -1.87 0.15 -17.64
C SER B 19 -2.46 -0.67 -18.79
N GLY B 20 -3.75 -0.65 -18.94
CA GLY B 20 -4.39 -1.47 -20.02
C GLY B 20 -4.06 -0.91 -21.41
N ARG B 21 -3.45 0.24 -21.50
CA ARG B 21 -3.13 0.79 -22.85
C ARG B 21 -2.21 -0.19 -23.58
N GLU B 22 -1.17 -0.59 -22.91
CA GLU B 22 -0.19 -1.53 -23.53
C GLU B 22 -0.57 -2.97 -23.18
N GLY B 23 0.02 -3.92 -23.87
CA GLY B 23 -0.30 -5.35 -23.61
C GLY B 23 -0.06 -5.67 -22.13
N ASP B 24 0.70 -4.86 -21.44
CA ASP B 24 0.97 -5.15 -20.00
C ASP B 24 -0.28 -4.85 -19.17
N LYS B 25 -1.42 -5.39 -19.55
CA LYS B 25 -2.67 -5.14 -18.77
C LYS B 25 -2.61 -5.89 -17.43
N HIS B 26 -2.10 -7.09 -17.43
CA HIS B 26 -2.05 -7.90 -16.17
C HIS B 26 -0.74 -7.63 -15.43
N LYS B 27 0.09 -6.79 -15.97
CA LYS B 27 1.39 -6.49 -15.29
C LYS B 27 1.78 -5.05 -15.60
N LEU B 28 2.76 -4.52 -14.92
CA LEU B 28 3.18 -3.10 -15.16
C LEU B 28 4.66 -3.07 -15.52
N LYS B 29 5.03 -2.37 -16.57
CA LYS B 29 6.47 -2.30 -16.98
C LYS B 29 7.02 -0.91 -16.63
N LYS B 30 8.28 -0.85 -16.26
CA LYS B 30 8.93 0.46 -15.92
C LYS B 30 8.42 1.53 -16.87
N SER B 31 7.97 1.13 -18.03
CA SER B 31 7.45 2.14 -19.01
C SER B 31 6.07 2.61 -18.55
N GLU B 32 5.19 1.70 -18.25
CA GLU B 32 3.85 2.12 -17.78
C GLU B 32 3.97 2.78 -16.41
N LEU B 33 4.87 2.30 -15.60
CA LEU B 33 5.05 2.91 -14.25
C LEU B 33 5.41 4.39 -14.40
N LYS B 34 6.28 4.70 -15.32
CA LYS B 34 6.65 6.14 -15.51
C LYS B 34 5.40 6.93 -15.90
N GLU B 35 4.56 6.36 -16.72
CA GLU B 35 3.34 7.07 -17.16
C GLU B 35 2.46 7.35 -15.95
N LEU B 36 2.38 6.43 -15.05
CA LEU B 36 1.54 6.64 -13.85
C LEU B 36 2.08 7.85 -13.09
N ILE B 37 3.35 7.88 -12.88
CA ILE B 37 3.94 9.01 -12.11
C ILE B 37 3.99 10.29 -12.93
N ASN B 38 4.47 10.25 -14.14
CA ASN B 38 4.61 11.52 -14.92
C ASN B 38 3.29 11.98 -15.52
N ASN B 39 2.59 11.10 -16.13
CA ASN B 39 1.31 11.50 -16.82
C ASN B 39 0.14 11.71 -15.84
N GLU B 40 -0.12 10.78 -14.96
CA GLU B 40 -1.27 10.97 -14.04
C GLU B 40 -0.96 12.05 -13.01
N LEU B 41 0.24 12.07 -12.50
CA LEU B 41 0.61 13.10 -11.48
C LEU B 41 1.35 14.24 -12.18
N SER B 42 0.69 14.91 -13.09
CA SER B 42 1.33 16.03 -13.81
C SER B 42 1.77 17.12 -12.83
N HIS B 43 0.97 17.41 -11.83
CA HIS B 43 1.35 18.46 -10.83
C HIS B 43 1.03 17.98 -9.41
N PHE B 44 0.25 16.94 -9.28
CA PHE B 44 -0.11 16.45 -7.92
C PHE B 44 1.15 15.88 -7.23
N LEU B 45 2.03 15.26 -7.99
CA LEU B 45 3.28 14.68 -7.41
C LEU B 45 4.45 15.18 -8.26
N GLU B 46 5.64 15.15 -7.75
CA GLU B 46 6.77 15.66 -8.56
C GLU B 46 6.98 14.76 -9.79
N GLU B 47 6.77 15.32 -10.95
CA GLU B 47 6.95 14.55 -12.23
C GLU B 47 8.39 14.05 -12.35
N ILE B 48 8.57 12.85 -12.86
CA ILE B 48 9.96 12.33 -13.02
C ILE B 48 10.62 13.01 -14.22
N LYS B 49 11.84 13.42 -14.06
CA LYS B 49 12.55 14.13 -15.17
C LYS B 49 13.55 13.20 -15.85
N GLU B 50 13.70 11.99 -15.37
CA GLU B 50 14.65 11.04 -16.00
C GLU B 50 14.18 9.61 -15.77
N GLN B 51 14.19 8.80 -16.80
CA GLN B 51 13.73 7.39 -16.68
C GLN B 51 14.57 6.62 -15.66
N GLU B 52 15.80 6.98 -15.46
CA GLU B 52 16.66 6.23 -14.48
C GLU B 52 16.03 6.30 -13.09
N VAL B 53 15.44 7.41 -12.74
CA VAL B 53 14.81 7.52 -11.41
C VAL B 53 13.75 6.44 -11.31
N VAL B 54 13.06 6.20 -12.39
CA VAL B 54 12.01 5.15 -12.40
C VAL B 54 12.66 3.78 -12.25
N ASP B 55 13.83 3.60 -12.78
CA ASP B 55 14.52 2.29 -12.67
C ASP B 55 14.88 2.02 -11.21
N LYS B 56 15.26 3.05 -10.51
CA LYS B 56 15.63 2.89 -9.07
C LYS B 56 14.36 2.57 -8.31
N VAL B 57 13.29 3.22 -8.69
CA VAL B 57 11.99 2.94 -8.05
C VAL B 57 11.68 1.48 -8.29
N MET B 58 12.01 1.02 -9.46
CA MET B 58 11.76 -0.40 -9.83
C MET B 58 12.69 -1.32 -9.05
N GLU B 59 13.82 -0.84 -8.59
CA GLU B 59 14.70 -1.75 -7.83
C GLU B 59 13.88 -2.22 -6.62
N THR B 60 13.13 -1.34 -6.03
CA THR B 60 12.27 -1.73 -4.87
C THR B 60 10.92 -2.27 -5.39
N LEU B 61 10.36 -1.65 -6.39
CA LEU B 61 9.04 -2.11 -6.93
C LEU B 61 9.23 -3.39 -7.77
N ASP B 62 10.38 -3.57 -8.35
CA ASP B 62 10.60 -4.81 -9.14
C ASP B 62 10.88 -5.92 -8.15
N GLU B 63 9.96 -6.15 -7.28
CA GLU B 63 10.15 -7.19 -6.25
C GLU B 63 10.38 -8.52 -6.98
N ASP B 64 9.72 -8.72 -8.09
CA ASP B 64 9.91 -9.98 -8.86
C ASP B 64 11.26 -9.87 -9.60
N GLY B 65 11.83 -8.71 -9.63
CA GLY B 65 13.15 -8.53 -10.32
C GLY B 65 12.98 -8.81 -11.83
N ASP B 66 11.81 -8.55 -12.37
CA ASP B 66 11.57 -8.81 -13.84
C ASP B 66 11.49 -7.48 -14.60
N GLY B 67 11.85 -6.40 -13.97
CA GLY B 67 11.78 -5.07 -14.66
C GLY B 67 10.31 -4.68 -14.77
N GLU B 68 9.46 -5.48 -14.20
CA GLU B 68 7.99 -5.21 -14.24
C GLU B 68 7.43 -5.36 -12.83
N CYS B 69 6.65 -4.40 -12.37
CA CYS B 69 6.05 -4.51 -11.01
C CYS B 69 4.62 -5.05 -11.17
N ASP B 70 4.31 -6.13 -10.52
CA ASP B 70 2.95 -6.70 -10.66
C ASP B 70 1.93 -5.70 -10.13
N PHE B 71 0.69 -5.81 -10.54
CA PHE B 71 -0.33 -4.86 -10.07
C PHE B 71 -0.22 -4.73 -8.55
N GLN B 72 0.05 -5.80 -7.86
CA GLN B 72 0.18 -5.71 -6.37
C GLN B 72 1.45 -4.92 -6.01
N GLU B 73 2.52 -5.10 -6.72
CA GLU B 73 3.78 -4.35 -6.38
C GLU B 73 3.54 -2.86 -6.55
N PHE B 74 2.88 -2.48 -7.60
CA PHE B 74 2.61 -1.04 -7.82
C PHE B 74 1.66 -0.53 -6.73
N MET B 75 0.75 -1.38 -6.32
CA MET B 75 -0.24 -0.98 -5.29
C MET B 75 0.48 -0.60 -3.99
N ALA B 76 1.55 -1.26 -3.67
CA ALA B 76 2.28 -0.93 -2.42
C ALA B 76 2.92 0.45 -2.50
N PHE B 77 3.37 0.82 -3.66
CA PHE B 77 4.02 2.17 -3.80
C PHE B 77 3.02 3.24 -3.43
N VAL B 78 1.81 3.05 -3.83
CA VAL B 78 0.73 4.04 -3.55
C VAL B 78 0.56 4.23 -2.05
N SER B 79 0.65 3.17 -1.31
CA SER B 79 0.45 3.29 0.16
C SER B 79 1.51 4.20 0.77
N MET B 80 2.72 4.12 0.30
CA MET B 80 3.78 4.98 0.90
C MET B 80 3.63 6.43 0.44
N VAL B 81 3.39 6.65 -0.83
CA VAL B 81 3.27 8.05 -1.32
C VAL B 81 2.13 8.77 -0.59
N THR B 82 1.06 8.08 -0.34
CA THR B 82 -0.09 8.72 0.37
C THR B 82 0.39 9.20 1.71
N THR B 83 1.25 8.45 2.34
CA THR B 83 1.75 8.86 3.67
C THR B 83 2.37 10.26 3.55
N ALA B 84 3.08 10.51 2.47
CA ALA B 84 3.66 11.86 2.27
C ALA B 84 2.53 12.88 2.22
N CYS B 85 1.43 12.53 1.61
CA CYS B 85 0.29 13.46 1.53
C CYS B 85 -0.18 13.82 2.95
N HIS B 86 -0.09 12.90 3.88
CA HIS B 86 -0.54 13.22 5.26
C HIS B 86 0.27 14.40 5.79
N GLU B 87 1.54 14.43 5.52
CA GLU B 87 2.36 15.58 6.01
C GLU B 87 1.80 16.86 5.37
N PHE B 88 1.46 16.79 4.11
CA PHE B 88 0.90 17.98 3.41
C PHE B 88 -0.50 18.26 3.94
N PHE B 89 -1.27 17.24 4.19
CA PHE B 89 -2.66 17.43 4.70
C PHE B 89 -2.62 17.37 6.23
N GLU B 90 -1.78 18.15 6.83
CA GLU B 90 -1.68 18.14 8.31
C GLU B 90 -2.99 18.63 8.90
N HIS B 91 -3.68 17.77 9.58
CA HIS B 91 -4.97 18.17 10.19
C HIS B 91 -4.76 19.41 11.06
N GLU B 92 -3.59 19.54 11.65
CA GLU B 92 -3.29 20.73 12.51
N SER C 1 3.96 -20.54 10.40
CA SER C 1 3.44 -21.66 11.24
C SER C 1 4.61 -22.47 11.81
N HIS C 2 5.03 -22.16 13.00
CA HIS C 2 6.16 -22.91 13.61
C HIS C 2 5.78 -24.38 13.74
N LEU C 3 4.56 -24.66 14.09
CA LEU C 3 4.14 -26.08 14.24
C LEU C 3 3.96 -26.71 12.87
N LYS C 4 4.01 -28.01 12.80
CA LYS C 4 3.86 -28.70 11.48
C LYS C 4 2.41 -29.18 11.32
N SER C 5 2.00 -29.43 10.11
CA SER C 5 0.59 -29.87 9.89
C SER C 5 -0.34 -28.79 10.39
N LYS C 6 -1.63 -29.07 10.43
CA LYS C 6 -2.61 -28.04 10.91
C LYS C 6 -3.68 -28.72 11.77
N LYS C 7 -3.87 -28.24 12.97
CA LYS C 7 -4.89 -28.85 13.86
C LYS C 7 -6.28 -28.73 13.23
N GLY C 8 -6.57 -27.60 12.61
CA GLY C 8 -7.91 -27.41 11.97
C GLY C 8 -8.73 -26.39 12.77
N GLN C 9 -8.48 -25.12 12.58
CA GLN C 9 -9.25 -24.08 13.34
C GLN C 9 -9.54 -22.90 12.42
N SER C 10 -10.24 -21.92 12.91
CA SER C 10 -10.59 -20.74 12.07
C SER C 10 -9.33 -20.19 11.39
N THR C 11 -8.18 -20.38 12.00
CA THR C 11 -6.90 -19.86 11.39
C THR C 11 -6.91 -20.08 9.88
N SER C 12 -7.68 -21.04 9.43
CA SER C 12 -7.75 -21.32 7.97
C SER C 12 -8.21 -20.06 7.23
N ARG C 13 -9.13 -19.31 7.79
CA ARG C 13 -9.60 -18.09 7.09
C ARG C 13 -8.41 -17.13 6.88
N HIS C 14 -7.55 -17.02 7.85
CA HIS C 14 -6.38 -16.13 7.70
C HIS C 14 -5.51 -16.60 6.53
N LYS C 15 -5.39 -17.90 6.37
CA LYS C 15 -4.55 -18.44 5.25
C LYS C 15 -5.11 -17.95 3.92
N LYS C 16 -6.40 -17.82 3.80
CA LYS C 16 -6.96 -17.35 2.51
C LYS C 16 -6.38 -15.97 2.21
N LEU C 17 -6.28 -15.13 3.20
CA LEU C 17 -5.72 -13.75 2.97
C LEU C 17 -4.21 -13.85 2.66
N MET C 18 -3.56 -14.84 3.20
CA MET C 18 -2.10 -14.98 2.96
C MET C 18 -1.85 -15.01 1.46
N PHE C 19 -2.83 -15.40 0.67
CA PHE C 19 -2.63 -15.45 -0.81
C PHE C 19 -1.82 -14.23 -1.28
N LYS C 20 -2.03 -13.09 -0.66
CA LYS C 20 -1.25 -11.88 -1.03
C LYS C 20 0.11 -11.96 -0.36
N THR C 21 0.12 -12.43 0.85
CA THR C 21 1.39 -12.54 1.59
C THR C 21 2.28 -13.59 0.90
N GLU C 22 1.68 -14.69 0.47
CA GLU C 22 2.42 -15.80 -0.23
N SER D 1 22.91 3.50 -3.50
CA SER D 1 23.98 4.26 -4.22
C SER D 1 25.29 3.49 -4.16
N HIS D 2 25.59 2.70 -5.16
CA HIS D 2 26.86 1.92 -5.15
C HIS D 2 28.04 2.88 -5.07
N LEU D 3 27.98 3.98 -5.78
CA LEU D 3 29.10 4.95 -5.75
C LEU D 3 29.10 5.71 -4.43
N LYS D 4 30.22 6.28 -4.08
CA LYS D 4 30.31 7.02 -2.78
C LYS D 4 30.14 8.52 -3.04
N SER D 5 29.80 9.27 -2.04
CA SER D 5 29.61 10.73 -2.25
C SER D 5 28.49 10.94 -3.27
N LYS D 6 28.29 12.15 -3.70
CA LYS D 6 27.21 12.43 -4.70
C LYS D 6 27.71 13.45 -5.72
N LYS D 7 27.63 13.13 -6.98
CA LYS D 7 28.10 14.09 -8.03
C LYS D 7 27.26 15.37 -7.96
N GLY D 8 25.97 15.25 -7.74
CA GLY D 8 25.08 16.45 -7.67
C GLY D 8 24.20 16.53 -8.91
N GLN D 9 23.13 15.78 -8.94
CA GLN D 9 22.21 15.80 -10.12
C GLN D 9 20.76 15.74 -9.64
N SER D 10 19.82 15.79 -10.55
CA SER D 10 18.38 15.74 -10.15
C SER D 10 18.14 14.57 -9.20
N THR D 11 18.92 13.52 -9.30
CA THR D 11 18.73 12.32 -8.41
C THR D 11 18.40 12.79 -6.99
N SER D 12 18.79 13.99 -6.65
CA SER D 12 18.51 14.50 -5.28
C SER D 12 16.99 14.50 -5.04
N ARG D 13 16.21 14.83 -6.04
CA ARG D 13 14.74 14.84 -5.82
C ARG D 13 14.26 13.44 -5.41
N HIS D 14 14.82 12.42 -6.01
CA HIS D 14 14.42 11.03 -5.66
C HIS D 14 14.74 10.77 -4.19
N LYS D 15 15.85 11.29 -3.72
CA LYS D 15 16.24 11.07 -2.30
C LYS D 15 15.16 11.63 -1.38
N LYS D 16 14.54 12.72 -1.76
CA LYS D 16 13.48 13.28 -0.88
C LYS D 16 12.39 12.23 -0.70
N LEU D 17 12.03 11.53 -1.75
CA LEU D 17 10.96 10.49 -1.63
C LEU D 17 11.49 9.30 -0.79
N MET D 18 12.77 9.06 -0.85
CA MET D 18 13.33 7.93 -0.07
C MET D 18 12.94 8.06 1.40
N PHE D 19 12.64 9.27 1.85
CA PHE D 19 12.25 9.46 3.28
C PHE D 19 11.32 8.32 3.72
N LYS D 20 10.48 7.84 2.84
CA LYS D 20 9.57 6.70 3.18
C LYS D 20 10.38 5.42 3.09
N THR D 21 11.20 5.34 2.07
CA THR D 21 12.02 4.13 1.89
C THR D 21 13.01 3.98 3.06
N GLU D 22 13.58 5.10 3.47
CA GLU D 22 14.57 5.13 4.62
CA CA E . -4.31 5.03 16.60
CA CA F . 5.91 -1.44 13.94
CA CA G . -0.08 -2.25 -17.78
CA CA H . 8.26 -7.55 -10.28
N MET A 1 -8.94 9.26 -13.71
CA MET A 1 -7.49 9.32 -14.08
C MET A 1 -6.73 10.16 -13.05
N SER A 2 -5.55 9.73 -12.68
CA SER A 2 -4.74 10.49 -11.69
C SER A 2 -5.53 10.63 -10.39
N GLU A 3 -6.45 9.74 -10.14
CA GLU A 3 -7.24 9.80 -8.88
C GLU A 3 -6.37 9.31 -7.72
N LEU A 4 -5.10 9.18 -7.95
CA LEU A 4 -4.20 8.68 -6.88
C LEU A 4 -4.29 9.58 -5.65
N GLU A 5 -4.47 10.86 -5.83
CA GLU A 5 -4.55 11.78 -4.65
C GLU A 5 -5.74 11.35 -3.78
N LYS A 6 -6.83 10.99 -4.39
CA LYS A 6 -8.03 10.58 -3.63
C LYS A 6 -7.75 9.28 -2.87
N ALA A 7 -7.06 8.36 -3.48
CA ALA A 7 -6.81 7.05 -2.80
C ALA A 7 -5.85 7.20 -1.62
N MET A 8 -4.84 8.00 -1.74
CA MET A 8 -3.88 8.15 -0.61
C MET A 8 -4.58 8.82 0.56
N VAL A 9 -5.42 9.77 0.27
CA VAL A 9 -6.14 10.50 1.35
C VAL A 9 -7.15 9.57 2.01
N ALA A 10 -7.77 8.72 1.24
CA ALA A 10 -8.81 7.80 1.81
C ALA A 10 -8.19 6.75 2.72
N LEU A 11 -7.06 6.22 2.37
CA LEU A 11 -6.44 5.18 3.24
C LEU A 11 -6.18 5.77 4.61
N ILE A 12 -5.74 6.99 4.62
CA ILE A 12 -5.45 7.68 5.91
C ILE A 12 -6.76 7.97 6.65
N ASP A 13 -7.81 8.34 5.95
CA ASP A 13 -9.10 8.65 6.64
C ASP A 13 -9.63 7.42 7.42
N VAL A 14 -9.58 6.27 6.82
CA VAL A 14 -10.08 5.04 7.51
C VAL A 14 -9.14 4.68 8.66
N PHE A 15 -7.87 4.84 8.47
CA PHE A 15 -6.92 4.50 9.57
C PHE A 15 -7.35 5.25 10.83
N HIS A 16 -7.78 6.47 10.71
CA HIS A 16 -8.22 7.23 11.92
C HIS A 16 -9.52 6.62 12.43
N GLN A 17 -10.25 5.94 11.60
CA GLN A 17 -11.55 5.36 12.05
C GLN A 17 -11.32 4.38 13.22
N TYR A 18 -10.34 3.53 13.14
CA TYR A 18 -10.08 2.55 14.26
C TYR A 18 -8.98 3.05 15.20
N SER A 19 -7.99 3.72 14.68
CA SER A 19 -6.88 4.18 15.54
C SER A 19 -7.40 5.14 16.62
N GLY A 20 -8.28 6.04 16.26
CA GLY A 20 -8.81 7.00 17.28
C GLY A 20 -9.80 6.30 18.21
N ARG A 21 -10.20 5.11 17.87
CA ARG A 21 -11.17 4.37 18.73
C ARG A 21 -10.54 4.18 20.12
N GLU A 22 -9.29 3.82 20.17
CA GLU A 22 -8.60 3.59 21.48
C GLU A 22 -7.51 4.65 21.69
N GLY A 23 -6.98 4.70 22.89
CA GLY A 23 -5.93 5.70 23.21
C GLY A 23 -4.74 5.59 22.26
N ASP A 24 -4.41 4.41 21.79
CA ASP A 24 -3.24 4.29 20.88
C ASP A 24 -3.61 4.86 19.49
N LYS A 25 -3.81 6.15 19.42
CA LYS A 25 -4.19 6.79 18.12
C LYS A 25 -2.99 6.77 17.16
N HIS A 26 -1.81 7.01 17.64
CA HIS A 26 -0.62 7.04 16.73
C HIS A 26 -0.13 5.62 16.43
N LYS A 27 -0.57 4.64 17.18
CA LYS A 27 -0.10 3.24 16.94
C LYS A 27 -1.26 2.26 17.07
N LEU A 28 -1.16 1.16 16.39
CA LEU A 28 -2.25 0.13 16.42
C LEU A 28 -1.78 -1.13 17.13
N LYS A 29 -2.50 -1.56 18.12
CA LYS A 29 -2.11 -2.83 18.81
C LYS A 29 -2.88 -3.96 18.12
N LYS A 30 -2.36 -5.17 18.11
CA LYS A 30 -3.11 -6.29 17.44
C LYS A 30 -4.58 -6.20 17.83
N SER A 31 -4.84 -5.55 18.93
CA SER A 31 -6.24 -5.41 19.40
C SER A 31 -7.01 -4.45 18.47
N GLU A 32 -6.46 -3.29 18.18
CA GLU A 32 -7.17 -2.35 17.27
C GLU A 32 -7.17 -2.95 15.87
N LEU A 33 -6.12 -3.63 15.53
CA LEU A 33 -6.03 -4.25 14.17
C LEU A 33 -7.20 -5.22 14.00
N LYS A 34 -7.53 -5.93 15.03
CA LYS A 34 -8.68 -6.90 14.96
C LYS A 34 -9.98 -6.16 14.61
N GLU A 35 -10.18 -5.00 15.18
CA GLU A 35 -11.43 -4.25 14.90
C GLU A 35 -11.43 -3.72 13.49
N LEU A 36 -10.32 -3.25 13.01
CA LEU A 36 -10.29 -2.73 11.62
C LEU A 36 -10.60 -3.86 10.64
N ILE A 37 -9.92 -4.94 10.76
CA ILE A 37 -10.11 -6.08 9.82
C ILE A 37 -11.44 -6.79 10.08
N ASN A 38 -11.78 -7.02 11.31
CA ASN A 38 -13.05 -7.76 11.59
C ASN A 38 -14.28 -6.91 11.24
N ASN A 39 -14.23 -5.64 11.51
CA ASN A 39 -15.41 -4.76 11.26
C ASN A 39 -15.33 -3.96 9.95
N GLU A 40 -14.18 -3.53 9.53
CA GLU A 40 -14.13 -2.71 8.29
C GLU A 40 -14.20 -3.61 7.05
N LEU A 41 -14.07 -4.90 7.24
CA LEU A 41 -14.15 -5.85 6.08
C LEU A 41 -15.35 -6.78 6.29
N SER A 42 -16.48 -6.23 6.63
CA SER A 42 -17.68 -7.08 6.87
C SER A 42 -18.05 -7.85 5.60
N HIS A 43 -17.95 -7.23 4.45
CA HIS A 43 -18.30 -7.94 3.17
C HIS A 43 -17.14 -7.86 2.19
N PHE A 44 -16.11 -7.13 2.51
CA PHE A 44 -14.95 -7.03 1.57
C PHE A 44 -14.35 -8.43 1.39
N LEU A 45 -14.10 -9.13 2.47
CA LEU A 45 -13.50 -10.48 2.36
C LEU A 45 -13.70 -11.26 3.65
N GLU A 46 -13.15 -12.44 3.70
CA GLU A 46 -13.30 -13.28 4.92
C GLU A 46 -12.82 -12.49 6.13
N GLU A 47 -13.74 -11.92 6.86
CA GLU A 47 -13.36 -11.14 8.07
C GLU A 47 -12.71 -12.09 9.09
N ILE A 48 -12.00 -11.56 10.05
CA ILE A 48 -11.34 -12.43 11.05
C ILE A 48 -12.36 -12.89 12.10
N LYS A 49 -12.27 -14.12 12.51
CA LYS A 49 -13.20 -14.67 13.53
C LYS A 49 -12.41 -14.99 14.80
N GLU A 50 -11.14 -15.29 14.65
CA GLU A 50 -10.27 -15.63 15.82
C GLU A 50 -9.10 -14.66 15.90
N GLN A 51 -8.68 -14.38 17.10
CA GLN A 51 -7.52 -13.47 17.30
C GLN A 51 -6.25 -14.18 16.81
N GLU A 52 -6.26 -15.49 16.74
CA GLU A 52 -5.02 -16.22 16.29
C GLU A 52 -4.63 -15.78 14.88
N VAL A 53 -5.58 -15.61 14.00
CA VAL A 53 -5.23 -15.19 12.62
C VAL A 53 -4.51 -13.87 12.70
N VAL A 54 -4.96 -13.01 13.55
CA VAL A 54 -4.32 -11.68 13.69
C VAL A 54 -2.89 -11.88 14.16
N ASP A 55 -2.66 -12.81 15.03
CA ASP A 55 -1.28 -13.06 15.54
C ASP A 55 -0.38 -13.48 14.38
N LYS A 56 -0.89 -14.27 13.49
CA LYS A 56 -0.07 -14.71 12.32
C LYS A 56 0.23 -13.47 11.49
N VAL A 57 -0.75 -12.63 11.36
CA VAL A 57 -0.57 -11.38 10.59
C VAL A 57 0.44 -10.50 11.33
N MET A 58 0.49 -10.61 12.63
CA MET A 58 1.46 -9.81 13.41
C MET A 58 2.86 -10.23 13.01
N GLU A 59 3.07 -11.48 12.75
CA GLU A 59 4.42 -11.90 12.34
C GLU A 59 4.80 -11.06 11.12
N THR A 60 3.86 -10.83 10.24
CA THR A 60 4.15 -10.01 9.04
C THR A 60 4.14 -8.51 9.36
N LEU A 61 3.17 -8.03 10.10
CA LEU A 61 3.10 -6.57 10.39
C LEU A 61 3.89 -6.21 11.65
N ASP A 62 4.19 -7.17 12.47
CA ASP A 62 4.99 -6.85 13.69
C ASP A 62 6.44 -6.79 13.26
N GLU A 63 6.72 -5.87 12.37
CA GLU A 63 8.09 -5.73 11.82
C GLU A 63 9.09 -5.43 12.93
N ASP A 64 8.72 -4.60 13.88
CA ASP A 64 9.66 -4.27 14.98
C ASP A 64 9.48 -5.27 16.12
N GLY A 65 8.58 -6.20 15.98
CA GLY A 65 8.37 -7.20 17.07
C GLY A 65 7.87 -6.50 18.34
N ASP A 66 7.01 -5.53 18.21
CA ASP A 66 6.49 -4.80 19.41
C ASP A 66 5.08 -5.28 19.75
N GLY A 67 4.55 -6.19 18.98
CA GLY A 67 3.17 -6.70 19.28
C GLY A 67 2.13 -5.68 18.79
N GLU A 68 2.59 -4.59 18.24
CA GLU A 68 1.67 -3.54 17.72
C GLU A 68 2.27 -3.00 16.42
N CYS A 69 1.45 -2.78 15.40
CA CYS A 69 1.97 -2.27 14.10
C CYS A 69 1.70 -0.76 14.04
N ASP A 70 2.71 0.00 13.76
CA ASP A 70 2.55 1.48 13.70
C ASP A 70 1.73 1.85 12.46
N PHE A 71 1.33 3.08 12.36
CA PHE A 71 0.55 3.50 11.17
C PHE A 71 1.27 3.02 9.91
N GLN A 72 2.56 3.10 9.90
CA GLN A 72 3.35 2.64 8.71
C GLN A 72 3.19 1.12 8.52
N GLU A 73 3.39 0.35 9.55
CA GLU A 73 3.30 -1.13 9.40
C GLU A 73 1.90 -1.53 8.91
N PHE A 74 0.88 -0.93 9.43
CA PHE A 74 -0.50 -1.28 8.96
C PHE A 74 -0.67 -0.74 7.54
N MET A 75 0.05 0.30 7.23
CA MET A 75 -0.07 0.90 5.88
C MET A 75 0.30 -0.15 4.84
N ALA A 76 1.29 -0.93 5.11
CA ALA A 76 1.69 -1.96 4.12
C ALA A 76 0.64 -3.08 4.04
N PHE A 77 -0.03 -3.38 5.12
CA PHE A 77 -1.07 -4.46 5.09
C PHE A 77 -2.16 -4.11 4.09
N VAL A 78 -2.54 -2.88 4.05
CA VAL A 78 -3.60 -2.44 3.10
C VAL A 78 -3.09 -2.63 1.67
N SER A 79 -1.83 -2.41 1.49
CA SER A 79 -1.21 -2.54 0.16
C SER A 79 -1.36 -3.98 -0.35
N MET A 80 -1.09 -4.92 0.49
CA MET A 80 -1.16 -6.34 0.07
C MET A 80 -2.60 -6.78 -0.20
N VAL A 81 -3.53 -6.37 0.62
CA VAL A 81 -4.93 -6.80 0.40
C VAL A 81 -5.50 -6.13 -0.86
N THR A 82 -5.05 -4.94 -1.14
CA THR A 82 -5.55 -4.21 -2.35
C THR A 82 -5.22 -5.03 -3.59
N THR A 83 -4.06 -5.61 -3.61
CA THR A 83 -3.66 -6.43 -4.77
C THR A 83 -4.68 -7.55 -4.92
N ALA A 84 -5.12 -8.11 -3.83
CA ALA A 84 -6.15 -9.18 -3.90
C ALA A 84 -7.39 -8.60 -4.58
N CYS A 85 -7.69 -7.36 -4.31
CA CYS A 85 -8.88 -6.72 -4.94
C CYS A 85 -8.73 -6.76 -6.47
N HIS A 86 -7.53 -6.64 -6.96
CA HIS A 86 -7.34 -6.67 -8.43
C HIS A 86 -7.86 -7.99 -8.97
N GLU A 87 -7.57 -9.08 -8.31
CA GLU A 87 -8.10 -10.39 -8.78
C GLU A 87 -9.61 -10.36 -8.70
N PHE A 88 -10.15 -9.78 -7.66
CA PHE A 88 -11.63 -9.72 -7.52
C PHE A 88 -12.24 -8.81 -8.59
N PHE A 89 -11.59 -7.72 -8.87
CA PHE A 89 -12.14 -6.76 -9.89
C PHE A 89 -11.67 -7.17 -11.30
N GLU A 90 -11.74 -8.43 -11.62
CA GLU A 90 -11.31 -8.89 -12.97
C GLU A 90 -12.54 -8.94 -13.89
N HIS A 91 -12.94 -7.81 -14.41
CA HIS A 91 -14.13 -7.78 -15.32
C HIS A 91 -13.70 -8.16 -16.73
N GLU A 92 -12.42 -8.24 -16.97
CA GLU A 92 -11.93 -8.60 -18.34
N MET B 1 -16.30 7.09 6.14
CA MET B 1 -16.04 5.92 7.03
C MET B 1 -16.10 4.63 6.21
N SER B 2 -15.20 3.72 6.47
CA SER B 2 -15.21 2.43 5.71
C SER B 2 -15.06 2.70 4.21
N GLU B 3 -14.49 3.82 3.86
CA GLU B 3 -14.29 4.16 2.42
C GLU B 3 -13.13 3.34 1.88
N LEU B 4 -12.71 2.35 2.61
CA LEU B 4 -11.55 1.53 2.16
C LEU B 4 -11.86 0.89 0.80
N GLU B 5 -13.08 0.52 0.57
CA GLU B 5 -13.42 -0.11 -0.75
C GLU B 5 -13.10 0.87 -1.87
N LYS B 6 -13.39 2.12 -1.67
CA LYS B 6 -13.12 3.14 -2.71
C LYS B 6 -11.61 3.29 -2.94
N ALA B 7 -10.84 3.25 -1.88
CA ALA B 7 -9.37 3.45 -2.04
C ALA B 7 -8.71 2.26 -2.74
N MET B 8 -9.12 1.06 -2.44
CA MET B 8 -8.49 -0.11 -3.09
C MET B 8 -8.83 -0.12 -4.57
N VAL B 9 -10.02 0.25 -4.90
CA VAL B 9 -10.45 0.28 -6.32
C VAL B 9 -9.71 1.38 -7.07
N ALA B 10 -9.49 2.49 -6.41
CA ALA B 10 -8.82 3.64 -7.09
C ALA B 10 -7.34 3.34 -7.37
N LEU B 11 -6.65 2.70 -6.47
CA LEU B 11 -5.21 2.41 -6.71
C LEU B 11 -5.10 1.57 -7.97
N ILE B 12 -5.99 0.65 -8.12
CA ILE B 12 -5.98 -0.23 -9.31
C ILE B 12 -6.35 0.57 -10.58
N ASP B 13 -7.29 1.48 -10.47
CA ASP B 13 -7.69 2.28 -11.67
C ASP B 13 -6.50 3.08 -12.24
N VAL B 14 -5.73 3.71 -11.40
CA VAL B 14 -4.57 4.51 -11.88
C VAL B 14 -3.49 3.55 -12.43
N PHE B 15 -3.29 2.43 -11.79
CA PHE B 15 -2.26 1.49 -12.30
C PHE B 15 -2.55 1.21 -13.77
N HIS B 16 -3.78 1.06 -14.15
CA HIS B 16 -4.08 0.81 -15.58
C HIS B 16 -3.78 2.06 -16.41
N GLN B 17 -3.75 3.20 -15.78
CA GLN B 17 -3.49 4.45 -16.53
C GLN B 17 -2.12 4.38 -17.23
N TYR B 18 -1.10 3.94 -16.54
CA TYR B 18 0.26 3.87 -17.17
C TYR B 18 0.57 2.46 -17.69
N SER B 19 0.11 1.46 -17.01
CA SER B 19 0.41 0.07 -17.45
C SER B 19 -0.14 -0.18 -18.86
N GLY B 20 -1.34 0.25 -19.13
CA GLY B 20 -1.93 0.03 -20.48
C GLY B 20 -1.28 0.95 -21.51
N ARG B 21 -0.52 1.91 -21.05
CA ARG B 21 0.15 2.84 -22.01
C ARG B 21 1.06 2.04 -22.94
N GLU B 22 1.80 1.11 -22.39
CA GLU B 22 2.75 0.28 -23.21
C GLU B 22 2.28 -1.17 -23.25
N GLY B 23 2.88 -1.96 -24.10
CA GLY B 23 2.48 -3.39 -24.22
C GLY B 23 2.59 -4.12 -22.88
N ASP B 24 3.51 -3.76 -22.03
CA ASP B 24 3.63 -4.47 -20.73
C ASP B 24 2.47 -4.05 -19.81
N LYS B 25 1.27 -4.43 -20.16
CA LYS B 25 0.08 -4.06 -19.33
C LYS B 25 0.10 -4.83 -17.99
N HIS B 26 0.47 -6.08 -18.02
CA HIS B 26 0.46 -6.87 -16.75
C HIS B 26 1.72 -6.59 -15.92
N LYS B 27 2.71 -5.97 -16.50
CA LYS B 27 3.98 -5.69 -15.74
C LYS B 27 4.49 -4.30 -16.06
N LEU B 28 5.20 -3.72 -15.13
CA LEU B 28 5.74 -2.34 -15.32
C LEU B 28 7.26 -2.37 -15.43
N LYS B 29 7.79 -1.81 -16.48
CA LYS B 29 9.27 -1.75 -16.60
C LYS B 29 9.72 -0.42 -16.02
N LYS B 30 10.92 -0.33 -15.47
CA LYS B 30 11.37 0.98 -14.89
C LYS B 30 10.98 2.11 -15.84
N SER B 31 10.79 1.77 -17.08
CA SER B 31 10.39 2.78 -18.09
C SER B 31 8.95 3.25 -17.83
N GLU B 32 8.03 2.35 -17.65
CA GLU B 32 6.63 2.77 -17.38
C GLU B 32 6.57 3.39 -16.00
N LEU B 33 7.36 2.88 -15.10
CA LEU B 33 7.38 3.43 -13.71
C LEU B 33 7.76 4.91 -13.78
N LYS B 34 8.68 5.25 -14.63
CA LYS B 34 9.11 6.67 -14.76
C LYS B 34 7.92 7.55 -15.17
N GLU B 35 7.08 7.06 -16.06
CA GLU B 35 5.93 7.88 -16.52
C GLU B 35 4.89 8.01 -15.39
N LEU B 36 4.67 6.98 -14.65
CA LEU B 36 3.67 7.07 -13.55
C LEU B 36 4.14 8.08 -12.52
N ILE B 37 5.34 7.95 -12.08
CA ILE B 37 5.88 8.85 -11.03
C ILE B 37 6.17 10.25 -11.60
N ASN B 38 6.75 10.33 -12.75
CA ASN B 38 7.09 11.67 -13.32
C ASN B 38 5.82 12.44 -13.72
N ASN B 39 4.86 11.77 -14.26
CA ASN B 39 3.62 12.46 -14.75
C ASN B 39 2.44 12.37 -13.77
N GLU B 40 2.27 11.30 -13.06
CA GLU B 40 1.08 11.21 -12.15
C GLU B 40 1.34 12.00 -10.86
N LEU B 41 2.56 12.41 -10.63
CA LEU B 41 2.89 13.19 -9.40
C LEU B 41 3.38 14.58 -9.81
N SER B 42 2.69 15.21 -10.72
CA SER B 42 3.12 16.56 -11.19
C SER B 42 3.16 17.54 -10.02
N HIS B 43 2.20 17.47 -9.12
CA HIS B 43 2.17 18.42 -7.95
C HIS B 43 2.09 17.65 -6.64
N PHE B 44 1.93 16.36 -6.70
CA PHE B 44 1.84 15.56 -5.44
C PHE B 44 3.16 15.71 -4.68
N LEU B 45 4.27 15.53 -5.35
CA LEU B 45 5.58 15.64 -4.67
C LEU B 45 6.70 15.83 -5.68
N GLU B 46 7.90 15.86 -5.20
CA GLU B 46 9.06 16.05 -6.10
C GLU B 46 9.04 14.97 -7.19
N GLU B 47 8.54 15.33 -8.34
CA GLU B 47 8.47 14.34 -9.46
C GLU B 47 9.91 13.95 -9.84
N ILE B 48 10.07 12.86 -10.55
CA ILE B 48 11.44 12.41 -10.94
C ILE B 48 11.91 13.21 -12.15
N LYS B 49 13.17 13.59 -12.15
CA LYS B 49 13.74 14.37 -13.29
C LYS B 49 14.78 13.50 -14.00
N GLU B 50 15.38 12.58 -13.28
CA GLU B 50 16.42 11.68 -13.87
C GLU B 50 16.00 10.22 -13.74
N GLN B 51 16.38 9.42 -14.69
CA GLN B 51 16.05 7.99 -14.64
C GLN B 51 16.87 7.33 -13.52
N GLU B 52 17.97 7.94 -13.13
CA GLU B 52 18.80 7.32 -12.05
C GLU B 52 18.01 7.16 -10.76
N VAL B 53 17.20 8.12 -10.42
CA VAL B 53 16.39 7.98 -9.18
C VAL B 53 15.52 6.76 -9.30
N VAL B 54 14.98 6.55 -10.46
CA VAL B 54 14.10 5.37 -10.67
C VAL B 54 14.93 4.11 -10.47
N ASP B 55 16.16 4.11 -10.90
CA ASP B 55 17.02 2.90 -10.73
C ASP B 55 17.20 2.61 -9.25
N LYS B 56 17.36 3.63 -8.46
CA LYS B 56 17.53 3.42 -6.99
C LYS B 56 16.23 2.82 -6.46
N VAL B 57 15.14 3.33 -6.95
CA VAL B 57 13.82 2.82 -6.53
C VAL B 57 13.69 1.37 -7.01
N MET B 58 14.32 1.05 -8.10
CA MET B 58 14.25 -0.34 -8.62
C MET B 58 14.91 -1.26 -7.60
N GLU B 59 15.94 -0.81 -6.95
CA GLU B 59 16.58 -1.69 -5.95
C GLU B 59 15.49 -2.08 -4.94
N THR B 60 14.64 -1.15 -4.60
CA THR B 60 13.55 -1.45 -3.64
C THR B 60 12.38 -2.19 -4.32
N LEU B 61 11.95 -1.76 -5.48
CA LEU B 61 10.79 -2.42 -6.15
C LEU B 61 11.25 -3.58 -7.04
N ASP B 62 12.50 -3.62 -7.39
CA ASP B 62 12.97 -4.76 -8.23
C ASP B 62 13.21 -5.93 -7.29
N GLU B 63 12.17 -6.35 -6.64
CA GLU B 63 12.27 -7.44 -5.65
C GLU B 63 12.77 -8.72 -6.30
N ASP B 64 12.32 -9.01 -7.49
CA ASP B 64 12.79 -10.26 -8.18
C ASP B 64 14.04 -9.95 -9.00
N GLY B 65 14.48 -8.72 -9.00
CA GLY B 65 15.72 -8.39 -9.77
C GLY B 65 15.47 -8.60 -11.26
N ASP B 66 14.30 -8.24 -11.74
CA ASP B 66 13.98 -8.43 -13.19
C ASP B 66 14.08 -7.09 -13.93
N GLY B 67 14.38 -6.03 -13.23
CA GLY B 67 14.49 -4.70 -13.90
C GLY B 67 13.09 -4.13 -14.15
N GLU B 68 12.08 -4.87 -13.77
CA GLU B 68 10.67 -4.42 -13.96
C GLU B 68 9.87 -4.83 -12.71
N CYS B 69 9.03 -3.96 -12.20
CA CYS B 69 8.22 -4.31 -10.99
C CYS B 69 6.83 -4.72 -11.43
N ASP B 70 6.39 -5.85 -10.98
CA ASP B 70 5.04 -6.35 -11.37
C ASP B 70 3.97 -5.51 -10.71
N PHE B 71 2.74 -5.68 -11.09
CA PHE B 71 1.65 -4.89 -10.48
C PHE B 71 1.80 -4.97 -8.95
N GLN B 72 2.13 -6.11 -8.45
CA GLN B 72 2.30 -6.28 -6.98
C GLN B 72 3.48 -5.43 -6.46
N GLU B 73 4.61 -5.52 -7.10
CA GLU B 73 5.79 -4.73 -6.61
C GLU B 73 5.49 -3.24 -6.64
N PHE B 74 4.86 -2.75 -7.67
CA PHE B 74 4.53 -1.30 -7.70
C PHE B 74 3.44 -1.03 -6.67
N MET B 75 2.66 -2.03 -6.36
CA MET B 75 1.56 -1.84 -5.39
C MET B 75 2.16 -1.43 -4.05
N ALA B 76 3.27 -2.01 -3.69
CA ALA B 76 3.89 -1.64 -2.39
C ALA B 76 4.48 -0.22 -2.46
N PHE B 77 4.95 0.21 -3.59
CA PHE B 77 5.52 1.59 -3.69
C PHE B 77 4.47 2.62 -3.33
N VAL B 78 3.27 2.42 -3.77
CA VAL B 78 2.17 3.39 -3.47
C VAL B 78 1.94 3.39 -1.97
N SER B 79 2.07 2.26 -1.37
CA SER B 79 1.85 2.13 0.09
C SER B 79 2.83 3.03 0.86
N MET B 80 4.06 3.00 0.46
CA MET B 80 5.10 3.80 1.18
C MET B 80 4.91 5.30 0.95
N VAL B 81 4.58 5.70 -0.23
CA VAL B 81 4.41 7.15 -0.50
C VAL B 81 3.14 7.66 0.21
N THR B 82 2.15 6.82 0.32
CA THR B 82 0.89 7.24 1.00
C THR B 82 1.20 7.64 2.43
N THR B 83 2.06 6.90 3.06
CA THR B 83 2.43 7.22 4.46
C THR B 83 3.00 8.63 4.48
N ALA B 84 3.78 8.98 3.49
CA ALA B 84 4.33 10.35 3.43
C ALA B 84 3.17 11.34 3.37
N CYS B 85 2.11 10.98 2.71
CA CYS B 85 0.92 11.88 2.61
C CYS B 85 0.39 12.16 4.02
N HIS B 86 0.49 11.20 4.91
CA HIS B 86 -0.02 11.43 6.29
C HIS B 86 0.73 12.61 6.90
N GLU B 87 2.02 12.67 6.71
CA GLU B 87 2.79 13.82 7.25
C GLU B 87 2.31 15.10 6.57
N PHE B 88 2.04 15.03 5.30
CA PHE B 88 1.57 16.24 4.57
C PHE B 88 0.17 16.63 5.03
N PHE B 89 -0.67 15.66 5.25
CA PHE B 89 -2.08 15.96 5.69
C PHE B 89 -2.14 16.10 7.21
N GLU B 90 -1.20 16.81 7.80
CA GLU B 90 -1.22 17.00 9.27
C GLU B 90 -1.95 18.30 9.61
N HIS B 91 -3.25 18.27 9.61
CA HIS B 91 -4.02 19.51 9.93
C HIS B 91 -4.12 19.68 11.45
N GLU B 92 -3.74 18.67 12.18
CA GLU B 92 -3.81 18.77 13.67
N SER C 1 -22.43 -20.32 11.89
CA SER C 1 -23.18 -21.55 12.29
C SER C 1 -23.82 -22.18 11.05
N HIS C 2 -23.46 -21.72 9.89
CA HIS C 2 -24.04 -22.29 8.65
C HIS C 2 -23.73 -23.78 8.53
N LEU C 3 -22.53 -24.19 8.88
CA LEU C 3 -22.18 -25.64 8.79
C LEU C 3 -22.34 -26.27 10.17
N LYS C 4 -23.22 -27.21 10.31
CA LYS C 4 -23.44 -27.85 11.63
C LYS C 4 -22.23 -28.72 11.99
N SER C 5 -21.68 -29.41 11.02
CA SER C 5 -20.50 -30.27 11.30
C SER C 5 -19.23 -29.43 11.19
N LYS C 6 -18.34 -29.56 12.14
CA LYS C 6 -17.07 -28.78 12.11
C LYS C 6 -15.92 -29.70 11.69
N LYS C 7 -15.27 -29.39 10.60
CA LYS C 7 -14.13 -30.23 10.11
C LYS C 7 -12.94 -29.33 9.81
N GLY C 8 -11.75 -29.78 10.11
CA GLY C 8 -10.54 -28.95 9.84
C GLY C 8 -10.56 -27.73 10.77
N GLN C 9 -9.81 -26.71 10.43
CA GLN C 9 -9.76 -25.48 11.29
C GLN C 9 -9.98 -24.25 10.41
N SER C 10 -10.59 -23.23 10.94
CA SER C 10 -10.82 -21.99 10.14
C SER C 10 -9.48 -21.40 9.71
N THR C 11 -8.44 -21.68 10.45
CA THR C 11 -7.10 -21.13 10.09
C THR C 11 -6.86 -21.33 8.59
N SER C 12 -7.45 -22.33 8.00
CA SER C 12 -7.25 -22.55 6.55
C SER C 12 -7.55 -21.25 5.80
N ARG C 13 -8.48 -20.48 6.31
CA ARG C 13 -8.84 -19.18 5.65
C ARG C 13 -7.61 -18.26 5.61
N HIS C 14 -6.84 -18.22 6.66
CA HIS C 14 -5.66 -17.31 6.65
C HIS C 14 -4.75 -17.69 5.49
N LYS C 15 -4.63 -18.97 5.21
CA LYS C 15 -3.76 -19.39 4.07
C LYS C 15 -4.28 -18.76 2.78
N LYS C 16 -5.56 -18.54 2.68
CA LYS C 16 -6.11 -17.93 1.43
C LYS C 16 -5.44 -16.56 1.24
N LEU C 17 -5.26 -15.83 2.31
CA LEU C 17 -4.60 -14.48 2.23
C LEU C 17 -3.10 -14.68 1.96
N MET C 18 -2.56 -15.79 2.37
CA MET C 18 -1.11 -16.05 2.13
C MET C 18 -0.84 -16.16 0.62
N PHE C 19 -1.85 -16.50 -0.14
CA PHE C 19 -1.65 -16.67 -1.62
C PHE C 19 -0.72 -15.59 -2.17
N LYS C 20 -0.94 -14.36 -1.82
CA LYS C 20 -0.07 -13.26 -2.32
C LYS C 20 1.22 -13.21 -1.50
N THR C 21 1.19 -13.65 -0.26
CA THR C 21 2.43 -13.59 0.56
C THR C 21 3.50 -14.48 -0.07
N GLU C 22 3.08 -15.51 -0.76
CA GLU C 22 4.06 -16.43 -1.41
N SER D 1 14.94 24.99 -14.48
CA SER D 1 15.92 26.05 -14.83
C SER D 1 15.77 27.22 -13.85
N HIS D 2 15.02 27.02 -12.80
CA HIS D 2 14.82 28.12 -11.81
C HIS D 2 16.16 28.55 -11.21
N LEU D 3 17.04 27.62 -10.92
CA LEU D 3 18.36 27.99 -10.32
C LEU D 3 19.40 28.02 -11.44
N LYS D 4 19.98 29.16 -11.68
CA LYS D 4 20.99 29.28 -12.77
C LYS D 4 22.27 28.54 -12.36
N SER D 5 22.65 28.65 -11.12
CA SER D 5 23.88 27.94 -10.65
C SER D 5 23.53 26.51 -10.24
N LYS D 6 24.30 25.55 -10.69
CA LYS D 6 24.03 24.13 -10.32
C LYS D 6 25.02 23.68 -9.25
N LYS D 7 24.53 23.28 -8.11
CA LYS D 7 25.42 22.82 -7.00
C LYS D 7 24.92 21.49 -6.47
N GLY D 8 25.81 20.59 -6.13
CA GLY D 8 25.37 19.27 -5.60
C GLY D 8 24.69 18.48 -6.73
N GLN D 9 23.92 17.48 -6.38
CA GLN D 9 23.22 16.66 -7.42
C GLN D 9 21.74 16.53 -7.06
N SER D 10 20.89 16.44 -8.03
CA SER D 10 19.43 16.31 -7.73
C SER D 10 19.19 15.03 -6.96
N THR D 11 20.06 14.05 -7.10
CA THR D 11 19.87 12.77 -6.37
C THR D 11 19.52 13.05 -4.91
N SER D 12 19.95 14.17 -4.40
CA SER D 12 19.63 14.49 -2.98
C SER D 12 18.11 14.37 -2.78
N ARG D 13 17.35 14.69 -3.80
CA ARG D 13 15.87 14.59 -3.70
C ARG D 13 15.45 13.15 -3.40
N HIS D 14 16.08 12.18 -4.00
CA HIS D 14 15.69 10.77 -3.74
C HIS D 14 15.84 10.49 -2.24
N LYS D 15 16.86 11.03 -1.62
CA LYS D 15 17.05 10.79 -0.17
C LYS D 15 15.83 11.30 0.59
N LYS D 16 15.18 12.32 0.08
CA LYS D 16 13.99 12.84 0.80
C LYS D 16 12.95 11.73 0.90
N LEU D 17 12.81 10.96 -0.15
CA LEU D 17 11.83 9.81 -0.14
C LEU D 17 12.38 8.69 0.76
N MET D 18 13.67 8.62 0.90
CA MET D 18 14.27 7.57 1.78
C MET D 18 13.85 7.80 3.24
N PHE D 19 13.51 9.02 3.58
CA PHE D 19 13.13 9.33 5.01
C PHE D 19 12.28 8.20 5.60
N LYS D 20 11.30 7.74 4.87
CA LYS D 20 10.44 6.65 5.39
C LYS D 20 11.15 5.31 5.21
N THR D 21 11.97 5.18 4.20
CA THR D 21 12.67 3.87 3.98
C THR D 21 13.51 3.53 5.22
N GLU D 22 14.00 4.54 5.90
CA GLU D 22 14.83 4.30 7.11
CA CA E . -4.88 3.33 17.13
CA CA F . 5.37 -3.94 14.88
CA CA G . 2.32 -1.75 -17.75
CA CA H . 10.97 -6.71 -10.01
N MET A 1 -7.48 8.75 -13.12
CA MET A 1 -6.72 9.83 -13.80
C MET A 1 -6.01 10.69 -12.76
N SER A 2 -4.88 10.23 -12.28
CA SER A 2 -4.13 11.01 -11.25
C SER A 2 -4.98 11.15 -9.99
N GLU A 3 -5.95 10.30 -9.85
CA GLU A 3 -6.83 10.34 -8.64
C GLU A 3 -6.08 9.72 -7.47
N LEU A 4 -4.95 9.16 -7.74
CA LEU A 4 -4.16 8.50 -6.67
C LEU A 4 -4.01 9.44 -5.47
N GLU A 5 -4.15 10.72 -5.65
CA GLU A 5 -4.01 11.64 -4.48
C GLU A 5 -5.20 11.41 -3.54
N LYS A 6 -6.35 11.20 -4.09
CA LYS A 6 -7.54 10.96 -3.25
C LYS A 6 -7.41 9.59 -2.58
N ALA A 7 -6.85 8.64 -3.27
CA ALA A 7 -6.70 7.27 -2.68
C ALA A 7 -5.72 7.28 -1.51
N MET A 8 -4.64 8.00 -1.62
CA MET A 8 -3.66 8.02 -0.51
C MET A 8 -4.30 8.67 0.71
N VAL A 9 -5.06 9.69 0.49
CA VAL A 9 -5.71 10.40 1.62
C VAL A 9 -6.72 9.45 2.28
N ALA A 10 -7.39 8.67 1.50
CA ALA A 10 -8.42 7.73 2.05
C ALA A 10 -7.78 6.66 2.92
N LEU A 11 -6.61 6.17 2.58
CA LEU A 11 -6.00 5.12 3.43
C LEU A 11 -5.79 5.69 4.82
N ILE A 12 -5.38 6.92 4.90
CA ILE A 12 -5.15 7.56 6.21
C ILE A 12 -6.50 7.79 6.92
N ASP A 13 -7.52 8.17 6.21
CA ASP A 13 -8.84 8.45 6.85
C ASP A 13 -9.39 7.22 7.57
N VAL A 14 -9.35 6.07 6.95
CA VAL A 14 -9.91 4.85 7.60
C VAL A 14 -9.05 4.46 8.81
N PHE A 15 -7.76 4.63 8.72
CA PHE A 15 -6.88 4.26 9.86
C PHE A 15 -7.38 4.96 11.12
N HIS A 16 -7.79 6.19 11.01
CA HIS A 16 -8.29 6.94 12.19
C HIS A 16 -9.68 6.48 12.62
N GLN A 17 -10.44 5.89 11.74
CA GLN A 17 -11.83 5.49 12.11
C GLN A 17 -11.83 4.50 13.27
N TYR A 18 -10.92 3.56 13.29
CA TYR A 18 -10.90 2.55 14.41
C TYR A 18 -9.59 2.61 15.22
N SER A 19 -8.53 3.10 14.63
CA SER A 19 -7.23 3.17 15.38
C SER A 19 -7.33 4.18 16.52
N GLY A 20 -7.91 5.33 16.25
CA GLY A 20 -8.02 6.37 17.32
C GLY A 20 -9.11 5.96 18.32
N ARG A 21 -9.77 4.87 18.06
CA ARG A 21 -10.84 4.40 19.00
C ARG A 21 -10.26 4.15 20.38
N GLU A 22 -9.12 3.48 20.44
CA GLU A 22 -8.48 3.16 21.76
C GLU A 22 -7.15 3.92 21.88
N GLY A 23 -6.68 4.10 23.08
CA GLY A 23 -5.39 4.83 23.30
C GLY A 23 -4.35 4.43 22.25
N ASP A 24 -4.52 3.31 21.61
CA ASP A 24 -3.52 2.89 20.59
C ASP A 24 -3.67 3.79 19.34
N LYS A 25 -3.75 5.08 19.55
CA LYS A 25 -3.88 6.00 18.39
C LYS A 25 -2.57 6.07 17.59
N HIS A 26 -1.46 6.19 18.28
CA HIS A 26 -0.14 6.29 17.56
C HIS A 26 0.33 4.93 17.07
N LYS A 27 -0.18 3.86 17.63
CA LYS A 27 0.22 2.49 17.19
C LYS A 27 -1.02 1.64 17.03
N LEU A 28 -0.95 0.57 16.29
CA LEU A 28 -2.15 -0.30 16.08
C LEU A 28 -1.92 -1.65 16.78
N LYS A 29 -2.85 -2.10 17.58
CA LYS A 29 -2.68 -3.40 18.29
C LYS A 29 -3.52 -4.47 17.60
N LYS A 30 -3.05 -5.70 17.56
CA LYS A 30 -3.82 -6.81 16.90
C LYS A 30 -5.30 -6.66 17.25
N SER A 31 -5.58 -6.00 18.33
CA SER A 31 -7.00 -5.81 18.75
C SER A 31 -7.69 -4.82 17.80
N GLU A 32 -7.10 -3.68 17.57
CA GLU A 32 -7.73 -2.70 16.65
C GLU A 32 -7.68 -3.24 15.23
N LEU A 33 -6.65 -3.98 14.91
CA LEU A 33 -6.55 -4.56 13.55
C LEU A 33 -7.75 -5.47 13.31
N LYS A 34 -8.14 -6.21 14.31
CA LYS A 34 -9.33 -7.11 14.18
C LYS A 34 -10.58 -6.27 13.99
N GLU A 35 -10.66 -5.16 14.67
CA GLU A 35 -11.88 -4.31 14.55
C GLU A 35 -12.05 -3.82 13.13
N LEU A 36 -10.99 -3.45 12.47
CA LEU A 36 -11.16 -2.96 11.08
C LEU A 36 -11.55 -4.14 10.19
N ILE A 37 -10.90 -5.24 10.34
CA ILE A 37 -11.21 -6.40 9.46
C ILE A 37 -12.59 -7.00 9.79
N ASN A 38 -12.91 -7.16 11.05
CA ASN A 38 -14.22 -7.79 11.38
C ASN A 38 -15.38 -6.78 11.32
N ASN A 39 -15.12 -5.55 11.66
CA ASN A 39 -16.23 -4.52 11.68
C ASN A 39 -16.25 -3.64 10.43
N GLU A 40 -15.12 -3.28 9.88
CA GLU A 40 -15.14 -2.37 8.69
C GLU A 40 -15.24 -3.20 7.40
N LEU A 41 -14.86 -4.45 7.45
CA LEU A 41 -14.94 -5.33 6.23
C LEU A 41 -15.96 -6.43 6.50
N SER A 42 -17.17 -6.06 6.81
CA SER A 42 -18.21 -7.09 7.14
C SER A 42 -18.44 -8.03 5.96
N HIS A 43 -18.45 -7.54 4.75
CA HIS A 43 -18.69 -8.43 3.56
C HIS A 43 -17.71 -8.09 2.44
N PHE A 44 -17.04 -6.97 2.50
CA PHE A 44 -16.08 -6.62 1.42
C PHE A 44 -14.91 -7.60 1.44
N LEU A 45 -14.46 -7.99 2.62
CA LEU A 45 -13.32 -8.96 2.74
C LEU A 45 -13.75 -10.11 3.64
N GLU A 46 -13.06 -11.22 3.59
CA GLU A 46 -13.46 -12.36 4.46
C GLU A 46 -13.52 -11.91 5.92
N GLU A 47 -14.70 -11.82 6.45
CA GLU A 47 -14.85 -11.39 7.86
C GLU A 47 -14.12 -12.39 8.77
N ILE A 48 -13.45 -11.91 9.80
CA ILE A 48 -12.72 -12.83 10.71
C ILE A 48 -13.68 -13.31 11.80
N LYS A 49 -13.64 -14.58 12.12
CA LYS A 49 -14.57 -15.13 13.16
C LYS A 49 -13.76 -15.46 14.42
N GLU A 50 -12.49 -15.76 14.26
CA GLU A 50 -11.62 -16.10 15.44
C GLU A 50 -10.45 -15.13 15.50
N GLN A 51 -10.09 -14.70 16.68
CA GLN A 51 -8.95 -13.76 16.82
C GLN A 51 -7.67 -14.50 16.41
N GLU A 52 -7.69 -15.80 16.44
CA GLU A 52 -6.46 -16.57 16.07
C GLU A 52 -6.03 -16.20 14.65
N VAL A 53 -6.97 -16.04 13.76
CA VAL A 53 -6.61 -15.67 12.38
C VAL A 53 -5.87 -14.35 12.41
N VAL A 54 -6.27 -13.48 13.29
CA VAL A 54 -5.62 -12.16 13.37
C VAL A 54 -4.20 -12.32 13.89
N ASP A 55 -3.98 -13.24 14.79
CA ASP A 55 -2.62 -13.44 15.33
C ASP A 55 -1.69 -13.96 14.25
N LYS A 56 -2.20 -14.80 13.39
CA LYS A 56 -1.38 -15.36 12.29
C LYS A 56 -1.05 -14.25 11.32
N VAL A 57 -2.00 -13.40 11.06
CA VAL A 57 -1.78 -12.25 10.16
C VAL A 57 -0.75 -11.34 10.82
N MET A 58 -0.80 -11.29 12.12
CA MET A 58 0.17 -10.43 12.85
C MET A 58 1.56 -11.04 12.75
N GLU A 59 1.66 -12.33 12.61
CA GLU A 59 3.03 -12.91 12.49
C GLU A 59 3.67 -12.27 11.25
N THR A 60 2.90 -12.10 10.22
CA THR A 60 3.42 -11.47 8.97
C THR A 60 3.37 -9.94 9.08
N LEU A 61 2.33 -9.40 9.65
CA LEU A 61 2.21 -7.92 9.73
C LEU A 61 2.92 -7.38 10.98
N ASP A 62 3.17 -8.23 11.94
CA ASP A 62 3.90 -7.76 13.15
C ASP A 62 5.37 -7.74 12.79
N GLU A 63 5.72 -6.93 11.84
CA GLU A 63 7.13 -6.87 11.39
C GLU A 63 8.01 -6.52 12.58
N ASP A 64 7.56 -5.63 13.42
CA ASP A 64 8.37 -5.27 14.61
C ASP A 64 8.36 -6.46 15.57
N GLY A 65 7.45 -7.37 15.38
CA GLY A 65 7.38 -8.57 16.28
C GLY A 65 6.96 -8.15 17.69
N ASP A 66 6.18 -7.10 17.82
CA ASP A 66 5.74 -6.63 19.17
C ASP A 66 4.26 -6.96 19.39
N GLY A 67 3.68 -7.72 18.52
CA GLY A 67 2.23 -8.06 18.67
C GLY A 67 1.39 -6.87 18.22
N GLU A 68 2.05 -5.88 17.70
CA GLU A 68 1.34 -4.64 17.23
C GLU A 68 1.98 -4.19 15.91
N CYS A 69 1.22 -3.59 15.04
CA CYS A 69 1.77 -3.09 13.74
C CYS A 69 1.66 -1.57 13.72
N ASP A 70 2.73 -0.91 13.39
CA ASP A 70 2.70 0.58 13.38
C ASP A 70 1.86 1.06 12.20
N PHE A 71 1.39 2.29 12.24
CA PHE A 71 0.58 2.82 11.11
C PHE A 71 1.33 2.48 9.82
N GLN A 72 2.63 2.60 9.84
CA GLN A 72 3.43 2.27 8.64
C GLN A 72 3.23 0.79 8.26
N GLU A 73 3.38 -0.09 9.19
CA GLU A 73 3.23 -1.54 8.86
C GLU A 73 1.81 -1.83 8.37
N PHE A 74 0.83 -1.24 9.00
CA PHE A 74 -0.58 -1.46 8.56
C PHE A 74 -0.76 -1.00 7.11
N MET A 75 -0.13 0.07 6.76
CA MET A 75 -0.28 0.62 5.39
C MET A 75 0.16 -0.39 4.34
N ALA A 76 1.21 -1.13 4.61
CA ALA A 76 1.67 -2.10 3.58
C ALA A 76 0.66 -3.23 3.42
N PHE A 77 0.02 -3.63 4.47
CA PHE A 77 -0.98 -4.74 4.37
C PHE A 77 -2.09 -4.35 3.40
N VAL A 78 -2.51 -3.14 3.45
CA VAL A 78 -3.59 -2.65 2.55
C VAL A 78 -3.14 -2.78 1.10
N SER A 79 -1.92 -2.50 0.84
CA SER A 79 -1.42 -2.57 -0.55
C SER A 79 -1.53 -3.99 -1.09
N MET A 80 -1.22 -4.97 -0.30
CA MET A 80 -1.31 -6.36 -0.81
C MET A 80 -2.77 -6.77 -1.01
N VAL A 81 -3.62 -6.46 -0.08
CA VAL A 81 -5.05 -6.87 -0.21
C VAL A 81 -5.66 -6.27 -1.47
N THR A 82 -5.34 -5.05 -1.76
CA THR A 82 -5.89 -4.39 -2.98
C THR A 82 -5.46 -5.20 -4.18
N THR A 83 -4.25 -5.66 -4.17
CA THR A 83 -3.74 -6.46 -5.31
C THR A 83 -4.73 -7.58 -5.61
N ALA A 84 -5.30 -8.17 -4.59
CA ALA A 84 -6.29 -9.25 -4.79
C ALA A 84 -7.50 -8.67 -5.53
N CYS A 85 -7.88 -7.46 -5.21
CA CYS A 85 -9.04 -6.83 -5.88
C CYS A 85 -8.80 -6.75 -7.38
N HIS A 86 -7.60 -6.45 -7.81
CA HIS A 86 -7.33 -6.35 -9.27
C HIS A 86 -7.67 -7.70 -9.93
N GLU A 87 -7.34 -8.78 -9.28
CA GLU A 87 -7.65 -10.10 -9.88
C GLU A 87 -9.16 -10.22 -10.09
N PHE A 88 -9.94 -9.70 -9.16
CA PHE A 88 -11.43 -9.78 -9.31
C PHE A 88 -11.92 -8.54 -10.05
N PHE A 89 -11.17 -7.46 -10.01
CA PHE A 89 -11.60 -6.23 -10.71
C PHE A 89 -11.02 -6.27 -12.12
N GLU A 90 -11.44 -7.21 -12.92
CA GLU A 90 -10.91 -7.30 -14.30
C GLU A 90 -11.64 -6.27 -15.16
N HIS A 91 -10.99 -5.18 -15.44
CA HIS A 91 -11.63 -4.15 -16.28
C HIS A 91 -11.96 -4.78 -17.63
N GLU A 92 -11.07 -5.59 -18.13
CA GLU A 92 -11.32 -6.27 -19.43
N MET B 1 -14.84 6.47 6.58
CA MET B 1 -15.82 5.54 7.19
C MET B 1 -15.97 4.29 6.32
N SER B 2 -15.06 3.36 6.45
CA SER B 2 -15.13 2.13 5.62
C SER B 2 -15.01 2.49 4.14
N GLU B 3 -14.50 3.64 3.86
CA GLU B 3 -14.34 4.07 2.44
C GLU B 3 -13.14 3.37 1.84
N LEU B 4 -12.41 2.67 2.66
CA LEU B 4 -11.19 1.97 2.18
C LEU B 4 -11.52 1.15 0.93
N GLU B 5 -12.74 0.80 0.71
CA GLU B 5 -13.07 0.01 -0.51
C GLU B 5 -12.86 0.89 -1.74
N LYS B 6 -13.23 2.12 -1.64
CA LYS B 6 -13.04 3.06 -2.78
C LYS B 6 -11.56 3.31 -2.97
N ALA B 7 -10.82 3.40 -1.90
CA ALA B 7 -9.36 3.67 -2.01
C ALA B 7 -8.63 2.50 -2.68
N MET B 8 -8.99 1.29 -2.36
CA MET B 8 -8.29 0.12 -2.98
C MET B 8 -8.59 0.11 -4.48
N VAL B 9 -9.79 0.42 -4.82
CA VAL B 9 -10.17 0.42 -6.26
C VAL B 9 -9.39 1.51 -6.99
N ALA B 10 -9.20 2.63 -6.35
CA ALA B 10 -8.47 3.76 -7.00
C ALA B 10 -7.00 3.40 -7.25
N LEU B 11 -6.36 2.68 -6.37
CA LEU B 11 -4.94 2.34 -6.62
C LEU B 11 -4.85 1.56 -7.92
N ILE B 12 -5.78 0.70 -8.15
CA ILE B 12 -5.77 -0.11 -9.40
C ILE B 12 -6.10 0.79 -10.61
N ASP B 13 -7.00 1.70 -10.46
CA ASP B 13 -7.40 2.58 -11.60
C ASP B 13 -6.21 3.38 -12.14
N VAL B 14 -5.43 3.98 -11.28
CA VAL B 14 -4.27 4.80 -11.75
C VAL B 14 -3.21 3.88 -12.40
N PHE B 15 -3.03 2.71 -11.87
CA PHE B 15 -2.01 1.80 -12.46
C PHE B 15 -2.29 1.62 -13.95
N HIS B 16 -3.53 1.51 -14.31
CA HIS B 16 -3.88 1.32 -15.75
C HIS B 16 -3.72 2.62 -16.54
N GLN B 17 -3.78 3.76 -15.89
CA GLN B 17 -3.68 5.03 -16.66
C GLN B 17 -2.38 5.14 -17.43
N TYR B 18 -1.27 4.72 -16.85
CA TYR B 18 0.04 4.82 -17.59
C TYR B 18 0.67 3.44 -17.82
N SER B 19 0.33 2.46 -17.02
CA SER B 19 0.95 1.11 -17.21
C SER B 19 0.45 0.49 -18.52
N GLY B 20 -0.82 0.59 -18.80
CA GLY B 20 -1.35 -0.01 -20.06
C GLY B 20 -0.93 0.84 -21.25
N ARG B 21 -0.27 1.94 -21.00
CA ARG B 21 0.17 2.83 -22.12
C ARG B 21 1.09 2.06 -23.06
N GLU B 22 2.03 1.33 -22.51
CA GLU B 22 3.00 0.55 -23.35
C GLU B 22 2.78 -0.96 -23.14
N GLY B 23 3.21 -1.76 -24.08
CA GLY B 23 3.02 -3.24 -23.97
C GLY B 23 3.28 -3.71 -22.54
N ASP B 24 3.98 -2.95 -21.75
CA ASP B 24 4.25 -3.39 -20.35
C ASP B 24 2.95 -3.30 -19.53
N LYS B 25 1.87 -3.81 -20.07
CA LYS B 25 0.58 -3.75 -19.33
C LYS B 25 0.61 -4.73 -18.13
N HIS B 26 1.09 -5.92 -18.35
CA HIS B 26 1.11 -6.94 -17.25
C HIS B 26 2.27 -6.67 -16.27
N LYS B 27 3.26 -5.94 -16.70
CA LYS B 27 4.42 -5.63 -15.80
C LYS B 27 4.73 -4.14 -15.92
N LEU B 28 5.42 -3.57 -14.96
CA LEU B 28 5.75 -2.12 -15.02
C LEU B 28 7.26 -1.96 -15.19
N LYS B 29 7.69 -1.16 -16.15
CA LYS B 29 9.15 -0.98 -16.37
C LYS B 29 9.58 0.39 -15.81
N LYS B 30 10.79 0.48 -15.27
CA LYS B 30 11.27 1.78 -14.71
C LYS B 30 10.84 2.92 -15.61
N SER B 31 10.59 2.62 -16.86
CA SER B 31 10.16 3.67 -17.82
C SER B 31 8.73 4.12 -17.49
N GLU B 32 7.83 3.20 -17.35
CA GLU B 32 6.42 3.60 -17.02
C GLU B 32 6.39 4.14 -15.61
N LEU B 33 7.21 3.63 -14.74
CA LEU B 33 7.24 4.12 -13.34
C LEU B 33 7.58 5.61 -13.36
N LYS B 34 8.50 5.98 -14.22
CA LYS B 34 8.89 7.42 -14.32
C LYS B 34 7.70 8.24 -14.84
N GLU B 35 6.97 7.68 -15.77
CA GLU B 35 5.82 8.44 -16.34
C GLU B 35 4.79 8.74 -15.26
N LEU B 36 4.54 7.84 -14.37
CA LEU B 36 3.54 8.16 -13.32
C LEU B 36 4.11 9.20 -12.39
N ILE B 37 5.33 9.04 -11.99
CA ILE B 37 5.92 10.01 -11.03
C ILE B 37 6.17 11.37 -11.69
N ASN B 38 6.68 11.40 -12.90
CA ASN B 38 6.98 12.72 -13.54
C ASN B 38 5.74 13.34 -14.18
N ASN B 39 4.85 12.53 -14.70
CA ASN B 39 3.64 13.07 -15.40
C ASN B 39 2.38 13.06 -14.53
N GLU B 40 2.19 12.07 -13.68
CA GLU B 40 0.94 12.03 -12.87
C GLU B 40 1.14 12.79 -11.54
N LEU B 41 2.37 12.95 -11.12
CA LEU B 41 2.65 13.69 -9.85
C LEU B 41 3.43 14.95 -10.20
N SER B 42 2.86 15.79 -11.04
CA SER B 42 3.58 17.03 -11.46
C SER B 42 3.90 17.92 -10.26
N HIS B 43 3.00 18.04 -9.32
CA HIS B 43 3.27 18.92 -8.13
C HIS B 43 2.83 18.22 -6.84
N PHE B 44 2.07 17.16 -6.93
CA PHE B 44 1.63 16.46 -5.69
C PHE B 44 2.85 15.83 -5.01
N LEU B 45 3.76 15.29 -5.79
CA LEU B 45 4.99 14.65 -5.20
C LEU B 45 6.22 15.26 -5.88
N GLU B 46 7.38 15.12 -5.29
CA GLU B 46 8.60 15.71 -5.91
C GLU B 46 8.73 15.20 -7.35
N GLU B 47 8.51 16.05 -8.30
CA GLU B 47 8.62 15.65 -9.73
C GLU B 47 10.06 15.18 -10.00
N ILE B 48 10.22 14.14 -10.77
CA ILE B 48 11.59 13.63 -11.07
C ILE B 48 12.15 14.39 -12.27
N LYS B 49 13.39 14.80 -12.23
CA LYS B 49 13.99 15.54 -13.37
C LYS B 49 15.00 14.65 -14.08
N GLU B 50 15.57 13.69 -13.39
CA GLU B 50 16.56 12.76 -14.01
C GLU B 50 16.08 11.33 -13.87
N GLN B 51 16.27 10.53 -14.90
CA GLN B 51 15.84 9.12 -14.82
C GLN B 51 16.70 8.41 -13.77
N GLU B 52 17.85 8.93 -13.47
CA GLU B 52 18.74 8.27 -12.48
C GLU B 52 18.01 8.11 -11.15
N VAL B 53 17.26 9.11 -10.76
CA VAL B 53 16.51 8.99 -9.49
C VAL B 53 15.58 7.80 -9.58
N VAL B 54 15.03 7.58 -10.73
CA VAL B 54 14.11 6.44 -10.89
C VAL B 54 14.86 5.13 -10.77
N ASP B 55 16.06 5.08 -11.25
CA ASP B 55 16.86 3.83 -11.17
C ASP B 55 17.17 3.51 -9.71
N LYS B 56 17.43 4.52 -8.94
CA LYS B 56 17.75 4.30 -7.50
C LYS B 56 16.50 3.82 -6.79
N VAL B 57 15.38 4.38 -7.15
CA VAL B 57 14.10 3.95 -6.54
C VAL B 57 13.85 2.52 -6.98
N MET B 58 14.28 2.19 -8.16
CA MET B 58 14.09 0.81 -8.66
C MET B 58 14.99 -0.13 -7.89
N GLU B 59 16.10 0.32 -7.40
CA GLU B 59 16.96 -0.59 -6.61
C GLU B 59 16.12 -1.10 -5.44
N THR B 60 15.36 -0.22 -4.86
CA THR B 60 14.49 -0.62 -3.71
C THR B 60 13.18 -1.23 -4.21
N LEU B 61 12.61 -0.68 -5.26
CA LEU B 61 11.30 -1.19 -5.75
C LEU B 61 11.52 -2.35 -6.73
N ASP B 62 12.70 -2.48 -7.27
CA ASP B 62 12.95 -3.64 -8.18
C ASP B 62 13.23 -4.82 -7.30
N GLU B 63 12.27 -5.22 -6.54
CA GLU B 63 12.46 -6.35 -5.62
C GLU B 63 12.87 -7.58 -6.43
N ASP B 64 12.27 -7.76 -7.57
CA ASP B 64 12.64 -8.94 -8.42
C ASP B 64 14.05 -8.69 -8.97
N GLY B 65 14.51 -7.47 -8.91
CA GLY B 65 15.88 -7.16 -9.43
C GLY B 65 15.92 -7.33 -10.95
N ASP B 66 14.83 -7.10 -11.62
CA ASP B 66 14.80 -7.26 -13.11
C ASP B 66 14.73 -5.90 -13.80
N GLY B 67 14.89 -4.84 -13.05
CA GLY B 67 14.83 -3.47 -13.64
C GLY B 67 13.36 -3.11 -13.87
N GLU B 68 12.49 -3.96 -13.41
CA GLU B 68 11.02 -3.72 -13.58
C GLU B 68 10.32 -4.11 -12.28
N CYS B 69 9.24 -3.46 -11.95
CA CYS B 69 8.47 -3.81 -10.71
C CYS B 69 7.10 -4.33 -11.12
N ASP B 70 6.69 -5.45 -10.60
CA ASP B 70 5.38 -6.03 -10.98
C ASP B 70 4.26 -5.18 -10.38
N PHE B 71 3.07 -5.27 -10.91
CA PHE B 71 1.95 -4.48 -10.35
C PHE B 71 1.95 -4.67 -8.83
N GLN B 72 2.25 -5.86 -8.39
CA GLN B 72 2.31 -6.11 -6.92
C GLN B 72 3.40 -5.24 -6.29
N GLU B 73 4.59 -5.26 -6.83
CA GLU B 73 5.68 -4.46 -6.23
C GLU B 73 5.32 -2.97 -6.26
N PHE B 74 4.76 -2.51 -7.34
CA PHE B 74 4.38 -1.07 -7.43
C PHE B 74 3.38 -0.72 -6.34
N MET B 75 2.48 -1.62 -6.05
CA MET B 75 1.44 -1.35 -5.03
C MET B 75 2.07 -1.06 -3.68
N ALA B 76 3.11 -1.73 -3.33
CA ALA B 76 3.71 -1.49 -1.99
C ALA B 76 4.34 -0.10 -1.94
N PHE B 77 4.90 0.35 -3.02
CA PHE B 77 5.55 1.70 -3.02
C PHE B 77 4.52 2.77 -2.68
N VAL B 78 3.35 2.62 -3.20
CA VAL B 78 2.25 3.61 -2.94
C VAL B 78 1.95 3.66 -1.44
N SER B 79 1.97 2.53 -0.82
CA SER B 79 1.64 2.48 0.64
C SER B 79 2.66 3.31 1.43
N MET B 80 3.90 3.22 1.09
CA MET B 80 4.91 4.00 1.86
C MET B 80 4.76 5.50 1.59
N VAL B 81 4.60 5.87 0.36
CA VAL B 81 4.48 7.33 0.04
C VAL B 81 3.29 7.93 0.77
N THR B 82 2.21 7.23 0.84
CA THR B 82 1.01 7.76 1.53
C THR B 82 1.39 8.03 2.99
N THR B 83 2.15 7.16 3.56
CA THR B 83 2.57 7.33 4.96
C THR B 83 3.15 8.74 5.13
N ALA B 84 3.88 9.20 4.16
CA ALA B 84 4.46 10.57 4.23
C ALA B 84 3.32 11.59 4.28
N CYS B 85 2.27 11.33 3.55
CA CYS B 85 1.12 12.28 3.53
C CYS B 85 0.54 12.42 4.94
N HIS B 86 0.48 11.36 5.70
CA HIS B 86 -0.08 11.47 7.08
C HIS B 86 0.75 12.47 7.88
N GLU B 87 2.04 12.47 7.71
CA GLU B 87 2.89 13.42 8.47
C GLU B 87 2.46 14.85 8.09
N PHE B 88 2.13 15.09 6.85
CA PHE B 88 1.70 16.46 6.43
C PHE B 88 0.18 16.58 6.58
N PHE B 89 -0.52 15.48 6.54
CA PHE B 89 -2.00 15.53 6.69
C PHE B 89 -2.32 15.40 8.17
N GLU B 90 -1.92 16.36 8.96
CA GLU B 90 -2.21 16.30 10.42
C GLU B 90 -3.65 16.74 10.64
N HIS B 91 -4.52 15.80 10.86
CA HIS B 91 -5.94 16.16 11.10
C HIS B 91 -6.00 17.05 12.33
N GLU B 92 -5.21 16.74 13.32
CA GLU B 92 -5.19 17.57 14.56
N SER C 1 -28.79 -26.79 11.74
CA SER C 1 -29.05 -28.11 12.37
C SER C 1 -28.03 -29.13 11.88
N HIS C 2 -27.53 -29.97 12.74
CA HIS C 2 -26.53 -30.98 12.31
C HIS C 2 -25.44 -30.30 11.48
N LEU C 3 -25.00 -30.93 10.42
CA LEU C 3 -23.94 -30.32 9.57
C LEU C 3 -22.74 -29.96 10.46
N LYS C 4 -22.29 -30.89 11.26
CA LYS C 4 -21.12 -30.63 12.15
C LYS C 4 -19.86 -31.27 11.54
N SER C 5 -18.80 -30.52 11.42
CA SER C 5 -17.54 -31.09 10.83
C SER C 5 -16.33 -30.44 11.50
N LYS C 6 -15.68 -31.16 12.39
CA LYS C 6 -14.49 -30.60 13.08
C LYS C 6 -13.39 -30.26 12.07
N LYS C 7 -13.17 -31.13 11.11
CA LYS C 7 -12.11 -30.86 10.09
C LYS C 7 -12.45 -29.61 9.29
N GLY C 8 -13.69 -29.43 8.95
CA GLY C 8 -14.08 -28.22 8.16
C GLY C 8 -14.13 -26.98 9.07
N GLN C 9 -13.30 -26.01 8.81
CA GLN C 9 -13.29 -24.76 9.65
C GLN C 9 -13.13 -23.55 8.75
N SER C 10 -13.66 -22.43 9.14
CA SER C 10 -13.55 -21.20 8.32
C SER C 10 -12.08 -20.75 8.28
N THR C 11 -11.32 -21.12 9.27
CA THR C 11 -9.89 -20.71 9.30
C THR C 11 -9.25 -20.96 7.93
N SER C 12 -9.79 -21.86 7.17
CA SER C 12 -9.22 -22.14 5.81
C SER C 12 -9.26 -20.87 4.96
N ARG C 13 -10.21 -20.01 5.21
CA ARG C 13 -10.33 -18.75 4.41
C ARG C 13 -9.04 -17.92 4.55
N HIS C 14 -8.47 -17.84 5.72
CA HIS C 14 -7.24 -17.00 5.87
C HIS C 14 -6.16 -17.52 4.92
N LYS C 15 -6.09 -18.80 4.70
CA LYS C 15 -5.06 -19.34 3.77
C LYS C 15 -5.29 -18.71 2.39
N LYS C 16 -6.52 -18.53 2.03
CA LYS C 16 -6.81 -17.93 0.71
C LYS C 16 -6.07 -16.60 0.60
N LEU C 17 -6.03 -15.84 1.65
CA LEU C 17 -5.31 -14.52 1.62
C LEU C 17 -3.79 -14.75 1.65
N MET C 18 -3.35 -15.83 2.21
CA MET C 18 -1.89 -16.08 2.28
C MET C 18 -1.29 -15.99 0.88
N PHE C 19 -2.09 -16.21 -0.14
CA PHE C 19 -1.54 -16.15 -1.54
C PHE C 19 -0.58 -14.94 -1.68
N LYS C 20 -0.88 -13.84 -1.06
CA LYS C 20 0.04 -12.66 -1.13
C LYS C 20 1.21 -12.86 -0.18
N THR C 21 0.94 -13.43 0.97
CA THR C 21 2.04 -13.65 1.95
C THR C 21 3.09 -14.54 1.29
N GLU C 22 2.67 -15.40 0.41
CA GLU C 22 3.65 -16.28 -0.30
N SER D 1 20.70 32.58 -14.37
CA SER D 1 22.05 33.12 -14.69
C SER D 1 23.03 32.74 -13.58
N HIS D 2 24.23 32.36 -13.95
CA HIS D 2 25.23 31.96 -12.92
C HIS D 2 24.59 30.97 -11.94
N LEU D 3 24.87 31.11 -10.66
CA LEU D 3 24.27 30.18 -9.67
C LEU D 3 24.58 28.73 -10.08
N LYS D 4 25.83 28.46 -10.38
CA LYS D 4 26.23 27.07 -10.79
C LYS D 4 26.88 26.36 -9.60
N SER D 5 26.45 25.17 -9.27
CA SER D 5 27.05 24.43 -8.12
C SER D 5 27.03 22.93 -8.40
N LYS D 6 28.16 22.38 -8.77
CA LYS D 6 28.22 20.92 -9.07
C LYS D 6 27.82 20.11 -7.83
N LYS D 7 28.29 20.49 -6.67
CA LYS D 7 27.95 19.73 -5.43
C LYS D 7 26.45 19.79 -5.17
N GLY D 8 25.84 20.93 -5.41
CA GLY D 8 24.37 21.04 -5.17
C GLY D 8 23.60 20.39 -6.31
N GLN D 9 22.84 19.36 -6.02
CA GLN D 9 22.04 18.67 -7.08
C GLN D 9 20.66 18.32 -6.53
N SER D 10 19.67 18.27 -7.39
CA SER D 10 18.30 17.94 -6.93
C SER D 10 18.25 16.49 -6.46
N THR D 11 19.14 15.67 -6.95
CA THR D 11 19.16 14.24 -6.53
C THR D 11 19.02 14.15 -5.00
N SER D 12 19.40 15.17 -4.30
CA SER D 12 19.30 15.14 -2.81
C SER D 12 17.83 14.95 -2.40
N ARG D 13 16.92 15.41 -3.21
CA ARG D 13 15.47 15.27 -2.89
C ARG D 13 15.09 13.79 -2.73
N HIS D 14 15.61 12.92 -3.56
CA HIS D 14 15.24 11.49 -3.44
C HIS D 14 15.62 10.97 -2.05
N LYS D 15 16.69 11.46 -1.49
CA LYS D 15 17.09 11.00 -0.13
C LYS D 15 15.95 11.35 0.83
N LYS D 16 15.34 12.48 0.63
CA LYS D 16 14.24 12.88 1.55
C LYS D 16 13.20 11.77 1.57
N LEU D 17 12.92 11.15 0.45
CA LEU D 17 11.92 10.04 0.41
C LEU D 17 12.52 8.77 1.03
N MET D 18 13.82 8.62 0.99
CA MET D 18 14.43 7.39 1.55
C MET D 18 13.97 7.21 3.00
N PHE D 19 13.58 8.29 3.66
CA PHE D 19 13.14 8.17 5.08
C PHE D 19 12.26 6.92 5.27
N LYS D 20 11.43 6.60 4.31
CA LYS D 20 10.58 5.36 4.44
C LYS D 20 11.42 4.14 4.09
N THR D 21 12.28 4.27 3.12
CA THR D 21 13.12 3.09 2.74
C THR D 21 13.94 2.68 3.95
N GLU D 22 14.27 3.61 4.80
CA GLU D 22 15.05 3.26 6.03
CA CA E . -4.67 2.50 16.70
CA CA F . 5.27 -4.32 14.41
CA CA G . 2.78 -1.20 -17.23
CA CA H . 10.88 -6.57 -9.59
N MET A 1 -6.54 8.78 -13.90
CA MET A 1 -6.67 10.23 -14.24
C MET A 1 -6.09 11.06 -13.10
N SER A 2 -4.87 10.79 -12.71
CA SER A 2 -4.27 11.58 -11.58
C SER A 2 -5.23 11.58 -10.40
N GLU A 3 -6.19 10.69 -10.44
CA GLU A 3 -7.18 10.59 -9.33
C GLU A 3 -6.49 10.02 -8.09
N LEU A 4 -5.23 9.70 -8.21
CA LEU A 4 -4.49 9.10 -7.07
C LEU A 4 -4.48 10.01 -5.83
N GLU A 5 -4.39 11.30 -5.99
CA GLU A 5 -4.34 12.18 -4.78
C GLU A 5 -5.62 11.98 -3.96
N LYS A 6 -6.73 11.85 -4.60
CA LYS A 6 -8.00 11.66 -3.85
C LYS A 6 -7.98 10.33 -3.10
N ALA A 7 -7.44 9.31 -3.70
CA ALA A 7 -7.41 7.99 -3.01
C ALA A 7 -6.46 8.03 -1.81
N MET A 8 -5.34 8.68 -1.92
CA MET A 8 -4.38 8.72 -0.78
C MET A 8 -5.05 9.42 0.40
N VAL A 9 -5.77 10.46 0.12
CA VAL A 9 -6.45 11.20 1.21
C VAL A 9 -7.51 10.29 1.83
N ALA A 10 -8.18 9.53 1.00
CA ALA A 10 -9.26 8.63 1.51
C ALA A 10 -8.71 7.55 2.44
N LEU A 11 -7.57 6.98 2.15
CA LEU A 11 -7.04 5.91 3.06
C LEU A 11 -6.83 6.53 4.44
N ILE A 12 -6.35 7.72 4.48
CA ILE A 12 -6.10 8.38 5.78
C ILE A 12 -7.43 8.70 6.49
N ASP A 13 -8.45 9.12 5.78
CA ASP A 13 -9.75 9.43 6.45
C ASP A 13 -10.36 8.18 7.08
N VAL A 14 -10.28 7.06 6.39
CA VAL A 14 -10.86 5.80 6.92
C VAL A 14 -10.07 5.36 8.16
N PHE A 15 -8.78 5.53 8.14
CA PHE A 15 -7.98 5.14 9.32
C PHE A 15 -8.59 5.78 10.57
N HIS A 16 -9.02 7.00 10.46
CA HIS A 16 -9.64 7.69 11.63
C HIS A 16 -11.10 7.25 11.84
N GLN A 17 -11.74 6.75 10.81
CA GLN A 17 -13.16 6.35 10.97
C GLN A 17 -13.32 5.42 12.16
N TYR A 18 -12.51 4.40 12.26
CA TYR A 18 -12.64 3.42 13.40
C TYR A 18 -11.47 3.53 14.39
N SER A 19 -10.32 3.97 13.96
CA SER A 19 -9.16 4.04 14.91
C SER A 19 -9.51 4.95 16.09
N GLY A 20 -10.17 6.04 15.84
CA GLY A 20 -10.54 6.97 16.95
C GLY A 20 -11.72 6.39 17.72
N ARG A 21 -12.25 5.28 17.29
CA ARG A 21 -13.41 4.67 17.99
C ARG A 21 -13.03 4.36 19.44
N GLU A 22 -11.92 3.70 19.66
CA GLU A 22 -11.51 3.37 21.06
C GLU A 22 -10.66 4.50 21.63
N GLY A 23 -9.42 4.60 21.23
CA GLY A 23 -8.56 5.69 21.77
C GLY A 23 -7.18 5.68 21.12
N ASP A 24 -6.76 4.56 20.58
CA ASP A 24 -5.41 4.53 19.94
C ASP A 24 -5.49 5.20 18.57
N LYS A 25 -5.67 6.50 18.55
CA LYS A 25 -5.77 7.23 17.26
C LYS A 25 -4.47 7.09 16.45
N HIS A 26 -3.34 7.16 17.10
CA HIS A 26 -2.05 7.06 16.35
C HIS A 26 -1.57 5.61 16.23
N LYS A 27 -2.30 4.66 16.77
CA LYS A 27 -1.85 3.24 16.66
C LYS A 27 -3.07 2.32 16.62
N LEU A 28 -2.91 1.16 16.05
CA LEU A 28 -4.04 0.18 15.96
C LEU A 28 -3.67 -1.09 16.73
N LYS A 29 -4.61 -1.62 17.46
CA LYS A 29 -4.35 -2.87 18.24
C LYS A 29 -5.10 -4.01 17.56
N LYS A 30 -4.58 -5.22 17.62
CA LYS A 30 -5.27 -6.39 17.00
C LYS A 30 -6.78 -6.27 17.22
N SER A 31 -7.15 -5.58 18.26
CA SER A 31 -8.60 -5.40 18.54
C SER A 31 -9.17 -4.33 17.61
N GLU A 32 -8.49 -3.21 17.49
CA GLU A 32 -9.00 -2.14 16.59
C GLU A 32 -8.84 -2.61 15.15
N LEU A 33 -7.80 -3.36 14.87
CA LEU A 33 -7.59 -3.85 13.48
C LEU A 33 -8.78 -4.72 13.08
N LYS A 34 -9.27 -5.51 13.99
CA LYS A 34 -10.44 -6.38 13.67
C LYS A 34 -11.62 -5.49 13.28
N GLU A 35 -11.79 -4.40 13.96
CA GLU A 35 -12.93 -3.49 13.65
C GLU A 35 -12.78 -3.00 12.23
N LEU A 36 -11.58 -2.78 11.80
CA LEU A 36 -11.37 -2.31 10.42
C LEU A 36 -11.94 -3.36 9.47
N ILE A 37 -11.52 -4.56 9.65
CA ILE A 37 -11.97 -5.65 8.74
C ILE A 37 -13.39 -6.14 9.06
N ASN A 38 -13.69 -6.37 10.30
CA ASN A 38 -15.04 -6.91 10.65
C ASN A 38 -16.14 -5.87 10.51
N ASN A 39 -15.86 -4.65 10.83
CA ASN A 39 -16.92 -3.58 10.79
C ASN A 39 -16.90 -2.75 9.50
N GLU A 40 -15.76 -2.44 8.93
CA GLU A 40 -15.75 -1.59 7.69
C GLU A 40 -15.64 -2.42 6.42
N LEU A 41 -15.15 -3.63 6.51
CA LEU A 41 -15.02 -4.50 5.29
C LEU A 41 -15.66 -5.85 5.57
N SER A 42 -16.91 -5.86 5.94
CA SER A 42 -17.59 -7.16 6.22
C SER A 42 -17.99 -7.84 4.91
N HIS A 43 -18.91 -7.26 4.19
CA HIS A 43 -19.36 -7.88 2.90
C HIS A 43 -18.35 -7.60 1.78
N PHE A 44 -17.80 -6.41 1.74
CA PHE A 44 -16.83 -6.07 0.67
C PHE A 44 -15.61 -6.99 0.75
N LEU A 45 -15.18 -7.35 1.94
CA LEU A 45 -13.98 -8.24 2.09
C LEU A 45 -14.36 -9.42 2.99
N GLU A 46 -13.63 -10.50 2.93
CA GLU A 46 -13.97 -11.66 3.79
C GLU A 46 -14.06 -11.20 5.25
N GLU A 47 -15.26 -11.13 5.76
CA GLU A 47 -15.45 -10.70 7.18
C GLU A 47 -14.71 -11.66 8.10
N ILE A 48 -14.16 -11.16 9.19
CA ILE A 48 -13.44 -12.06 10.13
C ILE A 48 -14.45 -12.78 11.01
N LYS A 49 -14.22 -14.03 11.30
CA LYS A 49 -15.16 -14.82 12.14
C LYS A 49 -14.55 -15.05 13.52
N GLU A 50 -13.24 -14.96 13.63
CA GLU A 50 -12.58 -15.16 14.95
C GLU A 50 -11.42 -14.18 15.14
N GLN A 51 -11.11 -13.89 16.36
CA GLN A 51 -9.98 -12.97 16.66
C GLN A 51 -8.67 -13.65 16.29
N GLU A 52 -8.65 -14.95 16.22
CA GLU A 52 -7.38 -15.65 15.86
C GLU A 52 -6.96 -15.32 14.43
N VAL A 53 -7.90 -15.23 13.53
CA VAL A 53 -7.53 -14.90 12.13
C VAL A 53 -6.87 -13.54 12.11
N VAL A 54 -7.38 -12.64 12.87
CA VAL A 54 -6.78 -11.29 12.92
C VAL A 54 -5.36 -11.40 13.45
N ASP A 55 -5.15 -12.24 14.42
CA ASP A 55 -3.77 -12.39 14.98
C ASP A 55 -2.83 -12.86 13.88
N LYS A 56 -3.27 -13.75 13.05
CA LYS A 56 -2.40 -14.26 11.95
C LYS A 56 -2.07 -13.09 11.04
N VAL A 57 -3.04 -12.25 10.81
CA VAL A 57 -2.80 -11.06 9.96
C VAL A 57 -1.82 -10.15 10.71
N MET A 58 -1.88 -10.18 12.01
CA MET A 58 -0.96 -9.33 12.81
C MET A 58 0.46 -9.86 12.69
N GLU A 59 0.63 -11.13 12.45
CA GLU A 59 2.02 -11.63 12.31
C GLU A 59 2.62 -10.83 11.16
N THR A 60 1.82 -10.63 10.16
CA THR A 60 2.25 -9.87 8.96
C THR A 60 2.22 -8.35 9.20
N LEU A 61 1.21 -7.85 9.87
CA LEU A 61 1.11 -6.38 10.11
C LEU A 61 1.84 -6.00 11.40
N ASP A 62 2.10 -6.95 12.25
CA ASP A 62 2.82 -6.61 13.51
C ASP A 62 4.30 -6.54 13.20
N GLU A 63 4.67 -5.64 12.35
CA GLU A 63 6.09 -5.51 11.98
C GLU A 63 6.90 -5.19 13.24
N ASP A 64 6.32 -4.45 14.14
CA ASP A 64 7.03 -4.11 15.39
C ASP A 64 6.96 -5.30 16.35
N GLY A 65 6.18 -6.30 16.01
CA GLY A 65 6.06 -7.49 16.90
C GLY A 65 5.49 -7.06 18.25
N ASP A 66 4.64 -6.05 18.28
CA ASP A 66 4.06 -5.57 19.58
C ASP A 66 2.59 -5.98 19.68
N GLY A 67 2.08 -6.69 18.71
CA GLY A 67 0.65 -7.10 18.77
C GLY A 67 -0.20 -5.92 18.31
N GLU A 68 0.44 -4.85 17.90
CA GLU A 68 -0.29 -3.64 17.44
C GLU A 68 0.39 -3.12 16.16
N CYS A 69 -0.40 -2.77 15.16
CA CYS A 69 0.19 -2.26 13.88
C CYS A 69 0.01 -0.74 13.81
N ASP A 70 1.06 -0.03 13.52
CA ASP A 70 0.96 1.45 13.44
C ASP A 70 0.18 1.84 12.18
N PHE A 71 -0.26 3.07 12.09
CA PHE A 71 -1.04 3.46 10.88
C PHE A 71 -0.18 3.23 9.64
N GLN A 72 1.12 3.33 9.77
CA GLN A 72 2.00 3.08 8.60
C GLN A 72 1.96 1.59 8.27
N GLU A 73 1.91 0.74 9.26
CA GLU A 73 1.85 -0.72 9.00
C GLU A 73 0.52 -1.06 8.32
N PHE A 74 -0.54 -0.43 8.78
CA PHE A 74 -1.88 -0.67 8.19
C PHE A 74 -1.86 -0.25 6.72
N MET A 75 -1.14 0.79 6.42
CA MET A 75 -1.10 1.30 5.03
C MET A 75 -0.57 0.24 4.08
N ALA A 76 0.36 -0.54 4.51
CA ALA A 76 0.91 -1.58 3.61
C ALA A 76 -0.13 -2.67 3.33
N PHE A 77 -0.94 -2.98 4.29
CA PHE A 77 -1.97 -4.05 4.08
C PHE A 77 -2.94 -3.63 2.99
N VAL A 78 -3.29 -2.38 2.96
CA VAL A 78 -4.27 -1.86 1.96
C VAL A 78 -3.73 -2.08 0.54
N SER A 79 -2.45 -1.90 0.36
CA SER A 79 -1.88 -2.07 -1.00
C SER A 79 -2.02 -3.53 -1.44
N MET A 80 -1.80 -4.43 -0.54
CA MET A 80 -1.87 -5.88 -0.89
C MET A 80 -3.30 -6.33 -1.20
N VAL A 81 -4.25 -5.93 -0.42
CA VAL A 81 -5.64 -6.38 -0.68
C VAL A 81 -6.17 -5.72 -1.95
N THR A 82 -5.80 -4.50 -2.20
CA THR A 82 -6.29 -3.80 -3.42
C THR A 82 -5.80 -4.57 -4.63
N THR A 83 -4.59 -5.03 -4.55
CA THR A 83 -4.02 -5.80 -5.67
C THR A 83 -4.95 -6.98 -5.95
N ALA A 84 -5.47 -7.59 -4.91
CA ALA A 84 -6.41 -8.73 -5.09
C ALA A 84 -7.68 -8.24 -5.79
N CYS A 85 -8.10 -7.04 -5.48
CA CYS A 85 -9.35 -6.50 -6.11
C CYS A 85 -9.16 -6.44 -7.63
N HIS A 86 -7.99 -6.10 -8.09
CA HIS A 86 -7.77 -6.04 -9.56
C HIS A 86 -8.05 -7.42 -10.15
N GLU A 87 -7.63 -8.46 -9.47
CA GLU A 87 -7.88 -9.83 -9.99
C GLU A 87 -9.39 -10.04 -10.11
N PHE A 88 -10.15 -9.54 -9.16
CA PHE A 88 -11.64 -9.72 -9.21
C PHE A 88 -12.31 -8.55 -9.93
N PHE A 89 -11.69 -7.40 -9.97
CA PHE A 89 -12.32 -6.22 -10.65
C PHE A 89 -11.81 -6.14 -12.09
N GLU A 90 -11.37 -7.24 -12.61
CA GLU A 90 -10.86 -7.27 -14.01
C GLU A 90 -12.02 -7.52 -14.97
N HIS A 91 -12.24 -8.76 -15.36
CA HIS A 91 -13.38 -9.06 -16.26
C HIS A 91 -14.65 -9.20 -15.41
N GLU A 92 -14.49 -9.24 -14.12
CA GLU A 92 -15.67 -9.38 -13.22
N MET B 1 -15.15 6.09 6.79
CA MET B 1 -16.57 5.73 6.61
C MET B 1 -16.68 4.57 5.63
N SER B 2 -15.97 3.50 5.87
CA SER B 2 -16.02 2.34 4.92
C SER B 2 -15.77 2.84 3.50
N GLU B 3 -15.28 4.04 3.39
CA GLU B 3 -14.99 4.63 2.06
C GLU B 3 -13.80 3.90 1.43
N LEU B 4 -13.24 2.97 2.14
CA LEU B 4 -12.05 2.24 1.65
C LEU B 4 -12.32 1.51 0.33
N GLU B 5 -13.48 0.97 0.14
CA GLU B 5 -13.74 0.23 -1.14
C GLU B 5 -13.56 1.18 -2.33
N LYS B 6 -14.01 2.38 -2.21
CA LYS B 6 -13.87 3.36 -3.32
C LYS B 6 -12.40 3.64 -3.58
N ALA B 7 -11.62 3.76 -2.55
CA ALA B 7 -10.17 4.06 -2.76
C ALA B 7 -9.46 2.89 -3.41
N MET B 8 -9.77 1.68 -3.02
CA MET B 8 -9.08 0.51 -3.63
C MET B 8 -9.37 0.46 -5.12
N VAL B 9 -10.58 0.76 -5.49
CA VAL B 9 -10.96 0.75 -6.92
C VAL B 9 -10.19 1.86 -7.64
N ALA B 10 -10.04 2.98 -6.99
CA ALA B 10 -9.34 4.14 -7.61
C ALA B 10 -7.87 3.82 -7.88
N LEU B 11 -7.19 3.15 -7.00
CA LEU B 11 -5.75 2.85 -7.26
C LEU B 11 -5.65 2.03 -8.54
N ILE B 12 -6.55 1.12 -8.71
CA ILE B 12 -6.52 0.27 -9.92
C ILE B 12 -6.85 1.09 -11.18
N ASP B 13 -7.77 2.02 -11.10
CA ASP B 13 -8.12 2.83 -12.31
C ASP B 13 -6.93 3.70 -12.75
N VAL B 14 -6.23 4.27 -11.81
CA VAL B 14 -5.06 5.13 -12.14
C VAL B 14 -3.95 4.26 -12.76
N PHE B 15 -3.76 3.08 -12.26
CA PHE B 15 -2.72 2.20 -12.83
C PHE B 15 -2.92 2.12 -14.35
N HIS B 16 -4.15 2.04 -14.78
CA HIS B 16 -4.42 1.97 -16.24
C HIS B 16 -4.34 3.34 -16.90
N GLN B 17 -4.50 4.40 -16.14
CA GLN B 17 -4.47 5.75 -16.76
C GLN B 17 -3.20 5.94 -17.58
N TYR B 18 -2.06 5.60 -17.04
CA TYR B 18 -0.77 5.79 -17.79
C TYR B 18 -0.13 4.44 -18.20
N SER B 19 -0.41 3.38 -17.47
CA SER B 19 0.24 2.08 -17.84
C SER B 19 -0.16 1.68 -19.26
N GLY B 20 -1.39 1.89 -19.63
CA GLY B 20 -1.83 1.52 -21.00
C GLY B 20 -1.32 2.56 -22.00
N ARG B 21 -0.66 3.59 -21.52
CA ARG B 21 -0.16 4.65 -22.45
C ARG B 21 0.82 4.03 -23.44
N GLU B 22 1.77 3.27 -22.98
CA GLU B 22 2.76 2.65 -23.92
C GLU B 22 2.24 1.28 -24.40
N GLY B 23 2.30 0.28 -23.56
CA GLY B 23 1.81 -1.06 -23.99
C GLY B 23 1.92 -2.07 -22.85
N ASP B 24 2.78 -1.84 -21.89
CA ASP B 24 2.91 -2.81 -20.77
C ASP B 24 1.73 -2.62 -19.81
N LYS B 25 0.55 -2.98 -20.24
CA LYS B 25 -0.65 -2.82 -19.37
C LYS B 25 -0.53 -3.66 -18.10
N HIS B 26 -0.02 -4.85 -18.20
CA HIS B 26 0.10 -5.73 -16.99
C HIS B 26 1.44 -5.53 -16.28
N LYS B 27 2.29 -4.67 -16.77
CA LYS B 27 3.61 -4.46 -16.09
C LYS B 27 4.08 -3.02 -16.30
N LEU B 28 4.88 -2.53 -15.40
CA LEU B 28 5.40 -1.13 -15.51
C LEU B 28 6.91 -1.15 -15.66
N LYS B 29 7.44 -0.34 -16.53
CA LYS B 29 8.91 -0.28 -16.74
C LYS B 29 9.43 1.03 -16.15
N LYS B 30 10.64 1.03 -15.63
CA LYS B 30 11.22 2.29 -15.04
C LYS B 30 10.81 3.49 -15.90
N SER B 31 10.54 3.25 -17.14
CA SER B 31 10.11 4.35 -18.04
C SER B 31 8.64 4.68 -17.78
N GLU B 32 7.80 3.68 -17.72
CA GLU B 32 6.36 3.93 -17.45
C GLU B 32 6.21 4.40 -16.01
N LEU B 33 7.01 3.87 -15.12
CA LEU B 33 6.93 4.28 -13.70
C LEU B 33 7.20 5.79 -13.60
N LYS B 34 8.15 6.27 -14.36
CA LYS B 34 8.46 7.72 -14.32
C LYS B 34 7.21 8.51 -14.72
N GLU B 35 6.49 8.02 -15.70
CA GLU B 35 5.27 8.74 -16.16
C GLU B 35 4.29 8.81 -15.00
N LEU B 36 4.23 7.80 -14.20
CA LEU B 36 3.31 7.84 -13.06
C LEU B 36 3.68 9.02 -12.18
N ILE B 37 4.92 9.08 -11.80
CA ILE B 37 5.37 10.18 -10.90
C ILE B 37 5.54 11.51 -11.63
N ASN B 38 6.19 11.52 -12.76
CA ASN B 38 6.44 12.81 -13.46
C ASN B 38 5.18 13.39 -14.10
N ASN B 39 4.33 12.56 -14.61
CA ASN B 39 3.10 13.06 -15.31
C ASN B 39 1.84 13.08 -14.43
N GLU B 40 1.65 12.13 -13.55
CA GLU B 40 0.39 12.14 -12.72
C GLU B 40 0.62 12.74 -11.34
N LEU B 41 1.84 12.77 -10.88
CA LEU B 41 2.12 13.34 -9.51
C LEU B 41 3.24 14.37 -9.63
N SER B 42 3.07 15.35 -10.45
CA SER B 42 4.13 16.39 -10.61
C SER B 42 4.08 17.39 -9.45
N HIS B 43 3.03 18.16 -9.38
CA HIS B 43 2.92 19.16 -8.28
C HIS B 43 2.48 18.48 -6.97
N PHE B 44 1.57 17.55 -7.05
CA PHE B 44 1.08 16.87 -5.82
C PHE B 44 2.25 16.15 -5.12
N LEU B 45 3.16 15.59 -5.87
CA LEU B 45 4.32 14.86 -5.24
C LEU B 45 5.63 15.40 -5.85
N GLU B 46 6.73 15.22 -5.18
CA GLU B 46 8.01 15.73 -5.73
C GLU B 46 8.18 15.21 -7.16
N GLU B 47 8.03 16.08 -8.12
CA GLU B 47 8.18 15.67 -9.54
C GLU B 47 9.61 15.15 -9.77
N ILE B 48 9.76 14.17 -10.62
CA ILE B 48 11.13 13.63 -10.88
C ILE B 48 11.85 14.55 -11.86
N LYS B 49 13.13 14.76 -11.64
CA LYS B 49 13.91 15.66 -12.54
C LYS B 49 14.84 14.82 -13.42
N GLU B 50 15.15 13.63 -13.00
CA GLU B 50 16.05 12.75 -13.81
C GLU B 50 15.59 11.29 -13.76
N GLN B 51 15.93 10.56 -14.78
CA GLN B 51 15.56 9.12 -14.83
C GLN B 51 16.33 8.36 -13.77
N GLU B 52 17.45 8.88 -13.32
CA GLU B 52 18.25 8.16 -12.29
C GLU B 52 17.47 8.07 -10.98
N VAL B 53 16.77 9.11 -10.61
CA VAL B 53 16.00 9.06 -9.34
C VAL B 53 14.98 7.95 -9.44
N VAL B 54 14.38 7.80 -10.57
CA VAL B 54 13.39 6.73 -10.74
C VAL B 54 14.08 5.39 -10.57
N ASP B 55 15.27 5.26 -11.09
CA ASP B 55 16.00 3.97 -10.96
C ASP B 55 16.20 3.65 -9.48
N LYS B 56 16.51 4.63 -8.70
CA LYS B 56 16.73 4.39 -7.25
C LYS B 56 15.42 3.88 -6.66
N VAL B 57 14.34 4.46 -7.09
CA VAL B 57 13.01 4.01 -6.61
C VAL B 57 12.81 2.59 -7.11
N MET B 58 13.35 2.28 -8.25
CA MET B 58 13.17 0.91 -8.81
C MET B 58 13.96 -0.08 -7.96
N GLU B 59 15.02 0.34 -7.32
CA GLU B 59 15.76 -0.62 -6.47
C GLU B 59 14.76 -1.13 -5.45
N THR B 60 13.95 -0.23 -4.98
CA THR B 60 12.91 -0.57 -3.98
C THR B 60 11.68 -1.22 -4.64
N LEU B 61 11.26 -0.74 -5.78
CA LEU B 61 10.04 -1.31 -6.45
C LEU B 61 10.44 -2.46 -7.37
N ASP B 62 11.69 -2.55 -7.74
CA ASP B 62 12.11 -3.67 -8.62
C ASP B 62 12.32 -4.90 -7.76
N GLU B 63 11.27 -5.34 -7.12
CA GLU B 63 11.39 -6.53 -6.25
C GLU B 63 11.84 -7.72 -7.09
N ASP B 64 11.42 -7.76 -8.32
CA ASP B 64 11.83 -8.88 -9.21
C ASP B 64 13.25 -8.61 -9.73
N GLY B 65 13.76 -7.44 -9.47
CA GLY B 65 15.14 -7.11 -9.96
C GLY B 65 15.18 -7.17 -11.49
N ASP B 66 14.09 -6.84 -12.15
CA ASP B 66 14.05 -6.89 -13.64
C ASP B 66 14.06 -5.48 -14.22
N GLY B 67 14.14 -4.48 -13.39
CA GLY B 67 14.14 -3.08 -13.91
C GLY B 67 12.69 -2.69 -14.22
N GLU B 68 11.77 -3.55 -13.90
CA GLU B 68 10.33 -3.29 -14.15
C GLU B 68 9.53 -3.71 -12.91
N CYS B 69 8.61 -2.89 -12.47
CA CYS B 69 7.78 -3.24 -11.26
C CYS B 69 6.38 -3.67 -11.71
N ASP B 70 5.93 -4.79 -11.24
CA ASP B 70 4.57 -5.28 -11.63
C ASP B 70 3.51 -4.40 -10.98
N PHE B 71 2.28 -4.48 -11.43
CA PHE B 71 1.23 -3.61 -10.83
C PHE B 71 1.15 -3.92 -9.33
N GLN B 72 1.46 -5.13 -8.94
CA GLN B 72 1.42 -5.45 -7.48
C GLN B 72 2.56 -4.72 -6.79
N GLU B 73 3.70 -4.62 -7.42
CA GLU B 73 4.85 -3.92 -6.79
C GLU B 73 4.52 -2.43 -6.68
N PHE B 74 3.88 -1.88 -7.68
CA PHE B 74 3.50 -0.45 -7.66
C PHE B 74 2.52 -0.21 -6.50
N MET B 75 1.68 -1.17 -6.24
CA MET B 75 0.66 -1.01 -5.17
C MET B 75 1.34 -0.78 -3.83
N ALA B 76 2.44 -1.40 -3.60
CA ALA B 76 3.11 -1.21 -2.29
C ALA B 76 3.67 0.21 -2.17
N PHE B 77 4.12 0.78 -3.24
CA PHE B 77 4.68 2.16 -3.19
C PHE B 77 3.61 3.15 -2.76
N VAL B 78 2.42 2.95 -3.25
CA VAL B 78 1.29 3.87 -2.93
C VAL B 78 1.04 3.90 -1.42
N SER B 79 1.15 2.78 -0.79
CA SER B 79 0.89 2.73 0.68
C SER B 79 1.94 3.56 1.41
N MET B 80 3.16 3.48 0.98
CA MET B 80 4.25 4.22 1.68
C MET B 80 4.15 5.72 1.48
N VAL B 81 3.85 6.17 0.30
CA VAL B 81 3.77 7.65 0.08
C VAL B 81 2.53 8.20 0.76
N THR B 82 1.46 7.46 0.78
CA THR B 82 0.22 7.95 1.43
C THR B 82 0.52 8.18 2.90
N THR B 83 1.26 7.29 3.47
CA THR B 83 1.63 7.42 4.89
C THR B 83 2.29 8.78 5.08
N ALA B 84 3.11 9.17 4.14
CA ALA B 84 3.78 10.50 4.23
C ALA B 84 2.72 11.60 4.18
N CYS B 85 1.70 11.42 3.38
CA CYS B 85 0.64 12.46 3.27
C CYS B 85 0.01 12.70 4.64
N HIS B 86 -0.17 11.68 5.42
CA HIS B 86 -0.78 11.89 6.77
C HIS B 86 0.11 12.85 7.55
N GLU B 87 1.40 12.70 7.45
CA GLU B 87 2.31 13.62 8.17
C GLU B 87 2.04 15.06 7.71
N PHE B 88 1.80 15.24 6.44
CA PHE B 88 1.55 16.62 5.91
C PHE B 88 0.05 16.95 5.92
N PHE B 89 -0.81 15.96 5.88
CA PHE B 89 -2.28 16.23 5.87
C PHE B 89 -2.81 16.16 7.30
N GLU B 90 -1.95 16.37 8.25
CA GLU B 90 -2.38 16.33 9.69
C GLU B 90 -2.86 17.72 10.10
N HIS B 91 -2.01 18.52 10.70
CA HIS B 91 -2.42 19.89 11.09
C HIS B 91 -2.29 20.81 9.88
N GLU B 92 -1.68 20.31 8.84
CA GLU B 92 -1.49 21.14 7.61
N SER C 1 2.75 -25.83 18.31
CA SER C 1 2.35 -26.59 17.09
C SER C 1 1.45 -27.76 17.50
N HIS C 2 0.18 -27.51 17.68
CA HIS C 2 -0.75 -28.61 18.07
C HIS C 2 -2.10 -28.38 17.40
N LEU C 3 -2.85 -29.42 17.16
CA LEU C 3 -4.20 -29.27 16.50
C LEU C 3 -5.20 -30.22 17.16
N LYS C 4 -6.35 -29.69 17.54
CA LYS C 4 -7.40 -30.55 18.16
C LYS C 4 -8.77 -30.10 17.64
N SER C 5 -8.85 -29.84 16.36
CA SER C 5 -10.14 -29.39 15.76
C SER C 5 -10.28 -30.01 14.36
N LYS C 6 -11.46 -29.96 13.79
CA LYS C 6 -11.65 -30.55 12.44
C LYS C 6 -10.61 -30.00 11.46
N LYS C 7 -10.11 -30.83 10.59
CA LYS C 7 -9.09 -30.37 9.61
C LYS C 7 -9.79 -29.72 8.42
N GLY C 8 -9.26 -28.63 7.92
CA GLY C 8 -9.89 -27.95 6.75
C GLY C 8 -10.93 -26.93 7.23
N GLN C 9 -10.56 -26.05 8.13
CA GLN C 9 -11.53 -25.04 8.62
C GLN C 9 -11.51 -23.81 7.71
N SER C 10 -12.23 -22.78 8.08
CA SER C 10 -12.27 -21.56 7.23
C SER C 10 -10.85 -21.12 6.88
N THR C 11 -9.89 -21.48 7.69
CA THR C 11 -8.48 -21.07 7.42
C THR C 11 -8.17 -21.22 5.92
N SER C 12 -8.86 -22.07 5.22
CA SER C 12 -8.59 -22.22 3.77
C SER C 12 -8.82 -20.89 3.07
N ARG C 13 -9.87 -20.19 3.44
CA ARG C 13 -10.15 -18.87 2.80
C ARG C 13 -9.00 -17.91 3.12
N HIS C 14 -8.51 -17.95 4.32
CA HIS C 14 -7.41 -17.03 4.72
C HIS C 14 -6.21 -17.29 3.81
N LYS C 15 -5.96 -18.52 3.48
CA LYS C 15 -4.81 -18.82 2.58
C LYS C 15 -4.98 -18.08 1.26
N LYS C 16 -6.20 -17.83 0.85
CA LYS C 16 -6.39 -17.09 -0.43
C LYS C 16 -5.72 -15.73 -0.29
N LEU C 17 -5.85 -15.10 0.85
CA LEU C 17 -5.22 -13.75 1.05
C LEU C 17 -3.69 -13.90 1.21
N MET C 18 -3.23 -15.02 1.67
CA MET C 18 -1.76 -15.22 1.86
C MET C 18 -1.04 -15.08 0.52
N PHE C 19 -1.69 -15.31 -0.58
CA PHE C 19 -0.97 -15.20 -1.88
C PHE C 19 -0.22 -13.86 -1.94
N LYS C 20 -0.73 -12.80 -1.36
CA LYS C 20 0.05 -11.52 -1.39
C LYS C 20 1.28 -11.70 -0.51
N THR C 21 1.11 -12.34 0.62
CA THR C 21 2.28 -12.54 1.53
C THR C 21 3.34 -13.35 0.77
N GLU C 22 2.92 -14.22 -0.11
CA GLU C 22 3.90 -15.05 -0.88
N SER D 1 30.95 3.03 -7.18
CA SER D 1 30.95 4.05 -6.09
C SER D 1 31.89 5.19 -6.47
N HIS D 2 31.40 6.13 -7.24
CA HIS D 2 32.26 7.28 -7.65
C HIS D 2 31.39 8.54 -7.72
N LEU D 3 31.99 9.70 -7.52
CA LEU D 3 31.20 10.97 -7.58
C LEU D 3 32.01 12.05 -8.29
N LYS D 4 31.42 12.71 -9.24
CA LYS D 4 32.12 13.80 -9.98
C LYS D 4 31.15 14.95 -10.24
N SER D 5 30.35 15.27 -9.25
CA SER D 5 29.34 16.38 -9.41
C SER D 5 29.25 17.14 -8.08
N LYS D 6 28.65 18.30 -8.10
CA LYS D 6 28.53 19.10 -6.85
C LYS D 6 27.94 18.25 -5.73
N LYS D 7 28.41 18.42 -4.53
CA LYS D 7 27.88 17.62 -3.38
C LYS D 7 26.63 18.30 -2.84
N GLY D 8 25.61 17.52 -2.51
CA GLY D 8 24.36 18.12 -1.96
C GLY D 8 23.40 18.46 -3.10
N GLN D 9 23.13 17.51 -3.97
CA GLN D 9 22.19 17.79 -5.11
C GLN D 9 20.75 17.51 -4.66
N SER D 10 19.83 17.60 -5.57
CA SER D 10 18.40 17.37 -5.21
C SER D 10 18.26 16.06 -4.43
N THR D 11 19.18 15.16 -4.62
CA THR D 11 19.10 13.84 -3.90
C THR D 11 18.68 14.06 -2.44
N SER D 12 18.94 15.21 -1.90
CA SER D 12 18.53 15.46 -0.48
C SER D 12 17.01 15.30 -0.36
N ARG D 13 16.27 15.81 -1.31
CA ARG D 13 14.79 15.68 -1.27
C ARG D 13 14.41 14.20 -1.34
N HIS D 14 15.09 13.45 -2.15
CA HIS D 14 14.77 12.01 -2.29
C HIS D 14 14.95 11.34 -0.93
N LYS D 15 15.93 11.73 -0.19
CA LYS D 15 16.14 11.12 1.15
C LYS D 15 14.88 11.33 2.01
N LYS D 16 14.16 12.39 1.78
CA LYS D 16 12.93 12.61 2.59
C LYS D 16 11.99 11.44 2.36
N LEU D 17 11.90 10.95 1.14
CA LEU D 17 11.00 9.78 0.85
C LEU D 17 11.62 8.48 1.41
N MET D 18 12.91 8.42 1.52
CA MET D 18 13.57 7.19 2.04
C MET D 18 13.08 6.89 3.46
N PHE D 19 12.63 7.86 4.19
CA PHE D 19 12.19 7.56 5.58
C PHE D 19 11.21 6.37 5.58
N LYS D 20 10.42 6.20 4.55
CA LYS D 20 9.51 5.01 4.55
C LYS D 20 10.38 3.77 4.35
N THR D 21 11.36 3.86 3.49
CA THR D 21 12.24 2.68 3.26
C THR D 21 12.91 2.31 4.60
N GLU D 22 13.17 3.29 5.42
CA GLU D 22 13.82 3.01 6.73
CA CA E . -6.86 3.23 16.83
CA CA F . 3.61 -3.39 14.97
CA CA G . 2.27 -0.15 -18.21
CA CA H . 10.25 -6.22 -10.26
N MET A 1 -8.54 11.01 -14.00
CA MET A 1 -7.10 10.64 -14.08
C MET A 1 -6.32 11.41 -13.01
N SER A 2 -5.18 10.92 -12.64
CA SER A 2 -4.38 11.62 -11.58
C SER A 2 -5.26 11.85 -10.36
N GLU A 3 -6.29 11.06 -10.22
CA GLU A 3 -7.21 11.20 -9.05
C GLU A 3 -6.50 10.69 -7.80
N LEU A 4 -5.35 10.09 -7.97
CA LEU A 4 -4.60 9.53 -6.81
C LEU A 4 -4.63 10.48 -5.62
N GLU A 5 -4.81 11.74 -5.85
CA GLU A 5 -4.86 12.71 -4.71
C GLU A 5 -6.10 12.47 -3.85
N LYS A 6 -7.22 12.19 -4.45
CA LYS A 6 -8.46 11.98 -3.64
C LYS A 6 -8.44 10.60 -2.99
N ALA A 7 -7.98 9.61 -3.69
CA ALA A 7 -7.98 8.24 -3.12
C ALA A 7 -7.01 8.13 -1.94
N MET A 8 -5.84 8.68 -2.06
CA MET A 8 -4.87 8.58 -0.92
C MET A 8 -5.46 9.27 0.30
N VAL A 9 -6.11 10.38 0.10
CA VAL A 9 -6.71 11.10 1.25
C VAL A 9 -7.79 10.22 1.87
N ALA A 10 -8.54 9.54 1.05
CA ALA A 10 -9.64 8.68 1.55
C ALA A 10 -9.10 7.52 2.40
N LEU A 11 -7.99 6.95 2.06
CA LEU A 11 -7.47 5.82 2.89
C LEU A 11 -7.24 6.34 4.30
N ILE A 12 -6.73 7.53 4.41
CA ILE A 12 -6.48 8.11 5.76
C ILE A 12 -7.81 8.39 6.48
N ASP A 13 -8.82 8.84 5.78
CA ASP A 13 -10.12 9.13 6.45
C ASP A 13 -10.74 7.86 7.04
N VAL A 14 -10.67 6.77 6.33
CA VAL A 14 -11.28 5.50 6.81
C VAL A 14 -10.48 4.97 8.01
N PHE A 15 -9.18 5.09 7.94
CA PHE A 15 -8.32 4.61 9.06
C PHE A 15 -8.70 5.37 10.32
N HIS A 16 -8.97 6.62 10.20
CA HIS A 16 -9.35 7.42 11.39
C HIS A 16 -10.67 6.91 12.00
N GLN A 17 -11.56 6.41 11.19
CA GLN A 17 -12.86 5.94 11.74
C GLN A 17 -12.64 4.81 12.76
N TYR A 18 -11.72 3.90 12.50
CA TYR A 18 -11.51 2.78 13.49
C TYR A 18 -10.44 3.14 14.52
N SER A 19 -9.49 3.96 14.18
CA SER A 19 -8.43 4.32 15.16
C SER A 19 -9.06 4.98 16.39
N GLY A 20 -10.04 5.82 16.18
CA GLY A 20 -10.68 6.50 17.34
C GLY A 20 -11.66 5.56 18.03
N ARG A 21 -11.86 4.39 17.50
CA ARG A 21 -12.81 3.43 18.14
C ARG A 21 -12.33 3.13 19.56
N GLU A 22 -11.06 2.85 19.72
CA GLU A 22 -10.51 2.54 21.08
C GLU A 22 -9.50 3.63 21.48
N GLY A 23 -9.24 3.76 22.75
CA GLY A 23 -8.30 4.80 23.22
C GLY A 23 -7.01 4.79 22.38
N ASP A 24 -6.77 3.74 21.63
CA ASP A 24 -5.52 3.69 20.82
C ASP A 24 -5.72 4.46 19.50
N LYS A 25 -5.86 5.76 19.58
CA LYS A 25 -6.06 6.58 18.34
C LYS A 25 -4.79 6.59 17.48
N HIS A 26 -3.64 6.69 18.09
CA HIS A 26 -2.38 6.76 17.29
C HIS A 26 -1.97 5.36 16.78
N LYS A 27 -2.53 4.31 17.30
CA LYS A 27 -2.12 2.95 16.84
C LYS A 27 -3.32 1.99 16.87
N LEU A 28 -3.19 0.87 16.22
CA LEU A 28 -4.30 -0.14 16.19
C LEU A 28 -3.87 -1.40 16.94
N LYS A 29 -4.73 -1.93 17.76
CA LYS A 29 -4.40 -3.18 18.48
C LYS A 29 -5.05 -4.33 17.73
N LYS A 30 -4.42 -5.48 17.68
CA LYS A 30 -5.01 -6.63 16.93
C LYS A 30 -6.51 -6.69 17.18
N SER A 31 -6.92 -6.15 18.30
CA SER A 31 -8.37 -6.13 18.63
C SER A 31 -9.05 -4.99 17.87
N GLU A 32 -8.48 -3.83 17.91
CA GLU A 32 -9.07 -2.67 17.19
C GLU A 32 -8.92 -2.93 15.69
N LEU A 33 -7.82 -3.54 15.29
CA LEU A 33 -7.60 -3.84 13.86
C LEU A 33 -8.73 -4.74 13.35
N LYS A 34 -9.14 -5.68 14.13
CA LYS A 34 -10.23 -6.61 13.70
C LYS A 34 -11.49 -5.81 13.40
N GLU A 35 -11.79 -4.82 14.20
CA GLU A 35 -13.02 -4.02 13.97
C GLU A 35 -12.93 -3.37 12.58
N LEU A 36 -11.78 -2.91 12.21
CA LEU A 36 -11.64 -2.30 10.87
C LEU A 36 -11.94 -3.35 9.81
N ILE A 37 -11.35 -4.50 9.93
CA ILE A 37 -11.55 -5.57 8.92
C ILE A 37 -12.95 -6.21 9.01
N ASN A 38 -13.40 -6.52 10.19
CA ASN A 38 -14.73 -7.21 10.31
C ASN A 38 -15.89 -6.28 9.94
N ASN A 39 -15.81 -5.06 10.35
CA ASN A 39 -16.95 -4.10 10.11
C ASN A 39 -16.74 -3.22 8.87
N GLU A 40 -15.53 -2.89 8.52
CA GLU A 40 -15.35 -2.01 7.33
C GLU A 40 -15.43 -2.86 6.06
N LEU A 41 -15.44 -4.16 6.22
CA LEU A 41 -15.51 -5.08 5.04
C LEU A 41 -16.56 -6.17 5.30
N SER A 42 -17.78 -5.80 5.57
CA SER A 42 -18.82 -6.84 5.85
C SER A 42 -18.99 -7.77 4.65
N HIS A 43 -18.97 -7.25 3.46
CA HIS A 43 -19.14 -8.11 2.24
C HIS A 43 -18.07 -7.76 1.19
N PHE A 44 -17.47 -6.62 1.31
CA PHE A 44 -16.43 -6.23 0.31
C PHE A 44 -15.26 -7.23 0.37
N LEU A 45 -14.89 -7.66 1.56
CA LEU A 45 -13.76 -8.65 1.69
C LEU A 45 -14.20 -9.75 2.66
N GLU A 46 -13.54 -10.87 2.64
CA GLU A 46 -13.95 -11.97 3.56
C GLU A 46 -13.94 -11.47 5.01
N GLU A 47 -15.10 -11.37 5.59
CA GLU A 47 -15.22 -10.92 7.01
C GLU A 47 -14.45 -11.90 7.91
N ILE A 48 -13.74 -11.42 8.90
CA ILE A 48 -12.98 -12.35 9.78
C ILE A 48 -13.98 -13.15 10.62
N LYS A 49 -13.72 -14.41 10.85
CA LYS A 49 -14.66 -15.27 11.63
C LYS A 49 -14.08 -15.60 13.01
N GLU A 50 -12.81 -15.42 13.22
CA GLU A 50 -12.23 -15.75 14.56
C GLU A 50 -11.03 -14.84 14.86
N GLN A 51 -10.80 -14.56 16.12
CA GLN A 51 -9.68 -13.67 16.53
C GLN A 51 -8.34 -14.24 16.07
N GLU A 52 -8.21 -15.53 16.04
CA GLU A 52 -6.90 -16.15 15.65
C GLU A 52 -6.51 -15.72 14.24
N VAL A 53 -7.45 -15.61 13.34
CA VAL A 53 -7.08 -15.21 11.96
C VAL A 53 -6.42 -13.84 12.02
N VAL A 54 -6.94 -13.00 12.84
CA VAL A 54 -6.36 -11.64 12.98
C VAL A 54 -4.95 -11.75 13.53
N ASP A 55 -4.73 -12.65 14.45
CA ASP A 55 -3.38 -12.80 15.04
C ASP A 55 -2.38 -13.23 13.96
N LYS A 56 -2.80 -14.07 13.07
CA LYS A 56 -1.90 -14.54 11.98
C LYS A 56 -1.56 -13.35 11.10
N VAL A 57 -2.55 -12.52 10.84
CA VAL A 57 -2.29 -11.32 10.02
C VAL A 57 -1.34 -10.42 10.80
N MET A 58 -1.45 -10.44 12.09
CA MET A 58 -0.57 -9.59 12.92
C MET A 58 0.86 -10.14 12.87
N GLU A 59 1.03 -11.40 12.65
CA GLU A 59 2.43 -11.91 12.57
C GLU A 59 3.09 -11.16 11.42
N THR A 60 2.36 -10.97 10.36
CA THR A 60 2.87 -10.24 9.18
C THR A 60 2.77 -8.71 9.39
N LEU A 61 1.69 -8.26 9.97
CA LEU A 61 1.49 -6.78 10.17
C LEU A 61 2.12 -6.33 11.49
N ASP A 62 2.40 -7.23 12.39
CA ASP A 62 3.05 -6.81 13.67
C ASP A 62 4.53 -6.66 13.35
N GLU A 63 4.83 -5.73 12.49
CA GLU A 63 6.22 -5.51 12.07
C GLU A 63 7.10 -5.16 13.27
N ASP A 64 6.61 -4.37 14.18
CA ASP A 64 7.43 -3.99 15.37
C ASP A 64 7.30 -5.07 16.44
N GLY A 65 6.51 -6.08 16.18
CA GLY A 65 6.36 -7.19 17.18
C GLY A 65 5.74 -6.67 18.48
N ASP A 66 4.83 -5.71 18.41
CA ASP A 66 4.19 -5.18 19.66
C ASP A 66 2.77 -5.72 19.78
N GLY A 67 2.36 -6.54 18.85
CA GLY A 67 0.98 -7.09 18.92
C GLY A 67 0.00 -6.00 18.47
N GLU A 68 0.53 -4.92 17.98
CA GLU A 68 -0.33 -3.79 17.51
C GLU A 68 0.25 -3.26 16.19
N CYS A 69 -0.57 -2.95 15.22
CA CYS A 69 -0.05 -2.42 13.91
C CYS A 69 -0.25 -0.91 13.88
N ASP A 70 0.78 -0.19 13.58
CA ASP A 70 0.68 1.30 13.55
C ASP A 70 0.04 1.77 12.23
N PHE A 71 -0.29 3.03 12.16
CA PHE A 71 -0.91 3.55 10.91
C PHE A 71 0.00 3.21 9.73
N GLN A 72 1.28 3.32 9.90
CA GLN A 72 2.21 3.00 8.77
C GLN A 72 2.17 1.50 8.45
N GLU A 73 2.10 0.65 9.44
CA GLU A 73 2.07 -0.82 9.15
C GLU A 73 0.73 -1.18 8.49
N PHE A 74 -0.34 -0.60 8.96
CA PHE A 74 -1.65 -0.89 8.35
C PHE A 74 -1.71 -0.28 6.96
N MET A 75 -0.92 0.73 6.75
CA MET A 75 -0.90 1.39 5.43
C MET A 75 -0.49 0.38 4.38
N ALA A 76 0.45 -0.45 4.70
CA ALA A 76 0.89 -1.45 3.71
C ALA A 76 -0.21 -2.49 3.47
N PHE A 77 -0.96 -2.83 4.49
CA PHE A 77 -2.06 -3.83 4.31
C PHE A 77 -3.06 -3.33 3.28
N VAL A 78 -3.37 -2.08 3.31
CA VAL A 78 -4.38 -1.52 2.35
C VAL A 78 -3.89 -1.74 0.92
N SER A 79 -2.63 -1.62 0.68
CA SER A 79 -2.13 -1.82 -0.71
C SER A 79 -2.29 -3.29 -1.09
N MET A 80 -2.02 -4.17 -0.17
CA MET A 80 -2.14 -5.62 -0.44
C MET A 80 -3.57 -6.02 -0.84
N VAL A 81 -4.55 -5.57 -0.11
CA VAL A 81 -5.93 -5.96 -0.44
C VAL A 81 -6.42 -5.23 -1.70
N THR A 82 -5.91 -4.07 -1.96
CA THR A 82 -6.33 -3.32 -3.17
C THR A 82 -6.00 -4.16 -4.40
N THR A 83 -4.86 -4.80 -4.37
CA THR A 83 -4.45 -5.65 -5.51
C THR A 83 -5.50 -6.74 -5.70
N ALA A 84 -6.00 -7.27 -4.62
CA ALA A 84 -7.05 -8.32 -4.73
C ALA A 84 -8.25 -7.72 -5.46
N CYS A 85 -8.48 -6.45 -5.25
CA CYS A 85 -9.61 -5.75 -5.93
C CYS A 85 -9.44 -5.84 -7.44
N HIS A 86 -8.22 -5.73 -7.92
CA HIS A 86 -8.00 -5.79 -9.40
C HIS A 86 -8.49 -7.15 -9.92
N GLU A 87 -8.25 -8.19 -9.19
CA GLU A 87 -8.73 -9.52 -9.65
C GLU A 87 -10.25 -9.58 -9.58
N PHE A 88 -10.83 -8.85 -8.66
CA PHE A 88 -12.32 -8.86 -8.53
C PHE A 88 -12.89 -7.81 -9.48
N PHE A 89 -12.11 -6.82 -9.83
CA PHE A 89 -12.60 -5.77 -10.77
C PHE A 89 -12.18 -6.17 -12.19
N GLU A 90 -12.73 -7.23 -12.69
CA GLU A 90 -12.37 -7.68 -14.06
C GLU A 90 -13.16 -6.86 -15.08
N HIS A 91 -12.55 -5.85 -15.64
CA HIS A 91 -13.26 -5.02 -16.66
C HIS A 91 -13.19 -5.72 -18.02
N GLU A 92 -14.20 -6.48 -18.34
CA GLU A 92 -14.21 -7.20 -19.65
N MET B 1 -17.66 7.04 5.43
CA MET B 1 -17.00 5.96 6.20
C MET B 1 -17.01 4.66 5.38
N SER B 2 -16.12 3.75 5.66
CA SER B 2 -16.08 2.48 4.88
C SER B 2 -16.03 2.80 3.39
N GLU B 3 -15.55 3.97 3.07
CA GLU B 3 -15.43 4.38 1.64
C GLU B 3 -14.27 3.62 1.00
N LEU B 4 -13.53 2.91 1.79
CA LEU B 4 -12.36 2.14 1.26
C LEU B 4 -12.70 1.46 -0.06
N GLU B 5 -13.95 1.18 -0.29
CA GLU B 5 -14.33 0.50 -1.58
C GLU B 5 -14.08 1.45 -2.76
N LYS B 6 -14.39 2.70 -2.62
CA LYS B 6 -14.19 3.64 -3.77
C LYS B 6 -12.71 3.98 -3.94
N ALA B 7 -12.02 4.18 -2.85
CA ALA B 7 -10.59 4.56 -2.95
C ALA B 7 -9.76 3.42 -3.54
N MET B 8 -9.97 2.21 -3.11
CA MET B 8 -9.17 1.08 -3.67
C MET B 8 -9.41 0.98 -5.17
N VAL B 9 -10.63 1.16 -5.58
CA VAL B 9 -10.94 1.07 -7.04
C VAL B 9 -10.20 2.19 -7.76
N ALA B 10 -10.15 3.34 -7.16
CA ALA B 10 -9.47 4.51 -7.81
C ALA B 10 -7.98 4.25 -7.99
N LEU B 11 -7.32 3.60 -7.07
CA LEU B 11 -5.86 3.37 -7.26
C LEU B 11 -5.66 2.56 -8.53
N ILE B 12 -6.53 1.61 -8.75
CA ILE B 12 -6.42 0.77 -9.97
C ILE B 12 -6.71 1.61 -11.23
N ASP B 13 -7.65 2.52 -11.18
CA ASP B 13 -7.97 3.34 -12.38
C ASP B 13 -6.78 4.23 -12.78
N VAL B 14 -6.11 4.80 -11.82
CA VAL B 14 -4.96 5.71 -12.12
C VAL B 14 -3.79 4.87 -12.66
N PHE B 15 -3.59 3.71 -12.11
CA PHE B 15 -2.48 2.83 -12.59
C PHE B 15 -2.72 2.51 -14.06
N HIS B 16 -3.94 2.28 -14.43
CA HIS B 16 -4.24 1.96 -15.84
C HIS B 16 -3.88 3.14 -16.76
N GLN B 17 -4.02 4.35 -16.29
CA GLN B 17 -3.72 5.50 -17.17
C GLN B 17 -2.26 5.47 -17.63
N TYR B 18 -1.33 5.11 -16.78
CA TYR B 18 0.11 5.08 -17.22
C TYR B 18 0.51 3.71 -17.78
N SER B 19 -0.11 2.67 -17.32
CA SER B 19 0.27 1.32 -17.82
C SER B 19 0.04 1.25 -19.34
N GLY B 20 -1.03 1.83 -19.81
CA GLY B 20 -1.33 1.79 -21.26
C GLY B 20 -0.47 2.82 -22.00
N ARG B 21 0.28 3.61 -21.28
CA ARG B 21 1.13 4.64 -21.96
C ARG B 21 2.10 3.94 -22.90
N GLU B 22 2.75 2.90 -22.44
CA GLU B 22 3.73 2.15 -23.30
C GLU B 22 3.21 0.73 -23.54
N GLY B 23 3.69 0.09 -24.56
CA GLY B 23 3.23 -1.29 -24.89
C GLY B 23 3.23 -2.16 -23.63
N ASP B 24 3.89 -1.75 -22.57
CA ASP B 24 3.92 -2.58 -21.35
C ASP B 24 2.65 -2.34 -20.51
N LYS B 25 1.52 -2.77 -21.01
CA LYS B 25 0.24 -2.56 -20.26
C LYS B 25 0.20 -3.43 -18.99
N HIS B 26 0.67 -4.64 -19.07
CA HIS B 26 0.62 -5.54 -17.88
C HIS B 26 1.72 -5.21 -16.87
N LYS B 27 2.72 -4.44 -17.25
CA LYS B 27 3.82 -4.12 -16.28
C LYS B 27 4.35 -2.71 -16.54
N LEU B 28 5.09 -2.19 -15.60
CA LEU B 28 5.66 -0.81 -15.73
C LEU B 28 7.18 -0.90 -15.85
N LYS B 29 7.76 -0.17 -16.77
CA LYS B 29 9.25 -0.17 -16.90
C LYS B 29 9.76 1.07 -16.17
N LYS B 30 10.91 1.00 -15.56
CA LYS B 30 11.45 2.17 -14.82
C LYS B 30 11.21 3.44 -15.64
N SER B 31 11.10 3.27 -16.92
CA SER B 31 10.84 4.44 -17.82
C SER B 31 9.36 4.79 -17.76
N GLU B 32 8.50 3.81 -17.89
CA GLU B 32 7.04 4.09 -17.85
C GLU B 32 6.68 4.47 -16.41
N LEU B 33 7.34 3.88 -15.45
CA LEU B 33 7.06 4.21 -14.03
C LEU B 33 7.34 5.69 -13.80
N LYS B 34 8.37 6.20 -14.38
CA LYS B 34 8.72 7.64 -14.18
C LYS B 34 7.56 8.51 -14.68
N GLU B 35 6.96 8.15 -15.77
CA GLU B 35 5.84 8.97 -16.30
C GLU B 35 4.73 9.04 -15.26
N LEU B 36 4.48 7.95 -14.60
CA LEU B 36 3.42 7.96 -13.54
C LEU B 36 3.82 8.95 -12.45
N ILE B 37 5.03 8.85 -11.99
CA ILE B 37 5.50 9.74 -10.89
C ILE B 37 5.71 11.18 -11.36
N ASN B 38 6.36 11.37 -12.48
CA ASN B 38 6.66 12.77 -12.93
C ASN B 38 5.40 13.52 -13.36
N ASN B 39 4.52 12.86 -14.03
CA ASN B 39 3.29 13.53 -14.57
C ASN B 39 2.06 13.35 -13.66
N GLU B 40 1.95 12.26 -12.94
CA GLU B 40 0.72 12.10 -12.10
C GLU B 40 0.93 12.87 -10.79
N LEU B 41 2.12 13.35 -10.56
CA LEU B 41 2.41 14.11 -9.31
C LEU B 41 3.20 15.37 -9.65
N SER B 42 2.67 16.22 -10.50
CA SER B 42 3.42 17.46 -10.87
C SER B 42 3.69 18.32 -9.63
N HIS B 43 2.74 18.43 -8.74
CA HIS B 43 2.94 19.28 -7.51
C HIS B 43 2.49 18.51 -6.26
N PHE B 44 1.70 17.48 -6.44
CA PHE B 44 1.22 16.71 -5.26
C PHE B 44 2.43 16.08 -4.56
N LEU B 45 3.39 15.58 -5.29
CA LEU B 45 4.60 14.95 -4.67
C LEU B 45 5.85 15.49 -5.38
N GLU B 46 6.99 15.36 -4.76
CA GLU B 46 8.22 15.89 -5.41
C GLU B 46 8.38 15.29 -6.80
N GLU B 47 8.24 16.09 -7.81
CA GLU B 47 8.40 15.60 -9.21
C GLU B 47 9.83 15.07 -9.39
N ILE B 48 10.00 13.98 -10.09
CA ILE B 48 11.39 13.45 -10.28
C ILE B 48 12.17 14.39 -11.19
N LYS B 49 13.43 14.60 -10.91
CA LYS B 49 14.25 15.54 -11.73
C LYS B 49 15.26 14.78 -12.60
N GLU B 50 15.53 13.54 -12.30
CA GLU B 50 16.52 12.79 -13.14
C GLU B 50 16.17 11.29 -13.17
N GLN B 51 16.51 10.63 -14.24
CA GLN B 51 16.20 9.17 -14.38
C GLN B 51 16.86 8.35 -13.26
N GLU B 52 18.00 8.76 -12.81
CA GLU B 52 18.72 7.98 -11.76
C GLU B 52 17.87 7.87 -10.50
N VAL B 53 17.15 8.89 -10.14
CA VAL B 53 16.33 8.81 -8.92
C VAL B 53 15.34 7.67 -9.08
N VAL B 54 14.79 7.56 -10.25
CA VAL B 54 13.83 6.48 -10.51
C VAL B 54 14.52 5.13 -10.38
N ASP B 55 15.74 5.04 -10.83
CA ASP B 55 16.47 3.74 -10.73
C ASP B 55 16.65 3.36 -9.27
N LYS B 56 16.92 4.31 -8.44
CA LYS B 56 17.11 4.02 -6.99
C LYS B 56 15.79 3.50 -6.42
N VAL B 57 14.72 4.11 -6.85
CA VAL B 57 13.39 3.64 -6.37
C VAL B 57 13.18 2.24 -6.92
N MET B 58 13.70 1.97 -8.08
CA MET B 58 13.54 0.62 -8.67
C MET B 58 14.36 -0.39 -7.88
N GLU B 59 15.42 0.02 -7.26
CA GLU B 59 16.19 -0.98 -6.47
C GLU B 59 15.24 -1.52 -5.41
N THR B 60 14.44 -0.65 -4.85
CA THR B 60 13.45 -1.06 -3.82
C THR B 60 12.19 -1.63 -4.49
N LEU B 61 11.74 -1.04 -5.57
CA LEU B 61 10.49 -1.50 -6.25
C LEU B 61 10.81 -2.61 -7.26
N ASP B 62 12.04 -2.75 -7.66
CA ASP B 62 12.36 -3.85 -8.62
C ASP B 62 12.49 -5.11 -7.78
N GLU B 63 11.41 -5.49 -7.18
CA GLU B 63 11.41 -6.68 -6.30
C GLU B 63 11.82 -7.93 -7.07
N ASP B 64 11.37 -8.08 -8.29
CA ASP B 64 11.76 -9.28 -9.09
C ASP B 64 13.10 -9.04 -9.76
N GLY B 65 13.68 -7.87 -9.58
CA GLY B 65 15.02 -7.58 -10.18
C GLY B 65 14.95 -7.62 -11.71
N ASP B 66 13.84 -7.20 -12.30
CA ASP B 66 13.72 -7.20 -13.80
C ASP B 66 13.87 -5.78 -14.33
N GLY B 67 14.10 -4.83 -13.46
CA GLY B 67 14.25 -3.42 -13.93
C GLY B 67 12.86 -2.87 -14.26
N GLU B 68 11.84 -3.63 -13.92
CA GLU B 68 10.44 -3.20 -14.20
C GLU B 68 9.59 -3.55 -12.96
N CYS B 69 8.70 -2.67 -12.56
CA CYS B 69 7.83 -2.97 -11.37
C CYS B 69 6.45 -3.38 -11.86
N ASP B 70 5.96 -4.48 -11.38
CA ASP B 70 4.63 -4.97 -11.82
C ASP B 70 3.52 -4.23 -11.07
N PHE B 71 2.29 -4.42 -11.50
CA PHE B 71 1.16 -3.74 -10.84
C PHE B 71 1.20 -4.06 -9.34
N GLN B 72 1.52 -5.27 -8.99
CA GLN B 72 1.56 -5.63 -7.54
C GLN B 72 2.74 -4.91 -6.85
N GLU B 73 3.88 -4.79 -7.50
CA GLU B 73 5.02 -4.09 -6.83
C GLU B 73 4.71 -2.60 -6.72
N PHE B 74 4.12 -2.02 -7.73
CA PHE B 74 3.78 -0.58 -7.66
C PHE B 74 2.66 -0.40 -6.65
N MET B 75 1.89 -1.42 -6.43
CA MET B 75 0.77 -1.32 -5.47
C MET B 75 1.33 -0.97 -4.11
N ALA B 76 2.43 -1.56 -3.76
CA ALA B 76 3.01 -1.27 -2.43
C ALA B 76 3.53 0.17 -2.38
N PHE B 77 4.05 0.67 -3.47
CA PHE B 77 4.56 2.08 -3.48
C PHE B 77 3.43 3.05 -3.15
N VAL B 78 2.27 2.81 -3.66
CA VAL B 78 1.12 3.74 -3.40
C VAL B 78 0.85 3.81 -1.90
N SER B 79 0.97 2.73 -1.20
CA SER B 79 0.71 2.76 0.25
C SER B 79 1.79 3.60 0.94
N MET B 80 3.00 3.46 0.50
CA MET B 80 4.13 4.22 1.10
C MET B 80 3.94 5.73 0.97
N VAL B 81 3.59 6.19 -0.19
CA VAL B 81 3.43 7.66 -0.37
C VAL B 81 2.16 8.15 0.32
N THR B 82 1.16 7.31 0.41
CA THR B 82 -0.11 7.73 1.07
C THR B 82 0.21 8.13 2.52
N THR B 83 1.07 7.38 3.14
CA THR B 83 1.46 7.68 4.54
C THR B 83 2.05 9.09 4.58
N ALA B 84 2.83 9.43 3.59
CA ALA B 84 3.42 10.79 3.55
C ALA B 84 2.27 11.80 3.52
N CYS B 85 1.20 11.44 2.88
CA CYS B 85 0.02 12.34 2.80
C CYS B 85 -0.49 12.66 4.22
N HIS B 86 -0.47 11.68 5.10
CA HIS B 86 -0.96 11.94 6.49
C HIS B 86 -0.14 13.05 7.12
N GLU B 87 1.14 13.05 6.88
CA GLU B 87 2.00 14.12 7.46
C GLU B 87 1.68 15.45 6.79
N PHE B 88 1.26 15.42 5.55
CA PHE B 88 0.93 16.67 4.83
C PHE B 88 -0.52 17.04 5.12
N PHE B 89 -1.33 16.06 5.46
CA PHE B 89 -2.76 16.34 5.77
C PHE B 89 -2.89 16.54 7.28
N GLU B 90 -2.31 17.58 7.79
CA GLU B 90 -2.39 17.84 9.26
C GLU B 90 -3.74 18.48 9.57
N HIS B 91 -4.68 17.70 10.03
CA HIS B 91 -6.01 18.28 10.37
C HIS B 91 -5.94 18.89 11.77
N GLU B 92 -5.70 20.17 11.85
CA GLU B 92 -5.61 20.83 13.19
N SER C 1 -4.88 -31.80 25.55
CA SER C 1 -3.66 -32.18 24.80
C SER C 1 -4.04 -32.97 23.55
N HIS C 2 -5.32 -33.12 23.31
CA HIS C 2 -5.79 -33.88 22.11
C HIS C 2 -6.20 -32.89 21.02
N LEU C 3 -5.58 -32.96 19.87
CA LEU C 3 -5.93 -32.01 18.77
C LEU C 3 -7.18 -32.51 18.05
N LYS C 4 -8.15 -31.66 17.87
CA LYS C 4 -9.40 -32.07 17.18
C LYS C 4 -9.07 -32.53 15.76
N SER C 5 -8.17 -31.86 15.10
CA SER C 5 -7.80 -32.25 13.71
C SER C 5 -9.04 -32.18 12.81
N LYS C 6 -9.86 -31.19 13.00
CA LYS C 6 -11.09 -31.05 12.17
C LYS C 6 -10.70 -30.47 10.81
N LYS C 7 -11.14 -31.09 9.74
CA LYS C 7 -10.81 -30.58 8.37
C LYS C 7 -11.94 -29.68 7.87
N GLY C 8 -11.62 -28.66 7.11
CA GLY C 8 -12.68 -27.75 6.58
C GLY C 8 -12.80 -26.53 7.49
N GLN C 9 -11.71 -26.08 8.04
CA GLN C 9 -11.75 -24.89 8.94
C GLN C 9 -11.91 -23.61 8.10
N SER C 10 -12.58 -22.63 8.62
CA SER C 10 -12.77 -21.36 7.86
C SER C 10 -11.41 -20.73 7.59
N THR C 11 -10.44 -21.02 8.42
CA THR C 11 -9.07 -20.45 8.22
C THR C 11 -8.70 -20.53 6.74
N SER C 12 -9.30 -21.44 6.04
CA SER C 12 -9.01 -21.59 4.58
C SER C 12 -9.28 -20.25 3.89
N ARG C 13 -10.32 -19.56 4.28
CA ARG C 13 -10.62 -18.26 3.63
C ARG C 13 -9.43 -17.31 3.86
N HIS C 14 -8.86 -17.34 5.02
CA HIS C 14 -7.69 -16.47 5.30
C HIS C 14 -6.57 -16.83 4.32
N LYS C 15 -6.43 -18.09 4.03
CA LYS C 15 -5.37 -18.52 3.07
C LYS C 15 -5.57 -17.79 1.75
N LYS C 16 -6.79 -17.50 1.38
CA LYS C 16 -7.00 -16.78 0.09
C LYS C 16 -6.28 -15.44 0.15
N LEU C 17 -6.31 -14.76 1.26
CA LEU C 17 -5.59 -13.43 1.36
C LEU C 17 -4.07 -13.67 1.34
N MET C 18 -3.64 -14.79 1.82
CA MET C 18 -2.18 -15.09 1.83
C MET C 18 -1.66 -15.13 0.38
N PHE C 19 -2.50 -15.40 -0.58
CA PHE C 19 -2.00 -15.45 -1.98
C PHE C 19 -1.23 -14.16 -2.26
N LYS C 20 -1.55 -13.12 -1.54
CA LYS C 20 -0.84 -11.83 -1.72
C LYS C 20 0.52 -11.93 -1.03
N THR C 21 0.56 -12.55 0.13
CA THR C 21 1.86 -12.66 0.83
C THR C 21 2.84 -13.43 -0.05
N GLU C 22 2.34 -14.38 -0.81
CA GLU C 22 3.22 -15.16 -1.71
N SER D 1 37.37 9.55 -14.60
CA SER D 1 37.70 8.87 -13.31
C SER D 1 37.73 9.89 -12.18
N HIS D 2 37.44 11.14 -12.49
CA HIS D 2 37.45 12.20 -11.43
C HIS D 2 36.01 12.47 -10.97
N LEU D 3 35.73 12.31 -9.71
CA LEU D 3 34.36 12.56 -9.21
C LEU D 3 34.16 14.06 -8.98
N LYS D 4 33.09 14.59 -9.50
CA LYS D 4 32.82 16.05 -9.32
C LYS D 4 32.70 16.37 -7.83
N SER D 5 32.06 15.50 -7.08
CA SER D 5 31.90 15.76 -5.62
C SER D 5 31.14 17.07 -5.41
N LYS D 6 30.14 17.31 -6.22
CA LYS D 6 29.35 18.57 -6.08
C LYS D 6 28.35 18.40 -4.93
N LYS D 7 28.31 19.35 -4.02
CA LYS D 7 27.37 19.25 -2.86
C LYS D 7 26.08 20.02 -3.19
N GLY D 8 24.96 19.55 -2.71
CA GLY D 8 23.67 20.26 -2.98
C GLY D 8 22.96 19.59 -4.17
N GLN D 9 23.10 18.30 -4.31
CA GLN D 9 22.46 17.60 -5.45
C GLN D 9 20.95 17.47 -5.18
N SER D 10 20.15 17.49 -6.21
CA SER D 10 18.67 17.36 -6.01
C SER D 10 18.37 16.00 -5.39
N THR D 11 19.22 15.04 -5.59
CA THR D 11 19.00 13.68 -5.00
C THR D 11 18.52 13.83 -3.56
N SER D 12 18.86 14.93 -2.94
CA SER D 12 18.42 15.16 -1.54
C SER D 12 16.90 15.07 -1.47
N ARG D 13 16.21 15.58 -2.44
CA ARG D 13 14.72 15.50 -2.41
C ARG D 13 14.31 14.01 -2.37
N HIS D 14 14.98 13.19 -3.11
CA HIS D 14 14.65 11.74 -3.11
C HIS D 14 14.84 11.21 -1.68
N LYS D 15 15.83 11.69 -0.99
CA LYS D 15 16.06 11.23 0.40
C LYS D 15 14.81 11.50 1.23
N LYS D 16 14.08 12.54 0.93
CA LYS D 16 12.85 12.81 1.72
C LYS D 16 11.90 11.62 1.60
N LEU D 17 11.78 11.04 0.42
CA LEU D 17 10.86 9.87 0.26
C LEU D 17 11.46 8.65 1.00
N MET D 18 12.76 8.59 1.10
CA MET D 18 13.38 7.44 1.81
C MET D 18 12.93 7.42 3.27
N PHE D 19 12.53 8.55 3.82
CA PHE D 19 12.09 8.55 5.25
C PHE D 19 11.06 7.44 5.43
N LYS D 20 10.39 7.09 4.37
CA LYS D 20 9.39 6.00 4.46
C LYS D 20 10.11 4.66 4.47
N THR D 21 11.15 4.53 3.69
CA THR D 21 11.90 3.25 3.67
C THR D 21 12.44 2.98 5.09
N GLU D 22 12.79 4.02 5.80
CA GLU D 22 13.31 3.84 7.18
CA CA E . -6.83 2.85 16.81
CA CA F . 3.41 -3.70 14.78
CA CA G . 2.09 -0.50 -17.87
CA CA H . 10.18 -5.70 -10.39
N MET A 1 -8.15 7.92 -13.79
CA MET A 1 -7.57 9.00 -14.63
C MET A 1 -6.76 9.95 -13.75
N SER A 2 -5.61 9.52 -13.31
CA SER A 2 -4.77 10.41 -12.45
C SER A 2 -5.53 10.73 -11.15
N GLU A 3 -6.48 9.91 -10.81
CA GLU A 3 -7.26 10.15 -9.56
C GLU A 3 -6.41 9.77 -8.36
N LEU A 4 -5.26 9.20 -8.61
CA LEU A 4 -4.37 8.76 -7.49
C LEU A 4 -4.34 9.82 -6.39
N GLU A 5 -4.62 11.05 -6.73
CA GLU A 5 -4.60 12.12 -5.69
C GLU A 5 -5.76 11.92 -4.71
N LYS A 6 -6.92 11.55 -5.18
CA LYS A 6 -8.06 11.38 -4.24
C LYS A 6 -7.88 10.10 -3.44
N ALA A 7 -7.29 9.10 -4.04
CA ALA A 7 -7.11 7.82 -3.32
C ALA A 7 -6.11 7.98 -2.17
N MET A 8 -5.00 8.62 -2.42
CA MET A 8 -3.99 8.79 -1.33
C MET A 8 -4.60 9.56 -0.16
N VAL A 9 -5.37 10.56 -0.46
CA VAL A 9 -6.00 11.37 0.62
C VAL A 9 -7.01 10.52 1.39
N ALA A 10 -7.71 9.65 0.70
CA ALA A 10 -8.73 8.80 1.38
C ALA A 10 -8.09 7.79 2.32
N LEU A 11 -6.95 7.25 1.99
CA LEU A 11 -6.33 6.26 2.90
C LEU A 11 -6.07 6.94 4.24
N ILE A 12 -5.64 8.16 4.18
CA ILE A 12 -5.37 8.91 5.44
C ILE A 12 -6.68 9.21 6.19
N ASP A 13 -7.73 9.55 5.50
CA ASP A 13 -9.01 9.89 6.19
C ASP A 13 -9.56 8.71 7.02
N VAL A 14 -9.62 7.54 6.46
CA VAL A 14 -10.18 6.37 7.20
C VAL A 14 -9.24 5.93 8.34
N PHE A 15 -7.96 5.96 8.10
CA PHE A 15 -7.02 5.53 9.17
C PHE A 15 -7.21 6.40 10.41
N HIS A 16 -7.47 7.67 10.23
CA HIS A 16 -7.67 8.55 11.42
C HIS A 16 -8.98 8.18 12.13
N GLN A 17 -9.94 7.63 11.45
CA GLN A 17 -11.22 7.30 12.15
C GLN A 17 -10.97 6.29 13.28
N TYR A 18 -10.14 5.29 13.07
CA TYR A 18 -9.90 4.28 14.17
C TYR A 18 -8.65 4.60 14.98
N SER A 19 -7.69 5.23 14.40
CA SER A 19 -6.44 5.52 15.15
C SER A 19 -6.77 6.39 16.36
N GLY A 20 -7.66 7.33 16.19
CA GLY A 20 -8.05 8.21 17.34
C GLY A 20 -9.13 7.53 18.18
N ARG A 21 -9.49 6.32 17.89
CA ARG A 21 -10.56 5.65 18.67
C ARG A 21 -10.17 5.55 20.15
N GLU A 22 -8.99 5.06 20.44
CA GLU A 22 -8.54 4.95 21.87
C GLU A 22 -7.57 6.08 22.18
N GLY A 23 -7.32 6.93 21.21
CA GLY A 23 -6.38 8.07 21.42
C GLY A 23 -5.00 7.72 20.88
N ASP A 24 -4.81 6.52 20.38
CA ASP A 24 -3.49 6.15 19.84
C ASP A 24 -3.40 6.68 18.40
N LYS A 25 -3.36 7.97 18.24
CA LYS A 25 -3.29 8.56 16.87
C LYS A 25 -1.93 8.27 16.23
N HIS A 26 -0.88 8.26 17.01
CA HIS A 26 0.48 8.01 16.45
C HIS A 26 0.70 6.52 16.19
N LYS A 27 -0.06 5.65 16.81
CA LYS A 27 0.14 4.18 16.59
C LYS A 27 -1.21 3.47 16.60
N LEU A 28 -1.26 2.29 16.02
CA LEU A 28 -2.54 1.51 15.97
C LEU A 28 -2.34 0.19 16.73
N LYS A 29 -3.23 -0.14 17.64
CA LYS A 29 -3.08 -1.42 18.40
C LYS A 29 -3.97 -2.50 17.79
N LYS A 30 -3.50 -3.73 17.79
CA LYS A 30 -4.29 -4.86 17.22
C LYS A 30 -5.75 -4.70 17.62
N SER A 31 -5.99 -4.00 18.68
CA SER A 31 -7.39 -3.80 19.15
C SER A 31 -8.13 -2.86 18.20
N GLU A 32 -7.59 -1.70 17.99
CA GLU A 32 -8.25 -0.73 17.06
C GLU A 32 -8.28 -1.36 15.66
N LEU A 33 -7.26 -2.11 15.33
CA LEU A 33 -7.20 -2.74 13.99
C LEU A 33 -8.41 -3.65 13.80
N LYS A 34 -8.73 -4.45 14.78
CA LYS A 34 -9.91 -5.36 14.66
C LYS A 34 -11.20 -4.55 14.49
N GLU A 35 -11.33 -3.47 15.20
CA GLU A 35 -12.57 -2.67 15.10
C GLU A 35 -12.66 -2.07 13.70
N LEU A 36 -11.56 -1.80 13.07
CA LEU A 36 -11.60 -1.25 11.68
C LEU A 36 -12.05 -2.34 10.73
N ILE A 37 -11.51 -3.51 10.88
CA ILE A 37 -11.84 -4.63 9.98
C ILE A 37 -13.28 -5.11 10.22
N ASN A 38 -13.65 -5.32 11.45
CA ASN A 38 -15.02 -5.82 11.74
C ASN A 38 -16.06 -4.70 11.65
N ASN A 39 -15.69 -3.49 11.96
CA ASN A 39 -16.69 -2.36 11.94
C ASN A 39 -16.63 -1.53 10.65
N GLU A 40 -15.47 -1.25 10.11
CA GLU A 40 -15.42 -0.40 8.87
C GLU A 40 -15.56 -1.26 7.61
N LEU A 41 -15.31 -2.54 7.72
CA LEU A 41 -15.42 -3.44 6.52
C LEU A 41 -16.53 -4.46 6.81
N SER A 42 -17.66 -4.00 7.27
CA SER A 42 -18.78 -4.94 7.61
C SER A 42 -19.22 -5.75 6.39
N HIS A 43 -19.30 -5.15 5.23
CA HIS A 43 -19.76 -5.90 4.02
C HIS A 43 -18.78 -5.70 2.86
N PHE A 44 -18.00 -4.66 2.90
CA PHE A 44 -17.03 -4.41 1.79
C PHE A 44 -16.00 -5.56 1.71
N LEU A 45 -15.57 -6.07 2.85
CA LEU A 45 -14.58 -7.20 2.85
C LEU A 45 -14.99 -8.20 3.93
N GLU A 46 -14.61 -9.44 3.82
CA GLU A 46 -15.01 -10.41 4.87
C GLU A 46 -14.43 -9.95 6.20
N GLU A 47 -15.26 -9.59 7.12
CA GLU A 47 -14.78 -9.13 8.45
C GLU A 47 -14.15 -10.30 9.21
N ILE A 48 -13.62 -10.03 10.38
CA ILE A 48 -12.97 -11.09 11.21
C ILE A 48 -13.85 -11.40 12.42
N LYS A 49 -14.04 -12.65 12.72
CA LYS A 49 -14.93 -13.03 13.87
C LYS A 49 -14.09 -13.41 15.10
N GLU A 50 -12.83 -13.76 14.90
CA GLU A 50 -11.96 -14.15 16.06
C GLU A 50 -10.78 -13.19 16.18
N GLN A 51 -10.43 -12.85 17.38
CA GLN A 51 -9.29 -11.91 17.59
C GLN A 51 -7.97 -12.62 17.26
N GLU A 52 -7.97 -13.93 17.23
CA GLU A 52 -6.69 -14.65 16.91
C GLU A 52 -6.28 -14.37 15.47
N VAL A 53 -7.21 -14.32 14.58
CA VAL A 53 -6.87 -14.03 13.17
C VAL A 53 -6.20 -12.68 13.12
N VAL A 54 -6.70 -11.75 13.88
CA VAL A 54 -6.10 -10.40 13.90
C VAL A 54 -4.66 -10.50 14.37
N ASP A 55 -4.40 -11.31 15.35
CA ASP A 55 -3.00 -11.44 15.86
C ASP A 55 -2.08 -11.94 14.75
N LYS A 56 -2.55 -12.86 13.98
CA LYS A 56 -1.72 -13.42 12.87
C LYS A 56 -1.46 -12.31 11.86
N VAL A 57 -2.46 -11.52 11.59
CA VAL A 57 -2.29 -10.40 10.63
C VAL A 57 -1.29 -9.43 11.24
N MET A 58 -1.27 -9.34 12.54
CA MET A 58 -0.33 -8.41 13.21
C MET A 58 1.09 -8.94 13.07
N GLU A 59 1.29 -10.21 13.05
CA GLU A 59 2.68 -10.71 12.89
C GLU A 59 3.22 -10.11 11.59
N THR A 60 2.38 -10.06 10.58
CA THR A 60 2.80 -9.48 9.27
C THR A 60 2.92 -7.95 9.36
N LEU A 61 1.94 -7.29 9.93
CA LEU A 61 1.98 -5.79 10.01
C LEU A 61 2.68 -5.32 11.27
N ASP A 62 2.91 -6.19 12.22
CA ASP A 62 3.61 -5.75 13.45
C ASP A 62 5.09 -5.70 13.12
N GLU A 63 5.41 -4.91 12.14
CA GLU A 63 6.82 -4.80 11.71
C GLU A 63 7.65 -4.30 12.89
N ASP A 64 7.06 -3.51 13.73
CA ASP A 64 7.81 -3.01 14.93
C ASP A 64 7.85 -4.14 15.96
N GLY A 65 7.09 -5.17 15.74
CA GLY A 65 7.08 -6.32 16.69
C GLY A 65 6.60 -5.84 18.06
N ASP A 66 5.74 -4.85 18.11
CA ASP A 66 5.25 -4.33 19.43
C ASP A 66 3.77 -4.72 19.62
N GLY A 67 3.25 -5.55 18.77
CA GLY A 67 1.82 -5.94 18.91
C GLY A 67 0.95 -4.78 18.44
N GLU A 68 1.58 -3.80 17.86
CA GLU A 68 0.85 -2.61 17.35
C GLU A 68 1.44 -2.22 16.00
N CYS A 69 0.62 -1.93 15.03
CA CYS A 69 1.15 -1.54 13.68
C CYS A 69 1.13 -0.02 13.56
N ASP A 70 2.21 0.57 13.18
CA ASP A 70 2.27 2.05 13.06
C ASP A 70 1.42 2.48 11.87
N PHE A 71 1.11 3.74 11.77
CA PHE A 71 0.29 4.19 10.64
C PHE A 71 0.94 3.74 9.33
N GLN A 72 2.24 3.82 9.22
CA GLN A 72 2.90 3.40 7.97
C GLN A 72 2.71 1.88 7.76
N GLU A 73 2.71 1.12 8.82
CA GLU A 73 2.55 -0.35 8.67
C GLU A 73 1.14 -0.69 8.20
N PHE A 74 0.16 0.01 8.73
CA PHE A 74 -1.25 -0.26 8.33
C PHE A 74 -1.44 0.13 6.87
N MET A 75 -0.79 1.18 6.44
CA MET A 75 -0.93 1.64 5.04
C MET A 75 -0.50 0.55 4.07
N ALA A 76 0.53 -0.17 4.38
CA ALA A 76 0.98 -1.23 3.43
C ALA A 76 -0.06 -2.35 3.34
N PHE A 77 -0.75 -2.61 4.41
CA PHE A 77 -1.79 -3.69 4.39
C PHE A 77 -2.86 -3.36 3.36
N VAL A 78 -3.19 -2.14 3.25
CA VAL A 78 -4.26 -1.70 2.30
C VAL A 78 -3.82 -1.98 0.86
N SER A 79 -2.57 -1.82 0.57
CA SER A 79 -2.11 -2.05 -0.82
C SER A 79 -2.26 -3.51 -1.21
N MET A 80 -1.96 -4.41 -0.34
CA MET A 80 -2.07 -5.85 -0.71
C MET A 80 -3.52 -6.32 -0.75
N VAL A 81 -4.35 -5.88 0.16
CA VAL A 81 -5.77 -6.34 0.13
C VAL A 81 -6.45 -5.79 -1.12
N THR A 82 -6.13 -4.59 -1.50
CA THR A 82 -6.76 -3.98 -2.70
C THR A 82 -6.44 -4.85 -3.90
N THR A 83 -5.24 -5.34 -3.97
CA THR A 83 -4.86 -6.19 -5.12
C THR A 83 -5.88 -7.33 -5.22
N ALA A 84 -6.33 -7.83 -4.09
CA ALA A 84 -7.36 -8.90 -4.13
C ALA A 84 -8.61 -8.36 -4.82
N CYS A 85 -8.95 -7.12 -4.55
CA CYS A 85 -10.16 -6.51 -5.18
C CYS A 85 -9.99 -6.52 -6.70
N HIS A 86 -8.79 -6.36 -7.19
CA HIS A 86 -8.60 -6.37 -8.67
C HIS A 86 -9.08 -7.71 -9.21
N GLU A 87 -8.78 -8.79 -8.54
CA GLU A 87 -9.26 -10.11 -9.02
C GLU A 87 -10.79 -10.10 -9.06
N PHE A 88 -11.39 -9.50 -8.07
CA PHE A 88 -12.88 -9.42 -8.04
C PHE A 88 -13.32 -8.43 -9.10
N PHE A 89 -12.60 -7.35 -9.23
CA PHE A 89 -12.97 -6.32 -10.25
C PHE A 89 -12.60 -6.86 -11.64
N GLU A 90 -13.17 -7.99 -12.01
CA GLU A 90 -12.85 -8.57 -13.35
C GLU A 90 -13.21 -7.56 -14.44
N HIS A 91 -12.23 -6.90 -14.97
CA HIS A 91 -12.49 -5.89 -16.04
C HIS A 91 -12.67 -6.61 -17.37
N GLU A 92 -13.89 -6.83 -17.77
CA GLU A 92 -14.15 -7.52 -19.07
N MET B 1 -14.54 8.45 6.12
CA MET B 1 -15.72 7.79 6.76
C MET B 1 -16.01 6.47 6.05
N SER B 2 -15.20 5.47 6.29
CA SER B 2 -15.43 4.15 5.62
C SER B 2 -15.34 4.31 4.11
N GLU B 3 -14.69 5.35 3.66
CA GLU B 3 -14.56 5.58 2.19
C GLU B 3 -13.52 4.60 1.64
N LEU B 4 -12.88 3.87 2.49
CA LEU B 4 -11.83 2.91 2.04
C LEU B 4 -12.30 2.16 0.79
N GLU B 5 -13.58 2.07 0.58
CA GLU B 5 -14.08 1.34 -0.61
C GLU B 5 -13.77 2.14 -1.88
N LYS B 6 -13.90 3.45 -1.84
CA LYS B 6 -13.61 4.23 -3.08
C LYS B 6 -12.11 4.30 -3.30
N ALA B 7 -11.35 4.32 -2.25
CA ALA B 7 -9.88 4.41 -2.41
C ALA B 7 -9.31 3.13 -3.02
N MET B 8 -9.74 1.99 -2.55
CA MET B 8 -9.20 0.72 -3.11
C MET B 8 -9.54 0.62 -4.59
N VAL B 9 -10.71 1.03 -4.95
CA VAL B 9 -11.12 0.95 -6.39
C VAL B 9 -10.28 1.93 -7.21
N ALA B 10 -9.95 3.05 -6.65
CA ALA B 10 -9.16 4.07 -7.41
C ALA B 10 -7.72 3.59 -7.65
N LEU B 11 -7.14 2.89 -6.72
CA LEU B 11 -5.74 2.44 -6.95
C LEU B 11 -5.73 1.56 -8.19
N ILE B 12 -6.72 0.75 -8.34
CA ILE B 12 -6.81 -0.14 -9.53
C ILE B 12 -7.05 0.67 -10.80
N ASP B 13 -7.88 1.68 -10.76
CA ASP B 13 -8.17 2.48 -11.99
C ASP B 13 -6.91 3.14 -12.58
N VAL B 14 -6.13 3.80 -11.76
CA VAL B 14 -4.91 4.49 -12.29
C VAL B 14 -3.85 3.47 -12.75
N PHE B 15 -3.68 2.41 -12.02
CA PHE B 15 -2.65 1.42 -12.41
C PHE B 15 -2.95 0.90 -13.80
N HIS B 16 -4.20 0.72 -14.14
CA HIS B 16 -4.52 0.22 -15.51
C HIS B 16 -4.19 1.28 -16.56
N GLN B 17 -4.21 2.55 -16.20
CA GLN B 17 -3.91 3.58 -17.23
C GLN B 17 -2.50 3.39 -17.81
N TYR B 18 -1.52 3.09 -16.99
CA TYR B 18 -0.12 2.92 -17.53
C TYR B 18 0.22 1.46 -17.80
N SER B 19 -0.36 0.55 -17.08
CA SER B 19 -0.03 -0.87 -17.29
C SER B 19 -0.37 -1.26 -18.73
N GLY B 20 -1.47 -0.77 -19.24
CA GLY B 20 -1.86 -1.10 -20.65
C GLY B 20 -1.15 -0.16 -21.62
N ARG B 21 -0.28 0.70 -21.15
CA ARG B 21 0.40 1.65 -22.08
C ARG B 21 1.19 0.89 -23.15
N GLU B 22 2.01 -0.05 -22.76
CA GLU B 22 2.80 -0.84 -23.76
C GLU B 22 2.13 -2.20 -23.97
N GLY B 23 1.05 -2.44 -23.28
CA GLY B 23 0.35 -3.76 -23.43
C GLY B 23 0.74 -4.68 -22.27
N ASP B 24 1.64 -4.25 -21.42
CA ASP B 24 2.02 -5.12 -20.28
C ASP B 24 0.98 -4.95 -19.17
N LYS B 25 -0.21 -5.42 -19.40
CA LYS B 25 -1.28 -5.29 -18.38
C LYS B 25 -0.99 -6.18 -17.18
N HIS B 26 -0.42 -7.34 -17.41
CA HIS B 26 -0.13 -8.29 -16.27
C HIS B 26 1.12 -7.86 -15.51
N LYS B 27 1.97 -7.05 -16.10
CA LYS B 27 3.23 -6.63 -15.40
C LYS B 27 3.56 -5.18 -15.75
N LEU B 28 4.34 -4.52 -14.92
CA LEU B 28 4.72 -3.09 -15.18
C LEU B 28 6.24 -3.02 -15.36
N LYS B 29 6.71 -2.38 -16.39
CA LYS B 29 8.19 -2.29 -16.61
C LYS B 29 8.70 -0.92 -16.13
N LYS B 30 9.88 -0.89 -15.57
CA LYS B 30 10.47 0.39 -15.08
C LYS B 30 10.16 1.51 -16.08
N SER B 31 9.93 1.14 -17.30
CA SER B 31 9.64 2.16 -18.35
C SER B 31 8.25 2.74 -18.12
N GLU B 32 7.25 1.91 -18.06
CA GLU B 32 5.87 2.42 -17.82
C GLU B 32 5.83 3.09 -16.46
N LEU B 33 6.59 2.57 -15.52
CA LEU B 33 6.60 3.15 -14.15
C LEU B 33 7.05 4.60 -14.22
N LYS B 34 8.09 4.89 -14.96
CA LYS B 34 8.59 6.30 -15.06
C LYS B 34 7.51 7.19 -15.70
N GLU B 35 6.83 6.70 -16.69
CA GLU B 35 5.81 7.52 -17.37
C GLU B 35 4.67 7.81 -16.37
N LEU B 36 4.42 6.92 -15.45
CA LEU B 36 3.35 7.17 -14.45
C LEU B 36 3.81 8.26 -13.49
N ILE B 37 5.03 8.16 -13.04
CA ILE B 37 5.57 9.14 -12.07
C ILE B 37 5.76 10.51 -12.74
N ASN B 38 6.39 10.54 -13.87
CA ASN B 38 6.63 11.84 -14.55
C ASN B 38 5.38 12.38 -15.24
N ASN B 39 4.53 11.52 -15.72
CA ASN B 39 3.30 12.00 -16.45
C ASN B 39 2.04 12.03 -15.56
N GLU B 40 1.83 11.07 -14.71
CA GLU B 40 0.58 11.08 -13.88
C GLU B 40 0.78 11.90 -12.60
N LEU B 41 2.01 12.11 -12.20
CA LEU B 41 2.28 12.90 -10.96
C LEU B 41 3.05 14.16 -11.37
N SER B 42 2.60 14.85 -12.37
CA SER B 42 3.31 16.07 -12.84
C SER B 42 3.42 17.13 -11.73
N HIS B 43 2.38 17.33 -10.95
CA HIS B 43 2.44 18.37 -9.86
C HIS B 43 2.00 17.78 -8.53
N PHE B 44 1.28 16.70 -8.54
CA PHE B 44 0.81 16.09 -7.26
C PHE B 44 2.02 15.63 -6.44
N LEU B 45 3.04 15.09 -7.07
CA LEU B 45 4.26 14.63 -6.33
C LEU B 45 5.49 15.04 -7.14
N GLU B 46 6.62 15.19 -6.50
CA GLU B 46 7.82 15.58 -7.28
C GLU B 46 8.11 14.49 -8.32
N GLU B 47 7.98 14.83 -9.56
CA GLU B 47 8.24 13.83 -10.65
C GLU B 47 9.72 13.47 -10.68
N ILE B 48 10.10 12.56 -11.55
CA ILE B 48 11.52 12.12 -11.67
C ILE B 48 12.09 12.65 -12.99
N LYS B 49 13.28 13.17 -12.96
CA LYS B 49 13.89 13.76 -14.19
C LYS B 49 14.93 12.78 -14.78
N GLU B 50 15.44 11.86 -13.98
CA GLU B 50 16.46 10.89 -14.49
C GLU B 50 15.92 9.47 -14.40
N GLN B 51 16.20 8.67 -15.39
CA GLN B 51 15.72 7.26 -15.37
C GLN B 51 16.51 6.46 -14.33
N GLU B 52 17.64 6.94 -13.91
CA GLU B 52 18.44 6.17 -12.89
C GLU B 52 17.68 6.14 -11.58
N VAL B 53 17.05 7.22 -11.21
CA VAL B 53 16.30 7.23 -9.93
C VAL B 53 15.22 6.16 -10.02
N VAL B 54 14.62 6.04 -11.16
CA VAL B 54 13.57 5.01 -11.32
C VAL B 54 14.17 3.63 -11.10
N ASP B 55 15.35 3.40 -11.58
CA ASP B 55 15.98 2.06 -11.41
C ASP B 55 16.18 1.77 -9.93
N LYS B 56 16.56 2.76 -9.18
CA LYS B 56 16.77 2.55 -7.72
C LYS B 56 15.44 2.22 -7.07
N VAL B 57 14.41 2.90 -7.50
CA VAL B 57 13.05 2.63 -6.94
C VAL B 57 12.67 1.21 -7.33
N MET B 58 13.14 0.78 -8.47
CA MET B 58 12.81 -0.59 -8.93
C MET B 58 13.54 -1.61 -8.06
N GLU B 59 14.70 -1.32 -7.58
CA GLU B 59 15.38 -2.31 -6.71
C GLU B 59 14.44 -2.60 -5.55
N THR B 60 13.79 -1.59 -5.05
CA THR B 60 12.84 -1.79 -3.92
C THR B 60 11.54 -2.47 -4.41
N LEU B 61 10.98 -2.02 -5.50
CA LEU B 61 9.69 -2.62 -6.00
C LEU B 61 9.96 -3.80 -6.94
N ASP B 62 11.17 -3.96 -7.39
CA ASP B 62 11.45 -5.11 -8.29
C ASP B 62 11.60 -6.33 -7.40
N GLU B 63 10.57 -6.61 -6.66
CA GLU B 63 10.61 -7.76 -5.74
C GLU B 63 10.85 -9.03 -6.55
N ASP B 64 10.37 -9.05 -7.77
CA ASP B 64 10.59 -10.25 -8.63
C ASP B 64 12.02 -10.19 -9.16
N GLY B 65 12.67 -9.07 -8.97
CA GLY B 65 14.08 -8.93 -9.45
C GLY B 65 14.12 -9.09 -10.97
N ASP B 66 13.06 -8.73 -11.67
CA ASP B 66 13.04 -8.86 -13.16
C ASP B 66 13.14 -7.49 -13.82
N GLY B 67 13.41 -6.46 -13.06
CA GLY B 67 13.49 -5.11 -13.66
C GLY B 67 12.08 -4.62 -13.98
N GLU B 68 11.11 -5.35 -13.50
CA GLU B 68 9.68 -5.00 -13.73
C GLU B 68 8.92 -5.26 -12.43
N CYS B 69 8.07 -4.34 -12.02
CA CYS B 69 7.29 -4.56 -10.76
C CYS B 69 5.89 -5.05 -11.13
N ASP B 70 5.45 -6.11 -10.52
CA ASP B 70 4.11 -6.66 -10.84
C ASP B 70 3.05 -5.71 -10.30
N PHE B 71 1.83 -5.87 -10.71
CA PHE B 71 0.78 -4.96 -10.22
C PHE B 71 0.77 -4.99 -8.70
N GLN B 72 0.95 -6.13 -8.09
CA GLN B 72 0.95 -6.17 -6.60
C GLN B 72 2.16 -5.40 -6.06
N GLU B 73 3.27 -5.44 -6.75
CA GLU B 73 4.47 -4.72 -6.25
C GLU B 73 4.26 -3.20 -6.33
N PHE B 74 3.64 -2.76 -7.39
CA PHE B 74 3.39 -1.30 -7.56
C PHE B 74 2.40 -0.83 -6.50
N MET B 75 1.46 -1.67 -6.17
CA MET B 75 0.43 -1.28 -5.17
C MET B 75 1.09 -0.97 -3.83
N ALA B 76 2.08 -1.71 -3.44
CA ALA B 76 2.72 -1.44 -2.13
C ALA B 76 3.43 -0.07 -2.15
N PHE B 77 3.95 0.30 -3.27
CA PHE B 77 4.65 1.62 -3.37
C PHE B 77 3.70 2.76 -3.03
N VAL B 78 2.50 2.63 -3.44
CA VAL B 78 1.49 3.70 -3.19
C VAL B 78 1.24 3.84 -1.70
N SER B 79 1.25 2.77 -0.98
CA SER B 79 0.98 2.86 0.48
C SER B 79 2.07 3.65 1.19
N MET B 80 3.31 3.45 0.83
CA MET B 80 4.39 4.19 1.55
C MET B 80 4.46 5.66 1.10
N VAL B 81 4.28 5.94 -0.14
CA VAL B 81 4.34 7.37 -0.58
C VAL B 81 3.18 8.14 0.05
N THR B 82 2.04 7.53 0.15
CA THR B 82 0.86 8.23 0.74
C THR B 82 1.20 8.63 2.16
N THR B 83 1.87 7.77 2.86
CA THR B 83 2.22 8.09 4.27
C THR B 83 2.97 9.43 4.26
N ALA B 84 3.77 9.68 3.26
CA ALA B 84 4.48 10.98 3.19
C ALA B 84 3.43 12.10 3.10
N CYS B 85 2.38 11.86 2.36
CA CYS B 85 1.31 12.89 2.21
C CYS B 85 0.72 13.21 3.58
N HIS B 86 0.65 12.24 4.45
CA HIS B 86 0.08 12.52 5.81
C HIS B 86 0.93 13.59 6.48
N GLU B 87 2.21 13.53 6.34
CA GLU B 87 3.08 14.56 6.96
C GLU B 87 2.71 15.91 6.34
N PHE B 88 2.47 15.94 5.06
CA PHE B 88 2.07 17.21 4.40
C PHE B 88 0.65 17.57 4.83
N PHE B 89 -0.19 16.58 4.91
CA PHE B 89 -1.60 16.83 5.33
C PHE B 89 -1.61 17.11 6.84
N GLU B 90 -0.91 18.14 7.26
CA GLU B 90 -0.87 18.47 8.71
C GLU B 90 -2.29 18.75 9.20
N HIS B 91 -2.88 17.79 9.86
CA HIS B 91 -4.27 17.98 10.37
C HIS B 91 -4.24 18.80 11.66
N GLU B 92 -4.48 20.08 11.55
CA GLU B 92 -4.47 20.95 12.76
N SER C 1 -2.15 -35.45 -4.49
CA SER C 1 -3.44 -36.16 -4.73
C SER C 1 -4.39 -35.88 -3.56
N HIS C 2 -3.85 -35.60 -2.40
CA HIS C 2 -4.72 -35.33 -1.22
C HIS C 2 -5.02 -33.82 -1.16
N LEU C 3 -6.05 -33.43 -0.46
CA LEU C 3 -6.38 -31.98 -0.37
C LEU C 3 -5.28 -31.25 0.39
N LYS C 4 -4.93 -30.07 -0.01
CA LYS C 4 -3.86 -29.31 0.69
C LYS C 4 -4.26 -29.09 2.15
N SER C 5 -5.51 -28.79 2.39
CA SER C 5 -5.96 -28.56 3.81
C SER C 5 -7.46 -28.87 3.94
N LYS C 6 -7.87 -29.29 5.10
CA LYS C 6 -9.31 -29.61 5.33
C LYS C 6 -10.05 -28.33 5.73
N LYS C 7 -11.35 -28.39 5.84
CA LYS C 7 -12.11 -27.17 6.22
C LYS C 7 -11.64 -26.73 7.61
N GLY C 8 -11.41 -27.66 8.49
CA GLY C 8 -10.93 -27.31 9.86
C GLY C 8 -11.90 -26.31 10.50
N GLN C 9 -11.37 -25.27 11.08
CA GLN C 9 -12.24 -24.24 11.75
C GLN C 9 -12.30 -22.98 10.89
N SER C 10 -13.10 -22.03 11.25
CA SER C 10 -13.21 -20.78 10.46
C SER C 10 -11.81 -20.23 10.17
N THR C 11 -10.86 -20.56 11.01
CA THR C 11 -9.47 -20.05 10.80
C THR C 11 -9.08 -20.20 9.32
N SER C 12 -9.71 -21.12 8.63
CA SER C 12 -9.41 -21.30 7.18
C SER C 12 -9.43 -19.93 6.50
N ARG C 13 -10.15 -19.01 7.08
CA ARG C 13 -10.25 -17.64 6.50
C ARG C 13 -8.87 -17.00 6.41
N HIS C 14 -8.06 -17.15 7.41
CA HIS C 14 -6.71 -16.51 7.38
C HIS C 14 -5.92 -17.04 6.17
N LYS C 15 -6.03 -18.30 5.90
CA LYS C 15 -5.26 -18.89 4.75
C LYS C 15 -5.67 -18.20 3.44
N LYS C 16 -6.92 -17.89 3.27
CA LYS C 16 -7.36 -17.24 2.00
C LYS C 16 -6.64 -15.89 1.80
N LEU C 17 -6.46 -15.11 2.84
CA LEU C 17 -5.75 -13.80 2.67
C LEU C 17 -4.25 -14.01 2.53
N MET C 18 -3.74 -15.07 3.08
CA MET C 18 -2.28 -15.32 2.97
C MET C 18 -1.89 -15.41 1.50
N PHE C 19 -2.81 -15.75 0.62
CA PHE C 19 -2.42 -15.86 -0.81
C PHE C 19 -1.71 -14.57 -1.25
N LYS C 20 -2.02 -13.44 -0.65
CA LYS C 20 -1.25 -12.20 -1.02
C LYS C 20 0.16 -12.35 -0.48
N THR C 21 0.29 -12.88 0.70
CA THR C 21 1.65 -13.05 1.30
C THR C 21 2.49 -13.97 0.41
N GLU C 22 1.90 -14.99 -0.14
CA GLU C 22 2.66 -15.93 -1.00
N SER D 1 28.90 16.31 13.38
CA SER D 1 29.13 17.78 13.26
C SER D 1 29.14 18.16 11.78
N HIS D 2 29.51 17.25 10.93
CA HIS D 2 29.53 17.56 9.47
C HIS D 2 28.16 17.26 8.86
N LEU D 3 27.87 17.80 7.72
CA LEU D 3 26.54 17.54 7.08
C LEU D 3 26.47 16.06 6.65
N LYS D 4 25.34 15.45 6.81
CA LYS D 4 25.23 14.01 6.41
C LYS D 4 25.53 13.86 4.92
N SER D 5 25.07 14.78 4.10
CA SER D 5 25.35 14.68 2.64
C SER D 5 25.32 16.08 2.01
N LYS D 6 26.07 16.25 0.96
CA LYS D 6 26.10 17.58 0.26
C LYS D 6 24.98 17.63 -0.78
N LYS D 7 24.76 18.78 -1.37
CA LYS D 7 23.67 18.88 -2.39
C LYS D 7 23.97 17.89 -3.52
N GLY D 8 25.20 17.77 -3.90
CA GLY D 8 25.57 16.82 -4.99
C GLY D 8 24.73 17.12 -6.24
N GLN D 9 24.16 16.10 -6.83
CA GLN D 9 23.33 16.28 -8.06
C GLN D 9 21.85 16.12 -7.70
N SER D 10 20.98 16.37 -8.64
CA SER D 10 19.52 16.24 -8.37
C SER D 10 19.24 14.88 -7.70
N THR D 11 20.10 13.92 -7.93
CA THR D 11 19.89 12.57 -7.32
C THR D 11 19.51 12.72 -5.84
N SER D 12 19.88 13.81 -5.24
CA SER D 12 19.52 14.04 -3.81
C SER D 12 18.02 13.76 -3.64
N ARG D 13 17.28 13.88 -4.69
CA ARG D 13 15.82 13.64 -4.64
C ARG D 13 15.53 12.20 -4.19
N HIS D 14 16.26 11.24 -4.68
CA HIS D 14 16.00 9.83 -4.28
C HIS D 14 16.16 9.68 -2.76
N LYS D 15 17.13 10.33 -2.19
CA LYS D 15 17.36 10.21 -0.72
C LYS D 15 16.12 10.69 0.04
N LYS D 16 15.49 11.74 -0.42
CA LYS D 16 14.29 12.26 0.31
C LYS D 16 13.19 11.18 0.39
N LEU D 17 12.97 10.43 -0.66
CA LEU D 17 11.90 9.38 -0.62
C LEU D 17 12.39 8.17 0.18
N MET D 18 13.66 7.95 0.23
CA MET D 18 14.18 6.79 0.99
C MET D 18 13.74 6.92 2.45
N PHE D 19 13.48 8.11 2.93
CA PHE D 19 13.07 8.23 4.36
C PHE D 19 11.91 7.24 4.65
N LYS D 20 11.10 6.93 3.68
CA LYS D 20 10.03 5.91 3.95
C LYS D 20 10.71 4.56 4.11
N THR D 21 11.69 4.29 3.30
CA THR D 21 12.41 2.97 3.39
C THR D 21 13.05 2.83 4.77
N GLU D 22 13.58 3.90 5.31
CA GLU D 22 14.23 3.82 6.65
CA CA E . -4.55 4.48 16.57
CA CA F . 4.57 -2.45 14.77
CA CA G . 2.32 -2.22 -17.57
CA CA H . 9.36 -7.61 -9.91
#